data_8C5V
#
_entry.id   8C5V
#
_cell.length_a   1.00
_cell.length_b   1.00
_cell.length_c   1.00
_cell.angle_alpha   90.00
_cell.angle_beta   90.00
_cell.angle_gamma   90.00
#
_symmetry.space_group_name_H-M   'P 1'
#
loop_
_entity.id
_entity.type
_entity.pdbx_description
1 polymer 'Chemotaxis protein CheA'
2 polymer 'Chemotaxis protein CheA'
3 polymer 'Chemotaxis protein CheW'
4 polymer 'Methyl-accepting chemotaxis protein I'
#
loop_
_entity_poly.entity_id
_entity_poly.type
_entity_poly.pdbx_seq_one_letter_code
_entity_poly.pdbx_strand_id
1 'polypeptide(L)'
;RSNESTSIRVAVEKVDQLINLVGELVITQSMLAQRSSELDPVNHGDLITSMGQLQRNARDLQESVMSIRMMPMEYVFSRY
PRLVRDLAGKLGKQVELTLVGSSTELDKSLIERIIDPLTHLVRNSLDHGIELPEKRLAAGKNSVGNLILSAEHQGGNICI
EVTDDGAGLNRERILAKAASQGLTVSENMSDDEVAMLIFAPGFSTAEQVTDVSGRGVGMDVVKRNIQKMGGHVEIQSKQG
TGTTIRILLPLTLAILDGMSVRVADEVFILPLNAVMESLQPREADLHPLAGGERVLEVRGEYLPIVELWKVFNVAGAKTE
ATQGIVVILQSGGRRYALLVDQLIGQHQVVVKNLESNYRKVPGISAATILGDGSVALIVDVSALQAINREQ
;
A,B
2 'polypeptide(L)'
;MSMDISDFYQTFFDEADELLADMEQHLLVLQPEAPDAEQLNAIFRAAHSIKGGAGTFGFSVLQETTHLMENLLDEARRGE
MQLNTDIINLFLETKDIMQEQLDAYKQSQEPDAASFDYICQALRQLALEAK
;
C,D
3 'polypeptide(L)'
;SGQEFLVFTLGDEEYGIDILKVQEIRGYDQVTRIANTPAFIKGVTNLRGVIVPIVDLRIKFSQVDVDYNDNTVVIVLNLG
QRVVGIVVDGVSDVLSLTAEQIRPAPEFAVTLSTEYLTGLGALGDRMLILVNIEKLLNSEEMA
;
E,F,G,H
4 'polypeptide(L)'
;MLKRIKIVTSLLLVLAVFGLLQLTSGGLFFNALKNDKENFTVLQTIRQQQSTLNGSWVALLQTRNTLNRAGIRYMMDQNN
IGSGSTVAELMESASISLKQAEKNWADYEALPRDPRQSTAAAAEIKRNYDIYHNALAELIQLLGAGKINEFFDQPTQGYQ
DGFEKQYVAYMEQNDRLHDIAVSDNNASYSQAMWILVGVMIVVLAVIFAVWFGIKASLVAPMNRLIDSIRHIAGGDLVKP
IEVDGSNEMGQLAESLRHMQGELMRTVGDVRNGANAIYSGASEIATGNNDLSSRTEQQAASLEETAASMEQLTATVKQNA
ENARQASHLALSASETAQRGGKVVDNVVQTMRDISTSSQKIADIISVIDGIAFQTNILALNAAVEAARAGEQGRGFAVVA
GEVRNLAQRSAQAAREIKSLIEDSVGKVDVGSTLVESAGETMAEIVSAVTRVTDIMGEIASASDEQSRGIDQVGLAVAEM
DRVTQQNAALVEESAAAAAALEEQASRLTEAVAVFR
;
I,J,K,L,M,N,O,P,Q,R,S,T
#
# COMPACT_ATOMS: atom_id res chain seq x y z
N ARG A 1 32.19 9.29 -175.32
CA ARG A 1 31.58 8.67 -174.11
C ARG A 1 30.87 9.72 -173.26
N SER A 2 30.20 9.26 -172.21
CA SER A 2 29.47 10.16 -171.31
C SER A 2 29.17 9.48 -169.99
N ASN A 3 28.50 8.33 -170.04
CA ASN A 3 28.16 7.58 -168.84
C ASN A 3 27.66 6.20 -169.25
N GLU A 4 28.09 5.18 -168.50
CA GLU A 4 27.69 3.80 -168.74
C GLU A 4 27.01 3.24 -167.52
N SER A 5 26.07 2.33 -167.75
CA SER A 5 25.31 1.69 -166.69
C SER A 5 24.55 0.52 -167.30
N THR A 6 23.63 -0.06 -166.53
CA THR A 6 22.83 -1.20 -166.99
C THR A 6 21.40 -1.02 -166.49
N SER A 7 20.47 -1.62 -167.23
CA SER A 7 19.06 -1.56 -166.88
C SER A 7 18.36 -2.80 -167.39
N ILE A 8 17.18 -3.07 -166.83
CA ILE A 8 16.37 -4.23 -167.20
C ILE A 8 14.91 -3.85 -167.11
N ARG A 9 14.08 -4.60 -167.83
CA ARG A 9 12.64 -4.35 -167.83
C ARG A 9 12.00 -4.84 -166.54
N VAL A 10 11.10 -4.03 -166.00
CA VAL A 10 10.38 -4.36 -164.76
C VAL A 10 8.89 -4.19 -165.04
N ALA A 11 8.14 -5.27 -164.86
CA ALA A 11 6.70 -5.22 -165.11
C ALA A 11 6.03 -4.21 -164.18
N VAL A 12 5.16 -3.37 -164.77
CA VAL A 12 4.47 -2.37 -163.98
C VAL A 12 3.58 -3.02 -162.92
N GLU A 13 3.03 -4.20 -163.23
CA GLU A 13 2.19 -4.89 -162.26
C GLU A 13 2.97 -5.23 -161.01
N LYS A 14 4.23 -5.66 -161.16
CA LYS A 14 5.06 -5.97 -160.00
C LYS A 14 5.40 -4.70 -159.22
N VAL A 15 5.51 -3.56 -159.89
CA VAL A 15 5.81 -2.31 -159.20
C VAL A 15 4.64 -1.92 -158.29
N ASP A 16 3.41 -2.17 -158.73
CA ASP A 16 2.26 -1.87 -157.89
C ASP A 16 2.26 -2.71 -156.61
N GLN A 17 2.80 -3.93 -156.68
CA GLN A 17 2.87 -4.76 -155.48
C GLN A 17 3.84 -4.18 -154.47
N LEU A 18 4.95 -3.60 -154.94
CA LEU A 18 5.92 -3.00 -154.03
C LEU A 18 5.28 -1.89 -153.21
N ILE A 19 4.51 -1.00 -153.87
CA ILE A 19 3.85 0.08 -153.15
C ILE A 19 2.85 -0.47 -152.15
N ASN A 20 2.23 -1.61 -152.48
CA ASN A 20 1.26 -2.20 -151.56
C ASN A 20 1.96 -2.85 -150.37
N LEU A 21 3.10 -3.49 -150.61
CA LEU A 21 3.83 -4.13 -149.51
C LEU A 21 4.54 -3.09 -148.64
N VAL A 22 5.25 -2.16 -149.27
CA VAL A 22 5.95 -1.13 -148.49
C VAL A 22 4.96 -0.20 -147.81
N GLY A 23 3.78 -0.02 -148.41
CA GLY A 23 2.77 0.82 -147.78
C GLY A 23 2.32 0.27 -146.44
N GLU A 24 1.91 -1.01 -146.42
CA GLU A 24 1.52 -1.63 -145.16
C GLU A 24 2.71 -1.80 -144.24
N LEU A 25 3.93 -1.88 -144.79
CA LEU A 25 5.11 -2.02 -143.96
C LEU A 25 5.30 -0.80 -143.07
N VAL A 26 5.17 0.40 -143.64
CA VAL A 26 5.30 1.62 -142.84
C VAL A 26 4.18 1.69 -141.82
N ILE A 27 2.99 1.20 -142.16
CA ILE A 27 1.88 1.21 -141.20
C ILE A 27 2.19 0.30 -140.03
N THR A 28 2.56 -0.96 -140.32
CA THR A 28 2.90 -1.88 -139.25
C THR A 28 4.13 -1.40 -138.48
N GLN A 29 5.09 -0.81 -139.19
CA GLN A 29 6.28 -0.29 -138.52
C GLN A 29 5.95 0.92 -137.65
N SER A 30 4.97 1.72 -138.06
CA SER A 30 4.58 2.87 -137.25
C SER A 30 4.09 2.44 -135.87
N MET A 31 3.42 1.28 -135.79
CA MET A 31 2.96 0.80 -134.50
C MET A 31 4.12 0.55 -133.54
N LEU A 32 5.28 0.17 -134.07
CA LEU A 32 6.44 -0.05 -133.21
C LEU A 32 6.90 1.25 -132.56
N ALA A 33 6.83 2.37 -133.29
CA ALA A 33 7.19 3.66 -132.74
C ALA A 33 6.16 4.21 -131.76
N GLN A 34 4.97 3.62 -131.71
CA GLN A 34 3.93 4.10 -130.80
C GLN A 34 4.14 3.56 -129.40
N ARG A 35 4.21 2.22 -129.26
CA ARG A 35 4.39 1.63 -127.95
C ARG A 35 5.78 1.86 -127.40
N SER A 36 6.78 1.96 -128.27
CA SER A 36 8.16 2.19 -127.82
C SER A 36 8.32 3.53 -127.14
N SER A 37 7.45 4.50 -127.44
CA SER A 37 7.57 5.82 -126.81
C SER A 37 7.32 5.74 -125.30
N GLU A 38 6.56 4.74 -124.86
CA GLU A 38 6.30 4.60 -123.42
C GLU A 38 7.57 4.33 -122.64
N LEU A 39 8.56 3.69 -123.27
CA LEU A 39 9.82 3.41 -122.59
C LEU A 39 10.57 4.71 -122.31
N ASP A 40 11.35 4.69 -121.23
CA ASP A 40 12.10 5.87 -120.84
C ASP A 40 13.40 5.96 -121.65
N PRO A 41 13.90 7.18 -121.89
CA PRO A 41 15.16 7.31 -122.65
C PRO A 41 16.40 6.95 -121.86
N VAL A 42 16.31 6.86 -120.53
CA VAL A 42 17.49 6.54 -119.73
C VAL A 42 17.84 5.06 -119.88
N ASN A 43 16.98 4.19 -119.39
CA ASN A 43 17.24 2.75 -119.48
C ASN A 43 17.17 2.27 -120.92
N HIS A 44 16.03 2.49 -121.58
CA HIS A 44 15.82 2.06 -122.95
C HIS A 44 16.26 3.12 -123.97
N GLY A 45 17.42 3.75 -123.74
CA GLY A 45 17.88 4.75 -124.67
C GLY A 45 18.30 4.16 -126.00
N ASP A 46 19.00 3.03 -125.98
CA ASP A 46 19.44 2.40 -127.22
C ASP A 46 18.25 1.89 -128.02
N LEU A 47 17.20 1.41 -127.35
CA LEU A 47 16.04 0.89 -128.06
C LEU A 47 15.29 2.01 -128.77
N ILE A 48 15.02 3.12 -128.07
CA ILE A 48 14.30 4.23 -128.68
C ILE A 48 15.11 4.78 -129.86
N THR A 49 16.39 5.03 -129.65
CA THR A 49 17.24 5.53 -130.73
C THR A 49 17.31 4.53 -131.88
N SER A 50 17.31 3.24 -131.56
CA SER A 50 17.32 2.21 -132.60
C SER A 50 15.97 2.11 -133.28
N MET A 51 14.89 2.40 -132.57
CA MET A 51 13.56 2.35 -133.19
C MET A 51 13.43 3.39 -134.31
N GLY A 52 13.99 4.58 -134.10
CA GLY A 52 13.94 5.59 -135.15
C GLY A 52 14.66 5.16 -136.41
N GLN A 53 15.71 4.35 -136.26
CA GLN A 53 16.42 3.86 -137.45
C GLN A 53 15.51 3.01 -138.31
N LEU A 54 14.68 2.18 -137.69
CA LEU A 54 13.76 1.34 -138.46
C LEU A 54 12.68 2.16 -139.14
N GLN A 55 12.32 3.31 -138.57
CA GLN A 55 11.30 4.15 -139.18
C GLN A 55 11.85 4.92 -140.37
N ARG A 56 13.00 5.57 -140.20
CA ARG A 56 13.59 6.34 -141.29
C ARG A 56 13.95 5.45 -142.47
N ASN A 57 14.35 4.20 -142.20
CA ASN A 57 14.66 3.28 -143.30
C ASN A 57 13.39 2.94 -144.08
N ALA A 58 12.26 2.78 -143.41
CA ALA A 58 11.01 2.51 -144.11
C ALA A 58 10.57 3.70 -144.94
N ARG A 59 10.75 4.91 -144.41
CA ARG A 59 10.39 6.10 -145.17
C ARG A 59 11.29 6.27 -146.39
N ASP A 60 12.60 6.11 -146.20
CA ASP A 60 13.52 6.21 -147.33
C ASP A 60 13.25 5.11 -148.35
N LEU A 61 12.87 3.92 -147.88
CA LEU A 61 12.55 2.84 -148.79
C LEU A 61 11.27 3.13 -149.57
N GLN A 62 10.27 3.71 -148.90
CA GLN A 62 9.02 4.04 -149.58
C GLN A 62 9.27 5.06 -150.69
N GLU A 63 10.04 6.12 -150.38
CA GLU A 63 10.36 7.11 -151.40
C GLU A 63 11.17 6.50 -152.54
N SER A 64 12.01 5.51 -152.23
CA SER A 64 12.80 4.85 -153.29
C SER A 64 11.92 3.94 -154.14
N VAL A 65 10.92 3.29 -153.52
CA VAL A 65 10.03 2.42 -154.28
C VAL A 65 9.26 3.23 -155.31
N MET A 66 8.81 4.44 -154.94
CA MET A 66 8.10 5.27 -155.89
C MET A 66 8.99 5.68 -157.06
N SER A 67 10.27 5.93 -156.78
CA SER A 67 11.20 6.33 -157.85
C SER A 67 11.31 5.26 -158.92
N ILE A 68 11.13 3.99 -158.55
CA ILE A 68 11.20 2.92 -159.54
C ILE A 68 10.09 3.07 -160.57
N ARG A 69 8.95 3.63 -160.18
CA ARG A 69 7.83 3.82 -161.08
C ARG A 69 7.90 5.14 -161.84
N MET A 70 8.78 6.04 -161.46
CA MET A 70 8.92 7.32 -162.14
C MET A 70 9.63 7.14 -163.48
N MET A 71 9.58 8.19 -164.29
CA MET A 71 10.22 8.20 -165.59
C MET A 71 10.70 9.63 -165.87
N PRO A 72 11.65 9.79 -166.78
CA PRO A 72 12.11 11.15 -167.12
C PRO A 72 10.97 12.01 -167.65
N MET A 73 10.93 13.26 -167.20
CA MET A 73 9.90 14.18 -167.63
C MET A 73 10.08 14.62 -169.08
N GLU A 74 11.22 14.31 -169.71
CA GLU A 74 11.41 14.68 -171.10
C GLU A 74 10.38 14.02 -172.01
N TYR A 75 9.97 12.80 -171.67
CA TYR A 75 8.95 12.12 -172.46
C TYR A 75 7.60 12.84 -172.36
N VAL A 76 7.30 13.43 -171.20
CA VAL A 76 6.05 14.15 -171.05
C VAL A 76 6.09 15.48 -171.78
N PHE A 77 7.28 16.06 -171.94
CA PHE A 77 7.44 17.34 -172.62
C PHE A 77 7.40 17.20 -174.15
N SER A 78 7.07 16.02 -174.66
CA SER A 78 6.98 15.80 -176.10
C SER A 78 5.58 15.96 -176.65
N ARG A 79 4.57 16.14 -175.79
CA ARG A 79 3.19 16.28 -176.22
C ARG A 79 2.73 17.73 -176.29
N TYR A 80 3.34 18.62 -175.50
CA TYR A 80 2.93 20.02 -175.49
C TYR A 80 3.49 20.75 -176.71
N PRO A 81 4.77 20.56 -177.07
CA PRO A 81 5.28 21.25 -178.26
C PRO A 81 4.53 20.87 -179.53
N ARG A 82 4.16 19.60 -179.69
CA ARG A 82 3.40 19.19 -180.85
C ARG A 82 2.06 19.91 -180.93
N LEU A 83 1.41 20.13 -179.78
CA LEU A 83 0.15 20.85 -179.78
C LEU A 83 0.35 22.32 -180.06
N VAL A 84 1.42 22.91 -179.54
CA VAL A 84 1.69 24.32 -179.79
C VAL A 84 2.01 24.56 -181.27
N ARG A 85 2.93 23.76 -181.82
CA ARG A 85 3.27 23.92 -183.23
C ARG A 85 2.09 23.60 -184.14
N ASP A 86 1.18 22.75 -183.70
CA ASP A 86 0.00 22.39 -184.49
C ASP A 86 -1.15 23.35 -184.27
N LEU A 87 -1.35 23.81 -183.03
CA LEU A 87 -2.45 24.72 -182.75
C LEU A 87 -2.11 26.16 -183.12
N ALA A 88 -0.83 26.53 -183.02
CA ALA A 88 -0.43 27.90 -183.38
C ALA A 88 -0.70 28.19 -184.85
N GLY A 89 -0.47 27.20 -185.72
CA GLY A 89 -0.72 27.40 -187.14
C GLY A 89 -2.19 27.56 -187.46
N LYS A 90 -3.06 26.87 -186.73
CA LYS A 90 -4.50 26.99 -186.98
C LYS A 90 -5.02 28.34 -186.49
N LEU A 91 -4.55 28.80 -185.32
CA LEU A 91 -4.99 30.08 -184.79
C LEU A 91 -4.31 31.26 -185.46
N GLY A 92 -3.18 31.04 -186.14
CA GLY A 92 -2.48 32.12 -186.80
C GLY A 92 -1.46 32.80 -185.89
N LYS A 93 -0.58 32.02 -185.29
CA LYS A 93 0.44 32.54 -184.39
C LYS A 93 1.72 31.75 -184.57
N GLN A 94 2.82 32.33 -184.11
CA GLN A 94 4.14 31.71 -184.17
C GLN A 94 4.72 31.69 -182.76
N VAL A 95 4.56 30.56 -182.06
CA VAL A 95 5.02 30.41 -180.69
C VAL A 95 6.04 29.29 -180.65
N GLU A 96 7.04 29.44 -179.77
CA GLU A 96 8.09 28.45 -179.58
C GLU A 96 8.10 28.03 -178.12
N LEU A 97 7.80 26.76 -177.86
CA LEU A 97 7.76 26.22 -176.52
C LEU A 97 9.16 25.76 -176.11
N THR A 98 9.73 26.44 -175.11
CA THR A 98 11.06 26.11 -174.60
C THR A 98 10.92 25.16 -173.42
N LEU A 99 11.83 24.18 -173.35
CA LEU A 99 11.82 23.19 -172.29
C LEU A 99 12.98 23.44 -171.34
N VAL A 100 12.68 23.53 -170.05
CA VAL A 100 13.66 23.77 -169.01
C VAL A 100 13.54 22.66 -167.97
N GLY A 101 14.69 22.16 -167.53
CA GLY A 101 14.71 21.10 -166.53
C GLY A 101 14.14 19.79 -167.04
N SER A 102 14.93 19.06 -167.82
CA SER A 102 14.50 17.78 -168.37
C SER A 102 14.85 16.61 -167.46
N SER A 103 15.74 16.79 -166.49
CA SER A 103 16.12 15.71 -165.59
C SER A 103 15.04 15.40 -164.55
N THR A 104 14.00 16.21 -164.46
CA THR A 104 12.94 15.97 -163.49
C THR A 104 12.22 14.65 -163.82
N GLU A 105 11.69 14.02 -162.78
CA GLU A 105 10.97 12.76 -162.91
C GLU A 105 9.60 12.88 -162.26
N LEU A 106 8.71 11.98 -162.64
CA LEU A 106 7.35 11.96 -162.11
C LEU A 106 6.82 10.53 -162.15
N ASP A 107 6.02 10.18 -161.16
CA ASP A 107 5.46 8.84 -161.07
C ASP A 107 4.62 8.55 -162.31
N LYS A 108 4.72 7.30 -162.80
CA LYS A 108 3.98 6.92 -163.99
C LYS A 108 2.48 7.09 -163.80
N SER A 109 1.97 6.75 -162.61
CA SER A 109 0.55 6.93 -162.34
C SER A 109 0.13 8.39 -162.44
N LEU A 110 1.04 9.31 -162.10
CA LEU A 110 0.74 10.73 -162.19
C LEU A 110 0.91 11.26 -163.61
N ILE A 111 1.82 10.66 -164.39
CA ILE A 111 2.02 11.11 -165.77
C ILE A 111 0.75 10.90 -166.58
N GLU A 112 0.07 9.77 -166.37
CA GLU A 112 -1.16 9.50 -167.10
C GLU A 112 -2.28 10.45 -166.71
N ARG A 113 -2.17 11.12 -165.56
CA ARG A 113 -3.18 12.05 -165.09
C ARG A 113 -2.74 13.51 -165.17
N ILE A 114 -1.46 13.77 -165.47
CA ILE A 114 -0.94 15.13 -165.56
C ILE A 114 -0.97 15.68 -166.97
N ILE A 115 -1.46 14.90 -167.94
CA ILE A 115 -1.50 15.38 -169.32
C ILE A 115 -2.61 16.41 -169.50
N ASP A 116 -3.86 16.01 -169.24
CA ASP A 116 -4.97 16.93 -169.43
C ASP A 116 -4.85 18.17 -168.55
N PRO A 117 -4.49 18.08 -167.27
CA PRO A 117 -4.31 19.30 -166.48
C PRO A 117 -3.35 20.30 -167.12
N LEU A 118 -2.14 19.83 -167.45
CA LEU A 118 -1.16 20.71 -168.07
C LEU A 118 -1.56 21.07 -169.49
N THR A 119 -2.11 20.10 -170.24
CA THR A 119 -2.52 20.38 -171.61
C THR A 119 -3.56 21.49 -171.66
N HIS A 120 -4.43 21.58 -170.64
CA HIS A 120 -5.42 22.65 -170.60
C HIS A 120 -4.76 24.01 -170.41
N LEU A 121 -3.60 24.05 -169.77
CA LEU A 121 -2.91 25.33 -169.55
C LEU A 121 -2.22 25.81 -170.81
N VAL A 122 -1.68 24.89 -171.61
CA VAL A 122 -1.01 25.28 -172.85
C VAL A 122 -2.00 25.88 -173.83
N ARG A 123 -3.22 25.33 -173.88
CA ARG A 123 -4.23 25.86 -174.79
C ARG A 123 -4.69 27.25 -174.35
N ASN A 124 -4.67 27.53 -173.05
CA ASN A 124 -5.08 28.84 -172.56
C ASN A 124 -4.04 29.90 -172.91
N SER A 125 -2.76 29.56 -172.81
CA SER A 125 -1.71 30.52 -173.13
C SER A 125 -1.74 30.91 -174.60
N LEU A 126 -2.10 29.98 -175.48
CA LEU A 126 -2.17 30.26 -176.91
C LEU A 126 -3.50 30.86 -177.33
N ASP A 127 -4.56 30.64 -176.55
CA ASP A 127 -5.87 31.19 -176.91
C ASP A 127 -5.97 32.67 -176.55
N HIS A 128 -5.43 33.06 -175.40
CA HIS A 128 -5.43 34.46 -174.98
C HIS A 128 -4.15 34.90 -174.28
N GLY A 129 -3.31 33.99 -173.79
CA GLY A 129 -2.09 34.40 -173.12
C GLY A 129 -1.08 35.06 -174.04
N ILE A 130 -1.18 34.81 -175.35
CA ILE A 130 -0.27 35.39 -176.33
C ILE A 130 -1.12 36.04 -177.43
N GLU A 131 -0.90 37.33 -177.67
CA GLU A 131 -1.66 38.05 -178.67
C GLU A 131 -1.10 37.77 -180.07
N LEU A 132 -1.73 38.35 -181.08
CA LEU A 132 -1.31 38.14 -182.45
C LEU A 132 0.07 38.74 -182.69
N PRO A 133 0.76 38.32 -183.75
CA PRO A 133 2.09 38.90 -184.01
C PRO A 133 2.08 40.40 -184.19
N GLU A 134 1.04 40.94 -184.85
CA GLU A 134 0.98 42.38 -185.06
C GLU A 134 0.88 43.14 -183.73
N LYS A 135 0.16 42.58 -182.76
CA LYS A 135 0.02 43.25 -181.48
C LYS A 135 1.33 43.23 -180.69
N ARG A 136 2.12 42.16 -180.85
CA ARG A 136 3.39 42.08 -180.13
C ARG A 136 4.37 43.13 -180.62
N LEU A 137 4.37 43.42 -181.93
CA LEU A 137 5.29 44.42 -182.46
C LEU A 137 4.94 45.82 -181.96
N ALA A 138 3.64 46.11 -181.76
CA ALA A 138 3.25 47.42 -181.27
C ALA A 138 3.73 47.67 -179.85
N ALA A 139 3.77 46.63 -179.03
CA ALA A 139 4.22 46.74 -177.64
C ALA A 139 5.72 46.52 -177.48
N GLY A 140 6.47 46.53 -178.58
CA GLY A 140 7.90 46.32 -178.53
C GLY A 140 8.34 44.88 -178.42
N LYS A 141 7.41 43.93 -178.35
CA LYS A 141 7.76 42.52 -178.23
C LYS A 141 8.06 41.94 -179.62
N ASN A 142 8.68 40.77 -179.61
CA ASN A 142 9.02 40.09 -180.85
C ASN A 142 7.79 39.45 -181.47
N SER A 143 7.79 39.35 -182.80
CA SER A 143 6.66 38.75 -183.50
C SER A 143 6.47 37.30 -183.07
N VAL A 144 7.55 36.52 -183.01
CA VAL A 144 7.47 35.12 -182.61
C VAL A 144 7.30 35.05 -181.10
N GLY A 145 6.24 34.37 -180.67
CA GLY A 145 5.97 34.24 -179.25
C GLY A 145 6.97 33.33 -178.57
N ASN A 146 6.72 33.09 -177.28
CA ASN A 146 7.57 32.23 -176.47
C ASN A 146 6.74 31.63 -175.35
N LEU A 147 7.10 30.42 -174.95
CA LEU A 147 6.40 29.71 -173.89
C LEU A 147 7.41 28.88 -173.12
N ILE A 148 7.43 29.04 -171.79
CA ILE A 148 8.35 28.32 -170.92
C ILE A 148 7.59 27.22 -170.22
N LEU A 149 8.26 26.07 -170.01
CA LEU A 149 7.68 24.92 -169.33
C LEU A 149 8.77 24.32 -168.44
N SER A 150 9.00 24.97 -167.30
CA SER A 150 10.02 24.53 -166.37
C SER A 150 9.49 23.40 -165.50
N ALA A 151 10.42 22.64 -164.90
CA ALA A 151 10.06 21.53 -164.03
C ALA A 151 11.28 21.05 -163.26
N GLU A 152 11.31 21.34 -161.96
CA GLU A 152 12.42 20.94 -161.10
C GLU A 152 11.87 20.45 -159.76
N HIS A 153 12.73 19.80 -159.00
CA HIS A 153 12.36 19.26 -157.70
C HIS A 153 12.53 20.33 -156.62
N GLN A 154 11.70 20.24 -155.58
CA GLN A 154 11.73 21.16 -154.45
C GLN A 154 11.51 20.34 -153.17
N GLY A 155 12.53 19.59 -152.79
CA GLY A 155 12.44 18.75 -151.61
C GLY A 155 11.57 17.52 -151.83
N GLY A 156 10.50 17.39 -151.05
CA GLY A 156 9.60 16.26 -151.19
C GLY A 156 8.40 16.57 -152.05
N ASN A 157 8.58 17.45 -153.04
CA ASN A 157 7.50 17.83 -153.95
C ASN A 157 8.07 18.05 -155.34
N ILE A 158 7.20 17.96 -156.33
CA ILE A 158 7.55 18.15 -157.73
C ILE A 158 6.87 19.44 -158.20
N CYS A 159 7.68 20.44 -158.56
CA CYS A 159 7.18 21.73 -158.99
C CYS A 159 7.26 21.82 -160.51
N ILE A 160 6.16 22.25 -161.12
CA ILE A 160 6.08 22.42 -162.58
C ILE A 160 5.36 23.74 -162.85
N GLU A 161 6.02 24.63 -163.58
CA GLU A 161 5.49 25.94 -163.91
C GLU A 161 5.33 26.08 -165.41
N VAL A 162 4.35 26.89 -165.82
CA VAL A 162 4.06 27.17 -167.22
C VAL A 162 4.00 28.67 -167.37
N THR A 163 5.09 29.28 -167.80
CA THR A 163 5.18 30.73 -167.96
C THR A 163 5.22 31.09 -169.44
N ASP A 164 4.56 32.18 -169.80
CA ASP A 164 4.51 32.67 -171.16
C ASP A 164 5.11 34.07 -171.23
N ASP A 165 5.19 34.60 -172.45
CA ASP A 165 5.76 35.93 -172.69
C ASP A 165 4.72 36.97 -173.08
N GLY A 166 3.56 36.57 -173.57
CA GLY A 166 2.53 37.50 -173.98
C GLY A 166 1.97 38.27 -172.80
N ALA A 167 0.91 39.03 -173.09
CA ALA A 167 0.25 39.83 -172.05
C ALA A 167 -0.37 38.96 -170.97
N GLY A 168 -0.68 37.70 -171.28
CA GLY A 168 -1.27 36.82 -170.30
C GLY A 168 -2.79 36.85 -170.33
N LEU A 169 -3.38 36.34 -169.25
CA LEU A 169 -4.83 36.31 -169.14
C LEU A 169 -5.40 37.71 -168.96
N ASN A 170 -6.63 37.89 -169.40
CA ASN A 170 -7.30 39.18 -169.29
C ASN A 170 -7.58 39.50 -167.82
N ARG A 171 -7.59 40.80 -167.52
CA ARG A 171 -7.84 41.28 -166.16
C ARG A 171 -9.28 41.75 -165.97
N GLU A 172 -9.77 42.62 -166.86
CA GLU A 172 -11.14 43.12 -166.73
C GLU A 172 -12.18 42.03 -167.00
N ARG A 173 -11.80 40.97 -167.72
CA ARG A 173 -12.76 39.91 -168.00
C ARG A 173 -12.97 39.01 -166.79
N ILE A 174 -11.92 38.78 -166.00
CA ILE A 174 -12.04 37.93 -164.83
C ILE A 174 -12.89 38.62 -163.76
N LEU A 175 -12.61 39.91 -163.50
CA LEU A 175 -13.39 40.64 -162.51
C LEU A 175 -14.82 40.84 -162.97
N ALA A 176 -15.03 41.09 -164.26
CA ALA A 176 -16.38 41.27 -164.77
C ALA A 176 -17.19 39.99 -164.68
N LYS A 177 -16.55 38.84 -164.97
CA LYS A 177 -17.25 37.57 -164.89
C LYS A 177 -17.38 37.07 -163.45
N ALA A 178 -16.47 37.47 -162.57
CA ALA A 178 -16.53 37.03 -161.19
C ALA A 178 -17.64 37.75 -160.42
N ALA A 179 -17.85 39.04 -160.71
CA ALA A 179 -18.91 39.78 -160.02
C ALA A 179 -20.29 39.24 -160.36
N SER A 180 -20.48 38.74 -161.57
CA SER A 180 -21.79 38.21 -161.95
C SER A 180 -22.13 36.94 -161.18
N GLN A 181 -21.13 36.14 -160.84
CA GLN A 181 -21.36 34.90 -160.10
C GLN A 181 -21.55 35.13 -158.60
N GLY A 182 -21.38 36.36 -158.12
CA GLY A 182 -21.55 36.66 -156.72
C GLY A 182 -20.33 36.43 -155.87
N LEU A 183 -19.15 36.35 -156.46
CA LEU A 183 -17.92 36.13 -155.71
C LEU A 183 -17.36 37.46 -155.22
N THR A 184 -16.89 37.47 -153.98
CA THR A 184 -16.32 38.67 -153.39
C THR A 184 -15.06 39.09 -154.14
N VAL A 185 -15.19 40.06 -155.03
CA VAL A 185 -14.07 40.55 -155.83
C VAL A 185 -14.15 42.07 -155.90
N SER A 186 -13.08 42.68 -156.39
CA SER A 186 -13.00 44.13 -156.52
C SER A 186 -11.78 44.46 -157.38
N GLU A 187 -11.72 45.72 -157.82
CA GLU A 187 -10.62 46.18 -158.66
C GLU A 187 -9.35 46.45 -157.86
N ASN A 188 -9.44 46.54 -156.54
CA ASN A 188 -8.25 46.80 -155.73
C ASN A 188 -7.31 45.61 -155.67
N MET A 189 -7.80 44.41 -156.02
CA MET A 189 -6.95 43.23 -155.98
C MET A 189 -5.86 43.32 -157.03
N SER A 190 -4.67 42.82 -156.69
CA SER A 190 -3.55 42.84 -157.61
C SER A 190 -3.66 41.72 -158.63
N ASP A 191 -2.74 41.72 -159.59
CA ASP A 191 -2.75 40.70 -160.64
C ASP A 191 -2.60 39.29 -160.04
N ASP A 192 -1.83 39.18 -158.96
CA ASP A 192 -1.64 37.87 -158.33
C ASP A 192 -2.92 37.39 -157.68
N GLU A 193 -3.67 38.30 -157.03
CA GLU A 193 -4.91 37.91 -156.38
C GLU A 193 -6.02 37.66 -157.39
N VAL A 194 -6.03 38.41 -158.49
CA VAL A 194 -7.06 38.21 -159.51
C VAL A 194 -6.92 36.84 -160.15
N ALA A 195 -5.71 36.30 -160.19
CA ALA A 195 -5.49 34.99 -160.79
C ALA A 195 -6.11 33.87 -159.97
N MET A 196 -6.35 34.09 -158.68
CA MET A 196 -6.94 33.08 -157.81
C MET A 196 -8.46 33.06 -157.87
N LEU A 197 -9.06 33.76 -158.84
CA LEU A 197 -10.51 33.81 -158.96
C LEU A 197 -11.05 32.81 -159.98
N ILE A 198 -10.22 32.30 -160.89
CA ILE A 198 -10.67 31.34 -161.89
C ILE A 198 -10.85 29.94 -161.35
N PHE A 199 -10.52 29.71 -160.07
CA PHE A 199 -10.66 28.40 -159.48
C PHE A 199 -12.08 28.09 -159.02
N ALA A 200 -13.00 29.05 -159.15
CA ALA A 200 -14.38 28.81 -158.74
C ALA A 200 -15.02 27.77 -159.65
N PRO A 201 -16.04 27.07 -159.16
CA PRO A 201 -16.70 26.05 -160.01
C PRO A 201 -17.41 26.70 -161.18
N GLY A 202 -17.15 26.19 -162.38
CA GLY A 202 -17.76 26.75 -163.58
C GLY A 202 -17.23 28.12 -163.93
N PHE A 203 -15.92 28.33 -163.82
CA PHE A 203 -15.30 29.61 -164.11
C PHE A 203 -13.96 29.35 -164.78
N SER A 204 -13.86 29.68 -166.06
CA SER A 204 -12.64 29.51 -166.83
C SER A 204 -12.09 30.88 -167.23
N THR A 205 -11.04 30.87 -168.06
CA THR A 205 -10.44 32.13 -168.50
C THR A 205 -11.44 32.97 -169.29
N ALA A 206 -12.35 32.33 -170.02
CA ALA A 206 -13.35 33.02 -170.81
C ALA A 206 -14.71 32.97 -170.11
N GLU A 207 -15.68 33.64 -170.72
CA GLU A 207 -17.03 33.68 -170.14
C GLU A 207 -17.68 32.30 -170.16
N GLN A 208 -17.29 31.44 -171.11
CA GLN A 208 -17.84 30.10 -171.23
C GLN A 208 -16.73 29.15 -171.64
N VAL A 209 -17.02 27.85 -171.52
CA VAL A 209 -16.06 26.82 -171.88
C VAL A 209 -15.87 26.86 -173.40
N THR A 210 -14.72 27.35 -173.85
CA THR A 210 -14.43 27.46 -175.26
C THR A 210 -13.81 26.17 -175.78
N ASP A 211 -14.15 25.81 -177.02
CA ASP A 211 -13.64 24.57 -177.59
C ASP A 211 -12.12 24.60 -177.73
N VAL A 212 -11.55 25.79 -177.94
CA VAL A 212 -10.10 25.89 -178.09
C VAL A 212 -9.39 25.46 -176.80
N SER A 213 -10.02 25.70 -175.65
CA SER A 213 -9.45 25.33 -174.36
C SER A 213 -9.88 23.93 -173.92
N GLY A 214 -9.84 22.96 -174.82
CA GLY A 214 -10.22 21.60 -174.49
C GLY A 214 -11.72 21.41 -174.44
N ARG A 215 -12.19 20.20 -174.77
CA ARG A 215 -13.61 19.88 -174.77
C ARG A 215 -14.00 19.38 -173.39
N GLY A 216 -14.95 20.08 -172.76
CA GLY A 216 -15.41 19.68 -171.44
C GLY A 216 -14.36 19.78 -170.36
N VAL A 217 -13.30 20.55 -170.57
CA VAL A 217 -12.22 20.72 -169.61
C VAL A 217 -12.09 22.19 -169.29
N GLY A 218 -12.02 22.52 -168.00
CA GLY A 218 -11.89 23.89 -167.55
C GLY A 218 -10.99 23.99 -166.34
N MET A 219 -10.77 25.23 -165.91
CA MET A 219 -9.92 25.45 -164.74
C MET A 219 -10.53 24.84 -163.48
N ASP A 220 -11.85 24.84 -163.39
CA ASP A 220 -12.51 24.25 -162.22
C ASP A 220 -12.26 22.76 -162.15
N VAL A 221 -12.21 22.09 -163.31
CA VAL A 221 -11.96 20.65 -163.32
C VAL A 221 -10.49 20.36 -163.07
N VAL A 222 -9.59 21.25 -163.49
CA VAL A 222 -8.16 21.01 -163.31
C VAL A 222 -7.83 20.96 -161.81
N LYS A 223 -8.50 21.80 -161.02
CA LYS A 223 -8.21 21.83 -159.59
C LYS A 223 -8.69 20.56 -158.90
N ARG A 224 -9.90 20.09 -159.24
CA ARG A 224 -10.42 18.90 -158.59
C ARG A 224 -9.57 17.68 -158.89
N ASN A 225 -8.95 17.61 -160.07
CA ASN A 225 -8.11 16.47 -160.40
C ASN A 225 -6.80 16.50 -159.64
N ILE A 226 -6.34 17.69 -159.24
CA ILE A 226 -5.08 17.78 -158.51
C ILE A 226 -5.27 17.46 -157.03
N GLN A 227 -6.43 17.81 -156.46
CA GLN A 227 -6.67 17.53 -155.05
C GLN A 227 -6.72 16.02 -154.79
N LYS A 228 -7.24 15.24 -155.74
CA LYS A 228 -7.30 13.80 -155.56
C LYS A 228 -5.91 13.19 -155.49
N MET A 229 -4.94 13.78 -156.17
CA MET A 229 -3.57 13.30 -156.18
C MET A 229 -2.73 13.88 -155.04
N GLY A 230 -3.37 14.53 -154.06
CA GLY A 230 -2.64 15.10 -152.96
C GLY A 230 -1.75 16.27 -153.32
N GLY A 231 -2.00 16.91 -154.47
CA GLY A 231 -1.20 18.02 -154.91
C GLY A 231 -1.88 19.36 -154.66
N HIS A 232 -1.26 20.42 -155.19
CA HIS A 232 -1.76 21.77 -155.05
C HIS A 232 -1.60 22.48 -156.39
N VAL A 233 -2.04 23.75 -156.43
CA VAL A 233 -1.96 24.55 -157.65
C VAL A 233 -1.88 26.01 -157.25
N GLU A 234 -1.01 26.76 -157.94
CA GLU A 234 -0.83 28.17 -157.68
C GLU A 234 -0.58 28.89 -159.00
N ILE A 235 -0.94 30.17 -159.04
CA ILE A 235 -0.78 31.01 -160.22
C ILE A 235 -0.14 32.31 -159.81
N GLN A 236 0.75 32.83 -160.67
CA GLN A 236 1.45 34.10 -160.44
C GLN A 236 1.36 34.91 -161.73
N SER A 237 0.15 35.40 -162.03
CA SER A 237 -0.09 36.15 -163.24
C SER A 237 0.36 37.60 -163.08
N LYS A 238 0.47 38.29 -164.21
CA LYS A 238 0.87 39.70 -164.23
C LYS A 238 0.53 40.33 -165.57
N GLN A 239 -0.31 41.37 -165.56
CA GLN A 239 -0.71 42.02 -166.79
C GLN A 239 0.50 42.69 -167.45
N GLY A 240 0.73 42.36 -168.72
CA GLY A 240 1.82 42.91 -169.49
C GLY A 240 3.04 42.00 -169.56
N THR A 241 3.30 41.22 -168.52
CA THR A 241 4.45 40.31 -168.49
C THR A 241 4.09 38.92 -169.00
N GLY A 242 3.27 38.19 -168.25
CA GLY A 242 2.89 36.85 -168.66
C GLY A 242 1.93 36.23 -167.66
N THR A 243 1.94 34.90 -167.62
CA THR A 243 1.09 34.16 -166.71
C THR A 243 1.80 32.87 -166.32
N THR A 244 2.13 32.73 -165.04
CA THR A 244 2.80 31.56 -164.51
C THR A 244 1.81 30.74 -163.69
N ILE A 245 1.69 29.46 -164.01
CA ILE A 245 0.78 28.54 -163.33
C ILE A 245 1.63 27.41 -162.75
N ARG A 246 1.74 27.37 -161.43
CA ARG A 246 2.54 26.36 -160.74
C ARG A 246 1.64 25.25 -160.21
N ILE A 247 2.18 24.03 -160.21
CA ILE A 247 1.47 22.86 -159.71
C ILE A 247 2.44 22.06 -158.85
N LEU A 248 1.93 21.51 -157.75
CA LEU A 248 2.72 20.73 -156.81
C LEU A 248 2.18 19.31 -156.74
N LEU A 249 3.10 18.35 -156.59
CA LEU A 249 2.75 16.93 -156.51
C LEU A 249 3.69 16.28 -155.51
N PRO A 250 3.29 16.17 -154.25
CA PRO A 250 4.15 15.52 -153.25
C PRO A 250 4.55 14.11 -153.68
N LEU A 251 5.72 13.68 -153.19
CA LEU A 251 6.22 12.36 -153.54
C LEU A 251 5.49 11.26 -152.79
N THR A 252 5.37 11.39 -151.47
CA THR A 252 4.70 10.41 -150.63
C THR A 252 3.47 11.04 -149.98
N LEU A 253 2.41 10.25 -149.84
CA LEU A 253 1.15 10.69 -149.23
C LEU A 253 0.79 9.70 -148.12
N ALA A 254 1.43 9.86 -146.97
CA ALA A 254 1.17 9.00 -145.83
C ALA A 254 1.47 9.71 -144.52
N ILE A 255 2.74 10.01 -144.27
CA ILE A 255 3.14 10.70 -143.05
C ILE A 255 2.87 12.19 -143.21
N LEU A 256 2.45 12.84 -142.13
CA LEU A 256 2.14 14.27 -142.16
C LEU A 256 2.45 14.83 -140.77
N ASP A 257 3.41 15.75 -140.70
CA ASP A 257 3.76 16.36 -139.43
C ASP A 257 2.59 17.18 -138.90
N GLY A 258 2.42 17.17 -137.58
CA GLY A 258 1.34 17.90 -136.95
C GLY A 258 1.52 18.07 -135.45
N MET A 259 0.94 19.13 -134.91
CA MET A 259 1.02 19.41 -133.48
C MET A 259 -0.09 18.67 -132.76
N SER A 260 0.28 17.87 -131.76
CA SER A 260 -0.67 17.11 -130.96
C SER A 260 -1.13 17.95 -129.78
N VAL A 261 -2.44 18.16 -129.68
CA VAL A 261 -3.04 18.94 -128.61
C VAL A 261 -4.05 18.08 -127.87
N ARG A 262 -4.39 18.52 -126.67
CA ARG A 262 -5.35 17.81 -125.81
C ARG A 262 -6.42 18.78 -125.35
N VAL A 263 -7.67 18.30 -125.35
CA VAL A 263 -8.81 19.12 -124.94
C VAL A 263 -9.68 18.30 -123.99
N ALA A 264 -9.29 18.25 -122.72
CA ALA A 264 -10.05 17.52 -121.71
C ALA A 264 -10.22 16.06 -122.10
N ASP A 265 -9.20 15.25 -121.85
CA ASP A 265 -9.22 13.81 -122.15
C ASP A 265 -9.51 13.53 -123.62
N GLU A 266 -9.09 14.43 -124.52
CA GLU A 266 -9.31 14.26 -125.96
C GLU A 266 -8.08 14.80 -126.68
N VAL A 267 -7.17 13.90 -127.07
CA VAL A 267 -5.93 14.28 -127.72
C VAL A 267 -6.20 14.46 -129.21
N PHE A 268 -6.11 15.70 -129.69
CA PHE A 268 -6.28 16.03 -131.09
C PHE A 268 -4.92 16.33 -131.73
N ILE A 269 -4.94 16.51 -133.05
CA ILE A 269 -3.74 16.79 -133.83
C ILE A 269 -4.04 17.95 -134.78
N LEU A 270 -3.04 18.80 -134.98
CA LEU A 270 -3.16 19.94 -135.87
C LEU A 270 -2.02 19.91 -136.88
N PRO A 271 -2.29 20.04 -138.18
CA PRO A 271 -1.20 20.04 -139.15
C PRO A 271 -0.15 21.10 -138.83
N LEU A 272 1.11 20.74 -139.06
CA LEU A 272 2.21 21.66 -138.74
C LEU A 272 2.39 22.72 -139.82
N ASN A 273 1.96 22.45 -141.05
CA ASN A 273 2.12 23.44 -142.12
C ASN A 273 1.32 24.70 -141.83
N ALA A 274 0.23 24.59 -141.07
CA ALA A 274 -0.59 25.74 -140.74
C ALA A 274 -0.19 26.38 -139.42
N VAL A 275 0.40 25.63 -138.50
CA VAL A 275 0.79 26.17 -137.21
C VAL A 275 1.90 27.20 -137.41
N MET A 276 1.75 28.36 -136.76
CA MET A 276 2.73 29.43 -136.84
C MET A 276 3.48 29.63 -135.53
N GLU A 277 2.77 29.83 -134.43
CA GLU A 277 3.38 30.03 -133.12
C GLU A 277 2.27 29.95 -132.08
N SER A 278 2.61 30.23 -130.82
CA SER A 278 1.64 30.19 -129.74
C SER A 278 2.10 31.15 -128.64
N LEU A 279 1.15 31.47 -127.75
CA LEU A 279 1.44 32.40 -126.66
C LEU A 279 0.38 32.18 -125.57
N GLN A 280 0.59 32.84 -124.43
CA GLN A 280 -0.32 32.73 -123.31
C GLN A 280 -1.42 33.79 -123.45
N PRO A 281 -2.70 33.41 -123.49
CA PRO A 281 -3.75 34.42 -123.59
C PRO A 281 -3.71 35.40 -122.43
N ARG A 282 -4.27 36.58 -122.66
CA ARG A 282 -4.33 37.63 -121.66
C ARG A 282 -5.75 38.19 -121.61
N GLU A 283 -6.22 38.51 -120.41
CA GLU A 283 -7.56 39.05 -120.25
C GLU A 283 -7.73 40.36 -121.00
N ALA A 284 -6.67 41.17 -121.04
CA ALA A 284 -6.75 42.46 -121.74
C ALA A 284 -6.89 42.28 -123.24
N ASP A 285 -6.50 41.13 -123.79
CA ASP A 285 -6.59 40.90 -125.23
C ASP A 285 -7.88 40.22 -125.64
N LEU A 286 -8.52 39.48 -124.73
CA LEU A 286 -9.77 38.79 -125.05
C LEU A 286 -10.93 39.77 -125.03
N HIS A 287 -11.80 39.67 -126.03
CA HIS A 287 -12.98 40.51 -126.15
C HIS A 287 -14.10 39.69 -126.75
N PRO A 288 -15.36 40.12 -126.58
CA PRO A 288 -16.48 39.37 -127.16
C PRO A 288 -16.41 39.27 -128.67
N LEU A 289 -17.36 38.56 -129.26
CA LEU A 289 -17.43 38.41 -130.71
C LEU A 289 -18.77 37.78 -131.07
N ALA A 290 -19.25 38.09 -132.28
CA ALA A 290 -20.52 37.55 -132.73
C ALA A 290 -20.48 36.03 -132.77
N GLY A 291 -21.54 35.40 -132.26
CA GLY A 291 -21.62 33.95 -132.25
C GLY A 291 -21.07 33.30 -131.00
N GLY A 292 -20.87 34.06 -129.92
CA GLY A 292 -20.35 33.51 -128.69
C GLY A 292 -18.85 33.30 -128.66
N GLU A 293 -18.17 33.45 -129.79
CA GLU A 293 -16.72 33.27 -129.84
C GLU A 293 -16.04 34.49 -129.24
N ARG A 294 -14.72 34.57 -129.40
CA ARG A 294 -13.93 35.69 -128.88
C ARG A 294 -12.79 35.97 -129.86
N VAL A 295 -12.04 37.04 -129.57
CA VAL A 295 -10.92 37.46 -130.39
C VAL A 295 -9.68 37.57 -129.51
N LEU A 296 -8.52 37.59 -130.17
CA LEU A 296 -7.24 37.68 -129.48
C LEU A 296 -6.34 38.66 -130.22
N GLU A 297 -5.89 39.70 -129.53
CA GLU A 297 -5.00 40.69 -130.11
C GLU A 297 -3.61 40.09 -130.29
N VAL A 298 -3.19 39.92 -131.54
CA VAL A 298 -1.88 39.33 -131.86
C VAL A 298 -1.16 40.33 -132.74
N ARG A 299 -0.46 41.28 -132.12
CA ARG A 299 0.32 42.27 -132.86
C ARG A 299 -0.56 43.05 -133.83
N GLY A 300 -1.36 43.98 -133.30
CA GLY A 300 -2.18 44.82 -134.15
C GLY A 300 -3.21 44.08 -134.96
N GLU A 301 -3.61 42.89 -134.54
CA GLU A 301 -4.62 42.11 -135.25
C GLU A 301 -5.41 41.28 -134.25
N TYR A 302 -6.73 41.42 -134.28
CA TYR A 302 -7.63 40.66 -133.41
C TYR A 302 -8.06 39.40 -134.14
N LEU A 303 -7.27 38.34 -133.99
CA LEU A 303 -7.60 37.08 -134.66
C LEU A 303 -8.82 36.44 -134.00
N PRO A 304 -9.70 35.82 -134.78
CA PRO A 304 -10.90 35.20 -134.18
C PRO A 304 -10.54 33.90 -133.48
N ILE A 305 -11.03 33.76 -132.25
CA ILE A 305 -10.79 32.56 -131.44
C ILE A 305 -11.86 31.53 -131.78
N VAL A 306 -11.43 30.38 -132.29
CA VAL A 306 -12.34 29.28 -132.61
C VAL A 306 -12.30 28.26 -131.48
N GLU A 307 -13.11 28.47 -130.45
CA GLU A 307 -13.14 27.57 -129.31
C GLU A 307 -13.43 26.14 -129.76
N LEU A 308 -12.44 25.26 -129.62
CA LEU A 308 -12.59 23.89 -130.09
C LEU A 308 -13.57 23.09 -129.22
N TRP A 309 -13.85 23.56 -128.00
CA TRP A 309 -14.75 22.83 -127.11
C TRP A 309 -16.21 23.18 -127.35
N LYS A 310 -16.51 24.37 -127.90
CA LYS A 310 -17.89 24.71 -128.21
C LYS A 310 -18.34 24.06 -129.51
N VAL A 311 -17.47 24.01 -130.52
CA VAL A 311 -17.84 23.41 -131.79
C VAL A 311 -18.14 21.93 -131.62
N PHE A 312 -17.27 21.20 -130.90
CA PHE A 312 -17.44 19.78 -130.69
C PHE A 312 -18.20 19.46 -129.40
N ASN A 313 -18.51 20.47 -128.59
CA ASN A 313 -19.24 20.28 -127.33
C ASN A 313 -18.47 19.32 -126.41
N VAL A 314 -17.35 19.81 -125.90
CA VAL A 314 -16.49 19.06 -125.01
C VAL A 314 -16.77 19.50 -123.58
N ALA A 315 -17.26 18.57 -122.75
CA ALA A 315 -17.58 18.87 -121.37
C ALA A 315 -16.35 18.68 -120.49
N GLY A 316 -16.31 19.45 -119.40
CA GLY A 316 -15.21 19.38 -118.46
C GLY A 316 -13.97 20.14 -118.88
N ALA A 317 -13.96 20.76 -120.05
CA ALA A 317 -12.80 21.50 -120.51
C ALA A 317 -12.77 22.90 -119.91
N LYS A 318 -11.58 23.47 -119.86
CA LYS A 318 -11.38 24.82 -119.31
C LYS A 318 -12.09 25.83 -120.20
N THR A 319 -13.25 26.32 -119.75
CA THR A 319 -14.00 27.29 -120.52
C THR A 319 -13.25 28.62 -120.62
N GLU A 320 -12.56 29.00 -119.55
CA GLU A 320 -11.82 30.26 -119.54
C GLU A 320 -10.57 30.12 -120.41
N ALA A 321 -10.44 30.99 -121.41
CA ALA A 321 -9.27 30.94 -122.28
C ALA A 321 -8.00 31.35 -121.55
N THR A 322 -8.12 32.14 -120.48
CA THR A 322 -6.95 32.57 -119.74
C THR A 322 -6.18 31.38 -119.17
N GLN A 323 -6.89 30.31 -118.79
CA GLN A 323 -6.23 29.13 -118.25
C GLN A 323 -5.72 28.20 -119.34
N GLY A 324 -6.27 28.27 -120.55
CA GLY A 324 -5.86 27.43 -121.65
C GLY A 324 -4.76 28.04 -122.49
N ILE A 325 -4.58 27.48 -123.68
CA ILE A 325 -3.56 27.94 -124.61
C ILE A 325 -4.19 28.06 -125.99
N VAL A 326 -3.70 29.02 -126.77
CA VAL A 326 -4.17 29.27 -128.12
C VAL A 326 -3.04 29.00 -129.10
N VAL A 327 -3.38 28.33 -130.21
CA VAL A 327 -2.42 28.00 -131.26
C VAL A 327 -2.83 28.77 -132.52
N ILE A 328 -1.94 29.63 -132.99
CA ILE A 328 -2.21 30.44 -134.16
C ILE A 328 -2.09 29.57 -135.41
N LEU A 329 -2.97 29.81 -136.38
CA LEU A 329 -2.99 29.07 -137.63
C LEU A 329 -3.03 30.05 -138.79
N GLN A 330 -2.66 29.56 -139.98
CA GLN A 330 -2.66 30.37 -141.18
C GLN A 330 -2.94 29.48 -142.39
N SER A 331 -3.81 29.96 -143.27
CA SER A 331 -4.16 29.20 -144.47
C SER A 331 -4.95 30.08 -145.44
N GLY A 332 -4.34 30.39 -146.59
CA GLY A 332 -5.01 31.21 -147.59
C GLY A 332 -4.82 32.69 -147.41
N GLY A 333 -3.63 33.14 -147.01
CA GLY A 333 -3.37 34.55 -146.83
C GLY A 333 -4.09 35.18 -145.66
N ARG A 334 -4.63 34.39 -144.75
CA ARG A 334 -5.32 34.91 -143.58
C ARG A 334 -5.11 33.97 -142.42
N ARG A 335 -5.04 34.54 -141.21
CA ARG A 335 -4.81 33.77 -139.99
C ARG A 335 -6.12 33.55 -139.26
N TYR A 336 -6.07 32.70 -138.23
CA TYR A 336 -7.23 32.41 -137.41
C TYR A 336 -6.81 31.63 -136.17
N ALA A 337 -7.12 32.16 -134.99
CA ALA A 337 -6.70 31.54 -133.74
C ALA A 337 -7.44 30.23 -133.52
N LEU A 338 -6.97 29.48 -132.52
CA LEU A 338 -7.57 28.19 -132.17
C LEU A 338 -7.30 27.93 -130.70
N LEU A 339 -8.34 27.96 -129.87
CA LEU A 339 -8.18 27.77 -128.44
C LEU A 339 -8.10 26.29 -128.11
N VAL A 340 -7.12 25.93 -127.27
CA VAL A 340 -6.93 24.56 -126.81
C VAL A 340 -6.66 24.59 -125.31
N ASP A 341 -6.59 23.41 -124.71
CA ASP A 341 -6.35 23.29 -123.28
C ASP A 341 -4.87 23.10 -122.96
N GLN A 342 -4.22 22.15 -123.62
CA GLN A 342 -2.80 21.87 -123.39
C GLN A 342 -2.16 21.51 -124.72
N LEU A 343 -0.82 21.44 -124.71
CA LEU A 343 -0.02 21.11 -125.87
C LEU A 343 0.86 19.91 -125.56
N ILE A 344 1.50 19.37 -126.60
CA ILE A 344 2.37 18.22 -126.47
C ILE A 344 3.67 18.48 -127.22
N GLY A 345 3.64 18.33 -128.54
CA GLY A 345 4.83 18.55 -129.34
C GLY A 345 4.60 18.10 -130.76
N GLN A 346 5.71 17.94 -131.48
CA GLN A 346 5.69 17.52 -132.88
C GLN A 346 5.79 16.01 -132.94
N HIS A 347 4.70 15.36 -133.37
CA HIS A 347 4.63 13.92 -133.51
C HIS A 347 4.33 13.57 -134.96
N GLN A 348 5.18 12.72 -135.54
CA GLN A 348 5.02 12.28 -136.94
C GLN A 348 4.38 10.90 -136.94
N VAL A 349 3.15 10.81 -137.44
CA VAL A 349 2.40 9.57 -137.49
C VAL A 349 1.80 9.43 -138.89
N VAL A 350 1.21 8.26 -139.13
CA VAL A 350 0.58 7.95 -140.41
C VAL A 350 -0.89 8.32 -140.34
N VAL A 351 -1.43 8.80 -141.45
CA VAL A 351 -2.84 9.21 -141.50
C VAL A 351 -3.73 8.00 -141.79
N LYS A 352 -5.01 8.15 -141.46
CA LYS A 352 -5.99 7.09 -141.69
C LYS A 352 -7.32 7.74 -142.06
N ASN A 353 -8.06 7.09 -142.94
CA ASN A 353 -9.37 7.56 -143.38
C ASN A 353 -10.44 7.00 -142.45
N LEU A 354 -11.13 7.90 -141.73
CA LEU A 354 -12.16 7.48 -140.80
C LEU A 354 -13.36 6.86 -141.51
N GLU A 355 -13.50 7.08 -142.82
CA GLU A 355 -14.63 6.53 -143.56
C GLU A 355 -14.53 5.02 -143.75
N SER A 356 -13.41 4.41 -143.39
CA SER A 356 -13.26 2.96 -143.58
C SER A 356 -14.17 2.18 -142.65
N ASN A 357 -14.51 2.74 -141.49
CA ASN A 357 -15.35 2.07 -140.52
C ASN A 357 -16.43 2.97 -139.94
N TYR A 358 -16.70 4.12 -140.56
CA TYR A 358 -17.71 5.04 -140.06
C TYR A 358 -18.01 6.11 -141.11
N ARG A 359 -17.37 7.28 -140.99
CA ARG A 359 -17.54 8.35 -141.97
C ARG A 359 -16.66 9.51 -141.54
N LYS A 360 -16.59 10.53 -142.39
CA LYS A 360 -15.79 11.72 -142.14
C LYS A 360 -16.70 12.94 -142.04
N VAL A 361 -16.46 13.76 -141.04
CA VAL A 361 -17.22 14.98 -140.82
C VAL A 361 -16.37 16.17 -141.26
N PRO A 362 -16.97 17.36 -141.47
CA PRO A 362 -16.16 18.50 -141.90
C PRO A 362 -15.06 18.86 -140.90
N GLY A 363 -15.25 18.58 -139.62
CA GLY A 363 -14.28 18.88 -138.59
C GLY A 363 -13.18 17.85 -138.43
N ILE A 364 -13.14 16.83 -139.28
CA ILE A 364 -12.13 15.78 -139.20
C ILE A 364 -11.60 15.53 -140.61
N SER A 365 -10.30 15.28 -140.71
CA SER A 365 -9.64 15.00 -141.99
C SER A 365 -9.06 13.61 -142.07
N ALA A 366 -8.46 13.11 -141.00
CA ALA A 366 -7.87 11.77 -140.99
C ALA A 366 -7.58 11.37 -139.55
N ALA A 367 -7.68 10.08 -139.29
CA ALA A 367 -7.44 9.52 -137.97
C ALA A 367 -6.03 8.96 -137.88
N THR A 368 -5.65 8.57 -136.66
CA THR A 368 -4.33 8.00 -136.40
C THR A 368 -4.28 7.58 -134.93
N ILE A 369 -3.43 6.59 -134.65
CA ILE A 369 -3.25 6.07 -133.31
C ILE A 369 -2.05 6.76 -132.68
N LEU A 370 -2.13 7.01 -131.37
CA LEU A 370 -1.08 7.70 -130.65
C LEU A 370 -0.13 6.67 -130.03
N GLY A 371 0.81 7.15 -129.20
CA GLY A 371 1.75 6.25 -128.58
C GLY A 371 1.13 5.34 -127.53
N ASP A 372 0.14 5.84 -126.81
CA ASP A 372 -0.54 5.07 -125.76
C ASP A 372 -1.67 4.22 -126.32
N GLY A 373 -1.75 4.02 -127.63
CA GLY A 373 -2.78 3.22 -128.25
C GLY A 373 -4.09 3.94 -128.50
N SER A 374 -4.31 5.10 -127.88
CA SER A 374 -5.56 5.83 -128.09
C SER A 374 -5.60 6.40 -129.50
N VAL A 375 -6.82 6.50 -130.02
CA VAL A 375 -7.04 7.02 -131.37
C VAL A 375 -7.11 8.54 -131.30
N ALA A 376 -6.60 9.19 -132.34
CA ALA A 376 -6.59 10.65 -132.44
C ALA A 376 -7.38 11.08 -133.66
N LEU A 377 -7.69 12.38 -133.70
CA LEU A 377 -8.46 12.97 -134.79
C LEU A 377 -7.74 14.21 -135.28
N ILE A 378 -7.26 14.18 -136.53
CA ILE A 378 -6.59 15.32 -137.12
C ILE A 378 -7.64 16.34 -137.53
N VAL A 379 -7.54 17.56 -137.00
CA VAL A 379 -8.52 18.59 -137.30
C VAL A 379 -8.15 19.28 -138.60
N ASP A 380 -9.11 19.33 -139.53
CA ASP A 380 -8.88 19.94 -140.83
C ASP A 380 -8.68 21.44 -140.66
N VAL A 381 -7.62 21.96 -141.29
CA VAL A 381 -7.35 23.40 -141.23
C VAL A 381 -8.21 24.15 -142.24
N SER A 382 -8.62 23.49 -143.32
CA SER A 382 -9.47 24.16 -144.31
C SER A 382 -10.84 24.51 -143.74
N ALA A 383 -11.31 23.73 -142.76
CA ALA A 383 -12.61 24.02 -142.16
C ALA A 383 -12.52 25.18 -141.18
N LEU A 384 -11.52 25.17 -140.30
CA LEU A 384 -11.37 26.25 -139.33
C LEU A 384 -11.26 27.61 -140.01
N GLN A 385 -10.69 27.65 -141.21
CA GLN A 385 -10.57 28.91 -141.93
C GLN A 385 -11.94 29.48 -142.29
N ALA A 386 -12.95 28.62 -142.42
CA ALA A 386 -14.30 29.05 -142.76
C ALA A 386 -15.27 28.99 -141.59
N ILE A 387 -15.01 28.17 -140.58
CA ILE A 387 -15.93 28.07 -139.44
C ILE A 387 -15.98 29.39 -138.68
N ASN A 388 -14.85 30.10 -138.61
CA ASN A 388 -14.84 31.37 -137.91
C ASN A 388 -15.75 32.39 -138.57
N ARG A 389 -15.99 32.25 -139.88
CA ARG A 389 -16.87 33.16 -140.59
C ARG A 389 -18.34 32.76 -140.48
N GLU A 390 -18.63 31.46 -140.42
CA GLU A 390 -20.02 31.02 -140.31
C GLU A 390 -20.60 31.34 -138.95
N GLN A 391 -19.86 31.05 -137.88
CA GLN A 391 -20.32 31.31 -136.53
C GLN A 391 -20.54 32.79 -136.31
N ARG B 1 -6.67 -15.43 -174.26
CA ARG B 1 -6.21 -14.13 -173.69
C ARG B 1 -6.57 -14.05 -172.20
N SER B 2 -5.57 -14.22 -171.35
CA SER B 2 -5.78 -14.17 -169.89
C SER B 2 -5.66 -12.73 -169.40
N ASN B 3 -4.44 -12.18 -169.40
CA ASN B 3 -4.21 -10.82 -168.95
C ASN B 3 -2.84 -10.37 -169.44
N GLU B 4 -2.74 -9.09 -169.77
CA GLU B 4 -1.50 -8.49 -170.26
C GLU B 4 -1.00 -7.44 -169.27
N SER B 5 0.20 -6.93 -169.53
CA SER B 5 0.80 -5.92 -168.67
C SER B 5 1.90 -5.21 -169.48
N THR B 6 2.57 -4.27 -168.83
CA THR B 6 3.64 -3.50 -169.44
C THR B 6 4.81 -3.41 -168.48
N SER B 7 5.92 -2.86 -168.96
CA SER B 7 7.13 -2.71 -168.17
C SER B 7 7.85 -1.43 -168.58
N ILE B 8 8.68 -0.93 -167.67
CA ILE B 8 9.43 0.30 -167.88
C ILE B 8 10.89 0.03 -167.57
N ARG B 9 11.77 0.73 -168.30
CA ARG B 9 13.21 0.57 -168.10
C ARG B 9 13.59 1.08 -166.71
N VAL B 10 14.32 0.27 -165.97
CA VAL B 10 14.79 0.62 -164.63
C VAL B 10 16.26 0.26 -164.53
N ALA B 11 17.08 1.20 -164.08
CA ALA B 11 18.51 0.95 -163.95
C ALA B 11 18.77 -0.10 -162.88
N VAL B 12 19.75 -0.96 -163.14
CA VAL B 12 20.09 -2.01 -162.19
C VAL B 12 20.63 -1.41 -160.90
N GLU B 13 21.30 -0.26 -160.98
CA GLU B 13 21.82 0.37 -159.77
C GLU B 13 20.69 0.78 -158.83
N LYS B 14 19.58 1.25 -159.38
CA LYS B 14 18.45 1.64 -158.53
C LYS B 14 17.84 0.43 -157.84
N VAL B 15 17.74 -0.69 -158.55
CA VAL B 15 17.18 -1.90 -157.95
C VAL B 15 18.11 -2.44 -156.87
N ASP B 16 19.43 -2.36 -157.11
CA ASP B 16 20.38 -2.83 -156.12
C ASP B 16 20.32 -2.00 -154.84
N GLN B 17 20.01 -0.69 -154.96
CA GLN B 17 19.91 0.15 -153.77
C GLN B 17 18.76 -0.31 -152.88
N LEU B 18 17.70 -0.87 -153.46
CA LEU B 18 16.58 -1.35 -152.65
C LEU B 18 17.02 -2.49 -151.73
N ILE B 19 17.89 -3.37 -152.22
CA ILE B 19 18.36 -4.47 -151.39
C ILE B 19 19.12 -3.95 -150.18
N ASN B 20 19.83 -2.84 -150.34
CA ASN B 20 20.57 -2.27 -149.21
C ASN B 20 19.63 -1.64 -148.19
N LEU B 21 18.58 -0.97 -148.67
CA LEU B 21 17.63 -0.35 -147.76
C LEU B 21 16.82 -1.41 -147.02
N VAL B 22 16.25 -2.36 -147.74
CA VAL B 22 15.47 -3.41 -147.10
C VAL B 22 16.37 -4.32 -146.29
N GLY B 23 17.63 -4.47 -146.70
CA GLY B 23 18.57 -5.29 -145.97
C GLY B 23 18.75 -4.84 -144.54
N GLU B 24 19.11 -3.56 -144.36
CA GLU B 24 19.22 -3.02 -143.01
C GLU B 24 17.89 -3.04 -142.29
N LEU B 25 16.79 -2.86 -143.02
CA LEU B 25 15.47 -2.91 -142.39
C LEU B 25 15.20 -4.29 -141.80
N VAL B 26 15.45 -5.35 -142.57
CA VAL B 26 15.25 -6.70 -142.07
C VAL B 26 16.21 -6.98 -140.92
N ILE B 27 17.42 -6.44 -140.99
CA ILE B 27 18.39 -6.64 -139.92
C ILE B 27 18.05 -5.79 -138.71
N THR B 28 17.46 -4.61 -138.92
CA THR B 28 17.11 -3.74 -137.79
C THR B 28 15.92 -4.31 -137.03
N GLN B 29 14.86 -4.71 -137.74
CA GLN B 29 13.69 -5.26 -137.06
C GLN B 29 14.02 -6.56 -136.36
N SER B 30 15.00 -7.32 -136.86
CA SER B 30 15.38 -8.56 -136.21
C SER B 30 15.98 -8.32 -134.84
N MET B 31 16.86 -7.31 -134.74
CA MET B 31 17.45 -7.00 -133.44
C MET B 31 16.42 -6.43 -132.48
N LEU B 32 15.55 -5.54 -132.96
CA LEU B 32 14.51 -4.98 -132.10
C LEU B 32 13.49 -6.03 -131.70
N ALA B 33 13.20 -6.98 -132.58
CA ALA B 33 12.24 -8.03 -132.25
C ALA B 33 12.73 -8.89 -131.10
N GLN B 34 14.04 -9.12 -131.02
CA GLN B 34 14.59 -9.93 -129.93
C GLN B 34 14.50 -9.18 -128.60
N ARG B 35 14.66 -7.85 -128.61
CA ARG B 35 14.58 -7.09 -127.38
C ARG B 35 13.17 -7.10 -126.81
N SER B 36 12.16 -7.04 -127.68
CA SER B 36 10.78 -7.04 -127.21
C SER B 36 10.41 -8.36 -126.54
N SER B 37 11.05 -9.45 -126.94
CA SER B 37 10.75 -10.76 -126.35
C SER B 37 11.41 -10.91 -124.98
N GLU B 38 12.64 -10.44 -124.84
CA GLU B 38 13.33 -10.57 -123.56
C GLU B 38 12.68 -9.67 -122.50
N LEU B 39 12.34 -8.45 -122.86
CA LEU B 39 11.72 -7.54 -121.92
C LEU B 39 10.32 -8.02 -121.55
N ASP B 40 9.71 -7.35 -120.59
CA ASP B 40 8.39 -7.73 -120.12
C ASP B 40 7.35 -7.49 -121.21
N PRO B 41 6.27 -8.27 -121.24
CA PRO B 41 5.24 -8.09 -122.26
C PRO B 41 4.28 -6.94 -121.98
N VAL B 42 4.40 -6.28 -120.82
CA VAL B 42 3.50 -5.18 -120.47
C VAL B 42 3.65 -4.07 -121.50
N ASN B 43 4.79 -3.37 -121.47
CA ASN B 43 5.01 -2.29 -122.42
C ASN B 43 5.07 -2.79 -123.85
N HIS B 44 5.52 -4.03 -124.05
CA HIS B 44 5.62 -4.64 -125.37
C HIS B 44 4.43 -5.52 -125.69
N GLY B 45 3.25 -5.20 -125.14
CA GLY B 45 2.06 -5.97 -125.40
C GLY B 45 1.65 -5.97 -126.85
N ASP B 46 1.38 -4.78 -127.39
CA ASP B 46 1.00 -4.65 -128.79
C ASP B 46 2.20 -4.59 -129.73
N LEU B 47 3.38 -4.22 -129.22
CA LEU B 47 4.56 -4.16 -130.07
C LEU B 47 4.89 -5.53 -130.64
N ILE B 48 4.89 -6.56 -129.80
CA ILE B 48 5.17 -7.91 -130.27
C ILE B 48 4.12 -8.36 -131.27
N THR B 49 2.86 -7.97 -131.06
CA THR B 49 1.81 -8.34 -132.01
C THR B 49 2.04 -7.69 -133.37
N SER B 50 2.38 -6.41 -133.38
CA SER B 50 2.65 -5.72 -134.65
C SER B 50 3.93 -6.24 -135.30
N MET B 51 4.89 -6.71 -134.48
CA MET B 51 6.13 -7.24 -135.05
C MET B 51 5.87 -8.48 -135.89
N GLY B 52 4.89 -9.30 -135.49
CA GLY B 52 4.58 -10.48 -136.27
C GLY B 52 4.08 -10.13 -137.66
N GLN B 53 3.20 -9.14 -137.75
CA GLN B 53 2.71 -8.71 -139.06
C GLN B 53 3.82 -8.04 -139.88
N LEU B 54 4.72 -7.32 -139.21
CA LEU B 54 5.83 -6.69 -139.91
C LEU B 54 6.90 -7.70 -140.28
N GLN B 55 7.12 -8.71 -139.42
CA GLN B 55 8.12 -9.73 -139.73
C GLN B 55 7.81 -10.45 -141.03
N ARG B 56 6.52 -10.66 -141.33
CA ARG B 56 6.16 -11.31 -142.58
C ARG B 56 6.15 -10.34 -143.75
N ASN B 57 5.61 -9.14 -143.55
CA ASN B 57 5.61 -8.15 -144.63
C ASN B 57 7.02 -7.69 -144.96
N ALA B 58 7.92 -7.70 -143.99
CA ALA B 58 9.30 -7.30 -144.26
C ALA B 58 9.96 -8.24 -145.24
N ARG B 59 9.68 -9.54 -145.14
CA ARG B 59 10.25 -10.50 -146.08
C ARG B 59 9.49 -10.52 -147.40
N ASP B 60 8.18 -10.29 -147.38
CA ASP B 60 7.40 -10.26 -148.61
C ASP B 60 7.92 -9.18 -149.55
N LEU B 61 8.17 -7.97 -149.02
CA LEU B 61 8.73 -6.91 -149.84
C LEU B 61 10.15 -7.25 -150.30
N GLN B 62 10.92 -7.90 -149.43
CA GLN B 62 12.28 -8.29 -149.80
C GLN B 62 12.26 -9.30 -150.94
N GLU B 63 11.49 -10.37 -150.79
CA GLU B 63 11.40 -11.36 -151.86
C GLU B 63 10.80 -10.75 -153.12
N SER B 64 9.92 -9.76 -152.97
CA SER B 64 9.35 -9.10 -154.14
C SER B 64 10.40 -8.31 -154.89
N VAL B 65 11.26 -7.58 -154.17
CA VAL B 65 12.33 -6.83 -154.82
C VAL B 65 13.29 -7.77 -155.52
N MET B 66 13.58 -8.92 -154.90
CA MET B 66 14.46 -9.90 -155.53
C MET B 66 13.81 -10.52 -156.76
N SER B 67 12.55 -10.97 -156.62
CA SER B 67 11.85 -11.57 -157.75
C SER B 67 11.84 -10.64 -158.95
N ILE B 68 11.62 -9.34 -158.70
CA ILE B 68 11.64 -8.38 -159.80
C ILE B 68 13.04 -8.27 -160.39
N ARG B 69 14.07 -8.53 -159.58
CA ARG B 69 15.45 -8.47 -160.05
C ARG B 69 15.90 -9.76 -160.73
N MET B 70 15.19 -10.87 -160.52
CA MET B 70 15.53 -12.12 -161.18
C MET B 70 15.06 -12.10 -162.63
N MET B 71 15.45 -13.14 -163.36
CA MET B 71 15.07 -13.32 -164.75
C MET B 71 14.77 -14.79 -164.99
N PRO B 72 13.88 -15.10 -165.94
CA PRO B 72 13.56 -16.51 -166.21
C PRO B 72 14.80 -17.31 -166.57
N MET B 73 14.79 -18.58 -166.19
CA MET B 73 15.90 -19.47 -166.50
C MET B 73 15.98 -19.79 -167.99
N GLU B 74 14.88 -19.60 -168.73
CA GLU B 74 14.91 -19.85 -170.16
C GLU B 74 15.94 -18.98 -170.86
N TYR B 75 16.16 -17.77 -170.36
CA TYR B 75 17.19 -16.90 -170.94
C TYR B 75 18.57 -17.51 -170.78
N VAL B 76 18.80 -18.25 -169.69
CA VAL B 76 20.09 -18.90 -169.50
C VAL B 76 20.15 -20.20 -170.29
N PHE B 77 19.03 -20.92 -170.38
CA PHE B 77 19.00 -22.16 -171.13
C PHE B 77 19.01 -21.95 -172.64
N SER B 78 18.75 -20.73 -173.11
CA SER B 78 18.75 -20.44 -174.54
C SER B 78 20.15 -20.39 -175.14
N ARG B 79 21.19 -20.42 -174.31
CA ARG B 79 22.56 -20.38 -174.79
C ARG B 79 23.22 -21.74 -174.90
N TYR B 80 22.62 -22.77 -174.30
CA TYR B 80 23.19 -24.12 -174.33
C TYR B 80 23.00 -24.77 -175.70
N PRO B 81 21.83 -24.63 -176.33
CA PRO B 81 21.68 -25.18 -177.69
C PRO B 81 22.75 -24.70 -178.66
N ARG B 82 23.30 -23.50 -178.45
CA ARG B 82 24.36 -23.02 -179.31
C ARG B 82 25.60 -23.90 -179.22
N LEU B 83 25.87 -24.47 -178.05
CA LEU B 83 27.03 -25.33 -177.86
C LEU B 83 26.72 -26.81 -178.06
N VAL B 84 25.45 -27.19 -177.96
CA VAL B 84 25.06 -28.59 -178.11
C VAL B 84 24.78 -28.93 -179.56
N ARG B 85 23.90 -28.17 -180.22
CA ARG B 85 23.55 -28.46 -181.60
C ARG B 85 24.72 -28.18 -182.54
N ASP B 86 25.63 -27.30 -182.16
CA ASP B 86 26.77 -26.96 -182.99
C ASP B 86 27.93 -27.94 -182.81
N LEU B 87 28.35 -28.16 -181.56
CA LEU B 87 29.46 -29.07 -181.30
C LEU B 87 29.11 -30.50 -181.67
N ALA B 88 27.83 -30.86 -181.60
CA ALA B 88 27.43 -32.22 -181.96
C ALA B 88 27.70 -32.51 -183.43
N GLY B 89 27.39 -31.56 -184.31
CA GLY B 89 27.64 -31.77 -185.72
C GLY B 89 29.10 -31.67 -186.10
N LYS B 90 29.87 -30.84 -185.38
CA LYS B 90 31.28 -30.69 -185.68
C LYS B 90 32.05 -31.96 -185.32
N LEU B 91 31.80 -32.52 -184.14
CA LEU B 91 32.47 -33.74 -183.71
C LEU B 91 31.87 -35.00 -184.31
N GLY B 92 30.66 -34.92 -184.87
CA GLY B 92 30.03 -36.07 -185.47
C GLY B 92 29.23 -36.89 -184.47
N LYS B 93 28.27 -36.24 -183.82
CA LYS B 93 27.42 -36.90 -182.83
C LYS B 93 26.00 -36.36 -182.95
N GLN B 94 25.09 -36.98 -182.20
CA GLN B 94 23.68 -36.60 -182.18
C GLN B 94 23.26 -36.45 -180.72
N VAL B 95 23.06 -35.21 -180.28
CA VAL B 95 22.68 -34.91 -178.91
C VAL B 95 21.49 -33.94 -178.95
N GLU B 96 20.44 -34.27 -178.21
CA GLU B 96 19.24 -33.46 -178.14
C GLU B 96 19.08 -32.92 -176.72
N LEU B 97 19.11 -31.59 -176.60
CA LEU B 97 18.97 -30.94 -175.30
C LEU B 97 17.51 -30.83 -174.91
N THR B 98 17.21 -31.14 -173.64
CA THR B 98 15.87 -31.06 -173.10
C THR B 98 15.86 -30.11 -171.91
N LEU B 99 14.88 -29.21 -171.89
CA LEU B 99 14.74 -28.21 -170.84
C LEU B 99 13.52 -28.54 -169.99
N VAL B 100 13.71 -28.55 -168.67
CA VAL B 100 12.65 -28.84 -167.72
C VAL B 100 12.56 -27.68 -166.74
N GLY B 101 11.34 -27.21 -166.48
CA GLY B 101 11.14 -26.11 -165.55
C GLY B 101 11.68 -24.79 -166.09
N SER B 102 11.08 -24.29 -167.17
CA SER B 102 11.51 -23.03 -167.75
C SER B 102 10.97 -21.82 -167.02
N SER B 103 9.90 -21.98 -166.25
CA SER B 103 9.32 -20.87 -165.52
C SER B 103 10.18 -20.42 -164.34
N THR B 104 11.20 -21.19 -163.97
CA THR B 104 12.05 -20.81 -162.85
C THR B 104 12.81 -19.52 -163.18
N GLU B 105 13.10 -18.75 -162.13
CA GLU B 105 13.81 -17.49 -162.24
C GLU B 105 15.12 -17.56 -161.48
N LEU B 106 15.97 -16.56 -161.68
CA LEU B 106 17.27 -16.50 -161.03
C LEU B 106 17.76 -15.06 -161.03
N ASP B 107 18.50 -14.71 -159.98
CA ASP B 107 19.02 -13.35 -159.86
C ASP B 107 19.94 -13.03 -161.02
N LYS B 108 19.90 -11.76 -161.46
CA LYS B 108 20.74 -11.34 -162.59
C LYS B 108 22.22 -11.49 -162.25
N SER B 109 22.61 -11.08 -161.04
CA SER B 109 24.01 -11.20 -160.63
C SER B 109 24.46 -12.65 -160.65
N LEU B 110 23.56 -13.58 -160.36
CA LEU B 110 23.92 -15.00 -160.38
C LEU B 110 23.98 -15.54 -161.80
N ILE B 111 23.26 -14.92 -162.74
CA ILE B 111 23.31 -15.37 -164.13
C ILE B 111 24.62 -14.96 -164.78
N GLU B 112 25.22 -13.86 -164.32
CA GLU B 112 26.49 -13.40 -164.86
C GLU B 112 27.69 -14.19 -164.35
N ARG B 113 27.46 -15.25 -163.58
CA ARG B 113 28.55 -16.06 -163.05
C ARG B 113 28.29 -17.56 -163.08
N ILE B 114 27.09 -18.01 -163.48
CA ILE B 114 26.78 -19.42 -163.54
C ILE B 114 26.73 -19.95 -164.97
N ILE B 115 26.77 -19.07 -165.97
CA ILE B 115 26.74 -19.52 -167.36
C ILE B 115 28.01 -20.30 -167.70
N ASP B 116 29.17 -19.70 -167.45
CA ASP B 116 30.42 -20.37 -167.79
C ASP B 116 30.62 -21.65 -166.99
N PRO B 117 30.40 -21.68 -165.67
CA PRO B 117 30.48 -22.97 -164.95
C PRO B 117 29.62 -24.06 -165.59
N LEU B 118 28.34 -23.78 -165.85
CA LEU B 118 27.48 -24.77 -166.48
C LEU B 118 27.92 -25.04 -167.92
N THR B 119 28.40 -24.02 -168.62
CA THR B 119 28.87 -24.22 -169.98
C THR B 119 30.04 -25.19 -170.04
N HIS B 120 30.89 -25.19 -169.00
CA HIS B 120 32.01 -26.12 -168.96
C HIS B 120 31.53 -27.56 -168.74
N LEU B 121 30.48 -27.74 -167.94
CA LEU B 121 29.95 -29.07 -167.72
C LEU B 121 29.35 -29.66 -168.99
N VAL B 122 28.63 -28.83 -169.76
CA VAL B 122 28.04 -29.32 -171.00
C VAL B 122 29.12 -29.65 -172.02
N ARG B 123 30.21 -28.87 -172.03
CA ARG B 123 31.29 -29.13 -172.98
C ARG B 123 31.97 -30.45 -172.67
N ASN B 124 32.10 -30.81 -171.39
CA ASN B 124 32.73 -32.08 -171.05
C ASN B 124 31.84 -33.25 -171.40
N SER B 125 30.51 -33.07 -171.29
CA SER B 125 29.60 -34.17 -171.62
C SER B 125 29.61 -34.48 -173.11
N LEU B 126 29.86 -33.48 -173.96
CA LEU B 126 29.88 -33.66 -175.40
C LEU B 126 31.25 -34.08 -175.91
N ASP B 127 32.16 -34.48 -175.02
CA ASP B 127 33.50 -34.90 -175.42
C ASP B 127 33.90 -36.20 -174.73
N HIS B 128 33.90 -36.19 -173.40
CA HIS B 128 34.28 -37.36 -172.61
C HIS B 128 33.08 -38.18 -172.16
N GLY B 129 31.99 -37.53 -171.76
CA GLY B 129 30.81 -38.24 -171.31
C GLY B 129 30.12 -39.00 -172.42
N ILE B 130 29.38 -38.30 -173.27
CA ILE B 130 28.65 -38.94 -174.35
C ILE B 130 29.64 -39.46 -175.39
N GLU B 131 29.40 -40.68 -175.86
CA GLU B 131 30.25 -41.31 -176.86
C GLU B 131 29.61 -41.16 -178.25
N LEU B 132 30.17 -41.85 -179.23
CA LEU B 132 29.65 -41.79 -180.58
C LEU B 132 28.40 -42.65 -180.72
N PRO B 133 27.59 -42.42 -181.76
CA PRO B 133 26.38 -43.23 -181.93
C PRO B 133 26.66 -44.71 -182.05
N GLU B 134 27.77 -45.09 -182.69
CA GLU B 134 28.07 -46.51 -182.86
C GLU B 134 28.38 -47.17 -181.52
N LYS B 135 29.19 -46.51 -180.68
CA LYS B 135 29.56 -47.09 -179.39
C LYS B 135 28.35 -47.21 -178.47
N ARG B 136 27.35 -46.34 -178.63
CA ARG B 136 26.17 -46.41 -177.77
C ARG B 136 25.29 -47.59 -178.15
N LEU B 137 25.09 -47.83 -179.45
CA LEU B 137 24.27 -48.95 -179.89
C LEU B 137 24.93 -50.29 -179.56
N ALA B 138 26.27 -50.32 -179.49
CA ALA B 138 26.96 -51.57 -179.19
C ALA B 138 26.63 -52.06 -177.79
N ALA B 139 26.51 -51.15 -176.83
CA ALA B 139 26.20 -51.50 -175.45
C ALA B 139 24.70 -51.45 -175.15
N GLY B 140 23.87 -51.51 -176.19
CA GLY B 140 22.43 -51.47 -176.01
C GLY B 140 21.86 -50.12 -175.70
N LYS B 141 22.68 -49.07 -175.66
CA LYS B 141 22.21 -47.73 -175.36
C LYS B 141 21.76 -47.02 -176.63
N ASN B 142 20.79 -46.13 -176.48
CA ASN B 142 20.26 -45.40 -177.62
C ASN B 142 21.36 -44.59 -178.30
N SER B 143 21.22 -44.39 -179.61
CA SER B 143 22.22 -43.64 -180.36
C SER B 143 22.19 -42.16 -179.98
N VAL B 144 21.01 -41.55 -179.99
CA VAL B 144 20.88 -40.14 -179.66
C VAL B 144 20.97 -39.96 -178.15
N GLY B 145 21.81 -39.02 -177.72
CA GLY B 145 21.96 -38.75 -176.30
C GLY B 145 20.74 -38.10 -175.70
N ASN B 146 20.85 -37.60 -174.48
CA ASN B 146 19.73 -36.94 -173.82
C ASN B 146 20.22 -36.08 -172.66
N LEU B 147 20.67 -34.87 -172.96
CA LEU B 147 21.13 -33.93 -171.95
C LEU B 147 19.94 -33.16 -171.41
N ILE B 148 19.80 -33.14 -170.08
CA ILE B 148 18.67 -32.50 -169.41
C ILE B 148 19.22 -31.47 -168.44
N LEU B 149 18.69 -30.25 -168.51
CA LEU B 149 19.08 -29.14 -167.65
C LEU B 149 17.85 -28.72 -166.84
N SER B 150 17.67 -29.35 -165.69
CA SER B 150 16.53 -29.08 -164.83
C SER B 150 16.80 -27.86 -163.95
N ALA B 151 15.71 -27.30 -163.41
CA ALA B 151 15.81 -26.14 -162.55
C ALA B 151 14.46 -25.92 -161.87
N GLU B 152 14.48 -25.53 -160.60
CA GLU B 152 13.26 -25.29 -159.85
C GLU B 152 13.61 -24.49 -158.61
N HIS B 153 12.59 -23.95 -157.96
CA HIS B 153 12.77 -23.16 -156.76
C HIS B 153 12.86 -24.07 -155.53
N GLN B 154 13.13 -23.48 -154.37
CA GLN B 154 13.25 -24.24 -153.13
C GLN B 154 13.18 -23.29 -151.94
N GLY B 155 11.99 -22.76 -151.67
CA GLY B 155 11.82 -21.83 -150.57
C GLY B 155 12.70 -20.62 -150.68
N GLY B 156 13.79 -20.58 -149.92
CA GLY B 156 14.72 -19.47 -149.97
C GLY B 156 15.98 -19.81 -150.75
N ASN B 157 15.88 -20.78 -151.65
CA ASN B 157 17.01 -21.22 -152.46
C ASN B 157 16.52 -21.58 -153.85
N ILE B 158 17.47 -21.85 -154.74
CA ILE B 158 17.19 -22.25 -156.12
C ILE B 158 18.05 -23.45 -156.45
N CYS B 159 17.41 -24.51 -156.96
CA CYS B 159 18.08 -25.75 -157.30
C CYS B 159 18.24 -25.86 -158.81
N ILE B 160 19.45 -26.22 -159.25
CA ILE B 160 19.75 -26.41 -160.66
C ILE B 160 20.54 -27.70 -160.81
N GLU B 161 20.06 -28.60 -161.65
CA GLU B 161 20.69 -29.89 -161.88
C GLU B 161 21.03 -30.05 -163.35
N VAL B 162 22.12 -30.76 -163.62
CA VAL B 162 22.57 -31.03 -164.98
C VAL B 162 22.65 -32.54 -165.19
N THR B 163 21.51 -33.18 -165.41
CA THR B 163 21.48 -34.62 -165.60
C THR B 163 21.98 -34.99 -166.99
N ASP B 164 22.71 -36.10 -167.05
CA ASP B 164 23.27 -36.58 -168.31
C ASP B 164 23.23 -38.10 -168.33
N ASP B 165 23.08 -38.65 -169.53
CA ASP B 165 23.02 -40.09 -169.75
C ASP B 165 24.21 -40.57 -170.56
N GLY B 166 25.38 -40.00 -170.29
CA GLY B 166 26.60 -40.36 -170.99
C GLY B 166 27.21 -41.64 -170.46
N ALA B 167 28.52 -41.77 -170.68
CA ALA B 167 29.23 -42.95 -170.22
C ALA B 167 29.35 -43.01 -168.70
N GLY B 168 29.20 -41.88 -168.02
CA GLY B 168 29.29 -41.84 -166.58
C GLY B 168 30.70 -41.60 -166.08
N LEU B 169 30.79 -41.06 -164.86
CA LEU B 169 32.07 -40.76 -164.24
C LEU B 169 32.70 -42.05 -163.73
N ASN B 170 33.91 -42.35 -164.19
CA ASN B 170 34.59 -43.55 -163.75
C ASN B 170 34.92 -43.47 -162.26
N ARG B 171 34.88 -44.62 -161.59
CA ARG B 171 35.15 -44.69 -160.16
C ARG B 171 36.60 -45.02 -159.88
N GLU B 172 37.15 -46.02 -160.56
CA GLU B 172 38.55 -46.39 -160.33
C GLU B 172 39.51 -45.31 -160.78
N ARG B 173 39.10 -44.45 -161.72
CA ARG B 173 39.97 -43.40 -162.21
C ARG B 173 40.04 -42.22 -161.26
N ILE B 174 38.98 -41.99 -160.47
CA ILE B 174 38.97 -40.88 -159.53
C ILE B 174 39.74 -41.23 -158.27
N LEU B 175 39.64 -42.48 -157.80
CA LEU B 175 40.35 -42.89 -156.60
C LEU B 175 41.85 -42.85 -156.81
N ALA B 176 42.32 -43.24 -158.00
CA ALA B 176 43.76 -43.24 -158.27
C ALA B 176 44.29 -41.81 -158.38
N LYS B 177 43.50 -40.90 -158.94
CA LYS B 177 43.95 -39.52 -159.09
C LYS B 177 43.82 -38.74 -157.79
N ALA B 178 42.80 -39.05 -156.99
CA ALA B 178 42.61 -38.34 -155.73
C ALA B 178 43.63 -38.79 -154.68
N ALA B 179 43.97 -40.07 -154.66
CA ALA B 179 44.94 -40.56 -153.69
C ALA B 179 46.34 -40.05 -153.98
N SER B 180 46.65 -39.79 -155.25
CA SER B 180 47.98 -39.30 -155.60
C SER B 180 48.24 -37.91 -155.04
N GLN B 181 47.21 -37.04 -155.05
CA GLN B 181 47.37 -35.68 -154.54
C GLN B 181 47.26 -35.60 -153.02
N GLY B 182 46.96 -36.70 -152.34
CA GLY B 182 46.87 -36.71 -150.89
C GLY B 182 45.47 -36.41 -150.39
N LEU B 183 44.49 -37.19 -150.86
CA LEU B 183 43.10 -37.03 -150.45
C LEU B 183 42.61 -38.34 -149.83
N THR B 184 41.95 -38.23 -148.68
CA THR B 184 41.46 -39.41 -147.99
C THR B 184 40.37 -40.09 -148.81
N VAL B 185 40.61 -41.34 -149.19
CA VAL B 185 39.66 -42.12 -149.98
C VAL B 185 39.60 -43.53 -149.40
N SER B 186 38.64 -44.31 -149.88
CA SER B 186 38.44 -45.67 -149.42
C SER B 186 37.48 -46.38 -150.37
N GLU B 187 37.47 -47.70 -150.29
CA GLU B 187 36.58 -48.49 -151.14
C GLU B 187 35.15 -48.48 -150.66
N ASN B 188 34.91 -48.13 -149.40
CA ASN B 188 33.56 -48.10 -148.86
C ASN B 188 32.71 -47.00 -149.52
N MET B 189 33.33 -45.98 -150.08
CA MET B 189 32.59 -44.91 -150.72
C MET B 189 31.87 -45.43 -151.95
N SER B 190 30.56 -45.20 -152.01
CA SER B 190 29.76 -45.64 -153.15
C SER B 190 30.09 -44.80 -154.38
N ASP B 191 29.47 -45.16 -155.50
CA ASP B 191 29.72 -44.44 -156.75
C ASP B 191 29.29 -42.99 -156.64
N ASP B 192 28.29 -42.69 -155.81
CA ASP B 192 27.82 -41.32 -155.67
C ASP B 192 28.77 -40.49 -154.80
N GLU B 193 29.48 -41.12 -153.87
CA GLU B 193 30.40 -40.39 -153.01
C GLU B 193 31.72 -40.11 -153.72
N VAL B 194 32.22 -41.07 -154.50
CA VAL B 194 33.47 -40.87 -155.22
C VAL B 194 33.32 -39.74 -156.24
N ALA B 195 32.11 -39.53 -156.75
CA ALA B 195 31.89 -38.47 -157.73
C ALA B 195 32.16 -37.09 -157.14
N MET B 196 32.08 -36.94 -155.82
CA MET B 196 32.34 -35.67 -155.16
C MET B 196 33.82 -35.41 -154.93
N LEU B 197 34.70 -36.26 -155.46
CA LEU B 197 36.14 -36.09 -155.29
C LEU B 197 36.82 -35.52 -156.53
N ILE B 198 36.06 -34.93 -157.46
CA ILE B 198 36.62 -34.38 -158.68
C ILE B 198 36.85 -32.88 -158.51
N PHE B 199 36.80 -32.41 -157.27
CA PHE B 199 37.01 -31.00 -156.96
C PHE B 199 38.44 -30.70 -156.52
N ALA B 200 39.38 -31.60 -156.80
CA ALA B 200 40.75 -31.38 -156.41
C ALA B 200 41.38 -30.25 -157.24
N PRO B 201 42.48 -29.67 -156.77
CA PRO B 201 43.11 -28.59 -157.53
C PRO B 201 43.50 -29.04 -158.93
N GLY B 202 43.02 -28.31 -159.93
CA GLY B 202 43.33 -28.61 -161.31
C GLY B 202 42.86 -30.00 -161.72
N PHE B 203 41.54 -30.19 -161.81
CA PHE B 203 40.98 -31.47 -162.21
C PHE B 203 39.49 -31.29 -162.46
N SER B 204 38.96 -32.09 -163.39
CA SER B 204 37.55 -32.02 -163.72
C SER B 204 37.04 -33.39 -164.18
N THR B 205 36.09 -33.42 -165.11
CA THR B 205 35.57 -34.69 -165.60
C THR B 205 36.68 -35.56 -166.18
N ALA B 206 37.74 -34.94 -166.72
CA ALA B 206 38.86 -35.67 -167.28
C ALA B 206 40.16 -35.09 -166.73
N GLU B 207 41.21 -35.91 -166.76
CA GLU B 207 42.51 -35.46 -166.25
C GLU B 207 43.05 -34.31 -167.08
N GLN B 208 42.82 -34.32 -168.39
CA GLN B 208 43.30 -33.26 -169.28
C GLN B 208 42.25 -32.16 -169.31
N VAL B 209 42.45 -31.13 -168.47
CA VAL B 209 41.53 -30.00 -168.39
C VAL B 209 42.07 -28.86 -169.23
N THR B 210 43.27 -28.38 -168.89
CA THR B 210 43.86 -27.27 -169.62
C THR B 210 44.15 -27.62 -171.07
N ASP B 211 44.42 -28.90 -171.36
CA ASP B 211 44.72 -29.29 -172.74
C ASP B 211 43.46 -29.38 -173.59
N VAL B 212 42.40 -29.99 -173.05
CA VAL B 212 41.15 -30.16 -173.79
C VAL B 212 40.35 -28.87 -173.68
N SER B 213 39.83 -28.59 -172.48
CA SER B 213 39.03 -27.38 -172.27
C SER B 213 39.88 -26.15 -172.49
N GLY B 214 39.44 -25.27 -173.40
CA GLY B 214 40.16 -24.06 -173.69
C GLY B 214 40.24 -23.12 -172.50
N ARG B 215 39.08 -22.71 -171.99
CA ARG B 215 39.05 -21.82 -170.84
C ARG B 215 39.57 -22.53 -169.59
N GLY B 216 40.37 -21.81 -168.81
CA GLY B 216 40.93 -22.37 -167.59
C GLY B 216 39.93 -22.41 -166.46
N VAL B 217 38.86 -23.18 -166.63
CA VAL B 217 37.80 -23.31 -165.63
C VAL B 217 37.46 -24.78 -165.49
N GLY B 218 37.46 -25.28 -164.26
CA GLY B 218 37.12 -26.66 -164.00
C GLY B 218 36.30 -26.82 -162.74
N MET B 219 36.13 -28.07 -162.28
CA MET B 219 35.36 -28.31 -161.07
C MET B 219 35.94 -27.56 -159.88
N ASP B 220 37.26 -27.42 -159.81
CA ASP B 220 37.87 -26.69 -158.72
C ASP B 220 37.54 -25.20 -158.81
N VAL B 221 37.47 -24.65 -160.02
CA VAL B 221 37.13 -23.25 -160.19
C VAL B 221 35.63 -23.04 -160.10
N VAL B 222 34.83 -24.01 -160.54
CA VAL B 222 33.38 -23.89 -160.46
C VAL B 222 32.95 -23.81 -159.01
N LYS B 223 33.46 -24.71 -158.16
CA LYS B 223 33.10 -24.69 -156.75
C LYS B 223 33.56 -23.40 -156.09
N ARG B 224 34.67 -22.83 -156.55
CA ARG B 224 35.15 -21.57 -155.96
C ARG B 224 34.12 -20.46 -156.14
N ASN B 225 33.54 -20.35 -157.34
CA ASN B 225 32.53 -19.33 -157.57
C ASN B 225 31.27 -19.60 -156.77
N ILE B 226 30.95 -20.87 -156.50
CA ILE B 226 29.77 -21.19 -155.71
C ILE B 226 29.95 -20.73 -154.27
N GLN B 227 31.15 -20.86 -153.72
CA GLN B 227 31.40 -20.42 -152.35
C GLN B 227 31.22 -18.92 -152.23
N LYS B 228 31.66 -18.16 -153.23
CA LYS B 228 31.50 -16.71 -153.20
C LYS B 228 30.03 -16.31 -153.19
N MET B 229 29.17 -17.12 -153.81
CA MET B 229 27.75 -16.84 -153.85
C MET B 229 26.98 -17.44 -152.68
N GLY B 230 27.61 -18.32 -151.91
CA GLY B 230 26.95 -18.92 -150.76
C GLY B 230 26.15 -20.17 -151.06
N GLY B 231 26.39 -20.82 -152.18
CA GLY B 231 25.67 -22.02 -152.57
C GLY B 231 26.43 -23.29 -152.22
N HIS B 232 25.92 -24.40 -152.74
CA HIS B 232 26.51 -25.72 -152.53
C HIS B 232 26.61 -26.43 -153.88
N VAL B 233 27.09 -27.66 -153.84
CA VAL B 233 27.26 -28.47 -155.06
C VAL B 233 27.19 -29.94 -154.67
N GLU B 234 26.50 -30.73 -155.49
CA GLU B 234 26.37 -32.15 -155.27
C GLU B 234 26.39 -32.87 -156.60
N ILE B 235 26.92 -34.10 -156.59
CA ILE B 235 27.05 -34.92 -157.79
C ILE B 235 26.59 -36.34 -157.45
N GLN B 236 25.70 -36.88 -158.28
CA GLN B 236 25.18 -38.24 -158.12
C GLN B 236 25.33 -38.94 -159.47
N SER B 237 26.50 -39.52 -159.71
CA SER B 237 26.82 -40.20 -160.95
C SER B 237 27.22 -41.65 -160.65
N LYS B 238 27.34 -42.42 -161.73
CA LYS B 238 27.74 -43.82 -161.62
C LYS B 238 28.19 -44.31 -162.99
N GLN B 239 29.16 -45.21 -162.99
CA GLN B 239 29.69 -45.73 -164.24
C GLN B 239 28.63 -46.55 -164.97
N GLY B 240 28.57 -46.38 -166.28
CA GLY B 240 27.62 -47.11 -167.09
C GLY B 240 26.17 -46.76 -166.80
N THR B 241 25.89 -45.49 -166.53
CA THR B 241 24.53 -45.06 -166.24
C THR B 241 24.32 -43.62 -166.71
N GLY B 242 24.95 -42.67 -166.03
CA GLY B 242 24.79 -41.27 -166.40
C GLY B 242 25.61 -40.38 -165.50
N THR B 243 25.26 -39.10 -165.49
CA THR B 243 25.95 -38.12 -164.67
C THR B 243 24.98 -37.00 -164.33
N THR B 244 25.00 -36.55 -163.08
CA THR B 244 24.15 -35.46 -162.62
C THR B 244 24.93 -34.60 -161.65
N ILE B 245 24.86 -33.28 -161.86
CA ILE B 245 25.57 -32.31 -161.04
C ILE B 245 24.55 -31.27 -160.59
N ARG B 246 24.33 -31.17 -159.27
CA ARG B 246 23.39 -30.22 -158.70
C ARG B 246 24.14 -29.01 -158.16
N ILE B 247 23.56 -27.83 -158.36
CA ILE B 247 24.15 -26.58 -157.89
C ILE B 247 23.05 -25.75 -157.25
N LEU B 248 23.27 -25.34 -156.00
CA LEU B 248 22.32 -24.53 -155.26
C LEU B 248 22.81 -23.09 -155.19
N LEU B 249 21.85 -22.18 -154.96
CA LEU B 249 22.15 -20.76 -154.88
C LEU B 249 21.23 -20.14 -153.84
N PRO B 250 21.76 -19.44 -152.84
CA PRO B 250 20.90 -18.81 -151.82
C PRO B 250 20.26 -17.53 -152.36
N LEU B 251 19.48 -16.90 -151.51
CA LEU B 251 18.80 -15.64 -151.85
C LEU B 251 19.05 -14.55 -150.82
N THR B 252 19.19 -14.91 -149.54
CA THR B 252 19.44 -13.95 -148.48
C THR B 252 20.49 -14.52 -147.54
N LEU B 253 21.60 -13.80 -147.38
CA LEU B 253 22.68 -14.24 -146.50
C LEU B 253 22.94 -13.23 -145.41
N ALA B 254 21.95 -13.01 -144.54
CA ALA B 254 22.07 -12.07 -143.44
C ALA B 254 21.51 -12.59 -142.12
N ILE B 255 20.83 -13.73 -142.11
CA ILE B 255 20.26 -14.32 -140.91
C ILE B 255 20.64 -15.79 -140.86
N LEU B 256 20.99 -16.27 -139.67
CA LEU B 256 21.40 -17.65 -139.46
C LEU B 256 20.55 -18.24 -138.34
N ASP B 257 19.92 -19.37 -138.62
CA ASP B 257 19.08 -20.06 -137.64
C ASP B 257 19.96 -20.94 -136.76
N GLY B 258 19.91 -20.70 -135.45
CA GLY B 258 20.70 -21.47 -134.52
C GLY B 258 20.26 -21.29 -133.08
N MET B 259 20.40 -22.33 -132.27
CA MET B 259 20.01 -22.28 -130.88
C MET B 259 21.10 -21.63 -130.04
N SER B 260 20.68 -20.88 -129.02
CA SER B 260 21.60 -20.19 -128.11
C SER B 260 21.87 -21.10 -126.92
N VAL B 261 23.11 -21.53 -126.77
CA VAL B 261 23.52 -22.40 -125.68
C VAL B 261 24.31 -21.57 -124.67
N ARG B 262 24.18 -21.92 -123.39
CA ARG B 262 24.87 -21.23 -122.31
C ARG B 262 25.83 -22.19 -121.63
N VAL B 263 27.01 -21.68 -121.28
CA VAL B 263 28.03 -22.47 -120.61
C VAL B 263 28.64 -21.64 -119.49
N ALA B 264 27.93 -21.54 -118.36
CA ALA B 264 28.39 -20.76 -117.21
C ALA B 264 28.61 -19.30 -117.60
N ASP B 265 27.63 -18.46 -117.28
CA ASP B 265 27.72 -17.03 -117.59
C ASP B 265 27.82 -16.79 -119.09
N GLU B 266 28.95 -17.17 -119.68
CA GLU B 266 29.15 -16.97 -121.10
C GLU B 266 28.07 -17.70 -121.89
N VAL B 267 27.62 -17.08 -122.98
CA VAL B 267 26.58 -17.62 -123.84
C VAL B 267 27.14 -17.80 -125.24
N PHE B 268 26.76 -18.91 -125.88
CA PHE B 268 27.19 -19.23 -127.23
C PHE B 268 25.97 -19.61 -128.06
N ILE B 269 26.21 -19.80 -129.36
CA ILE B 269 25.16 -20.16 -130.31
C ILE B 269 25.66 -21.30 -131.19
N LEU B 270 24.76 -22.21 -131.54
CA LEU B 270 25.07 -23.33 -132.40
C LEU B 270 24.14 -23.33 -133.61
N PRO B 271 24.65 -23.53 -134.82
CA PRO B 271 23.76 -23.56 -135.99
C PRO B 271 22.71 -24.64 -135.84
N LEU B 272 21.53 -24.35 -136.40
CA LEU B 272 20.41 -25.28 -136.33
C LEU B 272 20.47 -26.38 -137.38
N ASN B 273 21.06 -26.09 -138.54
CA ASN B 273 21.14 -27.09 -139.60
C ASN B 273 22.02 -28.28 -139.20
N ALA B 274 22.99 -28.05 -138.31
CA ALA B 274 23.89 -29.10 -137.89
C ALA B 274 23.38 -29.87 -136.67
N VAL B 275 22.48 -29.30 -135.89
CA VAL B 275 21.97 -29.96 -134.70
C VAL B 275 20.95 -31.01 -135.11
N MET B 276 21.18 -32.26 -134.69
CA MET B 276 20.28 -33.36 -134.98
C MET B 276 19.29 -33.60 -133.84
N GLU B 277 19.77 -34.02 -132.68
CA GLU B 277 18.94 -34.28 -131.52
C GLU B 277 19.68 -33.81 -130.28
N SER B 278 19.02 -33.95 -129.12
CA SER B 278 19.60 -33.55 -127.85
C SER B 278 18.88 -34.27 -126.73
N LEU B 279 19.62 -34.62 -125.69
CA LEU B 279 19.06 -35.32 -124.54
C LEU B 279 20.05 -35.19 -123.38
N GLN B 280 19.79 -35.92 -122.29
CA GLN B 280 20.62 -35.92 -121.09
C GLN B 280 21.14 -37.33 -120.86
N PRO B 281 22.26 -37.70 -121.48
CA PRO B 281 22.80 -39.04 -121.27
C PRO B 281 23.04 -39.33 -119.79
N ARG B 282 22.84 -40.59 -119.41
CA ARG B 282 23.02 -41.02 -118.04
C ARG B 282 24.11 -42.08 -117.96
N GLU B 283 24.17 -42.83 -116.86
CA GLU B 283 25.16 -43.88 -116.70
C GLU B 283 24.90 -45.08 -117.60
N ALA B 284 23.75 -45.15 -118.26
CA ALA B 284 23.41 -46.28 -119.11
C ALA B 284 23.72 -46.01 -120.59
N ASP B 285 24.53 -45.01 -120.89
CA ASP B 285 24.88 -44.70 -122.27
C ASP B 285 26.12 -43.82 -122.31
N LEU B 286 27.11 -44.14 -121.48
CA LEU B 286 28.38 -43.40 -121.44
C LEU B 286 29.50 -44.39 -121.21
N HIS B 287 30.46 -44.44 -122.14
CA HIS B 287 31.59 -45.34 -122.06
C HIS B 287 32.88 -44.55 -122.25
N PRO B 288 34.01 -45.05 -121.71
CA PRO B 288 35.27 -44.33 -121.86
C PRO B 288 35.81 -44.37 -123.27
N LEU B 289 36.97 -43.76 -123.50
CA LEU B 289 37.58 -43.73 -124.81
C LEU B 289 39.08 -43.50 -124.65
N ALA B 290 39.85 -43.99 -125.62
CA ALA B 290 41.29 -43.85 -125.58
C ALA B 290 41.67 -42.37 -125.55
N GLY B 291 42.43 -41.98 -124.53
CA GLY B 291 42.85 -40.60 -124.37
C GLY B 291 42.09 -39.82 -123.32
N GLY B 292 41.43 -40.49 -122.38
CA GLY B 292 40.69 -39.77 -121.36
C GLY B 292 39.42 -39.10 -121.83
N GLU B 293 38.81 -39.62 -122.89
CA GLU B 293 37.59 -39.07 -123.45
C GLU B 293 36.43 -40.04 -123.21
N ARG B 294 35.27 -39.72 -123.78
CA ARG B 294 34.07 -40.53 -123.63
C ARG B 294 33.33 -40.58 -124.96
N VAL B 295 32.35 -41.48 -125.04
CA VAL B 295 31.54 -41.65 -126.23
C VAL B 295 30.09 -41.81 -125.81
N LEU B 296 29.18 -41.36 -126.67
CA LEU B 296 27.74 -41.42 -126.45
C LEU B 296 27.14 -42.48 -127.34
N GLU B 297 26.38 -43.39 -126.75
CA GLU B 297 25.72 -44.47 -127.48
C GLU B 297 24.36 -43.98 -127.97
N VAL B 298 24.20 -43.87 -129.27
CA VAL B 298 22.96 -43.42 -129.90
C VAL B 298 22.51 -44.53 -130.83
N ARG B 299 21.58 -45.36 -130.38
CA ARG B 299 21.05 -46.47 -131.18
C ARG B 299 22.18 -47.40 -131.62
N GLY B 300 22.99 -47.80 -130.65
CA GLY B 300 24.12 -48.70 -130.92
C GLY B 300 25.40 -48.00 -131.31
N GLU B 301 25.29 -47.01 -132.21
CA GLU B 301 26.47 -46.28 -132.64
C GLU B 301 27.02 -45.43 -131.51
N TYR B 302 28.30 -45.59 -131.21
CA TYR B 302 28.97 -44.84 -130.15
C TYR B 302 29.60 -43.60 -130.76
N LEU B 303 28.96 -42.44 -130.59
CA LEU B 303 29.48 -41.20 -131.14
C LEU B 303 30.46 -40.56 -130.16
N PRO B 304 31.42 -39.78 -130.66
CA PRO B 304 32.39 -39.14 -129.77
C PRO B 304 31.78 -37.93 -129.06
N ILE B 305 32.08 -37.82 -127.77
CA ILE B 305 31.61 -36.70 -126.95
C ILE B 305 32.71 -35.65 -126.88
N VAL B 306 32.41 -34.45 -127.37
CA VAL B 306 33.34 -33.34 -127.38
C VAL B 306 32.88 -32.32 -126.35
N GLU B 307 33.76 -31.96 -125.42
CA GLU B 307 33.45 -30.99 -124.38
C GLU B 307 33.64 -29.58 -124.93
N LEU B 308 32.61 -28.75 -124.83
CA LEU B 308 32.71 -27.39 -125.33
C LEU B 308 33.49 -26.49 -124.39
N TRP B 309 33.53 -26.83 -123.10
CA TRP B 309 34.27 -26.01 -122.14
C TRP B 309 35.77 -26.21 -122.25
N LYS B 310 36.22 -27.34 -122.79
CA LYS B 310 37.65 -27.57 -122.95
C LYS B 310 38.22 -26.75 -124.10
N VAL B 311 37.45 -26.59 -125.19
CA VAL B 311 37.93 -25.81 -126.32
C VAL B 311 38.13 -24.36 -125.93
N PHE B 312 37.16 -23.77 -125.25
CA PHE B 312 37.23 -22.38 -124.82
C PHE B 312 37.80 -22.22 -123.42
N ASN B 313 38.05 -23.32 -122.70
CA ASN B 313 38.61 -23.27 -121.36
C ASN B 313 37.71 -22.46 -120.42
N VAL B 314 36.46 -22.89 -120.33
CA VAL B 314 35.47 -22.23 -119.48
C VAL B 314 35.57 -22.82 -118.08
N ALA B 315 35.78 -21.94 -117.09
CA ALA B 315 35.90 -22.39 -115.71
C ALA B 315 34.53 -22.54 -115.08
N GLY B 316 34.38 -23.58 -114.25
CA GLY B 316 33.13 -23.83 -113.58
C GLY B 316 32.06 -24.46 -114.45
N ALA B 317 32.44 -25.08 -115.56
CA ALA B 317 31.48 -25.71 -116.44
C ALA B 317 31.11 -27.10 -115.91
N LYS B 318 30.02 -27.65 -116.47
CA LYS B 318 29.53 -28.96 -116.07
C LYS B 318 30.38 -30.02 -116.77
N THR B 319 31.46 -30.44 -116.11
CA THR B 319 32.34 -31.44 -116.69
C THR B 319 31.62 -32.78 -116.85
N GLU B 320 30.68 -33.09 -115.97
CA GLU B 320 29.94 -34.34 -116.03
C GLU B 320 28.75 -34.19 -116.97
N ALA B 321 28.55 -35.20 -117.82
CA ALA B 321 27.45 -35.18 -118.78
C ALA B 321 26.10 -35.43 -118.12
N THR B 322 26.07 -36.06 -116.95
CA THR B 322 24.80 -36.32 -116.28
C THR B 322 24.16 -35.05 -115.77
N GLN B 323 24.96 -34.04 -115.43
CA GLN B 323 24.45 -32.79 -114.91
C GLN B 323 24.10 -31.80 -116.03
N GLY B 324 24.92 -31.74 -117.08
CA GLY B 324 24.70 -30.84 -118.18
C GLY B 324 23.78 -31.44 -119.24
N ILE B 325 23.94 -30.94 -120.46
CA ILE B 325 23.15 -31.38 -121.60
C ILE B 325 24.09 -31.70 -122.75
N VAL B 326 23.75 -32.73 -123.52
CA VAL B 326 24.54 -33.16 -124.67
C VAL B 326 23.66 -33.06 -125.92
N VAL B 327 24.18 -32.39 -126.94
CA VAL B 327 23.48 -32.19 -128.20
C VAL B 327 24.24 -32.91 -129.30
N ILE B 328 23.51 -33.59 -130.18
CA ILE B 328 24.11 -34.33 -131.28
C ILE B 328 24.21 -33.40 -132.48
N LEU B 329 25.42 -33.21 -132.99
CA LEU B 329 25.70 -32.36 -134.13
C LEU B 329 26.10 -33.21 -135.33
N GLN B 330 26.41 -32.53 -136.44
CA GLN B 330 26.81 -33.21 -137.66
C GLN B 330 27.46 -32.19 -138.59
N SER B 331 28.51 -32.63 -139.29
CA SER B 331 29.22 -31.75 -140.22
C SER B 331 30.04 -32.63 -141.16
N GLY B 332 29.62 -32.69 -142.42
CA GLY B 332 30.33 -33.49 -143.40
C GLY B 332 29.92 -34.95 -143.43
N GLY B 333 28.68 -35.26 -143.10
CA GLY B 333 28.18 -36.61 -143.10
C GLY B 333 28.30 -37.33 -141.76
N ARG B 334 29.43 -37.18 -141.08
CA ARG B 334 29.66 -37.82 -139.79
C ARG B 334 29.05 -36.99 -138.68
N ARG B 335 28.49 -37.68 -137.68
CA ARG B 335 27.85 -37.04 -136.55
C ARG B 335 28.77 -37.04 -135.34
N TYR B 336 28.56 -36.09 -134.45
CA TYR B 336 29.35 -35.97 -133.23
C TYR B 336 28.55 -35.19 -132.20
N ALA B 337 28.74 -35.54 -130.94
CA ALA B 337 28.04 -34.90 -129.84
C ALA B 337 28.80 -33.67 -129.34
N LEU B 338 28.12 -32.88 -128.51
CA LEU B 338 28.70 -31.68 -127.93
C LEU B 338 28.09 -31.46 -126.56
N LEU B 339 28.94 -31.24 -125.56
CA LEU B 339 28.50 -31.05 -124.18
C LEU B 339 28.32 -29.56 -123.89
N VAL B 340 27.19 -29.24 -123.25
CA VAL B 340 26.88 -27.87 -122.84
C VAL B 340 26.25 -27.92 -121.45
N ASP B 341 26.07 -26.74 -120.86
CA ASP B 341 25.51 -26.63 -119.53
C ASP B 341 23.98 -26.53 -119.57
N GLN B 342 23.45 -25.52 -120.25
CA GLN B 342 22.02 -25.31 -120.33
C GLN B 342 21.67 -24.69 -121.67
N LEU B 343 20.49 -25.05 -122.18
CA LEU B 343 19.99 -24.55 -123.45
C LEU B 343 19.03 -23.38 -123.22
N ILE B 344 18.67 -22.72 -124.32
CA ILE B 344 17.75 -21.59 -124.27
C ILE B 344 16.60 -21.84 -125.24
N GLY B 345 16.91 -21.83 -126.53
CA GLY B 345 15.89 -22.06 -127.54
C GLY B 345 16.36 -21.59 -128.89
N GLN B 346 15.48 -21.75 -129.87
CA GLN B 346 15.77 -21.36 -131.24
C GLN B 346 15.56 -19.86 -131.41
N HIS B 347 16.58 -19.17 -131.91
CA HIS B 347 16.53 -17.73 -132.13
C HIS B 347 17.27 -17.40 -133.41
N GLN B 348 16.64 -16.61 -134.27
CA GLN B 348 17.24 -16.21 -135.54
C GLN B 348 18.05 -14.94 -135.31
N VAL B 349 19.35 -15.12 -135.04
CA VAL B 349 20.24 -13.99 -134.78
C VAL B 349 20.83 -13.52 -136.11
N VAL B 350 21.44 -12.33 -136.09
CA VAL B 350 22.05 -11.75 -137.29
C VAL B 350 23.54 -12.04 -137.25
N VAL B 351 24.07 -12.54 -138.37
CA VAL B 351 25.48 -12.87 -138.44
C VAL B 351 26.31 -11.59 -138.40
N LYS B 352 27.42 -11.63 -137.65
CA LYS B 352 28.33 -10.50 -137.52
C LYS B 352 29.76 -11.02 -137.66
N ASN B 353 30.41 -10.65 -138.75
CA ASN B 353 31.78 -11.10 -139.00
C ASN B 353 32.73 -10.46 -138.00
N LEU B 354 33.58 -11.28 -137.39
CA LEU B 354 34.56 -10.79 -136.43
C LEU B 354 35.84 -10.29 -137.08
N GLU B 355 36.04 -10.56 -138.37
CA GLU B 355 37.26 -10.14 -139.06
C GLU B 355 37.30 -8.64 -139.32
N SER B 356 36.23 -7.90 -139.00
CA SER B 356 36.22 -6.47 -139.25
C SER B 356 37.16 -5.71 -138.33
N ASN B 357 37.51 -6.27 -137.17
CA ASN B 357 38.38 -5.61 -136.22
C ASN B 357 39.48 -6.49 -135.67
N TYR B 358 39.55 -7.76 -136.10
CA TYR B 358 40.59 -8.66 -135.60
C TYR B 358 40.86 -9.76 -136.63
N ARG B 359 40.31 -10.95 -136.43
CA ARG B 359 40.49 -12.08 -137.35
C ARG B 359 39.78 -13.28 -136.75
N LYS B 360 39.68 -14.33 -137.55
CA LYS B 360 39.02 -15.55 -137.10
C LYS B 360 39.87 -16.27 -136.07
N VAL B 361 39.20 -16.87 -135.09
CA VAL B 361 39.87 -17.62 -134.03
C VAL B 361 39.44 -19.08 -134.13
N PRO B 362 40.25 -20.03 -133.65
CA PRO B 362 39.86 -21.44 -133.75
C PRO B 362 38.68 -21.76 -132.85
N GLY B 363 37.67 -22.42 -133.42
CA GLY B 363 36.49 -22.80 -132.69
C GLY B 363 35.32 -21.85 -132.80
N ILE B 364 35.47 -20.75 -133.54
CA ILE B 364 34.40 -19.77 -133.71
C ILE B 364 34.38 -19.36 -135.18
N SER B 365 33.17 -19.22 -135.73
CA SER B 365 32.96 -18.82 -137.11
C SER B 365 32.41 -17.41 -137.26
N ALA B 366 31.49 -17.01 -136.40
CA ALA B 366 30.88 -15.68 -136.46
C ALA B 366 30.40 -15.31 -135.06
N ALA B 367 29.70 -14.18 -134.97
CA ALA B 367 29.17 -13.70 -133.71
C ALA B 367 27.91 -12.90 -133.98
N THR B 368 27.32 -12.35 -132.91
CA THR B 368 26.11 -11.56 -133.01
C THR B 368 25.94 -10.80 -131.69
N ILE B 369 24.72 -10.34 -131.44
CA ILE B 369 24.39 -9.61 -130.22
C ILE B 369 22.99 -10.00 -129.77
N LEU B 370 22.81 -10.13 -128.46
CA LEU B 370 21.51 -10.50 -127.91
C LEU B 370 20.67 -9.23 -127.70
N GLY B 371 19.51 -9.39 -127.07
CA GLY B 371 18.63 -8.27 -126.82
C GLY B 371 19.17 -7.30 -125.80
N ASP B 372 19.73 -7.83 -124.70
CA ASP B 372 20.28 -6.97 -123.66
C ASP B 372 21.43 -6.12 -124.19
N GLY B 373 22.40 -6.75 -124.84
CA GLY B 373 23.54 -6.04 -125.38
C GLY B 373 24.80 -6.88 -125.43
N SER B 374 24.82 -7.97 -124.69
CA SER B 374 25.99 -8.85 -124.66
C SER B 374 26.21 -9.48 -126.03
N VAL B 375 27.47 -9.82 -126.30
CA VAL B 375 27.87 -10.43 -127.56
C VAL B 375 27.81 -11.94 -127.42
N ALA B 376 27.25 -12.61 -128.43
CA ALA B 376 27.13 -14.06 -128.46
C ALA B 376 28.06 -14.62 -129.52
N LEU B 377 28.91 -15.57 -129.11
CA LEU B 377 29.87 -16.19 -130.01
C LEU B 377 29.25 -17.42 -130.66
N ILE B 378 29.26 -17.45 -132.00
CA ILE B 378 28.71 -18.57 -132.76
C ILE B 378 29.81 -19.59 -132.95
N VAL B 379 29.68 -20.75 -132.29
CA VAL B 379 30.69 -21.79 -132.40
C VAL B 379 30.65 -22.39 -133.81
N ASP B 380 31.83 -22.75 -134.30
CA ASP B 380 31.96 -23.33 -135.64
C ASP B 380 31.83 -24.84 -135.54
N VAL B 381 30.89 -25.41 -136.32
CA VAL B 381 30.69 -26.85 -136.29
C VAL B 381 31.78 -27.56 -137.09
N SER B 382 32.37 -26.88 -138.08
CA SER B 382 33.43 -27.50 -138.87
C SER B 382 34.69 -27.72 -138.04
N ALA B 383 34.99 -26.82 -137.11
CA ALA B 383 36.18 -26.98 -136.28
C ALA B 383 36.01 -28.13 -135.29
N LEU B 384 34.84 -28.23 -134.66
CA LEU B 384 34.60 -29.32 -133.71
C LEU B 384 34.65 -30.67 -134.40
N GLN B 385 34.31 -30.73 -135.68
CA GLN B 385 34.34 -32.02 -136.39
C GLN B 385 35.75 -32.56 -136.51
N ALA B 386 36.76 -31.68 -136.49
CA ALA B 386 38.15 -32.11 -136.60
C ALA B 386 38.78 -32.41 -135.24
N ILE B 387 38.16 -31.98 -134.14
CA ILE B 387 38.73 -32.23 -132.83
C ILE B 387 38.55 -33.69 -132.43
N ASN B 388 37.36 -34.25 -132.68
CA ASN B 388 37.11 -35.64 -132.32
C ASN B 388 38.02 -36.59 -133.09
N ARG B 389 38.42 -36.22 -134.30
CA ARG B 389 39.30 -37.08 -135.09
C ARG B 389 40.68 -37.21 -134.43
N GLU B 390 41.15 -36.15 -133.77
CA GLU B 390 42.45 -36.20 -133.11
C GLU B 390 42.39 -36.96 -131.79
N GLN B 391 41.23 -37.01 -131.15
CA GLN B 391 41.08 -37.73 -129.89
C GLN B 391 41.33 -39.22 -130.07
N MET C 1 12.16 -25.48 -174.15
CA MET C 1 12.42 -25.21 -175.59
C MET C 1 12.43 -23.71 -175.87
N SER C 2 11.38 -23.02 -175.44
CA SER C 2 11.27 -21.58 -175.63
C SER C 2 10.08 -21.08 -174.81
N MET C 3 10.29 -19.95 -174.13
CA MET C 3 9.23 -19.36 -173.33
C MET C 3 8.07 -18.93 -174.22
N ASP C 4 6.95 -18.59 -173.58
CA ASP C 4 5.77 -18.16 -174.31
C ASP C 4 6.06 -16.83 -175.02
N ILE C 5 5.78 -16.80 -176.32
CA ILE C 5 6.05 -15.61 -177.12
C ILE C 5 5.17 -14.42 -176.73
N SER C 6 4.12 -14.66 -175.94
CA SER C 6 3.25 -13.56 -175.55
C SER C 6 3.98 -12.54 -174.69
N ASP C 7 5.00 -12.98 -173.95
CA ASP C 7 5.74 -12.06 -173.09
C ASP C 7 6.51 -11.04 -173.90
N PHE C 8 6.99 -11.42 -175.08
CA PHE C 8 7.75 -10.49 -175.91
C PHE C 8 6.86 -9.45 -176.59
N TYR C 9 5.58 -9.79 -176.83
CA TYR C 9 4.67 -8.82 -177.42
C TYR C 9 4.54 -7.59 -176.52
N GLN C 10 4.44 -7.79 -175.21
CA GLN C 10 4.38 -6.67 -174.29
C GLN C 10 5.69 -5.91 -174.25
N THR C 11 6.81 -6.59 -174.48
CA THR C 11 8.10 -5.91 -174.48
C THR C 11 8.22 -4.95 -175.65
N PHE C 12 7.76 -5.37 -176.84
CA PHE C 12 7.81 -4.49 -178.00
C PHE C 12 6.94 -3.25 -177.78
N PHE C 13 5.78 -3.42 -177.15
CA PHE C 13 4.92 -2.27 -176.86
C PHE C 13 5.62 -1.29 -175.94
N ASP C 14 6.45 -1.79 -175.02
CA ASP C 14 7.19 -0.89 -174.13
C ASP C 14 8.27 -0.14 -174.90
N GLU C 15 9.02 -0.84 -175.75
CA GLU C 15 10.03 -0.18 -176.56
C GLU C 15 9.41 0.84 -177.50
N ALA C 16 8.26 0.50 -178.09
CA ALA C 16 7.58 1.44 -178.99
C ALA C 16 7.22 2.73 -178.26
N ASP C 17 6.80 2.62 -177.00
CA ASP C 17 6.50 3.82 -176.22
C ASP C 17 7.70 4.73 -176.11
N GLU C 18 8.91 4.17 -176.06
CA GLU C 18 10.12 4.97 -176.01
C GLU C 18 10.55 5.41 -177.41
N LEU C 19 10.49 4.50 -178.38
CA LEU C 19 10.84 4.86 -179.76
C LEU C 19 9.88 5.91 -180.31
N LEU C 20 8.57 5.68 -180.17
CA LEU C 20 7.61 6.67 -180.63
C LEU C 20 7.79 7.99 -179.90
N ALA C 21 8.08 7.94 -178.59
CA ALA C 21 8.33 9.17 -177.84
C ALA C 21 9.61 9.84 -178.31
N ASP C 22 10.72 9.11 -178.34
CA ASP C 22 11.97 9.68 -178.82
C ASP C 22 11.84 10.14 -180.27
N MET C 23 11.07 9.42 -181.07
CA MET C 23 10.86 9.82 -182.46
C MET C 23 10.23 11.22 -182.53
N GLU C 24 9.35 11.54 -181.58
CA GLU C 24 8.70 12.85 -181.58
C GLU C 24 9.63 13.93 -181.03
N GLN C 25 10.46 13.59 -180.04
CA GLN C 25 11.36 14.58 -179.46
C GLN C 25 12.27 15.17 -180.53
N HIS C 26 12.84 14.32 -181.40
CA HIS C 26 13.71 14.82 -182.46
C HIS C 26 12.92 15.59 -183.50
N LEU C 27 11.66 15.21 -183.75
CA LEU C 27 10.85 15.94 -184.72
C LEU C 27 10.47 17.32 -184.20
N LEU C 28 10.39 17.49 -182.88
CA LEU C 28 10.03 18.78 -182.31
C LEU C 28 11.21 19.74 -182.30
N VAL C 29 12.35 19.29 -181.77
CA VAL C 29 13.55 20.13 -181.73
C VAL C 29 14.04 20.45 -183.14
N LEU C 30 13.68 19.64 -184.13
CA LEU C 30 14.09 19.90 -185.50
C LEU C 30 13.31 21.07 -186.07
N GLN C 31 13.89 22.26 -185.98
CA GLN C 31 13.22 23.45 -186.50
C GLN C 31 13.10 23.37 -188.01
N PRO C 32 11.94 23.66 -188.59
CA PRO C 32 11.81 23.57 -190.06
C PRO C 32 12.54 24.67 -190.80
N GLU C 33 13.01 25.71 -190.12
CA GLU C 33 13.72 26.80 -190.79
C GLU C 33 15.18 26.45 -191.04
N ALA C 34 15.78 25.61 -190.19
CA ALA C 34 17.19 25.23 -190.33
C ALA C 34 17.35 23.79 -189.88
N PRO C 35 16.94 22.83 -190.70
CA PRO C 35 17.10 21.42 -190.33
C PRO C 35 18.55 21.07 -190.08
N ASP C 36 18.75 19.92 -189.42
CA ASP C 36 20.08 19.42 -189.08
C ASP C 36 20.15 17.96 -189.48
N ALA C 37 21.15 17.62 -190.31
CA ALA C 37 21.29 16.24 -190.75
C ALA C 37 21.58 15.30 -189.58
N GLU C 38 22.24 15.80 -188.53
CA GLU C 38 22.53 14.95 -187.38
C GLU C 38 21.25 14.51 -186.68
N GLN C 39 20.27 15.41 -186.58
CA GLN C 39 19.01 15.05 -185.92
C GLN C 39 18.18 14.10 -186.77
N LEU C 40 18.27 14.22 -188.10
CA LEU C 40 17.51 13.34 -188.97
C LEU C 40 17.94 11.89 -188.81
N ASN C 41 19.21 11.64 -188.48
CA ASN C 41 19.67 10.28 -188.29
C ASN C 41 18.98 9.62 -187.10
N ALA C 42 18.82 10.36 -186.00
CA ALA C 42 18.14 9.81 -184.84
C ALA C 42 16.67 9.52 -185.13
N ILE C 43 16.04 10.36 -185.98
CA ILE C 43 14.65 10.14 -186.33
C ILE C 43 14.51 8.84 -187.13
N PHE C 44 15.47 8.55 -188.00
CA PHE C 44 15.41 7.33 -188.79
C PHE C 44 15.65 6.10 -187.92
N ARG C 45 16.48 6.22 -186.87
CA ARG C 45 16.75 5.09 -186.00
C ARG C 45 15.47 4.64 -185.29
N ALA C 46 14.67 5.58 -184.80
CA ALA C 46 13.44 5.21 -184.11
C ALA C 46 12.44 4.58 -185.06
N ALA C 47 12.32 5.10 -186.29
CA ALA C 47 11.40 4.54 -187.25
C ALA C 47 11.93 3.25 -187.86
N HIS C 48 13.25 3.10 -187.93
CA HIS C 48 13.83 1.89 -188.50
C HIS C 48 13.63 0.69 -187.59
N SER C 49 13.67 0.91 -186.26
CA SER C 49 13.50 -0.19 -185.33
C SER C 49 12.04 -0.65 -185.28
N ILE C 50 11.09 0.29 -185.31
CA ILE C 50 9.68 -0.07 -185.27
C ILE C 50 9.29 -0.81 -186.54
N LYS C 51 9.86 -0.42 -187.68
CA LYS C 51 9.53 -1.08 -188.94
C LYS C 51 10.00 -2.54 -188.91
N GLY C 52 11.28 -2.76 -188.67
CA GLY C 52 11.79 -4.12 -188.61
C GLY C 52 11.39 -4.86 -187.35
N GLY C 53 11.06 -4.12 -186.29
CA GLY C 53 10.65 -4.75 -185.04
C GLY C 53 9.20 -5.17 -185.03
N ALA C 54 8.32 -4.32 -185.58
CA ALA C 54 6.90 -4.66 -185.61
C ALA C 54 6.65 -5.90 -186.45
N GLY C 55 7.21 -5.94 -187.66
CA GLY C 55 7.04 -7.10 -188.52
C GLY C 55 7.60 -8.38 -187.94
N THR C 56 8.54 -8.29 -187.00
CA THR C 56 9.10 -9.49 -186.40
C THR C 56 8.04 -10.25 -185.60
N PHE C 57 7.12 -9.53 -184.96
CA PHE C 57 6.07 -10.14 -184.15
C PHE C 57 4.78 -10.31 -184.94
N GLY C 58 4.84 -10.28 -186.27
CA GLY C 58 3.66 -10.46 -187.09
C GLY C 58 2.81 -9.22 -187.27
N PHE C 59 3.17 -8.11 -186.65
CA PHE C 59 2.40 -6.88 -186.77
C PHE C 59 2.53 -6.35 -188.21
N SER C 60 1.47 -6.51 -188.99
CA SER C 60 1.49 -6.09 -190.39
C SER C 60 1.00 -4.66 -190.57
N VAL C 61 -0.04 -4.26 -189.83
CA VAL C 61 -0.57 -2.91 -189.97
C VAL C 61 0.47 -1.88 -189.53
N LEU C 62 1.05 -2.09 -188.36
CA LEU C 62 2.07 -1.17 -187.86
C LEU C 62 3.34 -1.19 -188.70
N GLN C 63 3.60 -2.28 -189.41
CA GLN C 63 4.80 -2.35 -190.23
C GLN C 63 4.64 -1.51 -191.50
N GLU C 64 3.52 -1.67 -192.20
CA GLU C 64 3.30 -0.91 -193.42
C GLU C 64 3.20 0.58 -193.13
N THR C 65 2.57 0.95 -192.01
CA THR C 65 2.44 2.35 -191.65
C THR C 65 3.80 2.98 -191.37
N THR C 66 4.75 2.20 -190.85
CA THR C 66 6.07 2.70 -190.55
C THR C 66 7.01 2.66 -191.75
N HIS C 67 6.80 1.70 -192.67
CA HIS C 67 7.66 1.60 -193.84
C HIS C 67 7.51 2.82 -194.74
N LEU C 68 6.27 3.28 -194.94
CA LEU C 68 6.05 4.45 -195.79
C LEU C 68 6.71 5.69 -195.19
N MET C 69 6.60 5.87 -193.88
CA MET C 69 7.22 7.03 -193.24
C MET C 69 8.75 6.89 -193.22
N GLU C 70 9.25 5.67 -193.04
CA GLU C 70 10.69 5.47 -193.01
C GLU C 70 11.33 5.81 -194.35
N ASN C 71 10.63 5.52 -195.44
CA ASN C 71 11.16 5.84 -196.76
C ASN C 71 11.38 7.34 -196.92
N LEU C 72 10.54 8.16 -196.29
CA LEU C 72 10.70 9.60 -196.36
C LEU C 72 11.83 10.08 -195.47
N LEU C 73 12.05 9.40 -194.34
CA LEU C 73 13.13 9.78 -193.43
C LEU C 73 14.49 9.47 -194.03
N ASP C 74 14.60 8.36 -194.76
CA ASP C 74 15.87 7.99 -195.37
C ASP C 74 16.30 9.01 -196.41
N GLU C 75 15.36 9.48 -197.24
CA GLU C 75 15.69 10.47 -198.26
C GLU C 75 15.92 11.85 -197.67
N ALA C 76 15.42 12.10 -196.46
CA ALA C 76 15.61 13.42 -195.84
C ALA C 76 17.00 13.55 -195.22
N ARG C 77 17.43 12.52 -194.49
CA ARG C 77 18.75 12.57 -193.86
C ARG C 77 19.86 12.60 -194.89
N ARG C 78 19.64 11.99 -196.05
CA ARG C 78 20.63 11.97 -197.12
C ARG C 78 20.56 13.19 -198.03
N GLY C 79 19.72 14.16 -197.71
CA GLY C 79 19.60 15.35 -198.54
C GLY C 79 18.86 15.13 -199.84
N GLU C 80 17.81 14.33 -199.83
CA GLU C 80 17.02 14.05 -201.03
C GLU C 80 15.54 14.30 -200.79
N MET C 81 15.21 15.26 -199.93
CA MET C 81 13.83 15.59 -199.63
C MET C 81 13.79 16.93 -198.91
N GLN C 82 12.80 17.74 -199.24
CA GLN C 82 12.65 19.06 -198.64
C GLN C 82 11.76 18.96 -197.40
N LEU C 83 12.01 19.87 -196.45
CA LEU C 83 11.26 19.92 -195.21
C LEU C 83 10.86 21.37 -194.92
N ASN C 84 9.64 21.54 -194.40
CA ASN C 84 9.11 22.85 -194.07
C ASN C 84 8.18 22.69 -192.87
N THR C 85 7.51 23.79 -192.50
CA THR C 85 6.62 23.74 -191.35
C THR C 85 5.45 22.79 -191.59
N ASP C 86 5.06 22.60 -192.86
CA ASP C 86 3.93 21.73 -193.16
C ASP C 86 4.35 20.26 -193.15
N ILE C 87 5.55 19.97 -193.68
CA ILE C 87 6.00 18.58 -193.73
C ILE C 87 6.31 18.07 -192.33
N ILE C 88 6.93 18.90 -191.50
CA ILE C 88 7.26 18.48 -190.13
C ILE C 88 5.98 18.19 -189.34
N ASN C 89 4.94 18.99 -189.56
CA ASN C 89 3.68 18.76 -188.86
C ASN C 89 3.06 17.42 -189.28
N LEU C 90 3.29 16.99 -190.52
CA LEU C 90 2.76 15.70 -190.96
C LEU C 90 3.43 14.56 -190.21
N PHE C 91 4.74 14.66 -189.98
CA PHE C 91 5.43 13.62 -189.23
C PHE C 91 4.91 13.55 -187.79
N LEU C 92 4.69 14.71 -187.16
CA LEU C 92 4.13 14.72 -185.82
C LEU C 92 2.72 14.12 -185.81
N GLU C 93 1.90 14.47 -186.79
CA GLU C 93 0.57 13.89 -186.88
C GLU C 93 0.63 12.40 -187.16
N THR C 94 1.63 11.97 -187.92
CA THR C 94 1.79 10.54 -188.19
C THR C 94 2.09 9.78 -186.91
N LYS C 95 2.91 10.36 -186.03
CA LYS C 95 3.22 9.70 -184.76
C LYS C 95 1.95 9.47 -183.94
N ASP C 96 0.97 10.37 -184.04
CA ASP C 96 -0.28 10.19 -183.33
C ASP C 96 -1.05 8.99 -183.87
N ILE C 97 -1.07 8.83 -185.21
CA ILE C 97 -1.74 7.69 -185.80
C ILE C 97 -1.02 6.39 -185.44
N MET C 98 0.31 6.39 -185.51
CA MET C 98 1.07 5.20 -185.12
C MET C 98 0.81 4.83 -183.67
N GLN C 99 0.55 5.81 -182.81
CA GLN C 99 0.24 5.50 -181.42
C GLN C 99 -1.11 4.81 -181.30
N GLU C 100 -2.10 5.24 -182.08
CA GLU C 100 -3.40 4.59 -182.06
C GLU C 100 -3.31 3.16 -182.56
N GLN C 101 -2.57 2.94 -183.65
CA GLN C 101 -2.40 1.58 -184.15
C GLN C 101 -1.67 0.70 -183.14
N LEU C 102 -0.74 1.28 -182.37
CA LEU C 102 -0.05 0.50 -181.36
C LEU C 102 -0.99 0.11 -180.23
N ASP C 103 -1.89 1.01 -179.83
CA ASP C 103 -2.83 0.71 -178.76
C ASP C 103 -3.75 -0.46 -179.15
N ALA C 104 -3.99 -0.66 -180.44
CA ALA C 104 -4.83 -1.77 -180.87
C ALA C 104 -4.21 -3.11 -180.50
N TYR C 105 -2.90 -3.26 -180.77
CA TYR C 105 -2.24 -4.51 -180.41
C TYR C 105 -2.12 -4.67 -178.90
N LYS C 106 -1.96 -3.58 -178.16
CA LYS C 106 -1.89 -3.65 -176.71
C LYS C 106 -3.18 -4.19 -176.11
N GLN C 107 -4.31 -4.05 -176.81
CA GLN C 107 -5.59 -4.56 -176.34
C GLN C 107 -6.04 -5.80 -177.10
N SER C 108 -5.12 -6.44 -177.83
CA SER C 108 -5.43 -7.64 -178.60
C SER C 108 -6.51 -7.36 -179.63
N GLN C 109 -6.31 -6.30 -180.41
CA GLN C 109 -7.24 -5.91 -181.45
C GLN C 109 -6.46 -5.33 -182.62
N GLU C 110 -7.13 -5.25 -183.77
CA GLU C 110 -6.49 -4.69 -184.96
C GLU C 110 -6.84 -3.21 -185.10
N PRO C 111 -5.91 -2.38 -185.60
CA PRO C 111 -6.22 -0.97 -185.78
C PRO C 111 -7.42 -0.77 -186.71
N ASP C 112 -7.97 0.45 -186.67
CA ASP C 112 -9.10 0.78 -187.52
C ASP C 112 -8.68 0.87 -188.98
N ALA C 113 -9.47 0.24 -189.85
CA ALA C 113 -9.17 0.27 -191.28
C ALA C 113 -9.28 1.68 -191.85
N ALA C 114 -10.19 2.49 -191.31
CA ALA C 114 -10.34 3.86 -191.81
C ALA C 114 -9.12 4.70 -191.49
N SER C 115 -8.55 4.53 -190.30
CA SER C 115 -7.37 5.31 -189.93
C SER C 115 -6.16 4.90 -190.77
N PHE C 116 -6.06 3.62 -191.11
CA PHE C 116 -4.93 3.16 -191.92
C PHE C 116 -5.02 3.71 -193.34
N ASP C 117 -6.20 3.66 -193.94
CA ASP C 117 -6.39 4.15 -195.30
C ASP C 117 -6.19 5.66 -195.40
N TYR C 118 -6.20 6.39 -194.28
CA TYR C 118 -6.02 7.84 -194.31
C TYR C 118 -4.57 8.24 -194.16
N ILE C 119 -3.82 7.57 -193.26
CA ILE C 119 -2.42 7.94 -193.06
C ILE C 119 -1.58 7.53 -194.25
N CYS C 120 -1.91 6.40 -194.88
CA CYS C 120 -1.15 5.95 -196.04
C CYS C 120 -1.24 6.95 -197.19
N GLN C 121 -2.47 7.38 -197.51
CA GLN C 121 -2.63 8.36 -198.59
C GLN C 121 -1.94 9.68 -198.26
N ALA C 122 -1.79 9.99 -196.97
CA ALA C 122 -1.13 11.23 -196.59
C ALA C 122 0.37 11.14 -196.82
N LEU C 123 0.99 10.01 -196.47
CA LEU C 123 2.42 9.85 -196.67
C LEU C 123 2.74 9.70 -198.16
N ARG C 124 1.95 8.91 -198.88
CA ARG C 124 2.20 8.73 -200.31
C ARG C 124 2.01 10.04 -201.07
N GLN C 125 1.12 10.91 -200.61
CA GLN C 125 0.91 12.18 -201.29
C GLN C 125 2.15 13.06 -201.19
N LEU C 126 2.81 13.06 -200.03
CA LEU C 126 4.02 13.87 -199.88
C LEU C 126 5.16 13.34 -200.72
N ALA C 127 5.20 12.02 -200.97
CA ALA C 127 6.25 11.46 -201.81
C ALA C 127 6.20 12.01 -203.22
N LEU C 128 4.99 12.28 -203.72
CA LEU C 128 4.85 12.83 -205.06
C LEU C 128 5.27 14.30 -205.11
N GLU C 129 5.05 15.03 -204.02
CA GLU C 129 5.42 16.44 -203.99
C GLU C 129 6.93 16.60 -203.84
N ALA C 130 7.56 15.75 -203.04
CA ALA C 130 9.00 15.84 -202.85
C ALA C 130 9.76 15.34 -204.08
N LYS C 131 9.44 14.14 -204.56
CA LYS C 131 10.09 13.58 -205.73
C LYS C 131 9.76 14.39 -206.97
N MET D 1 16.55 21.43 -174.51
CA MET D 1 17.23 20.32 -173.79
C MET D 1 16.79 18.97 -174.34
N SER D 2 17.50 17.92 -173.94
CA SER D 2 17.19 16.56 -174.39
C SER D 2 17.92 15.58 -173.49
N MET D 3 17.53 14.32 -173.59
CA MET D 3 18.15 13.28 -172.77
C MET D 3 19.61 13.08 -173.20
N ASP D 4 20.42 12.66 -172.23
CA ASP D 4 21.84 12.43 -172.50
C ASP D 4 22.00 11.30 -173.53
N ILE D 5 23.10 11.37 -174.28
CA ILE D 5 23.37 10.35 -175.29
C ILE D 5 23.57 8.98 -174.67
N SER D 6 23.89 8.92 -173.38
CA SER D 6 24.07 7.63 -172.71
C SER D 6 22.78 6.82 -172.71
N ASP D 7 21.63 7.50 -172.59
CA ASP D 7 20.36 6.77 -172.59
C ASP D 7 20.15 6.03 -173.91
N PHE D 8 20.46 6.68 -175.03
CA PHE D 8 20.31 6.02 -176.33
C PHE D 8 21.25 4.83 -176.45
N TYR D 9 22.46 4.94 -175.90
CA TYR D 9 23.41 3.83 -175.95
C TYR D 9 22.94 2.67 -175.07
N GLN D 10 22.67 2.94 -173.79
CA GLN D 10 22.21 1.89 -172.90
C GLN D 10 20.90 1.29 -173.36
N THR D 11 20.02 2.10 -173.98
CA THR D 11 18.76 1.56 -174.48
C THR D 11 19.00 0.55 -175.59
N PHE D 12 19.87 0.89 -176.55
CA PHE D 12 20.17 -0.04 -177.63
C PHE D 12 20.84 -1.30 -177.11
N PHE D 13 21.71 -1.16 -176.10
CA PHE D 13 22.38 -2.33 -175.53
C PHE D 13 21.37 -3.26 -174.86
N ASP D 14 20.34 -2.69 -174.24
CA ASP D 14 19.32 -3.51 -173.59
C ASP D 14 18.34 -4.07 -174.61
N GLU D 15 17.87 -3.24 -175.54
CA GLU D 15 16.95 -3.71 -176.57
C GLU D 15 17.61 -4.77 -177.45
N ALA D 16 18.87 -4.53 -177.84
CA ALA D 16 19.58 -5.50 -178.67
C ALA D 16 19.70 -6.85 -177.95
N ASP D 17 19.97 -6.82 -176.64
CA ASP D 17 20.06 -8.06 -175.89
C ASP D 17 18.74 -8.83 -175.93
N GLU D 18 17.62 -8.12 -175.85
CA GLU D 18 16.32 -8.79 -175.91
C GLU D 18 16.06 -9.37 -177.29
N LEU D 19 16.49 -8.66 -178.35
CA LEU D 19 16.29 -9.16 -179.70
C LEU D 19 17.11 -10.43 -179.93
N LEU D 20 18.38 -10.43 -179.51
CA LEU D 20 19.21 -11.60 -179.67
C LEU D 20 18.63 -12.79 -178.91
N ALA D 21 18.03 -12.53 -177.75
CA ALA D 21 17.42 -13.62 -176.98
C ALA D 21 16.21 -14.19 -177.69
N ASP D 22 15.25 -13.33 -178.05
CA ASP D 22 14.06 -13.81 -178.74
C ASP D 22 14.41 -14.38 -180.10
N MET D 23 15.34 -13.73 -180.81
CA MET D 23 15.72 -14.22 -182.14
C MET D 23 16.42 -15.57 -182.06
N GLU D 24 17.22 -15.79 -181.01
CA GLU D 24 17.91 -17.06 -180.87
C GLU D 24 16.93 -18.21 -180.63
N GLN D 25 15.83 -17.95 -179.93
CA GLN D 25 14.84 -19.00 -179.68
C GLN D 25 14.13 -19.44 -180.94
N HIS D 26 14.15 -18.62 -182.00
CA HIS D 26 13.50 -19.00 -183.25
C HIS D 26 14.14 -20.23 -183.85
N LEU D 27 15.47 -20.30 -183.83
CA LEU D 27 16.17 -21.46 -184.38
C LEU D 27 15.92 -22.72 -183.58
N LEU D 28 15.54 -22.59 -182.30
CA LEU D 28 15.25 -23.78 -181.49
C LEU D 28 14.03 -24.51 -182.01
N VAL D 29 12.89 -23.81 -182.11
CA VAL D 29 11.68 -24.44 -182.64
C VAL D 29 11.84 -24.72 -184.13
N LEU D 30 12.62 -23.91 -184.84
CA LEU D 30 12.83 -24.10 -186.26
C LEU D 30 13.78 -25.28 -186.47
N GLN D 31 13.23 -26.43 -186.84
CA GLN D 31 14.06 -27.61 -187.05
C GLN D 31 14.89 -27.44 -188.32
N PRO D 32 16.14 -27.94 -188.33
CA PRO D 32 16.98 -27.77 -189.52
C PRO D 32 16.50 -28.55 -190.73
N GLU D 33 15.67 -29.58 -190.53
CA GLU D 33 15.17 -30.40 -191.62
C GLU D 33 13.78 -29.97 -192.08
N ALA D 34 13.30 -28.82 -191.64
CA ALA D 34 11.98 -28.34 -192.03
C ALA D 34 11.82 -26.88 -191.63
N PRO D 35 12.58 -25.96 -192.25
CA PRO D 35 12.44 -24.54 -191.90
C PRO D 35 11.13 -23.97 -192.43
N ASP D 36 10.36 -23.37 -191.54
CA ASP D 36 9.09 -22.77 -191.92
C ASP D 36 9.31 -21.38 -192.52
N ALA D 37 8.52 -21.06 -193.55
CA ALA D 37 8.67 -19.77 -194.21
C ALA D 37 8.37 -18.62 -193.27
N GLU D 38 7.33 -18.78 -192.43
CA GLU D 38 6.98 -17.70 -191.51
C GLU D 38 8.05 -17.49 -190.44
N GLN D 39 8.79 -18.54 -190.09
CA GLN D 39 9.83 -18.42 -189.07
C GLN D 39 11.08 -17.74 -189.62
N LEU D 40 11.42 -18.00 -190.88
CA LEU D 40 12.61 -17.36 -191.46
C LEU D 40 12.45 -15.84 -191.51
N ASN D 41 11.24 -15.37 -191.78
CA ASN D 41 11.01 -13.92 -191.83
C ASN D 41 11.14 -13.29 -190.44
N ALA D 42 10.81 -14.04 -189.38
CA ALA D 42 10.93 -13.50 -188.04
C ALA D 42 12.39 -13.27 -187.66
N ILE D 43 13.28 -14.15 -188.11
CA ILE D 43 14.70 -14.00 -187.80
C ILE D 43 15.30 -12.87 -188.63
N PHE D 44 14.87 -12.74 -189.89
CA PHE D 44 15.37 -11.68 -190.75
C PHE D 44 14.98 -10.31 -190.19
N ARG D 45 13.68 -10.10 -189.94
CA ARG D 45 13.23 -8.83 -189.41
C ARG D 45 13.76 -8.55 -188.02
N ALA D 46 14.21 -9.58 -187.31
CA ALA D 46 14.77 -9.37 -185.97
C ALA D 46 16.19 -8.81 -186.06
N ALA D 47 17.06 -9.47 -186.82
CA ALA D 47 18.42 -8.99 -186.97
C ALA D 47 18.48 -7.68 -187.73
N HIS D 48 17.51 -7.43 -188.62
CA HIS D 48 17.49 -6.19 -189.38
C HIS D 48 17.37 -4.98 -188.47
N SER D 49 16.56 -5.09 -187.41
CA SER D 49 16.38 -3.98 -186.48
C SER D 49 17.70 -3.63 -185.79
N ILE D 50 18.51 -4.64 -185.48
CA ILE D 50 19.79 -4.38 -184.82
C ILE D 50 20.74 -3.64 -185.75
N LYS D 51 20.61 -3.87 -187.06
CA LYS D 51 21.49 -3.19 -188.02
C LYS D 51 21.22 -1.69 -188.06
N GLY D 52 19.98 -1.28 -187.82
CA GLY D 52 19.63 0.12 -187.83
C GLY D 52 20.38 0.93 -186.79
N GLY D 53 20.20 0.58 -185.52
CA GLY D 53 20.89 1.30 -184.46
C GLY D 53 22.38 1.05 -184.47
N ALA D 54 22.80 -0.15 -184.85
CA ALA D 54 24.23 -0.46 -184.88
C ALA D 54 24.97 0.46 -185.84
N GLY D 55 24.34 0.81 -186.97
CA GLY D 55 24.95 1.69 -187.93
C GLY D 55 24.73 3.17 -187.70
N THR D 56 23.83 3.52 -186.77
CA THR D 56 23.55 4.92 -186.48
C THR D 56 24.47 5.48 -185.39
N PHE D 57 24.66 4.73 -184.31
CA PHE D 57 25.49 5.18 -183.20
C PHE D 57 26.98 4.89 -183.43
N GLY D 58 27.33 4.23 -184.53
CA GLY D 58 28.72 3.96 -184.83
C GLY D 58 29.23 2.62 -184.35
N PHE D 59 28.35 1.60 -184.29
CA PHE D 59 28.76 0.26 -183.85
C PHE D 59 29.13 -0.56 -185.09
N SER D 60 30.32 -0.27 -185.61
CA SER D 60 30.79 -0.97 -186.80
C SER D 60 30.98 -2.46 -186.54
N VAL D 61 31.39 -2.82 -185.33
CA VAL D 61 31.60 -4.23 -185.01
C VAL D 61 30.29 -4.99 -185.06
N LEU D 62 29.21 -4.38 -184.58
CA LEU D 62 27.89 -5.01 -184.58
C LEU D 62 27.15 -4.79 -185.89
N GLN D 63 27.36 -3.65 -186.55
CA GLN D 63 26.66 -3.39 -187.81
C GLN D 63 27.16 -4.33 -188.91
N GLU D 64 28.48 -4.47 -189.04
CA GLU D 64 29.02 -5.36 -190.06
C GLU D 64 28.63 -6.80 -189.78
N THR D 65 28.77 -7.24 -188.53
CA THR D 65 28.40 -8.61 -188.19
C THR D 65 26.91 -8.85 -188.38
N THR D 66 26.09 -7.82 -188.19
CA THR D 66 24.64 -7.98 -188.38
C THR D 66 24.24 -7.81 -189.83
N HIS D 67 24.98 -7.02 -190.61
CA HIS D 67 24.64 -6.83 -192.01
C HIS D 67 24.83 -8.11 -192.80
N LEU D 68 25.90 -8.86 -192.53
CA LEU D 68 26.14 -10.10 -193.24
C LEU D 68 25.02 -11.10 -193.00
N MET D 69 24.58 -11.23 -191.75
CA MET D 69 23.47 -12.15 -191.45
C MET D 69 22.18 -11.71 -192.14
N GLU D 70 21.98 -10.40 -192.29
CA GLU D 70 20.77 -9.92 -192.96
C GLU D 70 20.75 -10.35 -194.42
N ASN D 71 21.93 -10.45 -195.05
CA ASN D 71 21.98 -10.86 -196.44
C ASN D 71 21.74 -12.36 -196.58
N LEU D 72 22.28 -13.16 -195.66
CA LEU D 72 22.07 -14.61 -195.73
C LEU D 72 20.60 -14.95 -195.52
N LEU D 73 19.98 -14.36 -194.50
CA LEU D 73 18.57 -14.64 -194.24
C LEU D 73 17.69 -14.13 -195.38
N ASP D 74 18.08 -13.03 -196.02
CA ASP D 74 17.29 -12.50 -197.13
C ASP D 74 17.26 -13.47 -198.30
N GLU D 75 18.43 -14.01 -198.66
CA GLU D 75 18.50 -14.94 -199.79
C GLU D 75 17.94 -16.31 -199.43
N ALA D 76 17.71 -16.59 -198.15
CA ALA D 76 17.19 -17.89 -197.74
C ALA D 76 15.67 -17.90 -197.64
N ARG D 77 15.05 -16.73 -197.46
CA ARG D 77 13.60 -16.65 -197.34
C ARG D 77 12.90 -16.41 -198.67
N ARG D 78 13.53 -15.66 -199.57
CA ARG D 78 12.95 -15.38 -200.88
C ARG D 78 13.25 -16.47 -201.91
N GLY D 79 14.03 -17.48 -201.54
CA GLY D 79 14.32 -18.57 -202.45
C GLY D 79 15.57 -18.34 -203.28
N GLU D 80 16.72 -18.17 -202.61
CA GLU D 80 17.99 -17.96 -203.28
C GLU D 80 19.15 -18.66 -202.58
N MET D 81 18.87 -19.52 -201.60
CA MET D 81 19.91 -20.24 -200.89
C MET D 81 19.28 -21.36 -200.08
N GLN D 82 19.96 -22.50 -200.02
CA GLN D 82 19.47 -23.66 -199.30
C GLN D 82 19.84 -23.56 -197.82
N LEU D 83 19.10 -24.31 -197.00
CA LEU D 83 19.32 -24.34 -195.56
C LEU D 83 19.44 -25.79 -195.11
N ASN D 84 20.48 -26.07 -194.32
CA ASN D 84 20.71 -27.41 -193.80
C ASN D 84 21.24 -27.28 -192.38
N THR D 85 21.51 -28.43 -191.75
CA THR D 85 21.98 -28.44 -190.37
C THR D 85 23.31 -27.69 -190.24
N ASP D 86 24.11 -27.66 -191.30
CA ASP D 86 25.39 -26.98 -191.23
C ASP D 86 25.21 -25.46 -191.15
N ILE D 87 24.26 -24.92 -191.91
CA ILE D 87 24.04 -23.48 -191.90
C ILE D 87 23.35 -23.05 -190.61
N ILE D 88 22.45 -23.88 -190.09
CA ILE D 88 21.78 -23.55 -188.83
C ILE D 88 22.78 -23.47 -187.69
N ASN D 89 23.82 -24.30 -187.73
CA ASN D 89 24.83 -24.25 -186.67
C ASN D 89 25.65 -22.98 -186.74
N LEU D 90 25.79 -22.39 -187.94
CA LEU D 90 26.56 -21.15 -188.06
C LEU D 90 25.82 -19.98 -187.41
N PHE D 91 24.50 -19.93 -187.58
CA PHE D 91 23.73 -18.85 -186.97
C PHE D 91 23.88 -18.86 -185.45
N LEU D 92 23.75 -20.04 -184.85
CA LEU D 92 23.93 -20.14 -183.41
C LEU D 92 25.34 -19.69 -183.00
N GLU D 93 26.35 -20.13 -183.75
CA GLU D 93 27.71 -19.70 -183.45
C GLU D 93 27.89 -18.22 -183.71
N THR D 94 27.07 -17.63 -184.59
CA THR D 94 27.19 -16.20 -184.88
C THR D 94 26.50 -15.36 -183.81
N LYS D 95 25.26 -15.72 -183.45
CA LYS D 95 24.53 -14.94 -182.45
C LYS D 95 25.27 -14.91 -181.12
N ASP D 96 26.00 -15.99 -180.79
CA ASP D 96 26.75 -16.01 -179.54
C ASP D 96 27.86 -14.97 -179.55
N ILE D 97 28.58 -14.85 -180.67
CA ILE D 97 29.65 -13.86 -180.76
C ILE D 97 29.07 -12.45 -180.73
N MET D 98 27.90 -12.25 -181.36
CA MET D 98 27.27 -10.94 -181.35
C MET D 98 26.95 -10.50 -179.92
N GLN D 99 26.63 -11.45 -179.04
CA GLN D 99 26.36 -11.12 -177.65
C GLN D 99 27.64 -10.70 -176.95
N GLU D 100 28.76 -11.37 -177.23
CA GLU D 100 30.02 -11.01 -176.61
C GLU D 100 30.47 -9.63 -177.08
N GLN D 101 30.40 -9.37 -178.38
CA GLN D 101 30.78 -8.06 -178.90
C GLN D 101 29.86 -6.96 -178.36
N LEU D 102 28.57 -7.27 -178.19
CA LEU D 102 27.65 -6.27 -177.64
C LEU D 102 27.99 -5.95 -176.20
N ASP D 103 28.46 -6.92 -175.43
CA ASP D 103 28.82 -6.67 -174.04
C ASP D 103 30.04 -5.75 -173.94
N ALA D 104 30.88 -5.72 -174.97
CA ALA D 104 32.05 -4.85 -174.95
C ALA D 104 31.64 -3.39 -174.88
N TYR D 105 30.62 -3.00 -175.64
CA TYR D 105 30.15 -1.62 -175.59
C TYR D 105 29.51 -1.29 -174.25
N LYS D 106 28.92 -2.27 -173.58
CA LYS D 106 28.32 -2.02 -172.27
C LYS D 106 29.37 -1.58 -171.26
N GLN D 107 30.56 -2.20 -171.31
CA GLN D 107 31.66 -1.86 -170.41
C GLN D 107 32.61 -0.84 -171.01
N SER D 108 32.24 -0.21 -172.13
CA SER D 108 33.09 0.78 -172.81
C SER D 108 34.45 0.18 -173.14
N GLN D 109 34.44 -0.83 -174.00
CA GLN D 109 35.65 -1.51 -174.42
C GLN D 109 35.51 -1.91 -175.88
N GLU D 110 36.66 -2.08 -176.53
CA GLU D 110 36.66 -2.47 -177.94
C GLU D 110 36.46 -3.98 -178.06
N PRO D 111 35.51 -4.44 -178.87
CA PRO D 111 35.33 -5.89 -179.04
C PRO D 111 36.60 -6.57 -179.52
N ASP D 112 36.64 -7.88 -179.33
CA ASP D 112 37.81 -8.66 -179.74
C ASP D 112 37.92 -8.66 -181.25
N ALA D 113 39.05 -8.17 -181.76
CA ALA D 113 39.25 -8.12 -183.21
C ALA D 113 39.38 -9.51 -183.80
N ALA D 114 39.91 -10.48 -183.04
CA ALA D 114 40.05 -11.83 -183.56
C ALA D 114 38.68 -12.47 -183.82
N SER D 115 37.72 -12.23 -182.93
CA SER D 115 36.39 -12.81 -183.12
C SER D 115 35.67 -12.18 -184.30
N PHE D 116 35.91 -10.87 -184.52
CA PHE D 116 35.26 -10.20 -185.64
C PHE D 116 35.78 -10.70 -186.97
N ASP D 117 37.11 -10.72 -187.14
CA ASP D 117 37.70 -11.17 -188.39
C ASP D 117 37.46 -12.65 -188.63
N TYR D 118 37.07 -13.41 -187.60
CA TYR D 118 36.81 -14.84 -187.75
C TYR D 118 35.36 -15.13 -188.11
N ILE D 119 34.42 -14.35 -187.59
CA ILE D 119 33.01 -14.60 -187.87
C ILE D 119 32.59 -13.99 -189.20
N CYS D 120 33.20 -12.86 -189.59
CA CYS D 120 32.82 -12.23 -190.84
C CYS D 120 33.14 -13.13 -192.03
N GLN D 121 34.28 -13.83 -191.98
CA GLN D 121 34.64 -14.71 -193.08
C GLN D 121 33.68 -15.88 -193.19
N ALA D 122 33.21 -16.40 -192.06
CA ALA D 122 32.28 -17.52 -192.10
C ALA D 122 30.95 -17.13 -192.73
N LEU D 123 30.57 -15.86 -192.65
CA LEU D 123 29.31 -15.42 -193.23
C LEU D 123 29.45 -15.05 -194.69
N ARG D 124 30.54 -14.37 -195.05
CA ARG D 124 30.75 -13.97 -196.44
C ARG D 124 31.06 -15.17 -197.32
N GLN D 125 31.93 -16.07 -196.85
CA GLN D 125 32.27 -17.24 -197.64
C GLN D 125 31.06 -18.14 -197.87
N LEU D 126 30.13 -18.17 -196.91
CA LEU D 126 28.94 -19.00 -197.07
C LEU D 126 28.05 -18.48 -198.19
N ALA D 127 28.06 -17.17 -198.44
CA ALA D 127 27.25 -16.59 -199.49
C ALA D 127 27.75 -16.95 -200.89
N LEU D 128 28.97 -17.47 -201.01
CA LEU D 128 29.53 -17.85 -202.30
C LEU D 128 29.61 -19.36 -202.50
N GLU D 129 29.86 -20.13 -201.44
CA GLU D 129 29.95 -21.58 -201.57
C GLU D 129 28.57 -22.22 -201.65
N ALA D 130 27.59 -21.68 -200.91
CA ALA D 130 26.25 -22.26 -200.93
C ALA D 130 25.59 -22.12 -202.30
N LYS D 131 25.97 -21.10 -203.07
CA LYS D 131 25.39 -20.88 -204.38
C LYS D 131 25.82 -21.98 -205.35
N SER E 1 -28.82 -28.16 -142.40
CA SER E 1 -28.84 -27.69 -140.98
C SER E 1 -29.47 -26.31 -140.87
N GLY E 2 -29.82 -25.92 -139.64
CA GLY E 2 -30.43 -24.62 -139.43
C GLY E 2 -29.40 -23.49 -139.37
N GLN E 3 -29.90 -22.27 -139.48
CA GLN E 3 -29.05 -21.10 -139.44
C GLN E 3 -28.62 -20.80 -138.01
N GLU E 4 -27.32 -20.59 -137.82
CA GLU E 4 -26.77 -20.31 -136.50
C GLU E 4 -26.77 -18.81 -136.23
N PHE E 5 -27.01 -18.44 -134.98
CA PHE E 5 -27.03 -17.04 -134.58
C PHE E 5 -26.46 -16.91 -133.17
N LEU E 6 -25.92 -15.73 -132.89
CA LEU E 6 -25.34 -15.42 -131.59
C LEU E 6 -26.34 -14.57 -130.81
N VAL E 7 -26.80 -15.10 -129.68
CA VAL E 7 -27.78 -14.42 -128.85
C VAL E 7 -27.07 -13.68 -127.73
N PHE E 8 -27.64 -12.55 -127.32
CA PHE E 8 -27.06 -11.74 -126.26
C PHE E 8 -28.19 -11.03 -125.52
N THR E 9 -27.87 -10.56 -124.31
CA THR E 9 -28.83 -9.88 -123.46
C THR E 9 -28.53 -8.38 -123.44
N LEU E 10 -29.59 -7.59 -123.24
CA LEU E 10 -29.48 -6.13 -123.15
C LEU E 10 -30.46 -5.64 -122.08
N GLY E 11 -30.27 -6.11 -120.85
CA GLY E 11 -31.13 -5.73 -119.76
C GLY E 11 -32.33 -6.65 -119.61
N ASP E 12 -33.46 -6.27 -120.19
CA ASP E 12 -34.69 -7.05 -120.15
C ASP E 12 -34.96 -7.83 -121.43
N GLU E 13 -34.87 -7.17 -122.58
CA GLU E 13 -35.12 -7.83 -123.86
C GLU E 13 -33.90 -8.65 -124.28
N GLU E 14 -34.07 -9.40 -125.37
CA GLU E 14 -33.01 -10.23 -125.92
C GLU E 14 -33.04 -10.14 -127.43
N TYR E 15 -31.87 -10.12 -128.05
CA TYR E 15 -31.73 -10.04 -129.50
C TYR E 15 -30.69 -11.06 -129.97
N GLY E 16 -30.54 -11.16 -131.29
CA GLY E 16 -29.59 -12.10 -131.86
C GLY E 16 -29.05 -11.58 -133.18
N ILE E 17 -27.91 -12.13 -133.58
CA ILE E 17 -27.24 -11.76 -134.83
C ILE E 17 -26.59 -13.01 -135.41
N ASP E 18 -26.18 -12.90 -136.67
CA ASP E 18 -25.54 -14.02 -137.34
C ASP E 18 -24.17 -14.30 -136.74
N ILE E 19 -23.86 -15.59 -136.57
CA ILE E 19 -22.56 -15.95 -135.99
C ILE E 19 -21.44 -15.75 -136.99
N LEU E 20 -21.72 -15.90 -138.29
CA LEU E 20 -20.67 -15.73 -139.29
C LEU E 20 -20.15 -14.29 -139.30
N LYS E 21 -21.02 -13.32 -139.05
CA LYS E 21 -20.60 -11.93 -139.02
C LYS E 21 -19.78 -11.60 -137.78
N VAL E 22 -19.88 -12.42 -136.73
CA VAL E 22 -19.13 -12.18 -135.50
C VAL E 22 -17.71 -12.70 -135.67
N GLN E 23 -16.74 -11.94 -135.17
CA GLN E 23 -15.33 -12.30 -135.25
C GLN E 23 -14.83 -12.90 -133.94
N GLU E 24 -14.97 -12.17 -132.84
CA GLU E 24 -14.54 -12.64 -131.53
C GLU E 24 -15.32 -11.89 -130.46
N ILE E 25 -15.08 -12.26 -129.20
CA ILE E 25 -15.73 -11.64 -128.06
C ILE E 25 -14.67 -11.29 -127.03
N ARG E 26 -14.81 -10.12 -126.42
CA ARG E 26 -13.85 -9.66 -125.43
C ARG E 26 -14.54 -8.64 -124.52
N GLY E 27 -14.02 -8.52 -123.30
CA GLY E 27 -14.59 -7.61 -122.32
C GLY E 27 -14.54 -6.16 -122.78
N TYR E 28 -15.10 -5.27 -121.96
CA TYR E 28 -15.13 -3.86 -122.30
C TYR E 28 -13.72 -3.27 -122.28
N ASP E 29 -13.50 -2.27 -123.14
CA ASP E 29 -12.22 -1.60 -123.23
C ASP E 29 -12.45 -0.11 -123.42
N GLN E 30 -11.45 0.68 -123.04
CA GLN E 30 -11.55 2.13 -123.17
C GLN E 30 -11.74 2.52 -124.63
N VAL E 31 -12.53 3.56 -124.86
CA VAL E 31 -12.82 4.07 -126.20
C VAL E 31 -12.45 5.55 -126.26
N THR E 32 -12.60 6.13 -127.44
CA THR E 32 -12.30 7.53 -127.67
C THR E 32 -13.52 8.20 -128.31
N ARG E 33 -14.04 9.23 -127.64
CA ARG E 33 -15.21 9.93 -128.17
C ARG E 33 -14.87 10.64 -129.46
N ILE E 34 -15.83 10.67 -130.38
CA ILE E 34 -15.68 11.31 -131.68
C ILE E 34 -16.34 12.67 -131.63
N ALA E 35 -15.80 13.62 -132.38
CA ALA E 35 -16.31 14.97 -132.41
C ALA E 35 -17.69 14.99 -133.08
N ASN E 36 -18.70 15.42 -132.34
CA ASN E 36 -20.06 15.53 -132.87
C ASN E 36 -20.53 14.21 -133.44
N THR E 37 -21.14 13.37 -132.60
CA THR E 37 -21.68 12.09 -133.03
C THR E 37 -22.88 11.76 -132.17
N PRO E 38 -23.74 10.83 -132.61
CA PRO E 38 -24.90 10.47 -131.79
C PRO E 38 -24.54 10.00 -130.40
N ALA E 39 -25.55 9.75 -129.57
CA ALA E 39 -25.32 9.32 -128.19
C ALA E 39 -25.15 7.82 -128.06
N PHE E 40 -25.71 7.04 -128.98
CA PHE E 40 -25.60 5.58 -128.91
C PHE E 40 -24.25 5.06 -129.37
N ILE E 41 -23.31 5.94 -129.71
CA ILE E 41 -21.96 5.54 -130.12
C ILE E 41 -21.01 5.98 -129.02
N LYS E 42 -20.37 5.00 -128.37
CA LYS E 42 -19.45 5.32 -127.29
C LYS E 42 -18.17 5.95 -127.83
N GLY E 43 -17.45 5.23 -128.67
CA GLY E 43 -16.22 5.75 -129.25
C GLY E 43 -15.51 4.69 -130.06
N VAL E 44 -14.21 4.89 -130.23
CA VAL E 44 -13.35 3.98 -130.98
C VAL E 44 -12.23 3.49 -130.07
N THR E 45 -11.84 2.23 -130.28
CA THR E 45 -10.79 1.61 -129.49
C THR E 45 -9.84 0.87 -130.42
N ASN E 46 -8.55 0.88 -130.07
CA ASN E 46 -7.54 0.22 -130.88
C ASN E 46 -7.65 -1.29 -130.74
N LEU E 47 -7.41 -2.01 -131.85
CA LEU E 47 -7.48 -3.46 -131.85
C LEU E 47 -6.57 -3.94 -132.98
N ARG E 48 -5.37 -4.41 -132.62
CA ARG E 48 -4.40 -4.90 -133.58
C ARG E 48 -4.03 -3.83 -134.60
N GLY E 49 -4.01 -2.57 -134.18
CA GLY E 49 -3.68 -1.48 -135.08
C GLY E 49 -4.78 -1.08 -136.02
N VAL E 50 -6.03 -1.43 -135.73
CA VAL E 50 -7.17 -1.09 -136.56
C VAL E 50 -8.18 -0.34 -135.72
N ILE E 51 -8.81 0.67 -136.32
CA ILE E 51 -9.81 1.47 -135.62
C ILE E 51 -11.14 0.73 -135.69
N VAL E 52 -11.62 0.25 -134.55
CA VAL E 52 -12.87 -0.48 -134.47
C VAL E 52 -13.86 0.32 -133.63
N PRO E 53 -14.76 1.10 -134.26
CA PRO E 53 -15.73 1.87 -133.47
C PRO E 53 -16.56 0.96 -132.58
N ILE E 54 -17.02 1.52 -131.46
CA ILE E 54 -17.82 0.80 -130.48
C ILE E 54 -19.19 1.48 -130.41
N VAL E 55 -20.25 0.69 -130.63
CA VAL E 55 -21.62 1.18 -130.61
C VAL E 55 -22.39 0.39 -129.56
N ASP E 56 -23.22 1.10 -128.79
CA ASP E 56 -24.03 0.50 -127.74
C ASP E 56 -25.42 0.21 -128.32
N LEU E 57 -25.72 -1.07 -128.54
CA LEU E 57 -27.01 -1.44 -129.09
C LEU E 57 -28.15 -1.13 -128.13
N ARG E 58 -27.88 -1.18 -126.82
CA ARG E 58 -28.92 -0.89 -125.84
C ARG E 58 -29.36 0.57 -125.93
N ILE E 59 -28.43 1.48 -126.19
CA ILE E 59 -28.79 2.89 -126.31
C ILE E 59 -29.38 3.17 -127.69
N LYS E 60 -29.00 2.40 -128.71
CA LYS E 60 -29.54 2.62 -130.04
C LYS E 60 -31.04 2.34 -130.08
N PHE E 61 -31.47 1.26 -129.42
CA PHE E 61 -32.89 0.91 -129.39
C PHE E 61 -33.73 1.92 -128.61
N SER E 62 -33.10 2.87 -127.92
CA SER E 62 -33.83 3.86 -127.15
C SER E 62 -34.72 3.21 -126.10
N GLN E 63 -34.10 2.71 -125.03
CA GLN E 63 -34.82 2.06 -123.94
C GLN E 63 -35.06 3.05 -122.81
N VAL E 64 -35.98 2.69 -121.92
CA VAL E 64 -36.31 3.56 -120.79
C VAL E 64 -35.30 3.37 -119.66
N ASP E 65 -35.10 2.14 -119.22
CA ASP E 65 -34.18 1.83 -118.14
C ASP E 65 -32.84 1.37 -118.72
N VAL E 66 -31.77 2.07 -118.32
CA VAL E 66 -30.42 1.74 -118.77
C VAL E 66 -29.55 1.54 -117.55
N ASP E 67 -28.68 0.53 -117.61
CA ASP E 67 -27.79 0.20 -116.51
C ASP E 67 -26.39 -0.04 -117.05
N TYR E 68 -25.40 0.01 -116.14
CA TYR E 68 -24.01 -0.21 -116.48
C TYR E 68 -23.35 -1.01 -115.38
N ASN E 69 -22.51 -1.97 -115.76
CA ASN E 69 -21.81 -2.82 -114.81
C ASN E 69 -20.40 -3.10 -115.33
N ASP E 70 -19.57 -3.65 -114.45
CA ASP E 70 -18.19 -3.97 -114.82
C ASP E 70 -18.09 -5.23 -115.66
N ASN E 71 -19.17 -6.03 -115.73
CA ASN E 71 -19.17 -7.26 -116.51
C ASN E 71 -19.62 -7.04 -117.94
N THR E 72 -19.46 -5.83 -118.47
CA THR E 72 -19.87 -5.54 -119.84
C THR E 72 -19.01 -6.34 -120.82
N VAL E 73 -19.62 -6.77 -121.92
CA VAL E 73 -18.95 -7.55 -122.95
C VAL E 73 -19.16 -6.86 -124.30
N VAL E 74 -18.14 -6.88 -125.13
CA VAL E 74 -18.17 -6.27 -126.45
C VAL E 74 -17.91 -7.37 -127.48
N ILE E 75 -18.87 -7.59 -128.37
CA ILE E 75 -18.75 -8.61 -129.40
C ILE E 75 -18.16 -7.97 -130.65
N VAL E 76 -17.00 -8.46 -131.07
CA VAL E 76 -16.33 -7.94 -132.26
C VAL E 76 -16.93 -8.59 -133.49
N LEU E 77 -17.20 -7.78 -134.51
CA LEU E 77 -17.80 -8.25 -135.76
C LEU E 77 -16.79 -8.11 -136.90
N ASN E 78 -17.23 -8.53 -138.09
CA ASN E 78 -16.41 -8.49 -139.30
C ASN E 78 -17.35 -8.45 -140.50
N LEU E 79 -17.97 -7.29 -140.72
CA LEU E 79 -18.90 -7.14 -141.82
C LEU E 79 -18.15 -7.18 -143.16
N GLY E 80 -18.92 -7.22 -144.24
CA GLY E 80 -18.35 -7.26 -145.58
C GLY E 80 -17.77 -5.95 -146.06
N GLN E 81 -17.96 -4.86 -145.30
CA GLN E 81 -17.42 -3.56 -145.68
C GLN E 81 -16.81 -2.77 -144.53
N ARG E 82 -17.11 -3.11 -143.28
CA ARG E 82 -16.56 -2.39 -142.13
C ARG E 82 -16.28 -3.38 -141.01
N VAL E 83 -15.66 -2.88 -139.94
CA VAL E 83 -15.35 -3.70 -138.78
C VAL E 83 -15.72 -2.93 -137.52
N VAL E 84 -17.01 -2.86 -137.23
CA VAL E 84 -17.53 -2.14 -136.07
C VAL E 84 -18.06 -3.16 -135.06
N GLY E 85 -17.77 -2.92 -133.79
CA GLY E 85 -18.21 -3.80 -132.72
C GLY E 85 -19.56 -3.39 -132.16
N ILE E 86 -19.99 -4.14 -131.15
CA ILE E 86 -21.26 -3.91 -130.47
C ILE E 86 -21.10 -4.27 -129.00
N VAL E 87 -21.72 -3.46 -128.14
CA VAL E 87 -21.66 -3.65 -126.70
C VAL E 87 -22.90 -4.42 -126.25
N VAL E 88 -22.71 -5.40 -125.38
CA VAL E 88 -23.80 -6.21 -124.86
C VAL E 88 -23.58 -6.42 -123.36
N ASP E 89 -24.68 -6.47 -122.62
CA ASP E 89 -24.59 -6.68 -121.17
C ASP E 89 -24.14 -8.10 -120.82
N GLY E 90 -24.35 -9.06 -121.71
CA GLY E 90 -23.95 -10.43 -121.45
C GLY E 90 -24.46 -11.40 -122.50
N VAL E 91 -23.56 -12.23 -123.03
CA VAL E 91 -23.97 -13.21 -124.04
C VAL E 91 -24.97 -14.19 -123.42
N SER E 92 -25.82 -14.76 -124.28
CA SER E 92 -26.84 -15.69 -123.83
C SER E 92 -26.44 -17.13 -124.14
N ASP E 93 -26.68 -17.58 -125.37
CA ASP E 93 -26.37 -18.95 -125.76
C ASP E 93 -26.48 -19.06 -127.27
N VAL E 94 -25.51 -19.73 -127.88
CA VAL E 94 -25.52 -19.95 -129.32
C VAL E 94 -26.60 -20.97 -129.66
N LEU E 95 -27.37 -20.70 -130.71
CA LEU E 95 -28.45 -21.56 -131.15
C LEU E 95 -28.33 -21.82 -132.64
N SER E 96 -29.17 -22.75 -133.12
CA SER E 96 -29.21 -23.12 -134.55
C SER E 96 -30.68 -23.09 -134.97
N LEU E 97 -31.20 -21.89 -135.22
CA LEU E 97 -32.59 -21.75 -135.62
C LEU E 97 -32.82 -22.41 -136.97
N THR E 98 -33.98 -23.05 -137.11
CA THR E 98 -34.37 -23.72 -138.34
C THR E 98 -35.33 -22.84 -139.14
N ALA E 99 -35.82 -23.37 -140.25
CA ALA E 99 -36.74 -22.62 -141.09
C ALA E 99 -38.06 -22.34 -140.39
N GLU E 100 -38.45 -23.21 -139.44
CA GLU E 100 -39.70 -23.02 -138.73
C GLU E 100 -39.55 -22.10 -137.53
N GLN E 101 -38.35 -22.04 -136.93
CA GLN E 101 -38.13 -21.20 -135.77
C GLN E 101 -37.90 -19.74 -136.14
N ILE E 102 -37.47 -19.46 -137.37
CA ILE E 102 -37.22 -18.09 -137.83
C ILE E 102 -38.53 -17.56 -138.39
N ARG E 103 -39.23 -16.76 -137.59
CA ARG E 103 -40.49 -16.17 -137.98
C ARG E 103 -40.29 -14.72 -138.40
N PRO E 104 -41.20 -14.16 -139.20
CA PRO E 104 -41.06 -12.76 -139.61
C PRO E 104 -41.22 -11.82 -138.43
N ALA E 105 -40.84 -10.56 -138.66
CA ALA E 105 -40.91 -9.56 -137.62
C ALA E 105 -42.37 -9.24 -137.29
N PRO E 106 -42.62 -8.70 -136.09
CA PRO E 106 -44.00 -8.36 -135.72
C PRO E 106 -44.58 -7.31 -136.66
N GLU E 107 -45.90 -7.14 -136.56
CA GLU E 107 -46.61 -6.15 -137.35
C GLU E 107 -46.82 -4.84 -136.62
N PHE E 108 -46.71 -4.83 -135.30
CA PHE E 108 -46.89 -3.61 -134.52
C PHE E 108 -45.59 -2.82 -134.53
N ALA E 109 -45.53 -1.77 -133.69
CA ALA E 109 -44.33 -0.95 -133.61
C ALA E 109 -43.27 -1.62 -132.75
N VAL E 110 -42.02 -1.54 -133.21
CA VAL E 110 -40.89 -2.13 -132.49
C VAL E 110 -39.77 -1.11 -132.39
N THR E 111 -38.62 -1.53 -131.86
CA THR E 111 -37.49 -0.62 -131.72
C THR E 111 -36.94 -0.22 -133.09
N LEU E 112 -36.48 -1.19 -133.87
CA LEU E 112 -35.91 -0.93 -135.20
C LEU E 112 -37.02 -1.01 -136.25
N SER E 113 -36.62 -1.01 -137.51
CA SER E 113 -37.53 -1.09 -138.63
C SER E 113 -37.56 -2.50 -139.21
N THR E 114 -38.39 -2.68 -140.24
CA THR E 114 -38.51 -4.00 -140.86
C THR E 114 -37.23 -4.39 -141.59
N GLU E 115 -36.54 -3.43 -142.20
CA GLU E 115 -35.31 -3.73 -142.92
C GLU E 115 -34.16 -4.07 -141.99
N TYR E 116 -34.15 -3.51 -140.77
CA TYR E 116 -33.10 -3.76 -139.79
C TYR E 116 -33.40 -4.97 -138.92
N LEU E 117 -34.33 -5.84 -139.33
CA LEU E 117 -34.68 -7.03 -138.56
C LEU E 117 -34.80 -8.20 -139.52
N THR E 118 -34.14 -9.31 -139.18
CA THR E 118 -34.18 -10.51 -140.01
C THR E 118 -35.36 -11.40 -139.69
N GLY E 119 -35.79 -11.45 -138.44
CA GLY E 119 -36.92 -12.28 -138.06
C GLY E 119 -37.00 -12.41 -136.55
N LEU E 120 -37.61 -13.51 -136.12
CA LEU E 120 -37.78 -13.81 -134.70
C LEU E 120 -37.31 -15.23 -134.43
N GLY E 121 -36.44 -15.38 -133.43
CA GLY E 121 -35.92 -16.68 -133.08
C GLY E 121 -36.69 -17.33 -131.93
N ALA E 122 -37.38 -18.42 -132.23
CA ALA E 122 -38.16 -19.14 -131.23
C ALA E 122 -37.31 -20.22 -130.58
N LEU E 123 -37.35 -20.29 -129.25
CA LEU E 123 -36.58 -21.28 -128.49
C LEU E 123 -37.31 -21.50 -127.16
N GLY E 124 -38.32 -22.36 -127.19
CA GLY E 124 -39.08 -22.62 -125.99
C GLY E 124 -39.83 -21.38 -125.54
N ASP E 125 -39.69 -21.04 -124.26
CA ASP E 125 -40.33 -19.87 -123.67
C ASP E 125 -39.43 -18.64 -123.70
N ARG E 126 -38.62 -18.49 -124.75
CA ARG E 126 -37.70 -17.36 -124.88
C ARG E 126 -37.75 -16.89 -126.33
N MET E 127 -38.55 -15.85 -126.57
CA MET E 127 -38.67 -15.30 -127.91
C MET E 127 -37.50 -14.36 -128.20
N LEU E 128 -36.74 -14.67 -129.25
CA LEU E 128 -35.58 -13.89 -129.64
C LEU E 128 -35.91 -13.03 -130.84
N ILE E 129 -35.41 -11.79 -130.84
CA ILE E 129 -35.63 -10.83 -131.91
C ILE E 129 -34.35 -10.77 -132.74
N LEU E 130 -34.36 -11.39 -133.91
CA LEU E 130 -33.20 -11.38 -134.79
C LEU E 130 -33.01 -9.98 -135.37
N VAL E 131 -31.80 -9.44 -135.21
CA VAL E 131 -31.46 -8.10 -135.68
C VAL E 131 -30.45 -8.23 -136.80
N ASN E 132 -30.70 -7.50 -137.90
CA ASN E 132 -29.78 -7.50 -139.05
C ASN E 132 -28.71 -6.45 -138.80
N ILE E 133 -27.72 -6.82 -137.98
CA ILE E 133 -26.64 -5.92 -137.63
C ILE E 133 -25.83 -5.50 -138.84
N GLU E 134 -25.83 -6.31 -139.89
CA GLU E 134 -25.06 -6.01 -141.10
C GLU E 134 -25.51 -4.69 -141.71
N LYS E 135 -26.75 -4.64 -142.21
CA LYS E 135 -27.26 -3.42 -142.81
C LYS E 135 -27.53 -2.32 -141.79
N LEU E 136 -27.67 -2.68 -140.51
CA LEU E 136 -27.93 -1.68 -139.49
C LEU E 136 -26.73 -0.75 -139.33
N LEU E 137 -25.54 -1.32 -139.13
CA LEU E 137 -24.34 -0.50 -138.97
C LEU E 137 -23.88 0.12 -140.28
N ASN E 138 -24.30 -0.43 -141.42
CA ASN E 138 -23.92 0.08 -142.74
C ASN E 138 -25.07 0.83 -143.41
N SER E 139 -25.99 1.38 -142.63
CA SER E 139 -27.12 2.11 -143.18
C SER E 139 -26.72 3.54 -143.51
N GLU E 140 -27.68 4.32 -144.02
CA GLU E 140 -27.40 5.70 -144.39
C GLU E 140 -27.09 6.56 -143.16
N GLU E 141 -27.72 6.25 -142.02
CA GLU E 141 -27.47 7.02 -140.81
C GLU E 141 -26.03 6.87 -140.34
N MET E 142 -25.43 5.69 -140.54
CA MET E 142 -24.05 5.43 -140.16
C MET E 142 -23.06 5.75 -141.27
N ALA E 143 -23.43 6.60 -142.22
CA ALA E 143 -22.56 6.95 -143.32
C ALA E 143 -22.89 8.34 -143.84
N SER F 1 55.67 20.20 -137.62
CA SER F 1 54.60 21.04 -137.02
C SER F 1 54.10 20.42 -135.71
N GLY F 2 53.37 21.20 -134.93
CA GLY F 2 52.85 20.71 -133.67
C GLY F 2 51.69 19.76 -133.87
N GLN F 3 51.53 18.84 -132.92
CA GLN F 3 50.46 17.86 -132.95
C GLN F 3 49.95 17.62 -131.54
N GLU F 4 48.64 17.49 -131.40
CA GLU F 4 48.02 17.23 -130.12
C GLU F 4 48.00 15.73 -129.83
N PHE F 5 48.03 15.39 -128.54
CA PHE F 5 48.03 14.00 -128.11
C PHE F 5 47.17 13.86 -126.86
N LEU F 6 46.69 12.64 -126.63
CA LEU F 6 45.86 12.32 -125.48
C LEU F 6 46.71 11.55 -124.47
N VAL F 7 46.90 12.15 -123.30
CA VAL F 7 47.73 11.56 -122.25
C VAL F 7 46.87 10.66 -121.38
N PHE F 8 47.45 9.57 -120.91
CA PHE F 8 46.75 8.63 -120.04
C PHE F 8 47.77 7.89 -119.19
N THR F 9 47.36 7.54 -117.97
CA THR F 9 48.23 6.89 -117.01
C THR F 9 48.05 5.37 -117.08
N LEU F 10 49.17 4.65 -116.91
CA LEU F 10 49.16 3.18 -116.91
C LEU F 10 50.21 2.73 -115.88
N GLY F 11 49.81 2.72 -114.62
CA GLY F 11 50.70 2.32 -113.54
C GLY F 11 51.47 3.51 -113.01
N ASP F 12 52.79 3.34 -112.89
CA ASP F 12 53.67 4.38 -112.40
C ASP F 12 54.23 5.26 -113.52
N GLU F 13 53.63 5.21 -114.71
CA GLU F 13 54.08 6.00 -115.84
C GLU F 13 52.86 6.50 -116.60
N GLU F 14 53.10 7.37 -117.59
CA GLU F 14 52.03 7.95 -118.39
C GLU F 14 52.48 7.98 -119.84
N TYR F 15 51.64 7.43 -120.72
CA TYR F 15 51.91 7.38 -122.15
C TYR F 15 51.04 8.42 -122.87
N GLY F 16 51.09 8.39 -124.20
CA GLY F 16 50.31 9.32 -125.00
C GLY F 16 50.07 8.77 -126.38
N ILE F 17 48.99 9.23 -127.01
CA ILE F 17 48.62 8.82 -128.35
C ILE F 17 48.05 10.02 -129.10
N ASP F 18 48.03 9.91 -130.42
CA ASP F 18 47.50 11.00 -131.25
C ASP F 18 46.01 11.16 -131.02
N ILE F 19 45.57 12.42 -130.91
CA ILE F 19 44.16 12.69 -130.68
C ILE F 19 43.34 12.34 -131.92
N LEU F 20 43.92 12.48 -133.12
CA LEU F 20 43.19 12.18 -134.34
C LEU F 20 42.78 10.72 -134.39
N LYS F 21 43.58 9.82 -133.81
CA LYS F 21 43.24 8.40 -133.82
C LYS F 21 42.16 8.06 -132.81
N VAL F 22 41.93 8.92 -131.82
CA VAL F 22 40.90 8.68 -130.81
C VAL F 22 39.54 9.08 -131.36
N GLN F 23 38.52 8.30 -131.02
CA GLN F 23 37.15 8.57 -131.47
C GLN F 23 36.31 9.22 -130.37
N GLU F 24 36.24 8.58 -129.20
CA GLU F 24 35.46 9.11 -128.09
C GLU F 24 35.78 8.30 -126.85
N ILE F 25 35.65 8.94 -125.69
CA ILE F 25 35.91 8.32 -124.40
C ILE F 25 34.59 7.86 -123.81
N ARG F 26 34.59 6.68 -123.20
CA ARG F 26 33.39 6.11 -122.58
C ARG F 26 33.79 5.47 -121.25
N GLY F 27 32.79 4.94 -120.55
CA GLY F 27 33.03 4.31 -119.27
C GLY F 27 33.42 2.84 -119.42
N TYR F 28 34.17 2.36 -118.44
CA TYR F 28 34.63 0.98 -118.43
C TYR F 28 33.56 0.09 -117.82
N ASP F 29 33.15 -0.94 -118.56
CA ASP F 29 32.13 -1.88 -118.13
C ASP F 29 32.59 -3.29 -118.46
N GLN F 30 31.78 -4.28 -118.05
CA GLN F 30 32.12 -5.67 -118.32
C GLN F 30 32.08 -5.96 -119.81
N VAL F 31 33.00 -6.82 -120.25
CA VAL F 31 33.12 -7.20 -121.65
C VAL F 31 32.92 -8.71 -121.77
N THR F 32 32.70 -9.17 -122.99
CA THR F 32 32.49 -10.58 -123.29
C THR F 32 33.82 -11.19 -123.71
N ARG F 33 34.43 -11.97 -122.81
CA ARG F 33 35.70 -12.60 -123.10
C ARG F 33 35.56 -13.61 -124.23
N ILE F 34 36.60 -13.70 -125.06
CA ILE F 34 36.65 -14.62 -126.19
C ILE F 34 37.86 -15.53 -125.98
N ALA F 35 37.61 -16.83 -125.87
CA ALA F 35 38.69 -17.79 -125.69
C ALA F 35 39.53 -17.89 -126.96
N ASN F 36 40.69 -18.52 -126.82
CA ASN F 36 41.63 -18.69 -127.93
C ASN F 36 42.06 -17.34 -128.49
N THR F 37 42.34 -16.40 -127.60
CA THR F 37 42.76 -15.06 -127.95
C THR F 37 43.94 -14.66 -127.04
N PRO F 38 44.68 -13.62 -127.43
CA PRO F 38 45.80 -13.18 -126.58
C PRO F 38 45.34 -12.83 -125.18
N ALA F 39 46.33 -12.71 -124.28
CA ALA F 39 46.02 -12.42 -122.89
C ALA F 39 45.78 -10.93 -122.64
N PHE F 40 46.44 -10.06 -123.40
CA PHE F 40 46.30 -8.63 -123.22
C PHE F 40 44.97 -8.09 -123.74
N ILE F 41 44.14 -8.93 -124.36
CA ILE F 41 42.84 -8.53 -124.87
C ILE F 41 41.78 -9.08 -123.94
N LYS F 42 40.88 -8.20 -123.48
CA LYS F 42 39.82 -8.61 -122.55
C LYS F 42 38.69 -9.32 -123.31
N GLY F 43 37.90 -8.55 -124.05
CA GLY F 43 36.79 -9.11 -124.80
C GLY F 43 36.30 -8.19 -125.90
N VAL F 44 34.98 -8.07 -126.04
CA VAL F 44 34.36 -7.22 -127.05
C VAL F 44 33.17 -6.50 -126.43
N THR F 45 32.83 -5.36 -127.02
CA THR F 45 31.70 -4.55 -126.55
C THR F 45 31.03 -3.91 -127.76
N ASN F 46 29.77 -4.26 -127.98
CA ASN F 46 29.05 -3.70 -129.12
C ASN F 46 28.79 -2.21 -128.92
N LEU F 47 28.92 -1.45 -130.01
CA LEU F 47 28.72 -0.01 -129.98
C LEU F 47 28.14 0.41 -131.32
N ARG F 48 26.90 0.92 -131.31
CA ARG F 48 26.22 1.36 -132.53
C ARG F 48 26.11 0.22 -133.53
N GLY F 49 25.90 -1.00 -133.03
CA GLY F 49 25.76 -2.16 -133.89
C GLY F 49 27.05 -2.60 -134.53
N VAL F 50 28.18 -2.42 -133.85
CA VAL F 50 29.48 -2.82 -134.37
C VAL F 50 30.28 -3.43 -133.23
N ILE F 51 30.90 -4.59 -133.49
CA ILE F 51 31.70 -5.27 -132.47
C ILE F 51 33.02 -4.51 -132.34
N VAL F 52 33.25 -3.91 -131.17
CA VAL F 52 34.44 -3.14 -130.89
C VAL F 52 35.28 -3.91 -129.87
N PRO F 53 36.37 -4.55 -130.26
CA PRO F 53 37.19 -5.28 -129.29
C PRO F 53 37.90 -4.32 -128.34
N ILE F 54 37.97 -4.72 -127.08
CA ILE F 54 38.59 -3.91 -126.02
C ILE F 54 39.93 -4.54 -125.66
N VAL F 55 40.92 -3.69 -125.42
CA VAL F 55 42.26 -4.13 -125.04
C VAL F 55 42.64 -3.43 -123.73
N ASP F 56 43.37 -4.15 -122.88
CA ASP F 56 43.81 -3.65 -121.59
C ASP F 56 45.30 -3.39 -121.67
N LEU F 57 45.69 -2.11 -121.63
CA LEU F 57 47.09 -1.74 -121.70
C LEU F 57 47.81 -1.93 -120.36
N ARG F 58 47.08 -1.94 -119.25
CA ARG F 58 47.72 -2.13 -117.95
C ARG F 58 48.32 -3.52 -117.82
N ILE F 59 47.71 -4.52 -118.45
CA ILE F 59 48.24 -5.88 -118.36
C ILE F 59 49.45 -6.05 -119.28
N LYS F 60 49.46 -5.37 -120.43
CA LYS F 60 50.58 -5.46 -121.35
C LYS F 60 51.74 -4.61 -120.86
N PHE F 61 52.71 -4.33 -121.73
CA PHE F 61 53.88 -3.53 -121.38
C PHE F 61 54.68 -4.16 -120.25
N SER F 62 54.56 -5.47 -120.08
CA SER F 62 55.30 -6.20 -119.04
C SER F 62 55.03 -5.60 -117.66
N GLN F 63 53.75 -5.49 -117.32
CA GLN F 63 53.32 -4.94 -116.04
C GLN F 63 52.45 -5.96 -115.33
N VAL F 64 52.81 -6.29 -114.09
CA VAL F 64 52.07 -7.25 -113.28
C VAL F 64 50.98 -6.56 -112.47
N ASP F 65 51.32 -5.45 -111.82
CA ASP F 65 50.34 -4.73 -111.01
C ASP F 65 49.24 -4.15 -111.88
N VAL F 66 48.02 -4.64 -111.69
CA VAL F 66 46.86 -4.17 -112.44
C VAL F 66 45.76 -3.82 -111.46
N ASP F 67 44.98 -2.80 -111.80
CA ASP F 67 43.88 -2.33 -110.97
C ASP F 67 42.65 -2.10 -111.82
N TYR F 68 41.49 -2.14 -111.18
CA TYR F 68 40.20 -1.92 -111.83
C TYR F 68 39.31 -1.04 -110.98
N ASN F 69 39.87 0.05 -110.45
CA ASN F 69 39.10 0.97 -109.63
C ASN F 69 38.09 1.73 -110.49
N ASP F 70 37.33 2.61 -109.85
CA ASP F 70 36.34 3.40 -110.56
C ASP F 70 36.96 4.33 -111.58
N ASN F 71 38.25 4.64 -111.45
CA ASN F 71 38.91 5.53 -112.39
C ASN F 71 39.22 4.87 -113.73
N THR F 72 39.01 3.55 -113.85
CA THR F 72 39.28 2.87 -115.10
C THR F 72 38.39 3.42 -116.21
N VAL F 73 39.02 3.84 -117.30
CA VAL F 73 38.31 4.43 -118.44
C VAL F 73 38.72 3.70 -119.70
N VAL F 74 37.77 3.56 -120.63
CA VAL F 74 37.99 2.92 -121.92
C VAL F 74 37.94 4.00 -123.00
N ILE F 75 38.90 3.96 -123.91
CA ILE F 75 39.02 4.94 -124.99
C ILE F 75 38.73 4.23 -126.30
N VAL F 76 37.81 4.80 -127.08
CA VAL F 76 37.44 4.25 -128.38
C VAL F 76 38.27 4.95 -129.46
N LEU F 77 38.93 4.16 -130.29
CA LEU F 77 39.78 4.66 -131.35
C LEU F 77 39.07 4.50 -132.70
N ASN F 78 39.80 4.82 -133.78
CA ASN F 78 39.26 4.70 -135.12
C ASN F 78 40.39 4.74 -136.14
N LEU F 79 41.04 3.59 -136.37
CA LEU F 79 42.16 3.49 -137.30
C LEU F 79 41.70 3.22 -138.73
N GLY F 80 40.60 3.82 -139.16
CA GLY F 80 40.10 3.61 -140.50
C GLY F 80 39.73 2.17 -140.77
N GLN F 81 40.73 1.32 -141.00
CA GLN F 81 40.51 -0.09 -141.27
C GLN F 81 40.17 -0.89 -140.01
N ARG F 82 40.45 -0.34 -138.82
CA ARG F 82 40.17 -1.04 -137.58
C ARG F 82 39.64 -0.03 -136.55
N VAL F 83 38.77 -0.52 -135.69
CA VAL F 83 38.19 0.30 -134.63
C VAL F 83 38.29 -0.44 -133.31
N VAL F 84 39.51 -0.58 -132.80
CA VAL F 84 39.79 -1.30 -131.55
C VAL F 84 39.94 -0.29 -130.43
N GLY F 85 39.38 -0.61 -129.27
CA GLY F 85 39.46 0.26 -128.12
C GLY F 85 40.62 -0.10 -127.21
N ILE F 86 40.84 0.73 -126.20
CA ILE F 86 41.91 0.52 -125.23
C ILE F 86 41.43 1.01 -123.87
N VAL F 87 41.84 0.30 -122.82
CA VAL F 87 41.49 0.62 -121.45
C VAL F 87 42.68 1.29 -120.78
N VAL F 88 42.41 2.28 -119.94
CA VAL F 88 43.44 3.01 -119.22
C VAL F 88 42.98 3.24 -117.79
N ASP F 89 43.95 3.43 -116.90
CA ASP F 89 43.63 3.66 -115.49
C ASP F 89 42.92 4.99 -115.27
N GLY F 90 43.01 5.91 -116.23
CA GLY F 90 42.35 7.19 -116.10
C GLY F 90 43.00 8.27 -116.93
N VAL F 91 42.20 8.99 -117.73
CA VAL F 91 42.74 10.06 -118.56
C VAL F 91 43.35 11.13 -117.68
N SER F 92 44.58 11.54 -118.00
CA SER F 92 45.30 12.54 -117.22
C SER F 92 44.98 13.95 -117.71
N ASP F 93 45.76 14.42 -118.69
CA ASP F 93 45.60 15.77 -119.22
C ASP F 93 45.68 15.71 -120.74
N VAL F 94 45.65 16.89 -121.36
CA VAL F 94 45.77 17.04 -122.81
C VAL F 94 46.81 18.12 -123.08
N LEU F 95 47.74 17.84 -124.00
CA LEU F 95 48.84 18.74 -124.29
C LEU F 95 48.89 19.03 -125.79
N SER F 96 49.26 20.25 -126.12
CA SER F 96 49.43 20.69 -127.50
C SER F 96 50.92 20.81 -127.80
N LEU F 97 51.60 19.66 -127.82
CA LEU F 97 53.04 19.64 -128.02
C LEU F 97 53.39 20.23 -129.39
N THR F 98 54.54 20.88 -129.44
CA THR F 98 55.05 21.50 -130.67
C THR F 98 56.31 20.76 -131.12
N ALA F 99 56.99 21.32 -132.12
CA ALA F 99 58.19 20.70 -132.63
C ALA F 99 59.30 20.66 -131.58
N GLU F 100 59.30 21.63 -130.66
CA GLU F 100 60.33 21.67 -129.62
C GLU F 100 60.01 20.75 -128.45
N GLN F 101 58.74 20.44 -128.21
CA GLN F 101 58.36 19.58 -127.10
C GLN F 101 58.41 18.10 -127.46
N ILE F 102 58.20 17.75 -128.72
CA ILE F 102 58.21 16.37 -129.16
C ILE F 102 59.65 16.00 -129.52
N ARG F 103 60.33 15.30 -128.61
CA ARG F 103 61.71 14.90 -128.85
C ARG F 103 61.76 13.45 -129.34
N PRO F 104 62.71 13.09 -130.20
CA PRO F 104 62.81 11.70 -130.63
C PRO F 104 63.06 10.77 -129.45
N ALA F 105 62.39 9.62 -129.47
CA ALA F 105 62.54 8.64 -128.40
C ALA F 105 63.69 7.69 -128.70
N PRO F 106 64.23 7.03 -127.68
CA PRO F 106 65.32 6.08 -127.91
C PRO F 106 64.89 4.95 -128.84
N GLU F 107 65.89 4.23 -129.35
CA GLU F 107 65.61 3.10 -130.22
C GLU F 107 65.08 1.90 -129.43
N PHE F 108 65.52 1.73 -128.19
CA PHE F 108 65.07 0.65 -127.33
C PHE F 108 63.94 1.17 -126.46
N ALA F 109 62.72 0.72 -126.74
CA ALA F 109 61.57 1.17 -125.96
C ALA F 109 61.68 0.66 -124.53
N VAL F 110 60.86 1.26 -123.65
CA VAL F 110 60.87 0.87 -122.24
C VAL F 110 60.10 -0.43 -122.04
N THR F 111 59.00 -0.62 -122.78
CA THR F 111 58.20 -1.82 -122.66
C THR F 111 57.55 -2.23 -123.97
N LEU F 112 57.94 -1.64 -125.09
CA LEU F 112 57.39 -1.96 -126.39
C LEU F 112 58.51 -2.39 -127.33
N SER F 113 58.19 -2.48 -128.62
CA SER F 113 59.16 -2.88 -129.63
C SER F 113 59.97 -1.65 -130.06
N THR F 114 60.69 -1.78 -131.18
CA THR F 114 61.54 -0.71 -131.69
C THR F 114 60.85 0.13 -132.76
N GLU F 115 59.51 0.13 -132.78
CA GLU F 115 58.78 0.90 -133.77
C GLU F 115 57.35 1.18 -133.32
N TYR F 116 57.15 1.29 -132.00
CA TYR F 116 55.84 1.61 -131.42
C TYR F 116 55.92 2.87 -130.57
N LEU F 117 56.83 3.78 -130.89
CA LEU F 117 56.98 5.03 -130.15
C LEU F 117 57.15 6.18 -131.13
N THR F 118 56.28 7.18 -131.02
CA THR F 118 56.36 8.35 -131.90
C THR F 118 57.27 9.43 -131.34
N GLY F 119 57.38 9.53 -130.01
CA GLY F 119 58.22 10.54 -129.41
C GLY F 119 58.03 10.57 -127.90
N LEU F 120 58.56 11.62 -127.29
CA LEU F 120 58.47 11.82 -125.85
C LEU F 120 57.95 13.23 -125.58
N GLY F 121 56.83 13.33 -124.88
CA GLY F 121 56.26 14.62 -124.56
C GLY F 121 56.85 15.19 -123.29
N ALA F 122 57.35 16.42 -123.37
CA ALA F 122 57.96 17.10 -122.25
C ALA F 122 56.94 18.01 -121.57
N LEU F 123 57.01 18.08 -120.24
CA LEU F 123 56.10 18.91 -119.47
C LEU F 123 56.68 19.17 -118.09
N GLY F 124 57.70 20.01 -118.01
CA GLY F 124 58.34 20.30 -116.74
C GLY F 124 58.85 19.05 -116.04
N ASP F 125 58.15 18.62 -114.98
CA ASP F 125 58.51 17.45 -114.22
C ASP F 125 57.69 16.22 -114.60
N ARG F 126 57.19 16.18 -115.83
CA ARG F 126 56.38 15.06 -116.30
C ARG F 126 56.81 14.73 -117.72
N MET F 127 57.45 13.58 -117.89
CA MET F 127 57.93 13.12 -119.19
C MET F 127 56.91 12.13 -119.75
N LEU F 128 56.20 12.54 -120.80
CA LEU F 128 55.19 11.70 -121.43
C LEU F 128 55.82 10.86 -122.52
N ILE F 129 55.23 9.70 -122.77
CA ILE F 129 55.70 8.77 -123.79
C ILE F 129 54.64 8.70 -124.87
N LEU F 130 54.97 9.19 -126.07
CA LEU F 130 54.05 9.18 -127.20
C LEU F 130 54.13 7.82 -127.87
N VAL F 131 53.17 6.96 -127.61
CA VAL F 131 53.13 5.61 -128.16
C VAL F 131 52.44 5.67 -129.51
N ASN F 132 53.00 4.96 -130.49
CA ASN F 132 52.44 4.89 -131.84
C ASN F 132 51.33 3.85 -131.83
N ILE F 133 50.13 4.29 -131.47
CA ILE F 133 48.99 3.38 -131.37
C ILE F 133 48.60 2.82 -132.74
N GLU F 134 49.00 3.50 -133.82
CA GLU F 134 48.65 3.02 -135.16
C GLU F 134 49.25 1.63 -135.41
N LYS F 135 50.54 1.48 -135.17
CA LYS F 135 51.22 0.20 -135.38
C LYS F 135 51.13 -0.72 -134.17
N LEU F 136 50.78 -0.19 -132.99
CA LEU F 136 50.68 -1.04 -131.80
C LEU F 136 49.54 -2.03 -131.93
N LEU F 137 48.42 -1.60 -132.52
CA LEU F 137 47.24 -2.45 -132.69
C LEU F 137 47.25 -3.19 -134.02
N ASN F 138 48.42 -3.41 -134.61
CA ASN F 138 48.53 -4.12 -135.89
C ASN F 138 49.76 -5.01 -135.93
N SER F 139 50.22 -5.47 -134.76
CA SER F 139 51.39 -6.32 -134.69
C SER F 139 51.00 -7.75 -135.05
N GLU F 140 51.92 -8.70 -134.85
CA GLU F 140 51.64 -10.09 -135.16
C GLU F 140 50.54 -10.68 -134.29
N GLU F 141 50.31 -10.11 -133.10
CA GLU F 141 49.26 -10.63 -132.22
C GLU F 141 47.88 -10.18 -132.66
N MET F 142 47.77 -9.01 -133.29
CA MET F 142 46.50 -8.48 -133.75
C MET F 142 46.16 -8.92 -135.18
N ALA F 143 46.77 -10.00 -135.66
CA ALA F 143 46.50 -10.50 -137.01
C ALA F 143 46.96 -11.93 -137.15
N SER G 1 21.85 54.38 -144.58
CA SER G 1 22.01 54.23 -143.11
C SER G 1 22.76 55.41 -142.51
N GLY G 2 22.46 55.72 -141.24
CA GLY G 2 23.11 56.83 -140.58
C GLY G 2 24.56 56.54 -140.22
N GLN G 3 25.30 57.61 -139.98
CA GLN G 3 26.71 57.51 -139.61
C GLN G 3 26.85 57.40 -138.11
N GLU G 4 27.56 56.37 -137.65
CA GLU G 4 27.77 56.17 -136.22
C GLU G 4 28.95 56.99 -135.73
N PHE G 5 28.83 57.51 -134.51
CA PHE G 5 29.86 58.32 -133.90
C PHE G 5 29.96 57.99 -132.42
N LEU G 6 31.18 58.09 -131.88
CA LEU G 6 31.44 57.84 -130.48
C LEU G 6 31.25 59.14 -129.71
N VAL G 7 30.26 59.18 -128.83
CA VAL G 7 29.95 60.38 -128.06
C VAL G 7 30.77 60.37 -126.77
N PHE G 8 31.37 61.49 -126.45
CA PHE G 8 32.16 61.64 -125.23
C PHE G 8 31.99 63.06 -124.71
N THR G 9 32.59 63.32 -123.54
CA THR G 9 32.50 64.62 -122.89
C THR G 9 33.88 65.20 -122.70
N LEU G 10 34.00 66.51 -122.88
CA LEU G 10 35.25 67.24 -122.68
C LEU G 10 35.02 68.38 -121.69
N GLY G 11 34.54 68.02 -120.50
CA GLY G 11 34.27 68.99 -119.46
C GLY G 11 32.79 69.29 -119.31
N ASP G 12 32.21 69.95 -120.31
CA ASP G 12 30.79 70.30 -120.30
C ASP G 12 30.09 69.99 -121.60
N GLU G 13 30.71 70.31 -122.74
CA GLU G 13 30.09 70.06 -124.03
C GLU G 13 30.18 68.57 -124.37
N GLU G 14 29.71 68.22 -125.57
CA GLU G 14 29.71 66.86 -126.06
C GLU G 14 30.07 66.86 -127.54
N TYR G 15 31.07 66.07 -127.91
CA TYR G 15 31.55 65.98 -129.29
C TYR G 15 31.32 64.57 -129.82
N GLY G 16 31.69 64.37 -131.08
CA GLY G 16 31.50 63.09 -131.72
C GLY G 16 32.62 62.74 -132.68
N ILE G 17 33.05 61.47 -132.68
CA ILE G 17 34.12 61.00 -133.53
C ILE G 17 33.70 59.67 -134.15
N ASP G 18 34.19 59.41 -135.36
CA ASP G 18 33.86 58.18 -136.06
C ASP G 18 34.18 56.96 -135.20
N ILE G 19 33.25 56.00 -135.18
CA ILE G 19 33.45 54.80 -134.38
C ILE G 19 34.44 53.85 -135.03
N LEU G 20 34.53 53.86 -136.37
CA LEU G 20 35.45 52.96 -137.06
C LEU G 20 36.91 53.31 -136.77
N LYS G 21 37.19 54.58 -136.48
CA LYS G 21 38.55 55.03 -136.21
C LYS G 21 38.98 54.81 -134.76
N VAL G 22 38.15 54.14 -133.97
CA VAL G 22 38.46 53.86 -132.56
C VAL G 22 39.08 52.47 -132.47
N GLN G 23 40.13 52.34 -131.66
CA GLN G 23 40.83 51.08 -131.47
C GLN G 23 40.62 50.52 -130.06
N GLU G 24 41.15 51.19 -129.05
CA GLU G 24 40.99 50.75 -127.67
C GLU G 24 40.90 51.96 -126.76
N ILE G 25 40.09 51.85 -125.72
CA ILE G 25 39.90 52.92 -124.74
C ILE G 25 40.68 52.54 -123.49
N ARG G 26 41.66 53.37 -123.13
CA ARG G 26 42.50 53.14 -121.97
C ARG G 26 42.53 54.40 -121.12
N GLY G 27 43.21 54.32 -119.98
CA GLY G 27 43.32 55.43 -119.07
C GLY G 27 44.47 56.36 -119.43
N TYR G 28 44.70 57.31 -118.53
CA TYR G 28 45.77 58.30 -118.71
C TYR G 28 47.09 57.71 -118.25
N ASP G 29 48.14 57.87 -119.06
CA ASP G 29 49.46 57.36 -118.76
C ASP G 29 50.49 58.46 -118.99
N GLN G 30 51.64 58.30 -118.32
CA GLN G 30 52.71 59.28 -118.46
C GLN G 30 53.17 59.38 -119.91
N VAL G 31 53.59 60.58 -120.30
CA VAL G 31 54.05 60.86 -121.66
C VAL G 31 55.38 61.59 -121.59
N THR G 32 56.20 61.38 -122.61
CA THR G 32 57.51 62.00 -122.71
C THR G 32 57.42 63.28 -123.54
N ARG G 33 58.19 64.30 -123.15
CA ARG G 33 58.17 65.56 -123.86
C ARG G 33 58.65 65.38 -125.29
N ILE G 34 58.11 66.20 -126.19
CA ILE G 34 58.46 66.17 -127.61
C ILE G 34 58.67 67.61 -128.08
N ALA G 35 59.68 67.81 -128.93
CA ALA G 35 60.00 69.12 -129.44
C ALA G 35 59.31 69.36 -130.78
N ASN G 36 59.14 70.65 -131.11
CA ASN G 36 58.52 71.06 -132.36
C ASN G 36 57.09 70.51 -132.47
N THR G 37 56.29 70.88 -131.48
CA THR G 37 54.90 70.46 -131.41
C THR G 37 54.09 71.60 -130.79
N PRO G 38 52.78 71.66 -131.08
CA PRO G 38 51.96 72.73 -130.50
C PRO G 38 51.78 72.58 -128.99
N ALA G 39 50.91 73.41 -128.41
CA ALA G 39 50.69 73.39 -126.97
C ALA G 39 49.57 72.46 -126.54
N PHE G 40 48.71 72.04 -127.45
CA PHE G 40 47.60 71.16 -127.13
C PHE G 40 47.97 69.68 -127.20
N ILE G 41 49.25 69.35 -127.07
CA ILE G 41 49.72 67.97 -127.09
C ILE G 41 50.63 67.77 -125.88
N LYS G 42 50.29 66.80 -125.04
CA LYS G 42 51.09 66.54 -123.84
C LYS G 42 52.47 65.98 -124.22
N GLY G 43 52.49 64.80 -124.82
CA GLY G 43 53.74 64.18 -125.22
C GLY G 43 53.54 62.89 -125.98
N VAL G 44 54.42 61.90 -125.74
CA VAL G 44 54.35 60.62 -126.42
C VAL G 44 54.54 59.51 -125.38
N THR G 45 53.90 58.38 -125.62
CA THR G 45 53.99 57.22 -124.73
C THR G 45 54.13 55.96 -125.57
N ASN G 46 54.92 55.01 -125.06
CA ASN G 46 55.16 53.75 -125.75
C ASN G 46 54.10 52.74 -125.35
N LEU G 47 53.28 52.33 -126.31
CA LEU G 47 52.22 51.35 -126.08
C LEU G 47 52.47 50.16 -126.99
N ARG G 48 52.90 49.04 -126.41
CA ARG G 48 53.18 47.82 -127.15
C ARG G 48 54.24 48.07 -128.23
N GLY G 49 55.27 48.84 -127.88
CA GLY G 49 56.33 49.13 -128.81
C GLY G 49 55.95 50.06 -129.93
N VAL G 50 54.89 50.85 -129.76
CA VAL G 50 54.43 51.79 -130.77
C VAL G 50 54.30 53.16 -130.12
N ILE G 51 54.79 54.19 -130.81
CA ILE G 51 54.72 55.55 -130.31
C ILE G 51 53.31 56.09 -130.55
N VAL G 52 52.65 56.50 -129.48
CA VAL G 52 51.28 57.01 -129.53
C VAL G 52 51.29 58.41 -128.94
N PRO G 53 51.42 59.45 -129.77
CA PRO G 53 51.43 60.82 -129.24
C PRO G 53 50.06 61.19 -128.69
N ILE G 54 49.99 61.37 -127.37
CA ILE G 54 48.73 61.70 -126.71
C ILE G 54 48.42 63.17 -126.97
N VAL G 55 47.28 63.42 -127.62
CA VAL G 55 46.83 64.78 -127.94
C VAL G 55 45.71 65.15 -126.98
N ASP G 56 45.72 66.41 -126.53
CA ASP G 56 44.71 66.93 -125.62
C ASP G 56 43.72 67.77 -126.41
N LEU G 57 42.50 67.27 -126.58
CA LEU G 57 41.48 67.99 -127.32
C LEU G 57 40.93 69.17 -126.54
N ARG G 58 40.91 69.06 -125.21
CA ARG G 58 40.38 70.16 -124.39
C ARG G 58 41.16 71.44 -124.60
N ILE G 59 42.47 71.34 -124.85
CA ILE G 59 43.29 72.52 -125.07
C ILE G 59 43.27 72.94 -126.54
N LYS G 60 43.02 72.02 -127.46
CA LYS G 60 43.00 72.38 -128.87
C LYS G 60 41.81 73.26 -129.22
N PHE G 61 40.62 72.89 -128.74
CA PHE G 61 39.40 73.64 -129.00
C PHE G 61 39.22 74.81 -128.03
N SER G 62 40.24 75.17 -127.27
CA SER G 62 40.16 76.28 -126.33
C SER G 62 39.04 76.05 -125.32
N GLN G 63 39.36 75.40 -124.21
CA GLN G 63 38.40 75.14 -123.15
C GLN G 63 39.04 75.39 -121.79
N VAL G 64 38.29 76.02 -120.90
CA VAL G 64 38.82 76.31 -119.58
C VAL G 64 38.80 75.07 -118.69
N ASP G 65 37.86 74.16 -118.92
CA ASP G 65 37.77 72.93 -118.14
C ASP G 65 38.97 72.04 -118.45
N VAL G 66 39.96 72.04 -117.55
CA VAL G 66 41.16 71.25 -117.71
C VAL G 66 41.46 70.57 -116.38
N ASP G 67 41.80 69.29 -116.45
CA ASP G 67 42.13 68.52 -115.26
C ASP G 67 42.73 67.18 -115.69
N TYR G 68 43.63 66.67 -114.85
CA TYR G 68 44.31 65.40 -115.12
C TYR G 68 44.30 64.58 -113.83
N ASN G 69 43.75 63.37 -113.91
CA ASN G 69 43.65 62.50 -112.75
C ASN G 69 43.69 61.05 -113.25
N ASP G 70 43.37 60.12 -112.35
CA ASP G 70 43.40 58.70 -112.71
C ASP G 70 42.17 58.30 -113.52
N ASN G 71 41.02 58.91 -113.24
CA ASN G 71 39.79 58.57 -113.94
C ASN G 71 39.74 59.15 -115.36
N THR G 72 40.76 59.88 -115.78
CA THR G 72 40.77 60.45 -117.12
C THR G 72 40.83 59.33 -118.15
N VAL G 73 39.85 59.28 -119.03
CA VAL G 73 39.75 58.25 -120.06
C VAL G 73 40.49 58.73 -121.31
N VAL G 74 41.11 57.78 -122.01
CA VAL G 74 41.83 58.06 -123.25
C VAL G 74 41.33 57.11 -124.32
N ILE G 75 41.02 57.65 -125.49
CA ILE G 75 40.50 56.86 -126.61
C ILE G 75 41.61 56.80 -127.66
N VAL G 76 42.12 55.60 -127.90
CA VAL G 76 43.18 55.40 -128.89
C VAL G 76 42.54 55.35 -130.28
N LEU G 77 43.17 56.03 -131.24
CA LEU G 77 42.68 56.09 -132.61
C LEU G 77 43.76 55.61 -133.54
N ASN G 78 43.39 54.70 -134.44
CA ASN G 78 44.32 54.11 -135.41
C ASN G 78 44.02 54.72 -136.78
N LEU G 79 44.93 55.57 -137.26
CA LEU G 79 44.79 56.23 -138.55
C LEU G 79 45.47 55.45 -139.68
N GLY G 80 45.65 54.15 -139.52
CA GLY G 80 46.30 53.35 -140.53
C GLY G 80 47.81 53.56 -140.57
N GLN G 81 48.24 54.76 -140.93
CA GLN G 81 49.66 55.07 -140.98
C GLN G 81 50.27 55.24 -139.60
N ARG G 82 49.46 55.60 -138.60
CA ARG G 82 49.95 55.79 -137.24
C ARG G 82 48.81 55.53 -136.27
N VAL G 83 49.10 55.68 -134.97
CA VAL G 83 48.13 55.47 -133.92
C VAL G 83 48.22 56.68 -132.98
N VAL G 84 47.16 57.48 -132.92
CA VAL G 84 47.11 58.67 -132.09
C VAL G 84 45.98 58.50 -131.09
N GLY G 85 46.20 59.05 -129.89
CA GLY G 85 45.22 58.98 -128.82
C GLY G 85 44.72 60.38 -128.46
N ILE G 86 43.53 60.42 -127.87
CA ILE G 86 42.90 61.67 -127.46
C ILE G 86 42.45 61.52 -126.02
N VAL G 87 42.57 62.60 -125.25
CA VAL G 87 42.17 62.62 -123.85
C VAL G 87 40.74 63.10 -123.76
N VAL G 88 39.90 62.34 -123.05
CA VAL G 88 38.49 62.67 -122.87
C VAL G 88 38.15 62.52 -121.39
N ASP G 89 37.31 63.42 -120.88
CA ASP G 89 36.93 63.36 -119.48
C ASP G 89 36.05 62.14 -119.18
N GLY G 90 35.12 61.84 -120.08
CA GLY G 90 34.24 60.70 -119.89
C GLY G 90 33.51 60.30 -121.15
N VAL G 91 33.39 58.99 -121.39
CA VAL G 91 32.71 58.46 -122.56
C VAL G 91 31.24 58.29 -122.23
N SER G 92 30.38 58.73 -123.16
CA SER G 92 28.93 58.63 -122.96
C SER G 92 28.41 57.30 -123.51
N ASP G 93 28.26 57.21 -124.83
CA ASP G 93 27.76 56.01 -125.48
C ASP G 93 27.89 56.19 -126.98
N VAL G 94 27.56 55.14 -127.73
CA VAL G 94 27.60 55.16 -129.19
C VAL G 94 26.20 55.39 -129.72
N LEU G 95 26.08 56.29 -130.69
CA LEU G 95 24.79 56.62 -131.30
C LEU G 95 24.91 56.48 -132.81
N SER G 96 23.77 56.69 -133.49
CA SER G 96 23.70 56.60 -134.95
C SER G 96 22.75 57.70 -135.43
N LEU G 97 23.32 58.81 -135.87
CA LEU G 97 22.53 59.94 -136.35
C LEU G 97 22.19 59.75 -137.82
N THR G 98 20.94 60.08 -138.16
CA THR G 98 20.48 59.97 -139.53
C THR G 98 20.76 61.28 -140.29
N ALA G 99 20.40 61.30 -141.57
CA ALA G 99 20.63 62.48 -142.38
C ALA G 99 19.86 63.68 -141.87
N GLU G 100 18.70 63.46 -141.24
CA GLU G 100 17.89 64.55 -140.74
C GLU G 100 18.39 65.06 -139.39
N GLN G 101 19.06 64.20 -138.61
CA GLN G 101 19.55 64.59 -137.30
C GLN G 101 20.86 65.38 -137.36
N ILE G 102 21.50 65.46 -138.53
CA ILE G 102 22.74 66.18 -138.69
C ILE G 102 22.43 67.65 -138.94
N ARG G 103 23.16 68.53 -138.29
CA ARG G 103 23.01 69.98 -138.42
C ARG G 103 24.32 70.60 -138.87
N PRO G 104 24.27 71.78 -139.50
CA PRO G 104 25.51 72.41 -139.97
C PRO G 104 26.45 72.76 -138.85
N ALA G 105 27.64 73.27 -139.19
CA ALA G 105 28.64 73.61 -138.20
C ALA G 105 28.10 74.72 -137.28
N PRO G 106 28.63 74.81 -136.07
CA PRO G 106 28.18 75.85 -135.13
C PRO G 106 28.61 77.24 -135.59
N GLU G 107 28.21 78.22 -134.80
CA GLU G 107 28.54 79.62 -135.06
C GLU G 107 29.30 80.29 -133.93
N PHE G 108 29.01 79.93 -132.67
CA PHE G 108 29.73 80.53 -131.55
C PHE G 108 31.20 80.14 -131.56
N ALA G 109 31.53 78.97 -132.10
CA ALA G 109 32.92 78.53 -132.14
C ALA G 109 33.70 79.36 -133.16
N VAL G 110 34.99 79.04 -133.31
CA VAL G 110 35.84 79.76 -134.24
C VAL G 110 35.42 79.42 -135.67
N THR G 111 35.41 80.43 -136.53
CA THR G 111 35.02 80.21 -137.93
C THR G 111 36.00 79.29 -138.65
N LEU G 112 37.27 79.29 -138.23
CA LEU G 112 38.27 78.45 -138.86
C LEU G 112 38.16 76.98 -138.45
N SER G 113 37.35 76.67 -137.44
CA SER G 113 37.20 75.28 -137.01
C SER G 113 36.31 74.47 -137.92
N THR G 114 35.51 75.12 -138.77
CA THR G 114 34.63 74.39 -139.67
C THR G 114 35.39 73.49 -140.63
N GLU G 115 36.68 73.77 -140.86
CA GLU G 115 37.46 72.95 -141.78
C GLU G 115 37.58 71.51 -141.31
N TYR G 116 37.43 71.26 -140.02
CA TYR G 116 37.54 69.92 -139.44
C TYR G 116 36.37 69.64 -138.50
N LEU G 117 35.17 70.03 -138.92
CA LEU G 117 33.96 69.80 -138.14
C LEU G 117 32.83 69.44 -139.09
N THR G 118 32.32 68.21 -138.99
CA THR G 118 31.24 67.77 -139.87
C THR G 118 29.96 68.56 -139.59
N GLY G 119 29.69 68.85 -138.33
CA GLY G 119 28.49 69.59 -137.97
C GLY G 119 28.11 69.32 -136.52
N LEU G 120 26.83 69.46 -136.24
CA LEU G 120 26.27 69.25 -134.91
C LEU G 120 25.23 68.14 -134.97
N GLY G 121 24.99 67.52 -133.80
CA GLY G 121 24.02 66.44 -133.69
C GLY G 121 22.66 66.94 -133.22
N ALA G 122 21.71 66.01 -133.18
CA ALA G 122 20.35 66.32 -132.75
C ALA G 122 19.70 65.05 -132.23
N LEU G 123 19.09 65.14 -131.05
CA LEU G 123 18.43 63.99 -130.44
C LEU G 123 17.49 64.43 -129.33
N GLY G 124 16.29 64.91 -129.71
CA GLY G 124 15.33 65.37 -128.74
C GLY G 124 15.80 66.57 -127.97
N ASP G 125 16.46 66.34 -126.83
CA ASP G 125 16.97 67.42 -126.00
C ASP G 125 18.43 67.17 -125.64
N ARG G 126 19.27 67.00 -126.66
CA ARG G 126 20.69 66.74 -126.45
C ARG G 126 21.45 67.10 -127.72
N MET G 127 22.26 68.14 -127.65
CA MET G 127 23.04 68.61 -128.78
C MET G 127 24.45 68.04 -128.70
N LEU G 128 25.00 67.69 -129.87
CA LEU G 128 26.34 67.14 -130.00
C LEU G 128 27.16 68.00 -130.95
N ILE G 129 28.46 67.69 -131.03
CA ILE G 129 29.37 68.43 -131.89
C ILE G 129 30.20 67.44 -132.70
N LEU G 130 29.73 67.12 -133.90
CA LEU G 130 30.43 66.18 -134.78
C LEU G 130 31.76 66.78 -135.19
N VAL G 131 32.83 65.99 -135.11
CA VAL G 131 34.17 66.41 -135.46
C VAL G 131 34.75 65.41 -136.46
N ASN G 132 35.40 65.93 -137.50
CA ASN G 132 36.01 65.10 -138.53
C ASN G 132 37.40 64.71 -138.07
N ILE G 133 37.56 63.46 -137.64
CA ILE G 133 38.86 63.00 -137.17
C ILE G 133 39.86 62.94 -138.31
N GLU G 134 39.40 62.63 -139.53
CA GLU G 134 40.31 62.56 -140.66
C GLU G 134 40.95 63.92 -140.94
N LYS G 135 40.28 65.02 -140.57
CA LYS G 135 40.79 66.35 -140.77
C LYS G 135 41.20 67.05 -139.47
N LEU G 136 40.82 66.49 -138.32
CA LEU G 136 41.18 67.10 -137.04
C LEU G 136 42.69 66.99 -136.79
N LEU G 137 43.17 65.77 -136.55
CA LEU G 137 44.60 65.59 -136.28
C LEU G 137 45.44 65.95 -137.50
N ASN G 138 44.88 65.82 -138.70
CA ASN G 138 45.59 66.15 -139.93
C ASN G 138 45.40 67.59 -140.35
N SER G 139 44.97 68.46 -139.43
CA SER G 139 44.77 69.87 -139.75
C SER G 139 46.12 70.57 -139.88
N GLU G 140 46.06 71.88 -140.20
CA GLU G 140 47.28 72.66 -140.36
C GLU G 140 47.87 73.08 -139.02
N GLU G 141 47.06 73.15 -137.96
CA GLU G 141 47.59 73.53 -136.65
C GLU G 141 48.48 72.45 -136.07
N MET G 142 48.05 71.19 -136.16
CA MET G 142 48.84 70.09 -135.61
C MET G 142 49.98 69.71 -136.55
N ALA G 143 49.71 69.63 -137.85
CA ALA G 143 50.73 69.27 -138.82
C ALA G 143 51.76 70.38 -138.97
N SER H 1 2.19 -53.55 -137.41
CA SER H 1 1.71 -54.78 -136.71
C SER H 1 0.94 -55.69 -137.67
N GLY H 2 0.71 -56.92 -137.25
CA GLY H 2 -0.01 -57.88 -138.06
C GLY H 2 -1.51 -57.70 -137.98
N GLN H 3 -2.23 -58.75 -138.36
CA GLN H 3 -3.69 -58.72 -138.35
C GLN H 3 -4.20 -58.86 -136.91
N GLU H 4 -5.15 -58.01 -136.55
CA GLU H 4 -5.72 -58.02 -135.21
C GLU H 4 -6.87 -59.01 -135.12
N PHE H 5 -7.08 -59.55 -133.93
CA PHE H 5 -8.15 -60.51 -133.68
C PHE H 5 -8.76 -60.23 -132.32
N LEU H 6 -9.85 -60.93 -132.03
CA LEU H 6 -10.57 -60.81 -130.76
C LEU H 6 -10.73 -62.20 -130.17
N VAL H 7 -9.88 -62.54 -129.21
CA VAL H 7 -9.93 -63.85 -128.57
C VAL H 7 -10.96 -63.83 -127.45
N PHE H 8 -11.77 -64.87 -127.39
CA PHE H 8 -12.79 -65.01 -126.37
C PHE H 8 -12.73 -66.41 -125.78
N THR H 9 -12.96 -66.51 -124.46
CA THR H 9 -12.91 -67.78 -123.77
C THR H 9 -14.31 -68.37 -123.66
N LEU H 10 -14.40 -69.69 -123.86
CA LEU H 10 -15.67 -70.40 -123.76
C LEU H 10 -15.60 -71.46 -122.66
N GLY H 11 -15.08 -71.09 -121.49
CA GLY H 11 -14.93 -72.02 -120.40
C GLY H 11 -13.49 -72.44 -120.17
N ASP H 12 -12.93 -73.18 -121.12
CA ASP H 12 -11.56 -73.66 -121.01
C ASP H 12 -10.77 -73.32 -122.27
N GLU H 13 -11.23 -73.77 -123.42
CA GLU H 13 -10.56 -73.51 -124.68
C GLU H 13 -10.63 -72.03 -125.03
N GLU H 14 -9.95 -71.66 -126.11
CA GLU H 14 -9.91 -70.29 -126.60
C GLU H 14 -10.10 -70.27 -128.11
N TYR H 15 -10.76 -69.23 -128.61
CA TYR H 15 -11.02 -69.08 -130.04
C TYR H 15 -10.88 -67.61 -130.41
N GLY H 16 -10.24 -67.36 -131.54
CA GLY H 16 -10.03 -66.01 -132.04
C GLY H 16 -10.82 -65.76 -133.31
N ILE H 17 -11.27 -64.52 -133.49
CA ILE H 17 -12.05 -64.11 -134.65
C ILE H 17 -11.58 -62.74 -135.09
N ASP H 18 -12.00 -62.35 -136.30
CA ASP H 18 -11.64 -61.06 -136.86
C ASP H 18 -12.27 -59.94 -136.04
N ILE H 19 -11.43 -59.13 -135.39
CA ILE H 19 -11.96 -58.04 -134.58
C ILE H 19 -12.66 -57.00 -135.44
N LEU H 20 -12.27 -56.88 -136.71
CA LEU H 20 -12.92 -55.92 -137.60
C LEU H 20 -14.38 -56.25 -137.81
N LYS H 21 -14.74 -57.53 -137.75
CA LYS H 21 -16.13 -57.92 -137.96
C LYS H 21 -16.97 -57.71 -136.72
N VAL H 22 -16.35 -57.69 -135.53
CA VAL H 22 -17.08 -57.49 -134.30
C VAL H 22 -17.62 -56.06 -134.26
N GLN H 23 -18.91 -55.92 -133.94
CA GLN H 23 -19.57 -54.62 -133.89
C GLN H 23 -19.50 -54.03 -132.48
N GLU H 24 -20.18 -54.67 -131.53
CA GLU H 24 -20.19 -54.18 -130.16
C GLU H 24 -20.43 -55.35 -129.22
N ILE H 25 -19.83 -55.27 -128.04
CA ILE H 25 -19.96 -56.31 -127.01
C ILE H 25 -21.06 -55.89 -126.05
N ARG H 26 -21.93 -56.84 -125.68
CA ARG H 26 -23.03 -56.58 -124.78
C ARG H 26 -23.19 -57.78 -123.86
N GLY H 27 -24.19 -57.70 -122.96
CA GLY H 27 -24.45 -58.77 -122.03
C GLY H 27 -25.50 -59.74 -122.54
N TYR H 28 -25.84 -60.69 -121.68
CA TYR H 28 -26.84 -61.72 -122.01
C TYR H 28 -28.21 -61.14 -121.75
N ASP H 29 -28.79 -60.54 -122.79
CA ASP H 29 -30.11 -59.94 -122.70
C ASP H 29 -31.19 -60.98 -123.01
N GLN H 30 -32.45 -60.57 -122.84
CA GLN H 30 -33.57 -61.46 -123.11
C GLN H 30 -33.63 -61.79 -124.59
N VAL H 31 -34.13 -63.00 -124.88
CA VAL H 31 -34.28 -63.48 -126.25
C VAL H 31 -35.59 -64.25 -126.36
N THR H 32 -36.04 -64.42 -127.61
CA THR H 32 -37.28 -65.13 -127.90
C THR H 32 -36.94 -66.55 -128.32
N ARG H 33 -37.27 -67.51 -127.46
CA ARG H 33 -36.98 -68.91 -127.77
C ARG H 33 -37.83 -69.38 -128.96
N ILE H 34 -37.18 -70.00 -129.93
CA ILE H 34 -37.83 -70.52 -131.13
C ILE H 34 -37.61 -72.02 -131.14
N ALA H 35 -38.68 -72.78 -130.85
CA ALA H 35 -38.57 -74.23 -130.82
C ALA H 35 -38.28 -74.82 -132.19
N ASN H 36 -38.58 -74.09 -133.27
CA ASN H 36 -38.34 -74.61 -134.61
C ASN H 36 -36.85 -74.74 -134.90
N THR H 37 -36.02 -73.90 -134.28
CA THR H 37 -34.59 -73.95 -134.51
C THR H 37 -33.96 -75.08 -133.68
N PRO H 38 -32.72 -75.45 -134.01
CA PRO H 38 -32.04 -76.51 -133.23
C PRO H 38 -31.82 -76.12 -131.79
N ALA H 39 -30.96 -76.85 -131.10
CA ALA H 39 -30.68 -76.59 -129.69
C ALA H 39 -29.57 -75.57 -129.49
N PHE H 40 -28.61 -75.49 -130.41
CA PHE H 40 -27.51 -74.54 -130.29
C PHE H 40 -27.89 -73.12 -130.65
N ILE H 41 -29.16 -72.88 -131.00
CA ILE H 41 -29.66 -71.53 -131.30
C ILE H 41 -30.70 -71.22 -130.25
N LYS H 42 -30.34 -70.38 -129.27
CA LYS H 42 -31.24 -70.04 -128.19
C LYS H 42 -32.46 -69.28 -128.72
N GLY H 43 -32.27 -68.05 -129.15
CA GLY H 43 -33.36 -67.25 -129.66
C GLY H 43 -32.86 -66.05 -130.42
N VAL H 44 -33.73 -65.05 -130.54
CA VAL H 44 -33.43 -63.82 -131.24
C VAL H 44 -33.72 -62.64 -130.33
N THR H 45 -33.15 -61.48 -130.68
CA THR H 45 -33.33 -60.27 -129.90
C THR H 45 -33.45 -59.09 -130.85
N ASN H 46 -33.98 -57.98 -130.34
CA ASN H 46 -34.17 -56.75 -131.10
C ASN H 46 -33.07 -55.77 -130.72
N LEU H 47 -32.19 -55.47 -131.68
CA LEU H 47 -31.08 -54.55 -131.49
C LEU H 47 -31.09 -53.55 -132.63
N ARG H 48 -31.25 -52.27 -132.30
CA ARG H 48 -31.30 -51.20 -133.30
C ARG H 48 -32.37 -51.47 -134.35
N GLY H 49 -33.50 -52.01 -133.91
CA GLY H 49 -34.59 -52.31 -134.82
C GLY H 49 -34.27 -53.38 -135.83
N VAL H 50 -33.38 -54.32 -135.48
CA VAL H 50 -32.98 -55.42 -136.37
C VAL H 50 -32.99 -56.70 -135.56
N ILE H 51 -33.58 -57.75 -136.13
CA ILE H 51 -33.64 -59.04 -135.45
C ILE H 51 -32.26 -59.69 -135.53
N VAL H 52 -31.56 -59.72 -134.39
CA VAL H 52 -30.23 -60.29 -134.31
C VAL H 52 -30.33 -61.69 -133.70
N PRO H 53 -30.34 -62.76 -134.49
CA PRO H 53 -30.45 -64.10 -133.91
C PRO H 53 -29.22 -64.45 -133.10
N ILE H 54 -29.42 -64.72 -131.81
CA ILE H 54 -28.32 -65.07 -130.92
C ILE H 54 -27.97 -66.54 -131.09
N VAL H 55 -26.68 -66.84 -131.01
CA VAL H 55 -26.17 -68.20 -131.15
C VAL H 55 -25.37 -68.55 -129.90
N ASP H 56 -25.46 -69.81 -129.50
CA ASP H 56 -24.75 -70.33 -128.33
C ASP H 56 -23.64 -71.25 -128.82
N LEU H 57 -22.45 -70.69 -128.99
CA LEU H 57 -21.32 -71.47 -129.47
C LEU H 57 -20.92 -72.56 -128.48
N ARG H 58 -21.12 -72.32 -127.17
CA ARG H 58 -20.75 -73.31 -126.18
C ARG H 58 -21.54 -74.60 -126.31
N ILE H 59 -22.74 -74.55 -126.90
CA ILE H 59 -23.54 -75.75 -127.09
C ILE H 59 -23.21 -76.44 -128.41
N LYS H 60 -22.70 -75.70 -129.40
CA LYS H 60 -22.40 -76.32 -130.68
C LYS H 60 -21.28 -77.35 -130.56
N PHE H 61 -20.24 -77.03 -129.78
CA PHE H 61 -19.13 -77.96 -129.59
C PHE H 61 -19.45 -79.06 -128.59
N SER H 62 -20.62 -79.04 -127.96
CA SER H 62 -21.02 -80.04 -126.98
C SER H 62 -20.02 -80.08 -125.82
N GLN H 63 -20.07 -79.01 -125.02
CA GLN H 63 -19.19 -78.88 -123.87
C GLN H 63 -19.80 -79.59 -122.66
N VAL H 64 -19.11 -79.49 -121.52
CA VAL H 64 -19.56 -80.15 -120.29
C VAL H 64 -20.82 -79.45 -119.79
N ASP H 65 -20.67 -78.23 -119.28
CA ASP H 65 -21.79 -77.47 -118.74
C ASP H 65 -21.80 -76.08 -119.36
N VAL H 66 -23.00 -75.52 -119.51
CA VAL H 66 -23.20 -74.20 -120.07
C VAL H 66 -23.90 -73.34 -119.01
N ASP H 67 -23.30 -72.20 -118.69
CA ASP H 67 -23.82 -71.29 -117.69
C ASP H 67 -24.43 -70.07 -118.36
N TYR H 68 -25.28 -69.37 -117.61
CA TYR H 68 -25.94 -68.16 -118.10
C TYR H 68 -25.98 -67.08 -117.02
N ASN H 69 -25.00 -67.07 -116.13
CA ASN H 69 -24.95 -66.07 -115.06
C ASN H 69 -24.51 -64.73 -115.64
N ASP H 70 -24.23 -63.77 -114.75
CA ASP H 70 -23.82 -62.45 -115.20
C ASP H 70 -22.47 -62.47 -115.91
N ASN H 71 -21.63 -63.47 -115.64
CA ASN H 71 -20.33 -63.53 -116.29
C ASN H 71 -20.47 -63.72 -117.79
N THR H 72 -21.54 -64.34 -118.25
CA THR H 72 -21.75 -64.54 -119.67
C THR H 72 -22.06 -63.22 -120.35
N VAL H 73 -21.55 -63.06 -121.58
CA VAL H 73 -21.73 -61.84 -122.36
C VAL H 73 -22.01 -62.24 -123.81
N VAL H 74 -22.44 -61.26 -124.60
CA VAL H 74 -22.76 -61.45 -126.01
C VAL H 74 -21.92 -60.49 -126.83
N ILE H 75 -21.58 -60.91 -128.05
CA ILE H 75 -20.77 -60.11 -128.97
C ILE H 75 -21.58 -59.93 -130.24
N VAL H 76 -21.95 -58.68 -130.54
CA VAL H 76 -22.72 -58.37 -131.74
C VAL H 76 -21.76 -58.34 -132.92
N LEU H 77 -22.08 -59.10 -133.96
CA LEU H 77 -21.24 -59.23 -135.14
C LEU H 77 -21.79 -58.33 -136.26
N ASN H 78 -21.19 -58.45 -137.44
CA ASN H 78 -21.62 -57.66 -138.59
C ASN H 78 -21.10 -58.27 -139.89
N LEU H 79 -21.83 -59.24 -140.42
CA LEU H 79 -21.43 -59.92 -141.65
C LEU H 79 -21.81 -59.16 -142.91
N GLY H 80 -22.31 -57.92 -142.77
CA GLY H 80 -22.73 -57.15 -143.93
C GLY H 80 -24.11 -57.53 -144.42
N GLN H 81 -24.28 -58.79 -144.81
CA GLN H 81 -25.58 -59.27 -145.26
C GLN H 81 -26.58 -59.46 -144.13
N ARG H 82 -26.10 -59.62 -142.90
CA ARG H 82 -26.97 -59.81 -141.76
C ARG H 82 -26.16 -59.58 -140.48
N VAL H 83 -26.87 -59.40 -139.38
CA VAL H 83 -26.26 -59.18 -138.07
C VAL H 83 -26.63 -60.37 -137.18
N VAL H 84 -25.63 -61.16 -136.81
CA VAL H 84 -25.83 -62.34 -135.98
C VAL H 84 -25.09 -62.14 -134.66
N GLY H 85 -25.66 -62.69 -133.60
CA GLY H 85 -25.08 -62.60 -132.27
C GLY H 85 -24.60 -63.96 -131.80
N ILE H 86 -23.53 -63.96 -131.01
CA ILE H 86 -22.94 -65.18 -130.47
C ILE H 86 -22.74 -65.01 -128.97
N VAL H 87 -23.03 -66.06 -128.22
CA VAL H 87 -22.87 -66.06 -126.77
C VAL H 87 -21.49 -66.58 -126.42
N VAL H 88 -20.83 -65.91 -125.48
CA VAL H 88 -19.50 -66.29 -125.05
C VAL H 88 -19.43 -66.19 -123.53
N ASP H 89 -18.64 -67.08 -122.92
CA ASP H 89 -18.50 -67.07 -121.47
C ASP H 89 -17.75 -65.83 -120.98
N GLY H 90 -16.79 -65.34 -121.76
CA GLY H 90 -16.04 -64.17 -121.39
C GLY H 90 -14.92 -63.86 -122.37
N VAL H 91 -14.75 -62.58 -122.69
CA VAL H 91 -13.71 -62.16 -123.63
C VAL H 91 -12.38 -62.05 -122.89
N SER H 92 -11.31 -62.43 -123.57
CA SER H 92 -9.97 -62.36 -122.98
C SER H 92 -9.37 -60.97 -123.15
N ASP H 93 -8.90 -60.66 -124.35
CA ASP H 93 -8.29 -59.37 -124.63
C ASP H 93 -8.02 -59.28 -126.12
N VAL H 94 -7.67 -58.09 -126.57
CA VAL H 94 -7.36 -57.84 -127.99
C VAL H 94 -5.87 -58.00 -128.20
N LEU H 95 -5.50 -58.75 -129.24
CA LEU H 95 -4.11 -59.00 -129.58
C LEU H 95 -3.88 -58.71 -131.05
N SER H 96 -2.62 -58.77 -131.46
CA SER H 96 -2.22 -58.53 -132.85
C SER H 96 -1.22 -59.63 -133.24
N LEU H 97 -1.72 -60.65 -133.94
CA LEU H 97 -0.89 -61.76 -134.37
C LEU H 97 -0.20 -61.43 -135.69
N THR H 98 1.07 -61.83 -135.80
CA THR H 98 1.86 -61.60 -137.00
C THR H 98 1.83 -62.83 -137.89
N ALA H 99 2.54 -62.75 -139.01
CA ALA H 99 2.58 -63.87 -139.95
C ALA H 99 3.28 -65.09 -139.36
N GLU H 100 4.27 -64.87 -138.49
CA GLU H 100 4.99 -65.98 -137.89
C GLU H 100 4.18 -66.66 -136.79
N GLN H 101 3.34 -65.91 -136.09
CA GLN H 101 2.55 -66.49 -135.00
C GLN H 101 1.38 -67.30 -135.54
N ILE H 102 0.77 -66.87 -136.64
CA ILE H 102 -0.36 -67.59 -137.21
C ILE H 102 0.15 -68.84 -137.91
N ARG H 103 -0.21 -70.01 -137.37
CA ARG H 103 0.20 -71.29 -137.94
C ARG H 103 -0.90 -71.84 -138.85
N PRO H 104 -0.55 -72.68 -139.82
CA PRO H 104 -1.56 -73.23 -140.71
C PRO H 104 -2.49 -74.19 -139.99
N ALA H 105 -3.61 -74.51 -140.64
CA ALA H 105 -4.58 -75.41 -140.08
C ALA H 105 -4.10 -76.85 -140.17
N PRO H 106 -4.59 -77.73 -139.28
CA PRO H 106 -4.16 -79.13 -139.33
C PRO H 106 -4.78 -79.90 -140.51
N GLU H 107 -4.46 -81.18 -140.61
CA GLU H 107 -4.97 -82.02 -141.69
C GLU H 107 -5.54 -83.30 -141.08
N PHE H 108 -6.60 -83.80 -141.69
CA PHE H 108 -7.28 -85.01 -141.23
C PHE H 108 -8.23 -85.48 -142.32
N ALA H 109 -8.64 -86.73 -142.22
CA ALA H 109 -9.56 -87.30 -143.21
C ALA H 109 -10.79 -86.43 -143.37
N VAL H 110 -11.55 -86.25 -142.27
CA VAL H 110 -12.73 -85.41 -142.28
C VAL H 110 -12.30 -83.95 -142.15
N THR H 111 -13.01 -83.06 -142.85
CA THR H 111 -12.67 -81.64 -142.81
C THR H 111 -12.83 -81.09 -141.40
N LEU H 112 -13.97 -81.40 -140.76
CA LEU H 112 -14.23 -80.95 -139.39
C LEU H 112 -14.22 -79.41 -139.40
N SER H 113 -13.60 -78.76 -138.41
CA SER H 113 -13.57 -77.30 -138.35
C SER H 113 -12.65 -76.68 -139.38
N THR H 114 -11.93 -77.47 -140.16
CA THR H 114 -11.01 -76.91 -141.15
C THR H 114 -11.72 -76.02 -142.16
N GLU H 115 -13.04 -76.14 -142.28
CA GLU H 115 -13.78 -75.30 -143.24
C GLU H 115 -13.61 -73.82 -142.92
N TYR H 116 -13.35 -73.48 -141.66
CA TYR H 116 -13.22 -72.08 -141.25
C TYR H 116 -11.96 -71.80 -140.44
N LEU H 117 -11.16 -72.81 -140.09
CA LEU H 117 -9.93 -72.60 -139.33
C LEU H 117 -8.93 -71.87 -140.23
N THR H 118 -8.88 -70.54 -140.09
CA THR H 118 -7.94 -69.75 -140.88
C THR H 118 -6.51 -69.96 -140.42
N GLY H 119 -6.31 -70.33 -139.17
CA GLY H 119 -4.97 -70.55 -138.66
C GLY H 119 -4.99 -70.88 -137.19
N LEU H 120 -3.80 -70.97 -136.60
CA LEU H 120 -3.63 -71.27 -135.18
C LEU H 120 -2.57 -70.32 -134.63
N GLY H 121 -3.01 -69.26 -133.94
CA GLY H 121 -2.10 -68.31 -133.37
C GLY H 121 -1.23 -68.90 -132.28
N ALA H 122 -0.14 -69.55 -132.68
CA ALA H 122 0.78 -70.19 -131.73
C ALA H 122 1.67 -69.11 -131.09
N LEU H 123 1.08 -68.36 -130.17
CA LEU H 123 1.77 -67.30 -129.45
C LEU H 123 2.60 -67.94 -128.33
N GLY H 124 3.70 -68.57 -128.72
CA GLY H 124 4.57 -69.22 -127.78
C GLY H 124 3.90 -70.39 -127.08
N ASP H 125 3.47 -70.16 -125.83
CA ASP H 125 2.79 -71.20 -125.06
C ASP H 125 1.27 -71.13 -125.20
N ARG H 126 0.71 -69.92 -125.20
CA ARG H 126 -0.73 -69.77 -125.33
C ARG H 126 -1.17 -70.14 -126.74
N MET H 127 -2.08 -71.11 -126.83
CA MET H 127 -2.61 -71.57 -128.11
C MET H 127 -3.89 -70.80 -128.44
N LEU H 128 -4.00 -70.38 -129.69
CA LEU H 128 -5.16 -69.63 -130.18
C LEU H 128 -5.77 -70.37 -131.36
N ILE H 129 -7.07 -70.60 -131.29
CA ILE H 129 -7.80 -71.32 -132.34
C ILE H 129 -8.52 -70.25 -133.16
N LEU H 130 -7.83 -69.72 -134.16
CA LEU H 130 -8.41 -68.71 -135.03
C LEU H 130 -9.47 -69.34 -135.92
N VAL H 131 -10.71 -68.84 -135.82
CA VAL H 131 -11.83 -69.34 -136.59
C VAL H 131 -12.43 -68.20 -137.40
N ASN H 132 -12.71 -68.46 -138.67
CA ASN H 132 -13.31 -67.46 -139.54
C ASN H 132 -14.77 -67.28 -139.16
N ILE H 133 -15.13 -66.09 -138.69
CA ILE H 133 -16.49 -65.86 -138.22
C ILE H 133 -17.49 -65.94 -139.38
N GLU H 134 -17.09 -65.50 -140.57
CA GLU H 134 -17.99 -65.56 -141.72
C GLU H 134 -18.30 -67.00 -142.10
N LYS H 135 -17.27 -67.80 -142.37
CA LYS H 135 -17.49 -69.20 -142.75
C LYS H 135 -18.08 -70.00 -141.60
N LEU H 136 -17.84 -69.59 -140.35
CA LEU H 136 -18.38 -70.32 -139.21
C LEU H 136 -19.90 -70.29 -139.22
N LEU H 137 -20.49 -69.09 -139.18
CA LEU H 137 -21.95 -68.97 -139.18
C LEU H 137 -22.56 -69.31 -140.53
N ASN H 138 -21.76 -69.37 -141.60
CA ASN H 138 -22.26 -69.70 -142.93
C ASN H 138 -21.92 -71.12 -143.34
N SER H 139 -21.49 -71.96 -142.41
CA SER H 139 -21.14 -73.34 -142.71
C SER H 139 -22.41 -74.18 -142.88
N GLU H 140 -22.22 -75.45 -143.27
CA GLU H 140 -23.37 -76.33 -143.46
C GLU H 140 -24.10 -76.57 -142.14
N GLU H 141 -23.38 -76.61 -141.02
CA GLU H 141 -24.02 -76.84 -139.73
C GLU H 141 -24.84 -75.64 -139.29
N MET H 142 -24.41 -74.42 -139.65
CA MET H 142 -25.11 -73.21 -139.26
C MET H 142 -26.07 -72.70 -140.31
N ALA H 143 -25.79 -72.94 -141.59
CA ALA H 143 -26.66 -72.49 -142.66
C ALA H 143 -27.99 -73.25 -142.62
N MET I 1 18.31 -19.06 78.66
CA MET I 1 16.94 -18.58 78.98
C MET I 1 15.90 -19.49 78.35
N LEU I 2 14.63 -19.06 78.38
CA LEU I 2 13.52 -19.90 77.93
C LEU I 2 13.80 -20.50 76.55
N LYS I 3 14.08 -19.65 75.56
CA LYS I 3 14.25 -20.14 74.20
C LYS I 3 15.40 -21.14 74.10
N ARG I 4 16.42 -20.99 74.94
CA ARG I 4 17.54 -21.93 74.92
C ARG I 4 17.10 -23.30 75.42
N ILE I 5 16.62 -23.38 76.65
CA ILE I 5 16.18 -24.65 77.20
C ILE I 5 14.96 -25.16 76.41
N LYS I 6 14.68 -26.44 76.58
CA LYS I 6 13.54 -27.05 75.89
C LYS I 6 12.23 -26.48 76.43
N ILE I 7 11.19 -26.58 75.60
CA ILE I 7 9.88 -26.10 76.02
C ILE I 7 9.35 -26.90 77.20
N VAL I 8 9.69 -28.19 77.27
CA VAL I 8 9.25 -29.01 78.39
C VAL I 8 10.02 -28.64 79.66
N THR I 9 11.34 -28.43 79.54
CA THR I 9 12.13 -28.09 80.70
C THR I 9 11.77 -26.71 81.25
N SER I 10 11.42 -25.76 80.36
CA SER I 10 11.05 -24.42 80.82
C SER I 10 9.82 -24.47 81.71
N LEU I 11 8.82 -25.25 81.32
CA LEU I 11 7.60 -25.39 82.10
C LEU I 11 7.70 -26.44 83.19
N LEU I 12 8.59 -27.44 83.02
CA LEU I 12 8.74 -28.47 84.05
C LEU I 12 9.28 -27.87 85.35
N LEU I 13 10.28 -27.00 85.25
CA LEU I 13 10.83 -26.36 86.45
C LEU I 13 9.78 -25.51 87.13
N VAL I 14 8.87 -24.90 86.37
CA VAL I 14 7.81 -24.08 86.97
C VAL I 14 6.93 -24.95 87.85
N LEU I 15 6.54 -26.13 87.36
CA LEU I 15 5.72 -27.03 88.16
C LEU I 15 6.47 -27.50 89.40
N ALA I 16 7.79 -27.69 89.27
CA ALA I 16 8.58 -28.11 90.42
C ALA I 16 8.67 -27.01 91.47
N VAL I 17 8.58 -25.74 91.05
CA VAL I 17 8.63 -24.64 92.01
C VAL I 17 7.46 -24.72 92.97
N PHE I 18 6.24 -24.82 92.43
CA PHE I 18 5.06 -24.93 93.28
C PHE I 18 5.14 -26.17 94.18
N GLY I 19 5.75 -27.25 93.69
CA GLY I 19 5.89 -28.43 94.51
C GLY I 19 6.78 -28.20 95.72
N LEU I 20 7.83 -27.39 95.55
CA LEU I 20 8.72 -27.08 96.66
C LEU I 20 8.11 -26.02 97.58
N LEU I 21 7.45 -25.01 97.00
CA LEU I 21 6.82 -23.98 97.82
C LEU I 21 5.76 -24.58 98.73
N GLN I 22 4.87 -25.42 98.18
CA GLN I 22 3.85 -26.06 98.99
C GLN I 22 4.45 -26.99 100.02
N LEU I 23 5.61 -27.59 99.71
CA LEU I 23 6.25 -28.49 100.66
C LEU I 23 7.05 -27.71 101.70
N THR I 24 7.88 -26.75 101.25
CA THR I 24 8.65 -25.95 102.20
C THR I 24 7.74 -25.11 103.08
N SER I 25 6.73 -24.48 102.48
CA SER I 25 5.80 -23.67 103.27
C SER I 25 5.07 -24.53 104.29
N GLY I 26 4.58 -25.71 103.87
CA GLY I 26 3.92 -26.60 104.80
C GLY I 26 4.81 -26.99 105.97
N GLY I 27 6.11 -27.14 105.72
CA GLY I 27 7.02 -27.45 106.81
C GLY I 27 7.13 -26.34 107.83
N LEU I 28 7.05 -25.09 107.39
CA LEU I 28 7.10 -23.96 108.32
C LEU I 28 5.88 -23.98 109.25
N PHE I 29 4.68 -24.17 108.69
CA PHE I 29 3.50 -24.29 109.52
C PHE I 29 3.58 -25.52 110.43
N PHE I 30 4.13 -26.62 109.90
CA PHE I 30 4.35 -27.80 110.73
C PHE I 30 5.28 -27.49 111.90
N ASN I 31 6.35 -26.74 111.64
CA ASN I 31 7.25 -26.34 112.72
C ASN I 31 6.54 -25.39 113.68
N ALA I 32 5.71 -24.49 113.16
CA ALA I 32 4.95 -23.61 114.03
C ALA I 32 4.02 -24.39 114.94
N LEU I 33 3.22 -25.29 114.36
CA LEU I 33 2.35 -26.14 115.17
C LEU I 33 3.17 -27.04 116.10
N LYS I 34 4.35 -27.46 115.66
CA LYS I 34 5.21 -28.27 116.52
C LYS I 34 5.77 -27.45 117.67
N ASN I 35 6.31 -26.25 117.36
CA ASN I 35 6.81 -25.38 118.41
C ASN I 35 5.71 -25.03 119.40
N ASP I 36 4.50 -24.79 118.90
CA ASP I 36 3.37 -24.52 119.79
C ASP I 36 3.04 -25.74 120.64
N LYS I 37 3.03 -26.93 120.03
CA LYS I 37 2.76 -28.14 120.79
C LYS I 37 3.78 -28.33 121.91
N GLU I 38 5.06 -28.06 121.61
CA GLU I 38 6.08 -28.17 122.65
C GLU I 38 5.84 -27.18 123.78
N ASN I 39 5.29 -26.00 123.46
CA ASN I 39 5.00 -25.03 124.51
C ASN I 39 3.97 -25.57 125.49
N PHE I 40 2.91 -26.20 124.97
CA PHE I 40 1.91 -26.80 125.84
C PHE I 40 2.54 -27.85 126.74
N THR I 41 3.39 -28.71 126.16
CA THR I 41 4.05 -29.74 126.95
C THR I 41 4.92 -29.12 128.04
N VAL I 42 5.55 -27.98 127.74
CA VAL I 42 6.38 -27.31 128.73
C VAL I 42 5.53 -26.55 129.74
N LEU I 43 4.47 -25.89 129.27
CA LEU I 43 3.60 -25.14 130.17
C LEU I 43 2.66 -26.06 130.94
N GLN I 44 2.33 -27.22 130.38
CA GLN I 44 1.46 -28.16 131.08
C GLN I 44 2.11 -28.63 132.38
N THR I 45 3.42 -28.89 132.36
CA THR I 45 4.11 -29.29 133.57
C THR I 45 4.06 -28.19 134.62
N ILE I 46 4.11 -26.93 134.19
CA ILE I 46 4.04 -25.82 135.15
C ILE I 46 2.73 -25.87 135.92
N ARG I 47 1.62 -26.14 135.23
CA ARG I 47 0.34 -26.26 135.91
C ARG I 47 0.36 -27.43 136.89
N GLN I 48 0.98 -28.55 136.51
CA GLN I 48 1.06 -29.69 137.40
C GLN I 48 1.90 -29.37 138.64
N GLN I 49 3.03 -28.69 138.45
CA GLN I 49 3.86 -28.30 139.58
C GLN I 49 3.09 -27.41 140.54
N GLN I 50 2.37 -26.43 140.00
CA GLN I 50 1.55 -25.56 140.86
C GLN I 50 0.43 -26.34 141.52
N SER I 51 -0.21 -27.24 140.78
CA SER I 51 -1.28 -28.05 141.36
C SER I 51 -0.75 -28.92 142.48
N THR I 52 0.34 -29.66 142.23
CA THR I 52 0.92 -30.50 143.27
C THR I 52 1.48 -29.65 144.40
N LEU I 53 2.09 -28.51 144.08
CA LEU I 53 2.62 -27.63 145.12
C LEU I 53 1.49 -26.97 145.91
N ASN I 54 0.42 -26.58 145.23
CA ASN I 54 -0.72 -25.98 145.93
C ASN I 54 -1.37 -26.99 146.86
N GLY I 55 -1.67 -28.18 146.36
CA GLY I 55 -2.26 -29.21 147.21
C GLY I 55 -1.37 -29.57 148.38
N SER I 56 -0.06 -29.62 148.15
CA SER I 56 0.87 -29.91 149.25
C SER I 56 0.91 -28.77 150.26
N TRP I 57 0.96 -27.53 149.78
CA TRP I 57 0.98 -26.39 150.69
C TRP I 57 -0.32 -26.29 151.48
N VAL I 58 -1.46 -26.64 150.86
CA VAL I 58 -2.72 -26.61 151.58
C VAL I 58 -2.72 -27.65 152.70
N ALA I 59 -2.10 -28.82 152.46
CA ALA I 59 -2.03 -29.84 153.49
C ALA I 59 -1.25 -29.37 154.70
N LEU I 60 -0.16 -28.62 154.46
CA LEU I 60 0.63 -28.11 155.58
C LEU I 60 -0.19 -27.15 156.44
N LEU I 61 -0.92 -26.24 155.80
CA LEU I 61 -1.77 -25.32 156.55
C LEU I 61 -2.91 -26.05 157.24
N GLN I 62 -3.58 -26.94 156.51
CA GLN I 62 -4.63 -27.75 157.13
C GLN I 62 -4.07 -28.62 158.25
N THR I 63 -2.84 -29.11 158.09
CA THR I 63 -2.21 -29.88 159.15
C THR I 63 -1.97 -29.02 160.38
N ARG I 64 -1.38 -27.84 160.20
CA ARG I 64 -1.16 -26.94 161.33
C ARG I 64 -2.49 -26.52 161.96
N ASN I 65 -3.52 -26.34 161.13
CA ASN I 65 -4.84 -26.00 161.67
C ASN I 65 -5.41 -27.16 162.49
N THR I 66 -5.25 -28.39 161.99
CA THR I 66 -5.74 -29.54 162.75
C THR I 66 -5.01 -29.67 164.08
N LEU I 67 -3.71 -29.39 164.10
CA LEU I 67 -2.96 -29.42 165.36
C LEU I 67 -3.44 -28.34 166.32
N ASN I 68 -3.85 -27.18 165.80
CA ASN I 68 -4.36 -26.13 166.67
C ASN I 68 -5.63 -26.58 167.39
N ARG I 69 -6.48 -27.33 166.70
CA ARG I 69 -7.70 -27.84 167.34
C ARG I 69 -7.35 -28.80 168.47
N ALA I 70 -6.31 -29.60 168.30
CA ALA I 70 -5.89 -30.51 169.36
C ALA I 70 -5.43 -29.75 170.59
N GLY I 71 -4.68 -28.67 170.40
CA GLY I 71 -4.25 -27.87 171.53
C GLY I 71 -5.42 -27.21 172.25
N ILE I 72 -6.32 -26.60 171.48
CA ILE I 72 -7.50 -25.98 172.08
C ILE I 72 -8.38 -27.04 172.73
N ARG I 73 -8.62 -28.15 172.03
CA ARG I 73 -9.43 -29.23 172.59
C ARG I 73 -8.78 -29.83 173.82
N TYR I 74 -7.46 -29.74 173.92
CA TYR I 74 -6.76 -30.29 175.09
C TYR I 74 -6.85 -29.35 176.28
N MET I 75 -6.68 -28.05 176.05
CA MET I 75 -6.77 -27.09 177.15
C MET I 75 -8.18 -27.01 177.70
N MET I 76 -9.19 -27.09 176.82
CA MET I 76 -10.57 -27.03 177.28
C MET I 76 -10.92 -28.21 178.17
N ASP I 77 -10.25 -29.35 177.98
CA ASP I 77 -10.52 -30.52 178.83
C ASP I 77 -10.09 -30.26 180.26
N GLN I 78 -8.91 -29.69 180.45
CA GLN I 78 -8.44 -29.40 181.81
C GLN I 78 -9.29 -28.32 182.47
N ASN I 79 -9.67 -27.29 181.70
CA ASN I 79 -10.49 -26.22 182.24
C ASN I 79 -11.98 -26.56 182.27
N ASN I 80 -12.38 -27.70 181.67
CA ASN I 80 -13.78 -28.10 181.67
C ASN I 80 -14.65 -27.03 181.02
N ILE I 81 -14.67 -26.98 179.69
CA ILE I 81 -15.46 -26.02 178.94
C ILE I 81 -16.18 -26.80 177.84
N GLY I 82 -17.38 -27.29 178.13
CA GLY I 82 -18.12 -28.04 177.14
C GLY I 82 -17.45 -29.37 176.84
N SER I 83 -17.82 -29.93 175.68
CA SER I 83 -17.27 -31.20 175.22
C SER I 83 -17.29 -31.23 173.70
N GLY I 84 -16.64 -32.24 173.15
CA GLY I 84 -16.57 -32.40 171.70
C GLY I 84 -15.79 -33.62 171.28
N SER I 85 -15.11 -33.53 170.14
CA SER I 85 -14.34 -34.66 169.64
C SER I 85 -13.15 -34.91 170.55
N THR I 86 -12.81 -36.18 170.73
CA THR I 86 -11.69 -36.56 171.59
C THR I 86 -10.38 -36.06 170.99
N VAL I 87 -9.41 -35.79 171.87
CA VAL I 87 -8.12 -35.27 171.42
C VAL I 87 -7.45 -36.27 170.49
N ALA I 88 -7.54 -37.57 170.81
CA ALA I 88 -6.92 -38.58 169.97
C ALA I 88 -7.47 -38.54 168.54
N GLU I 89 -8.75 -38.23 168.38
CA GLU I 89 -9.33 -38.15 167.04
C GLU I 89 -8.72 -37.01 166.24
N LEU I 90 -8.41 -35.90 166.91
CA LEU I 90 -7.81 -34.77 166.21
C LEU I 90 -6.36 -35.05 165.83
N MET I 91 -5.63 -35.75 166.70
CA MET I 91 -4.25 -36.08 166.41
C MET I 91 -4.17 -37.03 165.21
N GLU I 92 -5.12 -37.94 165.09
CA GLU I 92 -5.13 -38.86 163.94
C GLU I 92 -5.34 -38.11 162.64
N SER I 93 -6.21 -37.09 162.65
CA SER I 93 -6.43 -36.31 161.44
C SER I 93 -5.19 -35.53 161.05
N ALA I 94 -4.40 -35.08 162.03
CA ALA I 94 -3.19 -34.35 161.71
C ALA I 94 -2.18 -35.23 160.99
N SER I 95 -2.06 -36.49 161.40
CA SER I 95 -1.14 -37.40 160.72
C SER I 95 -1.57 -37.64 159.28
N ILE I 96 -2.88 -37.78 159.04
CA ILE I 96 -3.37 -37.97 157.68
C ILE I 96 -3.12 -36.72 156.85
N SER I 97 -3.33 -35.54 157.43
CA SER I 97 -3.07 -34.31 156.70
C SER I 97 -1.59 -34.15 156.42
N LEU I 98 -0.72 -34.49 157.39
CA LEU I 98 0.72 -34.41 157.16
C LEU I 98 1.16 -35.41 156.10
N LYS I 99 0.61 -36.63 156.14
CA LYS I 99 0.96 -37.63 155.14
C LYS I 99 0.51 -37.20 153.76
N GLN I 100 -0.62 -36.48 153.68
CA GLN I 100 -1.10 -35.99 152.39
C GLN I 100 -0.12 -34.99 151.78
N ALA I 101 0.57 -34.21 152.62
CA ALA I 101 1.56 -33.26 152.09
C ALA I 101 2.70 -33.99 151.39
N GLU I 102 3.16 -35.11 151.95
CA GLU I 102 4.22 -35.87 151.32
C GLU I 102 3.76 -36.45 149.99
N LYS I 103 2.50 -36.90 149.92
CA LYS I 103 1.98 -37.44 148.67
C LYS I 103 1.95 -36.35 147.59
N ASN I 104 1.32 -35.21 147.89
CA ASN I 104 1.29 -34.12 146.92
C ASN I 104 2.68 -33.58 146.64
N TRP I 105 3.57 -33.60 147.63
CA TRP I 105 4.93 -33.13 147.42
C TRP I 105 5.79 -34.15 146.70
N ALA I 106 5.49 -35.44 146.86
CA ALA I 106 6.26 -36.47 146.16
C ALA I 106 6.15 -36.31 144.65
N ASP I 107 4.93 -36.05 144.15
CA ASP I 107 4.75 -35.85 142.72
C ASP I 107 5.45 -34.58 142.25
N TYR I 108 5.52 -33.56 143.10
CA TYR I 108 6.19 -32.31 142.73
C TYR I 108 7.66 -32.54 142.41
N GLU I 109 8.30 -33.50 143.08
CA GLU I 109 9.70 -33.81 142.83
C GLU I 109 9.90 -34.71 141.62
N ALA I 110 8.85 -35.43 141.19
CA ALA I 110 8.99 -36.30 140.04
C ALA I 110 8.80 -35.55 138.72
N LEU I 111 7.99 -34.50 138.72
CA LEU I 111 7.77 -33.75 137.50
C LEU I 111 9.06 -33.04 137.09
N PRO I 112 9.22 -32.73 135.79
CA PRO I 112 10.43 -32.05 135.35
C PRO I 112 10.50 -30.61 135.81
N ARG I 113 11.59 -29.91 135.47
CA ARG I 113 11.79 -28.52 135.84
C ARG I 113 12.12 -27.72 134.60
N ASP I 114 11.38 -26.63 134.38
CA ASP I 114 11.63 -25.78 133.22
C ASP I 114 13.01 -25.14 133.35
N PRO I 115 13.84 -25.15 132.31
CA PRO I 115 15.18 -24.55 132.42
C PRO I 115 15.14 -23.05 132.68
N ARG I 116 14.03 -22.38 132.41
CA ARG I 116 13.95 -20.95 132.66
C ARG I 116 13.88 -20.63 134.15
N GLN I 117 13.33 -21.54 134.95
CA GLN I 117 13.23 -21.31 136.38
C GLN I 117 14.62 -21.25 137.01
N SER I 118 14.75 -20.37 138.00
CA SER I 118 16.03 -20.21 138.70
C SER I 118 16.25 -21.39 139.65
N THR I 119 17.45 -21.96 139.60
CA THR I 119 17.77 -23.09 140.48
C THR I 119 17.74 -22.69 141.94
N ALA I 120 18.07 -21.43 142.24
CA ALA I 120 18.06 -20.98 143.63
C ALA I 120 16.64 -20.97 144.19
N ALA I 121 15.66 -20.61 143.37
CA ALA I 121 14.27 -20.58 143.84
C ALA I 121 13.76 -21.99 144.12
N ALA I 122 14.07 -22.94 143.24
CA ALA I 122 13.62 -24.31 143.45
C ALA I 122 14.29 -24.94 144.67
N ALA I 123 15.53 -24.55 144.96
CA ALA I 123 16.23 -25.09 146.12
C ALA I 123 15.83 -24.39 147.41
N GLU I 124 15.52 -23.09 147.35
CA GLU I 124 15.13 -22.37 148.54
C GLU I 124 13.76 -22.83 149.04
N ILE I 125 12.80 -22.98 148.14
CA ILE I 125 11.46 -23.44 148.53
C ILE I 125 11.54 -24.84 149.11
N LYS I 126 12.45 -25.67 148.61
CA LYS I 126 12.59 -27.03 149.15
C LYS I 126 13.14 -27.01 150.56
N ARG I 127 14.12 -26.14 150.83
CA ARG I 127 14.69 -26.06 152.17
C ARG I 127 13.63 -25.66 153.19
N ASN I 128 12.81 -24.66 152.85
CA ASN I 128 11.75 -24.24 153.77
C ASN I 128 10.73 -25.34 153.97
N TYR I 129 10.50 -26.18 152.96
CA TYR I 129 9.55 -27.27 153.10
C TYR I 129 10.04 -28.30 154.12
N ASP I 130 11.34 -28.60 154.09
CA ASP I 130 11.88 -29.56 155.06
C ASP I 130 11.78 -29.03 156.48
N ILE I 131 12.09 -27.75 156.68
CA ILE I 131 11.99 -27.16 158.01
C ILE I 131 10.54 -27.14 158.47
N TYR I 132 9.62 -26.87 157.55
CA TYR I 132 8.19 -26.85 157.92
C TYR I 132 7.67 -28.27 158.13
N HIS I 133 8.02 -29.18 157.22
CA HIS I 133 7.57 -30.57 157.36
C HIS I 133 8.08 -31.18 158.65
N ASN I 134 9.38 -31.00 158.93
CA ASN I 134 9.93 -31.53 160.18
C ASN I 134 9.33 -30.84 161.40
N ALA I 135 8.92 -29.58 161.26
CA ALA I 135 8.30 -28.88 162.37
C ALA I 135 6.95 -29.49 162.72
N LEU I 136 6.09 -29.66 161.73
CA LEU I 136 4.78 -30.27 161.99
C LEU I 136 4.92 -31.69 162.51
N ALA I 137 5.92 -32.43 162.01
CA ALA I 137 6.14 -33.79 162.49
C ALA I 137 6.52 -33.81 163.96
N GLU I 138 7.23 -32.78 164.42
CA GLU I 138 7.61 -32.72 165.84
C GLU I 138 6.42 -32.36 166.71
N LEU I 139 5.51 -31.53 166.21
CA LEU I 139 4.34 -31.17 166.98
C LEU I 139 3.49 -32.37 167.33
N ILE I 140 3.45 -33.38 166.45
CA ILE I 140 2.67 -34.58 166.74
C ILE I 140 3.29 -35.36 167.89
N GLN I 141 4.60 -35.23 168.09
CA GLN I 141 5.26 -35.94 169.18
C GLN I 141 5.12 -35.21 170.51
N LEU I 142 5.07 -33.87 170.48
CA LEU I 142 4.94 -33.10 171.70
C LEU I 142 3.60 -33.38 172.37
N LEU I 143 2.50 -32.94 171.74
CA LEU I 143 1.18 -33.16 172.31
C LEU I 143 0.79 -34.63 172.31
N GLY I 144 1.40 -35.45 171.45
CA GLY I 144 1.09 -36.86 171.42
C GLY I 144 1.41 -37.56 172.73
N ALA I 145 2.44 -37.11 173.43
CA ALA I 145 2.83 -37.69 174.70
C ALA I 145 2.16 -37.00 175.89
N GLY I 146 2.41 -35.71 176.06
CA GLY I 146 1.81 -34.96 177.15
C GLY I 146 2.64 -33.76 177.56
N LYS I 147 2.86 -32.83 176.63
CA LYS I 147 3.65 -31.62 176.88
C LYS I 147 2.97 -30.46 176.13
N ILE I 148 1.82 -30.03 176.62
CA ILE I 148 1.10 -28.94 175.98
C ILE I 148 1.85 -27.62 176.15
N ASN I 149 2.65 -27.49 177.21
CA ASN I 149 3.40 -26.27 177.44
C ASN I 149 4.40 -26.02 176.30
N GLU I 150 5.26 -27.00 176.04
CA GLU I 150 6.23 -26.85 174.96
C GLU I 150 5.57 -26.86 173.59
N PHE I 151 4.33 -27.32 173.49
CA PHE I 151 3.65 -27.34 172.20
C PHE I 151 3.46 -25.94 171.65
N PHE I 152 3.19 -24.97 172.53
CA PHE I 152 3.01 -23.58 172.12
C PHE I 152 4.32 -22.82 172.02
N ASP I 153 5.39 -23.32 172.65
CA ASP I 153 6.67 -22.63 172.63
C ASP I 153 7.42 -22.80 171.32
N GLN I 154 6.95 -23.67 170.43
CA GLN I 154 7.61 -23.89 169.16
C GLN I 154 7.33 -22.74 168.20
N PRO I 155 8.35 -21.94 167.83
CA PRO I 155 8.09 -20.82 166.93
C PRO I 155 7.83 -21.28 165.50
N THR I 156 6.60 -21.70 165.22
CA THR I 156 6.22 -22.17 163.90
C THR I 156 5.77 -21.04 162.98
N GLN I 157 5.47 -19.86 163.52
CA GLN I 157 5.04 -18.74 162.68
C GLN I 157 6.16 -18.30 161.74
N GLY I 158 7.41 -18.37 162.21
CA GLY I 158 8.52 -17.98 161.35
C GLY I 158 8.70 -18.92 160.18
N TYR I 159 8.69 -20.22 160.44
CA TYR I 159 8.83 -21.20 159.36
C TYR I 159 7.62 -21.17 158.45
N GLN I 160 6.42 -21.00 159.00
CA GLN I 160 5.22 -20.94 158.18
C GLN I 160 5.23 -19.71 157.28
N ASP I 161 5.49 -18.54 157.86
CA ASP I 161 5.54 -17.31 157.06
C ASP I 161 6.73 -17.32 156.12
N GLY I 162 7.82 -18.00 156.49
CA GLY I 162 8.99 -18.05 155.62
C GLY I 162 8.69 -18.72 154.29
N PHE I 163 8.01 -19.87 154.35
CA PHE I 163 7.65 -20.57 153.11
C PHE I 163 6.63 -19.78 152.30
N GLU I 164 5.77 -19.00 152.97
CA GLU I 164 4.77 -18.23 152.25
C GLU I 164 5.43 -17.20 151.34
N LYS I 165 6.52 -16.57 151.80
CA LYS I 165 7.22 -15.61 150.96
C LYS I 165 7.77 -16.27 149.70
N GLN I 166 8.41 -17.43 149.85
CA GLN I 166 8.90 -18.16 148.69
C GLN I 166 7.76 -18.81 147.91
N TYR I 167 6.66 -19.15 148.58
CA TYR I 167 5.52 -19.75 147.91
C TYR I 167 4.88 -18.75 146.96
N VAL I 168 4.47 -17.59 147.48
CA VAL I 168 3.87 -16.56 146.64
C VAL I 168 4.87 -16.08 145.61
N ALA I 169 6.15 -16.02 145.97
CA ALA I 169 7.17 -15.60 145.02
C ALA I 169 7.36 -16.63 143.92
N TYR I 170 7.31 -17.91 144.26
CA TYR I 170 7.44 -18.96 143.25
C TYR I 170 6.25 -18.97 142.31
N MET I 171 5.04 -18.85 142.85
CA MET I 171 3.86 -18.79 142.00
C MET I 171 3.88 -17.57 141.10
N GLU I 172 4.34 -16.43 141.62
CA GLU I 172 4.44 -15.24 140.79
C GLU I 172 5.43 -15.42 139.66
N GLN I 173 6.52 -16.14 139.92
CA GLN I 173 7.50 -16.41 138.87
C GLN I 173 6.91 -17.28 137.77
N ASN I 174 6.05 -18.24 138.15
CA ASN I 174 5.42 -19.08 137.15
C ASN I 174 4.57 -18.26 136.18
N ASP I 175 3.90 -17.23 136.70
CA ASP I 175 3.09 -16.38 135.83
C ASP I 175 3.96 -15.62 134.84
N ARG I 176 5.08 -15.06 135.31
CA ARG I 176 5.98 -14.34 134.42
C ARG I 176 6.53 -15.26 133.33
N LEU I 177 7.04 -16.42 133.74
CA LEU I 177 7.56 -17.38 132.76
C LEU I 177 6.45 -17.86 131.82
N HIS I 178 5.22 -17.95 132.31
CA HIS I 178 4.11 -18.37 131.46
C HIS I 178 3.66 -17.24 130.54
N ASP I 179 3.59 -16.01 131.06
CA ASP I 179 3.21 -14.88 130.22
C ASP I 179 4.22 -14.65 129.12
N ILE I 180 5.52 -14.76 129.44
CA ILE I 180 6.55 -14.62 128.42
C ILE I 180 6.40 -15.71 127.37
N ALA I 181 6.05 -16.93 127.80
CA ALA I 181 5.82 -18.00 126.84
C ALA I 181 4.63 -17.69 125.94
N VAL I 182 3.54 -17.18 126.52
CA VAL I 182 2.40 -16.78 125.70
C VAL I 182 2.75 -15.56 124.85
N SER I 183 3.50 -14.61 125.42
CA SER I 183 3.93 -13.45 124.65
C SER I 183 4.81 -13.87 123.49
N ASP I 184 5.83 -14.70 123.76
CA ASP I 184 6.67 -15.20 122.69
C ASP I 184 5.87 -16.08 121.72
N ASN I 185 4.86 -16.79 122.22
CA ASN I 185 4.01 -17.58 121.34
C ASN I 185 3.21 -16.70 120.41
N ASN I 186 2.79 -15.52 120.88
CA ASN I 186 2.07 -14.60 120.02
C ASN I 186 2.94 -14.16 118.85
N ALA I 187 4.24 -14.03 119.07
CA ALA I 187 5.16 -13.69 117.98
C ALA I 187 5.17 -14.78 116.93
N SER I 188 5.28 -16.04 117.35
CA SER I 188 5.25 -17.15 116.40
C SER I 188 3.90 -17.19 115.67
N TYR I 189 2.82 -16.86 116.37
CA TYR I 189 1.51 -16.83 115.73
C TYR I 189 1.47 -15.75 114.66
N SER I 190 1.98 -14.55 114.95
CA SER I 190 2.01 -13.49 113.96
C SER I 190 2.97 -13.83 112.83
N GLN I 191 4.21 -14.18 113.15
CA GLN I 191 5.17 -14.54 112.12
C GLN I 191 4.64 -15.68 111.25
N ALA I 192 3.97 -16.66 111.86
CA ALA I 192 3.39 -17.74 111.07
C ALA I 192 2.32 -17.22 110.11
N MET I 193 1.69 -16.08 110.44
CA MET I 193 0.69 -15.51 109.55
C MET I 193 1.34 -14.73 108.41
N TRP I 194 2.40 -13.98 108.72
CA TRP I 194 3.09 -13.23 107.67
C TRP I 194 3.72 -14.16 106.63
N ILE I 195 4.20 -15.32 107.06
CA ILE I 195 4.76 -16.29 106.12
C ILE I 195 3.69 -16.73 105.13
N LEU I 196 2.46 -16.94 105.61
CA LEU I 196 1.37 -17.31 104.72
C LEU I 196 1.14 -16.24 103.66
N VAL I 197 0.99 -14.99 104.11
CA VAL I 197 0.82 -13.90 103.16
C VAL I 197 2.10 -13.68 102.36
N GLY I 198 3.26 -13.94 102.97
CA GLY I 198 4.52 -13.77 102.25
C GLY I 198 4.66 -14.75 101.10
N VAL I 199 4.21 -15.99 101.30
CA VAL I 199 4.28 -16.97 100.23
C VAL I 199 3.40 -16.56 99.06
N MET I 200 2.28 -15.88 99.33
CA MET I 200 1.42 -15.43 98.27
C MET I 200 2.13 -14.41 97.39
N ILE I 201 2.95 -13.54 97.99
CA ILE I 201 3.70 -12.57 97.21
C ILE I 201 4.65 -13.27 96.24
N VAL I 202 5.17 -14.44 96.63
CA VAL I 202 6.03 -15.19 95.73
C VAL I 202 5.21 -15.98 94.71
N VAL I 203 4.08 -16.56 95.15
CA VAL I 203 3.23 -17.31 94.24
C VAL I 203 2.63 -16.38 93.20
N LEU I 204 1.98 -15.31 93.64
CA LEU I 204 1.38 -14.36 92.70
C LEU I 204 2.43 -13.77 91.77
N ALA I 205 3.66 -13.58 92.28
CA ALA I 205 4.73 -13.09 91.43
C ALA I 205 5.15 -14.13 90.39
N VAL I 206 5.07 -15.41 90.73
CA VAL I 206 5.41 -16.45 89.78
C VAL I 206 4.30 -16.63 88.75
N ILE I 207 3.04 -16.54 89.19
CA ILE I 207 1.92 -16.67 88.25
C ILE I 207 1.98 -15.57 87.20
N PHE I 208 2.38 -14.36 87.61
CA PHE I 208 2.49 -13.27 86.66
C PHE I 208 3.81 -13.30 85.88
N ALA I 209 4.88 -13.80 86.50
CA ALA I 209 6.17 -13.88 85.81
C ALA I 209 6.11 -14.89 84.68
N VAL I 210 5.66 -16.12 84.97
CA VAL I 210 5.58 -17.13 83.92
C VAL I 210 4.54 -16.75 82.88
N TRP I 211 3.50 -16.02 83.28
CA TRP I 211 2.49 -15.59 82.31
C TRP I 211 3.11 -14.73 81.22
N PHE I 212 4.11 -13.92 81.57
CA PHE I 212 4.80 -13.12 80.57
C PHE I 212 5.82 -13.92 79.78
N GLY I 213 6.45 -14.91 80.42
CA GLY I 213 7.42 -15.73 79.71
C GLY I 213 6.77 -16.59 78.63
N ILE I 214 5.60 -17.15 78.93
CA ILE I 214 4.89 -17.96 77.94
C ILE I 214 4.48 -17.10 76.74
N LYS I 215 4.16 -15.83 77.00
CA LYS I 215 3.79 -14.93 75.91
C LYS I 215 4.96 -14.70 74.95
N ALA I 216 6.19 -14.67 75.48
CA ALA I 216 7.39 -14.51 74.67
C ALA I 216 8.01 -15.83 74.27
N SER I 217 7.29 -16.94 74.44
CA SER I 217 7.84 -18.25 74.07
C SER I 217 6.77 -19.24 73.65
N LEU I 218 5.56 -18.78 73.31
CA LEU I 218 4.49 -19.67 72.88
C LEU I 218 3.41 -18.91 72.14
N VAL I 219 3.01 -17.75 72.66
CA VAL I 219 1.98 -16.95 72.03
C VAL I 219 2.56 -16.14 70.87
N ALA I 220 3.48 -15.24 71.17
CA ALA I 220 4.07 -14.41 70.12
C ALA I 220 4.82 -15.23 69.09
N PRO I 221 5.65 -16.21 69.46
CA PRO I 221 6.32 -17.02 68.43
C PRO I 221 5.34 -17.75 67.53
N MET I 222 4.27 -18.31 68.09
CA MET I 222 3.29 -19.03 67.28
C MET I 222 2.63 -18.09 66.28
N ASN I 223 2.42 -16.83 66.66
CA ASN I 223 1.81 -15.87 65.74
C ASN I 223 2.68 -15.66 64.50
N ARG I 224 3.99 -15.81 64.64
CA ARG I 224 4.88 -15.64 63.49
C ARG I 224 4.96 -16.90 62.63
N LEU I 225 4.78 -18.07 63.23
CA LEU I 225 4.86 -19.31 62.46
C LEU I 225 3.59 -19.53 61.65
N ILE I 226 2.43 -19.23 62.23
CA ILE I 226 1.17 -19.41 61.50
C ILE I 226 1.09 -18.44 60.33
N ASP I 227 1.41 -17.17 60.58
CA ASP I 227 1.35 -16.18 59.51
C ASP I 227 2.34 -16.50 58.40
N SER I 228 3.46 -17.15 58.73
CA SER I 228 4.45 -17.50 57.71
C SER I 228 3.87 -18.50 56.72
N ILE I 229 3.10 -19.48 57.20
CA ILE I 229 2.51 -20.47 56.31
C ILE I 229 1.36 -19.85 55.52
N ARG I 230 0.57 -18.98 56.17
CA ARG I 230 -0.53 -18.34 55.47
C ARG I 230 -0.03 -17.44 54.35
N HIS I 231 1.03 -16.67 54.61
CA HIS I 231 1.59 -15.81 53.57
C HIS I 231 2.19 -16.63 52.45
N ILE I 232 2.89 -17.72 52.79
CA ILE I 232 3.48 -18.58 51.75
C ILE I 232 2.38 -19.36 51.02
N ALA I 233 1.30 -19.71 51.71
CA ALA I 233 0.23 -20.45 51.06
C ALA I 233 -0.42 -19.61 49.96
N GLY I 234 -0.55 -18.30 50.18
CA GLY I 234 -1.13 -17.42 49.19
C GLY I 234 -0.20 -17.01 48.08
N GLY I 235 1.04 -17.50 48.09
CA GLY I 235 2.01 -17.18 47.06
C GLY I 235 2.99 -16.07 47.44
N ASP I 236 2.72 -15.35 48.52
CA ASP I 236 3.61 -14.26 48.94
C ASP I 236 4.92 -14.82 49.49
N LEU I 237 5.92 -14.98 48.63
CA LEU I 237 7.23 -15.49 49.02
C LEU I 237 8.24 -14.39 49.27
N VAL I 238 7.81 -13.25 49.80
CA VAL I 238 8.69 -12.12 50.05
C VAL I 238 8.78 -11.75 51.53
N LYS I 239 7.77 -12.11 52.34
CA LYS I 239 7.81 -11.75 53.74
C LYS I 239 8.95 -12.50 54.44
N PRO I 240 9.50 -11.93 55.51
CA PRO I 240 10.61 -12.59 56.22
C PRO I 240 10.11 -13.70 57.14
N ILE I 241 11.07 -14.44 57.69
CA ILE I 241 10.81 -15.53 58.61
C ILE I 241 11.87 -15.47 59.70
N GLU I 242 11.45 -15.13 60.92
CA GLU I 242 12.36 -15.02 62.05
C GLU I 242 12.50 -16.37 62.73
N VAL I 243 13.73 -16.76 63.03
CA VAL I 243 14.04 -18.02 63.69
C VAL I 243 14.40 -17.74 65.14
N ASP I 244 13.97 -18.63 66.04
CA ASP I 244 14.24 -18.47 67.46
C ASP I 244 15.58 -19.07 67.83
N GLY I 245 15.65 -20.41 67.89
CA GLY I 245 16.88 -21.09 68.24
C GLY I 245 16.75 -22.60 68.19
N SER I 246 17.35 -23.28 69.16
CA SER I 246 17.30 -24.74 69.20
C SER I 246 15.96 -25.28 69.68
N ASN I 247 15.10 -24.43 70.24
CA ASN I 247 13.80 -24.88 70.71
C ASN I 247 12.96 -25.39 69.54
N GLU I 248 11.80 -25.95 69.87
CA GLU I 248 10.93 -26.51 68.85
C GLU I 248 10.40 -25.41 67.92
N MET I 249 10.02 -24.26 68.49
CA MET I 249 9.53 -23.16 67.66
C MET I 249 10.60 -22.64 66.71
N GLY I 250 11.88 -22.85 67.03
CA GLY I 250 12.96 -22.42 66.17
C GLY I 250 13.21 -23.39 65.03
N GLN I 251 13.09 -24.68 65.30
CA GLN I 251 13.30 -25.69 64.27
C GLN I 251 12.27 -25.54 63.15
N LEU I 252 11.01 -25.25 63.51
CA LEU I 252 9.98 -25.06 62.49
C LEU I 252 10.30 -23.86 61.62
N ALA I 253 10.66 -22.73 62.25
CA ALA I 253 11.04 -21.55 61.47
C ALA I 253 12.25 -21.83 60.61
N GLU I 254 13.26 -22.51 61.16
CA GLU I 254 14.44 -22.85 60.37
C GLU I 254 14.11 -23.87 59.30
N SER I 255 13.26 -24.85 59.62
CA SER I 255 12.87 -25.85 58.62
C SER I 255 12.03 -25.23 57.51
N LEU I 256 11.24 -24.21 57.84
CA LEU I 256 10.43 -23.56 56.81
C LEU I 256 11.30 -22.84 55.78
N ARG I 257 12.46 -22.36 56.19
CA ARG I 257 13.38 -21.75 55.23
C ARG I 257 13.81 -22.74 54.16
N HIS I 258 14.10 -23.98 54.56
CA HIS I 258 14.48 -25.00 53.59
C HIS I 258 13.36 -25.27 52.59
N MET I 259 12.10 -25.15 53.03
CA MET I 259 10.98 -25.33 52.12
C MET I 259 10.81 -24.13 51.20
N GLN I 260 10.96 -22.92 51.75
CA GLN I 260 10.84 -21.72 50.92
C GLN I 260 12.02 -21.62 49.95
N GLY I 261 13.22 -21.97 50.40
CA GLY I 261 14.37 -21.92 49.52
C GLY I 261 14.20 -22.81 48.30
N GLU I 262 13.68 -24.02 48.51
CA GLU I 262 13.42 -24.92 47.39
C GLU I 262 12.17 -24.52 46.62
N LEU I 263 11.18 -23.92 47.30
CA LEU I 263 9.97 -23.48 46.62
C LEU I 263 10.26 -22.33 45.67
N MET I 264 10.99 -21.31 46.15
CA MET I 264 11.36 -20.20 45.28
C MET I 264 12.23 -20.66 44.13
N ARG I 265 13.13 -21.61 44.38
CA ARG I 265 13.97 -22.14 43.31
C ARG I 265 13.13 -22.89 42.28
N THR I 266 12.19 -23.70 42.74
CA THR I 266 11.32 -24.43 41.81
C THR I 266 10.46 -23.47 41.01
N VAL I 267 9.86 -22.49 41.68
CA VAL I 267 9.03 -21.50 40.98
C VAL I 267 9.88 -20.71 40.00
N GLY I 268 11.11 -20.38 40.38
CA GLY I 268 11.99 -19.66 39.47
C GLY I 268 12.39 -20.49 38.26
N ASP I 269 12.69 -21.76 38.48
CA ASP I 269 13.05 -22.63 37.35
C ASP I 269 11.85 -22.86 36.44
N VAL I 270 10.68 -23.13 37.01
CA VAL I 270 9.48 -23.33 36.21
C VAL I 270 9.11 -22.04 35.49
N ARG I 271 9.24 -20.90 36.17
CA ARG I 271 8.93 -19.62 35.54
C ARG I 271 9.89 -19.33 34.39
N ASN I 272 11.19 -19.46 34.65
CA ASN I 272 12.17 -19.25 33.59
C ASN I 272 12.03 -20.30 32.49
N GLY I 273 11.75 -21.55 32.87
CA GLY I 273 11.56 -22.59 31.88
C GLY I 273 10.33 -22.36 31.04
N ALA I 274 9.23 -21.94 31.66
CA ALA I 274 8.01 -21.67 30.90
C ALA I 274 8.23 -20.54 29.89
N ASN I 275 8.99 -19.52 30.28
CA ASN I 275 9.28 -18.43 29.36
C ASN I 275 10.11 -18.91 28.17
N ALA I 276 11.05 -19.83 28.42
CA ALA I 276 11.86 -20.37 27.33
C ALA I 276 11.01 -21.16 26.35
N ILE I 277 10.05 -21.94 26.85
CA ILE I 277 9.17 -22.69 25.97
C ILE I 277 8.30 -21.75 25.16
N TYR I 278 7.79 -20.69 25.80
CA TYR I 278 6.98 -19.71 25.07
C TYR I 278 7.82 -18.98 24.03
N SER I 279 9.01 -18.53 24.42
CA SER I 279 9.88 -17.85 23.48
C SER I 279 10.37 -18.81 22.39
N GLY I 280 10.74 -20.02 22.78
CA GLY I 280 11.18 -21.00 21.80
C GLY I 280 10.06 -21.41 20.86
N ALA I 281 8.85 -21.57 21.39
CA ALA I 281 7.71 -21.92 20.54
C ALA I 281 7.39 -20.81 19.55
N SER I 282 7.59 -19.55 19.94
CA SER I 282 7.35 -18.44 19.01
C SER I 282 8.31 -18.50 17.82
N GLU I 283 9.54 -18.94 18.05
CA GLU I 283 10.49 -19.07 16.95
C GLU I 283 10.02 -20.12 15.94
N ILE I 284 9.45 -21.23 16.43
CA ILE I 284 8.94 -22.25 15.53
C ILE I 284 7.69 -21.73 14.81
N ALA I 285 6.80 -21.06 15.53
CA ALA I 285 5.61 -20.49 14.89
C ALA I 285 6.00 -19.45 13.85
N THR I 286 6.97 -18.58 14.19
CA THR I 286 7.43 -17.60 13.23
C THR I 286 8.14 -18.25 12.05
N GLY I 287 8.85 -19.36 12.29
CA GLY I 287 9.50 -20.06 11.20
C GLY I 287 8.52 -20.60 10.17
N ASN I 288 7.41 -21.16 10.65
CA ASN I 288 6.39 -21.67 9.73
C ASN I 288 5.77 -20.53 8.92
N ASN I 289 5.59 -19.37 9.54
CA ASN I 289 5.06 -18.22 8.82
C ASN I 289 5.97 -17.83 7.68
N ASP I 290 7.27 -17.69 7.96
CA ASP I 290 8.22 -17.39 6.90
C ASP I 290 8.35 -18.55 5.93
N LEU I 291 8.38 -19.78 6.44
CA LEU I 291 8.44 -20.95 5.57
C LEU I 291 7.18 -21.10 4.73
N SER I 292 6.03 -20.66 5.27
CA SER I 292 4.80 -20.74 4.50
C SER I 292 4.87 -19.89 3.25
N SER I 293 5.48 -18.70 3.35
CA SER I 293 5.64 -17.85 2.18
C SER I 293 6.49 -18.55 1.12
N ARG I 294 7.51 -19.28 1.54
CA ARG I 294 8.32 -20.04 0.58
C ARG I 294 7.52 -21.19 -0.02
N THR I 295 6.66 -21.83 0.78
CA THR I 295 5.83 -22.91 0.27
C THR I 295 4.83 -22.38 -0.76
N GLU I 296 4.15 -21.28 -0.44
CA GLU I 296 3.23 -20.68 -1.39
C GLU I 296 3.97 -20.21 -2.63
N GLN I 297 5.15 -19.61 -2.46
CA GLN I 297 5.95 -19.19 -3.60
C GLN I 297 6.38 -20.39 -4.44
N GLN I 298 6.74 -21.49 -3.77
CA GLN I 298 7.09 -22.71 -4.50
C GLN I 298 5.89 -23.27 -5.25
N ALA I 299 4.72 -23.27 -4.62
CA ALA I 299 3.51 -23.75 -5.29
C ALA I 299 3.20 -22.90 -6.52
N ALA I 300 3.29 -21.57 -6.39
CA ALA I 300 3.05 -20.70 -7.54
C ALA I 300 4.06 -20.95 -8.65
N SER I 301 5.31 -21.30 -8.28
CA SER I 301 6.32 -21.58 -9.29
C SER I 301 5.97 -22.85 -10.07
N LEU I 302 5.49 -23.89 -9.36
CA LEU I 302 5.10 -25.12 -10.03
C LEU I 302 3.92 -24.88 -10.97
N GLU I 303 2.94 -24.08 -10.53
CA GLU I 303 1.82 -23.75 -11.41
C GLU I 303 2.28 -22.98 -12.63
N GLU I 304 3.16 -22.00 -12.44
CA GLU I 304 3.70 -21.26 -13.58
C GLU I 304 4.58 -22.16 -14.44
N THR I 305 5.39 -23.00 -13.81
CA THR I 305 6.23 -23.92 -14.59
C THR I 305 5.38 -24.97 -15.27
N ALA I 306 4.34 -25.47 -14.59
CA ALA I 306 3.47 -26.45 -15.21
C ALA I 306 2.76 -25.87 -16.43
N ALA I 307 2.28 -24.63 -16.31
CA ALA I 307 1.64 -23.99 -17.46
C ALA I 307 2.62 -23.79 -18.61
N SER I 308 3.90 -23.57 -18.29
CA SER I 308 4.89 -23.41 -19.34
C SER I 308 5.04 -24.68 -20.16
N MET I 309 5.02 -25.84 -19.48
CA MET I 309 5.10 -27.11 -20.20
C MET I 309 3.92 -27.30 -21.14
N GLU I 310 2.74 -26.83 -20.71
CA GLU I 310 1.55 -26.93 -21.57
C GLU I 310 1.71 -26.11 -22.84
N GLN I 311 2.46 -25.00 -22.77
CA GLN I 311 2.66 -24.18 -23.94
C GLN I 311 3.73 -24.77 -24.86
N LEU I 312 4.76 -25.40 -24.26
CA LEU I 312 5.81 -26.02 -25.07
C LEU I 312 5.34 -27.31 -25.70
N THR I 313 4.66 -28.16 -24.92
CA THR I 313 4.18 -29.44 -25.45
C THR I 313 3.19 -29.22 -26.59
N ALA I 314 2.43 -28.12 -26.55
CA ALA I 314 1.51 -27.83 -27.64
C ALA I 314 2.25 -27.50 -28.92
N THR I 315 3.36 -26.77 -28.81
CA THR I 315 4.16 -26.45 -29.99
C THR I 315 4.95 -27.65 -30.49
N VAL I 316 5.40 -28.51 -29.58
CA VAL I 316 6.15 -29.70 -30.00
C VAL I 316 5.25 -30.62 -30.81
N LYS I 317 4.06 -30.90 -30.31
CA LYS I 317 3.12 -31.74 -31.05
C LYS I 317 2.72 -31.07 -32.37
N GLN I 318 2.56 -29.75 -32.36
CA GLN I 318 2.26 -29.03 -33.59
C GLN I 318 3.39 -29.17 -34.60
N ASN I 319 4.64 -28.97 -34.14
CA ASN I 319 5.79 -29.15 -35.02
C ASN I 319 6.00 -30.62 -35.34
N ALA I 320 5.70 -31.52 -34.40
CA ALA I 320 5.85 -32.95 -34.67
C ALA I 320 4.81 -33.44 -35.67
N GLU I 321 3.55 -33.04 -35.49
CA GLU I 321 2.50 -33.44 -36.42
C GLU I 321 2.78 -32.91 -37.81
N ASN I 322 3.21 -31.64 -37.90
CA ASN I 322 3.54 -31.07 -39.20
C ASN I 322 4.78 -31.73 -39.80
N ALA I 323 5.72 -32.15 -38.95
CA ALA I 323 6.92 -32.82 -39.45
C ALA I 323 6.56 -34.13 -40.13
N ARG I 324 5.61 -34.88 -39.56
CA ARG I 324 5.20 -36.13 -40.18
C ARG I 324 4.52 -35.87 -41.52
N GLN I 325 3.65 -34.86 -41.58
CA GLN I 325 3.00 -34.53 -42.85
C GLN I 325 4.01 -33.97 -43.85
N ALA I 326 4.98 -33.20 -43.37
CA ALA I 326 6.02 -32.67 -44.25
C ALA I 326 6.88 -33.80 -44.82
N SER I 327 7.04 -34.88 -44.07
CA SER I 327 7.82 -36.02 -44.59
C SER I 327 7.16 -36.60 -45.83
N HIS I 328 5.83 -36.71 -45.83
CA HIS I 328 5.13 -37.21 -47.00
C HIS I 328 5.28 -36.26 -48.18
N LEU I 329 5.17 -34.96 -47.92
CA LEU I 329 5.36 -33.98 -48.99
C LEU I 329 6.80 -33.99 -49.50
N ALA I 330 7.77 -34.04 -48.59
CA ALA I 330 9.16 -34.09 -49.00
C ALA I 330 9.45 -35.39 -49.75
N LEU I 331 8.95 -36.52 -49.25
CA LEU I 331 9.15 -37.79 -49.94
C LEU I 331 8.42 -37.80 -51.27
N SER I 332 7.19 -37.28 -51.29
CA SER I 332 6.44 -37.21 -52.55
C SER I 332 7.09 -36.25 -53.52
N ALA I 333 7.62 -35.12 -53.02
CA ALA I 333 8.30 -34.18 -53.89
C ALA I 333 9.54 -34.80 -54.52
N SER I 334 10.33 -35.53 -53.73
CA SER I 334 11.51 -36.21 -54.28
C SER I 334 11.09 -37.30 -55.24
N GLU I 335 10.11 -38.13 -54.84
CA GLU I 335 9.63 -39.19 -55.74
C GLU I 335 9.06 -38.60 -57.02
N THR I 336 8.31 -37.50 -56.90
CA THR I 336 7.76 -36.85 -58.10
C THR I 336 8.88 -36.36 -59.01
N ALA I 337 10.01 -35.93 -58.43
CA ALA I 337 11.13 -35.48 -59.25
C ALA I 337 11.80 -36.66 -59.95
N GLN I 338 11.93 -37.79 -59.25
CA GLN I 338 12.52 -38.97 -59.87
C GLN I 338 11.69 -39.43 -61.05
N ARG I 339 10.36 -39.49 -60.88
CA ARG I 339 9.49 -39.85 -61.99
C ARG I 339 9.57 -38.80 -63.10
N GLY I 340 9.69 -37.52 -62.73
CA GLY I 340 9.84 -36.49 -63.73
C GLY I 340 11.17 -36.56 -64.46
N GLY I 341 12.23 -36.96 -63.76
CA GLY I 341 13.52 -37.11 -64.42
C GLY I 341 13.48 -38.13 -65.53
N LYS I 342 12.80 -39.25 -65.30
CA LYS I 342 12.65 -40.26 -66.35
C LYS I 342 11.88 -39.70 -67.53
N VAL I 343 10.87 -38.87 -67.27
CA VAL I 343 10.11 -38.24 -68.36
C VAL I 343 11.03 -37.35 -69.18
N VAL I 344 11.93 -36.61 -68.51
CA VAL I 344 12.89 -35.79 -69.24
C VAL I 344 13.85 -36.66 -70.04
N ASP I 345 14.23 -37.82 -69.48
CA ASP I 345 15.11 -38.73 -70.20
C ASP I 345 14.43 -39.28 -71.44
N ASN I 346 13.14 -39.61 -71.35
CA ASN I 346 12.41 -40.09 -72.51
C ASN I 346 12.30 -39.02 -73.58
N VAL I 347 12.18 -37.75 -73.17
CA VAL I 347 12.12 -36.67 -74.16
C VAL I 347 13.44 -36.54 -74.90
N VAL I 348 14.56 -36.86 -74.24
CA VAL I 348 15.85 -36.82 -74.91
C VAL I 348 15.88 -37.81 -76.06
N GLN I 349 15.35 -39.02 -75.84
CA GLN I 349 15.27 -40.00 -76.91
C GLN I 349 14.31 -39.54 -78.01
N THR I 350 13.26 -38.79 -77.65
CA THR I 350 12.35 -38.28 -78.66
C THR I 350 13.06 -37.31 -79.60
N MET I 351 13.93 -36.46 -79.06
CA MET I 351 14.69 -35.55 -79.91
C MET I 351 15.56 -36.32 -80.89
N ARG I 352 16.17 -37.42 -80.45
CA ARG I 352 16.98 -38.23 -81.34
C ARG I 352 16.11 -38.86 -82.42
N ASP I 353 14.92 -39.34 -82.05
CA ASP I 353 14.01 -39.91 -83.03
C ASP I 353 13.56 -38.86 -84.05
N ILE I 354 13.19 -37.67 -83.56
CA ILE I 354 12.80 -36.60 -84.47
C ILE I 354 14.01 -36.11 -85.26
N SER I 355 15.16 -35.97 -84.61
CA SER I 355 16.36 -35.54 -85.31
C SER I 355 16.79 -36.59 -86.33
N THR I 356 16.79 -37.87 -85.93
CA THR I 356 17.15 -38.94 -86.86
C THR I 356 16.17 -38.99 -88.03
N SER I 357 14.87 -38.89 -87.73
CA SER I 357 13.87 -38.87 -88.81
C SER I 357 14.07 -37.68 -89.73
N SER I 358 14.47 -36.54 -89.19
CA SER I 358 14.72 -35.37 -90.03
C SER I 358 15.85 -35.64 -91.02
N GLN I 359 16.89 -36.35 -90.59
CA GLN I 359 17.99 -36.68 -91.49
C GLN I 359 17.52 -37.61 -92.60
N LYS I 360 16.67 -38.59 -92.26
CA LYS I 360 16.14 -39.49 -93.28
C LYS I 360 15.29 -38.72 -94.28
N ILE I 361 14.42 -37.83 -93.80
CA ILE I 361 13.61 -37.02 -94.70
C ILE I 361 14.50 -36.11 -95.53
N ALA I 362 15.53 -35.53 -94.91
CA ALA I 362 16.44 -34.66 -95.65
C ALA I 362 17.14 -35.42 -96.78
N ASP I 363 17.43 -36.71 -96.57
CA ASP I 363 18.05 -37.50 -97.61
C ASP I 363 17.10 -37.72 -98.79
N ILE I 364 15.80 -37.90 -98.50
CA ILE I 364 14.83 -38.08 -99.57
C ILE I 364 14.66 -36.79 -100.35
N ILE I 365 14.61 -35.65 -99.65
CA ILE I 365 14.51 -34.36 -100.33
C ILE I 365 15.70 -34.17 -101.27
N SER I 366 16.88 -34.60 -100.84
CA SER I 366 18.05 -34.52 -101.71
C SER I 366 17.89 -35.41 -102.94
N VAL I 367 17.20 -36.54 -102.80
CA VAL I 367 16.96 -37.42 -103.94
C VAL I 367 15.88 -36.83 -104.84
N ILE I 368 14.81 -36.30 -104.24
CA ILE I 368 13.76 -35.67 -105.04
C ILE I 368 14.32 -34.48 -105.81
N ASP I 369 15.21 -33.71 -105.18
CA ASP I 369 15.83 -32.59 -105.88
C ASP I 369 16.67 -33.08 -107.06
N GLY I 370 17.39 -34.19 -106.88
CA GLY I 370 18.17 -34.72 -107.98
C GLY I 370 17.29 -35.29 -109.09
N ILE I 371 16.27 -36.06 -108.71
CA ILE I 371 15.35 -36.61 -109.70
C ILE I 371 14.56 -35.50 -110.36
N ALA I 372 14.10 -34.51 -109.58
CA ALA I 372 13.37 -33.39 -110.17
C ALA I 372 14.26 -32.58 -111.09
N PHE I 373 15.55 -32.46 -110.76
CA PHE I 373 16.48 -31.73 -111.62
C PHE I 373 16.59 -32.40 -112.98
N GLN I 374 16.78 -33.73 -112.99
CA GLN I 374 16.85 -34.45 -114.25
C GLN I 374 15.54 -34.36 -115.01
N THR I 375 14.42 -34.38 -114.28
CA THR I 375 13.11 -34.26 -114.93
C THR I 375 12.99 -32.91 -115.64
N ASN I 376 13.54 -31.85 -115.05
CA ASN I 376 13.49 -30.55 -115.69
C ASN I 376 14.38 -30.50 -116.91
N ILE I 377 15.57 -31.09 -116.83
CA ILE I 377 16.48 -31.12 -117.97
C ILE I 377 15.92 -32.03 -119.07
N LEU I 378 15.46 -33.22 -118.68
CA LEU I 378 14.87 -34.13 -119.66
C LEU I 378 13.63 -33.52 -120.31
N ALA I 379 12.77 -32.88 -119.51
CA ALA I 379 11.61 -32.22 -120.06
C ALA I 379 11.99 -31.06 -120.96
N LEU I 380 13.13 -30.41 -120.69
CA LEU I 380 13.58 -29.31 -121.53
C LEU I 380 14.01 -29.82 -122.90
N ASN I 381 14.71 -30.94 -122.95
CA ASN I 381 15.13 -31.50 -124.24
C ASN I 381 13.94 -31.87 -125.11
N ALA I 382 12.83 -32.28 -124.49
CA ALA I 382 11.64 -32.61 -125.27
C ALA I 382 11.10 -31.37 -125.98
N ALA I 383 11.16 -30.21 -125.33
CA ALA I 383 10.70 -28.99 -125.98
C ALA I 383 11.63 -28.58 -127.11
N VAL I 384 12.94 -28.76 -126.93
CA VAL I 384 13.88 -28.42 -128.00
C VAL I 384 13.69 -29.34 -129.19
N GLU I 385 13.61 -30.65 -128.94
CA GLU I 385 13.39 -31.60 -130.03
C GLU I 385 12.03 -31.40 -130.67
N ALA I 386 11.04 -30.93 -129.91
CA ALA I 386 9.71 -30.70 -130.47
C ALA I 386 9.73 -29.57 -131.49
N ALA I 387 10.38 -28.46 -131.14
CA ALA I 387 10.47 -27.33 -132.07
C ALA I 387 11.38 -27.63 -133.25
N ARG I 388 12.29 -28.60 -133.13
CA ARG I 388 13.18 -28.94 -134.23
C ARG I 388 12.40 -29.49 -135.41
N ALA I 389 11.32 -30.23 -135.16
CA ALA I 389 10.53 -30.79 -136.25
C ALA I 389 9.68 -29.75 -136.95
N GLY I 390 9.46 -28.60 -136.32
CA GLY I 390 8.66 -27.55 -136.93
C GLY I 390 7.19 -27.70 -136.59
N GLU I 391 6.34 -27.76 -137.62
CA GLU I 391 4.91 -27.91 -137.42
C GLU I 391 4.53 -29.31 -136.93
N GLN I 392 5.43 -30.28 -137.04
CA GLN I 392 5.16 -31.64 -136.59
C GLN I 392 5.49 -31.86 -135.12
N GLY I 393 5.60 -30.78 -134.34
CA GLY I 393 5.91 -30.90 -132.93
C GLY I 393 5.35 -29.76 -132.11
N ARG I 394 4.31 -29.11 -132.62
CA ARG I 394 3.71 -27.99 -131.89
C ARG I 394 3.01 -28.48 -130.62
N GLY I 395 2.45 -29.69 -130.64
CA GLY I 395 1.79 -30.21 -129.45
C GLY I 395 2.77 -30.48 -128.33
N PHE I 396 3.86 -31.18 -128.64
CA PHE I 396 4.85 -31.49 -127.61
C PHE I 396 5.54 -30.24 -127.08
N ALA I 397 5.50 -29.14 -127.83
CA ALA I 397 6.15 -27.91 -127.37
C ALA I 397 5.51 -27.41 -126.09
N VAL I 398 4.18 -27.26 -126.08
CA VAL I 398 3.50 -26.79 -124.89
C VAL I 398 3.46 -27.88 -123.83
N VAL I 399 3.31 -29.14 -124.24
CA VAL I 399 3.31 -30.24 -123.28
C VAL I 399 4.65 -30.33 -122.58
N ALA I 400 5.73 -30.36 -123.36
CA ALA I 400 7.06 -30.40 -122.76
C ALA I 400 7.36 -29.13 -121.98
N GLY I 401 6.91 -27.98 -122.49
CA GLY I 401 7.12 -26.73 -121.77
C GLY I 401 6.40 -26.69 -120.44
N GLU I 402 5.26 -27.38 -120.34
CA GLU I 402 4.51 -27.45 -119.09
C GLU I 402 5.06 -28.51 -118.14
N VAL I 403 5.56 -29.63 -118.67
CA VAL I 403 6.11 -30.67 -117.82
C VAL I 403 7.33 -30.16 -117.08
N ARG I 404 8.22 -29.43 -117.78
CA ARG I 404 9.39 -28.87 -117.12
C ARG I 404 9.00 -27.85 -116.06
N ASN I 405 7.91 -27.11 -116.28
CA ASN I 405 7.46 -26.14 -115.28
C ASN I 405 7.09 -26.84 -113.98
N LEU I 406 6.38 -27.97 -114.07
CA LEU I 406 6.02 -28.71 -112.88
C LEU I 406 7.26 -29.24 -112.16
N ALA I 407 8.31 -29.57 -112.90
CA ALA I 407 9.54 -30.03 -112.28
C ALA I 407 10.21 -28.92 -111.49
N GLN I 408 10.22 -27.70 -112.03
CA GLN I 408 10.80 -26.58 -111.32
C GLN I 408 10.04 -26.30 -110.03
N ARG I 409 8.71 -26.33 -110.09
CA ARG I 409 7.92 -26.13 -108.88
C ARG I 409 8.16 -27.25 -107.87
N SER I 410 8.18 -28.49 -108.34
CA SER I 410 8.47 -29.61 -107.45
C SER I 410 9.89 -29.52 -106.91
N ALA I 411 10.85 -29.17 -107.76
CA ALA I 411 12.23 -29.02 -107.29
C ALA I 411 12.35 -27.84 -106.33
N GLN I 412 11.77 -26.70 -106.69
CA GLN I 412 11.80 -25.55 -105.78
C GLN I 412 11.04 -25.86 -104.49
N ALA I 413 9.92 -26.57 -104.59
CA ALA I 413 9.18 -26.94 -103.39
C ALA I 413 9.98 -27.91 -102.53
N ALA I 414 10.73 -28.81 -103.16
CA ALA I 414 11.56 -29.74 -102.40
C ALA I 414 12.64 -28.99 -101.63
N ARG I 415 13.31 -28.04 -102.28
CA ARG I 415 14.32 -27.25 -101.59
C ARG I 415 13.72 -26.43 -100.46
N GLU I 416 12.46 -26.01 -100.61
CA GLU I 416 11.79 -25.27 -99.54
C GLU I 416 11.65 -26.12 -98.29
N ILE I 417 11.44 -27.43 -98.46
CA ILE I 417 11.35 -28.31 -97.30
C ILE I 417 12.68 -28.37 -96.57
N LYS I 418 13.79 -28.40 -97.32
CA LYS I 418 15.10 -28.42 -96.69
C LYS I 418 15.29 -27.22 -95.78
N SER I 419 14.82 -26.05 -96.19
CA SER I 419 14.90 -24.87 -95.34
C SER I 419 14.11 -25.07 -94.05
N LEU I 420 13.02 -25.84 -94.11
CA LEU I 420 12.24 -26.10 -92.91
C LEU I 420 12.88 -27.19 -92.06
N ILE I 421 13.43 -28.23 -92.69
CA ILE I 421 14.11 -29.28 -91.94
C ILE I 421 15.31 -28.70 -91.21
N GLU I 422 16.15 -27.95 -91.93
CA GLU I 422 17.30 -27.31 -91.28
C GLU I 422 16.85 -26.34 -90.20
N ASP I 423 15.76 -25.60 -90.45
CA ASP I 423 15.23 -24.71 -89.43
C ASP I 423 14.54 -25.49 -88.31
N SER I 424 13.97 -26.65 -88.66
CA SER I 424 13.35 -27.49 -87.63
C SER I 424 14.40 -28.19 -86.80
N VAL I 425 15.47 -28.66 -87.44
CA VAL I 425 16.56 -29.30 -86.69
C VAL I 425 17.26 -28.30 -85.80
N GLY I 426 17.29 -27.02 -86.20
CA GLY I 426 17.90 -26.01 -85.36
C GLY I 426 17.19 -25.85 -84.04
N LYS I 427 15.86 -26.03 -84.04
CA LYS I 427 15.10 -25.95 -82.80
C LYS I 427 15.24 -27.23 -81.98
N VAL I 428 15.48 -28.36 -82.64
CA VAL I 428 15.71 -29.60 -81.90
C VAL I 428 17.01 -29.52 -81.11
N ASP I 429 18.06 -28.95 -81.72
CA ASP I 429 19.33 -28.80 -81.02
C ASP I 429 19.18 -27.82 -79.86
N VAL I 430 18.61 -26.65 -80.12
CA VAL I 430 18.37 -25.68 -79.04
C VAL I 430 17.34 -26.23 -78.07
N GLY I 431 16.30 -26.91 -78.59
CA GLY I 431 15.31 -27.50 -77.71
C GLY I 431 15.87 -28.62 -76.85
N SER I 432 16.74 -29.45 -77.43
CA SER I 432 17.37 -30.52 -76.67
C SER I 432 18.22 -29.94 -75.54
N THR I 433 18.88 -28.80 -75.80
CA THR I 433 19.67 -28.17 -74.75
C THR I 433 18.79 -27.77 -73.57
N LEU I 434 17.60 -27.24 -73.84
CA LEU I 434 16.67 -26.91 -72.77
C LEU I 434 16.21 -28.17 -72.05
N VAL I 435 15.99 -29.26 -72.78
CA VAL I 435 15.62 -30.52 -72.14
C VAL I 435 16.76 -31.02 -71.27
N GLU I 436 18.00 -30.96 -71.79
CA GLU I 436 19.14 -31.36 -70.99
C GLU I 436 19.28 -30.48 -69.76
N SER I 437 19.09 -29.17 -69.93
CA SER I 437 19.14 -28.26 -68.78
C SER I 437 18.02 -28.58 -67.79
N ALA I 438 16.85 -28.94 -68.30
CA ALA I 438 15.75 -29.33 -67.42
C ALA I 438 16.09 -30.59 -66.63
N GLY I 439 16.83 -31.53 -67.24
CA GLY I 439 17.24 -32.71 -66.52
C GLY I 439 18.21 -32.41 -65.39
N GLU I 440 19.04 -31.39 -65.55
CA GLU I 440 19.97 -31.02 -64.49
C GLU I 440 19.21 -30.54 -63.25
N THR I 441 18.13 -29.79 -63.45
CA THR I 441 17.33 -29.34 -62.31
C THR I 441 16.73 -30.52 -61.56
N MET I 442 16.33 -31.58 -62.29
CA MET I 442 15.80 -32.77 -61.63
C MET I 442 16.82 -33.37 -60.68
N ALA I 443 18.08 -33.46 -61.11
CA ALA I 443 19.13 -33.97 -60.23
C ALA I 443 19.26 -33.11 -58.98
N GLU I 444 19.13 -31.80 -59.13
CA GLU I 444 19.19 -30.93 -57.96
C GLU I 444 17.99 -31.13 -57.05
N ILE I 445 16.80 -31.29 -57.62
CA ILE I 445 15.61 -31.55 -56.81
C ILE I 445 15.70 -32.93 -56.18
N VAL I 446 16.15 -33.93 -56.95
CA VAL I 446 16.30 -35.28 -56.40
C VAL I 446 17.42 -35.33 -55.36
N SER I 447 18.39 -34.42 -55.44
CA SER I 447 19.49 -34.38 -54.49
C SER I 447 19.26 -33.42 -53.34
N ALA I 448 18.56 -32.31 -53.59
CA ALA I 448 18.29 -31.33 -52.53
C ALA I 448 17.13 -31.77 -51.66
N VAL I 449 15.99 -32.10 -52.28
CA VAL I 449 14.83 -32.53 -51.51
C VAL I 449 15.12 -33.84 -50.78
N THR I 450 15.90 -34.72 -51.40
CA THR I 450 16.26 -35.97 -50.73
C THR I 450 17.05 -35.70 -49.46
N ARG I 451 17.99 -34.75 -49.51
CA ARG I 451 18.72 -34.38 -48.30
C ARG I 451 17.79 -33.77 -47.27
N VAL I 452 16.80 -32.99 -47.72
CA VAL I 452 15.83 -32.41 -46.80
C VAL I 452 15.04 -33.51 -46.10
N THR I 453 14.68 -34.56 -46.83
CA THR I 453 13.96 -35.68 -46.22
C THR I 453 14.82 -36.34 -45.14
N ASP I 454 16.13 -36.44 -45.38
CA ASP I 454 17.00 -37.00 -44.36
C ASP I 454 17.07 -36.10 -43.13
N ILE I 455 17.04 -34.78 -43.34
CA ILE I 455 17.05 -33.86 -42.21
C ILE I 455 15.76 -33.97 -41.42
N MET I 456 14.64 -34.23 -42.10
CA MET I 456 13.37 -34.41 -41.38
C MET I 456 13.41 -35.62 -40.46
N GLY I 457 14.25 -36.61 -40.78
CA GLY I 457 14.39 -37.76 -39.90
C GLY I 457 14.82 -37.36 -38.51
N GLU I 458 15.72 -36.38 -38.41
CA GLU I 458 16.14 -35.88 -37.10
C GLU I 458 15.12 -34.92 -36.51
N ILE I 459 14.43 -34.15 -37.35
CA ILE I 459 13.40 -33.24 -36.85
C ILE I 459 12.27 -34.03 -36.20
N ALA I 460 11.75 -35.03 -36.92
CA ALA I 460 10.69 -35.86 -36.35
C ALA I 460 11.20 -36.67 -35.16
N SER I 461 12.42 -37.20 -35.27
CA SER I 461 12.98 -37.97 -34.16
C SER I 461 13.24 -37.07 -32.95
N ALA I 462 13.87 -35.92 -33.18
CA ALA I 462 14.12 -35.00 -32.07
C ALA I 462 12.82 -34.48 -31.49
N SER I 463 11.81 -34.22 -32.35
CA SER I 463 10.53 -33.76 -31.85
C SER I 463 9.89 -34.78 -30.92
N ASP I 464 10.07 -36.07 -31.22
CA ASP I 464 9.54 -37.11 -30.34
C ASP I 464 10.23 -37.07 -28.99
N GLU I 465 11.53 -36.81 -28.97
CA GLU I 465 12.25 -36.71 -27.70
C GLU I 465 11.74 -35.52 -26.88
N GLN I 466 11.46 -34.39 -27.55
CA GLN I 466 10.92 -33.24 -26.83
C GLN I 466 9.54 -33.54 -26.27
N SER I 467 8.73 -34.30 -27.00
CA SER I 467 7.41 -34.68 -26.51
C SER I 467 7.52 -35.52 -25.25
N ARG I 468 8.21 -36.66 -25.34
CA ARG I 468 8.39 -37.51 -24.17
C ARG I 468 9.18 -36.79 -23.08
N GLY I 469 10.12 -35.94 -23.48
CA GLY I 469 10.90 -35.20 -22.49
C GLY I 469 10.05 -34.26 -21.67
N ILE I 470 9.24 -33.44 -22.34
CA ILE I 470 8.36 -32.52 -21.62
C ILE I 470 7.33 -33.29 -20.81
N ASP I 471 6.92 -34.46 -21.28
CA ASP I 471 5.96 -35.27 -20.51
C ASP I 471 6.55 -35.68 -19.16
N GLN I 472 7.80 -36.15 -19.17
CA GLN I 472 8.45 -36.51 -17.91
C GLN I 472 8.62 -35.29 -17.02
N VAL I 473 8.85 -34.12 -17.62
CA VAL I 473 8.96 -32.89 -16.83
C VAL I 473 7.62 -32.54 -16.21
N GLY I 474 6.55 -32.63 -17.00
CA GLY I 474 5.22 -32.37 -16.45
C GLY I 474 4.85 -33.35 -15.34
N LEU I 475 5.23 -34.62 -15.51
CA LEU I 475 4.97 -35.60 -14.46
C LEU I 475 5.72 -35.25 -13.18
N ALA I 476 7.01 -34.90 -13.32
CA ALA I 476 7.78 -34.50 -12.15
C ALA I 476 7.19 -33.26 -11.51
N VAL I 477 6.77 -32.27 -12.32
CA VAL I 477 6.14 -31.08 -11.78
C VAL I 477 4.84 -31.44 -11.08
N ALA I 478 4.08 -32.37 -11.66
CA ALA I 478 2.85 -32.81 -11.02
C ALA I 478 3.14 -33.51 -9.68
N GLU I 479 4.22 -34.27 -9.62
CA GLU I 479 4.61 -34.93 -8.37
C GLU I 479 4.99 -33.89 -7.32
N MET I 480 5.85 -32.94 -7.69
CA MET I 480 6.22 -31.88 -6.75
C MET I 480 5.03 -31.03 -6.36
N ASP I 481 4.05 -30.89 -7.26
CA ASP I 481 2.84 -30.14 -6.93
C ASP I 481 2.10 -30.79 -5.76
N ARG I 482 1.90 -32.11 -5.83
CA ARG I 482 1.26 -32.81 -4.72
C ARG I 482 2.15 -32.78 -3.49
N VAL I 483 3.46 -32.94 -3.66
CA VAL I 483 4.37 -32.89 -2.53
C VAL I 483 4.32 -31.52 -1.87
N THR I 484 4.16 -30.47 -2.68
CA THR I 484 4.05 -29.12 -2.12
C THR I 484 2.82 -28.98 -1.23
N GLN I 485 1.71 -29.61 -1.63
CA GLN I 485 0.50 -29.56 -0.81
C GLN I 485 0.71 -30.30 0.51
N GLN I 486 1.39 -31.45 0.48
CA GLN I 486 1.66 -32.17 1.70
C GLN I 486 2.58 -31.38 2.62
N ASN I 487 3.54 -30.64 2.04
CA ASN I 487 4.42 -29.82 2.85
C ASN I 487 3.65 -28.72 3.57
N ALA I 488 2.68 -28.10 2.87
CA ALA I 488 1.86 -27.08 3.51
C ALA I 488 1.09 -27.65 4.70
N ALA I 489 0.66 -28.91 4.59
CA ALA I 489 -0.05 -29.53 5.71
C ALA I 489 0.88 -29.70 6.91
N LEU I 490 2.12 -30.13 6.67
CA LEU I 490 3.06 -30.27 7.77
C LEU I 490 3.45 -28.90 8.33
N VAL I 491 3.67 -27.92 7.46
CA VAL I 491 3.98 -26.58 7.93
C VAL I 491 2.79 -26.00 8.70
N GLU I 492 1.58 -26.18 8.18
CA GLU I 492 0.40 -25.71 8.88
C GLU I 492 0.18 -26.50 10.17
N GLU I 493 0.42 -27.82 10.13
CA GLU I 493 0.29 -28.62 11.34
C GLU I 493 1.32 -28.21 12.39
N SER I 494 2.56 -27.98 11.96
CA SER I 494 3.58 -27.52 12.89
C SER I 494 3.26 -26.14 13.45
N ALA I 495 2.72 -25.26 12.60
CA ALA I 495 2.33 -23.93 13.07
C ALA I 495 1.20 -24.04 14.09
N ALA I 496 0.16 -24.82 13.77
CA ALA I 496 -0.93 -25.01 14.72
C ALA I 496 -0.45 -25.75 15.96
N ALA I 497 0.40 -26.76 15.79
CA ALA I 497 0.94 -27.48 16.93
C ALA I 497 1.86 -26.58 17.77
N ALA I 498 2.65 -25.75 17.10
CA ALA I 498 3.52 -24.82 17.83
C ALA I 498 2.69 -23.82 18.62
N ALA I 499 1.58 -23.34 18.04
CA ALA I 499 0.71 -22.42 18.77
C ALA I 499 0.12 -23.07 20.00
N ALA I 500 -0.15 -24.38 19.95
CA ALA I 500 -0.68 -25.07 21.12
C ALA I 500 0.33 -25.07 22.26
N LEU I 501 1.62 -25.23 21.94
CA LEU I 501 2.63 -25.18 22.99
C LEU I 501 2.70 -23.82 23.65
N GLU I 502 2.46 -22.75 22.88
CA GLU I 502 2.45 -21.42 23.48
C GLU I 502 1.34 -21.28 24.50
N GLU I 503 0.19 -21.89 24.22
CA GLU I 503 -0.92 -21.85 25.18
C GLU I 503 -0.57 -22.62 26.45
N GLN I 504 0.09 -23.76 26.32
CA GLN I 504 0.49 -24.53 27.49
C GLN I 504 1.44 -23.72 28.37
N ALA I 505 2.35 -22.97 27.76
CA ALA I 505 3.26 -22.14 28.54
C ALA I 505 2.50 -21.10 29.35
N SER I 506 1.38 -20.60 28.84
CA SER I 506 0.59 -19.63 29.58
C SER I 506 -0.19 -20.31 30.72
N ARG I 507 -0.70 -21.51 30.47
CA ARG I 507 -1.42 -22.24 31.52
C ARG I 507 -0.50 -22.56 32.69
N LEU I 508 0.69 -23.08 32.40
CA LEU I 508 1.65 -23.37 33.46
C LEU I 508 2.10 -22.10 34.16
N THR I 509 2.28 -21.01 33.41
CA THR I 509 2.66 -19.74 34.01
C THR I 509 1.56 -19.20 34.91
N GLU I 510 0.29 -19.40 34.52
CA GLU I 510 -0.81 -18.93 35.35
C GLU I 510 -0.88 -19.68 36.68
N ALA I 511 -0.56 -20.98 36.65
CA ALA I 511 -0.57 -21.76 37.89
C ALA I 511 0.48 -21.25 38.88
N VAL I 512 1.71 -21.07 38.41
CA VAL I 512 2.79 -20.55 39.26
C VAL I 512 2.71 -19.05 39.44
N ALA I 513 1.75 -18.37 38.78
CA ALA I 513 1.65 -16.93 38.92
C ALA I 513 1.34 -16.52 40.36
N VAL I 514 0.71 -17.41 41.13
CA VAL I 514 0.40 -17.10 42.52
C VAL I 514 1.68 -16.91 43.32
N PHE I 515 2.61 -17.86 43.21
CA PHE I 515 3.88 -17.78 43.92
C PHE I 515 4.78 -16.75 43.22
N ARG I 516 5.10 -15.68 43.94
CA ARG I 516 5.96 -14.63 43.40
C ARG I 516 7.36 -15.17 43.12
N MET J 1 -10.71 -31.37 78.92
CA MET J 1 -10.05 -32.09 77.79
C MET J 1 -8.90 -31.26 77.25
N LEU J 2 -7.67 -31.65 77.61
CA LEU J 2 -6.49 -30.91 77.18
C LEU J 2 -6.30 -30.96 75.68
N LYS J 3 -6.89 -31.95 75.00
CA LYS J 3 -6.75 -32.08 73.56
C LYS J 3 -7.62 -31.12 72.77
N ARG J 4 -8.36 -30.25 73.45
CA ARG J 4 -9.23 -29.28 72.77
C ARG J 4 -9.10 -27.88 73.35
N ILE J 5 -8.93 -27.74 74.66
CA ILE J 5 -8.79 -26.43 75.27
C ILE J 5 -7.46 -25.81 74.84
N LYS J 6 -7.44 -24.48 74.75
CA LYS J 6 -6.24 -23.78 74.35
C LYS J 6 -5.12 -24.02 75.36
N ILE J 7 -3.88 -23.96 74.87
CA ILE J 7 -2.72 -24.16 75.74
C ILE J 7 -2.56 -23.01 76.70
N VAL J 8 -2.75 -21.78 76.23
CA VAL J 8 -2.62 -20.61 77.10
C VAL J 8 -3.70 -20.64 78.18
N THR J 9 -4.93 -21.00 77.80
CA THR J 9 -6.01 -21.06 78.78
C THR J 9 -5.80 -22.22 79.74
N SER J 10 -5.30 -23.36 79.24
CA SER J 10 -5.06 -24.51 80.10
C SER J 10 -4.00 -24.20 81.16
N LEU J 11 -2.86 -23.66 80.72
CA LEU J 11 -1.80 -23.34 81.67
C LEU J 11 -2.19 -22.18 82.57
N LEU J 12 -2.99 -21.24 82.07
CA LEU J 12 -3.42 -20.11 82.89
C LEU J 12 -4.24 -20.58 84.08
N LEU J 13 -5.20 -21.48 83.85
CA LEU J 13 -6.01 -21.99 84.94
C LEU J 13 -5.18 -22.82 85.91
N VAL J 14 -4.17 -23.53 85.41
CA VAL J 14 -3.31 -24.32 86.28
C VAL J 14 -2.58 -23.43 87.27
N LEU J 15 -2.00 -22.32 86.77
CA LEU J 15 -1.33 -21.39 87.66
C LEU J 15 -2.30 -20.79 88.67
N ALA J 16 -3.56 -20.63 88.29
CA ALA J 16 -4.56 -20.11 89.23
C ALA J 16 -4.95 -21.15 90.27
N VAL J 17 -4.94 -22.44 89.91
CA VAL J 17 -5.27 -23.48 90.87
C VAL J 17 -4.23 -23.51 91.98
N PHE J 18 -2.95 -23.33 91.64
CA PHE J 18 -1.91 -23.30 92.67
C PHE J 18 -2.17 -22.18 93.68
N GLY J 19 -2.65 -21.03 93.20
CA GLY J 19 -2.98 -19.94 94.10
C GLY J 19 -4.18 -20.26 94.99
N LEU J 20 -5.15 -21.00 94.45
CA LEU J 20 -6.31 -21.39 95.25
C LEU J 20 -5.94 -22.44 96.28
N LEU J 21 -5.16 -23.44 95.88
CA LEU J 21 -4.74 -24.47 96.83
C LEU J 21 -3.88 -23.88 97.94
N GLN J 22 -3.08 -22.85 97.63
CA GLN J 22 -2.28 -22.20 98.64
C GLN J 22 -3.16 -21.56 99.71
N LEU J 23 -4.19 -20.83 99.29
CA LEU J 23 -5.12 -20.25 100.24
C LEU J 23 -5.97 -21.32 100.91
N THR J 24 -6.40 -22.32 100.14
CA THR J 24 -7.16 -23.42 100.72
C THR J 24 -6.31 -24.19 101.73
N SER J 25 -5.09 -24.54 101.34
CA SER J 25 -4.19 -25.22 102.26
C SER J 25 -3.79 -24.29 103.42
N GLY J 26 -3.29 -23.11 103.08
CA GLY J 26 -2.94 -22.15 104.12
C GLY J 26 -4.09 -21.80 105.03
N GLY J 27 -5.31 -21.79 104.48
CA GLY J 27 -6.48 -21.51 105.30
C GLY J 27 -6.67 -22.54 106.41
N LEU J 28 -6.33 -23.80 106.13
CA LEU J 28 -6.44 -24.82 107.16
C LEU J 28 -5.35 -24.66 108.21
N PHE J 29 -4.12 -24.35 107.78
CA PHE J 29 -3.05 -24.10 108.74
C PHE J 29 -3.37 -22.89 109.60
N PHE J 30 -3.88 -21.82 108.99
CA PHE J 30 -4.27 -20.65 109.77
C PHE J 30 -5.37 -21.00 110.77
N ASN J 31 -6.29 -21.88 110.38
CA ASN J 31 -7.32 -22.32 111.32
C ASN J 31 -6.70 -23.05 112.51
N ALA J 32 -5.70 -23.90 112.25
CA ALA J 32 -5.00 -24.56 113.35
C ALA J 32 -4.31 -23.56 114.24
N LEU J 33 -3.61 -22.59 113.64
CA LEU J 33 -2.97 -21.53 114.44
C LEU J 33 -4.01 -20.74 115.21
N LYS J 34 -5.15 -20.44 114.58
CA LYS J 34 -6.21 -19.73 115.29
C LYS J 34 -6.76 -20.57 116.45
N ASN J 35 -6.96 -21.87 116.21
CA ASN J 35 -7.40 -22.74 117.30
C ASN J 35 -6.37 -22.80 118.41
N ASP J 36 -5.09 -22.78 118.05
CA ASP J 36 -4.04 -22.76 119.07
C ASP J 36 -4.10 -21.47 119.89
N LYS J 37 -4.33 -20.34 119.23
CA LYS J 37 -4.46 -19.08 119.95
C LYS J 37 -5.59 -19.14 120.96
N GLU J 38 -6.69 -19.81 120.61
CA GLU J 38 -7.79 -19.96 121.55
C GLU J 38 -7.41 -20.86 122.72
N ASN J 39 -6.53 -21.85 122.48
CA ASN J 39 -6.09 -22.72 123.56
C ASN J 39 -5.32 -21.94 124.61
N PHE J 40 -4.33 -21.16 124.19
CA PHE J 40 -3.58 -20.33 125.13
C PHE J 40 -4.52 -19.38 125.88
N THR J 41 -5.53 -18.85 125.19
CA THR J 41 -6.49 -17.98 125.86
C THR J 41 -7.30 -18.77 126.89
N VAL J 42 -7.59 -20.03 126.60
CA VAL J 42 -8.31 -20.86 127.56
C VAL J 42 -7.40 -21.24 128.72
N LEU J 43 -6.19 -21.71 128.41
CA LEU J 43 -5.24 -22.05 129.47
C LEU J 43 -4.86 -20.82 130.28
N GLN J 44 -4.65 -19.69 129.62
CA GLN J 44 -4.35 -18.45 130.35
C GLN J 44 -5.49 -18.07 131.29
N THR J 45 -6.73 -18.40 130.93
CA THR J 45 -7.87 -18.11 131.78
C THR J 45 -7.98 -19.13 132.91
N ILE J 46 -7.97 -20.43 132.57
CA ILE J 46 -8.09 -21.47 133.58
C ILE J 46 -6.92 -21.41 134.55
N ARG J 47 -5.72 -21.07 134.05
CA ARG J 47 -4.56 -21.00 134.91
C ARG J 47 -4.65 -19.83 135.88
N GLN J 48 -4.95 -18.64 135.35
CA GLN J 48 -5.06 -17.47 136.21
C GLN J 48 -6.16 -17.64 137.26
N GLN J 49 -7.24 -18.35 136.91
CA GLN J 49 -8.28 -18.61 137.90
C GLN J 49 -7.72 -19.40 139.09
N GLN J 50 -6.73 -20.25 138.85
CA GLN J 50 -6.10 -20.97 139.95
C GLN J 50 -5.21 -20.04 140.78
N SER J 51 -4.39 -19.23 140.11
CA SER J 51 -3.53 -18.30 140.82
C SER J 51 -4.35 -17.31 141.63
N THR J 52 -5.35 -16.69 141.02
CA THR J 52 -6.20 -15.75 141.74
C THR J 52 -6.93 -16.46 142.88
N LEU J 53 -7.33 -17.72 142.67
CA LEU J 53 -7.98 -18.49 143.72
C LEU J 53 -6.98 -19.13 144.67
N ASN J 54 -5.74 -19.33 144.23
CA ASN J 54 -4.72 -19.91 145.11
C ASN J 54 -4.45 -19.00 146.29
N GLY J 55 -3.96 -17.78 146.03
CA GLY J 55 -3.72 -16.84 147.10
C GLY J 55 -4.97 -16.52 147.90
N SER J 56 -6.13 -16.51 147.25
CA SER J 56 -7.37 -16.27 147.97
C SER J 56 -7.63 -17.37 148.99
N TRP J 57 -7.61 -18.63 148.54
CA TRP J 57 -7.81 -19.74 149.47
C TRP J 57 -6.68 -19.80 150.49
N VAL J 58 -5.46 -19.51 150.07
CA VAL J 58 -4.34 -19.49 151.01
C VAL J 58 -4.54 -18.37 152.03
N ALA J 59 -5.05 -17.22 151.58
CA ALA J 59 -5.31 -16.12 152.50
C ALA J 59 -6.33 -16.52 153.56
N LEU J 60 -7.35 -17.28 153.16
CA LEU J 60 -8.34 -17.75 154.14
C LEU J 60 -7.71 -18.71 155.14
N LEU J 61 -6.83 -19.60 154.67
CA LEU J 61 -6.15 -20.51 155.59
C LEU J 61 -5.27 -19.75 156.57
N GLN J 62 -4.51 -18.77 156.08
CA GLN J 62 -3.69 -17.96 156.96
C GLN J 62 -4.56 -17.20 157.97
N THR J 63 -5.73 -16.74 157.53
CA THR J 63 -6.65 -16.07 158.45
C THR J 63 -7.22 -17.06 159.46
N ARG J 64 -7.78 -18.17 158.99
CA ARG J 64 -8.31 -19.18 159.89
C ARG J 64 -7.23 -19.70 160.83
N ASN J 65 -6.06 -20.04 160.27
CA ASN J 65 -4.96 -20.54 161.10
C ASN J 65 -4.53 -19.50 162.11
N THR J 66 -4.52 -18.22 161.73
CA THR J 66 -4.15 -17.17 162.66
C THR J 66 -5.19 -17.02 163.77
N LEU J 67 -6.47 -17.10 163.41
CA LEU J 67 -7.52 -17.01 164.42
C LEU J 67 -7.45 -18.18 165.40
N ASN J 68 -7.09 -19.37 164.91
CA ASN J 68 -6.93 -20.52 165.79
C ASN J 68 -5.82 -20.26 166.81
N ARG J 69 -4.67 -19.77 166.33
CA ARG J 69 -3.57 -19.44 167.25
C ARG J 69 -3.91 -18.23 168.11
N ALA J 70 -4.74 -17.33 167.60
CA ALA J 70 -5.14 -16.17 168.38
C ALA J 70 -5.92 -16.57 169.62
N GLY J 71 -6.86 -17.51 169.47
CA GLY J 71 -7.61 -17.98 170.62
C GLY J 71 -6.73 -18.68 171.63
N ILE J 72 -5.72 -19.41 171.16
CA ILE J 72 -4.80 -20.08 172.07
C ILE J 72 -4.03 -19.08 172.90
N ARG J 73 -3.62 -17.97 172.27
CA ARG J 73 -2.89 -16.93 173.01
C ARG J 73 -3.74 -16.33 174.11
N TYR J 74 -5.05 -16.23 173.90
CA TYR J 74 -5.93 -15.70 174.94
C TYR J 74 -6.03 -16.64 176.12
N MET J 75 -5.97 -17.95 175.88
CA MET J 75 -6.02 -18.92 176.98
C MET J 75 -4.81 -18.80 177.87
N MET J 76 -3.66 -18.42 177.32
CA MET J 76 -2.45 -18.28 178.14
C MET J 76 -2.60 -17.15 179.14
N ASP J 77 -3.30 -16.07 178.76
CA ASP J 77 -3.50 -14.96 179.69
C ASP J 77 -4.38 -15.37 180.87
N GLN J 78 -5.34 -16.26 180.65
CA GLN J 78 -6.21 -16.71 181.74
C GLN J 78 -5.48 -17.67 182.66
N ASN J 79 -4.71 -18.61 182.09
CA ASN J 79 -3.97 -19.58 182.88
C ASN J 79 -2.55 -19.12 183.21
N ASN J 80 -2.08 -18.04 182.62
CA ASN J 80 -0.74 -17.53 182.88
C ASN J 80 0.31 -18.59 182.57
N ILE J 81 0.65 -18.75 181.30
CA ILE J 81 1.63 -19.73 180.85
C ILE J 81 2.54 -19.02 179.86
N GLY J 82 3.74 -18.65 180.31
CA GLY J 82 4.67 -17.96 179.44
C GLY J 82 4.17 -16.59 179.02
N SER J 83 4.74 -16.10 177.92
CA SER J 83 4.38 -14.79 177.39
C SER J 83 4.75 -14.77 175.91
N GLY J 84 4.45 -13.66 175.26
CA GLY J 84 4.75 -13.50 173.84
C GLY J 84 3.94 -12.37 173.25
N SER J 85 3.61 -12.52 171.97
CA SER J 85 2.83 -11.50 171.27
C SER J 85 1.42 -11.43 171.84
N THR J 86 0.94 -10.21 172.08
CA THR J 86 -0.39 -10.02 172.62
C THR J 86 -1.44 -10.49 171.62
N VAL J 87 -2.69 -10.52 172.09
CA VAL J 87 -3.79 -10.97 171.22
C VAL J 87 -4.08 -9.92 170.15
N ALA J 88 -3.88 -8.64 170.46
CA ALA J 88 -4.15 -7.59 169.47
C ALA J 88 -3.26 -7.75 168.25
N GLU J 89 -2.02 -8.19 168.46
CA GLU J 89 -1.11 -8.38 167.33
C GLU J 89 -1.53 -9.57 166.47
N LEU J 90 -1.97 -10.66 167.11
CA LEU J 90 -2.40 -11.83 166.36
C LEU J 90 -3.67 -11.54 165.56
N MET J 91 -4.63 -10.84 166.18
CA MET J 91 -5.86 -10.49 165.46
C MET J 91 -5.57 -9.56 164.29
N GLU J 92 -4.57 -8.69 164.42
CA GLU J 92 -4.23 -7.79 163.32
C GLU J 92 -3.72 -8.58 162.12
N SER J 93 -2.93 -9.63 162.36
CA SER J 93 -2.44 -10.45 161.26
C SER J 93 -3.59 -11.14 160.55
N ALA J 94 -4.59 -11.61 161.30
CA ALA J 94 -5.75 -12.24 160.66
C ALA J 94 -6.54 -11.23 159.83
N SER J 95 -6.60 -9.98 160.29
CA SER J 95 -7.30 -8.95 159.53
C SER J 95 -6.60 -8.69 158.20
N ILE J 96 -5.27 -8.56 158.22
CA ILE J 96 -4.52 -8.36 156.98
C ILE J 96 -4.67 -9.56 156.07
N SER J 97 -4.66 -10.77 156.64
CA SER J 97 -4.85 -11.97 155.84
C SER J 97 -6.27 -12.04 155.29
N LEU J 98 -7.26 -11.60 156.08
CA LEU J 98 -8.64 -11.59 155.60
C LEU J 98 -8.80 -10.65 154.42
N LYS J 99 -8.28 -9.43 154.54
CA LYS J 99 -8.34 -8.49 153.43
C LYS J 99 -7.56 -8.99 152.23
N GLN J 100 -6.49 -9.74 152.45
CA GLN J 100 -5.72 -10.29 151.35
C GLN J 100 -6.55 -11.24 150.51
N ALA J 101 -7.49 -11.95 151.14
CA ALA J 101 -8.36 -12.86 150.39
C ALA J 101 -9.27 -12.08 149.43
N GLU J 102 -9.80 -10.95 149.89
CA GLU J 102 -10.65 -10.14 149.03
C GLU J 102 -9.87 -9.59 147.84
N LYS J 103 -8.62 -9.19 148.06
CA LYS J 103 -7.80 -8.69 146.97
C LYS J 103 -7.53 -9.78 145.94
N ASN J 104 -7.14 -10.97 146.41
CA ASN J 104 -6.91 -12.08 145.49
C ASN J 104 -8.21 -12.59 144.90
N TRP J 105 -9.29 -12.57 145.69
CA TRP J 105 -10.58 -13.01 145.18
C TRP J 105 -11.17 -12.00 144.20
N ALA J 106 -10.80 -10.72 144.34
CA ALA J 106 -11.31 -9.70 143.42
C ALA J 106 -10.85 -9.98 142.00
N ASP J 107 -9.58 -10.33 141.82
CA ASP J 107 -9.07 -10.64 140.48
C ASP J 107 -9.74 -11.89 139.92
N TYR J 108 -10.11 -12.84 140.79
CA TYR J 108 -10.78 -14.05 140.32
C TYR J 108 -12.09 -13.72 139.63
N GLU J 109 -12.86 -12.78 140.19
CA GLU J 109 -14.13 -12.39 139.59
C GLU J 109 -13.94 -11.55 138.34
N ALA J 110 -12.75 -10.98 138.13
CA ALA J 110 -12.51 -10.17 136.95
C ALA J 110 -12.17 -11.01 135.72
N LEU J 111 -11.57 -12.18 135.93
CA LEU J 111 -11.22 -13.04 134.80
C LEU J 111 -12.49 -13.55 134.11
N PRO J 112 -12.40 -13.87 132.81
CA PRO J 112 -13.59 -14.39 132.11
C PRO J 112 -13.93 -15.82 132.52
N ARG J 113 -14.99 -16.37 131.93
CA ARG J 113 -15.43 -17.71 132.22
C ARG J 113 -15.71 -18.45 130.92
N ASP J 114 -15.17 -19.67 130.80
CA ASP J 114 -15.35 -20.47 129.61
C ASP J 114 -16.71 -21.17 129.63
N PRO J 115 -17.26 -21.50 128.45
CA PRO J 115 -18.57 -22.17 128.44
C PRO J 115 -18.51 -23.61 128.94
N ARG J 116 -17.42 -24.33 128.65
CA ARG J 116 -17.32 -25.71 129.10
C ARG J 116 -17.30 -25.82 130.61
N GLN J 117 -16.73 -24.82 131.30
CA GLN J 117 -16.69 -24.85 132.76
C GLN J 117 -18.10 -24.79 133.33
N SER J 118 -18.36 -25.64 134.32
CA SER J 118 -19.67 -25.70 134.95
C SER J 118 -20.00 -24.36 135.62
N THR J 119 -20.99 -23.65 135.08
CA THR J 119 -21.37 -22.37 135.66
C THR J 119 -21.94 -22.54 137.07
N ALA J 120 -22.58 -23.68 137.35
CA ALA J 120 -23.12 -23.90 138.68
C ALA J 120 -22.02 -23.97 139.74
N ALA J 121 -20.86 -24.51 139.38
CA ALA J 121 -19.75 -24.58 140.34
C ALA J 121 -19.22 -23.18 140.66
N ALA J 122 -19.14 -22.31 139.65
CA ALA J 122 -18.66 -20.95 139.90
C ALA J 122 -19.59 -20.18 140.81
N ALA J 123 -20.90 -20.48 140.76
CA ALA J 123 -21.86 -19.81 141.62
C ALA J 123 -21.94 -20.46 143.00
N GLU J 124 -21.72 -21.78 143.07
CA GLU J 124 -21.79 -22.46 144.36
C GLU J 124 -20.59 -22.10 145.22
N ILE J 125 -19.40 -22.04 144.64
CA ILE J 125 -18.20 -21.68 145.40
C ILE J 125 -18.31 -20.26 145.93
N LYS J 126 -19.00 -19.38 145.19
CA LYS J 126 -19.17 -18.01 145.66
C LYS J 126 -20.10 -17.97 146.87
N ARG J 127 -21.10 -18.84 146.91
CA ARG J 127 -22.02 -18.88 148.04
C ARG J 127 -21.28 -19.27 149.32
N ASN J 128 -20.50 -20.36 149.26
CA ASN J 128 -19.74 -20.78 150.43
C ASN J 128 -18.68 -19.74 150.81
N TYR J 129 -18.14 -19.02 149.82
CA TYR J 129 -17.15 -18.00 150.12
C TYR J 129 -17.76 -16.87 150.94
N ASP J 130 -18.94 -16.39 150.54
CA ASP J 130 -19.59 -15.32 151.27
C ASP J 130 -19.97 -15.78 152.68
N ILE J 131 -20.52 -16.98 152.81
CA ILE J 131 -20.89 -17.51 154.12
C ILE J 131 -19.64 -17.76 154.95
N TYR J 132 -18.57 -18.28 154.32
CA TYR J 132 -17.34 -18.53 155.05
C TYR J 132 -16.61 -17.23 155.37
N HIS J 133 -16.67 -16.26 154.46
CA HIS J 133 -16.01 -14.97 154.70
C HIS J 133 -16.64 -14.25 155.89
N ASN J 134 -17.98 -14.29 155.98
CA ASN J 134 -18.64 -13.65 157.11
C ASN J 134 -18.33 -14.35 158.41
N ALA J 135 -18.04 -15.65 158.36
CA ALA J 135 -17.70 -16.39 159.58
C ALA J 135 -16.40 -15.88 160.18
N LEU J 136 -15.38 -15.67 159.35
CA LEU J 136 -14.11 -15.16 159.84
C LEU J 136 -14.27 -13.78 160.45
N ALA J 137 -15.14 -12.95 159.87
CA ALA J 137 -15.37 -11.62 160.42
C ALA J 137 -16.00 -11.69 161.80
N GLU J 138 -16.91 -12.64 162.02
CA GLU J 138 -17.53 -12.79 163.32
C GLU J 138 -16.52 -13.24 164.37
N LEU J 139 -15.56 -14.09 163.98
CA LEU J 139 -14.55 -14.55 164.93
C LEU J 139 -13.72 -13.39 165.45
N ILE J 140 -13.44 -12.40 164.61
CA ILE J 140 -12.66 -11.24 165.06
C ILE J 140 -13.46 -10.41 166.05
N GLN J 141 -14.78 -10.44 165.97
CA GLN J 141 -15.61 -9.67 166.89
C GLN J 141 -15.78 -10.38 168.23
N LEU J 142 -15.99 -11.70 168.20
CA LEU J 142 -16.16 -12.45 169.44
C LEU J 142 -14.88 -12.45 170.26
N LEU J 143 -13.74 -12.71 169.62
CA LEU J 143 -12.48 -12.72 170.35
C LEU J 143 -12.13 -11.33 170.89
N GLY J 144 -12.49 -10.28 170.15
CA GLY J 144 -12.20 -8.93 170.62
C GLY J 144 -13.01 -8.53 171.83
N ALA J 145 -14.23 -9.06 171.95
CA ALA J 145 -15.10 -8.75 173.08
C ALA J 145 -14.82 -9.62 174.30
N GLY J 146 -14.04 -10.68 174.16
CA GLY J 146 -13.71 -11.55 175.26
C GLY J 146 -14.56 -12.80 175.36
N LYS J 147 -15.34 -13.13 174.34
CA LYS J 147 -16.20 -14.32 174.34
C LYS J 147 -15.40 -15.51 173.85
N ILE J 148 -14.39 -15.88 174.64
CA ILE J 148 -13.54 -17.01 174.28
C ILE J 148 -14.33 -18.31 174.30
N ASN J 149 -15.34 -18.40 175.17
CA ASN J 149 -16.14 -19.61 175.25
C ASN J 149 -16.89 -19.85 173.94
N GLU J 150 -17.65 -18.86 173.48
CA GLU J 150 -18.38 -19.00 172.22
C GLU J 150 -17.46 -19.03 171.02
N PHE J 151 -16.21 -18.59 171.18
CA PHE J 151 -15.28 -18.60 170.05
C PHE J 151 -15.01 -20.00 169.56
N PHE J 152 -14.99 -20.98 170.45
CA PHE J 152 -14.75 -22.38 170.10
C PHE J 152 -16.02 -23.14 169.79
N ASP J 153 -17.17 -22.47 169.74
CA ASP J 153 -18.46 -23.11 169.46
C ASP J 153 -19.16 -22.50 168.26
N GLN J 154 -18.40 -22.01 167.28
CA GLN J 154 -18.96 -21.41 166.08
C GLN J 154 -19.07 -22.44 164.96
N PRO J 155 -19.93 -22.21 163.97
CA PRO J 155 -20.05 -23.15 162.86
C PRO J 155 -19.01 -22.93 161.77
N THR J 156 -17.91 -22.25 162.12
CA THR J 156 -16.87 -21.97 161.14
C THR J 156 -16.31 -23.27 160.56
N GLN J 157 -16.16 -24.29 161.39
CA GLN J 157 -15.64 -25.57 160.91
C GLN J 157 -16.59 -26.20 159.89
N GLY J 158 -17.90 -26.07 160.12
CA GLY J 158 -18.85 -26.61 159.16
C GLY J 158 -18.79 -25.91 157.83
N TYR J 159 -18.65 -24.58 157.84
CA TYR J 159 -18.55 -23.83 156.58
C TYR J 159 -17.19 -24.03 155.93
N GLN J 160 -16.15 -24.29 156.72
CA GLN J 160 -14.82 -24.53 156.16
C GLN J 160 -14.82 -25.77 155.27
N ASP J 161 -15.25 -26.90 155.81
CA ASP J 161 -15.29 -28.13 155.02
C ASP J 161 -16.23 -27.98 153.82
N GLY J 162 -17.28 -27.16 153.95
CA GLY J 162 -18.18 -26.97 152.82
C GLY J 162 -17.50 -26.32 151.63
N PHE J 163 -16.55 -25.41 151.90
CA PHE J 163 -15.83 -24.76 150.81
C PHE J 163 -14.71 -25.64 150.26
N GLU J 164 -14.10 -26.47 151.11
CA GLU J 164 -13.05 -27.37 150.64
C GLU J 164 -13.58 -28.32 149.58
N LYS J 165 -14.77 -28.90 149.81
CA LYS J 165 -15.35 -29.80 148.82
C LYS J 165 -15.54 -29.08 147.49
N GLN J 166 -16.05 -27.85 147.52
CA GLN J 166 -16.20 -27.07 146.30
C GLN J 166 -14.86 -26.59 145.77
N TYR J 167 -13.88 -26.38 146.65
CA TYR J 167 -12.56 -25.95 146.21
C TYR J 167 -11.84 -27.07 145.47
N VAL J 168 -11.70 -28.23 146.13
CA VAL J 168 -11.03 -29.35 145.48
C VAL J 168 -11.81 -29.80 144.25
N ALA J 169 -13.15 -29.75 144.33
CA ALA J 169 -13.95 -30.14 143.18
C ALA J 169 -13.75 -29.17 142.02
N TYR J 170 -13.89 -27.87 142.28
CA TYR J 170 -13.70 -26.88 141.23
C TYR J 170 -12.28 -26.91 140.69
N MET J 171 -11.30 -27.01 141.59
CA MET J 171 -9.91 -27.10 141.15
C MET J 171 -9.66 -28.38 140.37
N GLU J 172 -10.34 -29.46 140.75
CA GLU J 172 -10.19 -30.72 140.02
C GLU J 172 -10.71 -30.60 138.59
N GLN J 173 -11.85 -29.92 138.41
CA GLN J 173 -12.37 -29.71 137.08
C GLN J 173 -11.39 -28.93 136.21
N ASN J 174 -10.70 -27.96 136.80
CA ASN J 174 -9.70 -27.20 136.05
C ASN J 174 -8.55 -28.10 135.63
N ASP J 175 -8.08 -28.95 136.54
CA ASP J 175 -6.99 -29.86 136.21
C ASP J 175 -7.39 -30.80 135.08
N ARG J 176 -8.59 -31.38 135.18
CA ARG J 176 -9.08 -32.26 134.11
C ARG J 176 -9.37 -31.46 132.84
N LEU J 177 -10.00 -30.30 132.99
CA LEU J 177 -10.27 -29.45 131.83
C LEU J 177 -8.98 -28.94 131.21
N HIS J 178 -7.93 -28.77 132.01
CA HIS J 178 -6.65 -28.34 131.47
C HIS J 178 -6.11 -29.33 130.47
N ASP J 179 -6.20 -30.63 130.78
CA ASP J 179 -5.76 -31.65 129.84
C ASP J 179 -6.64 -31.68 128.60
N ILE J 180 -7.95 -31.47 128.77
CA ILE J 180 -8.85 -31.43 127.62
C ILE J 180 -8.51 -30.24 126.73
N ALA J 181 -8.21 -29.09 127.33
CA ALA J 181 -7.82 -27.93 126.54
C ALA J 181 -6.51 -28.19 125.80
N VAL J 182 -5.53 -28.79 126.48
CA VAL J 182 -4.28 -29.11 125.82
C VAL J 182 -4.47 -30.23 124.81
N SER J 183 -5.46 -31.11 125.04
CA SER J 183 -5.73 -32.18 124.09
C SER J 183 -6.20 -31.63 122.75
N ASP J 184 -6.82 -30.45 122.76
CA ASP J 184 -7.28 -29.85 121.50
C ASP J 184 -6.11 -29.58 120.57
N ASN J 185 -4.95 -29.19 121.12
CA ASN J 185 -3.78 -28.95 120.27
C ASN J 185 -3.31 -30.23 119.58
N ASN J 186 -3.46 -31.38 120.25
CA ASN J 186 -3.06 -32.64 119.62
C ASN J 186 -3.93 -32.93 118.40
N ALA J 187 -5.24 -32.70 118.50
CA ALA J 187 -6.11 -32.91 117.35
C ALA J 187 -5.77 -31.94 116.22
N SER J 188 -5.57 -30.67 116.55
CA SER J 188 -5.19 -29.69 115.52
C SER J 188 -3.81 -30.00 114.97
N TYR J 189 -2.85 -30.34 115.84
CA TYR J 189 -1.52 -30.69 115.37
C TYR J 189 -1.54 -31.99 114.56
N SER J 190 -2.46 -32.90 114.87
CA SER J 190 -2.54 -34.15 114.12
C SER J 190 -2.88 -33.91 112.65
N GLN J 191 -3.62 -32.82 112.37
CA GLN J 191 -3.99 -32.50 110.99
C GLN J 191 -2.83 -31.90 110.20
N ALA J 192 -1.68 -31.66 110.83
CA ALA J 192 -0.56 -31.09 110.11
C ALA J 192 -0.09 -32.00 108.99
N MET J 193 -0.11 -33.32 109.21
CA MET J 193 0.30 -34.27 108.19
C MET J 193 -0.80 -34.54 107.18
N TRP J 194 -2.06 -34.60 107.64
CA TRP J 194 -3.17 -34.83 106.71
C TRP J 194 -3.37 -33.63 105.79
N ILE J 195 -3.35 -32.42 106.35
CA ILE J 195 -3.51 -31.23 105.52
C ILE J 195 -2.37 -31.13 104.51
N LEU J 196 -1.13 -31.37 104.95
CA LEU J 196 0.01 -31.32 104.04
C LEU J 196 -0.10 -32.40 102.97
N VAL J 197 -0.13 -33.67 103.39
CA VAL J 197 -0.23 -34.76 102.43
C VAL J 197 -1.52 -34.67 101.63
N GLY J 198 -2.59 -34.16 102.26
CA GLY J 198 -3.85 -34.02 101.55
C GLY J 198 -3.79 -33.04 100.40
N VAL J 199 -2.90 -32.06 100.49
CA VAL J 199 -2.76 -31.06 99.42
C VAL J 199 -1.72 -31.49 98.40
N MET J 200 -0.65 -32.15 98.84
CA MET J 200 0.37 -32.59 97.91
C MET J 200 -0.21 -33.55 96.88
N ILE J 201 -1.11 -34.45 97.31
CA ILE J 201 -1.74 -35.36 96.37
C ILE J 201 -2.52 -34.61 95.31
N VAL J 202 -3.09 -33.45 95.68
CA VAL J 202 -3.81 -32.63 94.70
C VAL J 202 -2.84 -31.80 93.88
N VAL J 203 -1.75 -31.34 94.50
CA VAL J 203 -0.76 -30.56 93.77
C VAL J 203 -0.02 -31.44 92.76
N LEU J 204 0.49 -32.58 93.22
CA LEU J 204 1.18 -33.49 92.32
C LEU J 204 0.27 -33.99 91.21
N ALA J 205 -1.03 -34.11 91.49
CA ALA J 205 -1.97 -34.54 90.46
C ALA J 205 -2.04 -33.52 89.33
N VAL J 206 -2.02 -32.23 89.67
CA VAL J 206 -2.05 -31.19 88.64
C VAL J 206 -0.73 -31.16 87.88
N ILE J 207 0.38 -31.43 88.56
CA ILE J 207 1.68 -31.45 87.88
C ILE J 207 1.73 -32.57 86.86
N PHE J 208 1.12 -33.71 87.18
CA PHE J 208 1.10 -34.83 86.24
C PHE J 208 0.22 -34.53 85.03
N ALA J 209 -0.87 -33.80 85.23
CA ALA J 209 -1.74 -33.45 84.11
C ALA J 209 -1.03 -32.53 83.13
N VAL J 210 -0.31 -31.53 83.64
CA VAL J 210 0.42 -30.61 82.75
C VAL J 210 1.54 -31.35 82.05
N TRP J 211 2.20 -32.29 82.75
CA TRP J 211 3.27 -33.05 82.11
C TRP J 211 2.75 -33.86 80.93
N PHE J 212 1.52 -34.36 81.01
CA PHE J 212 0.93 -35.10 79.89
C PHE J 212 0.38 -34.15 78.85
N GLY J 213 -0.11 -32.99 79.26
CA GLY J 213 -0.64 -32.03 78.31
C GLY J 213 0.45 -31.44 77.42
N ILE J 214 1.58 -31.06 78.02
CA ILE J 214 2.69 -30.52 77.24
C ILE J 214 3.21 -31.56 76.26
N LYS J 215 3.16 -32.84 76.63
CA LYS J 215 3.66 -33.90 75.77
C LYS J 215 2.63 -34.34 74.73
N ALA J 216 1.35 -34.09 74.97
CA ALA J 216 0.28 -34.51 74.08
C ALA J 216 -0.36 -33.37 73.30
N SER J 217 -0.59 -32.23 73.95
CA SER J 217 -1.24 -31.08 73.32
C SER J 217 -0.25 -29.97 72.99
N LEU J 218 0.98 -30.32 72.62
CA LEU J 218 1.97 -29.33 72.25
C LEU J 218 3.18 -29.99 71.59
N VAL J 219 3.95 -30.76 72.36
CA VAL J 219 5.14 -31.40 71.82
C VAL J 219 4.75 -32.43 70.77
N ALA J 220 3.63 -33.14 70.99
CA ALA J 220 3.22 -34.17 70.04
C ALA J 220 2.83 -33.55 68.71
N PRO J 221 1.85 -32.63 68.64
CA PRO J 221 1.51 -32.04 67.33
C PRO J 221 2.64 -31.21 66.74
N MET J 222 3.42 -30.52 67.56
CA MET J 222 4.50 -29.69 67.03
C MET J 222 5.51 -30.53 66.26
N ASN J 223 5.92 -31.67 66.83
CA ASN J 223 6.89 -32.51 66.16
C ASN J 223 6.34 -33.04 64.84
N ARG J 224 5.06 -33.40 64.80
CA ARG J 224 4.47 -33.92 63.57
C ARG J 224 4.36 -32.83 62.51
N LEU J 225 4.23 -31.57 62.92
CA LEU J 225 4.17 -30.48 61.95
C LEU J 225 5.56 -30.12 61.42
N ILE J 226 6.57 -30.18 62.27
CA ILE J 226 7.93 -29.89 61.82
C ILE J 226 8.36 -30.91 60.78
N ASP J 227 8.12 -32.19 61.04
CA ASP J 227 8.49 -33.23 60.08
C ASP J 227 7.69 -33.08 58.79
N SER J 228 6.46 -32.57 58.87
CA SER J 228 5.67 -32.38 57.66
C SER J 228 6.28 -31.33 56.75
N ILE J 229 6.76 -30.22 57.32
CA ILE J 229 7.38 -29.18 56.51
C ILE J 229 8.65 -29.72 55.86
N ARG J 230 9.43 -30.52 56.59
CA ARG J 230 10.63 -31.10 56.00
C ARG J 230 10.28 -32.04 54.86
N HIS J 231 9.16 -32.77 54.98
CA HIS J 231 8.73 -33.64 53.90
C HIS J 231 8.28 -32.85 52.67
N ILE J 232 7.68 -31.68 52.89
CA ILE J 232 7.25 -30.86 51.75
C ILE J 232 8.46 -30.23 51.07
N ALA J 233 9.50 -29.88 51.83
CA ALA J 233 10.69 -29.29 51.23
C ALA J 233 11.41 -30.29 50.34
N GLY J 234 11.48 -31.54 50.75
CA GLY J 234 12.12 -32.59 49.98
C GLY J 234 11.29 -33.18 48.87
N GLY J 235 10.07 -32.67 48.66
CA GLY J 235 9.20 -33.16 47.62
C GLY J 235 8.19 -34.21 48.07
N ASP J 236 8.36 -34.76 49.26
CA ASP J 236 7.44 -35.78 49.77
C ASP J 236 6.12 -35.11 50.13
N LEU J 237 5.16 -35.14 49.20
CA LEU J 237 3.85 -34.53 49.40
C LEU J 237 2.74 -35.54 49.65
N VAL J 238 3.01 -36.83 49.47
CA VAL J 238 1.97 -37.84 49.64
C VAL J 238 1.60 -38.02 51.11
N LYS J 239 2.48 -37.63 52.03
CA LYS J 239 2.19 -37.80 53.44
C LYS J 239 1.00 -36.91 53.84
N PRO J 240 0.12 -37.39 54.70
CA PRO J 240 -1.04 -36.59 55.11
C PRO J 240 -0.66 -35.59 56.19
N ILE J 241 -1.67 -34.85 56.65
CA ILE J 241 -1.51 -33.86 57.70
C ILE J 241 -2.60 -34.08 58.74
N GLU J 242 -2.25 -33.91 60.01
CA GLU J 242 -3.17 -34.11 61.13
C GLU J 242 -3.39 -32.79 61.85
N VAL J 243 -4.61 -32.59 62.36
CA VAL J 243 -4.98 -31.39 63.10
C VAL J 243 -5.52 -31.82 64.45
N ASP J 244 -5.13 -31.11 65.51
CA ASP J 244 -5.55 -31.38 66.87
C ASP J 244 -6.34 -30.20 67.39
N GLY J 245 -7.67 -30.36 67.48
CA GLY J 245 -8.50 -29.30 67.99
C GLY J 245 -8.48 -28.08 67.09
N SER J 246 -8.95 -26.96 67.65
CA SER J 246 -9.00 -25.69 66.95
C SER J 246 -8.28 -24.58 67.71
N ASN J 247 -7.37 -24.94 68.62
CA ASN J 247 -6.62 -23.96 69.39
C ASN J 247 -5.51 -23.37 68.55
N GLU J 248 -4.51 -22.76 69.20
CA GLU J 248 -3.40 -22.18 68.46
C GLU J 248 -2.66 -23.24 67.64
N MET J 249 -2.57 -24.47 68.15
CA MET J 249 -1.92 -25.54 67.40
C MET J 249 -2.79 -26.02 66.25
N GLY J 250 -4.11 -26.01 66.42
CA GLY J 250 -4.98 -26.43 65.35
C GLY J 250 -4.93 -25.51 64.15
N GLN J 251 -4.85 -24.19 64.40
CA GLN J 251 -4.76 -23.25 63.30
C GLN J 251 -3.47 -23.44 62.50
N LEU J 252 -2.38 -23.80 63.18
CA LEU J 252 -1.12 -24.03 62.49
C LEU J 252 -1.21 -25.24 61.58
N ALA J 253 -1.90 -26.30 62.03
CA ALA J 253 -2.03 -27.49 61.20
C ALA J 253 -3.02 -27.25 60.05
N GLU J 254 -4.09 -26.50 60.31
CA GLU J 254 -5.05 -26.22 59.25
C GLU J 254 -4.42 -25.38 58.14
N SER J 255 -3.61 -24.38 58.51
CA SER J 255 -2.94 -23.56 57.51
C SER J 255 -1.92 -24.37 56.72
N LEU J 256 -1.37 -25.43 57.31
CA LEU J 256 -0.39 -26.24 56.61
C LEU J 256 -1.02 -26.97 55.43
N ARG J 257 -2.28 -27.39 55.57
CA ARG J 257 -2.96 -28.06 54.46
C ARG J 257 -3.25 -27.09 53.32
N HIS J 258 -3.58 -25.84 53.64
CA HIS J 258 -3.86 -24.86 52.60
C HIS J 258 -2.63 -24.58 51.76
N MET J 259 -1.44 -24.67 52.34
CA MET J 259 -0.22 -24.44 51.56
C MET J 259 0.08 -25.61 50.64
N GLN J 260 -0.09 -26.84 51.13
CA GLN J 260 0.16 -28.01 50.30
C GLN J 260 -0.83 -28.09 49.14
N GLY J 261 -2.03 -27.54 49.31
CA GLY J 261 -3.01 -27.57 48.23
C GLY J 261 -2.51 -26.87 46.98
N GLU J 262 -1.78 -25.77 47.15
CA GLU J 262 -1.23 -25.05 46.00
C GLU J 262 -0.01 -25.75 45.43
N LEU J 263 0.76 -26.46 46.26
CA LEU J 263 1.93 -27.16 45.76
C LEU J 263 1.52 -28.37 44.92
N MET J 264 0.60 -29.18 45.43
CA MET J 264 0.13 -30.34 44.68
C MET J 264 -0.53 -29.92 43.37
N ARG J 265 -1.28 -28.81 43.40
CA ARG J 265 -1.91 -28.33 42.18
C ARG J 265 -0.87 -27.91 41.15
N THR J 266 0.16 -27.18 41.59
CA THR J 266 1.21 -26.76 40.66
C THR J 266 2.01 -27.96 40.16
N VAL J 267 2.37 -28.88 41.06
CA VAL J 267 3.12 -30.06 40.66
C VAL J 267 2.30 -30.90 39.68
N GLY J 268 1.00 -31.01 39.92
CA GLY J 268 0.16 -31.76 39.01
C GLY J 268 0.03 -31.11 37.65
N ASP J 269 -0.10 -29.78 37.62
CA ASP J 269 -0.22 -29.08 36.35
C ASP J 269 1.10 -29.11 35.58
N VAL J 270 2.22 -28.90 36.28
CA VAL J 270 3.52 -28.93 35.62
C VAL J 270 3.88 -30.35 35.18
N ARG J 271 3.64 -31.34 36.05
CA ARG J 271 3.95 -32.72 35.69
C ARG J 271 3.07 -33.18 34.53
N ASN J 272 1.75 -33.02 34.67
CA ASN J 272 0.85 -33.41 33.59
C ASN J 272 1.04 -32.51 32.37
N GLY J 273 1.38 -31.24 32.58
CA GLY J 273 1.60 -30.35 31.46
C GLY J 273 2.93 -30.55 30.77
N ALA J 274 3.95 -30.97 31.51
CA ALA J 274 5.26 -31.22 30.91
C ALA J 274 5.17 -32.33 29.87
N ASN J 275 4.40 -33.38 30.17
CA ASN J 275 4.25 -34.47 29.21
C ASN J 275 3.55 -34.00 27.93
N ALA J 276 2.60 -33.06 28.06
CA ALA J 276 1.93 -32.53 26.88
C ALA J 276 2.88 -31.72 26.01
N ILE J 277 3.73 -30.90 26.63
CA ILE J 277 4.71 -30.13 25.86
C ILE J 277 5.74 -31.05 25.24
N TYR J 278 6.23 -32.03 26.00
CA TYR J 278 7.18 -32.99 25.45
C TYR J 278 6.54 -33.84 24.34
N SER J 279 5.32 -34.31 24.57
CA SER J 279 4.63 -35.08 23.55
C SER J 279 4.29 -34.21 22.34
N GLY J 280 3.83 -32.98 22.58
CA GLY J 280 3.55 -32.08 21.47
C GLY J 280 4.80 -31.70 20.71
N ALA J 281 5.91 -31.52 21.41
CA ALA J 281 7.17 -31.19 20.74
C ALA J 281 7.62 -32.33 19.84
N SER J 282 7.35 -33.58 20.25
CA SER J 282 7.73 -34.72 19.41
C SER J 282 6.98 -34.69 18.09
N GLU J 283 5.71 -34.27 18.10
CA GLU J 283 4.94 -34.18 16.87
C GLU J 283 5.56 -33.13 15.94
N ILE J 284 5.97 -31.98 16.49
CA ILE J 284 6.61 -30.96 15.66
C ILE J 284 7.98 -31.45 15.19
N ALA J 285 8.75 -32.07 16.08
CA ALA J 285 10.04 -32.61 15.68
C ALA J 285 9.88 -33.70 14.62
N THR J 286 8.89 -34.59 14.81
CA THR J 286 8.64 -35.62 13.81
C THR J 286 8.17 -35.01 12.49
N GLY J 287 7.40 -33.93 12.55
CA GLY J 287 6.96 -33.28 11.33
C GLY J 287 8.11 -32.75 10.50
N ASN J 288 9.10 -32.15 11.16
CA ASN J 288 10.27 -31.66 10.44
C ASN J 288 11.05 -32.81 9.81
N ASN J 289 11.18 -33.92 10.53
CA ASN J 289 11.86 -35.08 9.96
C ASN J 289 11.14 -35.61 8.74
N ASP J 290 9.81 -35.75 8.83
CA ASP J 290 9.04 -36.18 7.68
C ASP J 290 9.03 -35.11 6.59
N LEU J 291 8.87 -33.84 6.99
CA LEU J 291 8.91 -32.75 6.02
C LEU J 291 10.28 -32.68 5.35
N SER J 292 11.35 -32.94 6.11
CA SER J 292 12.69 -32.92 5.53
C SER J 292 12.86 -34.02 4.48
N SER J 293 12.19 -35.17 4.67
CA SER J 293 12.26 -36.24 3.68
C SER J 293 11.71 -35.77 2.34
N ARG J 294 10.52 -35.17 2.35
CA ARG J 294 9.96 -34.64 1.12
C ARG J 294 10.78 -33.48 0.58
N THR J 295 11.43 -32.71 1.46
CA THR J 295 12.28 -31.62 1.00
C THR J 295 13.45 -32.15 0.19
N GLU J 296 14.14 -33.17 0.71
CA GLU J 296 15.24 -33.77 -0.04
C GLU J 296 14.73 -34.46 -1.29
N GLN J 297 13.58 -35.13 -1.20
CA GLN J 297 12.98 -35.78 -2.37
C GLN J 297 12.60 -34.74 -3.41
N GLN J 298 11.95 -33.65 -2.98
CA GLN J 298 11.60 -32.58 -3.91
C GLN J 298 12.85 -31.90 -4.47
N ALA J 299 13.89 -31.76 -3.64
CA ALA J 299 15.13 -31.16 -4.13
C ALA J 299 15.76 -32.02 -5.23
N ALA J 300 15.74 -33.35 -5.05
CA ALA J 300 16.27 -34.23 -6.08
C ALA J 300 15.47 -34.13 -7.37
N SER J 301 14.16 -33.88 -7.27
CA SER J 301 13.36 -33.72 -8.48
C SER J 301 13.81 -32.51 -9.28
N LEU J 302 14.16 -31.42 -8.60
CA LEU J 302 14.67 -30.24 -9.30
C LEU J 302 15.98 -30.54 -10.00
N GLU J 303 16.85 -31.32 -9.35
CA GLU J 303 18.11 -31.71 -9.99
C GLU J 303 17.86 -32.57 -11.22
N GLU J 304 16.99 -33.58 -11.09
CA GLU J 304 16.65 -34.41 -12.24
C GLU J 304 15.89 -33.60 -13.28
N THR J 305 14.98 -32.73 -12.83
CA THR J 305 14.24 -31.89 -13.78
C THR J 305 15.17 -30.88 -14.46
N ALA J 306 16.09 -30.29 -13.69
CA ALA J 306 17.04 -29.36 -14.29
C ALA J 306 17.87 -30.02 -15.37
N ALA J 307 18.36 -31.24 -15.10
CA ALA J 307 19.13 -31.96 -16.12
C ALA J 307 18.25 -32.34 -17.31
N SER J 308 16.95 -32.55 -17.08
CA SER J 308 16.05 -32.86 -18.18
C SER J 308 15.92 -31.69 -19.15
N MET J 309 15.84 -30.47 -18.62
CA MET J 309 15.75 -29.30 -19.48
C MET J 309 17.00 -29.15 -20.34
N GLU J 310 18.17 -29.56 -19.82
CA GLU J 310 19.39 -29.50 -20.62
C GLU J 310 19.28 -30.38 -21.85
N GLN J 311 18.69 -31.57 -21.71
CA GLN J 311 18.50 -32.44 -22.86
C GLN J 311 17.54 -31.82 -23.87
N LEU J 312 16.52 -31.11 -23.39
CA LEU J 312 15.59 -30.45 -24.29
C LEU J 312 16.29 -29.34 -25.07
N THR J 313 17.16 -28.57 -24.40
CA THR J 313 17.88 -27.52 -25.09
C THR J 313 18.75 -28.09 -26.21
N ALA J 314 19.35 -29.25 -25.97
CA ALA J 314 20.17 -29.89 -27.01
C ALA J 314 19.32 -30.27 -28.21
N THR J 315 18.11 -30.77 -27.98
CA THR J 315 17.23 -31.13 -29.09
C THR J 315 16.65 -29.89 -29.74
N VAL J 316 16.26 -28.89 -28.94
CA VAL J 316 15.73 -27.65 -29.50
C VAL J 316 16.79 -26.95 -30.34
N LYS J 317 18.03 -26.91 -29.84
CA LYS J 317 19.11 -26.30 -30.61
C LYS J 317 19.37 -27.07 -31.89
N GLN J 318 19.48 -28.40 -31.79
CA GLN J 318 19.67 -29.21 -32.99
C GLN J 318 18.46 -29.16 -33.90
N ASN J 319 17.25 -29.13 -33.32
CA ASN J 319 16.05 -29.04 -34.14
C ASN J 319 15.92 -27.67 -34.78
N ALA J 320 16.34 -26.61 -34.07
CA ALA J 320 16.28 -25.27 -34.65
C ALA J 320 17.19 -25.15 -35.87
N GLU J 321 18.41 -25.69 -35.78
CA GLU J 321 19.31 -25.65 -36.92
C GLU J 321 18.78 -26.49 -38.08
N ASN J 322 18.26 -27.69 -37.79
CA ASN J 322 17.70 -28.52 -38.84
C ASN J 322 16.52 -27.83 -39.52
N ALA J 323 15.76 -27.02 -38.78
CA ALA J 323 14.64 -26.31 -39.39
C ALA J 323 15.12 -25.27 -40.39
N ARG J 324 16.16 -24.51 -40.03
CA ARG J 324 16.70 -23.52 -40.96
C ARG J 324 17.40 -24.19 -42.13
N GLN J 325 18.20 -25.22 -41.86
CA GLN J 325 18.88 -25.94 -42.94
C GLN J 325 17.87 -26.58 -43.87
N ALA J 326 16.82 -27.21 -43.32
CA ALA J 326 15.79 -27.79 -44.15
C ALA J 326 15.04 -26.72 -44.94
N SER J 327 14.83 -25.55 -44.34
CA SER J 327 14.16 -24.47 -45.06
C SER J 327 15.06 -23.88 -46.14
N HIS J 328 16.36 -23.76 -45.85
CA HIS J 328 17.29 -23.24 -46.84
C HIS J 328 17.34 -24.16 -48.06
N LEU J 329 17.52 -25.46 -47.84
CA LEU J 329 17.53 -26.41 -48.95
C LEU J 329 16.17 -26.46 -49.63
N ALA J 330 15.09 -26.34 -48.85
CA ALA J 330 13.75 -26.32 -49.44
C ALA J 330 13.54 -25.07 -50.28
N LEU J 331 13.95 -23.90 -49.76
CA LEU J 331 13.84 -22.67 -50.52
C LEU J 331 14.67 -22.72 -51.78
N SER J 332 15.88 -23.29 -51.70
CA SER J 332 16.71 -23.43 -52.89
C SER J 332 16.09 -24.40 -53.89
N ALA J 333 15.48 -25.49 -53.39
CA ALA J 333 14.81 -26.43 -54.28
C ALA J 333 13.62 -25.78 -54.97
N SER J 334 12.88 -24.93 -54.24
CA SER J 334 11.76 -24.23 -54.84
C SER J 334 12.21 -23.33 -55.98
N GLU J 335 13.28 -22.55 -55.75
CA GLU J 335 13.81 -21.69 -56.80
C GLU J 335 14.29 -22.52 -57.99
N THR J 336 14.84 -23.71 -57.72
CA THR J 336 15.28 -24.58 -58.80
C THR J 336 14.09 -25.06 -59.62
N ALA J 337 13.00 -25.42 -58.96
CA ALA J 337 11.80 -25.85 -59.70
C ALA J 337 11.23 -24.72 -60.53
N GLN J 338 11.11 -23.53 -59.93
CA GLN J 338 10.63 -22.38 -60.69
C GLN J 338 11.58 -22.04 -61.84
N ARG J 339 12.88 -22.07 -61.57
CA ARG J 339 13.85 -21.82 -62.64
C ARG J 339 13.76 -22.91 -63.71
N GLY J 340 13.67 -24.17 -63.30
CA GLY J 340 13.51 -25.25 -64.26
C GLY J 340 12.15 -25.25 -64.94
N GLY J 341 11.13 -24.76 -64.26
CA GLY J 341 9.81 -24.68 -64.86
C GLY J 341 9.78 -23.78 -66.08
N LYS J 342 10.46 -22.63 -65.99
CA LYS J 342 10.52 -21.73 -67.14
C LYS J 342 11.23 -22.40 -68.32
N VAL J 343 12.28 -23.19 -68.04
CA VAL J 343 12.97 -23.90 -69.10
C VAL J 343 12.04 -24.91 -69.76
N VAL J 344 11.23 -25.61 -68.95
CA VAL J 344 10.27 -26.55 -69.51
C VAL J 344 9.22 -25.82 -70.33
N ASP J 345 8.83 -24.63 -69.90
CA ASP J 345 7.85 -23.85 -70.66
C ASP J 345 8.42 -23.46 -72.02
N ASN J 346 9.70 -23.10 -72.07
CA ASN J 346 10.32 -22.77 -73.35
C ASN J 346 10.39 -23.97 -74.27
N VAL J 347 10.52 -25.18 -73.70
CA VAL J 347 10.54 -26.38 -74.53
C VAL J 347 9.20 -26.59 -75.20
N VAL J 348 8.11 -26.15 -74.57
CA VAL J 348 6.79 -26.28 -75.20
C VAL J 348 6.72 -25.43 -76.45
N GLN J 349 7.36 -24.25 -76.43
CA GLN J 349 7.35 -23.40 -77.62
C GLN J 349 8.03 -24.09 -78.80
N THR J 350 9.14 -24.79 -78.55
CA THR J 350 9.81 -25.49 -79.63
C THR J 350 8.93 -26.60 -80.20
N MET J 351 8.23 -27.34 -79.33
CA MET J 351 7.34 -28.38 -79.81
C MET J 351 6.25 -27.81 -80.71
N ARG J 352 5.64 -26.70 -80.29
CA ARG J 352 4.61 -26.06 -81.11
C ARG J 352 5.21 -25.52 -82.40
N ASP J 353 6.42 -24.95 -82.33
CA ASP J 353 7.07 -24.47 -83.54
C ASP J 353 7.47 -25.62 -84.45
N ILE J 354 8.06 -26.67 -83.88
CA ILE J 354 8.40 -27.85 -84.68
C ILE J 354 7.14 -28.53 -85.18
N SER J 355 6.10 -28.59 -84.35
CA SER J 355 4.82 -29.15 -84.78
C SER J 355 4.20 -28.30 -85.88
N THR J 356 4.21 -26.97 -85.70
CA THR J 356 3.69 -26.09 -86.74
C THR J 356 4.51 -26.20 -88.02
N SER J 357 5.84 -26.31 -87.88
CA SER J 357 6.68 -26.48 -89.06
C SER J 357 6.37 -27.80 -89.77
N SER J 358 6.07 -28.85 -88.99
CA SER J 358 5.70 -30.12 -89.61
C SER J 358 4.44 -29.98 -90.44
N GLN J 359 3.47 -29.19 -89.98
CA GLN J 359 2.27 -28.96 -90.76
C GLN J 359 2.58 -28.23 -92.06
N LYS J 360 3.51 -27.27 -92.01
CA LYS J 360 3.92 -26.57 -93.22
C LYS J 360 4.57 -27.54 -94.20
N ILE J 361 5.46 -28.40 -93.70
CA ILE J 361 6.10 -29.39 -94.57
C ILE J 361 5.05 -30.32 -95.17
N ALA J 362 4.09 -30.76 -94.34
CA ALA J 362 3.03 -31.62 -94.86
C ALA J 362 2.24 -30.93 -95.96
N ASP J 363 2.07 -29.62 -95.88
CA ASP J 363 1.38 -28.89 -96.93
C ASP J 363 2.17 -28.90 -98.23
N ILE J 364 3.49 -28.74 -98.14
CA ILE J 364 4.32 -28.76 -99.34
C ILE J 364 4.31 -30.15 -99.96
N ILE J 365 4.39 -31.20 -99.13
CA ILE J 365 4.31 -32.57 -99.65
C ILE J 365 3.00 -32.78 -100.38
N SER J 366 1.91 -32.23 -99.84
CA SER J 366 0.62 -32.31 -100.54
C SER J 366 0.65 -31.54 -101.85
N VAL J 367 1.40 -30.45 -101.90
CA VAL J 367 1.52 -29.69 -103.14
C VAL J 367 2.42 -30.44 -104.13
N ILE J 368 3.56 -30.94 -103.65
CA ILE J 368 4.44 -31.73 -104.52
C ILE J 368 3.71 -32.98 -105.01
N ASP J 369 2.91 -33.59 -104.15
CA ASP J 369 2.14 -34.75 -104.57
C ASP J 369 1.15 -34.39 -105.67
N GLY J 370 0.51 -33.23 -105.56
CA GLY J 370 -0.39 -32.79 -106.61
C GLY J 370 0.35 -32.39 -107.87
N ILE J 371 1.43 -31.61 -107.72
CA ILE J 371 2.23 -31.22 -108.87
C ILE J 371 2.83 -32.45 -109.53
N ALA J 372 3.35 -33.37 -108.73
CA ALA J 372 3.91 -34.60 -109.30
C ALA J 372 2.83 -35.44 -109.98
N PHE J 373 1.60 -35.40 -109.47
CA PHE J 373 0.52 -36.14 -110.11
C PHE J 373 0.22 -35.58 -111.49
N GLN J 374 0.18 -34.26 -111.62
CA GLN J 374 -0.05 -33.65 -112.92
C GLN J 374 1.07 -33.98 -113.90
N THR J 375 2.30 -34.14 -113.40
CA THR J 375 3.41 -34.51 -114.27
C THR J 375 3.19 -35.89 -114.87
N ASN J 376 2.63 -36.81 -114.09
CA ASN J 376 2.35 -38.14 -114.62
C ASN J 376 1.32 -38.09 -115.74
N ILE J 377 0.34 -37.18 -115.63
CA ILE J 377 -0.67 -37.06 -116.68
C ILE J 377 -0.05 -36.48 -117.95
N LEU J 378 0.65 -35.35 -117.82
CA LEU J 378 1.29 -34.75 -118.99
C LEU J 378 2.34 -35.68 -119.58
N ALA J 379 3.12 -36.34 -118.73
CA ALA J 379 4.14 -37.27 -119.22
C ALA J 379 3.50 -38.49 -119.89
N LEU J 380 2.31 -38.88 -119.45
CA LEU J 380 1.64 -40.03 -120.05
C LEU J 380 1.07 -39.70 -121.42
N ASN J 381 0.42 -38.53 -121.55
CA ASN J 381 -0.12 -38.14 -122.84
C ASN J 381 0.99 -37.93 -123.87
N ALA J 382 2.17 -37.50 -123.42
CA ALA J 382 3.29 -37.33 -124.35
C ALA J 382 3.69 -38.66 -124.97
N ALA J 383 3.76 -39.72 -124.16
CA ALA J 383 4.10 -41.04 -124.69
C ALA J 383 2.98 -41.58 -125.57
N VAL J 384 1.73 -41.35 -125.18
CA VAL J 384 0.60 -41.81 -125.99
C VAL J 384 0.55 -41.03 -127.30
N GLU J 385 0.77 -39.72 -127.23
CA GLU J 385 0.76 -38.92 -128.46
C GLU J 385 1.87 -39.34 -129.41
N ALA J 386 3.01 -39.79 -128.88
CA ALA J 386 4.10 -40.23 -129.74
C ALA J 386 3.77 -41.55 -130.42
N ALA J 387 3.04 -42.43 -129.74
CA ALA J 387 2.67 -43.70 -130.32
C ALA J 387 1.70 -43.56 -131.48
N ARG J 388 0.95 -42.45 -131.53
CA ARG J 388 -0.01 -42.20 -132.60
C ARG J 388 0.43 -41.09 -133.53
N ALA J 389 1.70 -40.70 -133.50
CA ALA J 389 2.24 -39.65 -134.35
C ALA J 389 3.16 -40.19 -135.44
N GLY J 390 3.17 -41.49 -135.67
CA GLY J 390 4.01 -42.08 -136.70
C GLY J 390 5.41 -42.40 -136.17
N GLU J 391 6.35 -42.49 -137.12
CA GLU J 391 7.73 -42.79 -136.78
C GLU J 391 8.42 -41.63 -136.08
N GLN J 392 7.86 -40.43 -136.14
CA GLN J 392 8.47 -39.28 -135.50
C GLN J 392 8.39 -39.36 -133.98
N GLY J 393 7.54 -40.22 -133.44
CA GLY J 393 7.39 -40.37 -132.01
C GLY J 393 8.43 -41.22 -131.32
N ARG J 394 9.35 -41.82 -132.08
CA ARG J 394 10.38 -42.64 -131.47
C ARG J 394 11.27 -41.82 -130.55
N GLY J 395 11.56 -40.57 -130.93
CA GLY J 395 12.39 -39.72 -130.09
C GLY J 395 11.65 -39.22 -128.86
N PHE J 396 10.35 -38.99 -128.97
CA PHE J 396 9.57 -38.51 -127.84
C PHE J 396 9.13 -39.64 -126.92
N ALA J 397 8.95 -40.86 -127.47
CA ALA J 397 8.53 -41.99 -126.66
C ALA J 397 9.60 -42.34 -125.63
N VAL J 398 10.87 -42.34 -126.04
CA VAL J 398 11.94 -42.66 -125.11
C VAL J 398 12.05 -41.59 -124.03
N VAL J 399 11.91 -40.32 -124.42
CA VAL J 399 12.00 -39.24 -123.44
C VAL J 399 10.77 -39.23 -122.55
N ALA J 400 9.58 -39.37 -123.15
CA ALA J 400 8.36 -39.40 -122.35
C ALA J 400 8.35 -40.58 -121.40
N GLY J 401 8.89 -41.71 -121.82
CA GLY J 401 8.94 -42.87 -120.94
C GLY J 401 9.81 -42.63 -119.72
N GLU J 402 10.91 -41.91 -119.89
CA GLU J 402 11.81 -41.61 -118.77
C GLU J 402 11.24 -40.51 -117.89
N VAL J 403 10.59 -39.51 -118.49
CA VAL J 403 10.02 -38.42 -117.70
C VAL J 403 8.89 -38.95 -116.82
N ARG J 404 8.12 -39.92 -117.33
CA ARG J 404 7.04 -40.49 -116.53
C ARG J 404 7.59 -41.40 -115.44
N ASN J 405 8.62 -42.18 -115.75
CA ASN J 405 9.22 -43.07 -114.74
C ASN J 405 9.80 -42.25 -113.59
N LEU J 406 10.60 -41.24 -113.90
CA LEU J 406 11.17 -40.40 -112.85
C LEU J 406 10.09 -39.62 -112.12
N ALA J 407 8.99 -39.28 -112.80
CA ALA J 407 7.91 -38.56 -112.16
C ALA J 407 7.28 -39.38 -111.04
N GLN J 408 7.13 -40.69 -111.27
CA GLN J 408 6.58 -41.55 -110.23
C GLN J 408 7.52 -41.65 -109.03
N ARG J 409 8.83 -41.61 -109.29
CA ARG J 409 9.80 -41.64 -108.18
C ARG J 409 9.65 -40.41 -107.29
N SER J 410 9.51 -39.23 -107.90
CA SER J 410 9.31 -38.01 -107.12
C SER J 410 7.96 -38.05 -106.39
N ALA J 411 6.94 -38.61 -107.04
CA ALA J 411 5.63 -38.73 -106.40
C ALA J 411 5.68 -39.74 -105.27
N GLN J 412 6.22 -40.93 -105.53
CA GLN J 412 6.33 -41.94 -104.48
C GLN J 412 7.21 -41.45 -103.34
N ALA J 413 8.34 -40.83 -103.66
CA ALA J 413 9.21 -40.31 -102.61
C ALA J 413 8.50 -39.27 -101.76
N ALA J 414 7.60 -38.48 -102.36
CA ALA J 414 6.85 -37.49 -101.59
C ALA J 414 5.86 -38.16 -100.66
N ARG J 415 5.23 -39.26 -101.10
CA ARG J 415 4.29 -39.97 -100.25
C ARG J 415 5.00 -40.61 -99.07
N GLU J 416 6.24 -41.07 -99.26
CA GLU J 416 7.00 -41.64 -98.16
C GLU J 416 7.27 -40.61 -97.08
N ILE J 417 7.56 -39.37 -97.49
CA ILE J 417 7.78 -38.30 -96.51
C ILE J 417 6.49 -38.02 -95.75
N LYS J 418 5.35 -38.10 -96.43
CA LYS J 418 4.07 -37.88 -95.77
C LYS J 418 3.88 -38.86 -94.62
N SER J 419 4.31 -40.11 -94.80
CA SER J 419 4.21 -41.08 -93.72
C SER J 419 5.18 -40.73 -92.58
N LEU J 420 6.38 -40.26 -92.92
CA LEU J 420 7.34 -39.86 -91.89
C LEU J 420 6.85 -38.63 -91.14
N ILE J 421 6.40 -37.61 -91.88
CA ILE J 421 5.86 -36.41 -91.24
C ILE J 421 4.62 -36.77 -90.42
N GLU J 422 3.78 -37.66 -90.95
CA GLU J 422 2.60 -38.09 -90.19
C GLU J 422 3.01 -38.81 -88.91
N ASP J 423 3.98 -39.73 -89.01
CA ASP J 423 4.48 -40.40 -87.82
C ASP J 423 5.30 -39.45 -86.95
N SER J 424 5.99 -38.50 -87.57
CA SER J 424 6.77 -37.54 -86.79
C SER J 424 5.87 -36.65 -85.96
N VAL J 425 4.79 -36.13 -86.55
CA VAL J 425 3.85 -35.31 -85.80
C VAL J 425 3.28 -36.09 -84.63
N GLY J 426 3.07 -37.40 -84.80
CA GLY J 426 2.61 -38.21 -83.69
C GLY J 426 3.61 -38.28 -82.56
N LYS J 427 4.90 -38.38 -82.89
CA LYS J 427 5.93 -38.39 -81.86
C LYS J 427 6.02 -37.05 -81.16
N VAL J 428 5.78 -35.95 -81.89
CA VAL J 428 5.78 -34.63 -81.27
C VAL J 428 4.61 -34.52 -80.29
N ASP J 429 3.44 -35.03 -80.67
CA ASP J 429 2.30 -35.01 -79.76
C ASP J 429 2.59 -35.83 -78.51
N VAL J 430 3.16 -37.03 -78.67
CA VAL J 430 3.53 -37.83 -77.52
C VAL J 430 4.69 -37.17 -76.77
N GLY J 431 5.68 -36.68 -77.51
CA GLY J 431 6.79 -36.00 -76.86
C GLY J 431 6.35 -34.72 -76.15
N SER J 432 5.39 -34.01 -76.73
CA SER J 432 4.87 -32.80 -76.08
C SER J 432 4.21 -33.14 -74.75
N THR J 433 3.48 -34.26 -74.69
CA THR J 433 2.86 -34.68 -73.44
C THR J 433 3.92 -34.92 -72.37
N LEU J 434 5.06 -35.49 -72.76
CA LEU J 434 6.15 -35.69 -71.80
C LEU J 434 6.69 -34.37 -71.30
N VAL J 435 6.77 -33.36 -72.19
CA VAL J 435 7.23 -32.04 -71.76
C VAL J 435 6.18 -31.38 -70.87
N GLU J 436 4.92 -31.41 -71.31
CA GLU J 436 3.85 -30.86 -70.49
C GLU J 436 3.74 -31.60 -69.17
N SER J 437 3.89 -32.92 -69.19
CA SER J 437 3.88 -33.69 -67.95
C SER J 437 4.99 -33.23 -67.01
N ALA J 438 6.17 -32.92 -67.56
CA ALA J 438 7.25 -32.41 -66.73
C ALA J 438 6.89 -31.06 -66.12
N GLY J 439 6.11 -30.25 -66.82
CA GLY J 439 5.68 -28.98 -66.26
C GLY J 439 4.67 -29.15 -65.15
N GLU J 440 3.81 -30.16 -65.27
CA GLU J 440 2.83 -30.42 -64.21
C GLU J 440 3.52 -30.81 -62.91
N THR J 441 4.59 -31.60 -63.00
CA THR J 441 5.33 -31.98 -61.79
C THR J 441 5.91 -30.76 -61.10
N MET J 442 6.45 -29.81 -61.88
CA MET J 442 6.97 -28.59 -61.30
C MET J 442 5.89 -27.85 -60.51
N ALA J 443 4.68 -27.76 -61.08
CA ALA J 443 3.58 -27.12 -60.35
C ALA J 443 3.29 -27.84 -59.04
N GLU J 444 3.47 -29.16 -59.01
CA GLU J 444 3.26 -29.91 -57.77
C GLU J 444 4.48 -29.81 -56.85
N ILE J 445 5.68 -29.89 -57.42
CA ILE J 445 6.88 -29.75 -56.60
C ILE J 445 6.96 -28.36 -56.00
N VAL J 446 6.65 -27.33 -56.79
CA VAL J 446 6.65 -25.96 -56.28
C VAL J 446 5.63 -25.83 -55.16
N SER J 447 4.39 -26.26 -55.42
CA SER J 447 3.36 -26.19 -54.39
C SER J 447 3.70 -27.07 -53.20
N ALA J 448 4.39 -28.19 -53.43
CA ALA J 448 4.78 -29.07 -52.34
C ALA J 448 5.95 -28.49 -51.55
N VAL J 449 7.03 -28.09 -52.24
CA VAL J 449 8.17 -27.51 -51.55
C VAL J 449 7.78 -26.19 -50.89
N THR J 450 6.91 -25.41 -51.53
CA THR J 450 6.47 -24.16 -50.93
C THR J 450 5.78 -24.42 -49.59
N ARG J 451 4.91 -25.43 -49.54
CA ARG J 451 4.26 -25.78 -48.29
C ARG J 451 5.28 -26.36 -47.30
N VAL J 452 6.23 -27.16 -47.79
CA VAL J 452 7.26 -27.71 -46.93
C VAL J 452 8.11 -26.58 -46.34
N THR J 453 8.48 -25.62 -47.19
CA THR J 453 9.26 -24.47 -46.70
C THR J 453 8.50 -23.70 -45.63
N ASP J 454 7.17 -23.63 -45.75
CA ASP J 454 6.37 -22.95 -44.72
C ASP J 454 6.42 -23.71 -43.41
N ILE J 455 6.32 -25.04 -43.46
CA ILE J 455 6.39 -25.84 -42.24
C ILE J 455 7.76 -25.66 -41.57
N MET J 456 8.83 -25.78 -42.35
CA MET J 456 10.17 -25.57 -41.81
C MET J 456 10.32 -24.16 -41.25
N GLY J 457 9.67 -23.18 -41.87
CA GLY J 457 9.74 -21.81 -41.36
C GLY J 457 9.04 -21.66 -40.02
N GLU J 458 7.82 -22.21 -39.91
CA GLU J 458 7.10 -22.14 -38.65
C GLU J 458 7.83 -22.91 -37.56
N ILE J 459 8.32 -24.11 -37.87
CA ILE J 459 9.07 -24.89 -36.89
C ILE J 459 10.36 -24.16 -36.53
N ALA J 460 10.99 -23.50 -37.50
CA ALA J 460 12.19 -22.73 -37.22
C ALA J 460 11.89 -21.59 -36.25
N SER J 461 10.83 -20.83 -36.52
CA SER J 461 10.45 -19.75 -35.60
C SER J 461 9.88 -20.31 -34.31
N ALA J 462 9.13 -21.42 -34.39
CA ALA J 462 8.60 -22.04 -33.18
C ALA J 462 9.71 -22.57 -32.30
N SER J 463 10.78 -23.10 -32.91
CA SER J 463 11.91 -23.59 -32.13
C SER J 463 12.54 -22.47 -31.33
N ASP J 464 12.56 -21.25 -31.88
CA ASP J 464 13.10 -20.11 -31.15
C ASP J 464 12.25 -19.81 -29.91
N GLU J 465 10.93 -19.94 -30.04
CA GLU J 465 10.06 -19.73 -28.88
C GLU J 465 10.31 -20.79 -27.82
N GLN J 466 10.48 -22.04 -28.23
CA GLN J 466 10.79 -23.10 -27.26
C GLN J 466 12.15 -22.87 -26.61
N SER J 467 13.11 -22.33 -27.36
CA SER J 467 14.42 -22.03 -26.80
C SER J 467 14.31 -20.98 -25.70
N ARG J 468 13.58 -19.89 -25.97
CA ARG J 468 13.37 -18.88 -24.94
C ARG J 468 12.51 -19.40 -23.81
N GLY J 469 11.58 -20.32 -24.10
CA GLY J 469 10.77 -20.90 -23.04
C GLY J 469 11.59 -21.68 -22.04
N ILE J 470 12.54 -22.48 -22.54
CA ILE J 470 13.41 -23.23 -21.64
C ILE J 470 14.27 -22.28 -20.82
N ASP J 471 14.67 -21.14 -21.40
CA ASP J 471 15.44 -20.16 -20.65
C ASP J 471 14.64 -19.64 -19.46
N GLN J 472 13.37 -19.29 -19.70
CA GLN J 472 12.52 -18.85 -18.60
C GLN J 472 12.29 -19.96 -17.59
N VAL J 473 12.10 -21.19 -18.08
CA VAL J 473 11.94 -22.33 -17.17
C VAL J 473 13.22 -22.59 -16.40
N GLY J 474 14.38 -22.36 -17.03
CA GLY J 474 15.63 -22.53 -16.33
C GLY J 474 15.77 -21.59 -15.14
N LEU J 475 15.41 -20.32 -15.34
CA LEU J 475 15.45 -19.38 -14.23
C LEU J 475 14.45 -19.76 -13.14
N ALA J 476 13.30 -20.32 -13.55
CA ALA J 476 12.32 -20.76 -12.57
C ALA J 476 12.87 -21.93 -11.74
N VAL J 477 13.52 -22.89 -12.40
CA VAL J 477 14.10 -24.02 -11.67
C VAL J 477 15.18 -23.51 -10.71
N ALA J 478 15.97 -22.53 -11.14
CA ALA J 478 16.98 -21.94 -10.27
C ALA J 478 16.32 -21.22 -9.08
N GLU J 479 15.20 -20.54 -9.32
CA GLU J 479 14.49 -19.88 -8.23
C GLU J 479 13.92 -20.90 -7.26
N MET J 480 13.26 -21.93 -7.78
CA MET J 480 12.73 -22.98 -6.92
C MET J 480 13.85 -23.73 -6.21
N ASP J 481 14.96 -23.97 -6.92
CA ASP J 481 16.10 -24.63 -6.29
C ASP J 481 16.66 -23.79 -5.15
N ARG J 482 16.78 -22.47 -5.36
CA ARG J 482 17.24 -21.59 -4.29
C ARG J 482 16.24 -21.56 -3.14
N VAL J 483 14.95 -21.52 -3.44
CA VAL J 483 13.94 -21.53 -2.39
C VAL J 483 13.94 -22.87 -1.67
N THR J 484 14.25 -23.96 -2.38
CA THR J 484 14.30 -25.27 -1.74
C THR J 484 15.39 -25.30 -0.67
N GLN J 485 16.55 -24.70 -0.96
CA GLN J 485 17.61 -24.64 0.04
C GLN J 485 17.18 -23.83 1.26
N GLN J 486 16.45 -22.73 1.04
CA GLN J 486 15.95 -21.95 2.16
C GLN J 486 14.95 -22.73 2.99
N ASN J 487 14.13 -23.56 2.33
CA ASN J 487 13.17 -24.38 3.06
C ASN J 487 13.88 -25.35 4.00
N ALA J 488 14.92 -26.03 3.50
CA ALA J 488 15.68 -26.94 4.34
C ALA J 488 16.34 -26.20 5.50
N ALA J 489 16.74 -24.95 5.28
CA ALA J 489 17.34 -24.16 6.36
C ALA J 489 16.31 -23.88 7.45
N LEU J 490 15.13 -23.41 7.06
CA LEU J 490 14.08 -23.14 8.05
C LEU J 490 13.64 -24.43 8.72
N VAL J 491 13.56 -25.53 7.97
CA VAL J 491 13.21 -26.82 8.57
C VAL J 491 14.28 -27.26 9.55
N GLU J 492 15.54 -26.99 9.25
CA GLU J 492 16.62 -27.33 10.17
C GLU J 492 16.50 -26.53 11.46
N GLU J 493 16.28 -25.21 11.34
CA GLU J 493 16.10 -24.38 12.53
C GLU J 493 14.84 -24.80 13.29
N SER J 494 13.77 -25.11 12.56
CA SER J 494 12.55 -25.57 13.23
C SER J 494 12.78 -26.89 13.94
N ALA J 495 13.48 -27.83 13.30
CA ALA J 495 13.79 -29.10 13.94
C ALA J 495 14.70 -28.89 15.14
N ALA J 496 15.72 -28.04 15.00
CA ALA J 496 16.59 -27.74 16.13
C ALA J 496 15.84 -26.99 17.22
N ALA J 497 14.99 -26.04 16.84
CA ALA J 497 14.19 -25.32 17.82
C ALA J 497 13.20 -26.25 18.50
N ALA J 498 12.58 -27.16 17.73
CA ALA J 498 11.66 -28.11 18.33
C ALA J 498 12.38 -29.03 19.32
N ALA J 499 13.61 -29.44 18.98
CA ALA J 499 14.38 -30.27 19.89
C ALA J 499 14.74 -29.50 21.16
N ALA J 500 14.94 -28.19 21.05
CA ALA J 500 15.24 -27.39 22.24
C ALA J 500 14.06 -27.41 23.22
N LEU J 501 12.84 -27.37 22.70
CA LEU J 501 11.67 -27.42 23.57
C LEU J 501 11.62 -28.75 24.33
N GLU J 502 12.04 -29.84 23.68
CA GLU J 502 12.07 -31.13 24.37
C GLU J 502 13.05 -31.09 25.53
N GLU J 503 14.19 -30.41 25.37
CA GLU J 503 15.14 -30.29 26.46
C GLU J 503 14.57 -29.44 27.59
N GLN J 504 13.95 -28.31 27.26
CA GLN J 504 13.33 -27.47 28.28
C GLN J 504 12.22 -28.22 29.00
N ALA J 505 11.42 -28.98 28.25
CA ALA J 505 10.36 -29.76 28.88
C ALA J 505 10.93 -30.83 29.80
N SER J 506 12.10 -31.38 29.46
CA SER J 506 12.73 -32.37 30.32
C SER J 506 13.14 -31.75 31.65
N ARG J 507 13.62 -30.50 31.63
CA ARG J 507 13.98 -29.84 32.88
C ARG J 507 12.78 -29.71 33.80
N LEU J 508 11.61 -29.39 33.24
CA LEU J 508 10.41 -29.30 34.06
C LEU J 508 10.02 -30.65 34.64
N THR J 509 10.28 -31.74 33.90
CA THR J 509 9.97 -33.07 34.43
C THR J 509 10.90 -33.43 35.58
N GLU J 510 12.18 -33.12 35.46
CA GLU J 510 13.12 -33.42 36.54
C GLU J 510 12.81 -32.58 37.78
N ALA J 511 12.32 -31.36 37.60
CA ALA J 511 11.97 -30.53 38.75
C ALA J 511 10.81 -31.14 39.54
N VAL J 512 9.73 -31.49 38.84
CA VAL J 512 8.59 -32.11 39.51
C VAL J 512 8.89 -33.55 39.91
N ALA J 513 9.93 -34.16 39.31
CA ALA J 513 10.27 -35.53 39.68
C ALA J 513 10.62 -35.65 41.15
N VAL J 514 11.28 -34.63 41.71
CA VAL J 514 11.59 -34.66 43.14
C VAL J 514 10.32 -34.61 43.98
N PHE J 515 9.28 -33.95 43.48
CA PHE J 515 8.02 -33.87 44.19
C PHE J 515 7.19 -35.12 43.95
N ARG J 516 6.10 -35.23 44.71
CA ARG J 516 5.21 -36.38 44.61
C ARG J 516 3.75 -35.94 44.57
N MET K 1 -56.29 -3.58 72.59
CA MET K 1 -55.44 -2.91 73.62
C MET K 1 -54.00 -3.38 73.51
N LEU K 2 -53.81 -4.67 73.22
CA LEU K 2 -52.48 -5.23 73.09
C LEU K 2 -51.86 -4.99 71.71
N LYS K 3 -52.69 -4.87 70.67
CA LYS K 3 -52.17 -4.64 69.32
C LYS K 3 -51.74 -3.19 69.11
N ARG K 4 -52.36 -2.26 69.83
CA ARG K 4 -52.05 -0.84 69.71
C ARG K 4 -50.94 -0.39 70.65
N ILE K 5 -50.07 -1.30 71.07
CA ILE K 5 -48.96 -0.98 71.97
C ILE K 5 -47.77 -1.84 71.59
N LYS K 6 -46.58 -1.37 71.97
CA LYS K 6 -45.36 -2.11 71.68
C LYS K 6 -45.30 -3.41 72.47
N ILE K 7 -44.59 -4.39 71.92
CA ILE K 7 -44.46 -5.68 72.59
C ILE K 7 -43.60 -5.54 73.84
N VAL K 8 -42.48 -4.83 73.73
CA VAL K 8 -41.60 -4.65 74.89
C VAL K 8 -42.32 -3.85 75.96
N THR K 9 -43.09 -2.83 75.56
CA THR K 9 -43.84 -2.05 76.54
C THR K 9 -44.93 -2.87 77.20
N SER K 10 -45.55 -3.79 76.45
CA SER K 10 -46.57 -4.65 77.02
C SER K 10 -45.97 -5.65 77.99
N LEU K 11 -44.92 -6.35 77.56
CA LEU K 11 -44.27 -7.32 78.44
C LEU K 11 -43.63 -6.64 79.64
N LEU K 12 -43.12 -5.42 79.46
CA LEU K 12 -42.54 -4.69 80.59
C LEU K 12 -43.57 -4.44 81.68
N LEU K 13 -44.77 -4.00 81.29
CA LEU K 13 -45.83 -3.80 82.28
C LEU K 13 -46.28 -5.12 82.90
N VAL K 14 -46.21 -6.21 82.14
CA VAL K 14 -46.59 -7.51 82.69
C VAL K 14 -45.65 -7.90 83.81
N LEU K 15 -44.34 -7.78 83.58
CA LEU K 15 -43.38 -8.09 84.63
C LEU K 15 -43.55 -7.18 85.83
N ALA K 16 -43.98 -5.93 85.61
CA ALA K 16 -44.21 -5.02 86.72
C ALA K 16 -45.41 -5.44 87.55
N VAL K 17 -46.38 -6.11 86.93
CA VAL K 17 -47.57 -6.57 87.66
C VAL K 17 -47.16 -7.58 88.72
N PHE K 18 -46.38 -8.60 88.31
CA PHE K 18 -45.91 -9.60 89.28
C PHE K 18 -45.07 -8.95 90.37
N GLY K 19 -44.27 -7.94 90.01
CA GLY K 19 -43.48 -7.24 91.00
C GLY K 19 -44.34 -6.45 91.97
N LEU K 20 -45.49 -5.94 91.50
CA LEU K 20 -46.39 -5.20 92.38
C LEU K 20 -47.14 -6.13 93.31
N LEU K 21 -47.60 -7.29 92.81
CA LEU K 21 -48.29 -8.24 93.65
C LEU K 21 -47.40 -8.71 94.80
N GLN K 22 -46.10 -8.86 94.55
CA GLN K 22 -45.19 -9.27 95.61
C GLN K 22 -45.03 -8.15 96.64
N LEU K 23 -45.04 -6.90 96.20
CA LEU K 23 -44.90 -5.79 97.13
C LEU K 23 -46.19 -5.59 97.93
N THR K 24 -47.34 -5.57 97.25
CA THR K 24 -48.61 -5.42 97.95
C THR K 24 -48.87 -6.59 98.89
N SER K 25 -48.68 -7.82 98.40
CA SER K 25 -48.86 -8.99 99.24
C SER K 25 -47.87 -8.98 100.40
N GLY K 26 -46.60 -8.69 100.12
CA GLY K 26 -45.61 -8.62 101.18
C GLY K 26 -45.90 -7.53 102.18
N GLY K 27 -46.48 -6.41 101.72
CA GLY K 27 -46.83 -5.35 102.65
C GLY K 27 -47.91 -5.76 103.63
N LEU K 28 -48.97 -6.40 103.12
CA LEU K 28 -50.04 -6.88 103.99
C LEU K 28 -49.52 -7.94 104.95
N PHE K 29 -48.71 -8.87 104.46
CA PHE K 29 -48.14 -9.90 105.32
C PHE K 29 -47.17 -9.28 106.33
N PHE K 30 -46.34 -8.34 105.88
CA PHE K 30 -45.43 -7.66 106.80
C PHE K 30 -46.18 -6.78 107.78
N ASN K 31 -47.32 -6.22 107.36
CA ASN K 31 -48.12 -5.41 108.27
C ASN K 31 -48.58 -6.21 109.48
N ALA K 32 -49.03 -7.45 109.24
CA ALA K 32 -49.43 -8.30 110.35
C ALA K 32 -48.27 -8.57 111.29
N LEU K 33 -47.08 -8.85 110.73
CA LEU K 33 -45.90 -9.06 111.58
C LEU K 33 -45.57 -7.81 112.37
N LYS K 34 -45.75 -6.63 111.75
CA LYS K 34 -45.49 -5.38 112.47
C LYS K 34 -46.50 -5.17 113.59
N ASN K 35 -47.78 -5.45 113.31
CA ASN K 35 -48.80 -5.31 114.35
C ASN K 35 -48.55 -6.30 115.49
N ASP K 36 -48.11 -7.52 115.16
CA ASP K 36 -47.82 -8.50 116.20
C ASP K 36 -46.69 -8.01 117.10
N LYS K 37 -45.67 -7.38 116.52
CA LYS K 37 -44.57 -6.86 117.33
C LYS K 37 -45.07 -5.81 118.31
N GLU K 38 -46.07 -5.01 117.91
CA GLU K 38 -46.63 -4.01 118.81
C GLU K 38 -47.33 -4.67 119.99
N ASN K 39 -47.81 -5.89 119.83
CA ASN K 39 -48.48 -6.58 120.92
C ASN K 39 -47.48 -7.02 121.99
N PHE K 40 -46.37 -7.62 121.57
CA PHE K 40 -45.36 -8.05 122.53
C PHE K 40 -44.83 -6.88 123.34
N THR K 41 -44.59 -5.74 122.68
CA THR K 41 -44.14 -4.56 123.40
C THR K 41 -45.18 -4.09 124.42
N VAL K 42 -46.47 -4.28 124.11
CA VAL K 42 -47.52 -3.92 125.05
C VAL K 42 -47.66 -5.00 126.13
N LEU K 43 -47.65 -6.27 125.72
CA LEU K 43 -47.73 -7.35 126.70
C LEU K 43 -46.49 -7.40 127.59
N GLN K 44 -45.33 -7.03 127.04
CA GLN K 44 -44.13 -6.98 127.86
C GLN K 44 -44.28 -6.03 129.03
N THR K 45 -44.97 -4.90 128.82
CA THR K 45 -45.22 -3.98 129.92
C THR K 45 -46.20 -4.56 130.91
N ILE K 46 -47.26 -5.21 130.43
CA ILE K 46 -48.25 -5.81 131.32
C ILE K 46 -47.58 -6.85 132.21
N ARG K 47 -46.67 -7.65 131.65
CA ARG K 47 -45.97 -8.64 132.45
C ARG K 47 -45.15 -7.98 133.54
N GLN K 48 -44.46 -6.89 133.21
CA GLN K 48 -43.68 -6.18 134.21
C GLN K 48 -44.59 -5.51 135.25
N GLN K 49 -45.72 -4.97 134.80
CA GLN K 49 -46.66 -4.37 135.74
C GLN K 49 -47.15 -5.40 136.76
N GLN K 50 -47.51 -6.59 136.28
CA GLN K 50 -47.94 -7.64 137.21
C GLN K 50 -46.78 -8.12 138.07
N SER K 51 -45.58 -8.22 137.48
CA SER K 51 -44.42 -8.65 138.25
C SER K 51 -44.06 -7.63 139.32
N THR K 52 -43.94 -6.35 138.93
CA THR K 52 -43.63 -5.31 139.91
C THR K 52 -44.75 -5.17 140.93
N LEU K 53 -46.01 -5.20 140.47
CA LEU K 53 -47.13 -5.11 141.39
C LEU K 53 -47.22 -6.33 142.29
N ASN K 54 -46.84 -7.50 141.79
CA ASN K 54 -46.85 -8.71 142.61
C ASN K 54 -45.87 -8.58 143.77
N GLY K 55 -44.61 -8.23 143.48
CA GLY K 55 -43.64 -8.05 144.53
C GLY K 55 -44.04 -7.01 145.55
N SER K 56 -44.77 -5.98 145.12
CA SER K 56 -45.24 -4.97 146.06
C SER K 56 -46.35 -5.51 146.96
N TRP K 57 -47.39 -6.09 146.34
CA TRP K 57 -48.48 -6.66 147.13
C TRP K 57 -47.98 -7.79 148.02
N VAL K 58 -47.08 -8.63 147.51
CA VAL K 58 -46.53 -9.70 148.32
C VAL K 58 -45.74 -9.13 149.50
N ALA K 59 -45.11 -7.97 149.30
CA ALA K 59 -44.36 -7.35 150.39
C ALA K 59 -45.29 -6.80 151.46
N LEU K 60 -46.43 -6.24 151.05
CA LEU K 60 -47.38 -5.72 152.03
C LEU K 60 -47.93 -6.83 152.92
N LEU K 61 -48.27 -7.97 152.32
CA LEU K 61 -48.77 -9.09 153.11
C LEU K 61 -47.70 -9.60 154.07
N GLN K 62 -46.47 -9.78 153.56
CA GLN K 62 -45.39 -10.21 154.44
C GLN K 62 -45.12 -9.19 155.54
N THR K 63 -45.33 -7.91 155.26
CA THR K 63 -45.17 -6.89 156.29
C THR K 63 -46.17 -7.09 157.41
N ARG K 64 -47.47 -7.04 157.08
CA ARG K 64 -48.50 -7.28 158.09
C ARG K 64 -48.35 -8.65 158.72
N ASN K 65 -48.06 -9.67 157.89
CA ASN K 65 -47.86 -11.01 158.42
C ASN K 65 -46.70 -11.04 159.41
N THR K 66 -45.63 -10.30 159.12
CA THR K 66 -44.50 -10.24 160.05
C THR K 66 -44.88 -9.47 161.31
N LEU K 67 -45.68 -8.41 161.17
CA LEU K 67 -46.11 -7.66 162.35
C LEU K 67 -46.97 -8.52 163.27
N ASN K 68 -47.77 -9.42 162.70
CA ASN K 68 -48.58 -10.31 163.53
C ASN K 68 -47.69 -11.18 164.42
N ARG K 69 -46.54 -11.62 163.89
CA ARG K 69 -45.62 -12.40 164.69
C ARG K 69 -45.07 -11.59 165.86
N ALA K 70 -44.78 -10.31 165.61
CA ALA K 70 -44.29 -9.46 166.69
C ALA K 70 -45.33 -9.31 167.79
N GLY K 71 -46.60 -9.19 167.43
CA GLY K 71 -47.65 -9.10 168.44
C GLY K 71 -47.76 -10.36 169.26
N ILE K 72 -47.81 -11.52 168.58
CA ILE K 72 -47.87 -12.79 169.29
C ILE K 72 -46.60 -12.99 170.12
N ARG K 73 -45.44 -12.60 169.57
CA ARG K 73 -44.20 -12.71 170.32
C ARG K 73 -44.19 -11.78 171.53
N TYR K 74 -44.92 -10.66 171.44
CA TYR K 74 -44.96 -9.72 172.56
C TYR K 74 -45.89 -10.20 173.66
N MET K 75 -47.05 -10.76 173.29
CA MET K 75 -47.99 -11.24 174.30
C MET K 75 -47.40 -12.39 175.09
N MET K 76 -46.68 -13.30 174.43
CA MET K 76 -46.09 -14.43 175.13
C MET K 76 -45.00 -13.98 176.09
N ASP K 77 -44.32 -12.88 175.78
CA ASP K 77 -43.29 -12.36 176.69
C ASP K 77 -43.89 -11.94 178.01
N GLN K 78 -45.05 -11.28 177.97
CA GLN K 78 -45.70 -10.86 179.21
C GLN K 78 -46.18 -12.05 180.02
N ASN K 79 -46.62 -13.11 179.35
CA ASN K 79 -47.09 -14.32 180.00
C ASN K 79 -46.01 -15.40 180.10
N ASN K 80 -44.85 -15.17 179.49
CA ASN K 80 -43.77 -16.14 179.53
C ASN K 80 -44.21 -17.48 178.96
N ILE K 81 -44.19 -17.61 177.63
CA ILE K 81 -44.59 -18.82 176.93
C ILE K 81 -43.54 -19.07 175.86
N GLY K 82 -42.64 -20.03 176.09
CA GLY K 82 -41.63 -20.32 175.11
C GLY K 82 -40.66 -19.16 174.94
N SER K 83 -39.81 -19.29 173.93
CA SER K 83 -38.83 -18.27 173.61
C SER K 83 -38.55 -18.30 172.12
N GLY K 84 -37.75 -17.36 171.67
CA GLY K 84 -37.40 -17.26 170.26
C GLY K 84 -36.84 -15.89 169.94
N SER K 85 -37.07 -15.47 168.70
CA SER K 85 -36.59 -14.16 168.25
C SER K 85 -37.28 -13.06 169.03
N THR K 86 -36.49 -12.08 169.48
CA THR K 86 -37.04 -10.98 170.25
C THR K 86 -37.98 -10.15 169.37
N VAL K 87 -38.70 -9.23 170.02
CA VAL K 87 -39.64 -8.37 169.31
C VAL K 87 -38.89 -7.39 168.41
N ALA K 88 -37.70 -6.96 168.82
CA ALA K 88 -36.94 -6.02 168.01
C ALA K 88 -36.56 -6.62 166.66
N GLU K 89 -36.29 -7.93 166.64
CA GLU K 89 -35.93 -8.58 165.38
C GLU K 89 -37.15 -8.75 164.48
N LEU K 90 -38.30 -9.10 165.07
CA LEU K 90 -39.51 -9.27 164.27
C LEU K 90 -39.97 -7.95 163.69
N MET K 91 -40.03 -6.90 164.51
CA MET K 91 -40.41 -5.59 164.00
C MET K 91 -39.44 -5.08 162.96
N GLU K 92 -38.14 -5.38 163.12
CA GLU K 92 -37.16 -4.96 162.12
C GLU K 92 -37.40 -5.66 160.79
N SER K 93 -37.77 -6.94 160.83
CA SER K 93 -38.06 -7.66 159.59
C SER K 93 -39.26 -7.06 158.88
N ALA K 94 -40.28 -6.64 159.64
CA ALA K 94 -41.44 -6.01 159.03
C ALA K 94 -41.06 -4.71 158.34
N SER K 95 -40.10 -3.98 158.91
CA SER K 95 -39.65 -2.73 158.28
C SER K 95 -39.01 -3.01 156.93
N ILE K 96 -38.23 -4.08 156.83
CA ILE K 96 -37.61 -4.44 155.55
C ILE K 96 -38.69 -4.80 154.54
N SER K 97 -39.74 -5.49 154.97
CA SER K 97 -40.83 -5.83 154.08
C SER K 97 -41.59 -4.59 153.63
N LEU K 98 -41.76 -3.62 154.54
CA LEU K 98 -42.43 -2.38 154.18
C LEU K 98 -41.63 -1.61 153.13
N LYS K 99 -40.32 -1.44 153.37
CA LYS K 99 -39.48 -0.77 152.40
C LYS K 99 -39.38 -1.56 151.10
N GLN K 100 -39.48 -2.89 151.17
CA GLN K 100 -39.45 -3.70 149.96
C GLN K 100 -40.62 -3.37 149.04
N ALA K 101 -41.78 -3.03 149.61
CA ALA K 101 -42.93 -2.67 148.79
C ALA K 101 -42.68 -1.37 148.05
N GLU K 102 -41.99 -0.42 148.67
CA GLU K 102 -41.71 0.86 148.01
C GLU K 102 -40.81 0.65 146.79
N LYS K 103 -39.79 -0.20 146.92
CA LYS K 103 -38.91 -0.47 145.79
C LYS K 103 -39.67 -1.15 144.65
N ASN K 104 -40.51 -2.13 144.99
CA ASN K 104 -41.30 -2.81 143.96
C ASN K 104 -42.40 -1.90 143.43
N TRP K 105 -43.00 -1.10 144.29
CA TRP K 105 -44.05 -0.18 143.85
C TRP K 105 -43.48 0.98 143.06
N ALA K 106 -42.26 1.43 143.40
CA ALA K 106 -41.65 2.52 142.65
C ALA K 106 -41.42 2.14 141.20
N ASP K 107 -40.94 0.92 140.95
CA ASP K 107 -40.74 0.47 139.58
C ASP K 107 -42.05 0.37 138.82
N TYR K 108 -43.14 0.02 139.51
CA TYR K 108 -44.43 -0.08 138.85
C TYR K 108 -44.88 1.27 138.30
N GLU K 109 -44.62 2.35 139.04
CA GLU K 109 -45.00 3.68 138.58
C GLU K 109 -44.12 4.17 137.45
N ALA K 110 -42.94 3.59 137.26
CA ALA K 110 -42.04 4.02 136.19
C ALA K 110 -42.38 3.39 134.85
N LEU K 111 -43.10 2.28 134.83
CA LEU K 111 -43.45 1.61 133.59
C LEU K 111 -44.57 2.36 132.87
N PRO K 112 -44.74 2.11 131.56
CA PRO K 112 -45.83 2.78 130.84
C PRO K 112 -47.20 2.46 131.43
N ARG K 113 -48.24 3.08 130.86
CA ARG K 113 -49.62 2.88 131.31
C ARG K 113 -50.45 2.47 130.10
N ASP K 114 -51.08 1.30 130.18
CA ASP K 114 -51.90 0.81 129.09
C ASP K 114 -53.11 1.73 128.91
N PRO K 115 -53.28 2.39 127.76
CA PRO K 115 -54.44 3.28 127.58
C PRO K 115 -55.75 2.53 127.35
N ARG K 116 -55.72 1.20 127.27
CA ARG K 116 -56.94 0.40 127.06
C ARG K 116 -57.64 0.06 128.36
N GLN K 117 -57.82 1.03 129.25
CA GLN K 117 -58.49 0.80 130.52
C GLN K 117 -58.77 2.14 131.18
N SER K 118 -59.87 2.18 131.94
CA SER K 118 -60.27 3.41 132.61
C SER K 118 -59.27 3.76 133.70
N THR K 119 -58.87 5.03 133.76
CA THR K 119 -57.90 5.47 134.75
C THR K 119 -58.43 5.35 136.17
N ALA K 120 -59.75 5.19 136.34
CA ALA K 120 -60.30 5.04 137.69
C ALA K 120 -59.75 3.82 138.40
N ALA K 121 -59.50 2.73 137.66
CA ALA K 121 -58.95 1.53 138.27
C ALA K 121 -57.53 1.77 138.76
N ALA K 122 -56.70 2.43 137.94
CA ALA K 122 -55.32 2.70 138.36
C ALA K 122 -55.28 3.71 139.51
N ALA K 123 -56.22 4.65 139.55
CA ALA K 123 -56.25 5.63 140.63
C ALA K 123 -56.79 5.05 141.92
N GLU K 124 -57.77 4.14 141.83
CA GLU K 124 -58.33 3.53 143.04
C GLU K 124 -57.29 2.67 143.73
N ILE K 125 -56.62 1.79 142.98
CA ILE K 125 -55.60 0.94 143.57
C ILE K 125 -54.44 1.76 144.11
N LYS K 126 -54.12 2.88 143.45
CA LYS K 126 -53.04 3.73 143.93
C LYS K 126 -53.41 4.42 145.23
N ARG K 127 -54.65 4.91 145.35
CA ARG K 127 -55.07 5.55 146.58
C ARG K 127 -55.12 4.57 147.73
N ASN K 128 -55.56 3.34 147.47
CA ASN K 128 -55.61 2.33 148.53
C ASN K 128 -54.22 1.97 149.01
N TYR K 129 -53.21 2.06 148.14
CA TYR K 129 -51.84 1.76 148.55
C TYR K 129 -51.36 2.76 149.59
N ASP K 130 -51.71 4.04 149.44
CA ASP K 130 -51.31 5.04 150.41
C ASP K 130 -51.97 4.79 151.76
N ILE K 131 -53.26 4.48 151.76
CA ILE K 131 -53.96 4.20 153.02
C ILE K 131 -53.39 2.95 153.66
N TYR K 132 -52.99 1.97 152.85
CA TYR K 132 -52.41 0.74 153.39
C TYR K 132 -50.98 0.98 153.87
N HIS K 133 -50.17 1.65 153.05
CA HIS K 133 -48.79 1.93 153.44
C HIS K 133 -48.74 2.76 154.70
N ASN K 134 -49.57 3.81 154.79
CA ASN K 134 -49.59 4.64 155.99
C ASN K 134 -50.06 3.85 157.20
N ALA K 135 -50.97 2.89 157.00
CA ALA K 135 -51.45 2.08 158.12
C ALA K 135 -50.33 1.22 158.68
N LEU K 136 -49.54 0.59 157.82
CA LEU K 136 -48.43 -0.25 158.29
C LEU K 136 -47.39 0.58 159.02
N ALA K 137 -47.22 1.84 158.64
CA ALA K 137 -46.25 2.70 159.31
C ALA K 137 -46.64 2.96 160.76
N GLU K 138 -47.94 3.12 161.01
CA GLU K 138 -48.40 3.35 162.38
C GLU K 138 -48.23 2.11 163.24
N LEU K 139 -48.40 0.93 162.65
CA LEU K 139 -48.24 -0.32 163.41
C LEU K 139 -46.85 -0.44 164.01
N ILE K 140 -45.82 0.02 163.28
CA ILE K 140 -44.46 -0.05 163.78
C ILE K 140 -44.23 0.92 164.93
N GLN K 141 -45.00 2.00 164.99
CA GLN K 141 -44.83 2.99 166.05
C GLN K 141 -45.62 2.63 167.30
N LEU K 142 -46.82 2.08 167.13
CA LEU K 142 -47.63 1.72 168.30
C LEU K 142 -46.97 0.59 169.10
N LEU K 143 -46.61 -0.50 168.42
CA LEU K 143 -45.98 -1.62 169.12
C LEU K 143 -44.60 -1.22 169.66
N GLY K 144 -43.90 -0.31 168.99
CA GLY K 144 -42.61 0.12 169.47
C GLY K 144 -42.67 0.85 170.80
N ALA K 145 -43.74 1.64 171.01
CA ALA K 145 -43.91 2.39 172.24
C ALA K 145 -44.67 1.61 173.31
N GLY K 146 -44.98 0.34 173.06
CA GLY K 146 -45.69 -0.46 174.03
C GLY K 146 -47.21 -0.39 173.95
N LYS K 147 -47.76 0.16 172.86
CA LYS K 147 -49.20 0.27 172.71
C LYS K 147 -49.75 -1.01 172.06
N ILE K 148 -49.61 -2.10 172.81
CA ILE K 148 -50.08 -3.39 172.31
C ILE K 148 -51.60 -3.42 172.24
N ASN K 149 -52.28 -2.64 173.09
CA ASN K 149 -53.74 -2.62 173.08
C ASN K 149 -54.26 -2.05 171.76
N GLU K 150 -53.85 -0.83 171.43
CA GLU K 150 -54.30 -0.20 170.18
C GLU K 150 -53.76 -0.92 168.95
N PHE K 151 -52.70 -1.71 169.11
CA PHE K 151 -52.15 -2.43 167.95
C PHE K 151 -53.15 -3.41 167.37
N PHE K 152 -54.02 -3.98 168.20
CA PHE K 152 -55.04 -4.92 167.75
C PHE K 152 -56.35 -4.25 167.36
N ASP K 153 -56.44 -2.92 167.49
CA ASP K 153 -57.66 -2.19 167.18
C ASP K 153 -57.55 -1.34 165.94
N GLN K 154 -56.42 -1.37 165.23
CA GLN K 154 -56.26 -0.57 164.04
C GLN K 154 -57.10 -1.13 162.91
N PRO K 155 -57.44 -0.31 161.91
CA PRO K 155 -58.26 -0.79 160.79
C PRO K 155 -57.44 -1.48 159.71
N THR K 156 -56.28 -2.01 160.08
CA THR K 156 -55.43 -2.68 159.09
C THR K 156 -56.13 -3.89 158.48
N GLN K 157 -57.04 -4.51 159.23
CA GLN K 157 -57.76 -5.67 158.69
C GLN K 157 -58.71 -5.25 157.58
N GLY K 158 -59.28 -4.05 157.67
CA GLY K 158 -60.18 -3.60 156.62
C GLY K 158 -59.45 -3.16 155.37
N TYR K 159 -58.31 -2.47 155.53
CA TYR K 159 -57.54 -2.02 154.38
C TYR K 159 -56.93 -3.21 153.63
N GLN K 160 -56.57 -4.28 154.35
CA GLN K 160 -56.00 -5.45 153.69
C GLN K 160 -57.01 -6.07 152.73
N ASP K 161 -58.26 -6.21 153.17
CA ASP K 161 -59.29 -6.77 152.31
C ASP K 161 -59.73 -5.76 151.24
N GLY K 162 -59.68 -4.46 151.56
CA GLY K 162 -60.06 -3.46 150.59
C GLY K 162 -59.15 -3.45 149.36
N PHE K 163 -57.84 -3.39 149.60
CA PHE K 163 -56.90 -3.41 148.49
C PHE K 163 -56.93 -4.74 147.75
N GLU K 164 -57.22 -5.84 148.46
CA GLU K 164 -57.30 -7.14 147.82
C GLU K 164 -58.42 -7.18 146.78
N LYS K 165 -59.55 -6.53 147.09
CA LYS K 165 -60.64 -6.48 146.12
C LYS K 165 -60.21 -5.76 144.85
N GLN K 166 -59.55 -4.62 144.98
CA GLN K 166 -59.04 -3.91 143.82
C GLN K 166 -57.85 -4.62 143.20
N TYR K 167 -57.03 -5.27 144.02
CA TYR K 167 -55.89 -6.02 143.50
C TYR K 167 -56.35 -7.16 142.61
N VAL K 168 -57.18 -8.05 143.16
CA VAL K 168 -57.69 -9.17 142.37
C VAL K 168 -58.47 -8.66 141.17
N ALA K 169 -59.27 -7.60 141.36
CA ALA K 169 -60.01 -7.02 140.25
C ALA K 169 -59.07 -6.42 139.21
N TYR K 170 -57.90 -5.93 139.63
CA TYR K 170 -56.95 -5.37 138.69
C TYR K 170 -56.19 -6.45 137.94
N MET K 171 -55.86 -7.55 138.61
CA MET K 171 -55.19 -8.66 137.95
C MET K 171 -56.07 -9.28 136.88
N GLU K 172 -57.36 -9.46 137.18
CA GLU K 172 -58.29 -10.01 136.20
C GLU K 172 -58.42 -9.08 135.00
N GLN K 173 -58.28 -7.77 135.21
CA GLN K 173 -58.35 -6.82 134.10
C GLN K 173 -57.21 -7.05 133.13
N ASN K 174 -55.99 -7.24 133.64
CA ASN K 174 -54.86 -7.51 132.77
C ASN K 174 -55.06 -8.81 131.98
N ASP K 175 -55.73 -9.79 132.57
CA ASP K 175 -56.00 -11.04 131.86
C ASP K 175 -56.85 -10.78 130.62
N ARG K 176 -57.79 -9.83 130.71
CA ARG K 176 -58.61 -9.51 129.55
C ARG K 176 -57.82 -8.72 128.52
N LEU K 177 -56.97 -7.79 128.97
CA LEU K 177 -56.14 -7.04 128.03
C LEU K 177 -55.23 -7.97 127.23
N HIS K 178 -54.72 -9.03 127.87
CA HIS K 178 -53.89 -9.99 127.14
C HIS K 178 -54.72 -10.77 126.12
N ASP K 179 -55.96 -11.09 126.46
CA ASP K 179 -56.81 -11.80 125.53
C ASP K 179 -57.11 -10.97 124.28
N ILE K 180 -57.36 -9.67 124.47
CA ILE K 180 -57.60 -8.80 123.32
C ILE K 180 -56.36 -8.73 122.45
N ALA K 181 -55.17 -8.74 123.06
CA ALA K 181 -53.94 -8.75 122.29
C ALA K 181 -53.83 -10.02 121.46
N VAL K 182 -54.10 -11.18 122.07
CA VAL K 182 -54.08 -12.43 121.32
C VAL K 182 -55.22 -12.45 120.31
N SER K 183 -56.36 -11.85 120.65
CA SER K 183 -57.46 -11.76 119.71
C SER K 183 -57.06 -10.98 118.47
N ASP K 184 -56.30 -9.90 118.64
CA ASP K 184 -55.82 -9.15 117.49
C ASP K 184 -54.88 -10.00 116.64
N ASN K 185 -54.05 -10.82 117.28
CA ASN K 185 -53.17 -11.71 116.53
C ASN K 185 -53.99 -12.74 115.75
N ASN K 186 -54.98 -13.34 116.41
CA ASN K 186 -55.85 -14.29 115.72
C ASN K 186 -56.59 -13.62 114.58
N ALA K 187 -57.01 -12.36 114.77
CA ALA K 187 -57.67 -11.62 113.70
C ALA K 187 -56.69 -11.28 112.59
N SER K 188 -55.48 -10.83 112.95
CA SER K 188 -54.48 -10.54 111.94
C SER K 188 -54.00 -11.81 111.26
N TYR K 189 -53.85 -12.89 112.02
CA TYR K 189 -53.44 -14.16 111.42
C TYR K 189 -54.50 -14.68 110.45
N SER K 190 -55.76 -14.68 110.89
CA SER K 190 -56.84 -15.14 110.02
C SER K 190 -56.88 -14.34 108.73
N GLN K 191 -57.05 -13.02 108.85
CA GLN K 191 -57.07 -12.16 107.67
C GLN K 191 -55.82 -12.34 106.83
N ALA K 192 -54.68 -12.59 107.46
CA ALA K 192 -53.44 -12.83 106.72
C ALA K 192 -53.52 -14.12 105.91
N MET K 193 -54.22 -15.13 106.42
CA MET K 193 -54.37 -16.39 105.69
C MET K 193 -55.41 -16.27 104.57
N TRP K 194 -56.54 -15.60 104.86
CA TRP K 194 -57.54 -15.41 103.81
C TRP K 194 -56.98 -14.60 102.65
N ILE K 195 -56.23 -13.54 102.95
CA ILE K 195 -55.61 -12.77 101.88
C ILE K 195 -54.50 -13.58 101.21
N LEU K 196 -53.80 -14.42 101.97
CA LEU K 196 -52.77 -15.26 101.38
C LEU K 196 -53.36 -16.20 100.34
N VAL K 197 -54.43 -16.93 100.71
CA VAL K 197 -55.09 -17.81 99.75
C VAL K 197 -55.68 -17.01 98.60
N GLY K 198 -56.18 -15.81 98.89
CA GLY K 198 -56.73 -14.99 97.83
C GLY K 198 -55.68 -14.54 96.83
N VAL K 199 -54.48 -14.24 97.32
CA VAL K 199 -53.39 -13.84 96.41
C VAL K 199 -53.04 -14.98 95.47
N MET K 200 -53.05 -16.22 95.98
CA MET K 200 -52.75 -17.37 95.13
C MET K 200 -53.76 -17.48 93.99
N ILE K 201 -55.05 -17.25 94.29
CA ILE K 201 -56.06 -17.30 93.25
C ILE K 201 -55.84 -16.18 92.24
N VAL K 202 -55.30 -15.05 92.69
CA VAL K 202 -55.04 -13.94 91.77
C VAL K 202 -53.76 -14.19 90.98
N VAL K 203 -52.71 -14.67 91.65
CA VAL K 203 -51.45 -14.94 90.97
C VAL K 203 -51.65 -15.99 89.89
N LEU K 204 -52.25 -17.12 90.27
CA LEU K 204 -52.51 -18.18 89.29
C LEU K 204 -53.44 -17.69 88.17
N ALA K 205 -54.34 -16.76 88.49
CA ALA K 205 -55.23 -16.22 87.47
C ALA K 205 -54.48 -15.30 86.51
N VAL K 206 -53.52 -14.53 87.02
CA VAL K 206 -52.74 -13.65 86.16
C VAL K 206 -51.88 -14.47 85.22
N ILE K 207 -51.28 -15.56 85.71
CA ILE K 207 -50.46 -16.42 84.86
C ILE K 207 -51.29 -16.97 83.71
N PHE K 208 -52.54 -17.34 83.98
CA PHE K 208 -53.41 -17.83 82.92
C PHE K 208 -53.78 -16.72 81.94
N ALA K 209 -53.91 -15.48 82.44
CA ALA K 209 -54.23 -14.37 81.55
C ALA K 209 -53.02 -13.95 80.73
N VAL K 210 -51.83 -13.94 81.35
CA VAL K 210 -50.61 -13.58 80.62
C VAL K 210 -50.34 -14.60 79.52
N TRP K 211 -50.60 -15.88 79.80
CA TRP K 211 -50.41 -16.91 78.78
C TRP K 211 -51.31 -16.67 77.57
N PHE K 212 -52.54 -16.20 77.81
CA PHE K 212 -53.45 -15.89 76.72
C PHE K 212 -53.13 -14.55 76.07
N GLY K 213 -52.72 -13.56 76.86
CA GLY K 213 -52.38 -12.27 76.29
C GLY K 213 -51.17 -12.34 75.36
N ILE K 214 -50.11 -13.01 75.82
CA ILE K 214 -48.93 -13.16 74.98
C ILE K 214 -49.25 -14.02 73.76
N LYS K 215 -50.11 -15.03 73.93
CA LYS K 215 -50.48 -15.88 72.80
C LYS K 215 -51.22 -15.08 71.74
N ALA K 216 -52.08 -14.15 72.15
CA ALA K 216 -52.83 -13.31 71.23
C ALA K 216 -52.06 -12.07 70.81
N SER K 217 -50.77 -11.97 71.18
CA SER K 217 -49.96 -10.82 70.80
C SER K 217 -48.52 -11.18 70.47
N LEU K 218 -48.16 -12.46 70.47
CA LEU K 218 -46.80 -12.87 70.14
C LEU K 218 -46.80 -14.21 69.40
N VAL K 219 -47.57 -15.17 69.91
CA VAL K 219 -47.66 -16.47 69.24
C VAL K 219 -48.65 -16.43 68.09
N ALA K 220 -49.79 -15.79 68.29
CA ALA K 220 -50.79 -15.71 67.23
C ALA K 220 -50.25 -15.03 65.98
N PRO K 221 -49.66 -13.82 66.04
CA PRO K 221 -49.15 -13.22 64.80
C PRO K 221 -47.91 -13.92 64.28
N MET K 222 -46.98 -14.31 65.16
CA MET K 222 -45.76 -14.96 64.70
C MET K 222 -46.08 -16.23 63.92
N ASN K 223 -47.00 -17.05 64.43
CA ASN K 223 -47.35 -18.28 63.73
C ASN K 223 -47.99 -17.99 62.39
N ARG K 224 -48.65 -16.84 62.24
CA ARG K 224 -49.29 -16.47 60.99
C ARG K 224 -48.38 -15.65 60.09
N LEU K 225 -47.44 -14.89 60.65
CA LEU K 225 -46.52 -14.11 59.83
C LEU K 225 -45.44 -14.98 59.20
N ILE K 226 -44.98 -16.01 59.92
CA ILE K 226 -43.98 -16.92 59.35
C ILE K 226 -44.56 -17.63 58.14
N ASP K 227 -45.81 -18.09 58.24
CA ASP K 227 -46.44 -18.76 57.10
C ASP K 227 -46.61 -17.83 55.91
N SER K 228 -46.82 -16.54 56.17
CA SER K 228 -46.98 -15.59 55.07
C SER K 228 -45.71 -15.55 54.21
N ILE K 229 -44.54 -15.65 54.82
CA ILE K 229 -43.30 -15.64 54.06
C ILE K 229 -43.10 -16.96 53.34
N ARG K 230 -43.44 -18.07 53.99
CA ARG K 230 -43.31 -19.37 53.33
C ARG K 230 -44.22 -19.48 52.12
N HIS K 231 -45.39 -18.84 52.17
CA HIS K 231 -46.30 -18.89 51.02
C HIS K 231 -45.71 -18.12 49.85
N ILE K 232 -45.05 -17.00 50.11
CA ILE K 232 -44.45 -16.22 49.02
C ILE K 232 -43.19 -16.92 48.51
N ALA K 233 -42.43 -17.55 49.40
CA ALA K 233 -41.22 -18.25 48.97
C ALA K 233 -41.56 -19.46 48.10
N GLY K 234 -42.65 -20.15 48.40
CA GLY K 234 -43.08 -21.29 47.63
C GLY K 234 -43.90 -20.99 46.41
N GLY K 235 -44.16 -19.71 46.13
CA GLY K 235 -44.95 -19.33 44.97
C GLY K 235 -46.43 -19.19 45.22
N ASP K 236 -46.86 -19.14 46.48
CA ASP K 236 -48.28 -19.01 46.83
C ASP K 236 -48.52 -17.54 47.18
N LEU K 237 -48.89 -16.75 46.18
CA LEU K 237 -49.15 -15.33 46.35
C LEU K 237 -50.63 -15.02 46.53
N VAL K 238 -51.51 -16.02 46.41
CA VAL K 238 -52.94 -15.77 46.54
C VAL K 238 -53.31 -15.54 48.01
N LYS K 239 -52.60 -16.18 48.93
CA LYS K 239 -52.88 -16.04 50.35
C LYS K 239 -52.69 -14.59 50.79
N PRO K 240 -53.75 -13.89 51.21
CA PRO K 240 -53.58 -12.50 51.66
C PRO K 240 -52.67 -12.37 52.86
N ILE K 241 -52.52 -11.15 53.37
CA ILE K 241 -51.69 -10.87 54.54
C ILE K 241 -52.50 -10.02 55.51
N GLU K 242 -52.38 -10.34 56.80
CA GLU K 242 -53.09 -9.64 57.85
C GLU K 242 -52.15 -8.69 58.57
N VAL K 243 -52.71 -7.60 59.09
CA VAL K 243 -51.96 -6.59 59.83
C VAL K 243 -52.40 -6.64 61.29
N ASP K 244 -51.44 -6.57 62.20
CA ASP K 244 -51.70 -6.64 63.64
C ASP K 244 -51.40 -5.26 64.23
N GLY K 245 -52.37 -4.36 64.09
CA GLY K 245 -52.21 -3.01 64.62
C GLY K 245 -51.05 -2.29 63.99
N SER K 246 -50.42 -1.42 64.78
CA SER K 246 -49.28 -0.63 64.32
C SER K 246 -47.99 -0.97 65.08
N ASN K 247 -48.00 -2.04 65.88
CA ASN K 247 -46.81 -2.44 66.63
C ASN K 247 -45.80 -3.11 65.71
N GLU K 248 -44.82 -3.81 66.27
CA GLU K 248 -43.83 -4.49 65.46
C GLU K 248 -44.47 -5.51 64.52
N MET K 249 -45.53 -6.18 64.97
CA MET K 249 -46.21 -7.14 64.10
C MET K 249 -46.90 -6.44 62.93
N GLY K 250 -47.40 -5.23 63.15
CA GLY K 250 -48.06 -4.49 62.09
C GLY K 250 -47.08 -3.90 61.10
N GLN K 251 -45.99 -3.32 61.61
CA GLN K 251 -44.99 -2.74 60.73
C GLN K 251 -44.33 -3.81 59.86
N LEU K 252 -44.08 -4.99 60.43
CA LEU K 252 -43.50 -6.08 59.66
C LEU K 252 -44.44 -6.54 58.56
N ALA K 253 -45.75 -6.51 58.82
CA ALA K 253 -46.72 -6.92 57.81
C ALA K 253 -46.87 -5.85 56.73
N GLU K 254 -46.90 -4.58 57.13
CA GLU K 254 -47.02 -3.49 56.15
C GLU K 254 -45.87 -3.52 55.15
N SER K 255 -44.67 -3.86 55.62
CA SER K 255 -43.53 -3.94 54.71
C SER K 255 -43.62 -5.16 53.80
N LEU K 256 -44.23 -6.24 54.27
CA LEU K 256 -44.37 -7.43 53.44
C LEU K 256 -45.43 -7.24 52.37
N ARG K 257 -46.52 -6.54 52.70
CA ARG K 257 -47.57 -6.28 51.71
C ARG K 257 -47.03 -5.47 50.54
N HIS K 258 -46.21 -4.45 50.83
CA HIS K 258 -45.63 -3.65 49.77
C HIS K 258 -44.70 -4.49 48.90
N MET K 259 -44.00 -5.45 49.50
CA MET K 259 -43.11 -6.32 48.71
C MET K 259 -43.92 -7.24 47.81
N GLN K 260 -45.06 -7.73 48.30
CA GLN K 260 -45.90 -8.60 47.48
C GLN K 260 -46.47 -7.85 46.29
N GLY K 261 -46.86 -6.59 46.49
CA GLY K 261 -47.38 -5.81 45.37
C GLY K 261 -46.36 -5.66 44.25
N GLU K 262 -45.10 -5.43 44.60
CA GLU K 262 -44.06 -5.32 43.58
C GLU K 262 -43.71 -6.67 42.98
N LEU K 263 -43.82 -7.74 43.77
CA LEU K 263 -43.54 -9.07 43.25
C LEU K 263 -44.58 -9.50 42.24
N MET K 264 -45.86 -9.35 42.59
CA MET K 264 -46.92 -9.70 41.65
C MET K 264 -46.84 -8.85 40.39
N ARG K 265 -46.48 -7.58 40.52
CA ARG K 265 -46.33 -6.73 39.35
C ARG K 265 -45.19 -7.21 38.45
N THR K 266 -44.09 -7.67 39.06
CA THR K 266 -42.98 -8.17 38.27
C THR K 266 -43.34 -9.49 37.59
N VAL K 267 -44.00 -10.39 38.32
CA VAL K 267 -44.42 -11.66 37.73
C VAL K 267 -45.39 -11.42 36.59
N GLY K 268 -46.37 -10.53 36.80
CA GLY K 268 -47.32 -10.23 35.74
C GLY K 268 -46.67 -9.51 34.57
N ASP K 269 -45.73 -8.62 34.85
CA ASP K 269 -45.04 -7.90 33.78
C ASP K 269 -44.18 -8.86 32.96
N VAL K 270 -43.41 -9.72 33.63
CA VAL K 270 -42.58 -10.68 32.91
C VAL K 270 -43.45 -11.70 32.21
N ARG K 271 -44.54 -12.13 32.85
CA ARG K 271 -45.44 -13.09 32.22
C ARG K 271 -46.11 -12.48 30.98
N ASN K 272 -46.73 -11.31 31.15
CA ASN K 272 -47.35 -10.65 30.01
C ASN K 272 -46.31 -10.23 28.98
N GLY K 273 -45.14 -9.77 29.44
CA GLY K 273 -44.09 -9.38 28.51
C GLY K 273 -43.53 -10.57 27.76
N ALA K 274 -43.39 -11.71 28.44
CA ALA K 274 -42.88 -12.91 27.77
C ALA K 274 -43.85 -13.39 26.70
N ASN K 275 -45.15 -13.23 26.93
CA ASN K 275 -46.14 -13.63 25.94
C ASN K 275 -45.99 -12.80 24.66
N ALA K 276 -45.67 -11.52 24.80
CA ALA K 276 -45.47 -10.67 23.64
C ALA K 276 -44.27 -11.14 22.82
N ILE K 277 -43.21 -11.58 23.50
CA ILE K 277 -42.03 -12.09 22.78
C ILE K 277 -42.38 -13.38 22.06
N TYR K 278 -43.12 -14.28 22.70
CA TYR K 278 -43.53 -15.51 22.06
C TYR K 278 -44.45 -15.23 20.88
N SER K 279 -45.44 -14.35 21.07
CA SER K 279 -46.33 -14.00 19.97
C SER K 279 -45.58 -13.27 18.86
N GLY K 280 -44.70 -12.34 19.23
CA GLY K 280 -43.92 -11.64 18.22
C GLY K 280 -42.98 -12.57 17.47
N ALA K 281 -42.40 -13.54 18.17
CA ALA K 281 -41.52 -14.50 17.51
C ALA K 281 -42.29 -15.36 16.50
N SER K 282 -43.56 -15.66 16.79
CA SER K 282 -44.36 -16.44 15.84
C SER K 282 -44.56 -15.67 14.54
N GLU K 283 -44.76 -14.35 14.63
CA GLU K 283 -44.92 -13.55 13.42
C GLU K 283 -43.63 -13.56 12.59
N ILE K 284 -42.48 -13.45 13.24
CA ILE K 284 -41.21 -13.51 12.52
C ILE K 284 -40.98 -14.91 11.97
N ALA K 285 -41.24 -15.94 12.78
CA ALA K 285 -41.09 -17.31 12.31
C ALA K 285 -42.06 -17.61 11.19
N THR K 286 -43.30 -17.13 11.30
CA THR K 286 -44.28 -17.33 10.23
C THR K 286 -43.87 -16.60 8.96
N GLY K 287 -43.27 -15.43 9.10
CA GLY K 287 -42.82 -14.70 7.93
C GLY K 287 -41.75 -15.45 7.15
N ASN K 288 -40.80 -16.06 7.86
CA ASN K 288 -39.76 -16.84 7.19
C ASN K 288 -40.35 -18.07 6.52
N ASN K 289 -41.34 -18.71 7.16
CA ASN K 289 -41.99 -19.85 6.55
C ASN K 289 -42.70 -19.46 5.26
N ASP K 290 -43.46 -18.36 5.29
CA ASP K 290 -44.10 -17.88 4.07
C ASP K 290 -43.07 -17.35 3.08
N LEU K 291 -42.06 -16.63 3.57
CA LEU K 291 -41.03 -16.13 2.67
C LEU K 291 -40.23 -17.28 2.06
N SER K 292 -40.07 -18.38 2.80
CA SER K 292 -39.36 -19.54 2.25
C SER K 292 -40.08 -20.09 1.02
N SER K 293 -41.40 -20.19 1.08
CA SER K 293 -42.15 -20.67 -0.07
C SER K 293 -41.99 -19.73 -1.26
N ARG K 294 -41.95 -18.42 -1.01
CA ARG K 294 -41.73 -17.46 -2.09
C ARG K 294 -40.32 -17.59 -2.65
N THR K 295 -39.34 -17.91 -1.80
CA THR K 295 -37.98 -18.11 -2.28
C THR K 295 -37.89 -19.30 -3.21
N GLU K 296 -38.55 -20.41 -2.85
CA GLU K 296 -38.57 -21.58 -3.73
C GLU K 296 -39.28 -21.27 -5.03
N GLN K 297 -40.39 -20.53 -4.96
CA GLN K 297 -41.10 -20.14 -6.18
C GLN K 297 -40.23 -19.25 -7.05
N GLN K 298 -39.59 -18.24 -6.45
CA GLN K 298 -38.69 -17.38 -7.20
C GLN K 298 -37.48 -18.16 -7.70
N ALA K 299 -36.99 -19.11 -6.89
CA ALA K 299 -35.87 -19.94 -7.32
C ALA K 299 -36.24 -20.80 -8.52
N ALA K 300 -37.48 -21.31 -8.54
CA ALA K 300 -37.93 -22.10 -9.68
C ALA K 300 -37.97 -21.26 -10.94
N SER K 301 -38.27 -19.96 -10.84
CA SER K 301 -38.27 -19.10 -12.00
C SER K 301 -36.88 -19.00 -12.60
N LEU K 302 -35.85 -18.94 -11.76
CA LEU K 302 -34.48 -18.91 -12.27
C LEU K 302 -34.14 -20.19 -13.01
N GLU K 303 -34.60 -21.34 -12.50
CA GLU K 303 -34.36 -22.61 -13.19
C GLU K 303 -35.08 -22.63 -14.54
N GLU K 304 -36.35 -22.25 -14.56
CA GLU K 304 -37.09 -22.19 -15.82
C GLU K 304 -36.51 -21.13 -16.73
N THR K 305 -36.12 -19.98 -16.17
CA THR K 305 -35.52 -18.92 -16.98
C THR K 305 -34.14 -19.34 -17.49
N ALA K 306 -33.32 -19.95 -16.61
CA ALA K 306 -32.01 -20.41 -17.04
C ALA K 306 -32.12 -21.44 -18.15
N ALA K 307 -33.07 -22.38 -18.03
CA ALA K 307 -33.26 -23.37 -19.08
C ALA K 307 -33.73 -22.73 -20.38
N SER K 308 -34.48 -21.62 -20.28
CA SER K 308 -34.91 -20.93 -21.49
C SER K 308 -33.73 -20.30 -22.23
N MET K 309 -32.77 -19.75 -21.49
CA MET K 309 -31.59 -19.16 -22.12
C MET K 309 -30.79 -20.22 -22.87
N GLU K 310 -30.76 -21.45 -22.36
CA GLU K 310 -30.06 -22.52 -23.05
C GLU K 310 -30.66 -22.77 -24.43
N GLN K 311 -31.99 -22.74 -24.54
CA GLN K 311 -32.63 -22.90 -25.83
C GLN K 311 -32.31 -21.74 -26.76
N LEU K 312 -32.27 -20.52 -26.22
CA LEU K 312 -31.90 -19.37 -27.04
C LEU K 312 -30.46 -19.46 -27.50
N THR K 313 -29.55 -19.82 -26.59
CA THR K 313 -28.15 -19.95 -26.96
C THR K 313 -27.96 -21.00 -28.05
N ALA K 314 -28.79 -22.05 -28.04
CA ALA K 314 -28.70 -23.05 -29.10
C ALA K 314 -29.10 -22.48 -30.45
N THR K 315 -30.07 -21.57 -30.46
CA THR K 315 -30.48 -20.94 -31.71
C THR K 315 -29.55 -19.80 -32.12
N VAL K 316 -29.01 -19.07 -31.15
CA VAL K 316 -28.07 -17.99 -31.47
C VAL K 316 -26.84 -18.55 -32.17
N LYS K 317 -26.23 -19.58 -31.58
CA LYS K 317 -25.08 -20.22 -32.23
C LYS K 317 -25.48 -20.83 -33.56
N GLN K 318 -26.70 -21.35 -33.66
CA GLN K 318 -27.17 -21.90 -34.92
C GLN K 318 -27.29 -20.81 -35.98
N ASN K 319 -27.94 -19.69 -35.63
CA ASN K 319 -28.04 -18.58 -36.57
C ASN K 319 -26.67 -17.99 -36.88
N ALA K 320 -25.81 -17.89 -35.87
CA ALA K 320 -24.46 -17.38 -36.10
C ALA K 320 -23.65 -18.34 -36.94
N GLU K 321 -23.74 -19.64 -36.67
CA GLU K 321 -23.02 -20.63 -37.47
C GLU K 321 -23.51 -20.63 -38.91
N ASN K 322 -24.84 -20.61 -39.10
CA ASN K 322 -25.38 -20.57 -40.45
C ASN K 322 -24.99 -19.29 -41.17
N ALA K 323 -24.82 -18.20 -40.44
CA ALA K 323 -24.39 -16.94 -41.06
C ALA K 323 -23.02 -17.09 -41.70
N ARG K 324 -22.10 -17.77 -41.01
CA ARG K 324 -20.77 -17.99 -41.58
C ARG K 324 -20.84 -18.94 -42.76
N GLN K 325 -21.65 -19.99 -42.67
CA GLN K 325 -21.81 -20.91 -43.79
C GLN K 325 -22.46 -20.21 -44.98
N ALA K 326 -23.52 -19.43 -44.72
CA ALA K 326 -24.16 -18.70 -45.80
C ALA K 326 -23.24 -17.62 -46.37
N SER K 327 -22.35 -17.06 -45.55
CA SER K 327 -21.42 -16.06 -46.04
C SER K 327 -20.48 -16.66 -47.08
N HIS K 328 -20.01 -17.89 -46.84
CA HIS K 328 -19.15 -18.54 -47.82
C HIS K 328 -19.89 -18.81 -49.12
N LEU K 329 -21.12 -19.32 -49.02
CA LEU K 329 -21.93 -19.55 -50.21
C LEU K 329 -22.25 -18.24 -50.92
N ALA K 330 -22.64 -17.20 -50.16
CA ALA K 330 -22.91 -15.91 -50.77
C ALA K 330 -21.65 -15.30 -51.37
N LEU K 331 -20.53 -15.38 -50.64
CA LEU K 331 -19.27 -14.87 -51.17
C LEU K 331 -18.80 -15.69 -52.36
N SER K 332 -18.93 -17.02 -52.28
CA SER K 332 -18.55 -17.86 -53.40
C SER K 332 -19.43 -17.59 -54.62
N ALA K 333 -20.72 -17.35 -54.39
CA ALA K 333 -21.61 -17.02 -55.49
C ALA K 333 -21.21 -15.71 -56.16
N SER K 334 -20.77 -14.73 -55.35
CA SER K 334 -20.31 -13.47 -55.92
C SER K 334 -19.06 -13.67 -56.78
N GLU K 335 -18.05 -14.34 -56.22
CA GLU K 335 -16.85 -14.62 -56.98
C GLU K 335 -17.15 -15.46 -58.21
N THR K 336 -18.06 -16.44 -58.06
CA THR K 336 -18.45 -17.25 -59.21
C THR K 336 -19.09 -16.42 -60.31
N ALA K 337 -19.80 -15.35 -59.93
CA ALA K 337 -20.41 -14.48 -60.93
C ALA K 337 -19.37 -13.57 -61.59
N GLN K 338 -18.42 -13.06 -60.81
CA GLN K 338 -17.37 -12.22 -61.38
C GLN K 338 -16.53 -13.00 -62.37
N ARG K 339 -16.08 -14.21 -61.99
CA ARG K 339 -15.33 -15.03 -62.92
C ARG K 339 -16.19 -15.42 -64.12
N GLY K 340 -17.46 -15.72 -63.89
CA GLY K 340 -18.35 -16.02 -65.00
C GLY K 340 -18.64 -14.82 -65.87
N GLY K 341 -18.64 -13.62 -65.27
CA GLY K 341 -18.88 -12.42 -66.06
C GLY K 341 -17.80 -12.21 -67.11
N LYS K 342 -16.54 -12.32 -66.71
CA LYS K 342 -15.44 -12.20 -67.66
C LYS K 342 -15.53 -13.27 -68.73
N VAL K 343 -15.94 -14.49 -68.34
CA VAL K 343 -16.11 -15.55 -69.32
C VAL K 343 -17.20 -15.20 -70.32
N VAL K 344 -18.27 -14.56 -69.84
CA VAL K 344 -19.34 -14.14 -70.75
C VAL K 344 -18.91 -12.94 -71.57
N ASP K 345 -18.14 -12.02 -70.97
CA ASP K 345 -17.67 -10.86 -71.71
C ASP K 345 -16.74 -11.27 -72.83
N ASN K 346 -15.88 -12.26 -72.59
CA ASN K 346 -14.99 -12.74 -73.65
C ASN K 346 -15.77 -13.34 -74.81
N VAL K 347 -16.92 -13.97 -74.52
CA VAL K 347 -17.72 -14.54 -75.59
C VAL K 347 -18.34 -13.44 -76.44
N VAL K 348 -18.67 -12.30 -75.84
CA VAL K 348 -19.24 -11.20 -76.60
C VAL K 348 -18.29 -10.78 -77.72
N GLN K 349 -17.01 -10.62 -77.40
CA GLN K 349 -16.04 -10.29 -78.44
C GLN K 349 -15.88 -11.42 -79.45
N THR K 350 -16.07 -12.67 -79.00
CA THR K 350 -15.98 -13.80 -79.92
C THR K 350 -17.13 -13.80 -80.91
N MET K 351 -18.35 -13.54 -80.43
CA MET K 351 -19.50 -13.50 -81.33
C MET K 351 -19.32 -12.42 -82.38
N ARG K 352 -18.72 -11.29 -82.01
CA ARG K 352 -18.48 -10.23 -82.98
C ARG K 352 -17.39 -10.63 -83.97
N ASP K 353 -16.36 -11.34 -83.50
CA ASP K 353 -15.31 -11.80 -84.39
C ASP K 353 -15.86 -12.78 -85.43
N ILE K 354 -16.73 -13.69 -84.99
CA ILE K 354 -17.36 -14.62 -85.93
C ILE K 354 -18.25 -13.86 -86.91
N SER K 355 -18.91 -12.79 -86.43
CA SER K 355 -19.72 -11.98 -87.32
C SER K 355 -18.87 -11.30 -88.37
N THR K 356 -17.76 -10.69 -87.96
CA THR K 356 -16.84 -10.09 -88.92
C THR K 356 -16.22 -11.14 -89.83
N SER K 357 -15.91 -12.31 -89.28
CA SER K 357 -15.37 -13.39 -90.09
C SER K 357 -16.39 -13.87 -91.12
N SER K 358 -17.65 -14.05 -90.70
CA SER K 358 -18.69 -14.46 -91.63
C SER K 358 -18.89 -13.39 -92.71
N GLN K 359 -18.88 -12.12 -92.33
CA GLN K 359 -18.99 -11.05 -93.31
C GLN K 359 -17.78 -11.03 -94.25
N LYS K 360 -16.60 -11.37 -93.74
CA LYS K 360 -15.42 -11.42 -94.60
C LYS K 360 -15.56 -12.49 -95.67
N ILE K 361 -16.17 -13.62 -95.32
CA ILE K 361 -16.40 -14.67 -96.31
C ILE K 361 -17.35 -14.19 -97.39
N ALA K 362 -18.37 -13.40 -97.00
CA ALA K 362 -19.30 -12.88 -97.99
C ALA K 362 -18.58 -12.03 -99.02
N ASP K 363 -17.54 -11.29 -98.60
CA ASP K 363 -16.77 -10.51 -99.55
C ASP K 363 -16.02 -11.40 -100.53
N ILE K 364 -15.59 -12.58 -100.09
CA ILE K 364 -14.91 -13.50 -101.00
C ILE K 364 -15.91 -14.24 -101.87
N ILE K 365 -17.05 -14.64 -101.30
CA ILE K 365 -18.08 -15.30 -102.09
C ILE K 365 -18.57 -14.37 -103.20
N SER K 366 -18.64 -13.07 -102.91
CA SER K 366 -19.02 -12.11 -103.94
C SER K 366 -18.02 -12.11 -105.09
N VAL K 367 -16.74 -12.34 -104.79
CA VAL K 367 -15.74 -12.43 -105.85
C VAL K 367 -15.85 -13.77 -106.57
N ILE K 368 -16.03 -14.85 -105.82
CA ILE K 368 -16.20 -16.16 -106.45
C ILE K 368 -17.46 -16.18 -107.31
N ASP K 369 -18.54 -15.56 -106.81
CA ASP K 369 -19.77 -15.48 -107.60
C ASP K 369 -19.54 -14.68 -108.88
N GLY K 370 -18.80 -13.57 -108.77
CA GLY K 370 -18.49 -12.79 -109.96
C GLY K 370 -17.58 -13.53 -110.91
N ILE K 371 -16.50 -14.12 -110.39
CA ILE K 371 -15.59 -14.89 -111.23
C ILE K 371 -16.33 -16.10 -111.82
N ALA K 372 -17.24 -16.69 -111.06
CA ALA K 372 -18.02 -17.81 -111.58
C ALA K 372 -18.88 -17.37 -112.75
N PHE K 373 -19.42 -16.15 -112.70
CA PHE K 373 -20.19 -15.64 -113.82
C PHE K 373 -19.30 -15.34 -115.02
N GLN K 374 -18.14 -14.71 -114.79
CA GLN K 374 -17.22 -14.43 -115.88
C GLN K 374 -16.72 -15.71 -116.53
N THR K 375 -16.55 -16.77 -115.73
CA THR K 375 -16.13 -18.05 -116.28
C THR K 375 -17.18 -18.59 -117.26
N ASN K 376 -18.45 -18.39 -116.96
CA ASN K 376 -19.50 -18.82 -117.87
C ASN K 376 -19.46 -18.04 -119.17
N ILE K 377 -19.15 -16.74 -119.09
CA ILE K 377 -19.06 -15.92 -120.30
C ILE K 377 -17.87 -16.37 -121.15
N LEU K 378 -16.69 -16.49 -120.53
CA LEU K 378 -15.52 -16.95 -121.27
C LEU K 378 -15.70 -18.38 -121.77
N ALA K 379 -16.40 -19.22 -121.00
CA ALA K 379 -16.63 -20.59 -121.43
C ALA K 379 -17.49 -20.63 -122.69
N LEU K 380 -18.47 -19.72 -122.79
CA LEU K 380 -19.31 -19.67 -123.98
C LEU K 380 -18.62 -18.98 -125.14
N ASN K 381 -17.72 -18.02 -124.86
CA ASN K 381 -17.00 -17.35 -125.94
C ASN K 381 -16.18 -18.35 -126.74
N ALA K 382 -15.59 -19.35 -126.08
CA ALA K 382 -14.84 -20.38 -126.79
C ALA K 382 -15.77 -21.22 -127.66
N ALA K 383 -16.97 -21.54 -127.14
CA ALA K 383 -17.92 -22.32 -127.93
C ALA K 383 -18.43 -21.53 -129.13
N VAL K 384 -18.54 -20.21 -128.98
CA VAL K 384 -19.01 -19.37 -130.09
C VAL K 384 -18.01 -19.45 -131.25
N GLU K 385 -16.74 -19.13 -130.97
CA GLU K 385 -15.72 -19.23 -132.01
C GLU K 385 -15.50 -20.67 -132.45
N ALA K 386 -15.78 -21.63 -131.57
CA ALA K 386 -15.62 -23.03 -131.93
C ALA K 386 -16.63 -23.45 -133.00
N ALA K 387 -17.91 -23.17 -132.77
CA ALA K 387 -18.94 -23.52 -133.75
C ALA K 387 -18.73 -22.76 -135.05
N ARG K 388 -18.16 -21.56 -134.98
CA ARG K 388 -17.91 -20.79 -136.20
C ARG K 388 -16.77 -21.37 -137.02
N ALA K 389 -15.83 -22.08 -136.39
CA ALA K 389 -14.72 -22.66 -137.13
C ALA K 389 -15.19 -23.85 -137.97
N GLY K 390 -16.20 -24.57 -137.50
CA GLY K 390 -16.73 -25.71 -138.22
C GLY K 390 -16.27 -27.03 -137.66
N GLU K 391 -15.79 -27.92 -138.53
CA GLU K 391 -15.35 -29.24 -138.09
C GLU K 391 -14.10 -29.15 -137.21
N GLN K 392 -13.22 -28.20 -137.48
CA GLN K 392 -11.99 -28.07 -136.71
C GLN K 392 -12.25 -27.59 -135.29
N GLY K 393 -13.38 -26.93 -135.04
CA GLY K 393 -13.70 -26.41 -133.73
C GLY K 393 -14.56 -27.30 -132.87
N ARG K 394 -14.99 -28.46 -133.39
CA ARG K 394 -15.83 -29.35 -132.59
C ARG K 394 -15.13 -29.81 -131.32
N GLY K 395 -13.80 -29.87 -131.34
CA GLY K 395 -13.08 -30.30 -130.14
C GLY K 395 -13.26 -29.33 -129.00
N PHE K 396 -13.05 -28.04 -129.26
CA PHE K 396 -13.21 -27.03 -128.21
C PHE K 396 -14.67 -26.90 -127.77
N ALA K 397 -15.61 -27.20 -128.66
CA ALA K 397 -17.03 -27.11 -128.30
C ALA K 397 -17.38 -28.12 -127.21
N VAL K 398 -16.84 -29.33 -127.29
CA VAL K 398 -17.13 -30.34 -126.28
C VAL K 398 -16.51 -29.93 -124.94
N VAL K 399 -15.25 -29.48 -124.96
CA VAL K 399 -14.61 -29.05 -123.72
C VAL K 399 -15.28 -27.80 -123.18
N ALA K 400 -15.58 -26.83 -124.05
CA ALA K 400 -16.24 -25.61 -123.59
C ALA K 400 -17.63 -25.90 -123.05
N GLY K 401 -18.31 -26.90 -123.60
CA GLY K 401 -19.64 -27.23 -123.10
C GLY K 401 -19.62 -27.74 -121.68
N GLU K 402 -18.66 -28.60 -121.35
CA GLU K 402 -18.55 -29.12 -119.99
C GLU K 402 -18.03 -28.06 -119.04
N VAL K 403 -17.09 -27.22 -119.50
CA VAL K 403 -16.57 -26.15 -118.64
C VAL K 403 -17.66 -25.16 -118.29
N ARG K 404 -18.59 -24.90 -119.21
CA ARG K 404 -19.67 -23.98 -118.93
C ARG K 404 -20.58 -24.51 -117.83
N ASN K 405 -20.83 -25.82 -117.82
CA ASN K 405 -21.68 -26.40 -116.78
C ASN K 405 -21.04 -26.21 -115.41
N LEU K 406 -19.72 -26.35 -115.31
CA LEU K 406 -19.06 -26.15 -114.04
C LEU K 406 -19.20 -24.72 -113.55
N ALA K 407 -19.23 -23.75 -114.47
CA ALA K 407 -19.41 -22.36 -114.07
C ALA K 407 -20.78 -22.14 -113.45
N GLN K 408 -21.83 -22.75 -114.03
CA GLN K 408 -23.16 -22.60 -113.47
C GLN K 408 -23.24 -23.24 -112.08
N ARG K 409 -22.70 -24.44 -111.93
CA ARG K 409 -22.68 -25.09 -110.62
C ARG K 409 -21.83 -24.30 -109.63
N SER K 410 -20.71 -23.75 -110.10
CA SER K 410 -19.87 -22.93 -109.22
C SER K 410 -20.60 -21.67 -108.78
N ALA K 411 -21.29 -21.01 -109.72
CA ALA K 411 -22.06 -19.82 -109.36
C ALA K 411 -23.27 -20.19 -108.52
N GLN K 412 -23.95 -21.28 -108.86
CA GLN K 412 -25.10 -21.72 -108.07
C GLN K 412 -24.68 -22.10 -106.66
N ALA K 413 -23.51 -22.73 -106.52
CA ALA K 413 -23.02 -23.08 -105.19
C ALA K 413 -22.75 -21.85 -104.35
N ALA K 414 -22.28 -20.77 -104.98
CA ALA K 414 -22.03 -19.53 -104.26
C ALA K 414 -23.33 -18.95 -103.71
N ARG K 415 -24.41 -19.05 -104.47
CA ARG K 415 -25.70 -18.56 -104.00
C ARG K 415 -26.15 -19.31 -102.75
N GLU K 416 -25.86 -20.61 -102.68
CA GLU K 416 -26.21 -21.38 -101.49
C GLU K 416 -25.39 -20.93 -100.29
N ILE K 417 -24.14 -20.56 -100.50
CA ILE K 417 -23.30 -20.08 -99.40
C ILE K 417 -23.85 -18.75 -98.87
N LYS K 418 -24.16 -17.83 -99.78
CA LYS K 418 -24.73 -16.55 -99.36
C LYS K 418 -26.01 -16.75 -98.58
N SER K 419 -26.80 -17.77 -98.94
CA SER K 419 -28.00 -18.07 -98.18
C SER K 419 -27.68 -18.51 -96.76
N LEU K 420 -26.51 -19.11 -96.55
CA LEU K 420 -26.08 -19.55 -95.23
C LEU K 420 -25.28 -18.47 -94.51
N ILE K 421 -24.40 -17.77 -95.23
CA ILE K 421 -23.63 -16.69 -94.61
C ILE K 421 -24.56 -15.60 -94.12
N GLU K 422 -25.46 -15.14 -94.99
CA GLU K 422 -26.44 -14.13 -94.56
C GLU K 422 -27.33 -14.68 -93.45
N ASP K 423 -27.69 -15.96 -93.52
CA ASP K 423 -28.48 -16.56 -92.46
C ASP K 423 -27.64 -16.82 -91.21
N SER K 424 -26.34 -17.07 -91.38
CA SER K 424 -25.47 -17.29 -90.23
C SER K 424 -25.27 -15.99 -89.45
N VAL K 425 -25.02 -14.88 -90.17
CA VAL K 425 -24.87 -13.60 -89.50
C VAL K 425 -26.12 -13.25 -88.71
N GLY K 426 -27.29 -13.62 -89.23
CA GLY K 426 -28.53 -13.38 -88.49
C GLY K 426 -28.57 -14.11 -87.17
N LYS K 427 -28.00 -15.32 -87.12
CA LYS K 427 -27.93 -16.08 -85.88
C LYS K 427 -26.81 -15.61 -84.96
N VAL K 428 -25.69 -15.13 -85.54
CA VAL K 428 -24.61 -14.60 -84.72
C VAL K 428 -25.03 -13.29 -84.08
N ASP K 429 -25.67 -12.41 -84.85
CA ASP K 429 -26.14 -11.14 -84.29
C ASP K 429 -27.21 -11.37 -83.22
N VAL K 430 -28.27 -12.10 -83.58
CA VAL K 430 -29.31 -12.41 -82.61
C VAL K 430 -28.74 -13.29 -81.50
N GLY K 431 -27.86 -14.23 -81.86
CA GLY K 431 -27.24 -15.07 -80.84
C GLY K 431 -26.35 -14.27 -79.90
N SER K 432 -25.67 -13.25 -80.43
CA SER K 432 -24.83 -12.41 -79.58
C SER K 432 -25.68 -11.65 -78.57
N THR K 433 -26.89 -11.24 -78.96
CA THR K 433 -27.78 -10.57 -78.01
C THR K 433 -28.09 -11.46 -76.82
N LEU K 434 -28.24 -12.77 -77.06
CA LEU K 434 -28.47 -13.70 -75.96
C LEU K 434 -27.27 -13.75 -75.03
N VAL K 435 -26.06 -13.64 -75.58
CA VAL K 435 -24.86 -13.62 -74.75
C VAL K 435 -24.76 -12.31 -73.99
N GLU K 436 -25.01 -11.18 -74.68
CA GLU K 436 -25.02 -9.89 -73.99
C GLU K 436 -26.11 -9.84 -72.94
N SER K 437 -27.27 -10.43 -73.24
CA SER K 437 -28.35 -10.47 -72.25
C SER K 437 -27.92 -11.27 -71.02
N ALA K 438 -27.20 -12.37 -71.23
CA ALA K 438 -26.69 -13.15 -70.11
C ALA K 438 -25.69 -12.35 -69.29
N GLY K 439 -24.89 -11.51 -69.95
CA GLY K 439 -23.96 -10.66 -69.21
C GLY K 439 -24.66 -9.70 -68.28
N GLU K 440 -25.83 -9.19 -68.70
CA GLU K 440 -26.60 -8.31 -67.82
C GLU K 440 -27.06 -9.06 -66.57
N THR K 441 -27.35 -10.35 -66.69
CA THR K 441 -27.74 -11.13 -65.52
C THR K 441 -26.62 -11.19 -64.50
N MET K 442 -25.36 -11.29 -64.97
CA MET K 442 -24.23 -11.28 -64.05
C MET K 442 -24.18 -10.00 -63.24
N ALA K 443 -24.50 -8.86 -63.87
CA ALA K 443 -24.53 -7.60 -63.15
C ALA K 443 -25.55 -7.64 -62.00
N GLU K 444 -26.71 -8.26 -62.25
CA GLU K 444 -27.70 -8.39 -61.18
C GLU K 444 -27.20 -9.35 -60.11
N ILE K 445 -26.56 -10.45 -60.50
CA ILE K 445 -26.01 -11.38 -59.52
C ILE K 445 -24.87 -10.73 -58.75
N VAL K 446 -23.97 -10.04 -59.45
CA VAL K 446 -22.87 -9.36 -58.78
C VAL K 446 -23.37 -8.20 -57.93
N SER K 447 -24.53 -7.64 -58.25
CA SER K 447 -25.10 -6.53 -57.50
C SER K 447 -26.07 -6.99 -56.42
N ALA K 448 -26.83 -8.06 -56.65
CA ALA K 448 -27.78 -8.55 -55.67
C ALA K 448 -27.10 -9.45 -54.63
N VAL K 449 -26.32 -10.43 -55.08
CA VAL K 449 -25.64 -11.32 -54.14
C VAL K 449 -24.60 -10.54 -53.32
N THR K 450 -23.99 -9.52 -53.92
CA THR K 450 -23.03 -8.72 -53.17
C THR K 450 -23.69 -8.04 -51.98
N ARG K 451 -24.87 -7.46 -52.19
CA ARG K 451 -25.60 -6.85 -51.08
C ARG K 451 -25.96 -7.88 -50.02
N VAL K 452 -26.29 -9.10 -50.44
CA VAL K 452 -26.58 -10.15 -49.46
C VAL K 452 -25.36 -10.43 -48.61
N THR K 453 -24.17 -10.44 -49.22
CA THR K 453 -22.94 -10.63 -48.45
C THR K 453 -22.73 -9.49 -47.48
N ASP K 454 -23.07 -8.26 -47.88
CA ASP K 454 -22.96 -7.12 -46.98
C ASP K 454 -23.98 -7.22 -45.85
N ILE K 455 -25.22 -7.57 -46.19
CA ILE K 455 -26.25 -7.75 -45.16
C ILE K 455 -25.94 -8.99 -44.32
N MET K 456 -25.23 -9.96 -44.88
CA MET K 456 -24.86 -11.15 -44.12
C MET K 456 -24.04 -10.77 -42.89
N GLY K 457 -23.18 -9.75 -43.03
CA GLY K 457 -22.41 -9.30 -41.88
C GLY K 457 -23.30 -8.78 -40.76
N GLU K 458 -24.40 -8.13 -41.12
CA GLU K 458 -25.35 -7.66 -40.11
C GLU K 458 -25.99 -8.82 -39.37
N ILE K 459 -26.31 -9.90 -40.08
CA ILE K 459 -26.88 -11.07 -39.44
C ILE K 459 -25.89 -11.69 -38.47
N ALA K 460 -24.62 -11.82 -38.91
CA ALA K 460 -23.59 -12.33 -38.02
C ALA K 460 -23.26 -11.34 -36.91
N SER K 461 -23.18 -10.05 -37.26
CA SER K 461 -22.93 -9.04 -36.24
C SER K 461 -24.07 -8.96 -35.23
N ALA K 462 -25.32 -9.02 -35.72
CA ALA K 462 -26.46 -9.01 -34.81
C ALA K 462 -26.45 -10.24 -33.92
N SER K 463 -26.04 -11.38 -34.45
CA SER K 463 -25.94 -12.59 -33.65
C SER K 463 -24.84 -12.47 -32.59
N ASP K 464 -23.75 -11.76 -32.91
CA ASP K 464 -22.70 -11.55 -31.93
C ASP K 464 -23.22 -10.79 -30.72
N GLU K 465 -24.06 -9.78 -30.95
CA GLU K 465 -24.66 -9.05 -29.83
C GLU K 465 -25.51 -9.97 -28.97
N GLN K 466 -26.21 -10.93 -29.61
CA GLN K 466 -27.00 -11.89 -28.85
C GLN K 466 -26.10 -12.87 -28.11
N SER K 467 -25.05 -13.36 -28.77
CA SER K 467 -24.11 -14.26 -28.12
C SER K 467 -23.44 -13.58 -26.94
N ARG K 468 -22.85 -12.41 -27.17
CA ARG K 468 -22.23 -11.66 -26.07
C ARG K 468 -23.29 -11.11 -25.12
N GLY K 469 -24.50 -10.85 -25.62
CA GLY K 469 -25.56 -10.35 -24.76
C GLY K 469 -26.06 -11.41 -23.80
N ILE K 470 -26.29 -12.63 -24.30
CA ILE K 470 -26.74 -13.71 -23.43
C ILE K 470 -25.68 -14.01 -22.37
N ASP K 471 -24.41 -13.79 -22.69
CA ASP K 471 -23.35 -14.00 -21.70
C ASP K 471 -23.56 -13.10 -20.48
N GLN K 472 -23.99 -11.86 -20.71
CA GLN K 472 -24.28 -10.97 -19.59
C GLN K 472 -25.48 -11.45 -18.80
N VAL K 473 -26.47 -12.02 -19.48
CA VAL K 473 -27.64 -12.56 -18.79
C VAL K 473 -27.30 -13.89 -18.13
N GLY K 474 -26.45 -14.69 -18.75
CA GLY K 474 -26.05 -15.95 -18.14
C GLY K 474 -25.37 -15.76 -16.81
N LEU K 475 -24.41 -14.83 -16.75
CA LEU K 475 -23.77 -14.51 -15.47
C LEU K 475 -24.75 -13.87 -14.51
N ALA K 476 -25.71 -13.10 -15.01
CA ALA K 476 -26.72 -12.50 -14.15
C ALA K 476 -27.61 -13.56 -13.53
N VAL K 477 -28.12 -14.48 -14.37
CA VAL K 477 -28.95 -15.57 -13.84
C VAL K 477 -28.14 -16.43 -12.88
N ALA K 478 -26.88 -16.69 -13.21
CA ALA K 478 -26.02 -17.45 -12.31
C ALA K 478 -25.74 -16.66 -11.04
N GLU K 479 -25.58 -15.34 -11.16
CA GLU K 479 -25.36 -14.50 -9.98
C GLU K 479 -26.59 -14.49 -9.09
N MET K 480 -27.77 -14.23 -9.67
CA MET K 480 -28.99 -14.26 -8.88
C MET K 480 -29.26 -15.63 -8.29
N ASP K 481 -28.87 -16.69 -9.01
CA ASP K 481 -29.05 -18.04 -8.48
C ASP K 481 -28.27 -18.23 -7.19
N ARG K 482 -27.02 -17.75 -7.15
CA ARG K 482 -26.23 -17.86 -5.93
C ARG K 482 -26.83 -17.02 -4.81
N VAL K 483 -27.24 -15.79 -5.12
CA VAL K 483 -27.86 -14.94 -4.11
C VAL K 483 -29.16 -15.56 -3.62
N THR K 484 -29.88 -16.26 -4.50
CA THR K 484 -31.10 -16.92 -4.08
C THR K 484 -30.83 -17.99 -3.03
N GLN K 485 -29.72 -18.71 -3.18
CA GLN K 485 -29.36 -19.72 -2.19
C GLN K 485 -28.93 -19.07 -0.88
N GLN K 486 -28.19 -17.96 -0.96
CA GLN K 486 -27.77 -17.26 0.26
C GLN K 486 -28.98 -16.72 1.01
N ASN K 487 -29.96 -16.16 0.28
CA ASN K 487 -31.16 -15.66 0.93
C ASN K 487 -31.91 -16.78 1.64
N ALA K 488 -32.01 -17.95 0.99
CA ALA K 488 -32.67 -19.09 1.63
C ALA K 488 -31.97 -19.47 2.92
N ALA K 489 -30.63 -19.41 2.95
CA ALA K 489 -29.90 -19.72 4.16
C ALA K 489 -30.24 -18.73 5.28
N LEU K 490 -30.39 -17.45 4.93
CA LEU K 490 -30.76 -16.46 5.94
C LEU K 490 -32.20 -16.65 6.41
N VAL K 491 -33.09 -17.06 5.50
CA VAL K 491 -34.46 -17.33 5.90
C VAL K 491 -34.52 -18.50 6.87
N GLU K 492 -33.83 -19.60 6.54
CA GLU K 492 -33.77 -20.74 7.44
C GLU K 492 -33.02 -20.38 8.72
N GLU K 493 -31.94 -19.59 8.60
CA GLU K 493 -31.22 -19.15 9.79
C GLU K 493 -32.10 -18.28 10.67
N SER K 494 -32.80 -17.32 10.08
CA SER K 494 -33.71 -16.49 10.85
C SER K 494 -34.88 -17.31 11.39
N ALA K 495 -35.37 -18.27 10.60
CA ALA K 495 -36.44 -19.14 11.08
C ALA K 495 -35.98 -19.97 12.26
N ALA K 496 -34.79 -20.59 12.15
CA ALA K 496 -34.26 -21.36 13.26
C ALA K 496 -33.98 -20.47 14.46
N ALA K 497 -33.42 -19.28 14.23
CA ALA K 497 -33.18 -18.35 15.33
C ALA K 497 -34.49 -17.84 15.91
N ALA K 498 -35.48 -17.58 15.06
CA ALA K 498 -36.79 -17.14 15.55
C ALA K 498 -37.44 -18.23 16.39
N ALA K 499 -37.32 -19.49 15.97
CA ALA K 499 -37.87 -20.59 16.75
C ALA K 499 -37.19 -20.71 18.10
N ALA K 500 -35.90 -20.36 18.17
CA ALA K 500 -35.20 -20.40 19.45
C ALA K 500 -35.78 -19.39 20.43
N LEU K 501 -36.17 -18.22 19.95
CA LEU K 501 -36.78 -17.23 20.82
C LEU K 501 -38.07 -17.75 21.44
N GLU K 502 -38.83 -18.55 20.68
CA GLU K 502 -40.04 -19.15 21.23
C GLU K 502 -39.72 -20.07 22.40
N GLU K 503 -38.62 -20.81 22.31
CA GLU K 503 -38.22 -21.67 23.42
C GLU K 503 -37.68 -20.84 24.59
N GLN K 504 -36.82 -19.87 24.30
CA GLN K 504 -36.31 -19.00 25.36
C GLN K 504 -37.42 -18.17 25.99
N ALA K 505 -38.41 -17.77 25.19
CA ALA K 505 -39.53 -17.00 25.72
C ALA K 505 -40.29 -17.82 26.77
N SER K 506 -40.42 -19.13 26.55
CA SER K 506 -41.10 -19.97 27.52
C SER K 506 -40.31 -20.06 28.83
N ARG K 507 -38.99 -19.96 28.76
CA ARG K 507 -38.18 -20.00 29.96
C ARG K 507 -38.47 -18.80 30.87
N LEU K 508 -38.81 -17.65 30.28
CA LEU K 508 -39.15 -16.49 31.09
C LEU K 508 -40.37 -16.77 31.95
N THR K 509 -41.42 -17.35 31.37
CA THR K 509 -42.61 -17.69 32.14
C THR K 509 -42.34 -18.85 33.08
N GLU K 510 -41.54 -19.83 32.64
CA GLU K 510 -41.22 -20.97 33.51
C GLU K 510 -40.44 -20.52 34.73
N ALA K 511 -39.55 -19.53 34.56
CA ALA K 511 -38.79 -19.03 35.70
C ALA K 511 -39.70 -18.41 36.75
N VAL K 512 -40.81 -17.82 36.34
CA VAL K 512 -41.78 -17.22 37.25
C VAL K 512 -43.05 -18.04 37.37
N ALA K 513 -43.12 -19.21 36.72
CA ALA K 513 -44.31 -20.04 36.82
C ALA K 513 -44.57 -20.52 38.24
N VAL K 514 -43.54 -20.58 39.08
CA VAL K 514 -43.73 -21.01 40.46
C VAL K 514 -44.68 -20.05 41.19
N PHE K 515 -44.54 -18.76 40.93
CA PHE K 515 -45.40 -17.75 41.55
C PHE K 515 -46.72 -17.67 40.78
N ARG K 516 -47.81 -18.10 41.43
CA ARG K 516 -49.12 -18.08 40.81
C ARG K 516 -49.62 -16.65 40.64
N MET L 1 -29.74 -20.85 77.31
CA MET L 1 -29.90 -19.67 76.40
C MET L 1 -31.08 -19.87 75.46
N LEU L 2 -31.47 -18.78 74.79
CA LEU L 2 -32.62 -18.81 73.89
C LEU L 2 -32.30 -19.48 72.56
N LYS L 3 -31.04 -19.84 72.30
CA LYS L 3 -30.70 -20.47 71.03
C LYS L 3 -31.42 -21.81 70.86
N ARG L 4 -31.65 -22.53 71.96
CA ARG L 4 -32.35 -23.80 71.93
C ARG L 4 -33.79 -23.71 72.40
N ILE L 5 -34.05 -23.04 73.51
CA ILE L 5 -35.40 -22.88 74.03
C ILE L 5 -36.10 -21.77 73.26
N LYS L 6 -37.38 -21.94 73.01
CA LYS L 6 -38.15 -20.95 72.28
C LYS L 6 -38.24 -19.65 73.09
N ILE L 7 -38.77 -18.62 72.45
CA ILE L 7 -38.93 -17.33 73.12
C ILE L 7 -40.10 -17.39 74.09
N VAL L 8 -41.28 -17.76 73.60
CA VAL L 8 -42.46 -17.83 74.47
C VAL L 8 -42.28 -18.90 75.53
N THR L 9 -41.59 -20.00 75.19
CA THR L 9 -41.36 -21.06 76.16
C THR L 9 -40.53 -20.55 77.34
N SER L 10 -39.52 -19.71 77.05
CA SER L 10 -38.72 -19.14 78.12
C SER L 10 -39.55 -18.20 78.99
N LEU L 11 -40.45 -17.44 78.38
CA LEU L 11 -41.32 -16.57 79.15
C LEU L 11 -42.28 -17.36 80.02
N LEU L 12 -42.75 -18.51 79.52
CA LEU L 12 -43.65 -19.35 80.31
C LEU L 12 -42.97 -19.80 81.60
N LEU L 13 -41.69 -20.19 81.51
CA LEU L 13 -40.96 -20.57 82.71
C LEU L 13 -40.79 -19.41 83.66
N VAL L 14 -40.68 -18.19 83.13
CA VAL L 14 -40.57 -17.01 83.99
C VAL L 14 -41.84 -16.82 84.80
N LEU L 15 -43.00 -17.13 84.21
CA LEU L 15 -44.25 -17.02 84.95
C LEU L 15 -44.27 -18.00 86.12
N ALA L 16 -43.76 -19.21 85.91
CA ALA L 16 -43.68 -20.17 87.01
C ALA L 16 -42.70 -19.73 88.07
N VAL L 17 -41.66 -18.99 87.68
CA VAL L 17 -40.69 -18.49 88.65
C VAL L 17 -41.37 -17.51 89.61
N PHE L 18 -42.08 -16.52 89.07
CA PHE L 18 -42.80 -15.58 89.91
C PHE L 18 -43.82 -16.31 90.80
N GLY L 19 -44.48 -17.32 90.24
CA GLY L 19 -45.40 -18.11 91.04
C GLY L 19 -44.69 -18.99 92.05
N LEU L 20 -43.53 -19.52 91.67
CA LEU L 20 -42.76 -20.34 92.60
C LEU L 20 -42.26 -19.51 93.78
N LEU L 21 -41.80 -18.29 93.51
CA LEU L 21 -41.34 -17.43 94.60
C LEU L 21 -42.48 -17.12 95.57
N GLN L 22 -43.71 -16.97 95.05
CA GLN L 22 -44.84 -16.70 95.92
C GLN L 22 -45.12 -17.88 96.84
N LEU L 23 -45.05 -19.11 96.32
CA LEU L 23 -45.27 -20.28 97.15
C LEU L 23 -44.17 -20.43 98.19
N THR L 24 -42.91 -20.34 97.77
CA THR L 24 -41.81 -20.45 98.72
C THR L 24 -41.82 -19.30 99.72
N SER L 25 -41.89 -18.06 99.23
CA SER L 25 -41.94 -16.91 100.12
C SER L 25 -43.19 -16.95 100.99
N GLY L 26 -44.34 -17.27 100.39
CA GLY L 26 -45.56 -17.37 101.15
C GLY L 26 -45.46 -18.34 102.31
N GLY L 27 -44.72 -19.43 102.13
CA GLY L 27 -44.52 -20.37 103.22
C GLY L 27 -43.67 -19.81 104.35
N LEU L 28 -42.70 -18.96 104.01
CA LEU L 28 -41.86 -18.34 105.03
C LEU L 28 -42.66 -17.34 105.86
N PHE L 29 -43.37 -16.43 105.19
CA PHE L 29 -44.22 -15.49 105.91
C PHE L 29 -45.32 -16.22 106.67
N PHE L 30 -45.91 -17.25 106.05
CA PHE L 30 -46.92 -18.04 106.75
C PHE L 30 -46.32 -18.73 107.97
N ASN L 31 -45.07 -19.20 107.86
CA ASN L 31 -44.41 -19.81 109.00
C ASN L 31 -44.20 -18.79 110.11
N ALA L 32 -43.86 -17.56 109.75
CA ALA L 32 -43.70 -16.51 110.75
C ALA L 32 -45.00 -16.25 111.49
N LEU L 33 -46.11 -16.14 110.75
CA LEU L 33 -47.41 -15.96 111.37
C LEU L 33 -47.74 -17.12 112.30
N LYS L 34 -47.40 -18.35 111.88
CA LYS L 34 -47.63 -19.51 112.73
C LYS L 34 -46.74 -19.47 113.96
N ASN L 35 -45.46 -19.15 113.79
CA ASN L 35 -44.56 -19.05 114.93
C ASN L 35 -45.00 -17.95 115.88
N ASP L 36 -45.48 -16.83 115.34
CA ASP L 36 -45.97 -15.74 116.19
C ASP L 36 -47.21 -16.20 116.97
N LYS L 37 -48.09 -16.97 116.34
CA LYS L 37 -49.27 -17.47 117.03
C LYS L 37 -48.88 -18.38 118.19
N GLU L 38 -47.84 -19.20 117.99
CA GLU L 38 -47.38 -20.06 119.07
C GLU L 38 -46.82 -19.26 120.24
N ASN L 39 -46.23 -18.09 119.96
CA ASN L 39 -45.71 -17.25 121.04
C ASN L 39 -46.83 -16.82 121.97
N PHE L 40 -47.88 -16.20 121.42
CA PHE L 40 -49.02 -15.81 122.24
C PHE L 40 -49.62 -17.01 122.96
N THR L 41 -49.64 -18.17 122.30
CA THR L 41 -50.11 -19.39 122.96
C THR L 41 -49.21 -19.75 124.14
N VAL L 42 -47.91 -19.51 124.01
CA VAL L 42 -46.99 -19.77 125.12
C VAL L 42 -47.16 -18.69 126.19
N LEU L 43 -47.19 -17.42 125.78
CA LEU L 43 -47.39 -16.34 126.74
C LEU L 43 -48.75 -16.49 127.44
N GLN L 44 -49.76 -16.93 126.70
CA GLN L 44 -51.07 -17.15 127.31
C GLN L 44 -51.01 -18.25 128.35
N THR L 45 -50.35 -19.36 128.03
CA THR L 45 -50.20 -20.45 129.00
C THR L 45 -49.37 -20.01 130.19
N ILE L 46 -48.24 -19.37 129.93
CA ILE L 46 -47.39 -18.89 131.03
C ILE L 46 -48.14 -17.85 131.87
N ARG L 47 -48.98 -17.04 131.22
CA ARG L 47 -49.75 -16.05 131.96
C ARG L 47 -50.69 -16.72 132.95
N GLN L 48 -51.38 -17.78 132.51
CA GLN L 48 -52.27 -18.50 133.42
C GLN L 48 -51.51 -19.09 134.58
N GLN L 49 -50.28 -19.57 134.34
CA GLN L 49 -49.47 -20.10 135.42
C GLN L 49 -49.12 -19.04 136.45
N GLN L 50 -49.04 -17.77 136.02
CA GLN L 50 -48.76 -16.69 136.95
C GLN L 50 -50.01 -16.27 137.73
N SER L 51 -51.11 -16.05 137.02
CA SER L 51 -52.34 -15.63 137.69
C SER L 51 -52.82 -16.70 138.66
N THR L 52 -52.80 -17.96 138.24
CA THR L 52 -53.22 -19.05 139.12
C THR L 52 -52.27 -19.21 140.29
N LEU L 53 -50.96 -19.19 140.03
CA LEU L 53 -49.98 -19.31 141.10
C LEU L 53 -50.02 -18.09 142.01
N ASN L 54 -50.14 -16.89 141.44
CA ASN L 54 -50.23 -15.68 142.25
C ASN L 54 -51.46 -15.71 143.13
N GLY L 55 -52.62 -16.04 142.55
CA GLY L 55 -53.83 -16.12 143.34
C GLY L 55 -53.74 -17.17 144.43
N SER L 56 -53.07 -18.29 144.14
CA SER L 56 -52.88 -19.33 145.15
C SER L 56 -51.93 -18.85 146.25
N TRP L 57 -50.82 -18.22 145.85
CA TRP L 57 -49.88 -17.71 146.83
C TRP L 57 -50.53 -16.66 147.73
N VAL L 58 -51.37 -15.79 147.15
CA VAL L 58 -52.07 -14.79 147.95
C VAL L 58 -53.03 -15.47 148.91
N ALA L 59 -53.65 -16.57 148.48
CA ALA L 59 -54.58 -17.29 149.36
C ALA L 59 -53.85 -17.88 150.55
N LEU L 60 -52.63 -18.39 150.35
CA LEU L 60 -51.87 -18.94 151.46
C LEU L 60 -51.52 -17.87 152.48
N LEU L 61 -51.12 -16.68 152.00
CA LEU L 61 -50.82 -15.59 152.92
C LEU L 61 -52.06 -15.15 153.68
N GLN L 62 -53.19 -15.00 152.99
CA GLN L 62 -54.43 -14.67 153.67
C GLN L 62 -54.82 -15.74 154.67
N THR L 63 -54.55 -17.01 154.37
CA THR L 63 -54.82 -18.08 155.32
C THR L 63 -53.91 -17.98 156.53
N ARG L 64 -52.60 -17.92 156.30
CA ARG L 64 -51.67 -17.77 157.41
C ARG L 64 -51.93 -16.48 158.18
N ASN L 65 -52.31 -15.41 157.48
CA ASN L 65 -52.63 -14.16 158.15
C ASN L 65 -53.88 -14.31 159.01
N THR L 66 -54.91 -14.98 158.50
CA THR L 66 -56.12 -15.18 159.28
C THR L 66 -55.85 -16.04 160.50
N LEU L 67 -55.02 -17.07 160.36
CA LEU L 67 -54.67 -17.91 161.51
C LEU L 67 -53.96 -17.09 162.57
N ASN L 68 -53.06 -16.20 162.16
CA ASN L 68 -52.39 -15.33 163.13
C ASN L 68 -53.40 -14.40 163.80
N ARG L 69 -54.36 -13.88 163.03
CA ARG L 69 -55.40 -13.04 163.62
C ARG L 69 -56.27 -13.86 164.58
N ALA L 70 -56.58 -15.10 164.22
CA ALA L 70 -57.38 -15.95 165.10
C ALA L 70 -56.60 -16.30 166.36
N GLY L 71 -55.30 -16.53 166.24
CA GLY L 71 -54.50 -16.84 167.41
C GLY L 71 -54.47 -15.69 168.41
N ILE L 72 -54.27 -14.47 167.92
CA ILE L 72 -54.26 -13.32 168.81
C ILE L 72 -55.64 -13.13 169.45
N ARG L 73 -56.70 -13.41 168.69
CA ARG L 73 -58.04 -13.29 169.23
C ARG L 73 -58.29 -14.30 170.36
N TYR L 74 -57.62 -15.45 170.31
CA TYR L 74 -57.79 -16.45 171.35
C TYR L 74 -56.98 -16.13 172.59
N MET L 75 -55.81 -15.51 172.44
CA MET L 75 -54.99 -15.16 173.59
C MET L 75 -55.63 -14.04 174.41
N MET L 76 -56.22 -13.06 173.74
CA MET L 76 -56.86 -11.97 174.46
C MET L 76 -58.06 -12.46 175.27
N ASP L 77 -58.69 -13.55 174.84
CA ASP L 77 -59.83 -14.09 175.59
C ASP L 77 -59.40 -14.54 176.99
N GLN L 78 -58.18 -15.07 177.11
CA GLN L 78 -57.70 -15.49 178.42
C GLN L 78 -57.33 -14.30 179.30
N ASN L 79 -56.73 -13.27 178.70
CA ASN L 79 -56.34 -12.07 179.42
C ASN L 79 -57.42 -11.00 179.41
N ASN L 80 -58.47 -11.16 178.59
CA ASN L 80 -59.53 -10.17 178.51
C ASN L 80 -58.98 -8.80 178.12
N ILE L 81 -58.85 -8.56 176.82
CA ILE L 81 -58.34 -7.30 176.28
C ILE L 81 -59.29 -6.88 175.17
N GLY L 82 -60.20 -5.97 175.48
CA GLY L 82 -61.14 -5.50 174.46
C GLY L 82 -62.10 -6.61 174.04
N SER L 83 -62.57 -6.50 172.81
CA SER L 83 -63.50 -7.47 172.25
C SER L 83 -63.38 -7.42 170.73
N GLY L 84 -64.14 -8.30 170.07
CA GLY L 84 -64.11 -8.35 168.62
C GLY L 84 -64.86 -9.56 168.08
N SER L 85 -64.38 -10.08 166.96
CA SER L 85 -64.99 -11.24 166.35
C SER L 85 -64.63 -12.51 167.11
N THR L 86 -65.58 -13.45 167.14
CA THR L 86 -65.36 -14.71 167.84
C THR L 86 -64.29 -15.53 167.12
N VAL L 87 -63.60 -16.37 167.90
CA VAL L 87 -62.54 -17.19 167.33
C VAL L 87 -63.08 -18.09 166.23
N ALA L 88 -64.27 -18.65 166.44
CA ALA L 88 -64.87 -19.51 165.42
C ALA L 88 -65.09 -18.76 164.11
N GLU L 89 -65.41 -17.47 164.19
CA GLU L 89 -65.62 -16.69 162.97
C GLU L 89 -64.30 -16.45 162.24
N LEU L 90 -63.22 -16.20 162.97
CA LEU L 90 -61.92 -15.97 162.34
C LEU L 90 -61.39 -17.26 161.73
N MET L 91 -61.49 -18.37 162.44
CA MET L 91 -61.03 -19.65 161.90
C MET L 91 -61.83 -20.05 160.66
N GLU L 92 -63.11 -19.69 160.62
CA GLU L 92 -63.92 -20.01 159.44
C GLU L 92 -63.40 -19.28 158.21
N SER L 93 -62.94 -18.03 158.38
CA SER L 93 -62.39 -17.29 157.25
C SER L 93 -61.10 -17.93 156.75
N ALA L 94 -60.28 -18.47 157.67
CA ALA L 94 -59.06 -19.14 157.25
C ALA L 94 -59.36 -20.37 156.41
N SER L 95 -60.43 -21.09 156.75
CA SER L 95 -60.81 -22.26 155.95
C SER L 95 -61.20 -21.86 154.54
N ILE L 96 -62.01 -20.81 154.42
CA ILE L 96 -62.42 -20.32 153.10
C ILE L 96 -61.19 -19.86 152.31
N SER L 97 -60.25 -19.20 152.99
CA SER L 97 -59.04 -18.76 152.32
C SER L 97 -58.16 -19.94 151.91
N LEU L 98 -58.14 -21.00 152.72
CA LEU L 98 -57.36 -22.18 152.37
C LEU L 98 -57.94 -22.89 151.16
N LYS L 99 -59.26 -23.07 151.14
CA LYS L 99 -59.90 -23.70 149.98
C LYS L 99 -59.70 -22.87 148.71
N GLN L 100 -59.57 -21.55 148.85
CA GLN L 100 -59.33 -20.72 147.69
C GLN L 100 -58.02 -21.09 146.99
N ALA L 101 -57.01 -21.47 147.78
CA ALA L 101 -55.74 -21.89 147.19
C ALA L 101 -55.90 -23.16 146.38
N GLU L 102 -56.78 -24.07 146.81
CA GLU L 102 -57.00 -25.30 146.07
C GLU L 102 -57.59 -25.00 144.69
N LYS L 103 -58.55 -24.08 144.61
CA LYS L 103 -59.13 -23.72 143.33
C LYS L 103 -58.08 -23.08 142.42
N ASN L 104 -57.29 -22.16 142.97
CA ASN L 104 -56.23 -21.53 142.19
C ASN L 104 -55.13 -22.53 141.86
N TRP L 105 -54.82 -23.43 142.80
CA TRP L 105 -53.80 -24.44 142.54
C TRP L 105 -54.29 -25.48 141.54
N ALA L 106 -55.58 -25.83 141.59
CA ALA L 106 -56.12 -26.80 140.64
C ALA L 106 -55.98 -26.30 139.21
N ASP L 107 -56.17 -25.00 139.00
CA ASP L 107 -56.02 -24.39 137.68
C ASP L 107 -54.56 -24.11 137.33
N TYR L 108 -53.61 -24.50 138.18
CA TYR L 108 -52.19 -24.29 137.94
C TYR L 108 -51.49 -25.57 137.49
N GLU L 109 -51.73 -26.68 138.19
CA GLU L 109 -51.09 -27.94 137.82
C GLU L 109 -51.75 -28.59 136.61
N ALA L 110 -53.00 -28.25 136.32
CA ALA L 110 -53.73 -28.84 135.21
C ALA L 110 -53.44 -28.15 133.88
N LEU L 111 -52.51 -27.20 133.84
CA LEU L 111 -52.17 -26.50 132.61
C LEU L 111 -50.88 -27.05 132.02
N PRO L 112 -50.68 -26.87 130.70
CA PRO L 112 -49.44 -27.35 130.08
C PRO L 112 -48.21 -26.67 130.64
N ARG L 113 -47.03 -27.05 130.14
CA ARG L 113 -45.77 -26.43 130.56
C ARG L 113 -44.80 -26.49 129.39
N ASP L 114 -44.18 -25.36 129.10
CA ASP L 114 -43.20 -25.30 128.01
C ASP L 114 -42.01 -26.19 128.36
N PRO L 115 -41.54 -27.03 127.43
CA PRO L 115 -40.39 -27.89 127.76
C PRO L 115 -39.13 -27.12 128.09
N ARG L 116 -39.02 -25.86 127.67
CA ARG L 116 -37.85 -25.06 127.99
C ARG L 116 -37.75 -24.75 129.47
N GLN L 117 -38.85 -24.83 130.22
CA GLN L 117 -38.83 -24.56 131.64
C GLN L 117 -38.06 -25.65 132.38
N SER L 118 -37.82 -25.41 133.67
CA SER L 118 -37.13 -26.37 134.52
C SER L 118 -38.14 -27.32 135.12
N THR L 119 -38.10 -28.59 134.69
CA THR L 119 -39.03 -29.57 135.22
C THR L 119 -38.83 -29.80 136.71
N ALA L 120 -37.59 -29.64 137.19
CA ALA L 120 -37.33 -29.83 138.62
C ALA L 120 -38.02 -28.77 139.46
N ALA L 121 -38.16 -27.55 138.94
CA ALA L 121 -38.82 -26.50 139.70
C ALA L 121 -40.28 -26.82 139.94
N ALA L 122 -40.94 -27.46 138.96
CA ALA L 122 -42.33 -27.82 139.13
C ALA L 122 -42.51 -28.92 140.16
N ALA L 123 -41.49 -29.74 140.38
CA ALA L 123 -41.59 -30.81 141.37
C ALA L 123 -41.31 -30.30 142.78
N GLU L 124 -40.33 -29.41 142.94
CA GLU L 124 -40.03 -28.89 144.26
C GLU L 124 -41.16 -28.01 144.78
N ILE L 125 -41.72 -27.16 143.92
CA ILE L 125 -42.81 -26.29 144.36
C ILE L 125 -44.03 -27.11 144.77
N LYS L 126 -44.22 -28.27 144.15
CA LYS L 126 -45.36 -29.13 144.52
C LYS L 126 -45.14 -29.77 145.88
N ARG L 127 -43.92 -30.24 146.16
CA ARG L 127 -43.64 -30.83 147.46
C ARG L 127 -43.79 -29.81 148.57
N ASN L 128 -43.31 -28.57 148.35
CA ASN L 128 -43.44 -27.54 149.36
C ASN L 128 -44.91 -27.17 149.58
N TYR L 129 -45.71 -27.19 148.51
CA TYR L 129 -47.13 -26.87 148.65
C TYR L 129 -47.86 -27.92 149.45
N ASP L 130 -47.46 -29.19 149.31
CA ASP L 130 -48.10 -30.27 150.06
C ASP L 130 -47.88 -30.10 151.56
N ILE L 131 -46.61 -29.99 151.98
CA ILE L 131 -46.32 -29.80 153.39
C ILE L 131 -46.92 -28.51 153.90
N TYR L 132 -47.02 -27.49 153.05
CA TYR L 132 -47.62 -26.23 153.47
C TYR L 132 -49.14 -26.36 153.57
N HIS L 133 -49.77 -27.05 152.60
CA HIS L 133 -51.21 -27.24 152.65
C HIS L 133 -51.62 -27.98 153.92
N ASN L 134 -50.94 -29.10 154.21
CA ASN L 134 -51.25 -29.84 155.43
C ASN L 134 -50.92 -29.04 156.68
N ALA L 135 -49.93 -28.15 156.60
CA ALA L 135 -49.58 -27.33 157.75
C ALA L 135 -50.72 -26.38 158.11
N LEU L 136 -51.20 -25.60 157.13
CA LEU L 136 -52.30 -24.69 157.38
C LEU L 136 -53.54 -25.44 157.82
N ALA L 137 -53.82 -26.59 157.20
CA ALA L 137 -54.99 -27.39 157.60
C ALA L 137 -54.85 -27.92 159.02
N GLU L 138 -53.62 -28.22 159.46
CA GLU L 138 -53.42 -28.70 160.82
C GLU L 138 -53.61 -27.59 161.84
N LEU L 139 -53.18 -26.36 161.50
CA LEU L 139 -53.33 -25.25 162.43
C LEU L 139 -54.80 -24.97 162.72
N ILE L 140 -55.68 -25.20 161.75
CA ILE L 140 -57.10 -24.97 161.98
C ILE L 140 -57.65 -25.96 163.01
N GLN L 141 -57.04 -27.15 163.11
CA GLN L 141 -57.50 -28.14 164.07
C GLN L 141 -56.93 -27.90 165.46
N LEU L 142 -55.70 -27.39 165.55
CA LEU L 142 -55.10 -27.14 166.86
C LEU L 142 -55.83 -26.04 167.60
N LEU L 143 -56.03 -24.89 166.95
CA LEU L 143 -56.72 -23.78 167.59
C LEU L 143 -58.17 -24.13 167.90
N GLY L 144 -58.78 -24.98 167.08
CA GLY L 144 -60.17 -25.35 167.33
C GLY L 144 -60.34 -26.12 168.63
N ALA L 145 -59.36 -26.91 169.02
CA ALA L 145 -59.41 -27.68 170.25
C ALA L 145 -58.84 -26.93 171.44
N GLY L 146 -58.27 -25.76 171.24
CA GLY L 146 -57.71 -24.98 172.33
C GLY L 146 -56.25 -25.24 172.62
N LYS L 147 -55.50 -25.79 171.65
CA LYS L 147 -54.08 -26.07 171.85
C LYS L 147 -53.26 -24.85 171.40
N ILE L 148 -53.44 -23.75 172.14
CA ILE L 148 -52.72 -22.52 171.83
C ILE L 148 -51.22 -22.72 172.00
N ASN L 149 -50.82 -23.59 172.93
CA ASN L 149 -49.39 -23.82 173.16
C ASN L 149 -48.74 -24.45 171.93
N GLU L 150 -49.29 -25.56 171.45
CA GLU L 150 -48.75 -26.23 170.27
C GLU L 150 -49.13 -25.54 168.97
N PHE L 151 -49.91 -24.46 169.02
CA PHE L 151 -50.28 -23.75 167.80
C PHE L 151 -49.12 -22.94 167.26
N PHE L 152 -48.28 -22.40 168.14
CA PHE L 152 -47.13 -21.61 167.71
C PHE L 152 -45.89 -22.45 167.46
N ASP L 153 -45.74 -23.58 168.16
CA ASP L 153 -44.57 -24.44 168.01
C ASP L 153 -44.86 -25.46 166.91
N GLN L 154 -44.75 -25.01 165.68
CA GLN L 154 -44.98 -25.83 164.49
C GLN L 154 -44.00 -25.42 163.41
N PRO L 155 -43.69 -26.32 162.48
CA PRO L 155 -42.75 -25.97 161.40
C PRO L 155 -43.42 -25.27 160.24
N THR L 156 -44.60 -24.69 160.48
CA THR L 156 -45.32 -24.01 159.40
C THR L 156 -44.49 -22.86 158.84
N GLN L 157 -43.78 -22.13 159.70
CA GLN L 157 -42.96 -21.03 159.22
C GLN L 157 -41.84 -21.54 158.31
N GLY L 158 -41.22 -22.67 158.65
CA GLY L 158 -40.19 -23.22 157.81
C GLY L 158 -40.69 -23.64 156.45
N TYR L 159 -41.96 -24.04 156.36
CA TYR L 159 -42.52 -24.44 155.08
C TYR L 159 -42.87 -23.23 154.22
N GLN L 160 -43.32 -22.14 154.85
CA GLN L 160 -43.64 -20.94 154.09
C GLN L 160 -42.41 -20.36 153.42
N ASP L 161 -41.28 -20.32 154.14
CA ASP L 161 -40.05 -19.81 153.55
C ASP L 161 -39.57 -20.70 152.42
N GLY L 162 -39.75 -22.02 152.55
CA GLY L 162 -39.34 -22.91 151.48
C GLY L 162 -40.17 -22.73 150.22
N PHE L 163 -41.49 -22.68 150.37
CA PHE L 163 -42.36 -22.46 149.22
C PHE L 163 -42.19 -21.06 148.65
N GLU L 164 -41.91 -20.08 149.51
CA GLU L 164 -41.70 -18.71 149.04
C GLU L 164 -40.49 -18.63 148.12
N LYS L 165 -39.43 -19.38 148.44
CA LYS L 165 -38.25 -19.39 147.58
C LYS L 165 -38.58 -19.96 146.21
N GLN L 166 -39.31 -21.08 146.17
CA GLN L 166 -39.71 -21.65 144.88
C GLN L 166 -40.68 -20.74 144.15
N TYR L 167 -41.51 -19.99 144.88
CA TYR L 167 -42.43 -19.06 144.24
C TYR L 167 -41.68 -17.98 143.48
N VAL L 168 -40.85 -17.22 144.18
CA VAL L 168 -40.07 -16.17 143.52
C VAL L 168 -39.16 -16.78 142.47
N ALA L 169 -38.63 -17.98 142.75
CA ALA L 169 -37.76 -18.64 141.77
C ALA L 169 -38.53 -19.04 140.52
N TYR L 170 -39.81 -19.39 140.66
CA TYR L 170 -40.62 -19.75 139.50
C TYR L 170 -41.18 -18.52 138.79
N MET L 171 -41.65 -17.53 139.56
CA MET L 171 -42.16 -16.30 138.95
C MET L 171 -41.07 -15.60 138.16
N GLU L 172 -39.88 -15.47 138.75
CA GLU L 172 -38.77 -14.86 138.03
C GLU L 172 -38.35 -15.71 136.84
N GLN L 173 -38.47 -17.03 136.95
CA GLN L 173 -38.14 -17.90 135.82
C GLN L 173 -39.03 -17.61 134.62
N ASN L 174 -40.34 -17.44 134.87
CA ASN L 174 -41.26 -17.09 133.79
C ASN L 174 -40.94 -15.70 133.24
N ASP L 175 -40.52 -14.79 134.11
CA ASP L 175 -40.15 -13.45 133.66
C ASP L 175 -38.97 -13.51 132.68
N ARG L 176 -37.94 -14.28 133.02
CA ARG L 176 -36.82 -14.45 132.11
C ARG L 176 -37.25 -15.20 130.85
N LEU L 177 -38.08 -16.23 131.01
CA LEU L 177 -38.58 -16.96 129.84
C LEU L 177 -39.51 -16.08 129.01
N HIS L 178 -40.18 -15.12 129.64
CA HIS L 178 -41.05 -14.21 128.89
C HIS L 178 -40.25 -13.42 127.86
N ASP L 179 -39.04 -12.98 128.23
CA ASP L 179 -38.19 -12.28 127.28
C ASP L 179 -37.74 -13.20 126.16
N ILE L 180 -37.47 -14.47 126.48
CA ILE L 180 -37.09 -15.43 125.44
C ILE L 180 -38.25 -15.67 124.49
N ALA L 181 -39.46 -15.79 125.02
CA ALA L 181 -40.63 -15.96 124.17
C ALA L 181 -40.84 -14.74 123.29
N VAL L 182 -40.67 -13.55 123.86
CA VAL L 182 -40.78 -12.33 123.05
C VAL L 182 -39.63 -12.25 122.05
N SER L 183 -38.46 -12.78 122.41
CA SER L 183 -37.34 -12.78 121.47
C SER L 183 -37.64 -13.62 120.23
N ASP L 184 -38.51 -14.63 120.36
CA ASP L 184 -38.87 -15.43 119.21
C ASP L 184 -39.55 -14.58 118.14
N ASN L 185 -40.40 -13.64 118.56
CA ASN L 185 -41.04 -12.76 117.60
C ASN L 185 -40.02 -11.87 116.89
N ASN L 186 -39.05 -11.34 117.65
CA ASN L 186 -37.99 -10.54 117.05
C ASN L 186 -37.19 -11.36 116.05
N ALA L 187 -36.97 -12.64 116.34
CA ALA L 187 -36.26 -13.51 115.41
C ALA L 187 -37.08 -13.72 114.15
N SER L 188 -38.34 -14.13 114.31
CA SER L 188 -39.20 -14.32 113.14
C SER L 188 -39.45 -13.01 112.42
N TYR L 189 -39.63 -11.92 113.17
CA TYR L 189 -39.85 -10.62 112.55
C TYR L 189 -38.60 -10.15 111.81
N SER L 190 -37.43 -10.33 112.41
CA SER L 190 -36.18 -9.94 111.75
C SER L 190 -35.95 -10.77 110.50
N GLN L 191 -35.99 -12.10 110.63
CA GLN L 191 -35.81 -12.96 109.47
C GLN L 191 -36.85 -12.66 108.40
N ALA L 192 -38.11 -12.50 108.81
CA ALA L 192 -39.16 -12.19 107.84
C ALA L 192 -38.93 -10.83 107.18
N MET L 193 -38.20 -9.94 107.84
CA MET L 193 -37.94 -8.62 107.27
C MET L 193 -36.83 -8.70 106.23
N TRP L 194 -35.67 -9.21 106.61
CA TRP L 194 -34.57 -9.32 105.64
C TRP L 194 -34.94 -10.25 104.49
N ILE L 195 -35.65 -11.34 104.78
CA ILE L 195 -36.08 -12.25 103.72
C ILE L 195 -37.00 -11.52 102.75
N LEU L 196 -37.87 -10.65 103.27
CA LEU L 196 -38.76 -9.88 102.40
C LEU L 196 -37.94 -8.99 101.47
N VAL L 197 -37.02 -8.20 102.02
CA VAL L 197 -36.18 -7.34 101.21
C VAL L 197 -35.34 -8.17 100.24
N GLY L 198 -34.87 -9.33 100.68
CA GLY L 198 -34.09 -10.19 99.81
C GLY L 198 -34.89 -10.72 98.63
N VAL L 199 -36.18 -11.01 98.85
CA VAL L 199 -37.02 -11.49 97.76
C VAL L 199 -37.19 -10.41 96.70
N MET L 200 -37.31 -9.15 97.13
CA MET L 200 -37.46 -8.07 96.17
C MET L 200 -36.22 -7.93 95.29
N ILE L 201 -35.03 -8.08 95.88
CA ILE L 201 -33.80 -8.01 95.10
C ILE L 201 -33.78 -9.11 94.05
N VAL L 202 -34.37 -10.27 94.35
CA VAL L 202 -34.40 -11.36 93.37
C VAL L 202 -35.52 -11.12 92.37
N VAL L 203 -36.67 -10.62 92.82
CA VAL L 203 -37.78 -10.37 91.92
C VAL L 203 -37.43 -9.25 90.94
N LEU L 204 -36.96 -8.11 91.46
CA LEU L 204 -36.57 -7.00 90.59
C LEU L 204 -35.44 -7.40 89.66
N ALA L 205 -34.55 -8.29 90.09
CA ALA L 205 -33.47 -8.73 89.23
C ALA L 205 -34.00 -9.51 88.04
N VAL L 206 -35.03 -10.33 88.24
CA VAL L 206 -35.61 -11.08 87.13
C VAL L 206 -36.31 -10.14 86.15
N ILE L 207 -36.95 -9.08 86.66
CA ILE L 207 -37.61 -8.13 85.78
C ILE L 207 -36.60 -7.42 84.91
N PHE L 208 -35.45 -7.05 85.49
CA PHE L 208 -34.41 -6.37 84.72
C PHE L 208 -33.62 -7.36 83.87
N ALA L 209 -33.38 -8.57 84.40
CA ALA L 209 -32.64 -9.57 83.64
C ALA L 209 -33.44 -10.04 82.43
N VAL L 210 -34.72 -10.33 82.63
CA VAL L 210 -35.56 -10.77 81.52
C VAL L 210 -35.75 -9.65 80.50
N TRP L 211 -35.90 -8.41 80.99
CA TRP L 211 -36.05 -7.28 80.08
C TRP L 211 -34.81 -7.09 79.22
N PHE L 212 -33.63 -7.32 79.79
CA PHE L 212 -32.40 -7.19 79.02
C PHE L 212 -32.32 -8.25 77.92
N GLY L 213 -32.83 -9.45 78.20
CA GLY L 213 -32.80 -10.49 77.18
C GLY L 213 -33.82 -10.26 76.08
N ILE L 214 -35.04 -9.88 76.45
CA ILE L 214 -36.08 -9.62 75.45
C ILE L 214 -35.68 -8.45 74.57
N LYS L 215 -35.08 -7.41 75.16
CA LYS L 215 -34.66 -6.26 74.38
C LYS L 215 -33.58 -6.64 73.37
N ALA L 216 -32.82 -7.69 73.66
CA ALA L 216 -31.76 -8.14 72.77
C ALA L 216 -32.18 -9.29 71.86
N SER L 217 -33.14 -10.10 72.29
CA SER L 217 -33.61 -11.25 71.52
C SER L 217 -35.00 -11.01 70.92
N LEU L 218 -35.36 -9.74 70.66
CA LEU L 218 -36.66 -9.44 70.09
C LEU L 218 -36.60 -8.14 69.29
N VAL L 219 -36.14 -7.06 69.93
CA VAL L 219 -36.06 -5.77 69.24
C VAL L 219 -34.90 -5.77 68.25
N ALA L 220 -33.78 -6.43 68.61
CA ALA L 220 -32.63 -6.45 67.71
C ALA L 220 -32.94 -7.23 66.43
N PRO L 221 -33.36 -8.49 66.49
CA PRO L 221 -33.64 -9.22 65.25
C PRO L 221 -34.85 -8.69 64.50
N MET L 222 -35.87 -8.18 65.21
CA MET L 222 -37.05 -7.68 64.52
C MET L 222 -36.72 -6.50 63.63
N ASN L 223 -35.89 -5.57 64.12
CA ASN L 223 -35.52 -4.41 63.31
C ASN L 223 -34.80 -4.84 62.04
N ARG L 224 -33.99 -5.90 62.12
CA ARG L 224 -33.27 -6.37 60.93
C ARG L 224 -34.24 -6.96 59.91
N LEU L 225 -35.22 -7.74 60.37
CA LEU L 225 -36.17 -8.34 59.45
C LEU L 225 -37.05 -7.29 58.78
N ILE L 226 -37.53 -6.31 59.56
CA ILE L 226 -38.38 -5.26 59.00
C ILE L 226 -37.59 -4.44 57.98
N ASP L 227 -36.37 -4.04 58.34
CA ASP L 227 -35.55 -3.27 57.41
C ASP L 227 -35.14 -4.10 56.20
N SER L 228 -35.04 -5.42 56.36
CA SER L 228 -34.66 -6.26 55.23
C SER L 228 -35.75 -6.28 54.17
N ILE L 229 -37.02 -6.39 54.58
CA ILE L 229 -38.11 -6.40 53.61
C ILE L 229 -38.14 -5.10 52.83
N ARG L 230 -37.92 -3.97 53.51
CA ARG L 230 -37.88 -2.69 52.82
C ARG L 230 -36.74 -2.65 51.80
N HIS L 231 -35.65 -3.37 52.06
CA HIS L 231 -34.54 -3.40 51.11
C HIS L 231 -34.84 -4.31 49.94
N ILE L 232 -35.64 -5.36 50.14
CA ILE L 232 -35.99 -6.26 49.04
C ILE L 232 -36.93 -5.55 48.07
N ALA L 233 -37.91 -4.83 48.59
CA ALA L 233 -38.85 -4.12 47.72
C ALA L 233 -38.13 -3.06 46.89
N GLY L 234 -37.11 -2.41 47.46
CA GLY L 234 -36.36 -1.41 46.73
C GLY L 234 -35.35 -1.95 45.74
N GLY L 235 -35.15 -3.26 45.72
CA GLY L 235 -34.22 -3.88 44.80
C GLY L 235 -32.83 -4.13 45.35
N ASP L 236 -32.69 -4.30 46.67
CA ASP L 236 -31.41 -4.54 47.30
C ASP L 236 -31.45 -5.95 47.89
N LEU L 237 -31.09 -6.95 47.07
CA LEU L 237 -31.07 -8.34 47.49
C LEU L 237 -29.73 -8.79 48.04
N VAL L 238 -28.70 -7.94 47.98
CA VAL L 238 -27.37 -8.31 48.47
C VAL L 238 -27.26 -8.19 49.98
N LYS L 239 -28.17 -7.47 50.63
CA LYS L 239 -28.08 -7.30 52.07
C LYS L 239 -28.16 -8.66 52.75
N PRO L 240 -27.30 -8.96 53.73
CA PRO L 240 -27.35 -10.26 54.39
C PRO L 240 -28.49 -10.36 55.39
N ILE L 241 -28.80 -11.59 55.76
CA ILE L 241 -29.85 -11.89 56.72
C ILE L 241 -29.34 -12.95 57.69
N GLU L 242 -29.00 -12.53 58.91
CA GLU L 242 -28.50 -13.47 59.90
C GLU L 242 -29.60 -14.43 60.36
N VAL L 243 -29.24 -15.70 60.49
CA VAL L 243 -30.17 -16.74 60.92
C VAL L 243 -29.43 -17.65 61.89
N ASP L 244 -29.95 -17.78 63.11
CA ASP L 244 -29.32 -18.63 64.12
C ASP L 244 -30.33 -18.89 65.22
N GLY L 245 -30.22 -20.07 65.83
CA GLY L 245 -31.12 -20.46 66.90
C GLY L 245 -32.44 -20.98 66.40
N SER L 246 -32.95 -22.03 67.02
CA SER L 246 -34.23 -22.63 66.66
C SER L 246 -35.38 -22.07 67.50
N ASN L 247 -35.57 -20.76 67.43
CA ASN L 247 -36.61 -20.06 68.18
C ASN L 247 -37.59 -19.42 67.21
N GLU L 248 -38.48 -18.58 67.75
CA GLU L 248 -39.47 -17.89 66.91
C GLU L 248 -38.79 -17.02 65.88
N MET L 249 -37.89 -16.13 66.33
CA MET L 249 -37.19 -15.26 65.39
C MET L 249 -36.30 -16.07 64.45
N GLY L 250 -35.81 -17.22 64.90
CA GLY L 250 -35.01 -18.06 64.03
C GLY L 250 -35.80 -18.60 62.85
N GLN L 251 -36.99 -19.12 63.10
CA GLN L 251 -37.83 -19.62 62.02
C GLN L 251 -38.29 -18.48 61.12
N LEU L 252 -38.64 -17.33 61.69
CA LEU L 252 -39.03 -16.18 60.89
C LEU L 252 -37.88 -15.69 60.03
N ALA L 253 -36.69 -15.61 60.60
CA ALA L 253 -35.52 -15.17 59.83
C ALA L 253 -35.17 -16.19 58.74
N GLU L 254 -35.31 -17.49 59.05
CA GLU L 254 -35.03 -18.51 58.06
C GLU L 254 -36.02 -18.43 56.89
N SER L 255 -37.28 -18.15 57.19
CA SER L 255 -38.27 -18.02 56.11
C SER L 255 -37.96 -16.82 55.23
N LEU L 256 -37.49 -15.72 55.83
CA LEU L 256 -37.16 -14.55 55.03
C LEU L 256 -35.95 -14.80 54.15
N ARG L 257 -34.96 -15.53 54.66
CA ARG L 257 -33.78 -15.85 53.85
C ARG L 257 -34.13 -16.79 52.71
N HIS L 258 -35.07 -17.72 52.94
CA HIS L 258 -35.48 -18.63 51.88
C HIS L 258 -36.12 -17.86 50.73
N MET L 259 -36.98 -16.88 51.05
CA MET L 259 -37.61 -16.09 49.99
C MET L 259 -36.56 -15.27 49.23
N GLN L 260 -35.50 -14.85 49.92
CA GLN L 260 -34.46 -14.07 49.25
C GLN L 260 -33.76 -14.91 48.20
N GLY L 261 -33.52 -16.19 48.48
CA GLY L 261 -32.88 -17.04 47.50
C GLY L 261 -33.69 -17.23 46.25
N GLU L 262 -35.02 -17.25 46.37
CA GLU L 262 -35.87 -17.40 45.19
C GLU L 262 -35.77 -16.17 44.29
N LEU L 263 -35.63 -14.99 44.88
CA LEU L 263 -35.50 -13.78 44.07
C LEU L 263 -34.20 -13.78 43.28
N MET L 264 -33.10 -14.19 43.90
CA MET L 264 -31.83 -14.25 43.19
C MET L 264 -31.90 -15.23 42.03
N ARG L 265 -32.61 -16.34 42.22
CA ARG L 265 -32.77 -17.31 41.13
C ARG L 265 -33.76 -16.80 40.08
N THR L 266 -34.87 -16.21 40.52
CA THR L 266 -35.84 -15.68 39.57
C THR L 266 -35.25 -14.52 38.77
N VAL L 267 -34.67 -13.54 39.47
CA VAL L 267 -34.05 -12.41 38.78
C VAL L 267 -32.88 -12.89 37.93
N GLY L 268 -32.17 -13.92 38.40
CA GLY L 268 -31.06 -14.44 37.63
C GLY L 268 -31.52 -15.13 36.35
N ASP L 269 -32.54 -15.96 36.45
CA ASP L 269 -33.06 -16.64 35.26
C ASP L 269 -33.73 -15.65 34.31
N VAL L 270 -34.47 -14.69 34.85
CA VAL L 270 -35.12 -13.69 34.01
C VAL L 270 -34.08 -12.80 33.35
N ARG L 271 -33.04 -12.41 34.10
CA ARG L 271 -31.98 -11.58 33.52
C ARG L 271 -31.22 -12.35 32.44
N ASN L 272 -30.80 -13.58 32.75
CA ASN L 272 -30.09 -14.39 31.76
C ASN L 272 -31.00 -14.73 30.59
N GLY L 273 -32.28 -15.00 30.87
CA GLY L 273 -33.21 -15.31 29.79
C GLY L 273 -33.55 -14.09 28.95
N ALA L 274 -33.69 -12.93 29.60
CA ALA L 274 -34.00 -11.70 28.86
C ALA L 274 -32.85 -11.34 27.93
N ASN L 275 -31.61 -11.47 28.40
CA ASN L 275 -30.46 -11.18 27.54
C ASN L 275 -30.38 -12.12 26.36
N ALA L 276 -30.84 -13.37 26.53
CA ALA L 276 -30.83 -14.32 25.43
C ALA L 276 -31.73 -13.85 24.29
N ILE L 277 -32.84 -13.19 24.62
CA ILE L 277 -33.73 -12.67 23.58
C ILE L 277 -33.05 -11.54 22.82
N TYR L 278 -32.35 -10.66 23.53
CA TYR L 278 -31.65 -9.57 22.87
C TYR L 278 -30.54 -10.10 21.97
N SER L 279 -29.76 -11.07 22.46
CA SER L 279 -28.72 -11.66 21.64
C SER L 279 -29.32 -12.43 20.47
N GLY L 280 -30.38 -13.21 20.71
CA GLY L 280 -31.02 -13.93 19.64
C GLY L 280 -31.70 -13.00 18.65
N ALA L 281 -32.35 -11.94 19.15
CA ALA L 281 -32.99 -10.99 18.25
C ALA L 281 -31.97 -10.25 17.40
N SER L 282 -30.78 -10.00 17.95
CA SER L 282 -29.73 -9.35 17.17
C SER L 282 -29.31 -10.20 15.99
N GLU L 283 -29.25 -11.52 16.18
CA GLU L 283 -28.91 -12.41 15.07
C GLU L 283 -29.97 -12.35 13.97
N ILE L 284 -31.25 -12.30 14.35
CA ILE L 284 -32.30 -12.18 13.35
C ILE L 284 -32.27 -10.79 12.71
N ALA L 285 -32.05 -9.75 13.51
CA ALA L 285 -31.96 -8.41 12.96
C ALA L 285 -30.75 -8.28 12.03
N THR L 286 -29.61 -8.86 12.43
CA THR L 286 -28.44 -8.82 11.57
C THR L 286 -28.69 -9.59 10.28
N GLY L 287 -29.39 -10.72 10.36
CA GLY L 287 -29.71 -11.46 9.15
C GLY L 287 -30.65 -10.71 8.23
N ASN L 288 -31.65 -10.02 8.81
CA ASN L 288 -32.55 -9.23 8.00
C ASN L 288 -31.83 -8.07 7.32
N ASN L 289 -30.90 -7.44 8.03
CA ASN L 289 -30.12 -6.36 7.43
C ASN L 289 -29.30 -6.87 6.25
N ASP L 290 -28.62 -8.00 6.44
CA ASP L 290 -27.86 -8.60 5.34
C ASP L 290 -28.79 -9.14 4.26
N LEU L 291 -29.89 -9.77 4.67
CA LEU L 291 -30.87 -10.26 3.70
C LEU L 291 -31.49 -9.11 2.92
N SER L 292 -31.74 -7.98 3.59
CA SER L 292 -32.29 -6.82 2.90
C SER L 292 -31.30 -6.29 1.86
N SER L 293 -30.02 -6.28 2.19
CA SER L 293 -29.01 -5.85 1.22
C SER L 293 -28.99 -6.75 0.00
N ARG L 294 -29.04 -8.07 0.23
CA ARG L 294 -29.10 -9.00 -0.90
C ARG L 294 -30.40 -8.88 -1.67
N THR L 295 -31.50 -8.52 -0.98
CA THR L 295 -32.77 -8.34 -1.67
C THR L 295 -32.69 -7.18 -2.65
N GLU L 296 -32.08 -6.06 -2.25
CA GLU L 296 -31.90 -4.95 -3.16
C GLU L 296 -31.03 -5.34 -4.34
N GLN L 297 -29.99 -6.14 -4.09
CA GLN L 297 -29.15 -6.61 -5.19
C GLN L 297 -29.94 -7.48 -6.15
N GLN L 298 -30.83 -8.32 -5.62
CA GLN L 298 -31.69 -9.13 -6.49
C GLN L 298 -32.62 -8.25 -7.30
N ALA L 299 -33.24 -7.25 -6.65
CA ALA L 299 -34.12 -6.34 -7.36
C ALA L 299 -33.36 -5.58 -8.45
N ALA L 300 -32.17 -5.07 -8.12
CA ALA L 300 -31.36 -4.39 -9.12
C ALA L 300 -30.94 -5.33 -10.23
N SER L 301 -30.74 -6.62 -9.91
CA SER L 301 -30.38 -7.59 -10.94
C SER L 301 -31.52 -7.78 -11.93
N LEU L 302 -32.76 -7.85 -11.44
CA LEU L 302 -33.91 -8.00 -12.33
C LEU L 302 -34.04 -6.79 -13.25
N GLU L 303 -33.81 -5.59 -12.71
CA GLU L 303 -33.87 -4.38 -13.54
C GLU L 303 -32.77 -4.41 -14.59
N GLU L 304 -31.55 -4.76 -14.19
CA GLU L 304 -30.46 -4.87 -15.17
C GLU L 304 -30.68 -6.05 -16.10
N THR L 305 -31.21 -7.15 -15.59
CA THR L 305 -31.49 -8.31 -16.43
C THR L 305 -32.64 -8.01 -17.40
N ALA L 306 -33.72 -7.42 -16.89
CA ALA L 306 -34.84 -7.07 -17.75
C ALA L 306 -34.40 -6.11 -18.85
N ALA L 307 -33.58 -5.11 -18.49
CA ALA L 307 -33.08 -4.18 -19.50
C ALA L 307 -32.17 -4.89 -20.50
N SER L 308 -31.48 -5.93 -20.07
CA SER L 308 -30.62 -6.67 -20.99
C SER L 308 -31.44 -7.41 -22.03
N MET L 309 -32.58 -7.97 -21.64
CA MET L 309 -33.45 -8.66 -22.59
C MET L 309 -33.97 -7.70 -23.66
N GLU L 310 -34.18 -6.42 -23.30
CA GLU L 310 -34.63 -5.45 -24.28
C GLU L 310 -33.60 -5.29 -25.39
N GLN L 311 -32.31 -5.28 -25.04
CA GLN L 311 -31.28 -5.20 -26.06
C GLN L 311 -31.29 -6.43 -26.96
N LEU L 312 -31.52 -7.61 -26.37
CA LEU L 312 -31.61 -8.83 -27.17
C LEU L 312 -32.81 -8.77 -28.10
N THR L 313 -33.95 -8.29 -27.61
CA THR L 313 -35.13 -8.17 -28.46
C THR L 313 -34.88 -7.23 -29.62
N ALA L 314 -34.13 -6.16 -29.40
CA ALA L 314 -33.81 -5.23 -30.48
C ALA L 314 -32.96 -5.91 -31.54
N THR L 315 -32.01 -6.74 -31.15
CA THR L 315 -31.19 -7.45 -32.13
C THR L 315 -31.99 -8.53 -32.84
N VAL L 316 -33.01 -9.09 -32.18
CA VAL L 316 -33.84 -10.12 -32.82
C VAL L 316 -34.53 -9.53 -34.04
N LYS L 317 -35.07 -8.31 -33.91
CA LYS L 317 -35.71 -7.66 -35.04
C LYS L 317 -34.71 -7.38 -36.15
N GLN L 318 -33.52 -6.87 -35.79
CA GLN L 318 -32.49 -6.61 -36.79
C GLN L 318 -32.06 -7.91 -37.47
N ASN L 319 -31.74 -8.94 -36.67
CA ASN L 319 -31.36 -10.23 -37.24
C ASN L 319 -32.49 -10.81 -38.06
N ALA L 320 -33.73 -10.71 -37.57
CA ALA L 320 -34.87 -11.22 -38.33
C ALA L 320 -35.14 -10.36 -39.55
N GLU L 321 -34.97 -9.04 -39.43
CA GLU L 321 -35.19 -8.16 -40.57
C GLU L 321 -34.16 -8.43 -41.67
N ASN L 322 -32.88 -8.48 -41.31
CA ASN L 322 -31.85 -8.78 -42.29
C ASN L 322 -32.05 -10.15 -42.91
N ALA L 323 -32.64 -11.09 -42.17
CA ALA L 323 -32.91 -12.42 -42.72
C ALA L 323 -33.95 -12.34 -43.84
N ARG L 324 -35.05 -11.62 -43.59
CA ARG L 324 -36.08 -11.47 -44.62
C ARG L 324 -35.58 -10.60 -45.78
N GLN L 325 -34.91 -9.49 -45.46
CA GLN L 325 -34.37 -8.64 -46.51
C GLN L 325 -33.34 -9.40 -47.35
N ALA L 326 -32.48 -10.17 -46.70
CA ALA L 326 -31.51 -10.97 -47.44
C ALA L 326 -32.21 -12.07 -48.25
N SER L 327 -33.30 -12.62 -47.74
CA SER L 327 -34.04 -13.63 -48.48
C SER L 327 -34.66 -13.04 -49.74
N HIS L 328 -35.16 -11.80 -49.66
CA HIS L 328 -35.72 -11.15 -50.84
C HIS L 328 -34.66 -10.95 -51.90
N LEU L 329 -33.49 -10.44 -51.50
CA LEU L 329 -32.40 -10.27 -52.46
C LEU L 329 -31.86 -11.61 -52.91
N ALA L 330 -31.74 -12.56 -51.99
CA ALA L 330 -31.27 -13.90 -52.36
C ALA L 330 -32.26 -14.58 -53.30
N LEU L 331 -33.55 -14.53 -52.95
CA LEU L 331 -34.57 -15.11 -53.81
C LEU L 331 -34.59 -14.41 -55.17
N SER L 332 -34.54 -13.08 -55.16
CA SER L 332 -34.50 -12.34 -56.42
C SER L 332 -33.23 -12.65 -57.20
N ALA L 333 -32.11 -12.85 -56.49
CA ALA L 333 -30.87 -13.21 -57.16
C ALA L 333 -30.96 -14.58 -57.82
N SER L 334 -31.82 -15.45 -57.30
CA SER L 334 -32.00 -16.77 -57.90
C SER L 334 -32.87 -16.69 -59.16
N GLU L 335 -33.90 -15.85 -59.15
CA GLU L 335 -34.75 -15.70 -60.32
C GLU L 335 -33.95 -15.24 -61.53
N THR L 336 -33.15 -14.17 -61.36
CA THR L 336 -32.30 -13.71 -62.45
C THR L 336 -31.29 -14.76 -62.86
N ALA L 337 -30.86 -15.61 -61.91
CA ALA L 337 -29.92 -16.68 -62.25
C ALA L 337 -30.59 -17.75 -63.08
N GLN L 338 -31.81 -18.14 -62.73
CA GLN L 338 -32.53 -19.14 -63.50
C GLN L 338 -32.85 -18.62 -64.90
N ARG L 339 -33.28 -17.35 -64.99
CA ARG L 339 -33.55 -16.77 -66.30
C ARG L 339 -32.28 -16.70 -67.15
N GLY L 340 -31.15 -16.40 -66.51
CA GLY L 340 -29.89 -16.39 -67.24
C GLY L 340 -29.50 -17.76 -67.74
N GLY L 341 -29.79 -18.80 -66.95
CA GLY L 341 -29.50 -20.15 -67.39
C GLY L 341 -30.28 -20.54 -68.63
N LYS L 342 -31.56 -20.16 -68.69
CA LYS L 342 -32.36 -20.46 -69.86
C LYS L 342 -31.79 -19.75 -71.09
N VAL L 343 -31.34 -18.52 -70.93
CA VAL L 343 -30.72 -17.79 -72.03
C VAL L 343 -29.43 -18.49 -72.46
N VAL L 344 -28.66 -19.00 -71.49
CA VAL L 344 -27.44 -19.72 -71.83
C VAL L 344 -27.78 -21.00 -72.58
N ASP L 345 -28.86 -21.67 -72.20
CA ASP L 345 -29.28 -22.87 -72.92
C ASP L 345 -29.65 -22.54 -74.35
N ASN L 346 -30.29 -21.39 -74.58
CA ASN L 346 -30.62 -21.00 -75.95
C ASN L 346 -29.36 -20.73 -76.76
N VAL L 347 -28.33 -20.17 -76.13
CA VAL L 347 -27.08 -19.93 -76.83
C VAL L 347 -26.38 -21.24 -77.15
N VAL L 348 -26.56 -22.26 -76.31
CA VAL L 348 -25.97 -23.56 -76.59
C VAL L 348 -26.51 -24.13 -77.90
N GLN L 349 -27.83 -24.05 -78.08
CA GLN L 349 -28.43 -24.50 -79.34
C GLN L 349 -27.99 -23.63 -80.50
N THR L 350 -27.70 -22.35 -80.25
CA THR L 350 -27.23 -21.47 -81.32
C THR L 350 -25.88 -21.93 -81.84
N MET L 351 -24.96 -22.29 -80.94
CA MET L 351 -23.66 -22.79 -81.37
C MET L 351 -23.81 -24.04 -82.23
N ARG L 352 -24.74 -24.93 -81.85
CA ARG L 352 -24.99 -26.11 -82.66
C ARG L 352 -25.52 -25.73 -84.04
N ASP L 353 -26.36 -24.69 -84.11
CA ASP L 353 -26.85 -24.23 -85.40
C ASP L 353 -25.73 -23.59 -86.21
N ILE L 354 -24.91 -22.75 -85.57
CA ILE L 354 -23.77 -22.15 -86.27
C ILE L 354 -22.78 -23.22 -86.69
N SER L 355 -22.48 -24.16 -85.78
CA SER L 355 -21.57 -25.25 -86.14
C SER L 355 -22.17 -26.12 -87.23
N THR L 356 -23.46 -26.45 -87.12
CA THR L 356 -24.12 -27.25 -88.16
C THR L 356 -24.20 -26.46 -89.46
N SER L 357 -24.57 -25.17 -89.38
CA SER L 357 -24.62 -24.34 -90.57
C SER L 357 -23.24 -24.19 -91.18
N SER L 358 -22.22 -23.94 -90.35
CA SER L 358 -20.86 -23.84 -90.87
C SER L 358 -20.40 -25.15 -91.48
N GLN L 359 -20.84 -26.29 -90.94
CA GLN L 359 -20.48 -27.58 -91.53
C GLN L 359 -21.06 -27.72 -92.93
N LYS L 360 -22.30 -27.27 -93.13
CA LYS L 360 -22.90 -27.32 -94.46
C LYS L 360 -22.13 -26.45 -95.44
N ILE L 361 -21.66 -25.29 -94.98
CA ILE L 361 -20.87 -24.41 -95.85
C ILE L 361 -19.57 -25.10 -96.24
N ALA L 362 -18.92 -25.77 -95.28
CA ALA L 362 -17.69 -26.50 -95.59
C ALA L 362 -17.91 -27.55 -96.65
N ASP L 363 -19.08 -28.19 -96.66
CA ASP L 363 -19.39 -29.18 -97.68
C ASP L 363 -19.49 -28.53 -99.05
N ILE L 364 -20.04 -27.31 -99.11
CA ILE L 364 -20.15 -26.61 -100.38
C ILE L 364 -18.78 -26.14 -100.85
N ILE L 365 -17.97 -25.62 -99.93
CA ILE L 365 -16.62 -25.20 -100.29
C ILE L 365 -15.82 -26.39 -100.82
N SER L 366 -16.01 -27.57 -100.20
CA SER L 366 -15.35 -28.76 -100.71
C SER L 366 -15.83 -29.12 -102.10
N VAL L 367 -17.10 -28.84 -102.40
CA VAL L 367 -17.62 -29.10 -103.74
C VAL L 367 -17.07 -28.08 -104.72
N ILE L 368 -17.07 -26.80 -104.35
CA ILE L 368 -16.51 -25.76 -105.22
C ILE L 368 -15.03 -26.04 -105.47
N ASP L 369 -14.33 -26.54 -104.46
CA ASP L 369 -12.93 -26.89 -104.63
C ASP L 369 -12.78 -27.99 -105.68
N GLY L 370 -13.66 -28.98 -105.66
CA GLY L 370 -13.62 -30.02 -106.66
C GLY L 370 -14.06 -29.52 -108.03
N ILE L 371 -15.14 -28.74 -108.06
CA ILE L 371 -15.60 -28.17 -109.33
C ILE L 371 -14.52 -27.28 -109.93
N ALA L 372 -13.88 -26.46 -109.11
CA ALA L 372 -12.79 -25.63 -109.59
C ALA L 372 -11.60 -26.46 -110.05
N PHE L 373 -11.37 -27.61 -109.43
CA PHE L 373 -10.28 -28.48 -109.84
C PHE L 373 -10.57 -29.14 -111.18
N GLN L 374 -11.81 -29.62 -111.36
CA GLN L 374 -12.17 -30.22 -112.63
C GLN L 374 -12.08 -29.21 -113.77
N THR L 375 -12.45 -27.96 -113.51
CA THR L 375 -12.35 -26.93 -114.54
C THR L 375 -10.91 -26.76 -115.01
N ASN L 376 -9.94 -26.90 -114.11
CA ASN L 376 -8.54 -26.79 -114.51
C ASN L 376 -8.15 -27.95 -115.42
N ILE L 377 -8.65 -29.15 -115.13
CA ILE L 377 -8.35 -30.31 -115.97
C ILE L 377 -8.95 -30.13 -117.36
N LEU L 378 -10.20 -29.69 -117.42
CA LEU L 378 -10.83 -29.45 -118.72
C LEU L 378 -10.10 -28.35 -119.49
N ALA L 379 -9.79 -27.24 -118.83
CA ALA L 379 -9.07 -26.16 -119.48
C ALA L 379 -7.66 -26.61 -119.87
N LEU L 380 -7.06 -27.51 -119.10
CA LEU L 380 -5.73 -28.00 -119.44
C LEU L 380 -5.73 -28.76 -120.75
N ASN L 381 -6.74 -29.59 -120.98
CA ASN L 381 -6.83 -30.32 -122.24
C ASN L 381 -7.07 -29.38 -123.42
N ALA L 382 -7.78 -28.27 -123.20
CA ALA L 382 -8.02 -27.32 -124.27
C ALA L 382 -6.71 -26.69 -124.74
N ALA L 383 -5.83 -26.35 -123.80
CA ALA L 383 -4.54 -25.77 -124.17
C ALA L 383 -3.67 -26.79 -124.90
N VAL L 384 -3.76 -28.07 -124.50
CA VAL L 384 -2.98 -29.10 -125.16
C VAL L 384 -3.49 -29.32 -126.59
N GLU L 385 -4.81 -29.22 -126.78
CA GLU L 385 -5.36 -29.39 -128.12
C GLU L 385 -4.90 -28.29 -129.05
N ALA L 386 -4.96 -27.03 -128.59
CA ALA L 386 -4.52 -25.92 -129.41
C ALA L 386 -3.03 -26.02 -129.74
N ALA L 387 -2.25 -26.63 -128.86
CA ALA L 387 -0.82 -26.80 -129.11
C ALA L 387 -0.58 -27.70 -130.31
N ARG L 388 -1.24 -28.87 -130.32
CA ARG L 388 -1.06 -29.80 -131.44
C ARG L 388 -1.58 -29.21 -132.75
N ALA L 389 -2.56 -28.30 -132.67
CA ALA L 389 -3.10 -27.70 -133.89
C ALA L 389 -2.15 -26.68 -134.49
N GLY L 390 -1.31 -26.07 -133.66
CA GLY L 390 -0.36 -25.07 -134.15
C GLY L 390 -0.96 -23.68 -134.11
N GLU L 391 -0.84 -22.96 -135.23
CA GLU L 391 -1.36 -21.60 -135.30
C GLU L 391 -2.88 -21.56 -135.47
N GLN L 392 -3.53 -22.70 -135.64
CA GLN L 392 -4.97 -22.77 -135.81
C GLN L 392 -5.71 -22.90 -134.48
N GLY L 393 -5.09 -22.50 -133.37
CA GLY L 393 -5.72 -22.58 -132.08
C GLY L 393 -5.24 -21.51 -131.12
N ARG L 394 -4.63 -20.44 -131.66
CA ARG L 394 -4.16 -19.37 -130.80
C ARG L 394 -5.31 -18.62 -130.14
N GLY L 395 -6.45 -18.50 -130.82
CA GLY L 395 -7.59 -17.83 -130.22
C GLY L 395 -8.14 -18.58 -129.02
N PHE L 396 -8.20 -19.90 -129.11
CA PHE L 396 -8.71 -20.70 -127.99
C PHE L 396 -7.69 -20.79 -126.87
N ALA L 397 -6.40 -20.68 -127.19
CA ALA L 397 -5.38 -20.75 -126.14
C ALA L 397 -5.50 -19.59 -125.18
N VAL L 398 -5.84 -18.40 -125.68
CA VAL L 398 -6.00 -17.24 -124.80
C VAL L 398 -7.19 -17.43 -123.88
N VAL L 399 -8.31 -17.95 -124.42
CA VAL L 399 -9.48 -18.18 -123.59
C VAL L 399 -9.26 -19.36 -122.66
N ALA L 400 -8.60 -20.42 -123.15
CA ALA L 400 -8.32 -21.57 -122.30
C ALA L 400 -7.39 -21.20 -121.16
N GLY L 401 -6.35 -20.40 -121.45
CA GLY L 401 -5.45 -19.98 -120.40
C GLY L 401 -6.12 -19.05 -119.40
N GLU L 402 -7.02 -18.19 -119.89
CA GLU L 402 -7.73 -17.29 -118.99
C GLU L 402 -8.67 -18.06 -118.07
N VAL L 403 -9.36 -19.06 -118.61
CA VAL L 403 -10.25 -19.87 -117.78
C VAL L 403 -9.47 -20.61 -116.71
N ARG L 404 -8.26 -21.06 -117.05
CA ARG L 404 -7.43 -21.74 -116.06
C ARG L 404 -7.02 -20.81 -114.94
N ASN L 405 -6.75 -19.54 -115.26
CA ASN L 405 -6.39 -18.57 -114.23
C ASN L 405 -7.54 -18.36 -113.26
N LEU L 406 -8.76 -18.21 -113.78
CA LEU L 406 -9.91 -18.05 -112.92
C LEU L 406 -10.15 -19.29 -112.07
N ALA L 407 -9.83 -20.48 -112.60
CA ALA L 407 -9.99 -21.69 -111.81
C ALA L 407 -9.08 -21.69 -110.59
N GLN L 408 -7.84 -21.20 -110.75
CA GLN L 408 -6.93 -21.12 -109.62
C GLN L 408 -7.43 -20.12 -108.60
N ARG L 409 -7.96 -18.97 -109.06
CA ARG L 409 -8.51 -17.99 -108.13
C ARG L 409 -9.72 -18.55 -107.39
N SER L 410 -10.61 -19.22 -108.11
CA SER L 410 -11.77 -19.83 -107.46
C SER L 410 -11.34 -20.94 -106.51
N ALA L 411 -10.37 -21.76 -106.92
CA ALA L 411 -9.87 -22.81 -106.05
C ALA L 411 -9.12 -22.21 -104.86
N GLN L 412 -8.23 -21.25 -105.13
CA GLN L 412 -7.51 -20.59 -104.03
C GLN L 412 -8.47 -19.87 -103.11
N ALA L 413 -9.46 -19.18 -103.68
CA ALA L 413 -10.46 -18.50 -102.84
C ALA L 413 -11.31 -19.51 -102.08
N ALA L 414 -11.66 -20.63 -102.72
CA ALA L 414 -12.44 -21.65 -102.04
C ALA L 414 -11.67 -22.21 -100.85
N ARG L 415 -10.41 -22.61 -101.09
CA ARG L 415 -9.58 -23.11 -99.98
C ARG L 415 -9.35 -22.03 -98.94
N GLU L 416 -9.31 -20.76 -99.36
CA GLU L 416 -9.14 -19.67 -98.41
C GLU L 416 -10.33 -19.58 -97.46
N ILE L 417 -11.54 -19.69 -98.00
CA ILE L 417 -12.73 -19.67 -97.17
C ILE L 417 -12.76 -20.89 -96.25
N LYS L 418 -12.30 -22.04 -96.76
CA LYS L 418 -12.27 -23.25 -95.95
C LYS L 418 -11.44 -23.03 -94.69
N SER L 419 -10.30 -22.36 -94.82
CA SER L 419 -9.48 -22.05 -93.65
C SER L 419 -10.23 -21.16 -92.66
N LEU L 420 -11.09 -20.27 -93.17
CA LEU L 420 -11.88 -19.43 -92.28
C LEU L 420 -12.95 -20.23 -91.57
N ILE L 421 -13.59 -21.18 -92.27
CA ILE L 421 -14.60 -22.02 -91.65
C ILE L 421 -13.97 -22.86 -90.53
N GLU L 422 -12.82 -23.47 -90.81
CA GLU L 422 -12.13 -24.24 -89.79
C GLU L 422 -11.77 -23.36 -88.60
N ASP L 423 -11.29 -22.14 -88.85
CA ASP L 423 -11.01 -21.21 -87.77
C ASP L 423 -12.29 -20.71 -87.13
N SER L 424 -13.35 -20.52 -87.92
CA SER L 424 -14.63 -20.09 -87.37
C SER L 424 -15.23 -21.18 -86.49
N VAL L 425 -15.20 -22.44 -86.95
CA VAL L 425 -15.69 -23.54 -86.13
C VAL L 425 -14.86 -23.67 -84.86
N GLY L 426 -13.56 -23.39 -84.94
CA GLY L 426 -12.73 -23.43 -83.75
C GLY L 426 -13.19 -22.42 -82.71
N LYS L 427 -13.53 -21.21 -83.13
CA LYS L 427 -14.05 -20.21 -82.21
C LYS L 427 -15.39 -20.66 -81.63
N VAL L 428 -16.18 -21.40 -82.42
CA VAL L 428 -17.44 -21.93 -81.91
C VAL L 428 -17.19 -22.97 -80.83
N ASP L 429 -16.23 -23.86 -81.08
CA ASP L 429 -15.88 -24.86 -80.07
C ASP L 429 -15.33 -24.20 -78.82
N VAL L 430 -14.36 -23.29 -78.99
CA VAL L 430 -13.83 -22.55 -77.85
C VAL L 430 -14.92 -21.67 -77.24
N GLY L 431 -15.70 -21.01 -78.08
CA GLY L 431 -16.80 -20.20 -77.57
C GLY L 431 -17.85 -21.03 -76.86
N SER L 432 -18.13 -22.23 -77.39
CA SER L 432 -19.10 -23.10 -76.73
C SER L 432 -18.61 -23.51 -75.35
N THR L 433 -17.32 -23.81 -75.21
CA THR L 433 -16.77 -24.14 -73.90
C THR L 433 -16.99 -23.01 -72.91
N LEU L 434 -16.82 -21.76 -73.37
CA LEU L 434 -17.07 -20.62 -72.50
C LEU L 434 -18.56 -20.47 -72.21
N VAL L 435 -19.41 -20.76 -73.19
CA VAL L 435 -20.85 -20.68 -72.98
C VAL L 435 -21.30 -21.81 -72.06
N GLU L 436 -20.86 -23.05 -72.34
CA GLU L 436 -21.18 -24.16 -71.46
C GLU L 436 -20.62 -23.94 -70.06
N SER L 437 -19.41 -23.37 -69.97
CA SER L 437 -18.85 -23.07 -68.66
C SER L 437 -19.70 -22.04 -67.92
N ALA L 438 -20.27 -21.08 -68.66
CA ALA L 438 -21.17 -20.12 -68.03
C ALA L 438 -22.42 -20.80 -67.48
N GLY L 439 -22.90 -21.84 -68.16
CA GLY L 439 -24.03 -22.59 -67.65
C GLY L 439 -23.72 -23.38 -66.40
N GLU L 440 -22.49 -23.89 -66.28
CA GLU L 440 -22.10 -24.61 -65.08
C GLU L 440 -22.11 -23.69 -63.87
N THR L 441 -21.68 -22.44 -64.04
CA THR L 441 -21.71 -21.50 -62.93
C THR L 441 -23.15 -21.25 -62.47
N MET L 442 -24.08 -21.16 -63.42
CA MET L 442 -25.48 -20.99 -63.05
C MET L 442 -25.97 -22.16 -62.19
N ALA L 443 -25.53 -23.38 -62.50
CA ALA L 443 -25.90 -24.53 -61.69
C ALA L 443 -25.41 -24.37 -60.26
N GLU L 444 -24.24 -23.73 -60.09
CA GLU L 444 -23.72 -23.48 -58.74
C GLU L 444 -24.40 -22.27 -58.10
N ILE L 445 -24.62 -21.20 -58.88
CA ILE L 445 -25.31 -20.03 -58.35
C ILE L 445 -26.75 -20.38 -58.02
N VAL L 446 -27.44 -21.06 -58.94
CA VAL L 446 -28.82 -21.44 -58.68
C VAL L 446 -28.90 -22.43 -57.51
N SER L 447 -27.83 -23.19 -57.28
CA SER L 447 -27.80 -24.14 -56.17
C SER L 447 -27.28 -23.51 -54.89
N ALA L 448 -26.36 -22.55 -54.99
CA ALA L 448 -25.82 -21.91 -53.80
C ALA L 448 -26.77 -20.84 -53.27
N VAL L 449 -27.23 -19.94 -54.15
CA VAL L 449 -28.15 -18.90 -53.72
C VAL L 449 -29.46 -19.51 -53.23
N THR L 450 -29.93 -20.57 -53.90
CA THR L 450 -31.14 -21.24 -53.45
C THR L 450 -30.97 -21.80 -52.05
N ARG L 451 -29.82 -22.44 -51.79
CA ARG L 451 -29.55 -22.94 -50.43
C ARG L 451 -29.46 -21.80 -49.44
N VAL L 452 -28.81 -20.69 -49.83
CA VAL L 452 -28.71 -19.53 -48.96
C VAL L 452 -30.11 -18.98 -48.66
N THR L 453 -30.98 -18.96 -49.67
CA THR L 453 -32.35 -18.50 -49.45
C THR L 453 -33.06 -19.36 -48.41
N ASP L 454 -32.78 -20.66 -48.40
CA ASP L 454 -33.37 -21.54 -47.40
C ASP L 454 -32.80 -21.28 -46.02
N ILE L 455 -31.51 -20.91 -45.94
CA ILE L 455 -30.91 -20.61 -44.65
C ILE L 455 -31.57 -19.38 -44.03
N MET L 456 -31.91 -18.38 -44.85
CA MET L 456 -32.60 -17.21 -44.34
C MET L 456 -33.94 -17.59 -43.73
N GLY L 457 -34.65 -18.54 -44.35
CA GLY L 457 -35.90 -19.00 -43.77
C GLY L 457 -35.71 -19.65 -42.41
N GLU L 458 -34.62 -20.41 -42.25
CA GLU L 458 -34.33 -21.02 -40.96
C GLU L 458 -33.92 -19.97 -39.94
N ILE L 459 -33.04 -19.05 -40.31
CA ILE L 459 -32.65 -17.98 -39.40
C ILE L 459 -33.83 -17.08 -39.09
N ALA L 460 -34.61 -16.73 -40.12
CA ALA L 460 -35.80 -15.91 -39.90
C ALA L 460 -36.81 -16.63 -39.01
N SER L 461 -37.06 -17.91 -39.30
CA SER L 461 -37.97 -18.68 -38.47
C SER L 461 -37.39 -18.90 -37.07
N ALA L 462 -36.09 -19.19 -37.00
CA ALA L 462 -35.45 -19.36 -35.69
C ALA L 462 -35.44 -18.04 -34.92
N SER L 463 -35.20 -16.92 -35.61
CA SER L 463 -35.22 -15.62 -34.95
C SER L 463 -36.59 -15.35 -34.34
N ASP L 464 -37.66 -15.78 -35.01
CA ASP L 464 -39.00 -15.60 -34.45
C ASP L 464 -39.15 -16.39 -33.16
N GLU L 465 -38.57 -17.58 -33.10
CA GLU L 465 -38.63 -18.38 -31.87
C GLU L 465 -37.88 -17.68 -30.74
N GLN L 466 -36.79 -16.99 -31.05
CA GLN L 466 -36.06 -16.25 -30.03
C GLN L 466 -36.93 -15.14 -29.44
N SER L 467 -37.67 -14.43 -30.29
CA SER L 467 -38.57 -13.39 -29.80
C SER L 467 -39.61 -13.98 -28.86
N ARG L 468 -40.18 -15.13 -29.22
CA ARG L 468 -41.14 -15.78 -28.33
C ARG L 468 -40.47 -16.27 -27.06
N GLY L 469 -39.22 -16.74 -27.17
CA GLY L 469 -38.50 -17.16 -25.98
C GLY L 469 -38.20 -16.02 -25.04
N ILE L 470 -37.80 -14.87 -25.58
CA ILE L 470 -37.55 -13.70 -24.74
C ILE L 470 -38.82 -13.25 -24.06
N ASP L 471 -39.97 -13.41 -24.72
CA ASP L 471 -41.24 -13.06 -24.09
C ASP L 471 -41.48 -13.91 -22.85
N GLN L 472 -41.19 -15.21 -22.92
CA GLN L 472 -41.32 -16.06 -21.74
C GLN L 472 -40.39 -15.61 -20.63
N VAL L 473 -39.19 -15.15 -20.99
CA VAL L 473 -38.25 -14.65 -19.99
C VAL L 473 -38.76 -13.33 -19.43
N GLY L 474 -39.33 -12.48 -20.29
CA GLY L 474 -39.88 -11.21 -19.81
C GLY L 474 -41.00 -11.42 -18.81
N LEU L 475 -41.92 -12.34 -19.12
CA LEU L 475 -43.00 -12.66 -18.19
C LEU L 475 -42.44 -13.31 -16.93
N ALA L 476 -41.45 -14.19 -17.08
CA ALA L 476 -40.85 -14.83 -15.91
C ALA L 476 -40.19 -13.78 -15.02
N VAL L 477 -39.51 -12.79 -15.61
CA VAL L 477 -38.90 -11.74 -14.82
C VAL L 477 -39.98 -10.87 -14.17
N ALA L 478 -41.09 -10.65 -14.87
CA ALA L 478 -42.18 -9.86 -14.30
C ALA L 478 -42.73 -10.52 -13.04
N GLU L 479 -42.82 -11.86 -13.04
CA GLU L 479 -43.29 -12.55 -11.84
C GLU L 479 -42.31 -12.38 -10.69
N MET L 480 -41.00 -12.45 -10.97
CA MET L 480 -40.01 -12.27 -9.92
C MET L 480 -39.96 -10.82 -9.45
N ASP L 481 -40.30 -9.88 -10.33
CA ASP L 481 -40.31 -8.47 -9.92
C ASP L 481 -41.31 -8.24 -8.79
N ARG L 482 -42.54 -8.72 -8.96
CA ARG L 482 -43.54 -8.58 -7.90
C ARG L 482 -43.15 -9.37 -6.67
N VAL L 483 -42.65 -10.60 -6.86
CA VAL L 483 -42.24 -11.41 -5.73
C VAL L 483 -41.09 -10.74 -4.98
N THR L 484 -40.18 -10.09 -5.70
CA THR L 484 -39.08 -9.39 -5.05
C THR L 484 -39.59 -8.26 -4.17
N GLN L 485 -40.61 -7.54 -4.64
CA GLN L 485 -41.18 -6.46 -3.83
C GLN L 485 -41.92 -7.01 -2.63
N GLN L 486 -42.66 -8.11 -2.81
CA GLN L 486 -43.36 -8.73 -1.69
C GLN L 486 -42.39 -9.27 -0.66
N ASN L 487 -41.26 -9.83 -1.10
CA ASN L 487 -40.25 -10.31 -0.16
C ASN L 487 -39.65 -9.16 0.64
N ALA L 488 -39.47 -8.00 0.01
CA ALA L 488 -38.94 -6.84 0.74
C ALA L 488 -39.87 -6.44 1.87
N ALA L 489 -41.18 -6.54 1.66
CA ALA L 489 -42.13 -6.22 2.71
C ALA L 489 -42.00 -7.20 3.88
N LEU L 490 -41.88 -8.50 3.58
CA LEU L 490 -41.70 -9.49 4.64
C LEU L 490 -40.36 -9.29 5.33
N VAL L 491 -39.30 -9.01 4.57
CA VAL L 491 -37.99 -8.76 5.17
C VAL L 491 -38.03 -7.48 6.01
N GLU L 492 -38.64 -6.42 5.46
CA GLU L 492 -38.75 -5.18 6.22
C GLU L 492 -39.66 -5.36 7.42
N GLU L 493 -40.77 -6.08 7.25
CA GLU L 493 -41.66 -6.34 8.38
C GLU L 493 -40.97 -7.19 9.44
N SER L 494 -40.19 -8.19 9.00
CA SER L 494 -39.46 -9.02 9.97
C SER L 494 -38.42 -8.19 10.72
N ALA L 495 -37.75 -7.26 10.03
CA ALA L 495 -36.78 -6.41 10.71
C ALA L 495 -37.46 -5.52 11.73
N ALA L 496 -38.60 -4.93 11.39
CA ALA L 496 -39.33 -4.11 12.35
C ALA L 496 -39.84 -4.94 13.50
N ALA L 497 -40.36 -6.14 13.22
CA ALA L 497 -40.83 -7.02 14.29
C ALA L 497 -39.68 -7.49 15.16
N ALA L 498 -38.54 -7.83 14.54
CA ALA L 498 -37.38 -8.25 15.32
C ALA L 498 -36.86 -7.12 16.20
N ALA L 499 -36.89 -5.89 15.69
CA ALA L 499 -36.45 -4.74 16.49
C ALA L 499 -37.37 -4.53 17.68
N ALA L 500 -38.66 -4.83 17.53
CA ALA L 500 -39.58 -4.68 18.65
C ALA L 500 -39.23 -5.63 19.78
N LEU L 501 -38.76 -6.83 19.45
CA LEU L 501 -38.35 -7.78 20.48
C LEU L 501 -37.18 -7.24 21.28
N GLU L 502 -36.29 -6.49 20.63
CA GLU L 502 -35.16 -5.90 21.34
C GLU L 502 -35.64 -4.87 22.36
N GLU L 503 -36.63 -4.07 22.00
CA GLU L 503 -37.17 -3.10 22.95
C GLU L 503 -37.87 -3.78 24.12
N GLN L 504 -38.68 -4.80 23.83
CA GLN L 504 -39.35 -5.54 24.89
C GLN L 504 -38.34 -6.30 25.75
N ALA L 505 -37.41 -7.00 25.11
CA ALA L 505 -36.39 -7.73 25.86
C ALA L 505 -35.55 -6.79 26.69
N SER L 506 -35.22 -5.61 26.14
CA SER L 506 -34.44 -4.64 26.89
C SER L 506 -35.23 -4.09 28.07
N ARG L 507 -36.56 -4.08 27.98
CA ARG L 507 -37.37 -3.60 29.09
C ARG L 507 -37.44 -4.61 30.22
N LEU L 508 -37.50 -5.90 29.88
CA LEU L 508 -37.54 -6.93 30.93
C LEU L 508 -36.26 -6.94 31.73
N THR L 509 -35.11 -7.01 31.05
CA THR L 509 -33.84 -6.98 31.76
C THR L 509 -33.64 -5.68 32.52
N GLU L 510 -34.18 -4.57 31.99
CA GLU L 510 -34.06 -3.29 32.67
C GLU L 510 -35.01 -3.19 33.86
N ALA L 511 -36.20 -3.76 33.76
CA ALA L 511 -37.14 -3.73 34.88
C ALA L 511 -36.59 -4.50 36.07
N VAL L 512 -36.08 -5.71 35.82
CA VAL L 512 -35.50 -6.52 36.90
C VAL L 512 -34.11 -6.05 37.31
N ALA L 513 -33.51 -5.11 36.56
CA ALA L 513 -32.19 -4.62 36.91
C ALA L 513 -32.17 -3.92 38.27
N VAL L 514 -33.32 -3.41 38.72
CA VAL L 514 -33.37 -2.75 40.02
C VAL L 514 -33.00 -3.73 41.13
N PHE L 515 -33.33 -5.00 40.97
CA PHE L 515 -32.99 -6.02 41.95
C PHE L 515 -31.55 -6.46 41.75
N ARG L 516 -30.71 -6.22 42.75
CA ARG L 516 -29.29 -6.60 42.67
C ARG L 516 -29.15 -8.10 42.54
N MET M 1 -31.56 -76.57 73.92
CA MET M 1 -30.36 -75.74 73.59
C MET M 1 -30.77 -74.31 73.28
N LEU M 2 -29.79 -73.44 73.09
CA LEU M 2 -30.03 -72.03 72.79
C LEU M 2 -30.44 -71.80 71.34
N LYS M 3 -30.41 -72.83 70.49
CA LYS M 3 -30.77 -72.70 69.09
C LYS M 3 -32.24 -72.97 68.83
N ARG M 4 -33.02 -73.31 69.85
CA ARG M 4 -34.44 -73.59 69.69
C ARG M 4 -35.27 -72.77 70.67
N ILE M 5 -34.75 -71.62 71.11
CA ILE M 5 -35.45 -70.75 72.03
C ILE M 5 -35.08 -69.30 71.71
N LYS M 6 -35.93 -68.37 72.14
CA LYS M 6 -35.69 -66.97 71.90
C LYS M 6 -34.66 -66.42 72.88
N ILE M 7 -33.96 -65.36 72.45
CA ILE M 7 -32.96 -64.74 73.31
C ILE M 7 -33.63 -64.01 74.47
N VAL M 8 -34.79 -63.40 74.23
CA VAL M 8 -35.48 -62.69 75.30
C VAL M 8 -35.99 -63.66 76.35
N THR M 9 -36.51 -64.81 75.93
CA THR M 9 -37.00 -65.81 76.87
C THR M 9 -35.88 -66.31 77.78
N SER M 10 -34.64 -66.37 77.27
CA SER M 10 -33.53 -66.82 78.09
C SER M 10 -33.09 -65.72 79.06
N LEU M 11 -33.03 -64.47 78.58
CA LEU M 11 -32.63 -63.38 79.45
C LEU M 11 -33.76 -62.99 80.40
N LEU M 12 -35.00 -62.94 79.90
CA LEU M 12 -36.12 -62.60 80.76
C LEU M 12 -36.27 -63.62 81.89
N LEU M 13 -36.03 -64.90 81.60
CA LEU M 13 -36.10 -65.91 82.64
C LEU M 13 -35.08 -65.67 83.73
N VAL M 14 -33.93 -65.10 83.39
CA VAL M 14 -32.92 -64.80 84.40
C VAL M 14 -33.35 -63.61 85.25
N LEU M 15 -34.00 -62.62 84.63
CA LEU M 15 -34.48 -61.47 85.38
C LEU M 15 -35.49 -61.90 86.44
N ALA M 16 -36.34 -62.87 86.12
CA ALA M 16 -37.29 -63.39 87.09
C ALA M 16 -36.60 -64.16 88.20
N VAL M 17 -35.45 -64.78 87.90
CA VAL M 17 -34.70 -65.50 88.92
C VAL M 17 -34.18 -64.54 89.98
N PHE M 18 -33.59 -63.43 89.55
CA PHE M 18 -33.11 -62.43 90.50
C PHE M 18 -34.25 -61.93 91.39
N GLY M 19 -35.43 -61.74 90.81
CA GLY M 19 -36.57 -61.35 91.61
C GLY M 19 -37.00 -62.41 92.59
N LEU M 20 -36.81 -63.68 92.23
CA LEU M 20 -37.15 -64.78 93.14
C LEU M 20 -36.06 -64.99 94.18
N LEU M 21 -34.79 -64.94 93.77
CA LEU M 21 -33.70 -65.08 94.73
C LEU M 21 -33.76 -63.99 95.79
N GLN M 22 -34.03 -62.76 95.38
CA GLN M 22 -34.14 -61.66 96.34
C GLN M 22 -35.32 -61.87 97.28
N LEU M 23 -36.42 -62.45 96.77
CA LEU M 23 -37.57 -62.70 97.61
C LEU M 23 -37.31 -63.86 98.57
N THR M 24 -36.79 -64.97 98.05
CA THR M 24 -36.48 -66.12 98.90
C THR M 24 -35.37 -65.77 99.89
N SER M 25 -34.27 -65.20 99.40
CA SER M 25 -33.20 -64.79 100.30
C SER M 25 -33.68 -63.77 101.31
N GLY M 26 -34.43 -62.76 100.84
CA GLY M 26 -35.00 -61.79 101.77
C GLY M 26 -35.98 -62.42 102.74
N GLY M 27 -36.71 -63.44 102.31
CA GLY M 27 -37.63 -64.13 103.22
C GLY M 27 -36.89 -64.82 104.35
N LEU M 28 -35.81 -65.54 104.01
CA LEU M 28 -35.02 -66.19 105.05
C LEU M 28 -34.41 -65.16 105.98
N PHE M 29 -33.88 -64.06 105.43
CA PHE M 29 -33.34 -63.00 106.27
C PHE M 29 -34.45 -62.33 107.08
N PHE M 30 -35.57 -62.03 106.43
CA PHE M 30 -36.71 -61.45 107.16
C PHE M 30 -37.27 -62.43 108.17
N ASN M 31 -37.27 -63.73 107.84
CA ASN M 31 -37.73 -64.73 108.79
C ASN M 31 -36.84 -64.76 110.03
N ALA M 32 -35.53 -64.55 109.84
CA ALA M 32 -34.63 -64.49 110.98
C ALA M 32 -34.97 -63.31 111.88
N LEU M 33 -35.40 -62.18 111.30
CA LEU M 33 -35.81 -61.05 112.11
C LEU M 33 -37.02 -61.39 112.95
N LYS M 34 -37.95 -62.18 112.40
CA LYS M 34 -39.11 -62.60 113.17
C LYS M 34 -38.70 -63.47 114.36
N ASN M 35 -37.85 -64.47 114.11
CA ASN M 35 -37.39 -65.33 115.19
C ASN M 35 -36.66 -64.51 116.25
N ASP M 36 -35.96 -63.45 115.84
CA ASP M 36 -35.27 -62.59 116.80
C ASP M 36 -36.22 -61.58 117.42
N LYS M 37 -37.12 -61.00 116.62
CA LYS M 37 -38.07 -60.03 117.15
C LYS M 37 -38.98 -60.66 118.20
N GLU M 38 -39.44 -61.89 117.95
CA GLU M 38 -40.29 -62.57 118.93
C GLU M 38 -39.56 -62.81 120.23
N ASN M 39 -38.24 -63.02 120.18
CA ASN M 39 -37.48 -63.23 121.40
C ASN M 39 -37.54 -62.00 122.31
N PHE M 40 -37.41 -60.80 121.72
CA PHE M 40 -37.50 -59.58 122.52
C PHE M 40 -38.84 -59.51 123.24
N THR M 41 -39.93 -59.74 122.53
CA THR M 41 -41.24 -59.74 123.17
C THR M 41 -41.35 -60.81 124.24
N VAL M 42 -40.69 -61.96 124.02
CA VAL M 42 -40.70 -63.02 125.03
C VAL M 42 -39.83 -62.63 126.22
N LEU M 43 -38.58 -62.24 125.95
CA LEU M 43 -37.70 -61.82 127.04
C LEU M 43 -38.22 -60.57 127.72
N GLN M 44 -38.93 -59.71 126.99
CA GLN M 44 -39.53 -58.53 127.62
C GLN M 44 -40.50 -58.92 128.72
N THR M 45 -41.25 -60.01 128.53
CA THR M 45 -42.18 -60.46 129.56
C THR M 45 -41.45 -61.25 130.65
N ILE M 46 -40.48 -62.08 130.27
CA ILE M 46 -39.73 -62.85 131.26
C ILE M 46 -38.97 -61.92 132.19
N ARG M 47 -38.44 -60.81 131.67
CA ARG M 47 -37.73 -59.88 132.52
C ARG M 47 -38.65 -59.24 133.55
N GLN M 48 -39.87 -58.89 133.14
CA GLN M 48 -40.82 -58.32 134.08
C GLN M 48 -41.16 -59.29 135.20
N GLN M 49 -41.20 -60.59 134.90
CA GLN M 49 -41.44 -61.59 135.94
C GLN M 49 -40.37 -61.51 137.01
N GLN M 50 -39.12 -61.29 136.62
CA GLN M 50 -38.03 -61.18 137.59
C GLN M 50 -38.17 -59.88 138.40
N SER M 51 -38.46 -58.77 137.72
CA SER M 51 -38.64 -57.50 138.43
C SER M 51 -39.79 -57.58 139.42
N THR M 52 -40.92 -58.18 138.99
CA THR M 52 -42.05 -58.33 139.89
C THR M 52 -41.76 -59.36 140.98
N LEU M 53 -41.12 -60.47 140.60
CA LEU M 53 -40.78 -61.49 141.60
C LEU M 53 -39.74 -60.96 142.58
N ASN M 54 -38.66 -60.36 142.07
CA ASN M 54 -37.65 -59.78 142.95
C ASN M 54 -38.24 -58.65 143.78
N GLY M 55 -38.94 -57.72 143.13
CA GLY M 55 -39.59 -56.65 143.86
C GLY M 55 -40.57 -57.15 144.91
N SER M 56 -41.23 -58.27 144.63
CA SER M 56 -42.14 -58.85 145.62
C SER M 56 -41.37 -59.57 146.72
N TRP M 57 -40.36 -60.36 146.34
CA TRP M 57 -39.56 -61.05 147.35
C TRP M 57 -38.79 -60.06 148.22
N VAL M 58 -38.30 -58.97 147.62
CA VAL M 58 -37.61 -57.94 148.39
C VAL M 58 -38.56 -57.33 149.41
N ALA M 59 -39.83 -57.15 149.03
CA ALA M 59 -40.82 -56.62 149.97
C ALA M 59 -41.06 -57.60 151.11
N LEU M 60 -41.04 -58.90 150.82
CA LEU M 60 -41.21 -59.89 151.88
C LEU M 60 -40.05 -59.85 152.86
N LEU M 61 -38.83 -59.71 152.34
CA LEU M 61 -37.66 -59.62 153.22
C LEU M 61 -37.75 -58.38 154.11
N GLN M 62 -38.12 -57.24 153.53
CA GLN M 62 -38.30 -56.03 154.33
C GLN M 62 -39.35 -56.23 155.41
N THR M 63 -40.44 -56.93 155.07
CA THR M 63 -41.46 -57.21 156.07
C THR M 63 -40.92 -58.13 157.16
N ARG M 64 -40.13 -59.13 156.78
CA ARG M 64 -39.53 -60.03 157.77
C ARG M 64 -38.64 -59.26 158.74
N ASN M 65 -37.74 -58.43 158.21
CA ASN M 65 -36.88 -57.63 159.07
C ASN M 65 -37.70 -56.66 159.91
N THR M 66 -38.78 -56.12 159.32
CA THR M 66 -39.63 -55.19 160.06
C THR M 66 -40.28 -55.88 161.27
N LEU M 67 -40.80 -57.09 161.06
CA LEU M 67 -41.39 -57.84 162.17
C LEU M 67 -40.33 -58.20 163.21
N ASN M 68 -39.10 -58.47 162.79
CA ASN M 68 -38.04 -58.75 163.75
C ASN M 68 -37.78 -57.56 164.65
N ARG M 69 -37.80 -56.35 164.08
CA ARG M 69 -37.62 -55.15 164.90
C ARG M 69 -38.75 -55.02 165.92
N ALA M 70 -39.97 -55.39 165.54
CA ALA M 70 -41.08 -55.33 166.48
C ALA M 70 -40.86 -56.29 167.65
N GLY M 71 -40.38 -57.50 167.36
CA GLY M 71 -40.08 -58.43 168.44
C GLY M 71 -38.98 -57.95 169.34
N ILE M 72 -37.91 -57.39 168.76
CA ILE M 72 -36.82 -56.85 169.55
C ILE M 72 -37.29 -55.64 170.34
N ARG M 73 -38.03 -54.73 169.69
CA ARG M 73 -38.54 -53.56 170.37
C ARG M 73 -39.46 -53.93 171.53
N TYR M 74 -40.16 -55.06 171.42
CA TYR M 74 -41.05 -55.48 172.50
C TYR M 74 -40.25 -55.93 173.71
N MET M 75 -39.17 -56.69 173.49
CA MET M 75 -38.34 -57.14 174.61
C MET M 75 -37.67 -55.97 175.31
N MET M 76 -37.32 -54.91 174.57
CA MET M 76 -36.70 -53.75 175.19
C MET M 76 -37.62 -53.08 176.18
N ASP M 77 -38.94 -53.19 175.97
CA ASP M 77 -39.89 -52.59 176.90
C ASP M 77 -39.95 -53.36 178.21
N GLN M 78 -39.91 -54.70 178.13
CA GLN M 78 -39.96 -55.52 179.34
C GLN M 78 -38.69 -55.33 180.17
N ASN M 79 -37.53 -55.37 179.53
CA ASN M 79 -36.25 -55.18 180.22
C ASN M 79 -35.87 -53.72 180.38
N ASN M 80 -36.60 -52.80 179.76
CA ASN M 80 -36.29 -51.37 179.85
C ASN M 80 -34.87 -51.10 179.38
N ILE M 81 -34.70 -50.91 178.08
CA ILE M 81 -33.39 -50.64 177.47
C ILE M 81 -33.59 -49.47 176.52
N GLY M 82 -33.30 -48.26 176.99
CA GLY M 82 -33.46 -47.09 176.15
C GLY M 82 -34.91 -46.86 175.77
N SER M 83 -35.10 -46.38 174.55
CA SER M 83 -36.44 -46.10 174.03
C SER M 83 -36.33 -45.88 172.52
N GLY M 84 -37.47 -45.59 171.90
CA GLY M 84 -37.50 -45.37 170.47
C GLY M 84 -38.90 -45.39 169.93
N SER M 85 -39.03 -45.92 168.71
CA SER M 85 -40.34 -46.02 168.07
C SER M 85 -41.18 -47.10 168.75
N THR M 86 -42.44 -46.78 169.01
CA THR M 86 -43.34 -47.73 169.64
C THR M 86 -43.55 -48.95 168.74
N VAL M 87 -43.94 -50.06 169.37
CA VAL M 87 -44.19 -51.28 168.61
C VAL M 87 -45.38 -51.13 167.67
N ALA M 88 -46.29 -50.20 167.95
CA ALA M 88 -47.44 -50.02 167.08
C ALA M 88 -47.02 -49.54 165.69
N GLU M 89 -46.07 -48.61 165.64
CA GLU M 89 -45.61 -48.10 164.35
C GLU M 89 -44.89 -49.18 163.55
N LEU M 90 -44.20 -50.10 164.23
CA LEU M 90 -43.50 -51.17 163.53
C LEU M 90 -44.48 -52.16 162.91
N MET M 91 -45.57 -52.46 163.61
CA MET M 91 -46.56 -53.39 163.07
C MET M 91 -47.21 -52.81 161.81
N GLU M 92 -47.52 -51.52 161.82
CA GLU M 92 -48.10 -50.89 160.64
C GLU M 92 -47.12 -50.90 159.47
N SER M 93 -45.82 -50.72 159.78
CA SER M 93 -44.81 -50.75 158.71
C SER M 93 -44.76 -52.13 158.05
N ALA M 94 -44.87 -53.20 158.85
CA ALA M 94 -44.86 -54.54 158.29
C ALA M 94 -46.10 -54.77 157.42
N SER M 95 -47.24 -54.20 157.82
CA SER M 95 -48.46 -54.35 157.03
C SER M 95 -48.31 -53.66 155.67
N ILE M 96 -47.81 -52.43 155.67
CA ILE M 96 -47.60 -51.72 154.41
C ILE M 96 -46.57 -52.46 153.56
N SER M 97 -45.50 -52.95 154.18
CA SER M 97 -44.49 -53.71 153.44
C SER M 97 -45.05 -55.03 152.93
N LEU M 98 -45.97 -55.64 153.69
CA LEU M 98 -46.57 -56.89 153.24
C LEU M 98 -47.44 -56.67 152.00
N LYS M 99 -48.23 -55.60 151.99
CA LYS M 99 -49.06 -55.30 150.82
C LYS M 99 -48.19 -55.01 149.60
N GLN M 100 -46.99 -54.47 149.81
CA GLN M 100 -46.09 -54.21 148.68
C GLN M 100 -45.74 -55.50 147.97
N ALA M 101 -45.57 -56.59 148.72
CA ALA M 101 -45.28 -57.88 148.08
C ALA M 101 -46.48 -58.39 147.29
N GLU M 102 -47.69 -58.24 147.85
CA GLU M 102 -48.89 -58.66 147.13
C GLU M 102 -49.09 -57.82 145.86
N LYS M 103 -48.83 -56.51 145.96
CA LYS M 103 -48.96 -55.65 144.78
C LYS M 103 -47.97 -56.05 143.70
N ASN M 104 -46.70 -56.24 144.09
CA ASN M 104 -45.69 -56.68 143.12
C ASN M 104 -45.97 -58.10 142.65
N TRP M 105 -46.47 -58.95 143.56
CA TRP M 105 -46.79 -60.33 143.17
C TRP M 105 -48.00 -60.37 142.23
N ALA M 106 -48.90 -59.39 142.33
CA ALA M 106 -50.05 -59.36 141.43
C ALA M 106 -49.60 -59.24 139.97
N ASP M 107 -48.64 -58.36 139.70
CA ASP M 107 -48.13 -58.23 138.34
C ASP M 107 -47.41 -59.49 137.91
N TYR M 108 -46.73 -60.15 138.85
CA TYR M 108 -46.04 -61.40 138.53
C TYR M 108 -47.03 -62.47 138.06
N GLU M 109 -48.18 -62.56 138.74
CA GLU M 109 -49.19 -63.54 138.35
C GLU M 109 -50.00 -63.09 137.14
N ALA M 110 -50.08 -61.78 136.89
CA ALA M 110 -50.85 -61.30 135.75
C ALA M 110 -50.17 -61.63 134.42
N LEU M 111 -48.85 -61.58 134.39
CA LEU M 111 -48.14 -61.89 133.15
C LEU M 111 -48.33 -63.36 132.77
N PRO M 112 -48.25 -63.68 131.49
CA PRO M 112 -48.43 -65.07 131.06
C PRO M 112 -47.21 -65.91 131.37
N ARG M 113 -47.35 -67.22 131.13
CA ARG M 113 -46.29 -68.20 131.32
C ARG M 113 -45.99 -68.87 129.99
N ASP M 114 -44.74 -68.73 129.54
CA ASP M 114 -44.35 -69.29 128.26
C ASP M 114 -44.30 -70.82 128.34
N PRO M 115 -44.36 -71.50 127.19
CA PRO M 115 -44.30 -72.97 127.22
C PRO M 115 -43.04 -73.51 127.85
N ARG M 116 -41.90 -72.86 127.61
CA ARG M 116 -40.64 -73.34 128.17
C ARG M 116 -40.66 -73.35 129.69
N GLN M 117 -41.37 -72.40 130.30
CA GLN M 117 -41.45 -72.34 131.75
C GLN M 117 -42.19 -73.56 132.28
N SER M 118 -41.52 -74.35 133.11
CA SER M 118 -42.13 -75.55 133.65
C SER M 118 -43.34 -75.21 134.50
N THR M 119 -44.46 -75.89 134.24
CA THR M 119 -45.67 -75.64 135.00
C THR M 119 -45.51 -76.04 136.46
N ALA M 120 -44.71 -77.07 136.74
CA ALA M 120 -44.51 -77.48 138.13
C ALA M 120 -43.80 -76.39 138.93
N ALA M 121 -42.84 -75.71 138.31
CA ALA M 121 -42.13 -74.64 139.00
C ALA M 121 -43.05 -73.45 139.26
N ALA M 122 -43.94 -73.14 138.32
CA ALA M 122 -44.85 -72.03 138.51
C ALA M 122 -45.89 -72.33 139.59
N ALA M 123 -46.22 -73.61 139.78
CA ALA M 123 -47.18 -74.00 140.80
C ALA M 123 -46.54 -74.21 142.17
N GLU M 124 -45.30 -74.70 142.19
CA GLU M 124 -44.62 -74.92 143.47
C GLU M 124 -44.21 -73.59 144.10
N ILE M 125 -43.76 -72.64 143.28
CA ILE M 125 -43.36 -71.34 143.82
C ILE M 125 -44.54 -70.63 144.45
N LYS M 126 -45.74 -70.82 143.90
CA LYS M 126 -46.91 -70.18 144.48
C LYS M 126 -47.33 -70.84 145.79
N ARG M 127 -47.06 -72.14 145.95
CA ARG M 127 -47.39 -72.81 147.20
C ARG M 127 -46.60 -72.24 148.36
N ASN M 128 -45.27 -72.16 148.21
CA ASN M 128 -44.44 -71.59 149.26
C ASN M 128 -44.76 -70.13 149.51
N TYR M 129 -45.21 -69.42 148.47
CA TYR M 129 -45.57 -68.01 148.63
C TYR M 129 -46.81 -67.86 149.50
N ASP M 130 -47.84 -68.65 149.22
CA ASP M 130 -49.07 -68.58 150.02
C ASP M 130 -48.81 -69.00 151.46
N ILE M 131 -48.07 -70.09 151.66
CA ILE M 131 -47.77 -70.54 153.02
C ILE M 131 -46.91 -69.51 153.74
N TYR M 132 -45.99 -68.86 153.02
CA TYR M 132 -45.15 -67.85 153.63
C TYR M 132 -45.86 -66.50 153.75
N HIS M 133 -46.74 -66.18 152.79
CA HIS M 133 -47.47 -64.91 152.86
C HIS M 133 -48.37 -64.87 154.09
N ASN M 134 -49.13 -65.95 154.32
CA ASN M 134 -50.00 -66.00 155.49
C ASN M 134 -49.19 -66.06 156.79
N ALA M 135 -47.97 -66.59 156.73
CA ALA M 135 -47.14 -66.66 157.93
C ALA M 135 -46.85 -65.26 158.47
N LEU M 136 -46.47 -64.33 157.59
CA LEU M 136 -46.20 -62.97 158.03
C LEU M 136 -47.46 -62.31 158.61
N ALA M 137 -48.63 -62.69 158.11
CA ALA M 137 -49.87 -62.11 158.64
C ALA M 137 -50.14 -62.59 160.06
N GLU M 138 -49.87 -63.87 160.34
CA GLU M 138 -50.09 -64.39 161.69
C GLU M 138 -49.18 -63.71 162.70
N LEU M 139 -47.93 -63.43 162.30
CA LEU M 139 -47.00 -62.76 163.21
C LEU M 139 -47.53 -61.41 163.65
N ILE M 140 -48.27 -60.71 162.78
CA ILE M 140 -48.83 -59.42 163.16
C ILE M 140 -49.99 -59.61 164.14
N GLN M 141 -50.67 -60.75 164.07
CA GLN M 141 -51.79 -61.01 164.97
C GLN M 141 -51.31 -61.52 166.32
N LEU M 142 -50.29 -62.39 166.33
CA LEU M 142 -49.78 -62.91 167.60
C LEU M 142 -49.18 -61.80 168.44
N LEU M 143 -48.44 -60.88 167.82
CA LEU M 143 -47.84 -59.79 168.57
C LEU M 143 -48.90 -58.84 169.12
N GLY M 144 -49.96 -58.60 168.35
CA GLY M 144 -51.02 -57.71 168.81
C GLY M 144 -51.74 -58.24 170.04
N ALA M 145 -51.86 -59.57 170.15
CA ALA M 145 -52.52 -60.19 171.28
C ALA M 145 -51.59 -60.45 172.46
N GLY M 146 -50.32 -60.04 172.36
CA GLY M 146 -49.38 -60.25 173.44
C GLY M 146 -48.74 -61.62 173.46
N LYS M 147 -48.74 -62.33 172.34
CA LYS M 147 -48.14 -63.67 172.27
C LYS M 147 -46.68 -63.58 171.82
N ILE M 148 -45.88 -62.91 172.66
CA ILE M 148 -44.47 -62.75 172.35
C ILE M 148 -43.76 -64.10 172.34
N ASN M 149 -44.23 -65.04 173.17
CA ASN M 149 -43.61 -66.36 173.21
C ASN M 149 -43.78 -67.09 171.88
N GLU M 150 -45.02 -67.16 171.39
CA GLU M 150 -45.27 -67.83 170.11
C GLU M 150 -44.69 -67.08 168.94
N PHE M 151 -44.40 -65.78 169.09
CA PHE M 151 -43.84 -65.01 167.99
C PHE M 151 -42.49 -65.57 167.56
N PHE M 152 -41.74 -66.16 168.48
CA PHE M 152 -40.43 -66.74 168.18
C PHE M 152 -40.47 -68.25 168.04
N ASP M 153 -41.60 -68.89 168.35
CA ASP M 153 -41.69 -70.35 168.30
C ASP M 153 -42.16 -70.87 166.96
N GLN M 154 -42.93 -70.09 166.22
CA GLN M 154 -43.42 -70.55 164.93
C GLN M 154 -42.25 -70.77 163.97
N PRO M 155 -42.30 -71.79 163.12
CA PRO M 155 -41.19 -72.06 162.19
C PRO M 155 -41.23 -71.13 160.97
N THR M 156 -41.14 -69.83 161.22
CA THR M 156 -41.14 -68.87 160.12
C THR M 156 -39.87 -68.95 159.30
N GLN M 157 -38.74 -69.30 159.93
CA GLN M 157 -37.49 -69.42 159.19
C GLN M 157 -37.56 -70.54 158.15
N GLY M 158 -38.28 -71.63 158.46
CA GLY M 158 -38.40 -72.71 157.51
C GLY M 158 -39.11 -72.29 156.24
N TYR M 159 -40.21 -71.53 156.37
CA TYR M 159 -40.92 -71.06 155.20
C TYR M 159 -40.10 -70.06 154.40
N GLN M 160 -39.29 -69.24 155.09
CA GLN M 160 -38.44 -68.28 154.38
C GLN M 160 -37.40 -69.01 153.53
N ASP M 161 -36.76 -70.02 154.10
CA ASP M 161 -35.78 -70.79 153.35
C ASP M 161 -36.45 -71.69 152.32
N GLY M 162 -37.69 -72.11 152.56
CA GLY M 162 -38.39 -72.94 151.60
C GLY M 162 -38.61 -72.23 150.27
N PHE M 163 -39.17 -71.02 150.32
CA PHE M 163 -39.37 -70.26 149.10
C PHE M 163 -38.05 -69.82 148.50
N GLU M 164 -37.03 -69.61 149.32
CA GLU M 164 -35.72 -69.23 148.80
C GLU M 164 -35.17 -70.30 147.87
N LYS M 165 -35.39 -71.57 148.20
CA LYS M 165 -34.94 -72.65 147.33
C LYS M 165 -35.65 -72.59 145.99
N GLN M 166 -36.98 -72.47 146.01
CA GLN M 166 -37.74 -72.36 144.77
C GLN M 166 -37.48 -71.01 144.10
N TYR M 167 -37.18 -69.97 144.88
CA TYR M 167 -36.89 -68.67 144.31
C TYR M 167 -35.64 -68.73 143.43
N VAL M 168 -34.51 -69.09 144.03
CA VAL M 168 -33.26 -69.19 143.27
C VAL M 168 -33.40 -70.24 142.17
N ALA M 169 -34.12 -71.32 142.44
CA ALA M 169 -34.32 -72.36 141.44
C ALA M 169 -35.11 -71.83 140.24
N TYR M 170 -36.04 -70.90 140.50
CA TYR M 170 -36.83 -70.33 139.42
C TYR M 170 -36.05 -69.26 138.67
N MET M 171 -35.24 -68.46 139.38
CA MET M 171 -34.44 -67.45 138.72
C MET M 171 -33.43 -68.08 137.76
N GLU M 172 -32.76 -69.15 138.20
CA GLU M 172 -31.82 -69.84 137.32
C GLU M 172 -32.51 -70.42 136.10
N GLN M 173 -33.77 -70.80 136.23
CA GLN M 173 -34.52 -71.32 135.09
C GLN M 173 -34.63 -70.27 133.99
N ASN M 174 -35.11 -69.08 134.35
CA ASN M 174 -35.21 -68.01 133.36
C ASN M 174 -33.84 -67.61 132.83
N ASP M 175 -32.79 -67.75 133.64
CA ASP M 175 -31.45 -67.43 133.18
C ASP M 175 -31.02 -68.35 132.06
N ARG M 176 -31.23 -69.65 132.22
CA ARG M 176 -30.89 -70.60 131.16
C ARG M 176 -31.76 -70.39 129.94
N LEU M 177 -33.06 -70.20 130.13
CA LEU M 177 -33.96 -69.93 129.00
C LEU M 177 -33.55 -68.65 128.29
N HIS M 178 -33.10 -67.65 129.03
CA HIS M 178 -32.64 -66.41 128.41
C HIS M 178 -31.37 -66.65 127.60
N ASP M 179 -30.46 -67.48 128.12
CA ASP M 179 -29.24 -67.80 127.37
C ASP M 179 -29.57 -68.53 126.08
N ILE M 180 -30.53 -69.46 126.12
CA ILE M 180 -30.93 -70.14 124.90
C ILE M 180 -31.54 -69.15 123.91
N ALA M 181 -32.29 -68.17 124.42
CA ALA M 181 -32.83 -67.14 123.54
C ALA M 181 -31.71 -66.32 122.91
N VAL M 182 -30.70 -65.96 123.69
CA VAL M 182 -29.56 -65.25 123.14
C VAL M 182 -28.77 -66.14 122.19
N SER M 183 -28.68 -67.44 122.49
CA SER M 183 -28.00 -68.36 121.59
C SER M 183 -28.69 -68.43 120.23
N ASP M 184 -30.01 -68.27 120.21
CA ASP M 184 -30.72 -68.27 118.94
C ASP M 184 -30.31 -67.08 118.08
N ASN M 185 -30.03 -65.94 118.70
CA ASN M 185 -29.56 -64.78 117.95
C ASN M 185 -28.21 -65.07 117.29
N ASN M 186 -27.29 -65.68 118.03
CA ASN M 186 -26.00 -66.04 117.45
C ASN M 186 -26.17 -67.01 116.28
N ALA M 187 -27.15 -67.92 116.38
CA ALA M 187 -27.44 -68.83 115.28
C ALA M 187 -27.95 -68.07 114.07
N SER M 188 -29.03 -67.29 114.25
CA SER M 188 -29.55 -66.48 113.15
C SER M 188 -28.50 -65.48 112.66
N TYR M 189 -27.70 -64.96 113.58
CA TYR M 189 -26.63 -64.03 113.17
C TYR M 189 -25.60 -64.72 112.30
N SER M 190 -25.37 -66.02 112.52
CA SER M 190 -24.42 -66.78 111.73
C SER M 190 -25.06 -67.38 110.49
N GLN M 191 -26.24 -68.00 110.63
CA GLN M 191 -26.92 -68.57 109.48
C GLN M 191 -27.18 -67.50 108.41
N ALA M 192 -27.47 -66.27 108.84
CA ALA M 192 -27.67 -65.20 107.87
C ALA M 192 -26.43 -64.97 107.02
N MET M 193 -25.25 -65.22 107.58
CA MET M 193 -24.01 -65.06 106.82
C MET M 193 -23.80 -66.23 105.86
N TRP M 194 -24.01 -67.46 106.32
CA TRP M 194 -23.84 -68.61 105.44
C TRP M 194 -24.89 -68.62 104.34
N ILE M 195 -26.14 -68.32 104.68
CA ILE M 195 -27.20 -68.26 103.68
C ILE M 195 -26.92 -67.15 102.68
N LEU M 196 -26.37 -66.03 103.16
CA LEU M 196 -26.03 -64.93 102.27
C LEU M 196 -24.97 -65.35 101.26
N VAL M 197 -23.86 -65.89 101.74
CA VAL M 197 -22.80 -66.36 100.85
C VAL M 197 -23.33 -67.49 99.97
N GLY M 198 -24.24 -68.32 100.51
CA GLY M 198 -24.80 -69.39 99.72
C GLY M 198 -25.59 -68.88 98.53
N VAL M 199 -26.29 -67.75 98.72
CA VAL M 199 -27.04 -67.16 97.60
C VAL M 199 -26.10 -66.53 96.59
N MET M 200 -24.98 -65.96 97.04
CA MET M 200 -24.02 -65.38 96.11
C MET M 200 -23.50 -66.44 95.14
N ILE M 201 -23.18 -67.63 95.65
CA ILE M 201 -22.74 -68.71 94.78
C ILE M 201 -23.84 -69.07 93.79
N VAL M 202 -25.10 -68.98 94.22
CA VAL M 202 -26.21 -69.24 93.31
C VAL M 202 -26.39 -68.07 92.35
N VAL M 203 -26.17 -66.85 92.82
CA VAL M 203 -26.26 -65.68 91.95
C VAL M 203 -25.16 -65.72 90.89
N LEU M 204 -23.91 -65.88 91.34
CA LEU M 204 -22.81 -65.99 90.39
C LEU M 204 -23.01 -67.16 89.44
N ALA M 205 -23.59 -68.25 89.94
CA ALA M 205 -23.89 -69.39 89.05
C ALA M 205 -24.94 -69.00 88.01
N VAL M 206 -25.96 -68.24 88.41
CA VAL M 206 -26.96 -67.79 87.46
C VAL M 206 -26.35 -66.75 86.52
N ILE M 207 -25.49 -65.88 87.05
CA ILE M 207 -24.82 -64.89 86.20
C ILE M 207 -23.94 -65.59 85.18
N PHE M 208 -23.34 -66.73 85.55
CA PHE M 208 -22.52 -67.47 84.60
C PHE M 208 -23.34 -67.98 83.43
N ALA M 209 -24.61 -68.31 83.67
CA ALA M 209 -25.46 -68.76 82.57
C ALA M 209 -25.65 -67.65 81.54
N VAL M 210 -25.76 -66.41 81.99
CA VAL M 210 -25.89 -65.29 81.06
C VAL M 210 -24.61 -65.14 80.24
N TRP M 211 -23.46 -65.31 80.88
CA TRP M 211 -22.19 -65.23 80.16
C TRP M 211 -22.14 -66.26 79.03
N PHE M 212 -22.66 -67.46 79.28
CA PHE M 212 -22.70 -68.47 78.22
C PHE M 212 -23.67 -68.07 77.12
N GLY M 213 -24.75 -67.37 77.45
CA GLY M 213 -25.68 -66.94 76.43
C GLY M 213 -25.14 -65.79 75.60
N ILE M 214 -24.44 -64.85 76.23
CA ILE M 214 -23.85 -63.74 75.50
C ILE M 214 -22.76 -64.24 74.56
N LYS M 215 -22.14 -65.37 74.89
CA LYS M 215 -21.09 -65.95 74.05
C LYS M 215 -21.69 -66.97 73.10
N ALA M 216 -21.08 -67.09 71.92
CA ALA M 216 -21.49 -68.06 70.92
C ALA M 216 -22.92 -67.80 70.45
N SER M 217 -23.90 -68.03 71.33
CA SER M 217 -25.30 -67.87 70.94
C SER M 217 -25.58 -66.47 70.43
N LEU M 218 -24.91 -65.47 71.01
CA LEU M 218 -25.12 -64.08 70.62
C LEU M 218 -23.95 -63.48 69.84
N VAL M 219 -22.75 -64.03 69.96
CA VAL M 219 -21.58 -63.51 69.28
C VAL M 219 -21.37 -64.18 67.93
N ALA M 220 -21.57 -65.50 67.86
CA ALA M 220 -21.33 -66.20 66.59
C ALA M 220 -22.31 -65.76 65.51
N PRO M 221 -23.62 -65.79 65.71
CA PRO M 221 -24.53 -65.36 64.62
C PRO M 221 -24.48 -63.87 64.35
N MET M 222 -23.93 -63.06 65.26
CA MET M 222 -23.85 -61.62 65.04
C MET M 222 -22.65 -61.24 64.19
N ASN M 223 -21.55 -61.98 64.29
CA ASN M 223 -20.35 -61.68 63.53
C ASN M 223 -20.29 -62.44 62.21
N ARG M 224 -20.67 -63.72 62.23
CA ARG M 224 -20.61 -64.51 61.00
C ARG M 224 -21.52 -63.94 59.93
N LEU M 225 -22.72 -63.50 60.31
CA LEU M 225 -23.64 -62.94 59.34
C LEU M 225 -23.13 -61.61 58.80
N ILE M 226 -22.67 -60.72 59.68
CA ILE M 226 -22.15 -59.44 59.24
C ILE M 226 -20.93 -59.65 58.34
N ASP M 227 -20.04 -60.58 58.72
CA ASP M 227 -18.88 -60.85 57.89
C ASP M 227 -19.27 -61.52 56.57
N SER M 228 -20.34 -62.31 56.58
CA SER M 228 -20.78 -62.96 55.35
C SER M 228 -21.35 -61.95 54.37
N ILE M 229 -22.12 -60.98 54.87
CA ILE M 229 -22.69 -59.96 53.98
C ILE M 229 -21.58 -59.17 53.30
N ARG M 230 -20.53 -58.83 54.05
CA ARG M 230 -19.40 -58.11 53.45
C ARG M 230 -18.69 -58.96 52.41
N HIS M 231 -18.67 -60.28 52.59
CA HIS M 231 -18.03 -61.16 51.61
C HIS M 231 -18.90 -61.29 50.36
N ILE M 232 -20.22 -61.34 50.53
CA ILE M 232 -21.11 -61.42 49.37
C ILE M 232 -21.03 -60.15 48.55
N ALA M 233 -20.92 -58.99 49.22
CA ALA M 233 -20.82 -57.73 48.49
C ALA M 233 -19.50 -57.64 47.72
N GLY M 234 -18.42 -58.18 48.27
CA GLY M 234 -17.13 -58.14 47.60
C GLY M 234 -16.97 -59.15 46.48
N GLY M 235 -17.91 -60.08 46.33
CA GLY M 235 -17.84 -61.08 45.29
C GLY M 235 -17.35 -62.44 45.73
N ASP M 236 -17.57 -62.82 46.98
CA ASP M 236 -17.15 -64.12 47.52
C ASP M 236 -18.40 -64.87 47.95
N LEU M 237 -18.88 -65.76 47.08
CA LEU M 237 -20.07 -66.55 47.34
C LEU M 237 -19.75 -67.99 47.72
N VAL M 238 -18.53 -68.24 48.18
CA VAL M 238 -18.13 -69.60 48.55
C VAL M 238 -18.46 -69.88 50.02
N LYS M 239 -18.46 -68.86 50.86
CA LYS M 239 -18.75 -69.03 52.28
C LYS M 239 -20.17 -69.53 52.47
N PRO M 240 -20.38 -70.75 52.97
CA PRO M 240 -21.74 -71.24 53.16
C PRO M 240 -22.37 -70.69 54.43
N ILE M 241 -23.64 -70.28 54.32
CA ILE M 241 -24.42 -69.76 55.43
C ILE M 241 -25.31 -70.89 55.91
N GLU M 242 -24.91 -71.53 57.01
CA GLU M 242 -25.68 -72.64 57.55
C GLU M 242 -26.84 -72.13 58.41
N VAL M 243 -27.93 -72.88 58.41
CA VAL M 243 -29.11 -72.52 59.20
C VAL M 243 -28.76 -72.61 60.67
N ASP M 244 -28.44 -71.46 61.28
CA ASP M 244 -28.06 -71.40 62.69
C ASP M 244 -29.33 -71.37 63.53
N GLY M 245 -29.92 -72.55 63.71
CA GLY M 245 -31.12 -72.66 64.51
C GLY M 245 -32.34 -72.09 63.79
N SER M 246 -33.33 -71.71 64.60
CA SER M 246 -34.56 -71.14 64.07
C SER M 246 -35.11 -70.02 64.96
N ASN M 247 -34.36 -69.55 65.94
CA ASN M 247 -34.82 -68.47 66.82
C ASN M 247 -34.76 -67.14 66.08
N GLU M 248 -34.68 -66.03 66.83
CA GLU M 248 -34.58 -64.72 66.20
C GLU M 248 -33.37 -64.65 65.28
N MET M 249 -32.26 -65.27 65.67
CA MET M 249 -31.07 -65.29 64.83
C MET M 249 -31.18 -66.34 63.73
N GLY M 250 -31.94 -67.40 63.95
CA GLY M 250 -32.11 -68.42 62.92
C GLY M 250 -32.80 -67.87 61.68
N GLN M 251 -33.90 -67.14 61.89
CA GLN M 251 -34.59 -66.54 60.75
C GLN M 251 -33.71 -65.52 60.05
N LEU M 252 -32.86 -64.81 60.80
CA LEU M 252 -31.95 -63.85 60.17
C LEU M 252 -30.95 -64.57 59.27
N ALA M 253 -30.44 -65.72 59.69
CA ALA M 253 -29.51 -66.48 58.88
C ALA M 253 -30.24 -67.22 57.75
N GLU M 254 -31.45 -67.70 58.02
CA GLU M 254 -32.21 -68.39 56.98
C GLU M 254 -32.53 -67.47 55.82
N SER M 255 -32.85 -66.21 56.11
CA SER M 255 -33.13 -65.25 55.03
C SER M 255 -31.88 -64.98 54.19
N LEU M 256 -30.71 -65.02 54.81
CA LEU M 256 -29.47 -64.78 54.07
C LEU M 256 -29.06 -65.98 53.24
N ARG M 257 -29.37 -67.20 53.70
CA ARG M 257 -29.02 -68.39 52.93
C ARG M 257 -29.78 -68.43 51.62
N HIS M 258 -31.09 -68.21 51.66
CA HIS M 258 -31.88 -68.19 50.43
C HIS M 258 -31.46 -67.04 49.52
N MET M 259 -31.01 -65.93 50.09
CA MET M 259 -30.55 -64.81 49.28
C MET M 259 -29.35 -65.19 48.44
N GLN M 260 -28.43 -65.99 49.00
CA GLN M 260 -27.26 -66.41 48.25
C GLN M 260 -27.66 -67.39 47.15
N GLY M 261 -28.66 -68.23 47.40
CA GLY M 261 -29.10 -69.16 46.37
C GLY M 261 -29.59 -68.45 45.12
N GLU M 262 -30.37 -67.39 45.29
CA GLU M 262 -30.84 -66.63 44.14
C GLU M 262 -29.72 -65.81 43.51
N LEU M 263 -28.71 -65.44 44.31
CA LEU M 263 -27.59 -64.67 43.77
C LEU M 263 -26.66 -65.56 42.96
N MET M 264 -26.29 -66.72 43.51
CA MET M 264 -25.43 -67.65 42.78
C MET M 264 -26.12 -68.13 41.51
N ARG M 265 -27.43 -68.41 41.59
CA ARG M 265 -28.15 -68.84 40.39
C ARG M 265 -28.17 -67.74 39.34
N THR M 266 -28.38 -66.49 39.75
CA THR M 266 -28.37 -65.38 38.81
C THR M 266 -26.99 -65.20 38.20
N VAL M 267 -25.94 -65.29 39.02
CA VAL M 267 -24.58 -65.15 38.51
C VAL M 267 -24.28 -66.24 37.51
N GLY M 268 -24.68 -67.48 37.81
CA GLY M 268 -24.44 -68.57 36.88
C GLY M 268 -25.22 -68.41 35.60
N ASP M 269 -26.50 -68.05 35.70
CA ASP M 269 -27.32 -67.86 34.51
C ASP M 269 -26.81 -66.68 33.68
N VAL M 270 -26.41 -65.60 34.34
CA VAL M 270 -25.91 -64.44 33.61
C VAL M 270 -24.51 -64.70 33.07
N ARG M 271 -23.64 -65.31 33.87
CA ARG M 271 -22.29 -65.61 33.40
C ARG M 271 -22.32 -66.62 32.26
N ASN M 272 -23.02 -67.75 32.47
CA ASN M 272 -23.13 -68.74 31.40
C ASN M 272 -23.90 -68.17 30.21
N GLY M 273 -24.94 -67.38 30.46
CA GLY M 273 -25.67 -66.77 29.37
C GLY M 273 -24.88 -65.71 28.64
N ALA M 274 -24.06 -64.95 29.37
CA ALA M 274 -23.23 -63.93 28.73
C ALA M 274 -22.22 -64.57 27.79
N ASN M 275 -21.70 -65.74 28.14
CA ASN M 275 -20.76 -66.43 27.27
C ASN M 275 -21.42 -66.81 25.95
N ALA M 276 -22.71 -67.18 26.00
CA ALA M 276 -23.43 -67.51 24.78
C ALA M 276 -23.54 -66.30 23.86
N ILE M 277 -23.73 -65.11 24.43
CA ILE M 277 -23.81 -63.90 23.62
C ILE M 277 -22.45 -63.60 23.00
N TYR M 278 -21.37 -63.75 23.77
CA TYR M 278 -20.04 -63.52 23.23
C TYR M 278 -19.71 -64.55 22.16
N SER M 279 -19.99 -65.83 22.43
CA SER M 279 -19.76 -66.87 21.43
C SER M 279 -20.70 -66.70 20.24
N GLY M 280 -21.97 -66.39 20.51
CA GLY M 280 -22.90 -66.15 19.42
C GLY M 280 -22.55 -64.93 18.61
N ALA M 281 -22.09 -63.87 19.27
CA ALA M 281 -21.69 -62.65 18.55
C ALA M 281 -20.48 -62.93 17.67
N SER M 282 -19.58 -63.83 18.11
CA SER M 282 -18.43 -64.18 17.28
C SER M 282 -18.88 -64.85 15.98
N GLU M 283 -19.96 -65.62 16.03
CA GLU M 283 -20.47 -66.25 14.82
C GLU M 283 -20.94 -65.19 13.81
N ILE M 284 -21.57 -64.12 14.30
CA ILE M 284 -22.00 -63.05 13.41
C ILE M 284 -20.79 -62.31 12.86
N ALA M 285 -19.82 -61.99 13.73
CA ALA M 285 -18.60 -61.33 13.27
C ALA M 285 -17.85 -62.22 12.28
N THR M 286 -17.75 -63.50 12.57
CA THR M 286 -17.11 -64.42 11.63
C THR M 286 -17.90 -64.51 10.33
N GLY M 287 -19.23 -64.47 10.42
CA GLY M 287 -20.03 -64.49 9.21
C GLY M 287 -19.82 -63.25 8.36
N ASN M 288 -19.74 -62.08 9.00
CA ASN M 288 -19.48 -60.85 8.25
C ASN M 288 -18.10 -60.89 7.60
N ASN M 289 -17.10 -61.43 8.30
CA ASN M 289 -15.78 -61.56 7.71
C ASN M 289 -15.80 -62.46 6.50
N ASP M 290 -16.43 -63.63 6.63
CA ASP M 290 -16.57 -64.53 5.48
C ASP M 290 -17.45 -63.90 4.40
N LEU M 291 -18.56 -63.27 4.80
CA LEU M 291 -19.41 -62.61 3.83
C LEU M 291 -18.68 -61.43 3.18
N SER M 292 -17.81 -60.75 3.94
CA SER M 292 -17.04 -59.65 3.38
C SER M 292 -16.10 -60.15 2.28
N SER M 293 -15.50 -61.33 2.50
CA SER M 293 -14.63 -61.90 1.47
C SER M 293 -15.39 -62.16 0.18
N ARG M 294 -16.62 -62.67 0.30
CA ARG M 294 -17.44 -62.88 -0.90
C ARG M 294 -17.79 -61.56 -1.57
N THR M 295 -17.99 -60.51 -0.77
CA THR M 295 -18.27 -59.19 -1.35
C THR M 295 -17.10 -58.69 -2.18
N GLU M 296 -15.87 -58.88 -1.68
CA GLU M 296 -14.70 -58.47 -2.45
C GLU M 296 -14.60 -59.28 -3.75
N GLN M 297 -14.76 -60.60 -3.65
CA GLN M 297 -14.76 -61.41 -4.87
C GLN M 297 -15.96 -61.10 -5.75
N GLN M 298 -17.10 -60.79 -5.15
CA GLN M 298 -18.27 -60.41 -5.95
C GLN M 298 -18.00 -59.14 -6.74
N ALA M 299 -17.39 -58.14 -6.10
CA ALA M 299 -17.04 -56.92 -6.82
C ALA M 299 -15.93 -57.17 -7.84
N ALA M 300 -14.98 -58.03 -7.49
CA ALA M 300 -13.91 -58.37 -8.43
C ALA M 300 -14.47 -59.01 -9.69
N SER M 301 -15.51 -59.83 -9.54
CA SER M 301 -16.13 -60.44 -10.72
C SER M 301 -16.74 -59.38 -11.62
N LEU M 302 -17.34 -58.34 -11.04
CA LEU M 302 -17.88 -57.26 -11.84
C LEU M 302 -16.78 -56.53 -12.61
N GLU M 303 -15.65 -56.29 -11.95
CA GLU M 303 -14.53 -55.65 -12.63
C GLU M 303 -14.00 -56.52 -13.77
N GLU M 304 -13.83 -57.82 -13.51
CA GLU M 304 -13.40 -58.73 -14.57
C GLU M 304 -14.48 -58.89 -15.63
N THR M 305 -15.74 -59.00 -15.21
CA THR M 305 -16.83 -59.11 -16.18
C THR M 305 -16.97 -57.82 -16.98
N ALA M 306 -16.90 -56.66 -16.31
CA ALA M 306 -17.00 -55.39 -17.01
C ALA M 306 -15.85 -55.25 -18.01
N ALA M 307 -14.65 -55.70 -17.63
CA ALA M 307 -13.52 -55.64 -18.55
C ALA M 307 -13.77 -56.49 -19.79
N SER M 308 -14.48 -57.62 -19.63
CA SER M 308 -14.80 -58.45 -20.79
C SER M 308 -15.77 -57.72 -21.73
N MET M 309 -16.69 -56.93 -21.17
CA MET M 309 -17.61 -56.17 -22.01
C MET M 309 -16.87 -55.14 -22.84
N GLU M 310 -15.77 -54.59 -22.33
CA GLU M 310 -14.98 -53.65 -23.12
C GLU M 310 -14.44 -54.30 -24.39
N GLN M 311 -14.00 -55.55 -24.30
CA GLN M 311 -13.55 -56.27 -25.49
C GLN M 311 -14.69 -56.46 -26.47
N LEU M 312 -15.90 -56.76 -25.96
CA LEU M 312 -17.05 -56.90 -26.84
C LEU M 312 -17.42 -55.56 -27.47
N THR M 313 -17.49 -54.50 -26.65
CA THR M 313 -17.83 -53.19 -27.19
C THR M 313 -16.82 -52.74 -28.23
N ALA M 314 -15.53 -53.02 -28.01
CA ALA M 314 -14.52 -52.66 -29.00
C ALA M 314 -14.76 -53.37 -30.33
N THR M 315 -15.25 -54.61 -30.30
CA THR M 315 -15.54 -55.35 -31.51
C THR M 315 -16.93 -55.04 -32.06
N VAL M 316 -17.91 -54.77 -31.18
CA VAL M 316 -19.25 -54.44 -31.64
C VAL M 316 -19.22 -53.16 -32.46
N LYS M 317 -18.54 -52.13 -31.94
CA LYS M 317 -18.40 -50.88 -32.70
C LYS M 317 -17.68 -51.13 -34.03
N GLN M 318 -16.69 -52.02 -34.03
CA GLN M 318 -16.01 -52.35 -35.27
C GLN M 318 -16.96 -53.00 -36.26
N ASN M 319 -17.69 -54.03 -35.81
CA ASN M 319 -18.66 -54.68 -36.68
C ASN M 319 -19.74 -53.70 -37.14
N ALA M 320 -20.13 -52.77 -36.26
CA ALA M 320 -21.12 -51.78 -36.63
C ALA M 320 -20.60 -50.86 -37.72
N GLU M 321 -19.40 -50.30 -37.52
CA GLU M 321 -18.80 -49.43 -38.54
C GLU M 321 -18.46 -50.23 -39.79
N ASN M 322 -17.83 -51.40 -39.61
CA ASN M 322 -17.49 -52.23 -40.76
C ASN M 322 -18.73 -52.62 -41.56
N ALA M 323 -19.87 -52.81 -40.89
CA ALA M 323 -21.10 -53.14 -41.61
C ALA M 323 -21.52 -52.00 -42.53
N ARG M 324 -21.41 -50.75 -42.05
CA ARG M 324 -21.77 -49.61 -42.88
C ARG M 324 -20.67 -49.29 -43.89
N GLN M 325 -19.41 -49.35 -43.47
CA GLN M 325 -18.31 -49.12 -44.40
C GLN M 325 -18.30 -50.15 -45.51
N ALA M 326 -18.45 -51.43 -45.16
CA ALA M 326 -18.52 -52.48 -46.17
C ALA M 326 -19.75 -52.32 -47.04
N SER M 327 -20.87 -51.88 -46.44
CA SER M 327 -22.08 -51.65 -47.22
C SER M 327 -21.88 -50.49 -48.19
N HIS M 328 -21.15 -49.46 -47.78
CA HIS M 328 -20.87 -48.35 -48.67
C HIS M 328 -20.06 -48.80 -49.89
N LEU M 329 -19.02 -49.59 -49.65
CA LEU M 329 -18.24 -50.13 -50.77
C LEU M 329 -19.09 -51.05 -51.64
N ALA M 330 -19.96 -51.85 -51.00
CA ALA M 330 -20.85 -52.72 -51.76
C ALA M 330 -21.83 -51.89 -52.59
N LEU M 331 -22.40 -50.85 -51.98
CA LEU M 331 -23.30 -49.98 -52.73
C LEU M 331 -22.56 -49.26 -53.85
N SER M 332 -21.30 -48.87 -53.61
CA SER M 332 -20.51 -48.24 -54.65
C SER M 332 -20.28 -49.20 -55.82
N ALA M 333 -20.04 -50.48 -55.51
CA ALA M 333 -19.88 -51.47 -56.57
C ALA M 333 -21.16 -51.64 -57.37
N SER M 334 -22.32 -51.54 -56.72
CA SER M 334 -23.59 -51.63 -57.44
C SER M 334 -23.72 -50.49 -58.44
N GLU M 335 -23.51 -49.25 -57.99
CA GLU M 335 -23.55 -48.10 -58.89
C GLU M 335 -22.49 -48.24 -59.97
N THR M 336 -21.31 -48.74 -59.61
CA THR M 336 -20.25 -48.95 -60.59
C THR M 336 -20.68 -49.99 -61.63
N ALA M 337 -21.33 -51.07 -61.17
CA ALA M 337 -21.80 -52.08 -62.11
C ALA M 337 -22.93 -51.54 -62.98
N GLN M 338 -23.91 -50.86 -62.37
CA GLN M 338 -24.98 -50.25 -63.15
C GLN M 338 -24.43 -49.18 -64.08
N ARG M 339 -23.49 -48.36 -63.59
CA ARG M 339 -22.87 -47.36 -64.44
C ARG M 339 -22.11 -48.02 -65.59
N GLY M 340 -21.39 -49.11 -65.31
CA GLY M 340 -20.70 -49.82 -66.36
C GLY M 340 -21.65 -50.52 -67.32
N GLY M 341 -22.81 -50.94 -66.82
CA GLY M 341 -23.79 -51.57 -67.69
C GLY M 341 -24.27 -50.64 -68.79
N LYS M 342 -24.51 -49.37 -68.44
CA LYS M 342 -24.90 -48.39 -69.46
C LYS M 342 -23.82 -48.23 -70.51
N VAL M 343 -22.55 -48.27 -70.10
CA VAL M 343 -21.46 -48.18 -71.06
C VAL M 343 -21.49 -49.38 -72.00
N VAL M 344 -21.74 -50.57 -71.46
CA VAL M 344 -21.86 -51.76 -72.29
C VAL M 344 -23.07 -51.64 -73.22
N ASP M 345 -24.18 -51.10 -72.71
CA ASP M 345 -25.35 -50.90 -73.54
C ASP M 345 -25.07 -49.92 -74.67
N ASN M 346 -24.32 -48.86 -74.37
CA ASN M 346 -23.95 -47.90 -75.41
C ASN M 346 -23.06 -48.56 -76.46
N VAL M 347 -22.22 -49.51 -76.05
CA VAL M 347 -21.38 -50.20 -77.01
C VAL M 347 -22.22 -51.14 -77.87
N VAL M 348 -23.27 -51.72 -77.29
CA VAL M 348 -24.16 -52.60 -78.05
C VAL M 348 -24.75 -51.85 -79.23
N GLN M 349 -25.23 -50.63 -79.00
CA GLN M 349 -25.75 -49.81 -80.09
C GLN M 349 -24.65 -49.45 -81.07
N THR M 350 -23.40 -49.37 -80.61
CA THR M 350 -22.30 -49.06 -81.51
C THR M 350 -21.97 -50.25 -82.40
N MET M 351 -21.98 -51.46 -81.85
CA MET M 351 -21.71 -52.64 -82.66
C MET M 351 -22.75 -52.78 -83.77
N ARG M 352 -24.02 -52.49 -83.47
CA ARG M 352 -25.04 -52.54 -84.50
C ARG M 352 -24.80 -51.49 -85.58
N ASP M 353 -24.28 -50.33 -85.18
CA ASP M 353 -23.96 -49.29 -86.18
C ASP M 353 -22.84 -49.75 -87.09
N ILE M 354 -21.83 -50.43 -86.53
CA ILE M 354 -20.73 -50.95 -87.35
C ILE M 354 -21.27 -52.01 -88.31
N SER M 355 -22.11 -52.92 -87.82
CA SER M 355 -22.70 -53.92 -88.68
C SER M 355 -23.62 -53.29 -89.72
N THR M 356 -24.44 -52.32 -89.30
CA THR M 356 -25.32 -51.63 -90.25
C THR M 356 -24.49 -50.80 -91.22
N SER M 357 -23.48 -50.08 -90.73
CA SER M 357 -22.63 -49.30 -91.62
C SER M 357 -21.85 -50.21 -92.57
N SER M 358 -21.37 -51.34 -92.06
CA SER M 358 -20.66 -52.28 -92.93
C SER M 358 -21.57 -52.80 -94.04
N GLN M 359 -22.86 -52.97 -93.74
CA GLN M 359 -23.80 -53.40 -94.78
C GLN M 359 -23.93 -52.35 -95.87
N LYS M 360 -23.95 -51.07 -95.49
CA LYS M 360 -24.01 -50.02 -96.49
C LYS M 360 -22.76 -50.00 -97.36
N ILE M 361 -21.59 -50.23 -96.74
CA ILE M 361 -20.35 -50.28 -97.51
C ILE M 361 -20.40 -51.43 -98.51
N ALA M 362 -20.86 -52.60 -98.05
CA ALA M 362 -20.96 -53.75 -98.95
C ALA M 362 -21.90 -53.46 -100.11
N ASP M 363 -22.93 -52.65 -99.89
CA ASP M 363 -23.85 -52.30 -100.97
C ASP M 363 -23.14 -51.46 -102.03
N ILE M 364 -22.27 -50.55 -101.60
CA ILE M 364 -21.53 -49.72 -102.56
C ILE M 364 -20.49 -50.56 -103.30
N ILE M 365 -19.81 -51.45 -102.59
CA ILE M 365 -18.85 -52.33 -103.24
C ILE M 365 -19.52 -53.15 -104.32
N SER M 366 -20.75 -53.61 -104.07
CA SER M 366 -21.49 -54.33 -105.10
C SER M 366 -21.80 -53.42 -106.29
N VAL M 367 -21.98 -52.12 -106.05
CA VAL M 367 -22.21 -51.20 -107.14
C VAL M 367 -20.91 -50.89 -107.87
N ILE M 368 -19.83 -50.68 -107.12
CA ILE M 368 -18.53 -50.44 -107.75
C ILE M 368 -18.12 -51.64 -108.59
N ASP M 369 -18.41 -52.85 -108.11
CA ASP M 369 -18.11 -54.05 -108.89
C ASP M 369 -18.92 -54.05 -110.19
N GLY M 370 -20.17 -53.61 -110.13
CA GLY M 370 -20.97 -53.53 -111.34
C GLY M 370 -20.50 -52.43 -112.27
N ILE M 371 -20.25 -51.24 -111.72
CA ILE M 371 -19.74 -50.13 -112.53
C ILE M 371 -18.39 -50.50 -113.13
N ALA M 372 -17.52 -51.12 -112.32
CA ALA M 372 -16.22 -51.55 -112.84
C ALA M 372 -16.38 -52.62 -113.90
N PHE M 373 -17.38 -53.48 -113.77
CA PHE M 373 -17.63 -54.50 -114.79
C PHE M 373 -18.12 -53.88 -116.09
N GLN M 374 -19.05 -52.93 -116.00
CA GLN M 374 -19.53 -52.26 -117.20
C GLN M 374 -18.41 -51.49 -117.88
N THR M 375 -17.52 -50.87 -117.09
CA THR M 375 -16.40 -50.15 -117.68
C THR M 375 -15.54 -51.07 -118.54
N ASN M 376 -15.40 -52.33 -118.14
CA ASN M 376 -14.64 -53.27 -118.95
C ASN M 376 -15.34 -53.56 -120.28
N ILE M 377 -16.67 -53.49 -120.29
CA ILE M 377 -17.41 -53.72 -121.53
C ILE M 377 -17.21 -52.57 -122.50
N LEU M 378 -17.47 -51.34 -122.04
CA LEU M 378 -17.28 -50.18 -122.89
C LEU M 378 -15.81 -50.01 -123.28
N ALA M 379 -14.91 -50.21 -122.32
CA ALA M 379 -13.48 -50.13 -122.63
C ALA M 379 -13.06 -51.19 -123.64
N LEU M 380 -13.69 -52.36 -123.61
CA LEU M 380 -13.36 -53.40 -124.58
C LEU M 380 -13.76 -53.00 -125.99
N ASN M 381 -14.90 -52.33 -126.13
CA ASN M 381 -15.35 -51.88 -127.44
C ASN M 381 -14.46 -50.78 -128.01
N ALA M 382 -13.75 -50.04 -127.15
CA ALA M 382 -12.87 -49.00 -127.63
C ALA M 382 -11.76 -49.58 -128.51
N ALA M 383 -11.24 -50.75 -128.14
CA ALA M 383 -10.20 -51.37 -128.96
C ALA M 383 -10.77 -51.92 -130.27
N VAL M 384 -12.03 -52.34 -130.26
CA VAL M 384 -12.64 -52.86 -131.49
C VAL M 384 -12.78 -51.74 -132.52
N GLU M 385 -13.31 -50.59 -132.10
CA GLU M 385 -13.45 -49.46 -133.02
C GLU M 385 -12.10 -48.96 -133.49
N ALA M 386 -11.06 -49.07 -132.66
CA ALA M 386 -9.74 -48.62 -133.05
C ALA M 386 -9.08 -49.56 -134.06
N ALA M 387 -9.47 -50.83 -134.08
CA ALA M 387 -8.87 -51.76 -135.04
C ALA M 387 -9.25 -51.42 -136.47
N ARG M 388 -10.39 -50.77 -136.68
CA ARG M 388 -10.81 -50.41 -138.03
C ARG M 388 -9.87 -49.38 -138.63
N ALA M 389 -9.36 -48.44 -137.82
CA ALA M 389 -8.46 -47.42 -138.32
C ALA M 389 -7.07 -47.98 -138.61
N GLY M 390 -6.68 -49.08 -137.98
CA GLY M 390 -5.37 -49.65 -138.23
C GLY M 390 -4.31 -48.95 -137.41
N GLU M 391 -3.21 -48.57 -138.06
CA GLU M 391 -2.13 -47.89 -137.35
C GLU M 391 -2.55 -46.51 -136.88
N GLN M 392 -3.48 -45.87 -137.60
CA GLN M 392 -3.94 -44.55 -137.20
C GLN M 392 -4.65 -44.58 -135.86
N GLY M 393 -5.39 -45.65 -135.58
CA GLY M 393 -6.10 -45.78 -134.32
C GLY M 393 -5.29 -46.45 -133.25
N ARG M 394 -3.96 -46.54 -133.45
CA ARG M 394 -3.11 -47.18 -132.45
C ARG M 394 -3.09 -46.39 -131.15
N GLY M 395 -3.37 -45.09 -131.21
CA GLY M 395 -3.40 -44.30 -129.98
C GLY M 395 -4.50 -44.74 -129.04
N PHE M 396 -5.71 -44.92 -129.58
CA PHE M 396 -6.82 -45.37 -128.74
C PHE M 396 -6.60 -46.79 -128.25
N ALA M 397 -5.84 -47.59 -128.99
CA ALA M 397 -5.57 -48.96 -128.55
C ALA M 397 -4.79 -48.97 -127.24
N VAL M 398 -3.77 -48.12 -127.14
CA VAL M 398 -3.00 -48.05 -125.90
C VAL M 398 -3.86 -47.52 -124.77
N VAL M 399 -4.65 -46.47 -125.04
CA VAL M 399 -5.53 -45.93 -124.01
C VAL M 399 -6.59 -46.96 -123.62
N ALA M 400 -7.22 -47.59 -124.62
CA ALA M 400 -8.21 -48.61 -124.31
C ALA M 400 -7.59 -49.79 -123.57
N GLY M 401 -6.34 -50.13 -123.91
CA GLY M 401 -5.68 -51.22 -123.22
C GLY M 401 -5.41 -50.91 -121.76
N GLU M 402 -4.97 -49.69 -121.47
CA GLU M 402 -4.73 -49.29 -120.09
C GLU M 402 -6.04 -49.08 -119.35
N VAL M 403 -6.99 -48.38 -119.96
CA VAL M 403 -8.29 -48.17 -119.33
C VAL M 403 -8.96 -49.50 -119.02
N ARG M 404 -8.83 -50.46 -119.93
CA ARG M 404 -9.40 -51.79 -119.68
C ARG M 404 -8.69 -52.48 -118.53
N ASN M 405 -7.37 -52.26 -118.41
CA ASN M 405 -6.63 -52.86 -117.30
C ASN M 405 -7.01 -52.22 -115.97
N LEU M 406 -7.14 -50.89 -115.95
CA LEU M 406 -7.54 -50.21 -114.73
C LEU M 406 -8.91 -50.66 -114.26
N ALA M 407 -9.81 -50.98 -115.20
CA ALA M 407 -11.13 -51.47 -114.81
C ALA M 407 -11.03 -52.80 -114.07
N GLN M 408 -10.10 -53.67 -114.48
CA GLN M 408 -9.91 -54.93 -113.79
C GLN M 408 -9.28 -54.72 -112.42
N ARG M 409 -8.30 -53.82 -112.32
CA ARG M 409 -7.68 -53.54 -111.03
C ARG M 409 -8.70 -52.97 -110.06
N SER M 410 -9.54 -52.03 -110.52
CA SER M 410 -10.58 -51.48 -109.64
C SER M 410 -11.63 -52.54 -109.32
N ALA M 411 -11.93 -53.43 -110.27
CA ALA M 411 -12.90 -54.48 -110.02
C ALA M 411 -12.35 -55.50 -109.02
N GLN M 412 -11.15 -56.02 -109.29
CA GLN M 412 -10.54 -56.97 -108.37
C GLN M 412 -10.32 -56.34 -106.99
N ALA M 413 -9.86 -55.08 -106.97
CA ALA M 413 -9.66 -54.40 -105.70
C ALA M 413 -10.96 -54.30 -104.91
N ALA M 414 -12.08 -54.12 -105.61
CA ALA M 414 -13.36 -54.06 -104.93
C ALA M 414 -13.75 -55.41 -104.36
N ARG M 415 -13.41 -56.50 -105.06
CA ARG M 415 -13.73 -57.83 -104.55
C ARG M 415 -12.91 -58.15 -103.30
N GLU M 416 -11.67 -57.66 -103.24
CA GLU M 416 -10.85 -57.87 -102.06
C GLU M 416 -11.48 -57.22 -100.83
N ILE M 417 -12.04 -56.03 -100.99
CA ILE M 417 -12.71 -55.36 -99.88
C ILE M 417 -13.93 -56.15 -99.45
N LYS M 418 -14.64 -56.74 -100.42
CA LYS M 418 -15.82 -57.54 -100.08
C LYS M 418 -15.47 -58.68 -99.13
N SER M 419 -14.30 -59.29 -99.33
CA SER M 419 -13.86 -60.35 -98.43
C SER M 419 -13.51 -59.80 -97.06
N LEU M 420 -13.02 -58.57 -96.98
CA LEU M 420 -12.70 -57.97 -95.69
C LEU M 420 -13.96 -57.62 -94.92
N ILE M 421 -14.99 -57.13 -95.62
CA ILE M 421 -16.25 -56.82 -94.96
C ILE M 421 -16.87 -58.09 -94.39
N GLU M 422 -16.95 -59.14 -95.19
CA GLU M 422 -17.46 -60.42 -94.69
C GLU M 422 -16.61 -60.93 -93.55
N ASP M 423 -15.28 -60.84 -93.67
CA ASP M 423 -14.41 -61.24 -92.58
C ASP M 423 -14.55 -60.30 -91.39
N SER M 424 -14.80 -59.01 -91.65
CA SER M 424 -15.00 -58.06 -90.56
C SER M 424 -16.33 -58.31 -89.85
N VAL M 425 -17.38 -58.65 -90.61
CA VAL M 425 -18.67 -58.95 -90.00
C VAL M 425 -18.55 -60.13 -89.05
N GLY M 426 -17.66 -61.08 -89.36
CA GLY M 426 -17.46 -62.20 -88.45
C GLY M 426 -16.96 -61.75 -87.09
N LYS M 427 -15.97 -60.84 -87.08
CA LYS M 427 -15.50 -60.29 -85.80
C LYS M 427 -16.54 -59.37 -85.17
N VAL M 428 -17.39 -58.76 -85.99
CA VAL M 428 -18.46 -57.91 -85.45
C VAL M 428 -19.49 -58.76 -84.73
N ASP M 429 -19.97 -59.82 -85.39
CA ASP M 429 -20.92 -60.71 -84.75
C ASP M 429 -20.30 -61.43 -83.56
N VAL M 430 -19.11 -62.02 -83.76
CA VAL M 430 -18.44 -62.68 -82.65
C VAL M 430 -18.04 -61.66 -81.59
N GLY M 431 -17.54 -60.50 -82.01
CA GLY M 431 -17.19 -59.47 -81.05
C GLY M 431 -18.40 -58.94 -80.31
N SER M 432 -19.52 -58.78 -81.01
CA SER M 432 -20.75 -58.33 -80.36
C SER M 432 -21.22 -59.34 -79.31
N THR M 433 -21.02 -60.63 -79.57
CA THR M 433 -21.37 -61.65 -78.60
C THR M 433 -20.59 -61.46 -77.30
N LEU M 434 -19.33 -61.08 -77.40
CA LEU M 434 -18.53 -60.82 -76.20
C LEU M 434 -19.08 -59.63 -75.43
N VAL M 435 -19.53 -58.59 -76.14
CA VAL M 435 -20.13 -57.44 -75.48
C VAL M 435 -21.45 -57.83 -74.83
N GLU M 436 -22.32 -58.52 -75.56
CA GLU M 436 -23.57 -59.00 -74.98
C GLU M 436 -23.30 -59.94 -73.81
N SER M 437 -22.34 -60.85 -73.98
CA SER M 437 -21.98 -61.73 -72.87
C SER M 437 -21.42 -60.94 -71.70
N ALA M 438 -20.64 -59.89 -71.98
CA ALA M 438 -20.13 -59.03 -70.92
C ALA M 438 -21.25 -58.27 -70.23
N GLY M 439 -22.31 -57.93 -70.96
CA GLY M 439 -23.44 -57.26 -70.36
C GLY M 439 -24.21 -58.13 -69.39
N GLU M 440 -24.22 -59.45 -69.62
CA GLU M 440 -24.90 -60.36 -68.71
C GLU M 440 -24.21 -60.37 -67.35
N THR M 441 -22.88 -60.26 -67.34
CA THR M 441 -22.16 -60.25 -66.07
C THR M 441 -22.56 -59.04 -65.22
N MET M 442 -22.84 -57.91 -65.87
CA MET M 442 -23.29 -56.73 -65.13
C MET M 442 -24.56 -57.03 -64.34
N ALA M 443 -25.54 -57.65 -64.99
CA ALA M 443 -26.78 -58.01 -64.29
C ALA M 443 -26.50 -58.96 -63.15
N GLU M 444 -25.54 -59.88 -63.32
CA GLU M 444 -25.20 -60.80 -62.26
C GLU M 444 -24.50 -60.08 -61.11
N ILE M 445 -23.55 -59.20 -61.42
CA ILE M 445 -22.87 -58.44 -60.39
C ILE M 445 -23.86 -57.54 -59.64
N VAL M 446 -24.76 -56.90 -60.38
CA VAL M 446 -25.78 -56.06 -59.74
C VAL M 446 -26.67 -56.90 -58.83
N SER M 447 -27.22 -57.98 -59.39
CA SER M 447 -28.08 -58.86 -58.60
C SER M 447 -27.31 -59.52 -57.46
N ALA M 448 -26.01 -59.74 -57.65
CA ALA M 448 -25.20 -60.36 -56.59
C ALA M 448 -24.86 -59.34 -55.51
N VAL M 449 -24.31 -58.19 -55.90
CA VAL M 449 -23.95 -57.17 -54.91
C VAL M 449 -25.19 -56.61 -54.23
N THR M 450 -26.32 -56.57 -54.96
CA THR M 450 -27.55 -56.07 -54.35
C THR M 450 -27.94 -56.92 -53.14
N ARG M 451 -27.90 -58.25 -53.29
CA ARG M 451 -28.18 -59.12 -52.15
C ARG M 451 -27.12 -58.95 -51.07
N VAL M 452 -25.86 -58.74 -51.47
CA VAL M 452 -24.80 -58.53 -50.49
C VAL M 452 -25.07 -57.26 -49.69
N THR M 453 -25.45 -56.18 -50.37
CA THR M 453 -25.78 -54.95 -49.67
C THR M 453 -26.97 -55.13 -48.74
N ASP M 454 -27.93 -55.96 -49.13
CA ASP M 454 -29.08 -56.22 -48.27
C ASP M 454 -28.68 -57.05 -47.05
N ILE M 455 -27.91 -58.11 -47.27
CA ILE M 455 -27.44 -58.93 -46.15
C ILE M 455 -26.55 -58.11 -45.24
N MET M 456 -25.55 -57.43 -45.83
CA MET M 456 -24.68 -56.57 -45.03
C MET M 456 -25.46 -55.43 -44.39
N GLY M 457 -26.52 -54.96 -45.04
CA GLY M 457 -27.34 -53.92 -44.46
C GLY M 457 -27.97 -54.34 -43.15
N GLU M 458 -28.41 -55.60 -43.08
CA GLU M 458 -28.99 -56.10 -41.83
C GLU M 458 -27.93 -56.25 -40.74
N ILE M 459 -26.68 -56.52 -41.13
CA ILE M 459 -25.61 -56.63 -40.14
C ILE M 459 -25.39 -55.29 -39.46
N ALA M 460 -25.55 -54.19 -40.21
CA ALA M 460 -25.42 -52.87 -39.60
C ALA M 460 -26.49 -52.65 -38.55
N SER M 461 -27.74 -52.93 -38.90
CA SER M 461 -28.82 -52.81 -37.92
C SER M 461 -28.68 -53.85 -36.81
N ALA M 462 -28.25 -55.07 -37.17
CA ALA M 462 -28.04 -56.10 -36.16
C ALA M 462 -26.87 -55.75 -35.25
N SER M 463 -25.81 -55.19 -35.81
CA SER M 463 -24.67 -54.78 -35.00
C SER M 463 -25.08 -53.69 -34.02
N ASP M 464 -25.96 -52.78 -34.43
CA ASP M 464 -26.44 -51.75 -33.52
C ASP M 464 -27.19 -52.35 -32.35
N GLU M 465 -27.93 -53.44 -32.59
CA GLU M 465 -28.64 -54.11 -31.50
C GLU M 465 -27.66 -54.64 -30.46
N GLN M 466 -26.48 -55.08 -30.90
CA GLN M 466 -25.48 -55.55 -29.96
C GLN M 466 -24.99 -54.42 -29.07
N SER M 467 -24.76 -53.24 -29.66
CA SER M 467 -24.35 -52.08 -28.86
C SER M 467 -25.44 -51.69 -27.86
N ARG M 468 -26.69 -51.63 -28.33
CA ARG M 468 -27.80 -51.30 -27.44
C ARG M 468 -27.94 -52.36 -26.35
N GLY M 469 -27.71 -53.63 -26.69
CA GLY M 469 -27.78 -54.67 -25.68
C GLY M 469 -26.69 -54.54 -24.64
N ILE M 470 -25.47 -54.20 -25.06
CA ILE M 470 -24.39 -54.01 -24.11
C ILE M 470 -24.64 -52.78 -23.25
N ASP M 471 -25.35 -51.78 -23.79
CA ASP M 471 -25.68 -50.60 -23.00
C ASP M 471 -26.57 -50.98 -21.82
N GLN M 472 -27.58 -51.82 -22.06
CA GLN M 472 -28.43 -52.28 -20.96
C GLN M 472 -27.64 -53.17 -20.00
N VAL M 473 -26.77 -54.02 -20.54
CA VAL M 473 -25.93 -54.87 -19.68
C VAL M 473 -24.87 -54.02 -18.99
N GLY M 474 -24.39 -52.97 -19.64
CA GLY M 474 -23.42 -52.10 -19.00
C GLY M 474 -23.97 -51.42 -17.76
N LEU M 475 -25.16 -50.83 -17.88
CA LEU M 475 -25.80 -50.23 -16.73
C LEU M 475 -26.13 -51.27 -15.66
N ALA M 476 -26.48 -52.49 -16.09
CA ALA M 476 -26.74 -53.56 -15.13
C ALA M 476 -25.48 -53.90 -14.34
N VAL M 477 -24.35 -54.06 -15.05
CA VAL M 477 -23.09 -54.34 -14.37
C VAL M 477 -22.73 -53.17 -13.45
N ALA M 478 -22.97 -51.94 -13.92
CA ALA M 478 -22.71 -50.78 -13.08
C ALA M 478 -23.71 -50.68 -11.95
N GLU M 479 -24.96 -51.08 -12.20
CA GLU M 479 -25.97 -51.08 -11.15
C GLU M 479 -25.60 -52.06 -10.03
N MET M 480 -25.22 -53.28 -10.40
CA MET M 480 -24.77 -54.24 -9.40
C MET M 480 -23.52 -53.77 -8.69
N ASP M 481 -22.64 -53.06 -9.40
CA ASP M 481 -21.44 -52.52 -8.76
C ASP M 481 -21.82 -51.52 -7.67
N ARG M 482 -22.72 -50.58 -8.00
CA ARG M 482 -23.19 -49.64 -6.98
C ARG M 482 -23.89 -50.37 -5.85
N VAL M 483 -24.66 -51.41 -6.18
CA VAL M 483 -25.34 -52.18 -5.14
C VAL M 483 -24.32 -52.96 -4.31
N THR M 484 -23.24 -53.42 -4.95
CA THR M 484 -22.21 -54.16 -4.23
C THR M 484 -21.51 -53.26 -3.21
N GLN M 485 -21.25 -52.00 -3.58
CA GLN M 485 -20.63 -51.07 -2.64
C GLN M 485 -21.53 -50.84 -1.44
N GLN M 486 -22.83 -50.72 -1.67
CA GLN M 486 -23.76 -50.55 -0.55
C GLN M 486 -23.79 -51.79 0.33
N ASN M 487 -23.70 -52.98 -0.28
CA ASN M 487 -23.66 -54.21 0.50
C ASN M 487 -22.41 -54.26 1.38
N ALA M 488 -21.28 -53.77 0.86
CA ALA M 488 -20.07 -53.74 1.67
C ALA M 488 -20.24 -52.83 2.88
N ALA M 489 -20.95 -51.71 2.72
CA ALA M 489 -21.19 -50.83 3.85
C ALA M 489 -22.04 -51.52 4.91
N LEU M 490 -23.10 -52.21 4.49
CA LEU M 490 -23.92 -52.95 5.45
C LEU M 490 -23.15 -54.10 6.08
N VAL M 491 -22.36 -54.81 5.27
CA VAL M 491 -21.54 -55.89 5.81
C VAL M 491 -20.49 -55.31 6.76
N GLU M 492 -19.84 -54.22 6.37
CA GLU M 492 -18.88 -53.58 7.25
C GLU M 492 -19.56 -53.01 8.49
N GLU M 493 -20.74 -52.41 8.31
CA GLU M 493 -21.48 -51.89 9.46
C GLU M 493 -21.92 -53.01 10.39
N SER M 494 -22.35 -54.14 9.81
CA SER M 494 -22.73 -55.29 10.64
C SER M 494 -21.53 -55.83 11.41
N ALA M 495 -20.37 -55.87 10.76
CA ALA M 495 -19.16 -56.32 11.45
C ALA M 495 -18.79 -55.38 12.58
N ALA M 496 -18.86 -54.08 12.34
CA ALA M 496 -18.58 -53.11 13.39
C ALA M 496 -19.62 -53.19 14.49
N ALA M 497 -20.90 -53.32 14.12
CA ALA M 497 -21.95 -53.46 15.12
C ALA M 497 -21.80 -54.77 15.88
N ALA M 498 -21.42 -55.84 15.18
CA ALA M 498 -21.22 -57.13 15.84
C ALA M 498 -20.06 -57.05 16.83
N ALA M 499 -19.04 -56.25 16.51
CA ALA M 499 -17.92 -56.10 17.42
C ALA M 499 -18.37 -55.45 18.72
N ALA M 500 -19.33 -54.54 18.66
CA ALA M 500 -19.85 -53.91 19.86
C ALA M 500 -20.52 -54.94 20.77
N LEU M 501 -21.20 -55.92 20.18
CA LEU M 501 -21.81 -56.97 20.98
C LEU M 501 -20.77 -57.79 21.73
N GLU M 502 -19.63 -58.06 21.09
CA GLU M 502 -18.55 -58.78 21.75
C GLU M 502 -18.01 -57.97 22.93
N GLU M 503 -17.77 -56.68 22.72
CA GLU M 503 -17.31 -55.83 23.81
C GLU M 503 -18.39 -55.65 24.86
N GLN M 504 -19.65 -55.47 24.41
CA GLN M 504 -20.74 -55.33 25.36
C GLN M 504 -20.97 -56.63 26.13
N ALA M 505 -20.80 -57.77 25.46
CA ALA M 505 -20.96 -59.05 26.15
C ALA M 505 -19.92 -59.23 27.25
N SER M 506 -18.70 -58.72 27.04
CA SER M 506 -17.67 -58.82 28.06
C SER M 506 -18.06 -58.04 29.31
N ARG M 507 -18.70 -56.89 29.14
CA ARG M 507 -19.13 -56.12 30.29
C ARG M 507 -20.15 -56.87 31.13
N LEU M 508 -21.01 -57.66 30.49
CA LEU M 508 -21.99 -58.44 31.25
C LEU M 508 -21.32 -59.48 32.13
N THR M 509 -20.20 -60.04 31.67
CA THR M 509 -19.48 -61.03 32.46
C THR M 509 -18.71 -60.38 33.60
N GLU M 510 -18.00 -59.28 33.31
CA GLU M 510 -17.25 -58.59 34.35
C GLU M 510 -18.18 -58.07 35.46
N ALA M 511 -19.41 -57.72 35.11
CA ALA M 511 -20.35 -57.26 36.13
C ALA M 511 -20.69 -58.37 37.13
N VAL M 512 -20.58 -59.63 36.70
CA VAL M 512 -20.85 -60.77 37.58
C VAL M 512 -19.63 -61.67 37.77
N ALA M 513 -18.53 -61.43 37.05
CA ALA M 513 -17.35 -62.27 37.21
C ALA M 513 -16.74 -62.11 38.60
N VAL M 514 -16.91 -60.95 39.23
CA VAL M 514 -16.36 -60.73 40.56
C VAL M 514 -17.01 -61.68 41.57
N PHE M 515 -18.25 -62.09 41.30
CA PHE M 515 -18.95 -63.01 42.19
C PHE M 515 -18.53 -64.44 41.87
N ARG M 516 -17.90 -65.10 42.84
CA ARG M 516 -17.45 -66.47 42.67
C ARG M 516 -18.64 -67.42 42.55
N MET N 1 -28.78 -42.84 75.48
CA MET N 1 -29.88 -43.63 74.86
C MET N 1 -29.47 -45.08 74.67
N LEU N 2 -30.44 -45.93 74.33
CA LEU N 2 -30.18 -47.34 74.11
C LEU N 2 -29.61 -47.64 72.73
N LYS N 3 -29.51 -46.64 71.86
CA LYS N 3 -28.99 -46.85 70.51
C LYS N 3 -27.46 -46.79 70.48
N ARG N 4 -26.86 -45.84 71.19
CA ARG N 4 -25.42 -45.71 71.19
C ARG N 4 -24.75 -46.73 72.11
N ILE N 5 -25.40 -47.10 73.22
CA ILE N 5 -24.82 -48.06 74.14
C ILE N 5 -24.87 -49.44 73.52
N LYS N 6 -23.78 -50.19 73.67
CA LYS N 6 -23.71 -51.54 73.12
C LYS N 6 -24.62 -52.49 73.89
N ILE N 7 -24.97 -53.58 73.23
CA ILE N 7 -25.84 -54.59 73.87
C ILE N 7 -25.04 -55.40 74.88
N VAL N 8 -23.85 -55.85 74.51
CA VAL N 8 -23.04 -56.64 75.42
C VAL N 8 -22.59 -55.80 76.61
N THR N 9 -22.18 -54.55 76.36
CA THR N 9 -21.73 -53.69 77.44
C THR N 9 -22.86 -53.42 78.44
N SER N 10 -24.11 -53.40 77.96
CA SER N 10 -25.22 -53.16 78.87
C SER N 10 -25.44 -54.34 79.81
N LEU N 11 -25.35 -55.57 79.28
CA LEU N 11 -25.56 -56.74 80.12
C LEU N 11 -24.49 -56.85 81.20
N LEU N 12 -23.25 -56.51 80.86
CA LEU N 12 -22.17 -56.56 81.85
C LEU N 12 -22.47 -55.64 83.03
N LEU N 13 -23.14 -54.51 82.78
CA LEU N 13 -23.50 -53.61 83.86
C LEU N 13 -24.76 -54.10 84.58
N VAL N 14 -25.72 -54.66 83.84
CA VAL N 14 -26.93 -55.17 84.48
C VAL N 14 -26.60 -56.32 85.41
N LEU N 15 -25.75 -57.24 84.97
CA LEU N 15 -25.36 -58.35 85.83
C LEU N 15 -24.64 -57.87 87.08
N ALA N 16 -23.95 -56.74 87.00
CA ALA N 16 -23.27 -56.19 88.17
C ALA N 16 -24.24 -55.50 89.11
N VAL N 17 -25.37 -54.99 88.59
CA VAL N 17 -26.35 -54.33 89.45
C VAL N 17 -26.96 -55.33 90.41
N PHE N 18 -27.55 -56.40 89.89
CA PHE N 18 -28.14 -57.42 90.75
C PHE N 18 -27.09 -58.03 91.67
N GLY N 19 -25.85 -58.17 91.19
CA GLY N 19 -24.80 -58.68 92.04
C GLY N 19 -24.49 -57.77 93.21
N LEU N 20 -24.64 -56.46 93.02
CA LEU N 20 -24.41 -55.51 94.10
C LEU N 20 -25.63 -55.39 95.00
N LEU N 21 -26.83 -55.38 94.42
CA LEU N 21 -28.04 -55.30 95.22
C LEU N 21 -28.15 -56.49 96.16
N GLN N 22 -27.74 -57.67 95.71
CA GLN N 22 -27.80 -58.85 96.57
C GLN N 22 -26.81 -58.73 97.72
N LEU N 23 -25.66 -58.11 97.49
CA LEU N 23 -24.67 -57.95 98.55
C LEU N 23 -25.04 -56.80 99.47
N THR N 24 -25.41 -55.65 98.91
CA THR N 24 -25.79 -54.52 99.74
C THR N 24 -27.05 -54.82 100.54
N SER N 25 -28.04 -55.48 99.92
CA SER N 25 -29.25 -55.84 100.64
C SER N 25 -28.93 -56.75 101.82
N GLY N 26 -28.04 -57.72 101.63
CA GLY N 26 -27.63 -58.58 102.72
C GLY N 26 -26.93 -57.82 103.83
N GLY N 27 -26.15 -56.81 103.48
CA GLY N 27 -25.49 -56.01 104.49
C GLY N 27 -26.47 -55.23 105.36
N LEU N 28 -27.46 -54.60 104.72
CA LEU N 28 -28.47 -53.87 105.48
C LEU N 28 -29.25 -54.83 106.39
N PHE N 29 -29.65 -55.98 105.85
CA PHE N 29 -30.33 -56.98 106.68
C PHE N 29 -29.38 -57.54 107.73
N PHE N 30 -28.12 -57.79 107.36
CA PHE N 30 -27.14 -58.25 108.34
C PHE N 30 -26.86 -57.18 109.39
N ASN N 31 -26.92 -55.90 109.00
CA ASN N 31 -26.72 -54.83 109.97
C ASN N 31 -27.79 -54.87 111.06
N ALA N 32 -29.02 -55.23 110.69
CA ALA N 32 -30.08 -55.35 111.69
C ALA N 32 -29.76 -56.45 112.69
N LEU N 33 -29.37 -57.62 112.19
CA LEU N 33 -28.99 -58.71 113.09
C LEU N 33 -27.79 -58.31 113.95
N LYS N 34 -26.84 -57.58 113.38
CA LYS N 34 -25.70 -57.10 114.15
C LYS N 34 -26.17 -56.17 115.27
N ASN N 35 -27.04 -55.22 114.95
CA ASN N 35 -27.59 -54.35 115.97
C ASN N 35 -28.41 -55.13 116.98
N ASP N 36 -29.18 -56.12 116.50
CA ASP N 36 -29.95 -56.96 117.42
C ASP N 36 -29.04 -57.74 118.34
N LYS N 37 -27.92 -58.24 117.81
CA LYS N 37 -26.98 -58.98 118.65
C LYS N 37 -26.45 -58.11 119.79
N GLU N 38 -26.20 -56.83 119.51
CA GLU N 38 -25.74 -55.92 120.56
C GLU N 38 -26.80 -55.75 121.63
N ASN N 39 -28.08 -55.82 121.26
CA ASN N 39 -29.14 -55.70 122.26
C ASN N 39 -29.13 -56.89 123.20
N PHE N 40 -29.14 -58.11 122.65
CA PHE N 40 -29.08 -59.31 123.49
C PHE N 40 -27.88 -59.25 124.43
N THR N 41 -26.75 -58.74 123.95
CA THR N 41 -25.60 -58.55 124.82
C THR N 41 -25.92 -57.55 125.94
N VAL N 42 -26.76 -56.56 125.66
CA VAL N 42 -27.16 -55.61 126.69
C VAL N 42 -28.26 -56.22 127.57
N LEU N 43 -29.25 -56.85 126.95
CA LEU N 43 -30.29 -57.51 127.73
C LEU N 43 -29.71 -58.61 128.61
N GLN N 44 -28.70 -59.32 128.11
CA GLN N 44 -28.05 -60.36 128.91
C GLN N 44 -27.19 -59.74 130.00
N THR N 45 -26.43 -58.69 129.67
CA THR N 45 -25.59 -58.03 130.67
C THR N 45 -26.45 -57.43 131.77
N ILE N 46 -27.49 -56.69 131.41
CA ILE N 46 -28.38 -56.10 132.42
C ILE N 46 -29.02 -57.20 133.26
N ARG N 47 -29.34 -58.34 132.64
CA ARG N 47 -29.94 -59.44 133.39
C ARG N 47 -28.97 -59.96 134.45
N GLN N 48 -27.72 -60.19 134.07
CA GLN N 48 -26.74 -60.68 135.02
C GLN N 48 -26.52 -59.68 136.14
N GLN N 49 -26.51 -58.39 135.82
CA GLN N 49 -26.36 -57.37 136.85
C GLN N 49 -27.49 -57.44 137.86
N GLN N 50 -28.73 -57.59 137.40
CA GLN N 50 -29.85 -57.72 138.32
C GLN N 50 -29.74 -58.99 139.14
N SER N 51 -29.38 -60.11 138.50
CA SER N 51 -29.24 -61.37 139.22
C SER N 51 -28.13 -61.29 140.26
N THR N 52 -26.96 -60.82 139.86
CA THR N 52 -25.85 -60.69 140.79
C THR N 52 -26.16 -59.66 141.87
N LEU N 53 -26.77 -58.54 141.49
CA LEU N 53 -27.11 -57.51 142.47
C LEU N 53 -28.24 -57.99 143.38
N ASN N 54 -29.23 -58.69 142.83
CA ASN N 54 -30.31 -59.20 143.65
C ASN N 54 -29.80 -60.24 144.64
N GLY N 55 -29.00 -61.19 144.15
CA GLY N 55 -28.43 -62.19 145.04
C GLY N 55 -27.59 -61.57 146.14
N SER N 56 -26.93 -60.45 145.84
CA SER N 56 -26.16 -59.74 146.86
C SER N 56 -27.06 -58.99 147.83
N TRP N 57 -28.04 -58.25 147.30
CA TRP N 57 -28.96 -57.53 148.16
C TRP N 57 -29.77 -58.49 149.02
N VAL N 58 -30.19 -59.62 148.46
CA VAL N 58 -30.92 -60.61 149.25
C VAL N 58 -30.04 -61.14 150.37
N ALA N 59 -28.74 -61.34 150.09
CA ALA N 59 -27.83 -61.81 151.13
C ALA N 59 -27.70 -60.81 152.27
N LEU N 60 -27.73 -59.51 151.95
CA LEU N 60 -27.64 -58.49 152.99
C LEU N 60 -28.85 -58.56 153.91
N LEU N 61 -30.05 -58.63 153.34
CA LEU N 61 -31.25 -58.73 154.15
C LEU N 61 -31.28 -60.04 154.94
N GLN N 62 -30.88 -61.14 154.31
CA GLN N 62 -30.77 -62.41 155.02
C GLN N 62 -29.76 -62.32 156.16
N THR N 63 -28.68 -61.58 155.96
CA THR N 63 -27.71 -61.38 157.03
C THR N 63 -28.30 -60.53 158.14
N ARG N 64 -28.94 -59.42 157.79
CA ARG N 64 -29.59 -58.58 158.80
C ARG N 64 -30.66 -59.37 159.56
N ASN N 65 -31.38 -60.24 158.85
CA ASN N 65 -32.39 -61.06 159.52
C ASN N 65 -31.74 -61.98 160.55
N THR N 66 -30.58 -62.55 160.22
CA THR N 66 -29.89 -63.41 161.17
C THR N 66 -29.38 -62.61 162.36
N LEU N 67 -28.86 -61.40 162.11
CA LEU N 67 -28.39 -60.55 163.21
C LEU N 67 -29.55 -60.17 164.13
N ASN N 68 -30.71 -59.84 163.55
CA ASN N 68 -31.87 -59.51 164.37
C ASN N 68 -32.28 -60.70 165.22
N ARG N 69 -32.42 -61.88 164.62
CA ARG N 69 -32.76 -63.08 165.38
C ARG N 69 -31.64 -63.44 166.34
N ALA N 70 -30.39 -63.12 166.00
CA ALA N 70 -29.28 -63.40 166.90
C ALA N 70 -29.43 -62.61 168.20
N GLY N 71 -29.81 -61.33 168.10
CA GLY N 71 -30.02 -60.55 169.30
C GLY N 71 -31.17 -61.07 170.14
N ILE N 72 -32.24 -61.53 169.48
CA ILE N 72 -33.37 -62.09 170.21
C ILE N 72 -32.94 -63.33 170.96
N ARG N 73 -32.20 -64.22 170.29
CA ARG N 73 -31.72 -65.44 170.95
C ARG N 73 -30.83 -65.11 172.14
N TYR N 74 -30.11 -63.99 172.08
CA TYR N 74 -29.23 -63.60 173.18
C TYR N 74 -30.03 -63.08 174.37
N MET N 75 -31.01 -62.21 174.12
CA MET N 75 -31.81 -61.67 175.22
C MET N 75 -32.65 -62.77 175.88
N MET N 76 -33.18 -63.69 175.07
CA MET N 76 -33.98 -64.79 175.65
C MET N 76 -33.15 -65.67 176.56
N ASP N 77 -31.85 -65.81 176.27
CA ASP N 77 -30.99 -66.62 177.13
C ASP N 77 -30.79 -65.96 178.49
N GLN N 78 -30.78 -64.63 178.55
CA GLN N 78 -30.61 -63.94 179.83
C GLN N 78 -31.79 -64.21 180.75
N ASN N 79 -33.01 -64.18 180.20
CA ASN N 79 -34.22 -64.43 180.98
C ASN N 79 -34.61 -65.90 180.98
N ASN N 80 -33.86 -66.77 180.31
CA ASN N 80 -34.18 -68.19 180.27
C ASN N 80 -35.56 -68.42 179.70
N ILE N 81 -35.71 -68.28 178.38
CA ILE N 81 -36.98 -68.46 177.69
C ILE N 81 -36.76 -69.54 176.64
N GLY N 82 -37.17 -70.77 176.94
CA GLY N 82 -37.00 -71.86 175.99
C GLY N 82 -35.52 -72.19 175.77
N SER N 83 -35.24 -72.68 174.57
CA SER N 83 -33.89 -73.05 174.18
C SER N 83 -33.87 -73.27 172.67
N GLY N 84 -32.68 -73.55 172.15
CA GLY N 84 -32.52 -73.79 170.72
C GLY N 84 -31.07 -73.57 170.31
N SER N 85 -30.91 -73.07 169.09
CA SER N 85 -29.58 -72.82 168.56
C SER N 85 -28.92 -71.70 169.35
N THR N 86 -27.69 -71.94 169.79
CA THR N 86 -26.95 -70.95 170.57
C THR N 86 -26.66 -69.71 169.71
N VAL N 87 -26.21 -68.66 170.37
CA VAL N 87 -25.90 -67.42 169.67
C VAL N 87 -24.67 -67.60 168.78
N ALA N 88 -23.73 -68.45 169.17
CA ALA N 88 -22.54 -68.67 168.36
C ALA N 88 -22.91 -69.24 166.99
N GLU N 89 -23.96 -70.06 166.94
CA GLU N 89 -24.38 -70.63 165.66
C GLU N 89 -25.08 -69.59 164.80
N LEU N 90 -25.89 -68.72 165.42
CA LEU N 90 -26.58 -67.68 164.66
C LEU N 90 -25.61 -66.66 164.11
N MET N 91 -24.65 -66.21 164.93
CA MET N 91 -23.65 -65.27 164.45
C MET N 91 -22.81 -65.88 163.34
N GLU N 92 -22.51 -67.17 163.44
CA GLU N 92 -21.75 -67.83 162.39
C GLU N 92 -22.53 -67.88 161.08
N SER N 93 -23.85 -68.09 161.16
CA SER N 93 -24.67 -68.10 159.96
C SER N 93 -24.71 -66.72 159.31
N ALA N 94 -24.73 -65.66 160.12
CA ALA N 94 -24.72 -64.31 159.56
C ALA N 94 -23.43 -64.04 158.82
N SER N 95 -22.31 -64.59 159.29
CA SER N 95 -21.04 -64.40 158.60
C SER N 95 -21.07 -65.06 157.23
N ILE N 96 -21.62 -66.27 157.14
CA ILE N 96 -21.72 -66.95 155.86
C ILE N 96 -22.63 -66.15 154.92
N SER N 97 -23.72 -65.61 155.44
CA SER N 97 -24.61 -64.80 154.62
C SER N 97 -23.93 -63.50 154.22
N LEU N 98 -23.11 -62.93 155.10
CA LEU N 98 -22.38 -61.71 154.76
C LEU N 98 -21.39 -61.96 153.63
N LYS N 99 -20.61 -63.04 153.74
CA LYS N 99 -19.66 -63.38 152.69
C LYS N 99 -20.39 -63.70 151.38
N GLN N 100 -21.61 -64.23 151.46
CA GLN N 100 -22.37 -64.50 150.25
C GLN N 100 -22.64 -63.22 149.47
N ALA N 101 -22.90 -62.11 150.18
CA ALA N 101 -23.11 -60.84 149.51
C ALA N 101 -21.85 -60.39 148.77
N GLU N 102 -20.69 -60.60 149.39
CA GLU N 102 -19.43 -60.23 148.73
C GLU N 102 -19.20 -61.09 147.49
N LYS N 103 -19.57 -62.36 147.54
CA LYS N 103 -19.42 -63.24 146.37
C LYS N 103 -20.28 -62.75 145.23
N ASN N 104 -21.56 -62.50 145.48
CA ASN N 104 -22.43 -61.98 144.43
C ASN N 104 -22.05 -60.55 144.05
N TRP N 105 -21.56 -59.76 145.01
CA TRP N 105 -21.12 -58.41 144.69
C TRP N 105 -19.84 -58.41 143.87
N ALA N 106 -18.97 -59.41 144.06
CA ALA N 106 -17.75 -59.49 143.28
C ALA N 106 -18.06 -59.66 141.79
N ASP N 107 -19.03 -60.52 141.47
CA ASP N 107 -19.43 -60.69 140.08
C ASP N 107 -20.12 -59.45 139.54
N TYR N 108 -20.85 -58.73 140.39
CA TYR N 108 -21.52 -57.51 139.94
C TYR N 108 -20.50 -56.51 139.40
N GLU N 109 -19.40 -56.30 140.12
CA GLU N 109 -18.37 -55.37 139.65
C GLU N 109 -17.56 -55.94 138.49
N ALA N 110 -17.60 -57.25 138.27
CA ALA N 110 -16.85 -57.84 137.18
C ALA N 110 -17.56 -57.67 135.83
N LEU N 111 -18.88 -57.65 135.83
CA LEU N 111 -19.61 -57.48 134.59
C LEU N 111 -19.33 -56.10 133.98
N PRO N 112 -19.45 -55.98 132.66
CA PRO N 112 -19.18 -54.69 132.02
C PRO N 112 -20.32 -53.71 132.25
N ARG N 113 -20.08 -52.47 131.82
CA ARG N 113 -21.05 -51.38 131.93
C ARG N 113 -21.24 -50.77 130.55
N ASP N 114 -22.42 -50.95 129.97
CA ASP N 114 -22.69 -50.43 128.64
C ASP N 114 -22.62 -48.90 128.65
N PRO N 115 -22.43 -48.28 127.48
CA PRO N 115 -22.38 -46.81 127.43
C PRO N 115 -23.63 -46.15 127.98
N ARG N 116 -24.81 -46.73 127.74
CA ARG N 116 -26.07 -46.16 128.21
C ARG N 116 -26.39 -46.54 129.64
N GLN N 117 -25.47 -46.28 130.57
CA GLN N 117 -25.67 -46.58 131.99
C GLN N 117 -25.11 -45.43 132.81
N SER N 118 -25.94 -44.89 133.70
CA SER N 118 -25.52 -43.77 134.54
C SER N 118 -24.36 -44.17 135.42
N THR N 119 -23.15 -43.65 135.13
CA THR N 119 -21.99 -43.98 135.94
C THR N 119 -22.14 -43.46 137.35
N ALA N 120 -22.90 -42.37 137.55
CA ALA N 120 -23.09 -41.85 138.89
C ALA N 120 -23.85 -42.84 139.77
N ALA N 121 -24.82 -43.56 139.19
CA ALA N 121 -25.56 -44.54 139.96
C ALA N 121 -24.66 -45.68 140.44
N ALA N 122 -23.66 -46.05 139.64
CA ALA N 122 -22.74 -47.09 140.05
C ALA N 122 -21.85 -46.66 141.20
N ALA N 123 -21.61 -45.35 141.33
CA ALA N 123 -20.77 -44.85 142.43
C ALA N 123 -21.58 -44.70 143.70
N GLU N 124 -22.85 -44.27 143.60
CA GLU N 124 -23.67 -44.11 144.78
C GLU N 124 -24.07 -45.46 145.38
N ILE N 125 -24.39 -46.44 144.53
CA ILE N 125 -24.76 -47.76 145.03
C ILE N 125 -23.58 -48.42 145.72
N LYS N 126 -22.36 -48.15 145.26
CA LYS N 126 -21.18 -48.72 145.89
C LYS N 126 -20.84 -48.01 147.21
N ARG N 127 -21.11 -46.71 147.30
CA ARG N 127 -20.83 -45.98 148.53
C ARG N 127 -21.66 -46.54 149.68
N ASN N 128 -22.95 -46.77 149.45
CA ASN N 128 -23.81 -47.32 150.50
C ASN N 128 -23.46 -48.77 150.80
N TYR N 129 -23.08 -49.53 149.77
CA TYR N 129 -22.72 -50.92 149.98
C TYR N 129 -21.49 -51.05 150.88
N ASP N 130 -20.49 -50.20 150.65
CA ASP N 130 -19.29 -50.24 151.49
C ASP N 130 -19.62 -49.91 152.95
N ILE N 131 -20.49 -48.92 153.15
CA ILE N 131 -20.88 -48.56 154.51
C ILE N 131 -21.83 -49.61 155.09
N TYR N 132 -22.71 -50.15 154.26
CA TYR N 132 -23.64 -51.19 154.73
C TYR N 132 -22.88 -52.48 155.07
N HIS N 133 -21.97 -52.88 154.18
CA HIS N 133 -21.20 -54.10 154.44
C HIS N 133 -20.40 -53.97 155.73
N ASN N 134 -19.75 -52.84 155.95
CA ASN N 134 -19.00 -52.64 157.18
C ASN N 134 -19.91 -52.58 158.39
N ALA N 135 -21.15 -52.12 158.22
CA ALA N 135 -22.09 -52.05 159.34
C ALA N 135 -22.46 -53.45 159.81
N LEU N 136 -22.79 -54.35 158.86
CA LEU N 136 -23.14 -55.71 159.23
C LEU N 136 -21.98 -56.41 159.94
N ALA N 137 -20.75 -56.20 159.45
CA ALA N 137 -19.59 -56.81 160.09
C ALA N 137 -19.36 -56.24 161.49
N GLU N 138 -19.72 -54.98 161.71
CA GLU N 138 -19.55 -54.38 163.02
C GLU N 138 -20.52 -54.97 164.04
N LEU N 139 -21.76 -55.23 163.60
CA LEU N 139 -22.75 -55.82 164.50
C LEU N 139 -22.31 -57.19 165.01
N ILE N 140 -21.59 -57.95 164.18
CA ILE N 140 -21.12 -59.26 164.61
C ILE N 140 -20.10 -59.12 165.73
N GLN N 141 -19.36 -58.01 165.77
CA GLN N 141 -18.39 -57.81 166.84
C GLN N 141 -19.05 -57.32 168.12
N LEU N 142 -20.09 -56.49 168.00
CA LEU N 142 -20.78 -55.99 169.19
C LEU N 142 -21.49 -57.11 169.93
N LEU N 143 -22.28 -57.91 169.19
CA LEU N 143 -22.99 -59.02 169.83
C LEU N 143 -22.03 -60.08 170.36
N GLY N 144 -20.90 -60.28 169.70
CA GLY N 144 -19.95 -61.27 170.17
C GLY N 144 -19.35 -60.92 171.53
N ALA N 145 -19.20 -59.63 171.82
CA ALA N 145 -18.65 -59.19 173.10
C ALA N 145 -19.69 -59.16 174.21
N GLY N 146 -20.98 -59.26 173.88
CA GLY N 146 -22.03 -59.24 174.88
C GLY N 146 -22.63 -57.88 175.15
N LYS N 147 -22.37 -56.89 174.31
CA LYS N 147 -22.91 -55.54 174.50
C LYS N 147 -24.22 -55.42 173.73
N ILE N 148 -25.26 -56.05 174.29
CA ILE N 148 -26.58 -56.01 173.65
C ILE N 148 -27.13 -54.59 173.65
N ASN N 149 -26.72 -53.76 174.60
CA ASN N 149 -27.21 -52.38 174.67
C ASN N 149 -26.80 -51.60 173.42
N GLU N 150 -25.51 -51.62 173.09
CA GLU N 150 -25.02 -50.92 171.91
C GLU N 150 -25.35 -51.63 170.61
N PHE N 151 -25.94 -52.83 170.67
CA PHE N 151 -26.27 -53.55 169.45
C PHE N 151 -27.48 -52.93 168.74
N PHE N 152 -28.37 -52.28 169.49
CA PHE N 152 -29.56 -51.67 168.91
C PHE N 152 -29.32 -50.23 168.49
N ASP N 153 -28.70 -49.43 169.36
CA ASP N 153 -28.45 -48.01 169.07
C ASP N 153 -27.27 -47.91 168.10
N GLN N 154 -27.57 -48.11 166.83
CA GLN N 154 -26.59 -48.03 165.76
C GLN N 154 -27.25 -47.43 164.53
N PRO N 155 -26.47 -46.80 163.65
CA PRO N 155 -27.06 -46.20 162.44
C PRO N 155 -27.21 -47.21 161.30
N THR N 156 -27.23 -48.51 161.63
CA THR N 156 -27.35 -49.53 160.59
C THR N 156 -28.65 -49.38 159.82
N GLN N 157 -29.72 -48.94 160.48
CA GLN N 157 -30.99 -48.77 159.78
C GLN N 157 -30.89 -47.71 158.69
N GLY N 158 -30.19 -46.60 158.99
CA GLY N 158 -30.01 -45.57 157.97
C GLY N 158 -29.25 -46.06 156.77
N TYR N 159 -28.34 -47.01 156.95
CA TYR N 159 -27.59 -47.56 155.82
C TYR N 159 -28.45 -48.50 155.00
N GLN N 160 -29.29 -49.29 155.64
CA GLN N 160 -30.18 -50.20 154.91
C GLN N 160 -31.16 -49.42 154.04
N ASP N 161 -31.85 -48.45 154.63
CA ASP N 161 -32.78 -47.64 153.86
C ASP N 161 -32.05 -46.80 152.81
N GLY N 162 -30.80 -46.40 153.09
CA GLY N 162 -30.07 -45.63 152.11
C GLY N 162 -29.77 -46.40 150.85
N PHE N 163 -29.29 -47.65 151.01
CA PHE N 163 -29.01 -48.47 149.84
C PHE N 163 -30.28 -48.86 149.11
N GLU N 164 -31.41 -48.93 149.81
CA GLU N 164 -32.68 -49.27 149.16
C GLU N 164 -33.03 -48.23 148.11
N LYS N 165 -32.77 -46.95 148.39
CA LYS N 165 -33.04 -45.90 147.41
C LYS N 165 -32.18 -46.10 146.17
N GLN N 166 -30.88 -46.27 146.35
CA GLN N 166 -30.00 -46.52 145.21
C GLN N 166 -30.30 -47.87 144.57
N TYR N 167 -30.72 -48.85 145.37
CA TYR N 167 -31.07 -50.15 144.82
C TYR N 167 -32.24 -50.05 143.86
N VAL N 168 -33.37 -49.49 144.34
CA VAL N 168 -34.53 -49.33 143.48
C VAL N 168 -34.23 -48.35 142.36
N ALA N 169 -33.47 -47.29 142.66
CA ALA N 169 -33.12 -46.31 141.62
C ALA N 169 -32.32 -46.96 140.51
N TYR N 170 -31.43 -47.91 140.86
CA TYR N 170 -30.65 -48.60 139.84
C TYR N 170 -31.49 -49.61 139.09
N MET N 171 -32.36 -50.34 139.78
CA MET N 171 -33.24 -51.30 139.11
C MET N 171 -34.17 -50.59 138.14
N GLU N 172 -34.86 -49.54 138.60
CA GLU N 172 -35.74 -48.79 137.72
C GLU N 172 -34.97 -48.25 136.52
N GLN N 173 -33.71 -47.85 136.73
CA GLN N 173 -32.89 -47.39 135.62
C GLN N 173 -32.65 -48.52 134.62
N ASN N 174 -32.60 -49.77 135.09
CA ASN N 174 -32.42 -50.90 134.19
C ASN N 174 -33.73 -51.26 133.48
N ASP N 175 -34.84 -51.26 134.23
CA ASP N 175 -36.13 -51.54 133.61
C ASP N 175 -36.44 -50.55 132.49
N ARG N 176 -36.23 -49.26 132.76
CA ARG N 176 -36.42 -48.26 131.72
C ARG N 176 -35.42 -48.46 130.59
N LEU N 177 -34.15 -48.68 130.93
CA LEU N 177 -33.15 -48.95 129.91
C LEU N 177 -33.43 -50.24 129.18
N HIS N 178 -34.01 -51.23 129.87
CA HIS N 178 -34.35 -52.49 129.22
C HIS N 178 -35.39 -52.29 128.13
N ASP N 179 -36.30 -51.33 128.31
CA ASP N 179 -37.29 -51.06 127.28
C ASP N 179 -36.67 -50.35 126.09
N ILE N 180 -35.69 -49.48 126.33
CA ILE N 180 -35.02 -48.79 125.23
C ILE N 180 -34.28 -49.80 124.36
N ALA N 181 -33.61 -50.77 124.98
CA ALA N 181 -32.94 -51.80 124.20
C ALA N 181 -33.95 -52.61 123.38
N VAL N 182 -35.09 -52.95 123.98
CA VAL N 182 -36.13 -53.64 123.23
C VAL N 182 -36.74 -52.73 122.18
N SER N 183 -36.84 -51.43 122.47
CA SER N 183 -37.38 -50.49 121.50
C SER N 183 -36.46 -50.36 120.29
N ASP N 184 -35.16 -50.58 120.47
CA ASP N 184 -34.23 -50.51 119.35
C ASP N 184 -34.55 -51.57 118.30
N ASN N 185 -34.94 -52.77 118.74
CA ASN N 185 -35.30 -53.81 117.79
C ASN N 185 -36.54 -53.42 116.99
N ASN N 186 -37.53 -52.81 117.64
CA ASN N 186 -38.72 -52.35 116.93
C ASN N 186 -38.37 -51.30 115.90
N ALA N 187 -37.38 -50.45 116.20
CA ALA N 187 -36.94 -49.45 115.24
C ALA N 187 -36.16 -50.09 114.09
N SER N 188 -35.24 -51.00 114.43
CA SER N 188 -34.48 -51.68 113.39
C SER N 188 -35.37 -52.62 112.59
N TYR N 189 -36.26 -53.35 113.27
CA TYR N 189 -37.17 -54.24 112.56
C TYR N 189 -38.14 -53.47 111.67
N SER N 190 -38.57 -52.28 112.12
CA SER N 190 -39.46 -51.47 111.30
C SER N 190 -38.77 -51.04 110.01
N GLN N 191 -37.55 -50.50 110.12
CA GLN N 191 -36.82 -50.11 108.92
C GLN N 191 -36.50 -51.30 108.03
N ALA N 192 -36.38 -52.50 108.62
CA ALA N 192 -36.10 -53.68 107.82
C ALA N 192 -37.20 -53.94 106.81
N MET N 193 -38.45 -53.66 107.19
CA MET N 193 -39.56 -53.84 106.26
C MET N 193 -39.51 -52.82 105.14
N TRP N 194 -39.23 -51.56 105.46
CA TRP N 194 -39.12 -50.54 104.42
C TRP N 194 -37.93 -50.81 103.51
N ILE N 195 -36.79 -51.18 104.10
CA ILE N 195 -35.62 -51.50 103.28
C ILE N 195 -35.90 -52.73 102.43
N LEU N 196 -36.51 -53.76 103.03
CA LEU N 196 -36.85 -54.95 102.28
C LEU N 196 -37.82 -54.63 101.15
N VAL N 197 -38.93 -53.97 101.48
CA VAL N 197 -39.89 -53.58 100.44
C VAL N 197 -39.26 -52.60 99.45
N GLY N 198 -38.36 -51.74 99.94
CA GLY N 198 -37.70 -50.80 99.04
C GLY N 198 -36.83 -51.49 98.02
N VAL N 199 -36.09 -52.52 98.44
CA VAL N 199 -35.23 -53.25 97.51
C VAL N 199 -36.08 -53.96 96.44
N MET N 200 -37.22 -54.52 96.84
CA MET N 200 -38.10 -55.18 95.88
C MET N 200 -38.58 -54.20 94.82
N ILE N 201 -38.99 -53.00 95.24
CA ILE N 201 -39.43 -51.99 94.28
C ILE N 201 -38.28 -51.61 93.35
N VAL N 202 -37.05 -51.66 93.85
CA VAL N 202 -35.90 -51.34 93.00
C VAL N 202 -35.57 -52.52 92.08
N VAL N 203 -35.62 -53.75 92.62
CA VAL N 203 -35.33 -54.92 91.79
C VAL N 203 -36.39 -55.05 90.70
N LEU N 204 -37.66 -55.02 91.08
CA LEU N 204 -38.73 -55.10 90.08
C LEU N 204 -38.66 -53.97 89.08
N ALA N 205 -38.21 -52.79 89.51
CA ALA N 205 -38.07 -51.67 88.58
C ALA N 205 -36.98 -51.94 87.55
N VAL N 206 -35.90 -52.61 87.96
CA VAL N 206 -34.83 -52.93 87.03
C VAL N 206 -35.30 -54.01 86.05
N ILE N 207 -36.07 -54.99 86.54
CA ILE N 207 -36.58 -56.03 85.66
C ILE N 207 -37.45 -55.43 84.57
N PHE N 208 -38.20 -54.38 84.90
CA PHE N 208 -39.03 -53.71 83.91
C PHE N 208 -38.24 -52.69 83.10
N ALA N 209 -37.16 -52.14 83.68
CA ALA N 209 -36.35 -51.17 82.95
C ALA N 209 -35.48 -51.86 81.91
N VAL N 210 -34.74 -52.89 82.32
CA VAL N 210 -33.90 -53.62 81.37
C VAL N 210 -34.76 -54.31 80.32
N TRP N 211 -35.94 -54.82 80.74
CA TRP N 211 -36.83 -55.47 79.78
C TRP N 211 -37.25 -54.50 78.67
N PHE N 212 -37.54 -53.26 79.03
CA PHE N 212 -37.92 -52.26 78.03
C PHE N 212 -36.74 -51.91 77.13
N GLY N 213 -35.52 -51.97 77.66
CA GLY N 213 -34.36 -51.65 76.84
C GLY N 213 -34.08 -52.71 75.79
N ILE N 214 -34.27 -53.98 76.14
CA ILE N 214 -34.05 -55.06 75.18
C ILE N 214 -35.00 -54.94 74.01
N LYS N 215 -36.23 -54.47 74.26
CA LYS N 215 -37.20 -54.31 73.18
C LYS N 215 -36.81 -53.17 72.23
N ALA N 216 -36.16 -52.13 72.73
CA ALA N 216 -35.74 -51.00 71.91
C ALA N 216 -34.28 -51.12 71.47
N SER N 217 -33.69 -52.31 71.58
CA SER N 217 -32.29 -52.49 71.16
C SER N 217 -31.95 -53.94 70.86
N LEU N 218 -32.93 -54.81 70.64
CA LEU N 218 -32.67 -56.20 70.33
C LEU N 218 -33.85 -56.81 69.58
N VAL N 219 -35.06 -56.62 70.11
CA VAL N 219 -36.25 -57.17 69.47
C VAL N 219 -36.69 -56.29 68.31
N ALA N 220 -37.00 -55.03 68.59
CA ALA N 220 -37.44 -54.13 67.52
C ALA N 220 -36.41 -53.98 66.41
N PRO N 221 -35.11 -53.78 66.69
CA PRO N 221 -34.15 -53.74 65.59
C PRO N 221 -34.10 -55.03 64.79
N MET N 222 -34.12 -56.18 65.47
CA MET N 222 -34.07 -57.46 64.77
C MET N 222 -35.27 -57.65 63.87
N ASN N 223 -36.43 -57.12 64.26
CA ASN N 223 -37.63 -57.25 63.44
C ASN N 223 -37.44 -56.59 62.08
N ARG N 224 -36.64 -55.53 62.01
CA ARG N 224 -36.38 -54.85 60.75
C ARG N 224 -35.20 -55.44 59.99
N LEU N 225 -34.21 -55.99 60.70
CA LEU N 225 -33.07 -56.60 60.02
C LEU N 225 -33.48 -57.86 59.28
N ILE N 226 -34.32 -58.69 59.90
CA ILE N 226 -34.77 -59.92 59.24
C ILE N 226 -35.62 -59.57 58.02
N ASP N 227 -36.56 -58.63 58.18
CA ASP N 227 -37.40 -58.23 57.06
C ASP N 227 -36.58 -57.60 55.94
N SER N 228 -35.49 -56.91 56.28
CA SER N 228 -34.65 -56.29 55.26
C SER N 228 -34.07 -57.34 54.32
N ILE N 229 -33.63 -58.48 54.87
CA ILE N 229 -33.08 -59.54 54.04
C ILE N 229 -34.18 -60.21 53.24
N ARG N 230 -35.37 -60.36 53.83
CA ARG N 230 -36.50 -60.94 53.10
C ARG N 230 -36.88 -60.09 51.90
N HIS N 231 -36.75 -58.76 52.02
CA HIS N 231 -37.07 -57.89 50.90
C HIS N 231 -36.06 -58.06 49.77
N ILE N 232 -34.77 -58.20 50.10
CA ILE N 232 -33.76 -58.39 49.07
C ILE N 232 -33.95 -59.74 48.40
N ALA N 233 -34.25 -60.78 49.19
CA ALA N 233 -34.47 -62.11 48.64
C ALA N 233 -35.89 -62.33 48.14
N GLY N 234 -36.86 -61.56 48.65
CA GLY N 234 -38.23 -61.70 48.22
C GLY N 234 -38.43 -61.38 46.75
N GLY N 235 -38.56 -60.09 46.45
CA GLY N 235 -38.75 -59.66 45.07
C GLY N 235 -38.82 -58.16 44.93
N ASP N 236 -37.96 -57.44 45.65
CA ASP N 236 -37.92 -55.99 45.57
C ASP N 236 -36.66 -55.45 46.24
N LEU N 237 -35.79 -54.82 45.44
CA LEU N 237 -34.55 -54.26 45.95
C LEU N 237 -34.68 -52.79 46.32
N VAL N 238 -35.89 -52.23 46.30
CA VAL N 238 -36.10 -50.82 46.62
C VAL N 238 -36.96 -50.72 47.87
N LYS N 239 -36.36 -50.97 49.03
CA LYS N 239 -37.05 -50.88 50.31
C LYS N 239 -36.12 -50.20 51.31
N PRO N 240 -36.56 -49.14 51.97
CA PRO N 240 -35.69 -48.48 52.95
C PRO N 240 -35.23 -49.45 54.03
N ILE N 241 -34.02 -49.20 54.54
CA ILE N 241 -33.42 -50.00 55.60
C ILE N 241 -32.81 -49.03 56.61
N GLU N 242 -33.37 -49.00 57.82
CA GLU N 242 -32.89 -48.07 58.84
C GLU N 242 -31.71 -48.66 59.59
N VAL N 243 -30.94 -47.78 60.22
CA VAL N 243 -29.77 -48.15 61.01
C VAL N 243 -29.96 -47.63 62.43
N ASP N 244 -29.53 -48.42 63.40
CA ASP N 244 -29.65 -48.08 64.83
C ASP N 244 -28.24 -47.80 65.36
N GLY N 245 -27.81 -46.55 65.24
CA GLY N 245 -26.51 -46.17 65.74
C GLY N 245 -25.39 -46.92 65.05
N SER N 246 -24.41 -47.35 65.84
CA SER N 246 -23.26 -48.09 65.34
C SER N 246 -22.95 -49.32 66.20
N ASN N 247 -23.93 -49.80 66.96
CA ASN N 247 -23.73 -50.97 67.80
C ASN N 247 -23.72 -52.24 66.95
N GLU N 248 -23.89 -53.40 67.58
CA GLU N 248 -23.89 -54.65 66.82
C GLU N 248 -25.02 -54.66 65.80
N MET N 249 -26.15 -54.05 66.13
CA MET N 249 -27.27 -53.99 65.19
C MET N 249 -27.07 -52.91 64.14
N GLY N 250 -26.23 -51.92 64.40
CA GLY N 250 -25.98 -50.86 63.45
C GLY N 250 -25.01 -51.27 62.37
N GLN N 251 -23.96 -52.01 62.74
CA GLN N 251 -22.99 -52.46 61.75
C GLN N 251 -23.65 -53.35 60.71
N LEU N 252 -24.59 -54.19 61.12
CA LEU N 252 -25.28 -55.06 60.17
C LEU N 252 -26.15 -54.24 59.22
N ALA N 253 -26.93 -53.32 59.76
CA ALA N 253 -27.77 -52.48 58.92
C ALA N 253 -26.93 -51.64 57.97
N GLU N 254 -25.83 -51.07 58.47
CA GLU N 254 -24.95 -50.27 57.61
C GLU N 254 -24.31 -51.14 56.54
N SER N 255 -23.86 -52.34 56.91
CA SER N 255 -23.24 -53.24 55.95
C SER N 255 -24.27 -53.94 55.06
N LEU N 256 -25.51 -54.07 55.52
CA LEU N 256 -26.54 -54.72 54.70
C LEU N 256 -26.84 -53.89 53.46
N ARG N 257 -26.96 -52.57 53.60
CA ARG N 257 -27.22 -51.73 52.44
C ARG N 257 -26.06 -51.73 51.46
N HIS N 258 -24.84 -51.97 51.95
CA HIS N 258 -23.70 -52.06 51.05
C HIS N 258 -23.87 -53.20 50.06
N MET N 259 -24.30 -54.37 50.54
CA MET N 259 -24.57 -55.49 49.64
C MET N 259 -25.75 -55.19 48.74
N GLN N 260 -26.75 -54.44 49.24
CA GLN N 260 -27.89 -54.10 48.42
C GLN N 260 -27.49 -53.17 47.28
N GLY N 261 -26.64 -52.18 47.57
CA GLY N 261 -26.19 -51.28 46.52
C GLY N 261 -25.47 -52.00 45.40
N GLU N 262 -24.52 -52.86 45.77
CA GLU N 262 -23.79 -53.63 44.76
C GLU N 262 -24.73 -54.56 43.99
N LEU N 263 -25.81 -55.01 44.62
CA LEU N 263 -26.76 -55.88 43.96
C LEU N 263 -27.60 -55.12 42.94
N MET N 264 -28.11 -53.95 43.32
CA MET N 264 -28.90 -53.15 42.39
C MET N 264 -28.06 -52.68 41.21
N ARG N 265 -26.83 -52.23 41.49
CA ARG N 265 -25.94 -51.81 40.40
C ARG N 265 -25.61 -52.97 39.48
N THR N 266 -25.43 -54.16 40.04
CA THR N 266 -25.16 -55.34 39.21
C THR N 266 -26.37 -55.68 38.35
N VAL N 267 -27.56 -55.69 38.94
CA VAL N 267 -28.77 -55.96 38.16
C VAL N 267 -29.05 -54.81 37.20
N GLY N 268 -28.72 -53.58 37.60
CA GLY N 268 -28.93 -52.45 36.71
C GLY N 268 -28.07 -52.53 35.46
N ASP N 269 -26.79 -52.87 35.63
CA ASP N 269 -25.91 -53.01 34.48
C ASP N 269 -26.36 -54.16 33.58
N VAL N 270 -26.84 -55.25 34.18
CA VAL N 270 -27.33 -56.37 33.40
C VAL N 270 -28.63 -56.01 32.70
N ARG N 271 -29.53 -55.31 33.39
CA ARG N 271 -30.78 -54.89 32.77
C ARG N 271 -30.52 -53.91 31.62
N ASN N 272 -29.78 -52.84 31.90
CA ASN N 272 -29.45 -51.89 30.84
C ASN N 272 -28.54 -52.52 29.79
N GLY N 273 -27.66 -53.44 30.20
CA GLY N 273 -26.78 -54.09 29.25
C GLY N 273 -27.52 -55.11 28.39
N ALA N 274 -28.51 -55.79 28.98
CA ALA N 274 -29.27 -56.77 28.21
C ALA N 274 -30.04 -56.09 27.08
N ASN N 275 -30.56 -54.89 27.32
CA ASN N 275 -31.26 -54.17 26.27
C ASN N 275 -30.34 -53.80 25.13
N ALA N 276 -29.06 -53.54 25.43
CA ALA N 276 -28.11 -53.22 24.37
C ALA N 276 -27.93 -54.39 23.42
N ILE N 277 -27.92 -55.62 23.95
CA ILE N 277 -27.80 -56.79 23.09
C ILE N 277 -29.05 -56.95 22.23
N TYR N 278 -30.23 -56.81 22.84
CA TYR N 278 -31.46 -56.91 22.07
C TYR N 278 -31.58 -55.77 21.06
N SER N 279 -31.28 -54.54 21.49
CA SER N 279 -31.32 -53.41 20.57
C SER N 279 -30.21 -53.53 19.54
N GLY N 280 -29.01 -53.93 19.96
CA GLY N 280 -27.92 -54.10 19.00
C GLY N 280 -28.18 -55.23 18.02
N ALA N 281 -28.72 -56.34 18.51
CA ALA N 281 -29.04 -57.45 17.62
C ALA N 281 -30.15 -57.07 16.65
N SER N 282 -31.11 -56.24 17.09
CA SER N 282 -32.17 -55.80 16.20
C SER N 282 -31.61 -54.94 15.07
N GLU N 283 -30.60 -54.13 15.37
CA GLU N 283 -29.98 -53.31 14.33
C GLU N 283 -29.30 -54.19 13.29
N ILE N 284 -28.58 -55.21 13.73
CA ILE N 284 -27.94 -56.13 12.78
C ILE N 284 -28.99 -56.94 12.04
N ALA N 285 -30.05 -57.37 12.75
CA ALA N 285 -31.11 -58.11 12.10
C ALA N 285 -31.80 -57.27 11.03
N THR N 286 -32.04 -55.98 11.33
CA THR N 286 -32.64 -55.11 10.33
C THR N 286 -31.72 -54.93 9.13
N GLY N 287 -30.41 -54.89 9.36
CA GLY N 287 -29.48 -54.78 8.25
C GLY N 287 -29.51 -55.99 7.34
N ASN N 288 -29.63 -57.19 7.93
CA ASN N 288 -29.72 -58.40 7.12
C ASN N 288 -30.99 -58.39 6.26
N ASN N 289 -32.11 -57.93 6.83
CA ASN N 289 -33.34 -57.84 6.07
C ASN N 289 -33.19 -56.86 4.92
N ASP N 290 -32.64 -55.67 5.19
CA ASP N 290 -32.41 -54.71 4.12
C ASP N 290 -31.34 -55.21 3.15
N LEU N 291 -30.28 -55.83 3.67
CA LEU N 291 -29.25 -56.38 2.79
C LEU N 291 -29.82 -57.53 1.95
N SER N 292 -30.77 -58.27 2.50
CA SER N 292 -31.39 -59.35 1.74
C SER N 292 -32.16 -58.81 0.54
N SER N 293 -32.75 -57.62 0.67
CA SER N 293 -33.46 -57.02 -0.45
C SER N 293 -32.51 -56.76 -1.62
N ARG N 294 -31.34 -56.18 -1.35
CA ARG N 294 -30.36 -55.97 -2.41
C ARG N 294 -29.79 -57.28 -2.91
N THR N 295 -29.71 -58.30 -2.05
CA THR N 295 -29.22 -59.60 -2.50
C THR N 295 -30.17 -60.20 -3.53
N GLU N 296 -31.48 -60.19 -3.24
CA GLU N 296 -32.45 -60.69 -4.20
C GLU N 296 -32.53 -59.78 -5.43
N GLN N 297 -32.46 -58.46 -5.21
CA GLN N 297 -32.46 -57.53 -6.33
C GLN N 297 -31.23 -57.72 -7.21
N GLN N 298 -30.05 -57.84 -6.59
CA GLN N 298 -28.84 -58.09 -7.35
C GLN N 298 -28.90 -59.44 -8.04
N ALA N 299 -29.54 -60.43 -7.41
CA ALA N 299 -29.69 -61.73 -8.05
C ALA N 299 -30.57 -61.65 -9.28
N ALA N 300 -31.63 -60.83 -9.21
CA ALA N 300 -32.48 -60.64 -10.39
C ALA N 300 -31.72 -60.00 -11.54
N SER N 301 -30.74 -59.14 -11.23
CA SER N 301 -29.94 -58.54 -12.29
C SER N 301 -29.16 -59.59 -13.06
N LEU N 302 -28.62 -60.59 -12.35
CA LEU N 302 -27.90 -61.67 -13.02
C LEU N 302 -28.83 -62.46 -13.92
N GLU N 303 -30.05 -62.75 -13.45
CA GLU N 303 -31.01 -63.45 -14.28
C GLU N 303 -31.41 -62.62 -15.48
N GLU N 304 -31.72 -61.33 -15.26
CA GLU N 304 -32.06 -60.46 -16.38
C GLU N 304 -30.86 -60.25 -17.29
N THR N 305 -29.67 -60.08 -16.71
CA THR N 305 -28.46 -59.92 -17.52
C THR N 305 -28.14 -61.21 -18.27
N ALA N 306 -28.30 -62.35 -17.62
CA ALA N 306 -28.05 -63.63 -18.29
C ALA N 306 -28.95 -63.79 -19.51
N ALA N 307 -30.23 -63.41 -19.37
CA ALA N 307 -31.14 -63.49 -20.52
C ALA N 307 -30.74 -62.50 -21.60
N SER N 308 -30.13 -61.37 -21.23
CA SER N 308 -29.69 -60.40 -22.23
C SER N 308 -28.54 -60.96 -23.06
N MET N 309 -27.62 -61.70 -22.43
CA MET N 309 -26.52 -62.30 -23.17
C MET N 309 -27.01 -63.29 -24.22
N GLU N 310 -28.12 -63.98 -23.93
CA GLU N 310 -28.68 -64.90 -24.92
C GLU N 310 -29.11 -64.16 -26.18
N GLN N 311 -29.69 -62.98 -26.02
CA GLN N 311 -30.07 -62.18 -27.19
C GLN N 311 -28.85 -61.74 -27.97
N LEU N 312 -27.75 -61.42 -27.27
CA LEU N 312 -26.52 -61.04 -27.96
C LEU N 312 -25.96 -62.21 -28.76
N THR N 313 -25.99 -63.42 -28.20
CA THR N 313 -25.50 -64.59 -28.91
C THR N 313 -26.31 -64.82 -30.19
N ALA N 314 -27.62 -64.58 -30.14
CA ALA N 314 -28.45 -64.74 -31.32
C ALA N 314 -28.02 -63.77 -32.43
N THR N 315 -27.63 -62.55 -32.04
CA THR N 315 -27.17 -61.58 -33.02
C THR N 315 -25.74 -61.85 -33.45
N VAL N 316 -24.90 -62.32 -32.53
CA VAL N 316 -23.52 -62.62 -32.89
C VAL N 316 -23.48 -63.73 -33.93
N LYS N 317 -24.20 -64.82 -33.68
CA LYS N 317 -24.27 -65.90 -34.67
C LYS N 317 -24.97 -65.43 -35.94
N GLN N 318 -25.92 -64.51 -35.82
CA GLN N 318 -26.59 -63.98 -37.00
C GLN N 318 -25.61 -63.16 -37.85
N ASN N 319 -24.87 -62.26 -37.22
CA ASN N 319 -23.89 -61.48 -37.96
C ASN N 319 -22.81 -62.38 -38.55
N ALA N 320 -22.37 -63.38 -37.79
CA ALA N 320 -21.39 -64.32 -38.32
C ALA N 320 -21.98 -65.16 -39.45
N GLU N 321 -23.22 -65.62 -39.28
CA GLU N 321 -23.88 -66.39 -40.34
C GLU N 321 -24.12 -65.52 -41.56
N ASN N 322 -24.67 -64.32 -41.37
CA ASN N 322 -24.89 -63.41 -42.49
C ASN N 322 -23.57 -63.05 -43.17
N ALA N 323 -22.50 -62.94 -42.38
CA ALA N 323 -21.19 -62.65 -42.96
C ALA N 323 -20.73 -63.80 -43.85
N ARG N 324 -21.00 -65.04 -43.45
CA ARG N 324 -20.64 -66.18 -44.28
C ARG N 324 -21.48 -66.21 -45.55
N GLN N 325 -22.76 -65.84 -45.45
CA GLN N 325 -23.61 -65.81 -46.65
C GLN N 325 -23.14 -64.73 -47.62
N ALA N 326 -22.73 -63.57 -47.11
CA ALA N 326 -22.24 -62.50 -47.96
C ALA N 326 -20.83 -62.77 -48.47
N SER N 327 -20.20 -63.88 -48.08
CA SER N 327 -18.85 -64.18 -48.53
C SER N 327 -18.86 -64.79 -49.93
N HIS N 328 -19.58 -65.90 -50.12
CA HIS N 328 -19.65 -66.52 -51.43
C HIS N 328 -20.33 -65.61 -52.45
N LEU N 329 -21.30 -64.82 -52.00
CA LEU N 329 -21.94 -63.87 -52.91
C LEU N 329 -20.95 -62.81 -53.39
N ALA N 330 -20.18 -62.23 -52.46
CA ALA N 330 -19.15 -61.27 -52.85
C ALA N 330 -18.06 -61.95 -53.67
N LEU N 331 -17.65 -63.15 -53.26
CA LEU N 331 -16.65 -63.89 -54.03
C LEU N 331 -17.17 -64.22 -55.43
N SER N 332 -18.47 -64.53 -55.53
CA SER N 332 -19.06 -64.79 -56.84
C SER N 332 -18.97 -63.57 -57.73
N ALA N 333 -19.19 -62.38 -57.17
CA ALA N 333 -19.05 -61.16 -57.95
C ALA N 333 -17.61 -60.96 -58.41
N SER N 334 -16.65 -61.31 -57.56
CA SER N 334 -15.25 -61.22 -57.95
C SER N 334 -14.94 -62.19 -59.09
N GLU N 335 -15.38 -63.44 -58.96
CA GLU N 335 -15.19 -64.40 -60.03
C GLU N 335 -15.92 -63.96 -61.30
N THR N 336 -17.10 -63.39 -61.15
CA THR N 336 -17.82 -62.88 -62.32
C THR N 336 -17.09 -61.71 -62.95
N ALA N 337 -16.48 -60.84 -62.13
CA ALA N 337 -15.70 -59.74 -62.66
C ALA N 337 -14.48 -60.23 -63.41
N GLN N 338 -13.76 -61.19 -62.83
CA GLN N 338 -12.61 -61.78 -63.51
C GLN N 338 -13.04 -62.51 -64.78
N ARG N 339 -14.10 -63.30 -64.69
CA ARG N 339 -14.62 -63.98 -65.88
C ARG N 339 -15.08 -62.97 -66.92
N GLY N 340 -15.80 -61.94 -66.50
CA GLY N 340 -16.22 -60.91 -67.43
C GLY N 340 -15.09 -59.99 -67.85
N GLY N 341 -14.09 -59.82 -66.98
CA GLY N 341 -12.96 -58.99 -67.34
C GLY N 341 -12.18 -59.54 -68.51
N LYS N 342 -11.97 -60.86 -68.54
CA LYS N 342 -11.29 -61.47 -69.68
C LYS N 342 -12.08 -61.28 -70.96
N VAL N 343 -13.41 -61.26 -70.87
CA VAL N 343 -14.24 -61.02 -72.04
C VAL N 343 -13.99 -59.62 -72.59
N VAL N 344 -13.85 -58.64 -71.70
CA VAL N 344 -13.56 -57.28 -72.14
C VAL N 344 -12.18 -57.21 -72.77
N ASP N 345 -11.24 -58.01 -72.27
CA ASP N 345 -9.90 -58.02 -72.86
C ASP N 345 -9.94 -58.53 -74.30
N ASN N 346 -10.69 -59.60 -74.54
CA ASN N 346 -10.82 -60.12 -75.90
C ASN N 346 -11.50 -59.12 -76.81
N VAL N 347 -12.45 -58.34 -76.29
CA VAL N 347 -13.12 -57.33 -77.09
C VAL N 347 -12.14 -56.25 -77.50
N VAL N 348 -11.22 -55.87 -76.60
CA VAL N 348 -10.22 -54.87 -76.94
C VAL N 348 -9.37 -55.33 -78.11
N GLN N 349 -8.95 -56.60 -78.09
CA GLN N 349 -8.19 -57.14 -79.20
C GLN N 349 -9.04 -57.21 -80.47
N THR N 350 -10.36 -57.38 -80.32
CA THR N 350 -11.22 -57.42 -81.50
C THR N 350 -11.33 -56.03 -82.14
N MET N 351 -11.41 -54.98 -81.32
CA MET N 351 -11.46 -53.63 -81.88
C MET N 351 -10.21 -53.32 -82.68
N ARG N 352 -9.05 -53.76 -82.20
CA ARG N 352 -7.81 -53.56 -82.95
C ARG N 352 -7.84 -54.32 -84.28
N ASP N 353 -8.42 -55.52 -84.28
CA ASP N 353 -8.54 -56.28 -85.52
C ASP N 353 -9.49 -55.59 -86.49
N ILE N 354 -10.64 -55.15 -86.00
CA ILE N 354 -11.59 -54.42 -86.85
C ILE N 354 -11.00 -53.08 -87.25
N SER N 355 -10.34 -52.39 -86.33
CA SER N 355 -9.71 -51.11 -86.66
C SER N 355 -8.57 -51.31 -87.65
N THR N 356 -7.72 -52.31 -87.41
CA THR N 356 -6.64 -52.60 -88.35
C THR N 356 -7.20 -53.07 -89.68
N SER N 357 -8.22 -53.93 -89.66
CA SER N 357 -8.84 -54.38 -90.90
C SER N 357 -9.46 -53.20 -91.65
N SER N 358 -10.17 -52.32 -90.95
CA SER N 358 -10.74 -51.15 -91.59
C SER N 358 -9.65 -50.23 -92.14
N GLN N 359 -8.50 -50.17 -91.46
CA GLN N 359 -7.39 -49.36 -91.95
C GLN N 359 -6.88 -49.88 -93.29
N LYS N 360 -6.79 -51.20 -93.44
CA LYS N 360 -6.37 -51.78 -94.71
C LYS N 360 -7.36 -51.44 -95.81
N ILE N 361 -8.66 -51.42 -95.49
CA ILE N 361 -9.66 -51.06 -96.48
C ILE N 361 -9.45 -49.63 -96.96
N ALA N 362 -9.14 -48.72 -96.02
CA ALA N 362 -8.87 -47.33 -96.40
C ALA N 362 -7.71 -47.24 -97.38
N ASP N 363 -6.71 -48.11 -97.25
CA ASP N 363 -5.60 -48.09 -98.19
C ASP N 363 -6.03 -48.54 -99.57
N ILE N 364 -6.93 -49.53 -99.65
CA ILE N 364 -7.42 -49.99 -100.93
C ILE N 364 -8.35 -48.95 -101.55
N ILE N 365 -9.23 -48.37 -100.75
CA ILE N 365 -10.11 -47.32 -101.25
C ILE N 365 -9.29 -46.14 -101.79
N SER N 366 -8.18 -45.83 -101.11
CA SER N 366 -7.30 -44.79 -101.60
C SER N 366 -6.69 -45.16 -102.95
N VAL N 367 -6.44 -46.44 -103.18
CA VAL N 367 -5.93 -46.88 -104.47
C VAL N 367 -7.05 -46.90 -105.51
N ILE N 368 -8.21 -47.42 -105.13
CA ILE N 368 -9.35 -47.43 -106.06
C ILE N 368 -9.75 -46.00 -106.41
N ASP N 369 -9.65 -45.08 -105.44
CA ASP N 369 -9.96 -43.69 -105.71
C ASP N 369 -9.01 -43.12 -106.77
N GLY N 370 -7.72 -43.45 -106.67
CA GLY N 370 -6.78 -42.99 -107.68
C GLY N 370 -6.99 -43.68 -109.01
N ILE N 371 -7.16 -45.00 -109.00
CA ILE N 371 -7.41 -45.73 -110.23
C ILE N 371 -8.70 -45.25 -110.88
N ALA N 372 -9.75 -45.03 -110.07
CA ALA N 372 -11.00 -44.53 -110.61
C ALA N 372 -10.85 -43.10 -111.14
N PHE N 373 -9.96 -42.31 -110.54
CA PHE N 373 -9.75 -40.95 -111.01
C PHE N 373 -8.91 -40.94 -112.29
N GLN N 374 -7.85 -41.74 -112.34
CA GLN N 374 -7.03 -41.80 -113.55
C GLN N 374 -7.84 -42.28 -114.74
N THR N 375 -8.79 -43.19 -114.51
CA THR N 375 -9.65 -43.65 -115.60
C THR N 375 -10.44 -42.51 -116.21
N ASN N 376 -10.86 -41.54 -115.38
CA ASN N 376 -11.60 -40.39 -115.91
C ASN N 376 -10.69 -39.49 -116.74
N ILE N 377 -9.41 -39.40 -116.38
CA ILE N 377 -8.48 -38.57 -117.14
C ILE N 377 -8.21 -39.19 -118.50
N LEU N 378 -7.97 -40.50 -118.54
CA LEU N 378 -7.73 -41.18 -119.80
C LEU N 378 -8.95 -41.09 -120.72
N ALA N 379 -10.15 -41.31 -120.16
CA ALA N 379 -11.36 -41.19 -120.96
C ALA N 379 -11.59 -39.76 -121.42
N LEU N 380 -11.18 -38.78 -120.63
CA LEU N 380 -11.33 -37.38 -121.03
C LEU N 380 -10.47 -37.08 -122.25
N ASN N 381 -9.19 -37.48 -122.22
CA ASN N 381 -8.32 -37.24 -123.35
C ASN N 381 -8.82 -37.97 -124.60
N ALA N 382 -9.36 -39.18 -124.41
CA ALA N 382 -9.89 -39.92 -125.56
C ALA N 382 -11.15 -39.26 -126.10
N ALA N 383 -11.98 -38.69 -125.22
CA ALA N 383 -13.19 -38.01 -125.67
C ALA N 383 -12.85 -36.72 -126.41
N VAL N 384 -11.87 -35.96 -125.92
CA VAL N 384 -11.48 -34.73 -126.59
C VAL N 384 -10.86 -35.04 -127.94
N GLU N 385 -10.03 -36.07 -128.02
CA GLU N 385 -9.42 -36.44 -129.29
C GLU N 385 -10.45 -37.00 -130.27
N ALA N 386 -11.47 -37.69 -129.77
CA ALA N 386 -12.50 -38.24 -130.65
C ALA N 386 -13.25 -37.12 -131.35
N ALA N 387 -13.80 -36.18 -130.58
CA ALA N 387 -14.53 -35.04 -131.13
C ALA N 387 -13.62 -33.88 -131.50
N ARG N 388 -12.32 -34.12 -131.65
CA ARG N 388 -11.40 -33.03 -132.01
C ARG N 388 -11.75 -32.47 -133.38
N ALA N 389 -11.91 -33.33 -134.37
CA ALA N 389 -12.24 -32.91 -135.73
C ALA N 389 -12.63 -34.12 -136.55
N GLY N 390 -13.53 -33.91 -137.50
CA GLY N 390 -13.99 -34.98 -138.37
C GLY N 390 -15.27 -35.62 -137.88
N GLU N 391 -16.15 -35.97 -138.82
CA GLU N 391 -17.41 -36.60 -138.46
C GLU N 391 -17.25 -38.05 -138.02
N GLN N 392 -16.10 -38.67 -138.32
CA GLN N 392 -15.85 -40.05 -137.95
C GLN N 392 -15.48 -40.23 -136.48
N GLY N 393 -15.59 -39.19 -135.67
CA GLY N 393 -15.26 -39.27 -134.27
C GLY N 393 -16.44 -39.67 -133.40
N ARG N 394 -17.35 -40.47 -133.94
CA ARG N 394 -18.53 -40.90 -133.20
C ARG N 394 -18.28 -42.20 -132.44
N GLY N 395 -17.56 -43.15 -133.04
CA GLY N 395 -17.31 -44.41 -132.37
C GLY N 395 -16.44 -44.26 -131.13
N PHE N 396 -15.54 -43.28 -131.13
CA PHE N 396 -14.67 -43.05 -129.99
C PHE N 396 -15.25 -42.07 -128.99
N ALA N 397 -16.10 -41.14 -129.45
CA ALA N 397 -16.68 -40.16 -128.53
C ALA N 397 -17.74 -40.80 -127.64
N VAL N 398 -18.56 -41.70 -128.20
CA VAL N 398 -19.60 -42.34 -127.40
C VAL N 398 -18.98 -43.26 -126.36
N VAL N 399 -18.01 -44.09 -126.76
CA VAL N 399 -17.37 -44.99 -125.82
C VAL N 399 -16.59 -44.20 -124.77
N ALA N 400 -15.87 -43.16 -125.20
CA ALA N 400 -15.12 -42.34 -124.26
C ALA N 400 -16.04 -41.62 -123.29
N GLY N 401 -17.22 -41.21 -123.76
CA GLY N 401 -18.15 -40.51 -122.89
C GLY N 401 -18.72 -41.42 -121.82
N GLU N 402 -19.10 -42.65 -122.19
CA GLU N 402 -19.64 -43.59 -121.22
C GLU N 402 -18.58 -44.00 -120.21
N VAL N 403 -17.37 -44.31 -120.67
CA VAL N 403 -16.31 -44.70 -119.76
C VAL N 403 -15.99 -43.55 -118.80
N ARG N 404 -16.05 -42.32 -119.29
CA ARG N 404 -15.79 -41.16 -118.43
C ARG N 404 -16.86 -41.03 -117.35
N ASN N 405 -18.12 -41.30 -117.71
CA ASN N 405 -19.20 -41.23 -116.72
C ASN N 405 -19.04 -42.31 -115.66
N LEU N 406 -18.78 -43.55 -116.08
CA LEU N 406 -18.59 -44.63 -115.11
C LEU N 406 -17.38 -44.37 -114.23
N ALA N 407 -16.35 -43.69 -114.76
CA ALA N 407 -15.18 -43.38 -113.95
C ALA N 407 -15.55 -42.45 -112.79
N GLN N 408 -16.37 -41.43 -113.06
CA GLN N 408 -16.79 -40.53 -112.00
C GLN N 408 -17.69 -41.24 -110.99
N ARG N 409 -18.64 -42.05 -111.48
CA ARG N 409 -19.50 -42.80 -110.57
C ARG N 409 -18.68 -43.75 -109.71
N SER N 410 -17.71 -44.44 -110.30
CA SER N 410 -16.84 -45.32 -109.53
C SER N 410 -15.93 -44.54 -108.59
N ALA N 411 -15.49 -43.36 -109.02
CA ALA N 411 -14.65 -42.53 -108.16
C ALA N 411 -15.44 -42.01 -106.96
N GLN N 412 -16.59 -41.38 -107.21
CA GLN N 412 -17.42 -40.89 -106.12
C GLN N 412 -17.88 -42.04 -105.23
N ALA N 413 -18.14 -43.21 -105.83
CA ALA N 413 -18.53 -44.37 -105.04
C ALA N 413 -17.42 -44.78 -104.08
N ALA N 414 -16.17 -44.77 -104.56
CA ALA N 414 -15.05 -45.11 -103.69
C ALA N 414 -14.86 -44.06 -102.61
N ARG N 415 -14.95 -42.78 -102.97
CA ARG N 415 -14.83 -41.72 -101.97
C ARG N 415 -15.98 -41.77 -100.97
N GLU N 416 -17.17 -42.21 -101.40
CA GLU N 416 -18.29 -42.33 -100.47
C GLU N 416 -17.98 -43.35 -99.39
N ILE N 417 -17.33 -44.45 -99.76
CA ILE N 417 -16.95 -45.45 -98.75
C ILE N 417 -15.91 -44.89 -97.80
N LYS N 418 -15.01 -44.04 -98.30
CA LYS N 418 -13.99 -43.46 -97.45
C LYS N 418 -14.62 -42.71 -96.27
N SER N 419 -15.70 -41.97 -96.52
CA SER N 419 -16.40 -41.31 -95.43
C SER N 419 -16.98 -42.31 -94.45
N LEU N 420 -17.34 -43.50 -94.92
CA LEU N 420 -17.85 -44.53 -94.03
C LEU N 420 -16.74 -45.20 -93.25
N ILE N 421 -15.59 -45.43 -93.89
CA ILE N 421 -14.45 -46.02 -93.18
C ILE N 421 -13.99 -45.08 -92.08
N GLU N 422 -13.77 -43.80 -92.42
CA GLU N 422 -13.38 -42.82 -91.41
C GLU N 422 -14.43 -42.74 -90.30
N ASP N 423 -15.72 -42.87 -90.67
CA ASP N 423 -16.77 -42.87 -89.67
C ASP N 423 -16.87 -44.22 -88.96
N SER N 424 -16.55 -45.32 -89.65
CA SER N 424 -16.57 -46.63 -89.00
C SER N 424 -15.42 -46.77 -88.01
N VAL N 425 -14.21 -46.38 -88.42
CA VAL N 425 -13.08 -46.41 -87.50
C VAL N 425 -13.33 -45.50 -86.30
N GLY N 426 -14.05 -44.40 -86.52
CA GLY N 426 -14.39 -43.53 -85.40
C GLY N 426 -15.21 -44.26 -84.34
N LYS N 427 -16.25 -44.97 -84.78
CA LYS N 427 -17.03 -45.76 -83.84
C LYS N 427 -16.21 -46.88 -83.21
N VAL N 428 -15.24 -47.42 -83.96
CA VAL N 428 -14.36 -48.44 -83.40
C VAL N 428 -13.41 -47.82 -82.37
N ASP N 429 -12.81 -46.68 -82.71
CA ASP N 429 -11.94 -46.00 -81.75
C ASP N 429 -12.74 -45.54 -80.53
N VAL N 430 -13.86 -44.85 -80.75
CA VAL N 430 -14.71 -44.45 -79.63
C VAL N 430 -15.28 -45.68 -78.94
N GLY N 431 -15.75 -46.65 -79.73
CA GLY N 431 -16.25 -47.89 -79.13
C GLY N 431 -15.19 -48.62 -78.35
N SER N 432 -13.94 -48.59 -78.84
CA SER N 432 -12.84 -49.23 -78.10
C SER N 432 -12.63 -48.57 -76.75
N THR N 433 -12.91 -47.26 -76.65
CA THR N 433 -12.77 -46.57 -75.36
C THR N 433 -13.94 -46.91 -74.44
N LEU N 434 -15.14 -47.05 -74.99
CA LEU N 434 -16.30 -47.40 -74.17
C LEU N 434 -16.14 -48.79 -73.57
N VAL N 435 -15.81 -49.79 -74.41
CA VAL N 435 -15.58 -51.13 -73.90
C VAL N 435 -14.39 -51.14 -72.95
N GLU N 436 -13.39 -50.32 -73.21
CA GLU N 436 -12.25 -50.21 -72.30
C GLU N 436 -12.69 -49.64 -70.96
N SER N 437 -13.62 -48.68 -70.98
CA SER N 437 -14.14 -48.13 -69.73
C SER N 437 -14.86 -49.21 -68.92
N ALA N 438 -15.54 -50.14 -69.60
CA ALA N 438 -16.18 -51.24 -68.91
C ALA N 438 -15.16 -52.09 -68.15
N GLY N 439 -13.97 -52.27 -68.72
CA GLY N 439 -12.92 -52.98 -68.02
C GLY N 439 -12.38 -52.22 -66.82
N GLU N 440 -12.38 -50.89 -66.90
CA GLU N 440 -11.93 -50.09 -65.77
C GLU N 440 -12.88 -50.24 -64.59
N THR N 441 -14.20 -50.30 -64.85
CA THR N 441 -15.15 -50.51 -63.78
C THR N 441 -14.92 -51.84 -63.09
N MET N 442 -14.57 -52.88 -63.86
CA MET N 442 -14.25 -54.17 -63.26
C MET N 442 -13.08 -54.05 -62.30
N ALA N 443 -12.05 -53.30 -62.68
CA ALA N 443 -10.93 -53.07 -61.77
C ALA N 443 -11.39 -52.41 -60.48
N GLU N 444 -12.36 -51.50 -60.58
CA GLU N 444 -12.91 -50.88 -59.37
C GLU N 444 -13.78 -51.88 -58.59
N ILE N 445 -14.57 -52.67 -59.29
CA ILE N 445 -15.39 -53.68 -58.62
C ILE N 445 -14.49 -54.76 -58.00
N VAL N 446 -13.49 -55.22 -58.76
CA VAL N 446 -12.55 -56.20 -58.22
C VAL N 446 -11.82 -55.63 -57.01
N SER N 447 -11.32 -54.41 -57.12
CA SER N 447 -10.63 -53.78 -56.01
C SER N 447 -11.58 -53.51 -54.85
N ALA N 448 -12.86 -53.25 -55.16
CA ALA N 448 -13.84 -52.98 -54.10
C ALA N 448 -14.36 -54.27 -53.49
N VAL N 449 -14.81 -55.21 -54.33
CA VAL N 449 -15.33 -56.47 -53.81
C VAL N 449 -14.23 -57.24 -53.09
N THR N 450 -13.00 -57.19 -53.60
CA THR N 450 -11.89 -57.85 -52.92
C THR N 450 -11.68 -57.27 -51.53
N ARG N 451 -11.93 -55.97 -51.35
CA ARG N 451 -11.81 -55.37 -50.04
C ARG N 451 -13.06 -55.60 -49.19
N VAL N 452 -14.23 -55.66 -49.83
CA VAL N 452 -15.47 -55.89 -49.08
C VAL N 452 -15.42 -57.25 -48.40
N THR N 453 -15.04 -58.29 -49.16
CA THR N 453 -14.96 -59.63 -48.59
C THR N 453 -13.91 -59.69 -47.48
N ASP N 454 -12.85 -58.90 -47.59
CA ASP N 454 -11.84 -58.87 -46.52
C ASP N 454 -12.40 -58.27 -45.24
N ILE N 455 -13.25 -57.24 -45.37
CA ILE N 455 -13.87 -56.64 -44.20
C ILE N 455 -14.75 -57.66 -43.48
N MET N 456 -15.40 -58.55 -44.23
CA MET N 456 -16.20 -59.60 -43.61
C MET N 456 -15.33 -60.54 -42.79
N GLY N 457 -14.08 -60.75 -43.21
CA GLY N 457 -13.19 -61.59 -42.42
C GLY N 457 -12.96 -61.04 -41.03
N GLU N 458 -12.87 -59.72 -40.90
CA GLU N 458 -12.72 -59.11 -39.58
C GLU N 458 -13.98 -59.31 -38.74
N ILE N 459 -15.15 -59.16 -39.36
CA ILE N 459 -16.40 -59.39 -38.63
C ILE N 459 -16.54 -60.86 -38.26
N ALA N 460 -16.22 -61.76 -39.21
CA ALA N 460 -16.26 -63.18 -38.90
C ALA N 460 -15.25 -63.55 -37.83
N SER N 461 -14.05 -62.99 -37.91
CA SER N 461 -13.05 -63.24 -36.87
C SER N 461 -13.43 -62.56 -35.56
N ALA N 462 -13.93 -61.32 -35.64
CA ALA N 462 -14.36 -60.63 -34.43
C ALA N 462 -15.58 -61.30 -33.82
N SER N 463 -16.51 -61.78 -34.65
CA SER N 463 -17.68 -62.48 -34.13
C SER N 463 -17.26 -63.71 -33.33
N ASP N 464 -16.22 -64.41 -33.78
CA ASP N 464 -15.72 -65.55 -33.01
C ASP N 464 -15.20 -65.10 -31.64
N GLU N 465 -14.54 -63.95 -31.58
CA GLU N 465 -14.08 -63.44 -30.30
C GLU N 465 -15.26 -63.05 -29.42
N GLN N 466 -16.32 -62.52 -30.02
CA GLN N 466 -17.51 -62.18 -29.23
C GLN N 466 -18.15 -63.43 -28.65
N SER N 467 -18.22 -64.51 -29.43
CA SER N 467 -18.78 -65.76 -28.91
C SER N 467 -17.97 -66.25 -27.71
N ARG N 468 -16.65 -66.21 -27.81
CA ARG N 468 -15.81 -66.60 -26.67
C ARG N 468 -15.98 -65.63 -25.52
N GLY N 469 -16.13 -64.34 -25.82
CA GLY N 469 -16.34 -63.36 -24.75
C GLY N 469 -17.64 -63.58 -24.02
N ILE N 470 -18.72 -63.86 -24.75
CA ILE N 470 -20.00 -64.14 -24.12
C ILE N 470 -19.90 -65.38 -23.25
N ASP N 471 -19.09 -66.35 -23.67
CA ASP N 471 -18.89 -67.55 -22.86
C ASP N 471 -18.23 -67.21 -21.53
N GLN N 472 -17.16 -66.40 -21.58
CA GLN N 472 -16.52 -65.96 -20.35
C GLN N 472 -17.48 -65.15 -19.48
N VAL N 473 -18.30 -64.30 -20.10
CA VAL N 473 -19.29 -63.55 -19.36
C VAL N 473 -20.37 -64.48 -18.82
N GLY N 474 -20.77 -65.48 -19.62
CA GLY N 474 -21.75 -66.44 -19.14
C GLY N 474 -21.28 -67.20 -17.92
N LEU N 475 -20.06 -67.74 -17.99
CA LEU N 475 -19.50 -68.42 -16.83
C LEU N 475 -19.30 -67.47 -15.66
N ALA N 476 -18.99 -66.21 -15.95
CA ALA N 476 -18.86 -65.22 -14.89
C ALA N 476 -20.18 -65.00 -14.17
N VAL N 477 -21.27 -64.89 -14.93
CA VAL N 477 -22.58 -64.74 -14.31
C VAL N 477 -22.93 -65.96 -13.47
N ALA N 478 -22.57 -67.16 -13.96
CA ALA N 478 -22.80 -68.36 -13.19
C ALA N 478 -22.00 -68.35 -11.89
N GLU N 479 -20.76 -67.85 -11.95
CA GLU N 479 -19.95 -67.76 -10.75
C GLU N 479 -20.55 -66.74 -9.78
N MET N 480 -20.88 -65.55 -10.28
CA MET N 480 -21.51 -64.54 -9.43
C MET N 480 -22.86 -65.02 -8.92
N ASP N 481 -23.61 -65.73 -9.76
CA ASP N 481 -24.90 -66.26 -9.33
C ASP N 481 -24.73 -67.25 -8.19
N ARG N 482 -23.75 -68.14 -8.31
CA ARG N 482 -23.49 -69.10 -7.24
C ARG N 482 -22.97 -68.39 -5.99
N VAL N 483 -22.11 -67.39 -6.18
CA VAL N 483 -21.61 -66.63 -5.03
C VAL N 483 -22.74 -65.87 -4.37
N THR N 484 -23.72 -65.41 -5.16
CA THR N 484 -24.86 -64.71 -4.57
C THR N 484 -25.65 -65.62 -3.64
N GLN N 485 -25.81 -66.90 -4.03
CA GLN N 485 -26.49 -67.84 -3.16
C GLN N 485 -25.73 -68.05 -1.85
N GLN N 486 -24.39 -68.09 -1.92
CA GLN N 486 -23.60 -68.23 -0.72
C GLN N 486 -23.76 -67.02 0.19
N ASN N 487 -23.79 -65.82 -0.39
CA ASN N 487 -24.00 -64.62 0.41
C ASN N 487 -25.36 -64.64 1.08
N ALA N 488 -26.39 -65.10 0.38
CA ALA N 488 -27.71 -65.19 0.97
C ALA N 488 -27.72 -66.16 2.15
N ALA N 489 -26.95 -67.24 2.05
CA ALA N 489 -26.86 -68.19 3.16
C ALA N 489 -26.22 -67.53 4.38
N LEU N 490 -25.23 -66.67 4.16
CA LEU N 490 -24.60 -65.98 5.29
C LEU N 490 -25.51 -64.90 5.84
N VAL N 491 -26.28 -64.23 4.97
CA VAL N 491 -27.22 -63.21 5.42
C VAL N 491 -28.29 -63.85 6.31
N GLU N 492 -28.88 -64.95 5.84
CA GLU N 492 -29.87 -65.66 6.66
C GLU N 492 -29.22 -66.24 7.91
N GLU N 493 -27.99 -66.74 7.78
CA GLU N 493 -27.28 -67.26 8.95
C GLU N 493 -27.00 -66.15 9.95
N SER N 494 -26.55 -64.99 9.47
CA SER N 494 -26.32 -63.86 10.37
C SER N 494 -27.62 -63.38 11.00
N ALA N 495 -28.70 -63.32 10.21
CA ALA N 495 -29.99 -62.95 10.77
C ALA N 495 -30.47 -63.98 11.78
N ALA N 496 -30.32 -65.26 11.45
CA ALA N 496 -30.71 -66.30 12.41
C ALA N 496 -29.84 -66.24 13.66
N ALA N 497 -28.53 -66.04 13.49
CA ALA N 497 -27.66 -65.90 14.65
C ALA N 497 -27.97 -64.63 15.43
N ALA N 498 -28.27 -63.54 14.73
CA ALA N 498 -28.65 -62.31 15.42
C ALA N 498 -29.96 -62.48 16.19
N ALA N 499 -30.92 -63.20 15.61
CA ALA N 499 -32.17 -63.47 16.31
C ALA N 499 -31.93 -64.32 17.55
N ALA N 500 -30.94 -65.20 17.52
CA ALA N 500 -30.63 -66.01 18.70
C ALA N 500 -30.15 -65.14 19.85
N LEU N 501 -29.35 -64.12 19.54
CA LEU N 501 -28.87 -63.21 20.58
C LEU N 501 -30.03 -62.49 21.25
N GLU N 502 -31.08 -62.16 20.47
CA GLU N 502 -32.25 -61.52 21.05
C GLU N 502 -32.92 -62.44 22.08
N GLU N 503 -32.90 -63.75 21.82
CA GLU N 503 -33.47 -64.69 22.78
C GLU N 503 -32.58 -64.83 24.01
N GLN N 504 -31.26 -64.88 23.81
CA GLN N 504 -30.34 -64.96 24.94
C GLN N 504 -30.47 -63.74 25.85
N ALA N 505 -30.65 -62.55 25.25
CA ALA N 505 -30.84 -61.36 26.05
C ALA N 505 -32.10 -61.44 26.88
N SER N 506 -33.15 -62.10 26.38
CA SER N 506 -34.37 -62.26 27.14
C SER N 506 -34.18 -63.22 28.32
N ARG N 507 -33.34 -64.25 28.12
CA ARG N 507 -33.07 -65.19 29.21
C ARG N 507 -32.40 -64.49 30.39
N LEU N 508 -31.58 -63.47 30.11
CA LEU N 508 -30.94 -62.72 31.18
C LEU N 508 -31.98 -62.01 32.04
N THR N 509 -33.05 -61.49 31.41
CA THR N 509 -34.11 -60.84 32.17
C THR N 509 -34.90 -61.83 33.00
N GLU N 510 -35.04 -63.07 32.52
CA GLU N 510 -35.77 -64.08 33.29
C GLU N 510 -35.02 -64.47 34.55
N ALA N 511 -33.68 -64.56 34.47
CA ALA N 511 -32.90 -64.90 35.65
C ALA N 511 -33.03 -63.83 36.73
N VAL N 512 -33.02 -62.56 36.33
CA VAL N 512 -33.17 -61.45 37.26
C VAL N 512 -34.64 -61.04 37.39
N ALA N 513 -35.57 -61.85 36.87
CA ALA N 513 -36.99 -61.54 36.99
C ALA N 513 -37.43 -61.47 38.44
N VAL N 514 -36.75 -62.21 39.32
CA VAL N 514 -37.09 -62.15 40.74
C VAL N 514 -36.81 -60.76 41.31
N PHE N 515 -35.73 -60.14 40.86
CA PHE N 515 -35.36 -58.80 41.32
C PHE N 515 -36.09 -57.76 40.47
N ARG N 516 -35.81 -56.49 40.73
CA ARG N 516 -36.44 -55.40 39.99
C ARG N 516 -35.63 -55.06 38.74
N MET O 1 -28.35 19.55 73.28
CA MET O 1 -28.82 20.97 73.33
C MET O 1 -27.76 21.91 72.77
N LEU O 2 -26.50 21.48 72.82
CA LEU O 2 -25.41 22.31 72.32
C LEU O 2 -25.57 22.64 70.84
N LYS O 3 -26.32 21.84 70.10
CA LYS O 3 -26.51 22.05 68.67
C LYS O 3 -27.58 23.09 68.37
N ARG O 4 -28.11 23.79 69.39
CA ARG O 4 -29.14 24.78 69.17
C ARG O 4 -28.93 26.06 69.98
N ILE O 5 -27.82 26.20 70.68
CA ILE O 5 -27.51 27.39 71.48
C ILE O 5 -26.01 27.67 71.38
N LYS O 6 -25.59 28.77 71.99
CA LYS O 6 -24.18 29.14 71.98
C LYS O 6 -23.38 28.13 72.78
N ILE O 7 -22.29 27.64 72.19
CA ILE O 7 -21.44 26.67 72.86
C ILE O 7 -20.83 27.25 74.13
N VAL O 8 -20.65 28.57 74.19
CA VAL O 8 -20.06 29.18 75.39
C VAL O 8 -21.07 29.22 76.53
N THR O 9 -22.37 29.26 76.21
CA THR O 9 -23.38 29.28 77.27
C THR O 9 -23.30 28.06 78.15
N SER O 10 -22.91 26.91 77.58
CA SER O 10 -22.78 25.69 78.38
C SER O 10 -21.66 25.85 79.40
N LEU O 11 -20.56 26.49 79.02
CA LEU O 11 -19.47 26.69 79.96
C LEU O 11 -19.86 27.67 81.06
N LEU O 12 -20.54 28.76 80.69
CA LEU O 12 -20.97 29.73 81.70
C LEU O 12 -21.90 29.08 82.71
N LEU O 13 -22.76 28.17 82.27
CA LEU O 13 -23.63 27.46 83.20
C LEU O 13 -22.83 26.59 84.16
N VAL O 14 -21.69 26.06 83.70
CA VAL O 14 -20.85 25.24 84.58
C VAL O 14 -20.12 26.12 85.59
N LEU O 15 -19.64 27.29 85.15
CA LEU O 15 -18.97 28.20 86.08
C LEU O 15 -19.92 28.65 87.18
N ALA O 16 -21.19 28.87 86.85
CA ALA O 16 -22.16 29.24 87.86
C ALA O 16 -22.40 28.11 88.86
N VAL O 17 -22.29 26.87 88.40
CA VAL O 17 -22.46 25.73 89.31
C VAL O 17 -21.36 25.73 90.37
N PHE O 18 -20.11 25.94 89.94
CA PHE O 18 -19.00 26.00 90.89
C PHE O 18 -19.21 27.15 91.87
N GLY O 19 -19.64 28.32 91.39
CA GLY O 19 -19.93 29.42 92.28
C GLY O 19 -21.13 29.16 93.17
N LEU O 20 -22.15 28.49 92.63
CA LEU O 20 -23.31 28.16 93.45
C LEU O 20 -22.96 27.16 94.53
N LEU O 21 -22.30 26.06 94.17
CA LEU O 21 -21.88 25.08 95.16
C LEU O 21 -20.90 25.69 96.15
N GLN O 22 -20.06 26.62 95.69
CA GLN O 22 -19.11 27.28 96.60
C GLN O 22 -19.83 28.20 97.57
N LEU O 23 -20.83 28.94 97.08
CA LEU O 23 -21.58 29.84 97.95
C LEU O 23 -22.42 29.06 98.96
N THR O 24 -23.15 28.05 98.48
CA THR O 24 -23.96 27.24 99.39
C THR O 24 -23.08 26.49 100.39
N SER O 25 -22.03 25.82 99.90
CA SER O 25 -21.12 25.12 100.81
C SER O 25 -20.51 26.09 101.81
N GLY O 26 -19.94 27.20 101.32
CA GLY O 26 -19.41 28.19 102.23
C GLY O 26 -20.46 28.81 103.14
N GLY O 27 -21.70 28.90 102.65
CA GLY O 27 -22.77 29.43 103.48
C GLY O 27 -23.16 28.47 104.59
N LEU O 28 -23.29 27.18 104.28
CA LEU O 28 -23.61 26.20 105.31
C LEU O 28 -22.50 26.11 106.35
N PHE O 29 -21.24 26.17 105.91
CA PHE O 29 -20.13 26.16 106.85
C PHE O 29 -20.16 27.40 107.74
N PHE O 30 -20.36 28.58 107.14
CA PHE O 30 -20.50 29.79 107.93
C PHE O 30 -21.78 29.77 108.76
N ASN O 31 -22.85 29.18 108.21
CA ASN O 31 -24.08 29.05 108.98
C ASN O 31 -23.88 28.15 110.19
N ALA O 32 -23.06 27.10 110.06
CA ALA O 32 -22.77 26.26 111.19
C ALA O 32 -22.05 27.04 112.29
N LEU O 33 -21.10 27.89 111.91
CA LEU O 33 -20.43 28.73 112.89
C LEU O 33 -21.41 29.66 113.58
N LYS O 34 -22.39 30.16 112.84
CA LYS O 34 -23.42 31.00 113.44
C LYS O 34 -24.21 30.23 114.49
N ASN O 35 -24.65 29.02 114.15
CA ASN O 35 -25.34 28.17 115.12
C ASN O 35 -24.43 27.84 116.29
N ASP O 36 -23.15 27.55 116.00
CA ASP O 36 -22.20 27.28 117.07
C ASP O 36 -21.98 28.52 117.94
N LYS O 37 -22.00 29.70 117.33
CA LYS O 37 -21.84 30.93 118.10
C LYS O 37 -22.97 31.11 119.10
N GLU O 38 -24.19 30.74 118.70
CA GLU O 38 -25.33 30.85 119.61
C GLU O 38 -25.16 29.93 120.82
N ASN O 39 -24.51 28.78 120.63
CA ASN O 39 -24.26 27.88 121.76
C ASN O 39 -23.36 28.54 122.79
N PHE O 40 -22.25 29.12 122.34
CA PHE O 40 -21.37 29.83 123.28
C PHE O 40 -22.11 30.95 124.00
N THR O 41 -22.94 31.70 123.27
CA THR O 41 -23.74 32.74 123.90
C THR O 41 -24.71 32.16 124.93
N VAL O 42 -25.22 30.95 124.67
CA VAL O 42 -26.12 30.31 125.63
C VAL O 42 -25.31 29.70 126.78
N LEU O 43 -24.26 28.95 126.45
CA LEU O 43 -23.43 28.37 127.50
C LEU O 43 -22.79 29.45 128.36
N GLN O 44 -22.39 30.57 127.75
CA GLN O 44 -21.83 31.67 128.52
C GLN O 44 -22.84 32.18 129.55
N THR O 45 -24.09 32.37 129.13
CA THR O 45 -25.12 32.79 130.07
C THR O 45 -25.35 31.73 131.13
N ILE O 46 -25.49 30.46 130.71
CA ILE O 46 -25.69 29.37 131.66
C ILE O 46 -24.48 29.25 132.59
N ARG O 47 -23.28 29.49 132.06
CA ARG O 47 -22.09 29.40 132.88
C ARG O 47 -22.08 30.48 133.95
N GLN O 48 -22.41 31.72 133.57
CA GLN O 48 -22.44 32.80 134.55
C GLN O 48 -23.50 32.55 135.61
N GLN O 49 -24.64 31.96 135.22
CA GLN O 49 -25.67 31.64 136.21
C GLN O 49 -25.14 30.70 137.28
N GLN O 50 -24.24 29.79 136.92
CA GLN O 50 -23.66 28.90 137.92
C GLN O 50 -22.69 29.66 138.81
N SER O 51 -21.76 30.41 138.23
CA SER O 51 -20.80 31.16 139.02
C SER O 51 -21.51 32.18 139.91
N THR O 52 -22.45 32.93 139.34
CA THR O 52 -23.19 33.90 140.14
C THR O 52 -24.00 33.21 141.23
N LEU O 53 -24.60 32.05 140.92
CA LEU O 53 -25.36 31.33 141.92
C LEU O 53 -24.45 30.75 143.01
N ASN O 54 -23.29 30.23 142.61
CA ASN O 54 -22.33 29.71 143.59
C ASN O 54 -21.89 30.81 144.54
N GLY O 55 -21.47 31.96 143.99
CA GLY O 55 -21.09 33.07 144.84
C GLY O 55 -22.20 33.51 145.79
N SER O 56 -23.45 33.42 145.34
CA SER O 56 -24.57 33.76 146.21
C SER O 56 -24.81 32.66 147.24
N TRP O 57 -24.79 31.40 146.79
CA TRP O 57 -24.97 30.29 147.72
C TRP O 57 -23.84 30.25 148.75
N VAL O 58 -22.60 30.46 148.30
CA VAL O 58 -21.47 30.50 149.22
C VAL O 58 -21.63 31.64 150.22
N ALA O 59 -22.17 32.77 149.75
CA ALA O 59 -22.39 33.91 150.64
C ALA O 59 -23.38 33.54 151.75
N LEU O 60 -24.42 32.78 151.43
CA LEU O 60 -25.38 32.35 152.44
C LEU O 60 -24.70 31.45 153.47
N LEU O 61 -23.84 30.54 153.02
CA LEU O 61 -23.13 29.67 153.95
C LEU O 61 -22.18 30.47 154.82
N GLN O 62 -21.44 31.41 154.22
CA GLN O 62 -20.57 32.29 155.01
C GLN O 62 -21.38 33.09 156.02
N THR O 63 -22.58 33.53 155.63
CA THR O 63 -23.45 34.24 156.55
C THR O 63 -23.89 33.33 157.69
N ARG O 64 -24.41 32.16 157.36
CA ARG O 64 -24.81 31.20 158.38
C ARG O 64 -23.62 30.82 159.25
N ASN O 65 -22.47 30.57 158.63
CA ASN O 65 -21.28 30.22 159.41
C ASN O 65 -20.88 31.36 160.34
N THR O 66 -21.02 32.60 159.88
CA THR O 66 -20.70 33.75 160.73
C THR O 66 -21.65 33.83 161.92
N LEU O 67 -22.95 33.56 161.69
CA LEU O 67 -23.91 33.59 162.77
C LEU O 67 -23.58 32.52 163.82
N ASN O 68 -23.10 31.35 163.36
CA ASN O 68 -22.71 30.31 164.30
C ASN O 68 -21.55 30.76 165.18
N ARG O 69 -20.55 31.42 164.57
CA ARG O 69 -19.44 31.94 165.36
C ARG O 69 -19.91 32.98 166.36
N ALA O 70 -20.88 33.81 165.97
CA ALA O 70 -21.40 34.81 166.89
C ALA O 70 -22.09 34.16 168.09
N GLY O 71 -22.82 33.07 167.85
CA GLY O 71 -23.45 32.36 168.97
C GLY O 71 -22.43 31.75 169.91
N ILE O 72 -21.39 31.12 169.36
CA ILE O 72 -20.34 30.55 170.19
C ILE O 72 -19.60 31.65 170.94
N ARG O 73 -19.35 32.78 170.27
CA ARG O 73 -18.68 33.89 170.94
C ARG O 73 -19.52 34.45 172.07
N TYR O 74 -20.84 34.33 171.98
CA TYR O 74 -21.72 34.84 173.02
C TYR O 74 -21.75 33.90 174.23
N MET O 75 -21.91 32.60 173.98
CA MET O 75 -21.97 31.65 175.09
C MET O 75 -20.68 31.67 175.91
N MET O 76 -19.54 31.85 175.24
CA MET O 76 -18.27 31.90 175.97
C MET O 76 -18.15 33.16 176.80
N ASP O 77 -18.77 34.26 176.38
CA ASP O 77 -18.73 35.49 177.16
C ASP O 77 -19.47 35.33 178.47
N GLN O 78 -20.59 34.59 178.46
CA GLN O 78 -21.34 34.38 179.70
C GLN O 78 -20.53 33.55 180.69
N ASN O 79 -19.79 32.55 180.19
CA ASN O 79 -18.96 31.70 181.03
C ASN O 79 -17.51 32.15 181.08
N ASN O 80 -17.14 33.18 180.31
CA ASN O 80 -15.78 33.68 180.30
C ASN O 80 -14.80 32.57 179.92
N ILE O 81 -14.65 32.33 178.61
CA ILE O 81 -13.74 31.30 178.11
C ILE O 81 -12.97 31.92 176.95
N GLY O 82 -11.68 32.17 177.15
CA GLY O 82 -10.87 32.76 176.10
C GLY O 82 -11.31 34.17 175.77
N SER O 83 -10.79 34.66 174.64
CA SER O 83 -11.10 36.01 174.16
C SER O 83 -10.97 36.01 172.65
N GLY O 84 -11.30 37.15 172.06
CA GLY O 84 -11.21 37.31 170.61
C GLY O 84 -12.09 38.45 170.14
N SER O 85 -12.54 38.34 168.89
CA SER O 85 -13.41 39.37 168.32
C SER O 85 -14.74 39.42 169.05
N THR O 86 -15.18 40.62 169.40
CA THR O 86 -16.43 40.80 170.11
C THR O 86 -17.60 40.29 169.26
N VAL O 87 -18.76 40.15 169.91
CA VAL O 87 -19.95 39.69 169.20
C VAL O 87 -20.40 40.72 168.17
N ALA O 88 -20.22 42.01 168.47
CA ALA O 88 -20.62 43.04 167.52
C ALA O 88 -19.84 42.94 166.21
N GLU O 89 -18.56 42.56 166.27
CA GLU O 89 -17.77 42.42 165.06
C GLU O 89 -18.22 41.21 164.24
N LEU O 90 -18.58 40.12 164.92
CA LEU O 90 -19.03 38.93 164.20
C LEU O 90 -20.37 39.17 163.51
N MET O 91 -21.31 39.80 164.21
CA MET O 91 -22.60 40.10 163.62
C MET O 91 -22.47 41.06 162.44
N GLU O 92 -21.53 42.01 162.52
CA GLU O 92 -21.31 42.93 161.41
C GLU O 92 -20.83 42.20 160.17
N SER O 93 -19.98 41.19 160.35
CA SER O 93 -19.51 40.42 159.21
C SER O 93 -20.64 39.63 158.56
N ALA O 94 -21.59 39.12 159.37
CA ALA O 94 -22.72 38.39 158.80
C ALA O 94 -23.56 39.29 157.90
N SER O 95 -23.70 40.56 158.29
CA SER O 95 -24.45 41.50 157.45
C SER O 95 -23.77 41.71 156.11
N ILE O 96 -22.44 41.84 156.11
CA ILE O 96 -21.70 42.00 154.86
C ILE O 96 -21.85 40.75 154.01
N SER O 97 -21.81 39.57 154.64
CA SER O 97 -21.98 38.33 153.89
C SER O 97 -23.41 38.20 153.38
N LEU O 98 -24.39 38.64 154.17
CA LEU O 98 -25.78 38.59 153.73
C LEU O 98 -26.00 39.49 152.53
N LYS O 99 -25.54 40.74 152.60
CA LYS O 99 -25.67 41.64 151.46
C LYS O 99 -24.87 41.15 150.27
N GLN O 100 -23.78 40.42 150.51
CA GLN O 100 -23.00 39.87 149.41
C GLN O 100 -23.83 38.91 148.57
N ALA O 101 -24.72 38.16 149.19
CA ALA O 101 -25.58 37.26 148.43
C ALA O 101 -26.52 38.03 147.52
N GLU O 102 -27.01 39.20 147.97
CA GLU O 102 -27.88 40.00 147.13
C GLU O 102 -27.16 40.49 145.87
N LYS O 103 -25.90 40.92 146.03
CA LYS O 103 -25.14 41.36 144.87
C LYS O 103 -24.89 40.20 143.91
N ASN O 104 -24.49 39.04 144.45
CA ASN O 104 -24.28 37.88 143.60
C ASN O 104 -25.60 37.37 143.02
N TRP O 105 -26.67 37.42 143.81
CA TRP O 105 -27.97 36.99 143.31
C TRP O 105 -28.51 37.98 142.27
N ALA O 106 -28.14 39.25 142.36
CA ALA O 106 -28.60 40.23 141.39
C ALA O 106 -28.10 39.88 139.99
N ASP O 107 -26.82 39.52 139.87
CA ASP O 107 -26.29 39.12 138.58
C ASP O 107 -26.96 37.86 138.07
N TYR O 108 -27.21 36.90 138.96
CA TYR O 108 -27.90 35.67 138.56
C TYR O 108 -29.30 35.96 138.05
N GLU O 109 -29.98 36.96 138.61
CA GLU O 109 -31.32 37.29 138.17
C GLU O 109 -31.31 38.11 136.89
N ALA O 110 -30.26 38.92 136.68
CA ALA O 110 -30.19 39.74 135.47
C ALA O 110 -30.07 38.87 134.22
N LEU O 111 -29.39 37.74 134.32
CA LEU O 111 -29.22 36.86 133.17
C LEU O 111 -30.57 36.28 132.76
N PRO O 112 -31.06 36.54 131.54
CA PRO O 112 -32.34 35.96 131.14
C PRO O 112 -32.30 34.44 131.19
N ARG O 113 -33.48 33.85 131.37
CA ARG O 113 -33.61 32.40 131.45
C ARG O 113 -33.80 31.81 130.06
N ASP O 114 -33.08 30.72 129.79
CA ASP O 114 -33.17 30.06 128.50
C ASP O 114 -34.46 29.25 128.41
N PRO O 115 -34.96 29.01 127.19
CA PRO O 115 -36.19 28.22 127.05
C PRO O 115 -36.03 26.76 127.46
N ARG O 116 -34.83 26.21 127.42
CA ARG O 116 -34.64 24.82 127.82
C ARG O 116 -34.72 24.65 129.33
N GLN O 117 -34.35 25.68 130.09
CA GLN O 117 -34.41 25.59 131.54
C GLN O 117 -35.86 25.52 132.02
N SER O 118 -36.09 24.63 132.99
CA SER O 118 -37.45 24.46 133.53
C SER O 118 -37.88 25.73 134.25
N THR O 119 -39.03 26.26 133.85
CA THR O 119 -39.53 27.48 134.49
C THR O 119 -39.85 27.25 135.96
N ALA O 120 -40.27 26.04 136.33
CA ALA O 120 -40.57 25.75 137.73
C ALA O 120 -39.32 25.81 138.59
N ALA O 121 -38.16 25.46 138.03
CA ALA O 121 -36.92 25.50 138.81
C ALA O 121 -36.53 26.95 139.14
N ALA O 122 -36.68 27.86 138.18
CA ALA O 122 -36.34 29.25 138.43
C ALA O 122 -37.27 29.89 139.45
N ALA O 123 -38.53 29.42 139.53
CA ALA O 123 -39.46 29.97 140.50
C ALA O 123 -39.32 29.31 141.86
N GLU O 124 -38.95 28.03 141.90
CA GLU O 124 -38.79 27.34 143.18
C GLU O 124 -37.52 27.79 143.88
N ILE O 125 -36.43 27.98 143.12
CA ILE O 125 -35.18 28.42 143.73
C ILE O 125 -35.32 29.81 144.32
N LYS O 126 -36.16 30.65 143.72
CA LYS O 126 -36.36 32.00 144.25
C LYS O 126 -37.20 31.98 145.52
N ARG O 127 -38.16 31.04 145.62
CA ARG O 127 -38.98 30.96 146.82
C ARG O 127 -38.14 30.61 148.03
N ASN O 128 -37.31 29.57 147.92
CA ASN O 128 -36.45 29.19 149.04
C ASN O 128 -35.41 30.26 149.33
N TYR O 129 -34.93 30.96 148.30
CA TYR O 129 -33.96 32.01 148.51
C TYR O 129 -34.54 33.14 149.36
N ASP O 130 -35.80 33.52 149.08
CA ASP O 130 -36.43 34.58 149.86
C ASP O 130 -36.63 34.15 151.30
N ILE O 131 -37.14 32.94 151.52
CA ILE O 131 -37.34 32.44 152.88
C ILE O 131 -36.00 32.30 153.58
N TYR O 132 -34.97 31.83 152.87
CA TYR O 132 -33.65 31.70 153.47
C TYR O 132 -33.04 33.06 153.76
N HIS O 133 -33.16 34.00 152.81
CA HIS O 133 -32.62 35.34 153.02
C HIS O 133 -33.27 36.01 154.24
N ASN O 134 -34.60 35.97 154.31
CA ASN O 134 -35.28 36.55 155.46
C ASN O 134 -34.95 35.80 156.74
N ALA O 135 -34.67 34.50 156.64
CA ALA O 135 -34.32 33.73 157.83
C ALA O 135 -33.00 34.21 158.42
N LEU O 136 -31.97 34.36 157.59
CA LEU O 136 -30.68 34.84 158.08
C LEU O 136 -30.80 36.25 158.62
N ALA O 137 -31.60 37.10 157.97
CA ALA O 137 -31.78 38.46 158.44
C ALA O 137 -32.48 38.49 159.80
N GLU O 138 -33.39 37.54 160.04
CA GLU O 138 -34.09 37.51 161.32
C GLU O 138 -33.14 37.12 162.46
N LEU O 139 -32.22 36.20 162.18
CA LEU O 139 -31.26 35.78 163.21
C LEU O 139 -30.39 36.94 163.67
N ILE O 140 -30.09 37.88 162.77
CA ILE O 140 -29.28 39.03 163.16
C ILE O 140 -30.04 39.92 164.13
N GLN O 141 -31.37 39.93 164.05
CA GLN O 141 -32.18 40.75 164.95
C GLN O 141 -32.38 40.06 166.29
N LEU O 142 -32.58 38.74 166.28
CA LEU O 142 -32.78 38.02 167.54
C LEU O 142 -31.52 38.05 168.39
N LEU O 143 -30.35 37.85 167.79
CA LEU O 143 -29.11 37.86 168.55
C LEU O 143 -28.78 39.25 169.05
N GLY O 144 -29.14 40.29 168.28
CA GLY O 144 -28.84 41.65 168.71
C GLY O 144 -29.56 42.03 169.99
N ALA O 145 -30.73 41.45 170.24
CA ALA O 145 -31.49 41.74 171.44
C ALA O 145 -31.04 40.91 172.64
N GLY O 146 -30.20 39.91 172.43
CA GLY O 146 -29.73 39.08 173.53
C GLY O 146 -30.60 37.88 173.84
N LYS O 147 -31.34 37.37 172.85
CA LYS O 147 -32.22 36.21 173.06
C LYS O 147 -31.50 34.97 172.53
N ILE O 148 -30.59 34.45 173.35
CA ILE O 148 -29.84 33.26 172.96
C ILE O 148 -30.77 32.06 172.83
N ASN O 149 -31.84 32.01 173.63
CA ASN O 149 -32.77 30.89 173.56
C ASN O 149 -33.53 30.89 172.24
N GLU O 150 -34.05 32.05 171.84
CA GLU O 150 -34.79 32.16 170.59
C GLU O 150 -33.89 32.12 169.37
N PHE O 151 -32.56 32.15 169.54
CA PHE O 151 -31.65 32.12 168.41
C PHE O 151 -31.48 30.70 167.87
N PHE O 152 -31.38 29.72 168.75
CA PHE O 152 -31.23 28.34 168.31
C PHE O 152 -32.57 27.69 167.97
N ASP O 153 -33.64 28.08 168.67
CA ASP O 153 -34.96 27.50 168.44
C ASP O 153 -35.64 28.22 167.27
N GLN O 154 -35.17 27.88 166.07
CA GLN O 154 -35.70 28.42 164.84
C GLN O 154 -35.61 27.36 163.75
N PRO O 155 -36.52 27.40 162.77
CA PRO O 155 -36.48 26.40 161.69
C PRO O 155 -35.55 26.80 160.55
N THR O 156 -34.48 27.52 160.88
CA THR O 156 -33.55 27.96 159.86
C THR O 156 -32.89 26.78 159.14
N GLN O 157 -32.68 25.68 159.84
CA GLN O 157 -32.06 24.52 159.22
C GLN O 157 -32.95 23.94 158.12
N GLY O 158 -34.27 23.96 158.34
CA GLY O 158 -35.18 23.46 157.32
C GLY O 158 -35.12 24.25 156.03
N TYR O 159 -34.81 25.54 156.13
CA TYR O 159 -34.72 26.37 154.93
C TYR O 159 -33.42 26.12 154.17
N GLN O 160 -32.32 25.93 154.89
CA GLN O 160 -31.04 25.65 154.24
C GLN O 160 -31.10 24.34 153.46
N ASP O 161 -31.66 23.29 154.07
CA ASP O 161 -31.78 22.01 153.37
C ASP O 161 -32.75 22.11 152.20
N GLY O 162 -33.78 22.94 152.32
CA GLY O 162 -34.72 23.10 151.22
C GLY O 162 -34.08 23.70 149.99
N PHE O 163 -33.35 24.81 150.17
CA PHE O 163 -32.66 25.43 149.04
C PHE O 163 -31.54 24.56 148.52
N GLU O 164 -30.90 23.77 149.40
CA GLU O 164 -29.83 22.89 148.96
C GLU O 164 -30.34 21.85 147.97
N LYS O 165 -31.53 21.30 148.22
CA LYS O 165 -32.11 20.33 147.30
C LYS O 165 -32.36 20.98 145.94
N GLN O 166 -32.94 22.18 145.93
CA GLN O 166 -33.16 22.89 144.67
C GLN O 166 -31.85 23.40 144.09
N TYR O 167 -30.87 23.71 144.93
CA TYR O 167 -29.58 24.16 144.45
C TYR O 167 -28.90 23.08 143.60
N VAL O 168 -28.76 21.88 144.17
CA VAL O 168 -28.16 20.78 143.42
C VAL O 168 -28.99 20.45 142.19
N ALA O 169 -30.32 20.58 142.29
CA ALA O 169 -31.18 20.32 141.13
C ALA O 169 -30.89 21.31 140.01
N TYR O 170 -30.56 22.55 140.35
CA TYR O 170 -30.26 23.54 139.32
C TYR O 170 -28.84 23.37 138.77
N MET O 171 -27.88 23.08 139.64
CA MET O 171 -26.51 22.86 139.19
C MET O 171 -26.44 21.66 138.25
N GLU O 172 -27.04 20.54 138.65
CA GLU O 172 -27.07 19.36 137.78
C GLU O 172 -27.84 19.64 136.50
N GLN O 173 -28.87 20.49 136.57
CA GLN O 173 -29.63 20.84 135.37
C GLN O 173 -28.75 21.52 134.35
N ASN O 174 -28.04 22.58 134.76
CA ASN O 174 -27.12 23.27 133.85
C ASN O 174 -26.03 22.33 133.34
N ASP O 175 -25.62 21.36 134.16
CA ASP O 175 -24.62 20.41 133.72
C ASP O 175 -25.14 19.56 132.57
N ARG O 176 -26.41 19.15 132.64
CA ARG O 176 -27.01 18.36 131.57
C ARG O 176 -27.31 19.22 130.35
N LEU O 177 -27.83 20.43 130.55
CA LEU O 177 -28.10 21.30 129.42
C LEU O 177 -26.83 21.63 128.66
N HIS O 178 -25.71 21.76 129.37
CA HIS O 178 -24.44 22.02 128.69
C HIS O 178 -24.05 20.86 127.80
N ASP O 179 -24.25 19.62 128.27
CA ASP O 179 -23.94 18.46 127.45
C ASP O 179 -24.82 18.40 126.21
N ILE O 180 -26.10 18.78 126.36
CA ILE O 180 -27.00 18.80 125.20
C ILE O 180 -26.52 19.82 124.18
N ALA O 181 -26.04 20.98 124.66
CA ALA O 181 -25.51 21.99 123.75
C ALA O 181 -24.24 21.48 123.06
N VAL O 182 -23.38 20.79 123.80
CA VAL O 182 -22.18 20.22 123.20
C VAL O 182 -22.57 19.16 122.16
N SER O 183 -23.64 18.42 122.42
CA SER O 183 -24.10 17.43 121.46
C SER O 183 -24.54 18.09 120.16
N ASP O 184 -25.07 19.31 120.24
CA ASP O 184 -25.47 20.03 119.03
C ASP O 184 -24.26 20.33 118.15
N ASN O 185 -23.13 20.69 118.77
CA ASN O 185 -21.92 20.95 118.00
C ASN O 185 -21.43 19.68 117.29
N ASN O 186 -21.50 18.54 117.99
CA ASN O 186 -21.12 17.29 117.36
C ASN O 186 -22.00 16.97 116.16
N ALA O 187 -23.28 17.35 116.22
CA ALA O 187 -24.16 17.15 115.07
C ALA O 187 -23.84 18.13 113.95
N SER O 188 -23.67 19.40 114.29
CA SER O 188 -23.32 20.39 113.27
C SER O 188 -21.91 20.15 112.73
N TYR O 189 -20.96 19.81 113.61
CA TYR O 189 -19.61 19.50 113.15
C TYR O 189 -19.61 18.29 112.23
N SER O 190 -20.30 17.22 112.63
CA SER O 190 -20.40 16.03 111.79
C SER O 190 -21.19 16.32 110.53
N GLN O 191 -22.29 17.07 110.65
CA GLN O 191 -23.09 17.42 109.48
C GLN O 191 -22.26 18.21 108.48
N ALA O 192 -21.51 19.20 108.96
CA ALA O 192 -20.66 19.99 108.07
C ALA O 192 -19.59 19.12 107.43
N MET O 193 -19.18 18.04 108.08
CA MET O 193 -18.17 17.15 107.50
C MET O 193 -18.71 16.44 106.28
N TRP O 194 -19.91 15.85 106.39
CA TRP O 194 -20.50 15.19 105.24
C TRP O 194 -20.81 16.17 104.12
N ILE O 195 -21.21 17.40 104.48
CA ILE O 195 -21.47 18.42 103.46
C ILE O 195 -20.19 18.75 102.71
N LEU O 196 -19.08 18.89 103.44
CA LEU O 196 -17.80 19.16 102.78
C LEU O 196 -17.40 18.01 101.88
N VAL O 197 -17.55 16.77 102.35
CA VAL O 197 -17.23 15.61 101.53
C VAL O 197 -18.25 15.46 100.41
N GLY O 198 -19.51 15.80 100.67
CA GLY O 198 -20.53 15.69 99.64
C GLY O 198 -20.28 16.66 98.49
N VAL O 199 -19.80 17.86 98.81
CA VAL O 199 -19.53 18.84 97.76
C VAL O 199 -18.41 18.35 96.85
N MET O 200 -17.43 17.63 97.40
CA MET O 200 -16.36 17.10 96.57
C MET O 200 -16.88 16.08 95.57
N ILE O 201 -17.80 15.22 96.01
CA ILE O 201 -18.36 14.21 95.11
C ILE O 201 -19.12 14.88 93.96
N VAL O 202 -19.64 16.09 94.20
CA VAL O 202 -20.37 16.80 93.15
C VAL O 202 -19.40 17.59 92.27
N VAL O 203 -18.46 18.31 92.89
CA VAL O 203 -17.50 19.10 92.12
C VAL O 203 -16.60 18.19 91.31
N LEU O 204 -16.00 17.18 91.97
CA LEU O 204 -15.12 16.26 91.24
C LEU O 204 -15.87 15.54 90.13
N ALA O 205 -17.17 15.30 90.31
CA ALA O 205 -17.94 14.66 89.26
C ALA O 205 -18.19 15.60 88.08
N VAL O 206 -18.31 16.90 88.34
CA VAL O 206 -18.52 17.87 87.27
C VAL O 206 -17.22 18.10 86.50
N ILE O 207 -16.08 18.12 87.20
CA ILE O 207 -14.80 18.32 86.53
C ILE O 207 -14.54 17.18 85.55
N PHE O 208 -14.82 15.95 85.96
CA PHE O 208 -14.63 14.81 85.07
C PHE O 208 -15.74 14.70 84.03
N ALA O 209 -16.94 15.17 84.36
CA ALA O 209 -18.04 15.11 83.40
C ALA O 209 -17.88 16.17 82.32
N VAL O 210 -17.52 17.40 82.70
CA VAL O 210 -17.33 18.45 81.72
C VAL O 210 -16.16 18.12 80.79
N TRP O 211 -15.10 17.52 81.35
CA TRP O 211 -13.96 17.15 80.52
C TRP O 211 -14.36 16.13 79.46
N PHE O 212 -15.15 15.13 79.84
CA PHE O 212 -15.61 14.14 78.87
C PHE O 212 -16.56 14.76 77.86
N GLY O 213 -17.32 15.77 78.26
CA GLY O 213 -18.22 16.42 77.31
C GLY O 213 -17.48 17.30 76.33
N ILE O 214 -16.60 18.16 76.83
CA ILE O 214 -15.83 19.03 75.94
C ILE O 214 -14.91 18.21 75.06
N LYS O 215 -14.37 17.11 75.59
CA LYS O 215 -13.49 16.25 74.81
C LYS O 215 -14.22 15.57 73.66
N ALA O 216 -15.56 15.46 73.75
CA ALA O 216 -16.36 14.83 72.72
C ALA O 216 -17.24 15.80 71.95
N SER O 217 -17.55 16.96 72.52
CA SER O 217 -18.40 17.94 71.87
C SER O 217 -17.62 19.04 71.18
N LEU O 218 -16.43 19.39 71.69
CA LEU O 218 -15.61 20.44 71.10
C LEU O 218 -14.52 19.90 70.19
N VAL O 219 -13.99 18.71 70.49
CA VAL O 219 -12.92 18.12 69.66
C VAL O 219 -13.50 17.37 68.48
N ALA O 220 -14.64 16.70 68.66
CA ALA O 220 -15.24 15.96 67.56
C ALA O 220 -15.54 16.84 66.35
N PRO O 221 -16.26 17.96 66.48
CA PRO O 221 -16.49 18.80 65.30
C PRO O 221 -15.25 19.53 64.85
N MET O 222 -14.33 19.87 65.76
CA MET O 222 -13.11 20.57 65.36
C MET O 222 -12.32 19.75 64.35
N ASN O 223 -12.27 18.43 64.53
CA ASN O 223 -11.55 17.59 63.59
C ASN O 223 -12.24 17.57 62.23
N ARG O 224 -13.55 17.35 62.21
CA ARG O 224 -14.28 17.32 60.94
C ARG O 224 -14.22 18.67 60.25
N LEU O 225 -14.28 19.76 61.02
CA LEU O 225 -14.19 21.09 60.43
C LEU O 225 -12.81 21.33 59.83
N ILE O 226 -11.75 20.87 60.51
CA ILE O 226 -10.40 21.04 59.98
C ILE O 226 -10.14 20.06 58.86
N ASP O 227 -10.51 18.80 59.03
CA ASP O 227 -10.29 17.81 57.99
C ASP O 227 -11.06 18.15 56.72
N SER O 228 -12.29 18.65 56.87
CA SER O 228 -13.07 19.03 55.70
C SER O 228 -12.36 20.08 54.86
N ILE O 229 -11.58 20.96 55.49
CA ILE O 229 -10.85 21.97 54.74
C ILE O 229 -9.64 21.35 54.05
N ARG O 230 -9.10 20.27 54.62
CA ARG O 230 -7.94 19.62 54.01
C ARG O 230 -8.35 18.79 52.79
N HIS O 231 -9.46 18.06 52.90
CA HIS O 231 -9.92 17.26 51.77
C HIS O 231 -10.28 18.14 50.58
N ILE O 232 -10.84 19.33 50.84
CA ILE O 232 -11.19 20.23 49.76
C ILE O 232 -9.95 20.89 49.19
N ALA O 233 -8.96 21.19 50.04
CA ALA O 233 -7.73 21.81 49.55
C ALA O 233 -6.93 20.86 48.68
N GLY O 234 -6.99 19.57 48.96
CA GLY O 234 -6.26 18.57 48.18
C GLY O 234 -7.00 18.05 46.96
N GLY O 235 -8.31 18.24 46.90
CA GLY O 235 -9.13 17.80 45.78
C GLY O 235 -10.19 16.79 46.16
N ASP O 236 -10.08 16.17 47.33
CA ASP O 236 -11.07 15.18 47.77
C ASP O 236 -12.37 15.89 48.14
N LEU O 237 -13.34 15.85 47.23
CA LEU O 237 -14.63 16.48 47.44
C LEU O 237 -15.75 15.47 47.66
N VAL O 238 -15.43 14.19 47.82
CA VAL O 238 -16.47 13.19 48.03
C VAL O 238 -16.90 13.14 49.50
N LYS O 239 -15.99 13.48 50.42
CA LYS O 239 -16.30 13.46 51.84
C LYS O 239 -17.42 14.43 52.16
N PRO O 240 -18.61 13.96 52.56
CA PRO O 240 -19.70 14.89 52.90
C PRO O 240 -19.35 15.81 54.06
N ILE O 241 -20.22 16.77 54.35
CA ILE O 241 -20.03 17.71 55.45
C ILE O 241 -21.36 17.84 56.18
N GLU O 242 -21.41 17.40 57.42
CA GLU O 242 -22.63 17.46 58.23
C GLU O 242 -22.68 18.77 59.00
N VAL O 243 -23.88 19.31 59.16
CA VAL O 243 -24.10 20.55 59.88
C VAL O 243 -24.40 20.23 61.33
N ASP O 244 -23.81 21.00 62.24
CA ASP O 244 -24.00 20.80 63.67
C ASP O 244 -25.13 21.66 64.22
N GLY O 245 -26.29 21.58 63.56
CA GLY O 245 -27.46 22.34 63.98
C GLY O 245 -27.42 23.78 63.52
N SER O 246 -27.34 24.71 64.47
CA SER O 246 -27.30 26.13 64.16
C SER O 246 -26.36 26.93 65.04
N ASN O 247 -25.56 26.28 65.88
CA ASN O 247 -24.62 26.99 66.74
C ASN O 247 -23.41 27.43 65.90
N GLU O 248 -22.34 27.84 66.58
CA GLU O 248 -21.13 28.26 65.87
C GLU O 248 -20.58 27.12 65.02
N MET O 249 -20.65 25.89 65.51
CA MET O 249 -20.20 24.75 64.73
C MET O 249 -21.14 24.46 63.57
N GLY O 250 -22.42 24.83 63.71
CA GLY O 250 -23.38 24.62 62.64
C GLY O 250 -23.32 25.70 61.58
N GLN O 251 -23.30 26.97 62.00
CA GLN O 251 -23.20 28.05 61.04
C GLN O 251 -21.89 27.99 60.28
N LEU O 252 -20.81 27.60 60.95
CA LEU O 252 -19.52 27.48 60.26
C LEU O 252 -19.54 26.32 59.27
N ALA O 253 -20.10 25.18 59.67
CA ALA O 253 -20.17 24.04 58.77
C ALA O 253 -21.13 24.32 57.62
N GLU O 254 -22.21 25.06 57.87
CA GLU O 254 -23.15 25.39 56.80
C GLU O 254 -22.47 26.25 55.74
N SER O 255 -21.69 27.24 56.16
CA SER O 255 -20.98 28.07 55.19
C SER O 255 -19.92 27.27 54.44
N LEU O 256 -19.27 26.32 55.13
CA LEU O 256 -18.27 25.49 54.47
C LEU O 256 -18.92 24.59 53.41
N ARG O 257 -20.07 24.01 53.72
CA ARG O 257 -20.76 23.18 52.74
C ARG O 257 -21.21 24.01 51.54
N HIS O 258 -21.64 25.25 51.78
CA HIS O 258 -22.03 26.12 50.68
C HIS O 258 -20.85 26.42 49.78
N MET O 259 -19.65 26.58 50.36
CA MET O 259 -18.46 26.81 49.56
C MET O 259 -18.13 25.61 48.70
N GLN O 260 -18.28 24.39 49.24
CA GLN O 260 -18.02 23.19 48.47
C GLN O 260 -19.01 23.03 47.33
N GLY O 261 -20.25 23.47 47.52
CA GLY O 261 -21.23 23.38 46.45
C GLY O 261 -20.84 24.21 45.24
N GLU O 262 -20.38 25.44 45.47
CA GLU O 262 -19.95 26.28 44.36
C GLU O 262 -18.71 25.70 43.67
N LEU O 263 -17.86 25.00 44.43
CA LEU O 263 -16.68 24.39 43.83
C LEU O 263 -17.06 23.27 42.87
N MET O 264 -18.02 22.42 43.28
CA MET O 264 -18.47 21.35 42.40
C MET O 264 -19.12 21.92 41.14
N ARG O 265 -19.82 23.06 41.27
CA ARG O 265 -20.43 23.68 40.10
C ARG O 265 -19.36 24.12 39.10
N THR O 266 -18.27 24.70 39.59
CA THR O 266 -17.18 25.11 38.70
C THR O 266 -16.52 23.89 38.06
N VAL O 267 -16.09 22.94 38.90
CA VAL O 267 -15.46 21.73 38.38
C VAL O 267 -16.43 20.96 37.49
N GLY O 268 -17.71 20.91 37.88
CA GLY O 268 -18.69 20.22 37.07
C GLY O 268 -18.92 20.86 35.72
N ASP O 269 -18.81 22.19 35.65
CA ASP O 269 -18.99 22.91 34.39
C ASP O 269 -17.70 23.04 33.60
N VAL O 270 -16.56 23.16 34.28
CA VAL O 270 -15.28 23.31 33.57
C VAL O 270 -14.82 21.95 33.06
N ARG O 271 -14.90 20.91 33.89
CA ARG O 271 -14.48 19.58 33.47
C ARG O 271 -15.33 19.10 32.29
N ASN O 272 -16.65 19.04 32.48
CA ASN O 272 -17.53 18.62 31.40
C ASN O 272 -17.54 19.63 30.25
N GLY O 273 -17.33 20.91 30.56
CA GLY O 273 -17.30 21.92 29.52
C GLY O 273 -16.00 21.95 28.74
N ALA O 274 -14.88 21.66 29.40
CA ALA O 274 -13.60 21.64 28.70
C ALA O 274 -13.57 20.58 27.62
N ASN O 275 -14.28 19.46 27.83
CA ASN O 275 -14.32 18.41 26.81
C ASN O 275 -14.94 18.94 25.52
N ALA O 276 -15.95 19.81 25.64
CA ALA O 276 -16.55 20.39 24.45
C ALA O 276 -15.57 21.29 23.72
N ILE O 277 -14.77 22.05 24.45
CA ILE O 277 -13.76 22.91 23.82
C ILE O 277 -12.68 22.06 23.17
N TYR O 278 -12.19 21.05 23.90
CA TYR O 278 -11.19 20.16 23.34
C TYR O 278 -11.76 19.37 22.16
N SER O 279 -12.97 18.85 22.30
CA SER O 279 -13.60 18.13 21.19
C SER O 279 -13.90 19.08 20.04
N GLY O 280 -14.37 20.30 20.34
CA GLY O 280 -14.62 21.27 19.29
C GLY O 280 -13.34 21.69 18.59
N ALA O 281 -12.26 21.84 19.34
CA ALA O 281 -10.98 22.19 18.73
C ALA O 281 -10.50 21.09 17.80
N SER O 282 -10.74 19.83 18.17
CA SER O 282 -10.35 18.72 17.30
C SER O 282 -11.12 18.76 15.99
N GLU O 283 -12.41 19.15 16.04
CA GLU O 283 -13.19 19.26 14.82
C GLU O 283 -12.62 20.36 13.91
N ILE O 284 -12.25 21.50 14.49
CA ILE O 284 -11.65 22.57 13.70
C ILE O 284 -10.26 22.14 13.22
N ALA O 285 -9.46 21.56 14.11
CA ALA O 285 -8.13 21.10 13.71
C ALA O 285 -8.24 20.03 12.62
N THR O 286 -9.14 19.06 12.80
CA THR O 286 -9.35 18.05 11.76
C THR O 286 -9.84 18.67 10.47
N GLY O 287 -10.66 19.72 10.55
CA GLY O 287 -11.12 20.38 9.34
C GLY O 287 -9.99 21.09 8.61
N ASN O 288 -9.03 21.64 9.34
CA ASN O 288 -7.90 22.28 8.70
C ASN O 288 -7.06 21.28 7.92
N ASN O 289 -6.84 20.09 8.48
CA ASN O 289 -6.10 19.06 7.77
C ASN O 289 -6.85 18.62 6.53
N ASP O 290 -8.17 18.42 6.64
CA ASP O 290 -8.98 18.06 5.48
C ASP O 290 -9.05 19.22 4.50
N LEU O 291 -9.26 20.44 5.00
CA LEU O 291 -9.28 21.61 4.12
C LEU O 291 -7.92 21.82 3.47
N SER O 292 -6.84 21.62 4.22
CA SER O 292 -5.50 21.77 3.65
C SER O 292 -5.22 20.70 2.60
N SER O 293 -5.83 19.52 2.74
CA SER O 293 -5.64 18.47 1.75
C SER O 293 -6.13 18.90 0.39
N ARG O 294 -7.38 19.39 0.32
CA ARG O 294 -7.92 19.88 -0.95
C ARG O 294 -7.15 21.08 -1.45
N THR O 295 -6.58 21.87 -0.53
CA THR O 295 -5.79 23.03 -0.94
C THR O 295 -4.55 22.59 -1.72
N GLU O 296 -3.86 21.55 -1.24
CA GLU O 296 -2.71 21.04 -1.97
C GLU O 296 -3.13 20.41 -3.28
N GLN O 297 -4.20 19.61 -3.28
CA GLN O 297 -4.69 19.02 -4.52
C GLN O 297 -5.17 20.10 -5.48
N GLN O 298 -5.89 21.10 -4.97
CA GLN O 298 -6.33 22.21 -5.82
C GLN O 298 -5.14 23.00 -6.35
N ALA O 299 -4.10 23.17 -5.52
CA ALA O 299 -2.90 23.86 -5.98
C ALA O 299 -2.20 23.08 -7.09
N ALA O 300 -2.13 21.75 -6.95
CA ALA O 300 -1.53 20.94 -8.00
C ALA O 300 -2.33 21.02 -9.29
N SER O 301 -3.65 21.16 -9.19
CA SER O 301 -4.47 21.30 -10.39
C SER O 301 -4.09 22.56 -11.16
N LEU O 302 -3.82 23.66 -10.45
CA LEU O 302 -3.39 24.88 -11.13
C LEU O 302 -2.04 24.68 -11.82
N GLU O 303 -1.13 23.98 -11.16
CA GLU O 303 0.17 23.69 -11.77
C GLU O 303 0.00 22.81 -13.01
N GLU O 304 -0.80 21.75 -12.90
CA GLU O 304 -1.06 20.90 -14.05
C GLU O 304 -1.87 21.65 -15.11
N THR O 305 -2.85 22.44 -14.69
CA THR O 305 -3.63 23.23 -15.64
C THR O 305 -2.78 24.31 -16.28
N ALA O 306 -1.89 24.94 -15.51
CA ALA O 306 -1.01 25.95 -16.06
C ALA O 306 -0.11 25.37 -17.13
N ALA O 307 0.45 24.18 -16.87
CA ALA O 307 1.28 23.53 -17.88
C ALA O 307 0.48 23.20 -19.14
N SER O 308 -0.81 22.90 -18.98
CA SER O 308 -1.64 22.62 -20.15
C SER O 308 -1.79 23.85 -21.02
N MET O 309 -1.95 25.03 -20.40
CA MET O 309 -2.07 26.26 -21.17
C MET O 309 -0.78 26.55 -21.95
N GLU O 310 0.38 26.22 -21.36
CA GLU O 310 1.64 26.42 -22.07
C GLU O 310 1.69 25.58 -23.34
N GLN O 311 1.18 24.35 -23.28
CA GLN O 311 1.14 23.52 -24.48
C GLN O 311 0.23 24.12 -25.53
N LEU O 312 -0.92 24.66 -25.11
CA LEU O 312 -1.82 25.32 -26.06
C LEU O 312 -1.20 26.60 -26.60
N THR O 313 -0.51 27.36 -25.74
CA THR O 313 0.14 28.59 -26.20
C THR O 313 1.21 28.27 -27.24
N ALA O 314 1.93 27.16 -27.06
CA ALA O 314 2.94 26.77 -28.04
C ALA O 314 2.31 26.54 -29.41
N THR O 315 1.09 25.99 -29.43
CA THR O 315 0.39 25.77 -30.69
C THR O 315 -0.29 27.04 -31.19
N VAL O 316 -0.80 27.87 -30.26
CA VAL O 316 -1.44 29.12 -30.66
C VAL O 316 -0.43 30.03 -31.36
N LYS O 317 0.75 30.20 -30.74
CA LYS O 317 1.79 31.00 -31.37
C LYS O 317 2.23 30.40 -32.70
N GLN O 318 2.27 29.07 -32.79
CA GLN O 318 2.61 28.41 -34.04
C GLN O 318 1.50 28.62 -35.08
N ASN O 319 0.25 28.37 -34.69
CA ASN O 319 -0.86 28.59 -35.61
C ASN O 319 -0.98 30.07 -35.97
N ALA O 320 -0.80 30.96 -34.99
CA ALA O 320 -0.85 32.39 -35.27
C ALA O 320 0.27 32.80 -36.22
N GLU O 321 1.48 32.30 -35.99
CA GLU O 321 2.59 32.61 -36.89
C GLU O 321 2.37 31.99 -38.26
N ASN O 322 2.03 30.71 -38.31
CA ASN O 322 1.79 30.05 -39.59
C ASN O 322 0.60 30.68 -40.31
N ALA O 323 -0.35 31.24 -39.57
CA ALA O 323 -1.49 31.89 -40.20
C ALA O 323 -1.05 33.08 -41.06
N ARG O 324 -0.18 33.92 -40.51
CA ARG O 324 0.33 35.06 -41.27
C ARG O 324 1.26 34.58 -42.39
N GLN O 325 2.06 33.55 -42.13
CA GLN O 325 2.92 33.01 -43.18
C GLN O 325 2.09 32.42 -44.32
N ALA O 326 0.99 31.74 -43.98
CA ALA O 326 0.12 31.19 -45.01
C ALA O 326 -0.52 32.30 -45.84
N SER O 327 -0.83 33.44 -45.22
CA SER O 327 -1.40 34.55 -45.97
C SER O 327 -0.41 35.09 -46.99
N HIS O 328 0.87 35.15 -46.63
CA HIS O 328 1.88 35.60 -47.58
C HIS O 328 2.00 34.64 -48.76
N LEU O 329 2.04 33.34 -48.48
CA LEU O 329 2.08 32.36 -49.57
C LEU O 329 0.79 32.39 -50.38
N ALA O 330 -0.35 32.54 -49.71
CA ALA O 330 -1.62 32.64 -50.43
C ALA O 330 -1.68 33.92 -51.24
N LEU O 331 -1.32 35.05 -50.63
CA LEU O 331 -1.31 36.31 -51.37
C LEU O 331 -0.28 36.27 -52.49
N SER O 332 0.90 35.71 -52.23
CA SER O 332 1.90 35.57 -53.27
C SER O 332 1.44 34.62 -54.37
N ALA O 333 0.82 33.49 -53.99
CA ALA O 333 0.29 32.57 -54.98
C ALA O 333 -0.84 33.21 -55.78
N SER O 334 -1.72 33.96 -55.10
CA SER O 334 -2.79 34.65 -55.80
C SER O 334 -2.23 35.71 -56.74
N GLU O 335 -1.32 36.54 -56.24
CA GLU O 335 -0.70 37.55 -57.10
C GLU O 335 0.03 36.91 -58.27
N THR O 336 0.70 35.78 -58.02
CA THR O 336 1.38 35.08 -59.10
C THR O 336 0.40 34.61 -60.16
N ALA O 337 -0.80 34.21 -59.75
CA ALA O 337 -1.81 33.79 -60.72
C ALA O 337 -2.37 34.97 -61.50
N GLN O 338 -2.54 36.12 -60.84
CA GLN O 338 -3.03 37.31 -61.53
C GLN O 338 -2.04 37.74 -62.60
N ARG O 339 -0.74 37.77 -62.27
CA ARG O 339 0.27 38.10 -63.27
C ARG O 339 0.29 37.05 -64.39
N GLY O 340 0.10 35.79 -64.03
CA GLY O 340 0.04 34.75 -65.05
C GLY O 340 -1.18 34.87 -65.95
N GLY O 341 -2.31 35.32 -65.39
CA GLY O 341 -3.50 35.51 -66.21
C GLY O 341 -3.28 36.53 -67.31
N LYS O 342 -2.63 37.65 -66.98
CA LYS O 342 -2.32 38.65 -68.00
C LYS O 342 -1.38 38.08 -69.06
N VAL O 343 -0.42 37.25 -68.64
CA VAL O 343 0.47 36.61 -69.59
C VAL O 343 -0.30 35.67 -70.51
N VAL O 344 -1.29 34.96 -69.95
CA VAL O 344 -2.12 34.08 -70.76
C VAL O 344 -2.91 34.90 -71.78
N ASP O 345 -3.43 36.05 -71.35
CA ASP O 345 -4.15 36.92 -72.28
C ASP O 345 -3.23 37.43 -73.38
N ASN O 346 -1.97 37.70 -73.04
CA ASN O 346 -1.01 38.14 -74.05
C ASN O 346 -0.73 37.05 -75.06
N VAL O 347 -0.67 35.79 -74.60
CA VAL O 347 -0.44 34.68 -75.52
C VAL O 347 -1.64 34.51 -76.46
N VAL O 348 -2.85 34.82 -75.98
CA VAL O 348 -4.03 34.74 -76.84
C VAL O 348 -3.89 35.68 -78.02
N GLN O 349 -3.43 36.91 -77.76
CA GLN O 349 -3.20 37.85 -78.85
C GLN O 349 -2.08 37.38 -79.77
N THR O 350 -1.10 36.67 -79.24
CA THR O 350 -0.02 36.15 -80.08
C THR O 350 -0.55 35.12 -81.07
N MET O 351 -1.45 34.25 -80.63
CA MET O 351 -2.04 33.26 -81.54
C MET O 351 -2.77 33.95 -82.68
N ARG O 352 -3.47 35.06 -82.40
CA ARG O 352 -4.14 35.79 -83.45
C ARG O 352 -3.14 36.46 -84.38
N ASP O 353 -2.03 36.96 -83.83
CA ASP O 353 -1.00 37.56 -84.66
C ASP O 353 -0.37 36.53 -85.58
N ILE O 354 -0.04 35.35 -85.05
CA ILE O 354 0.52 34.28 -85.87
C ILE O 354 -0.51 33.83 -86.90
N SER O 355 -1.77 33.68 -86.49
CA SER O 355 -2.82 33.31 -87.43
C SER O 355 -3.07 34.41 -88.45
N THR O 356 -3.07 35.67 -88.00
CA THR O 356 -3.24 36.78 -88.93
C THR O 356 -2.07 36.87 -89.89
N SER O 357 -0.84 36.77 -89.37
CA SER O 357 0.33 36.80 -90.24
C SER O 357 0.34 35.60 -91.19
N SER O 358 -0.04 34.43 -90.69
CA SER O 358 -0.11 33.26 -91.55
C SER O 358 -1.14 33.45 -92.66
N GLN O 359 -2.24 34.15 -92.37
CA GLN O 359 -3.23 34.42 -93.39
C GLN O 359 -2.67 35.31 -94.49
N LYS O 360 -1.86 36.30 -94.11
CA LYS O 360 -1.23 37.17 -95.11
C LYS O 360 -0.29 36.37 -96.00
N ILE O 361 0.47 35.44 -95.41
CA ILE O 361 1.36 34.60 -96.20
C ILE O 361 0.57 33.75 -97.18
N ALA O 362 -0.58 33.23 -96.73
CA ALA O 362 -1.42 32.43 -97.61
C ALA O 362 -1.84 33.20 -98.85
N ASP O 363 -2.08 34.52 -98.70
CA ASP O 363 -2.44 35.33 -99.85
C ASP O 363 -1.26 35.47 -100.82
N ILE O 364 -0.04 35.53 -100.28
CA ILE O 364 1.14 35.63 -101.14
C ILE O 364 1.39 34.30 -101.84
N ILE O 365 1.25 33.19 -101.12
CA ILE O 365 1.42 31.88 -101.74
C ILE O 365 0.42 31.70 -102.87
N SER O 366 -0.80 32.20 -102.68
CA SER O 366 -1.80 32.13 -103.76
C SER O 366 -1.35 32.92 -104.97
N VAL O 367 -0.64 34.03 -104.77
CA VAL O 367 -0.13 34.80 -105.89
C VAL O 367 1.07 34.11 -106.52
N ILE O 368 1.99 33.61 -105.70
CA ILE O 368 3.15 32.89 -106.22
C ILE O 368 2.70 31.66 -107.00
N ASP O 369 1.62 31.02 -106.55
CA ASP O 369 1.09 29.86 -107.28
C ASP O 369 0.66 30.26 -108.68
N GLY O 370 0.01 31.42 -108.82
CA GLY O 370 -0.38 31.89 -110.14
C GLY O 370 0.81 32.30 -110.98
N ILE O 371 1.78 32.99 -110.37
CA ILE O 371 2.98 33.38 -111.11
C ILE O 371 3.72 32.15 -111.61
N ALA O 372 3.87 31.14 -110.76
CA ALA O 372 4.51 29.90 -111.19
C ALA O 372 3.69 29.20 -112.27
N PHE O 373 2.37 29.26 -112.19
CA PHE O 373 1.52 28.65 -113.21
C PHE O 373 1.68 29.37 -114.54
N GLN O 374 1.56 30.69 -114.54
CA GLN O 374 1.73 31.45 -115.78
C GLN O 374 3.13 31.26 -116.34
N THR O 375 4.14 31.17 -115.46
CA THR O 375 5.50 30.95 -115.93
C THR O 375 5.64 29.61 -116.64
N ASN O 376 4.89 28.60 -116.19
CA ASN O 376 4.95 27.29 -116.84
C ASN O 376 4.30 27.34 -118.22
N ILE O 377 3.25 28.13 -118.38
CA ILE O 377 2.60 28.25 -119.69
C ILE O 377 3.53 28.94 -120.68
N LEU O 378 4.18 30.03 -120.25
CA LEU O 378 5.13 30.72 -121.12
C LEU O 378 6.28 29.80 -121.50
N ALA O 379 6.76 29.00 -120.55
CA ALA O 379 7.85 28.06 -120.85
C ALA O 379 7.39 26.97 -121.81
N LEU O 380 6.12 26.58 -121.73
CA LEU O 380 5.61 25.55 -122.64
C LEU O 380 5.47 26.10 -124.06
N ASN O 381 4.84 27.27 -124.20
CA ASN O 381 4.69 27.88 -125.52
C ASN O 381 6.05 28.22 -126.12
N ALA O 382 7.00 28.64 -125.27
CA ALA O 382 8.34 28.96 -125.77
C ALA O 382 9.02 27.73 -126.34
N ALA O 383 8.78 26.56 -125.72
CA ALA O 383 9.38 25.33 -126.21
C ALA O 383 8.79 24.94 -127.56
N VAL O 384 7.47 25.11 -127.73
CA VAL O 384 6.83 24.79 -129.00
C VAL O 384 7.34 25.73 -130.09
N GLU O 385 7.36 27.03 -129.81
CA GLU O 385 7.85 27.98 -130.79
C GLU O 385 9.34 27.79 -131.07
N ALA O 386 10.08 27.28 -130.09
CA ALA O 386 11.51 27.05 -130.29
C ALA O 386 11.74 25.94 -131.31
N ALA O 387 11.09 24.78 -131.12
CA ALA O 387 11.24 23.68 -132.05
C ALA O 387 10.64 23.99 -133.42
N ARG O 388 9.70 24.93 -133.50
CA ARG O 388 9.10 25.27 -134.77
C ARG O 388 10.12 25.89 -135.72
N ALA O 389 11.11 26.61 -135.19
CA ALA O 389 12.12 27.23 -136.04
C ALA O 389 13.08 26.22 -136.65
N GLY O 390 13.14 25.01 -136.09
CA GLY O 390 14.02 23.99 -136.61
C GLY O 390 15.27 23.81 -135.79
N GLU O 391 16.39 23.50 -136.45
CA GLU O 391 17.65 23.30 -135.73
C GLU O 391 18.16 24.59 -135.11
N GLN O 392 17.89 25.74 -135.75
CA GLN O 392 18.36 27.02 -135.22
C GLN O 392 17.66 27.36 -133.90
N GLY O 393 16.41 26.94 -133.74
CA GLY O 393 15.65 27.24 -132.54
C GLY O 393 15.90 26.31 -131.38
N ARG O 394 16.76 25.31 -131.54
CA ARG O 394 17.04 24.39 -130.44
C ARG O 394 17.72 25.08 -129.26
N GLY O 395 18.36 26.21 -129.50
CA GLY O 395 19.01 26.92 -128.40
C GLY O 395 18.03 27.38 -127.35
N PHE O 396 16.86 27.84 -127.77
CA PHE O 396 15.83 28.29 -126.83
C PHE O 396 15.02 27.13 -126.26
N ALA O 397 15.03 25.97 -126.91
CA ALA O 397 14.28 24.83 -126.39
C ALA O 397 14.83 24.37 -125.05
N VAL O 398 16.15 24.29 -124.93
CA VAL O 398 16.76 23.88 -123.66
C VAL O 398 16.51 24.94 -122.59
N VAL O 399 16.63 26.21 -122.95
CA VAL O 399 16.37 27.28 -121.98
C VAL O 399 14.91 27.28 -121.58
N ALA O 400 14.01 27.25 -122.56
CA ALA O 400 12.58 27.22 -122.25
C ALA O 400 12.19 25.91 -121.59
N GLY O 401 12.74 24.79 -122.05
CA GLY O 401 12.42 23.52 -121.44
C GLY O 401 12.86 23.43 -119.98
N GLU O 402 14.00 24.05 -119.66
CA GLU O 402 14.48 24.04 -118.28
C GLU O 402 13.55 24.84 -117.38
N VAL O 403 13.02 25.96 -117.88
CA VAL O 403 12.10 26.77 -117.07
C VAL O 403 10.85 25.99 -116.76
N ARG O 404 10.47 25.03 -117.62
CA ARG O 404 9.29 24.23 -117.35
C ARG O 404 9.45 23.43 -116.06
N ASN O 405 10.58 22.72 -115.91
CA ASN O 405 10.82 21.98 -114.69
C ASN O 405 10.90 22.90 -113.48
N LEU O 406 11.54 24.06 -113.65
CA LEU O 406 11.62 25.02 -112.55
C LEU O 406 10.24 25.53 -112.16
N ALA O 407 9.47 25.98 -113.15
CA ALA O 407 8.12 26.46 -112.88
C ALA O 407 7.23 25.35 -112.32
N GLN O 408 7.44 24.11 -112.76
CA GLN O 408 6.66 23.00 -112.26
C GLN O 408 6.92 22.78 -110.77
N ARG O 409 8.19 22.56 -110.40
CA ARG O 409 8.52 22.38 -108.99
C ARG O 409 8.26 23.65 -108.18
N SER O 410 8.43 24.82 -108.80
CA SER O 410 8.15 26.06 -108.09
C SER O 410 6.68 26.16 -107.71
N ALA O 411 5.78 25.76 -108.62
CA ALA O 411 4.36 25.77 -108.31
C ALA O 411 4.03 24.75 -107.22
N GLN O 412 4.58 23.54 -107.35
CA GLN O 412 4.36 22.52 -106.32
C GLN O 412 4.93 22.96 -104.99
N ALA O 413 6.09 23.64 -105.02
CA ALA O 413 6.67 24.13 -103.77
C ALA O 413 5.77 25.16 -103.11
N ALA O 414 5.16 26.04 -103.91
CA ALA O 414 4.24 27.02 -103.35
C ALA O 414 3.00 26.35 -102.77
N ARG O 415 2.42 25.40 -103.51
CA ARG O 415 1.27 24.67 -102.99
C ARG O 415 1.63 23.86 -101.76
N GLU O 416 2.88 23.39 -101.68
CA GLU O 416 3.31 22.65 -100.49
C GLU O 416 3.26 23.53 -99.25
N ILE O 417 3.72 24.78 -99.38
CA ILE O 417 3.66 25.70 -98.25
C ILE O 417 2.21 26.02 -97.88
N LYS O 418 1.34 26.14 -98.89
CA LYS O 418 -0.07 26.40 -98.62
C LYS O 418 -0.66 25.33 -97.73
N SER O 419 -0.26 24.07 -97.92
CA SER O 419 -0.74 23.01 -97.05
C SER O 419 -0.18 23.14 -95.64
N LEU O 420 1.01 23.73 -95.50
CA LEU O 420 1.59 23.94 -94.17
C LEU O 420 0.95 25.13 -93.47
N ILE O 421 0.66 26.20 -94.22
CA ILE O 421 0.00 27.36 -93.63
C ILE O 421 -1.36 26.97 -93.07
N GLU O 422 -2.20 26.35 -93.91
CA GLU O 422 -3.50 25.88 -93.44
C GLU O 422 -3.34 24.87 -92.31
N ASP O 423 -2.36 23.98 -92.42
CA ASP O 423 -2.10 23.03 -91.34
C ASP O 423 -1.54 23.73 -90.11
N SER O 424 -0.75 24.78 -90.29
CA SER O 424 -0.22 25.53 -89.16
C SER O 424 -1.32 26.31 -88.45
N VAL O 425 -2.22 26.93 -89.22
CA VAL O 425 -3.32 27.67 -88.63
C VAL O 425 -4.20 26.73 -87.80
N GLY O 426 -4.37 25.50 -88.28
CA GLY O 426 -5.14 24.52 -87.52
C GLY O 426 -4.49 24.20 -86.19
N LYS O 427 -3.18 23.98 -86.20
CA LYS O 427 -2.45 23.73 -84.96
C LYS O 427 -2.47 24.96 -84.06
N VAL O 428 -2.43 26.15 -84.66
CA VAL O 428 -2.52 27.38 -83.87
C VAL O 428 -3.89 27.48 -83.20
N ASP O 429 -4.95 27.21 -83.96
CA ASP O 429 -6.29 27.22 -83.37
C ASP O 429 -6.44 26.14 -82.32
N VAL O 430 -5.97 24.92 -82.60
CA VAL O 430 -6.01 23.85 -81.61
C VAL O 430 -5.18 24.22 -80.41
N GLY O 431 -3.98 24.76 -80.63
CA GLY O 431 -3.15 25.20 -79.52
C GLY O 431 -3.71 26.41 -78.81
N SER O 432 -4.44 27.26 -79.54
CA SER O 432 -5.05 28.44 -78.91
C SER O 432 -6.08 28.02 -77.87
N THR O 433 -6.89 27.01 -78.17
CA THR O 433 -7.85 26.52 -77.20
C THR O 433 -7.17 26.04 -75.92
N LEU O 434 -5.99 25.44 -76.04
CA LEU O 434 -5.26 25.01 -74.85
C LEU O 434 -4.84 26.20 -74.01
N VAL O 435 -4.35 27.27 -74.66
CA VAL O 435 -3.98 28.48 -73.92
C VAL O 435 -5.23 29.10 -73.29
N GLU O 436 -6.30 29.22 -74.07
CA GLU O 436 -7.55 29.73 -73.51
C GLU O 436 -8.06 28.82 -72.39
N SER O 437 -7.91 27.51 -72.55
CA SER O 437 -8.29 26.59 -71.48
C SER O 437 -7.43 26.80 -70.24
N ALA O 438 -6.14 27.08 -70.44
CA ALA O 438 -5.27 27.39 -69.31
C ALA O 438 -5.69 28.68 -68.62
N GLY O 439 -6.22 29.65 -69.38
CA GLY O 439 -6.71 30.87 -68.77
C GLY O 439 -7.89 30.65 -67.85
N GLU O 440 -8.70 29.62 -68.13
CA GLU O 440 -9.82 29.31 -67.26
C GLU O 440 -9.34 28.88 -65.88
N THR O 441 -8.25 28.13 -65.82
CA THR O 441 -7.70 27.73 -64.53
C THR O 441 -7.24 28.94 -63.74
N MET O 442 -6.69 29.96 -64.42
CA MET O 442 -6.28 31.18 -63.73
C MET O 442 -7.46 31.81 -63.01
N ALA O 443 -8.63 31.86 -63.66
CA ALA O 443 -9.82 32.40 -63.01
C ALA O 443 -10.17 31.59 -61.78
N GLU O 444 -9.99 30.27 -61.83
CA GLU O 444 -10.24 29.44 -60.66
C GLU O 444 -9.20 29.67 -59.58
N ILE O 445 -7.92 29.75 -59.97
CA ILE O 445 -6.87 30.01 -58.98
C ILE O 445 -7.00 31.41 -58.41
N VAL O 446 -7.21 32.41 -59.27
CA VAL O 446 -7.38 33.78 -58.80
C VAL O 446 -8.64 33.92 -57.96
N SER O 447 -9.63 33.03 -58.15
CA SER O 447 -10.86 33.07 -57.36
C SER O 447 -10.83 32.12 -56.18
N ALA O 448 -10.12 31.00 -56.30
CA ALA O 448 -10.06 30.04 -55.20
C ALA O 448 -9.08 30.49 -54.12
N VAL O 449 -7.85 30.84 -54.52
CA VAL O 449 -6.86 31.29 -53.54
C VAL O 449 -7.25 32.64 -52.96
N THR O 450 -7.90 33.49 -53.75
CA THR O 450 -8.36 34.78 -53.24
C THR O 450 -9.36 34.58 -52.11
N ARG O 451 -10.33 33.69 -52.31
CA ARG O 451 -11.27 33.37 -51.24
C ARG O 451 -10.54 32.75 -50.05
N VAL O 452 -9.53 31.92 -50.32
CA VAL O 452 -8.75 31.33 -49.24
C VAL O 452 -7.96 32.41 -48.51
N THR O 453 -7.47 33.40 -49.24
CA THR O 453 -6.73 34.49 -48.62
C THR O 453 -7.56 35.18 -47.54
N ASP O 454 -8.88 35.27 -47.75
CA ASP O 454 -9.74 35.84 -46.72
C ASP O 454 -9.89 34.91 -45.52
N ILE O 455 -9.72 33.60 -45.74
CA ILE O 455 -9.81 32.66 -44.64
C ILE O 455 -8.63 32.83 -43.69
N MET O 456 -7.43 33.02 -44.25
CA MET O 456 -6.26 33.27 -43.41
C MET O 456 -6.46 34.51 -42.55
N GLY O 457 -7.16 35.52 -43.07
CA GLY O 457 -7.45 36.70 -42.26
C GLY O 457 -8.26 36.36 -41.03
N GLU O 458 -9.19 35.40 -41.15
CA GLU O 458 -9.95 34.97 -39.99
C GLU O 458 -9.14 34.04 -39.10
N ILE O 459 -8.38 33.12 -39.70
CA ILE O 459 -7.52 32.24 -38.91
C ILE O 459 -6.47 33.05 -38.18
N ALA O 460 -5.85 34.01 -38.86
CA ALA O 460 -4.85 34.86 -38.21
C ALA O 460 -5.50 35.74 -37.15
N SER O 461 -6.65 36.35 -37.47
CA SER O 461 -7.33 37.18 -36.49
C SER O 461 -7.85 36.35 -35.33
N ALA O 462 -8.46 35.21 -35.62
CA ALA O 462 -8.95 34.34 -34.56
C ALA O 462 -7.79 33.82 -33.71
N SER O 463 -6.67 33.49 -34.33
CA SER O 463 -5.50 33.03 -33.58
C SER O 463 -5.00 34.12 -32.65
N ASP O 464 -5.08 35.38 -33.07
CA ASP O 464 -4.66 36.48 -32.21
C ASP O 464 -5.54 36.56 -30.97
N GLU O 465 -6.84 36.32 -31.12
CA GLU O 465 -7.74 36.33 -29.98
C GLU O 465 -7.35 35.23 -28.98
N GLN O 466 -6.91 34.08 -29.49
CA GLN O 466 -6.48 33.02 -28.60
C GLN O 466 -5.24 33.43 -27.81
N SER O 467 -4.31 34.11 -28.46
CA SER O 467 -3.11 34.58 -27.77
C SER O 467 -3.49 35.54 -26.64
N ARG O 468 -4.22 36.60 -26.98
CA ARG O 468 -4.65 37.54 -25.96
C ARG O 468 -5.63 36.90 -24.98
N GLY O 469 -6.42 35.94 -25.45
CA GLY O 469 -7.35 35.27 -24.55
C GLY O 469 -6.63 34.39 -23.53
N ILE O 470 -5.64 33.62 -23.97
CA ILE O 470 -4.89 32.79 -23.05
C ILE O 470 -4.10 33.65 -22.06
N ASP O 471 -3.71 34.86 -22.47
CA ASP O 471 -3.02 35.76 -21.55
C ASP O 471 -3.89 36.08 -20.35
N GLN O 472 -5.16 36.37 -20.58
CA GLN O 472 -6.07 36.62 -19.46
C GLN O 472 -6.24 35.37 -18.60
N VAL O 473 -6.26 34.19 -19.23
CA VAL O 473 -6.37 32.95 -18.48
C VAL O 473 -5.05 32.65 -17.78
N GLY O 474 -3.93 32.97 -18.43
CA GLY O 474 -2.64 32.76 -17.80
C GLY O 474 -2.47 33.56 -16.53
N LEU O 475 -2.77 34.86 -16.60
CA LEU O 475 -2.72 35.68 -15.39
C LEU O 475 -3.76 35.24 -14.37
N ALA O 476 -4.90 34.73 -14.83
CA ALA O 476 -5.91 34.23 -13.90
C ALA O 476 -5.39 33.01 -13.15
N VAL O 477 -4.81 32.05 -13.86
CA VAL O 477 -4.22 30.89 -13.21
C VAL O 477 -3.10 31.31 -12.28
N ALA O 478 -2.28 32.28 -12.71
CA ALA O 478 -1.23 32.78 -11.84
C ALA O 478 -1.80 33.50 -10.63
N GLU O 479 -2.89 34.26 -10.83
CA GLU O 479 -3.55 34.93 -9.71
C GLU O 479 -4.12 33.91 -8.74
N MET O 480 -4.88 32.94 -9.25
CA MET O 480 -5.42 31.90 -8.38
C MET O 480 -4.31 31.09 -7.73
N ASP O 481 -3.18 30.92 -8.41
CA ASP O 481 -2.06 30.19 -7.83
C ASP O 481 -1.55 30.90 -6.59
N ARG O 482 -1.30 32.21 -6.68
CA ARG O 482 -0.86 32.98 -5.53
C ARG O 482 -1.95 33.04 -4.47
N VAL O 483 -3.21 33.16 -4.89
CA VAL O 483 -4.31 33.18 -3.94
C VAL O 483 -4.40 31.85 -3.19
N THR O 484 -4.09 30.75 -3.89
CA THR O 484 -4.11 29.45 -3.24
C THR O 484 -3.04 29.37 -2.16
N GLN O 485 -1.87 29.99 -2.39
CA GLN O 485 -0.83 30.00 -1.37
C GLN O 485 -1.30 30.76 -0.13
N GLN O 486 -2.03 31.86 -0.32
CA GLN O 486 -2.56 32.61 0.83
C GLN O 486 -3.53 31.76 1.61
N ASN O 487 -4.43 31.04 0.92
CA ASN O 487 -5.36 30.17 1.61
C ASN O 487 -4.63 29.06 2.36
N ALA O 488 -3.53 28.57 1.79
CA ALA O 488 -2.74 27.55 2.48
C ALA O 488 -2.09 28.09 3.74
N ALA O 489 -1.83 29.40 3.78
CA ALA O 489 -1.24 30.00 4.98
C ALA O 489 -2.28 30.25 6.05
N LEU O 490 -3.49 30.66 5.65
CA LEU O 490 -4.55 30.89 6.63
C LEU O 490 -4.97 29.59 7.30
N VAL O 491 -5.17 28.53 6.52
CA VAL O 491 -5.53 27.24 7.10
C VAL O 491 -4.39 26.72 7.98
N GLU O 492 -3.15 27.01 7.61
CA GLU O 492 -2.02 26.60 8.44
C GLU O 492 -2.03 27.34 9.77
N GLU O 493 -2.27 28.65 9.74
CA GLU O 493 -2.36 29.42 10.98
C GLU O 493 -3.54 28.94 11.83
N SER O 494 -4.66 28.61 11.18
CA SER O 494 -5.81 28.10 11.92
C SER O 494 -5.51 26.73 12.54
N ALA O 495 -4.75 25.90 11.81
CA ALA O 495 -4.37 24.60 12.36
C ALA O 495 -3.49 24.76 13.58
N ALA O 496 -2.47 25.62 13.50
CA ALA O 496 -1.61 25.88 14.65
C ALA O 496 -2.39 26.54 15.78
N ALA O 497 -3.27 27.49 15.43
CA ALA O 497 -4.09 28.13 16.45
C ALA O 497 -5.09 27.16 17.05
N ALA O 498 -5.74 26.35 16.21
CA ALA O 498 -6.67 25.36 16.72
C ALA O 498 -5.95 24.33 17.58
N ALA O 499 -4.77 23.91 17.17
CA ALA O 499 -4.00 22.96 17.97
C ALA O 499 -3.61 23.56 19.32
N ALA O 500 -3.39 24.87 19.37
CA ALA O 500 -3.06 25.51 20.64
C ALA O 500 -4.23 25.43 21.60
N LEU O 501 -5.46 25.56 21.09
CA LEU O 501 -6.63 25.45 21.95
C LEU O 501 -6.71 24.07 22.62
N GLU O 502 -6.27 23.02 21.91
CA GLU O 502 -6.25 21.69 22.51
C GLU O 502 -5.31 21.64 23.71
N GLU O 503 -4.17 22.30 23.60
CA GLU O 503 -3.24 22.34 24.74
C GLU O 503 -3.77 23.25 25.84
N GLN O 504 -4.30 24.42 25.48
CA GLN O 504 -4.86 25.31 26.49
C GLN O 504 -6.07 24.67 27.17
N ALA O 505 -6.92 24.00 26.39
CA ALA O 505 -8.08 23.34 26.98
C ALA O 505 -7.66 22.26 27.98
N SER O 506 -6.54 21.58 27.73
CA SER O 506 -6.07 20.57 28.67
C SER O 506 -5.68 21.19 30.01
N ARG O 507 -5.24 22.45 30.01
CA ARG O 507 -4.87 23.09 31.26
C ARG O 507 -6.10 23.31 32.15
N LEU O 508 -7.22 23.72 31.56
CA LEU O 508 -8.43 23.88 32.35
C LEU O 508 -8.93 22.55 32.90
N THR O 509 -8.85 21.49 32.09
CA THR O 509 -9.26 20.17 32.56
C THR O 509 -8.34 19.68 33.67
N GLU O 510 -7.03 19.73 33.44
CA GLU O 510 -6.10 19.30 34.48
C GLU O 510 -6.19 20.15 35.72
N ALA O 511 -6.58 21.43 35.58
CA ALA O 511 -6.71 22.29 36.75
C ALA O 511 -7.83 21.81 37.66
N VAL O 512 -8.93 21.32 37.07
CA VAL O 512 -10.06 20.82 37.85
C VAL O 512 -10.09 19.30 37.93
N ALA O 513 -9.29 18.59 37.12
CA ALA O 513 -9.30 17.14 37.18
C ALA O 513 -8.80 16.63 38.52
N VAL O 514 -7.99 17.42 39.23
CA VAL O 514 -7.49 17.00 40.54
C VAL O 514 -8.65 16.87 41.53
N PHE O 515 -9.67 17.71 41.39
CA PHE O 515 -10.83 17.65 42.27
C PHE O 515 -11.70 16.47 41.89
N ARG O 516 -12.13 15.71 42.90
CA ARG O 516 -12.98 14.54 42.68
C ARG O 516 -14.33 14.95 42.15
N MET P 1 -4.05 32.29 79.24
CA MET P 1 -3.57 30.89 79.03
C MET P 1 -4.06 30.36 77.69
N LEU P 2 -5.24 30.81 77.27
CA LEU P 2 -5.81 30.38 76.00
C LEU P 2 -5.07 30.95 74.80
N LYS P 3 -4.18 31.93 74.99
CA LYS P 3 -3.44 32.54 73.91
C LYS P 3 -2.11 31.84 73.64
N ARG P 4 -2.00 30.56 73.98
CA ARG P 4 -0.77 29.81 73.76
C ARG P 4 -1.01 28.32 73.90
N ILE P 5 -1.54 27.91 75.06
CA ILE P 5 -1.81 26.50 75.31
C ILE P 5 -3.15 26.12 74.67
N LYS P 6 -3.26 24.85 74.28
CA LYS P 6 -4.47 24.37 73.64
C LYS P 6 -5.67 24.56 74.57
N ILE P 7 -6.86 24.58 73.97
CA ILE P 7 -8.08 24.77 74.75
C ILE P 7 -8.37 23.53 75.58
N VAL P 8 -8.20 22.34 75.00
CA VAL P 8 -8.47 21.10 75.73
C VAL P 8 -7.57 21.00 76.94
N THR P 9 -6.30 21.42 76.81
CA THR P 9 -5.37 21.38 77.92
C THR P 9 -5.54 22.56 78.86
N SER P 10 -6.08 23.67 78.38
CA SER P 10 -6.25 24.85 79.24
C SER P 10 -7.52 24.74 80.07
N LEU P 11 -8.64 24.35 79.44
CA LEU P 11 -9.89 24.21 80.18
C LEU P 11 -9.78 23.17 81.28
N LEU P 12 -8.94 22.15 81.08
CA LEU P 12 -8.76 21.14 82.11
C LEU P 12 -8.21 21.74 83.39
N LEU P 13 -7.28 22.70 83.27
CA LEU P 13 -6.73 23.35 84.45
C LEU P 13 -7.73 24.30 85.08
N VAL P 14 -8.58 24.93 84.28
CA VAL P 14 -9.59 25.85 84.83
C VAL P 14 -10.55 25.08 85.72
N LEU P 15 -11.03 23.92 85.25
CA LEU P 15 -11.91 23.11 86.08
C LEU P 15 -11.21 22.63 87.34
N ALA P 16 -9.89 22.43 87.27
CA ALA P 16 -9.14 22.01 88.44
C ALA P 16 -8.94 23.17 89.42
N VAL P 17 -8.96 24.40 88.93
CA VAL P 17 -8.82 25.56 89.81
C VAL P 17 -9.98 25.61 90.80
N PHE P 18 -11.22 25.53 90.28
CA PHE P 18 -12.37 25.53 91.16
C PHE P 18 -12.33 24.35 92.13
N GLY P 19 -11.85 23.19 91.66
CA GLY P 19 -11.70 22.06 92.54
C GLY P 19 -10.69 22.29 93.64
N LEU P 20 -9.66 23.09 93.37
CA LEU P 20 -8.66 23.41 94.37
C LEU P 20 -9.19 24.42 95.39
N LEU P 21 -10.07 25.32 94.96
CA LEU P 21 -10.64 26.29 95.89
C LEU P 21 -11.41 25.58 97.01
N GLN P 22 -12.16 24.53 96.66
CA GLN P 22 -12.91 23.80 97.67
C GLN P 22 -11.96 23.14 98.68
N LEU P 23 -10.79 22.70 98.22
CA LEU P 23 -9.82 22.10 99.12
C LEU P 23 -9.19 23.15 100.02
N THR P 24 -8.70 24.23 99.44
CA THR P 24 -8.08 25.30 100.23
C THR P 24 -9.11 25.96 101.14
N SER P 25 -10.25 26.38 100.56
CA SER P 25 -11.30 27.00 101.37
C SER P 25 -11.85 26.02 102.39
N GLY P 26 -12.07 24.77 101.98
CA GLY P 26 -12.57 23.77 102.91
C GLY P 26 -11.68 23.61 104.11
N GLY P 27 -10.35 23.65 103.91
CA GLY P 27 -9.44 23.54 105.02
C GLY P 27 -9.56 24.71 105.99
N LEU P 28 -9.89 25.90 105.49
CA LEU P 28 -10.05 27.05 106.35
C LEU P 28 -11.32 26.92 107.20
N PHE P 29 -12.46 26.66 106.54
CA PHE P 29 -13.70 26.47 107.29
C PHE P 29 -13.62 25.26 108.19
N PHE P 30 -13.06 24.15 107.70
CA PHE P 30 -12.90 22.97 108.53
C PHE P 30 -12.00 23.25 109.73
N ASN P 31 -10.98 24.09 109.56
CA ASN P 31 -10.12 24.45 110.68
C ASN P 31 -10.91 25.18 111.76
N ALA P 32 -11.81 26.08 111.35
CA ALA P 32 -12.65 26.78 112.32
C ALA P 32 -13.57 25.80 113.04
N LEU P 33 -14.19 24.88 112.29
CA LEU P 33 -15.05 23.89 112.92
C LEU P 33 -14.25 23.02 113.90
N LYS P 34 -13.04 22.62 113.51
CA LYS P 34 -12.20 21.82 114.41
C LYS P 34 -11.82 22.62 115.64
N ASN P 35 -11.37 23.87 115.46
CA ASN P 35 -11.01 24.69 116.61
C ASN P 35 -12.23 24.95 117.49
N ASP P 36 -13.40 25.18 116.89
CA ASP P 36 -14.61 25.40 117.67
C ASP P 36 -15.07 24.12 118.34
N LYS P 37 -14.89 22.98 117.67
CA LYS P 37 -15.28 21.70 118.27
C LYS P 37 -14.47 21.42 119.52
N GLU P 38 -13.16 21.74 119.50
CA GLU P 38 -12.34 21.53 120.67
C GLU P 38 -12.70 22.47 121.80
N ASN P 39 -13.24 23.65 121.48
CA ASN P 39 -13.64 24.59 122.52
C ASN P 39 -14.73 23.99 123.42
N PHE P 40 -15.75 23.39 122.80
CA PHE P 40 -16.80 22.74 123.58
C PHE P 40 -16.21 21.67 124.49
N THR P 41 -15.22 20.92 123.98
CA THR P 41 -14.55 19.94 124.83
C THR P 41 -13.76 20.62 125.94
N VAL P 42 -13.23 21.81 125.66
CA VAL P 42 -12.51 22.56 126.70
C VAL P 42 -13.50 23.11 127.72
N LEU P 43 -14.55 23.78 127.26
CA LEU P 43 -15.56 24.29 128.17
C LEU P 43 -16.22 23.16 128.96
N GLN P 44 -16.41 22.01 128.32
CA GLN P 44 -16.98 20.87 129.01
C GLN P 44 -16.07 20.40 130.13
N THR P 45 -14.75 20.44 129.90
CA THR P 45 -13.81 20.04 130.95
C THR P 45 -13.71 21.10 132.02
N ILE P 46 -13.64 22.38 131.62
CA ILE P 46 -13.57 23.46 132.61
C ILE P 46 -14.84 23.51 133.44
N ARG P 47 -15.99 23.17 132.83
CA ARG P 47 -17.24 23.16 133.58
C ARG P 47 -17.17 22.15 134.73
N GLN P 48 -16.62 20.96 134.46
CA GLN P 48 -16.52 19.96 135.51
C GLN P 48 -15.59 20.41 136.63
N GLN P 49 -14.55 21.20 136.30
CA GLN P 49 -13.67 21.73 137.34
C GLN P 49 -14.42 22.64 138.29
N GLN P 50 -15.43 23.36 137.79
CA GLN P 50 -16.22 24.23 138.65
C GLN P 50 -17.21 23.42 139.49
N SER P 51 -17.88 22.44 138.88
CA SER P 51 -18.84 21.63 139.63
C SER P 51 -18.13 20.76 140.66
N THR P 52 -17.05 20.09 140.26
CA THR P 52 -16.31 19.25 141.20
C THR P 52 -15.72 20.09 142.32
N LEU P 53 -15.16 21.26 141.99
CA LEU P 53 -14.60 22.12 143.02
C LEU P 53 -15.71 22.73 143.88
N ASN P 54 -16.78 23.20 143.26
CA ASN P 54 -17.89 23.74 144.04
C ASN P 54 -18.53 22.68 144.91
N GLY P 55 -18.80 21.50 144.34
CA GLY P 55 -19.36 20.41 145.13
C GLY P 55 -18.49 20.05 146.32
N SER P 56 -17.17 20.09 146.14
CA SER P 56 -16.26 19.82 147.25
C SER P 56 -16.20 20.99 148.22
N TRP P 57 -16.10 22.21 147.69
CA TRP P 57 -16.08 23.39 148.56
C TRP P 57 -17.37 23.49 149.37
N VAL P 58 -18.51 23.23 148.74
CA VAL P 58 -19.78 23.24 149.47
C VAL P 58 -19.78 22.16 150.54
N ALA P 59 -19.20 21.00 150.24
CA ALA P 59 -19.13 19.93 151.22
C ALA P 59 -18.30 20.35 152.43
N LEU P 60 -17.21 21.09 152.19
CA LEU P 60 -16.39 21.56 153.30
C LEU P 60 -17.17 22.52 154.19
N LEU P 61 -17.93 23.44 153.58
CA LEU P 61 -18.73 24.37 154.37
C LEU P 61 -19.80 23.64 155.15
N GLN P 62 -20.46 22.65 154.53
CA GLN P 62 -21.45 21.85 155.25
C GLN P 62 -20.79 21.10 156.40
N THR P 63 -19.56 20.61 156.20
CA THR P 63 -18.84 19.95 157.27
C THR P 63 -18.51 20.93 158.39
N ARG P 64 -17.91 22.07 158.04
CA ARG P 64 -17.61 23.08 159.05
C ARG P 64 -18.90 23.56 159.73
N ASN P 65 -19.96 23.76 158.95
CA ASN P 65 -21.23 24.17 159.54
C ASN P 65 -21.78 23.12 160.49
N THR P 66 -21.57 21.84 160.15
CA THR P 66 -22.04 20.77 161.03
C THR P 66 -21.23 20.73 162.32
N LEU P 67 -19.92 20.96 162.23
CA LEU P 67 -19.10 20.99 163.44
C LEU P 67 -19.56 22.10 164.38
N ASN P 68 -20.01 23.23 163.84
CA ASN P 68 -20.52 24.30 164.68
C ASN P 68 -21.78 23.85 165.42
N ARG P 69 -22.68 23.14 164.73
CA ARG P 69 -23.87 22.63 165.39
C ARG P 69 -23.51 21.66 166.51
N ALA P 70 -22.57 20.75 166.26
CA ALA P 70 -22.14 19.83 167.30
C ALA P 70 -21.45 20.57 168.44
N GLY P 71 -20.61 21.56 168.11
CA GLY P 71 -19.95 22.34 169.14
C GLY P 71 -20.94 23.16 169.95
N ILE P 72 -21.87 23.83 169.26
CA ILE P 72 -22.89 24.61 169.96
C ILE P 72 -23.80 23.68 170.77
N ARG P 73 -24.17 22.53 170.19
CA ARG P 73 -25.00 21.58 170.91
C ARG P 73 -24.36 21.13 172.21
N TYR P 74 -23.03 21.02 172.23
CA TYR P 74 -22.33 20.63 173.45
C TYR P 74 -22.51 21.68 174.54
N MET P 75 -22.36 22.96 174.19
CA MET P 75 -22.52 24.01 175.19
C MET P 75 -23.93 24.01 175.78
N MET P 76 -24.94 23.66 174.98
CA MET P 76 -26.30 23.61 175.50
C MET P 76 -26.45 22.53 176.57
N ASP P 77 -25.67 21.45 176.49
CA ASP P 77 -25.74 20.40 177.50
C ASP P 77 -25.03 20.82 178.78
N GLN P 78 -23.93 21.57 178.66
CA GLN P 78 -23.21 22.02 179.84
C GLN P 78 -24.06 22.94 180.70
N ASN P 79 -24.80 23.86 180.06
CA ASN P 79 -25.66 24.79 180.77
C ASN P 79 -27.06 24.24 181.01
N ASN P 80 -27.42 23.12 180.37
CA ASN P 80 -28.73 22.51 180.52
C ASN P 80 -29.84 23.50 180.12
N ILE P 81 -29.95 23.69 178.81
CA ILE P 81 -30.93 24.59 178.23
C ILE P 81 -31.56 23.90 177.03
N GLY P 82 -32.88 23.74 177.05
CA GLY P 82 -33.55 23.11 175.94
C GLY P 82 -33.09 21.66 175.74
N SER P 83 -33.39 21.14 174.56
CA SER P 83 -33.03 19.78 174.21
C SER P 83 -33.05 19.65 172.68
N GLY P 84 -32.73 18.46 172.19
CA GLY P 84 -32.71 18.22 170.77
C GLY P 84 -31.95 16.95 170.40
N SER P 85 -31.24 17.00 169.28
CA SER P 85 -30.46 15.86 168.84
C SER P 85 -29.15 15.76 169.62
N THR P 86 -28.72 14.52 169.84
CA THR P 86 -27.48 14.29 170.59
C THR P 86 -26.28 14.77 169.77
N VAL P 87 -25.14 14.91 170.46
CA VAL P 87 -23.93 15.36 169.80
C VAL P 87 -23.37 14.26 168.91
N ALA P 88 -23.63 13.00 169.23
CA ALA P 88 -23.12 11.90 168.42
C ALA P 88 -23.70 11.95 167.02
N GLU P 89 -24.99 12.31 166.89
CA GLU P 89 -25.61 12.40 165.57
C GLU P 89 -25.07 13.59 164.79
N LEU P 90 -24.80 14.71 165.47
CA LEU P 90 -24.27 15.89 164.78
C LEU P 90 -22.86 15.64 164.29
N MET P 91 -22.01 15.07 165.14
CA MET P 91 -20.64 14.78 164.72
C MET P 91 -20.60 13.74 163.61
N GLU P 92 -21.53 12.79 163.63
CA GLU P 92 -21.56 11.79 162.56
C GLU P 92 -21.87 12.42 161.22
N SER P 93 -22.78 13.41 161.19
CA SER P 93 -23.09 14.09 159.94
C SER P 93 -21.89 14.85 159.41
N ALA P 94 -21.06 15.40 160.30
CA ALA P 94 -19.87 16.10 159.84
C ALA P 94 -18.89 15.16 159.15
N SER P 95 -18.75 13.94 159.66
CA SER P 95 -17.87 12.97 159.02
C SER P 95 -18.38 12.59 157.64
N ILE P 96 -19.70 12.39 157.51
CA ILE P 96 -20.26 12.06 156.20
C ILE P 96 -20.05 13.21 155.22
N SER P 97 -20.25 14.45 155.69
CA SER P 97 -20.03 15.60 154.82
C SER P 97 -18.57 15.71 154.40
N LEU P 98 -17.65 15.29 155.27
CA LEU P 98 -16.23 15.34 154.92
C LEU P 98 -15.92 14.38 153.79
N LYS P 99 -16.54 13.21 153.78
CA LYS P 99 -16.32 12.25 152.70
C LYS P 99 -16.81 12.81 151.37
N GLN P 100 -17.91 13.57 151.40
CA GLN P 100 -18.41 14.18 150.17
C GLN P 100 -17.39 15.15 149.59
N ALA P 101 -16.67 15.87 150.45
CA ALA P 101 -15.65 16.78 149.98
C ALA P 101 -14.51 16.02 149.30
N GLU P 102 -14.05 14.94 149.93
CA GLU P 102 -13.00 14.12 149.34
C GLU P 102 -13.49 13.43 148.07
N LYS P 103 -14.74 12.95 148.08
CA LYS P 103 -15.30 12.32 146.89
C LYS P 103 -15.39 13.31 145.74
N ASN P 104 -15.96 14.49 145.99
CA ASN P 104 -16.04 15.51 144.95
C ASN P 104 -14.66 16.03 144.58
N TRP P 105 -13.74 16.08 145.53
CA TRP P 105 -12.38 16.54 145.23
C TRP P 105 -11.61 15.50 144.42
N ALA P 106 -11.99 14.22 144.53
CA ALA P 106 -11.31 13.19 143.76
C ALA P 106 -11.49 13.42 142.27
N ASP P 107 -12.71 13.73 141.84
CA ASP P 107 -12.95 14.01 140.43
C ASP P 107 -12.26 15.29 140.00
N TYR P 108 -12.09 16.24 140.91
CA TYR P 108 -11.40 17.49 140.57
C TYR P 108 -9.95 17.24 140.18
N GLU P 109 -9.31 16.25 140.80
CA GLU P 109 -7.92 15.93 140.50
C GLU P 109 -7.79 14.88 139.40
N ALA P 110 -8.83 14.08 139.15
CA ALA P 110 -8.75 13.05 138.12
C ALA P 110 -8.81 13.66 136.72
N LEU P 111 -9.55 14.76 136.56
CA LEU P 111 -9.66 15.40 135.26
C LEU P 111 -8.35 16.10 134.89
N PRO P 112 -8.09 16.27 133.60
CA PRO P 112 -6.84 16.94 133.19
C PRO P 112 -6.91 18.44 133.42
N ARG P 113 -5.78 19.09 133.15
CA ARG P 113 -5.64 20.53 133.29
C ARG P 113 -5.24 21.13 131.94
N ASP P 114 -5.94 22.19 131.53
CA ASP P 114 -5.64 22.82 130.26
C ASP P 114 -4.31 23.58 130.35
N PRO P 115 -3.64 23.77 129.22
CA PRO P 115 -2.35 24.48 129.25
C PRO P 115 -2.48 25.97 129.52
N ARG P 116 -3.66 26.55 129.31
CA ARG P 116 -3.88 27.97 129.53
C ARG P 116 -4.26 28.29 130.98
N GLN P 117 -4.06 27.36 131.90
CA GLN P 117 -4.37 27.56 133.30
C GLN P 117 -3.08 27.72 134.10
N SER P 118 -3.12 28.61 135.09
CA SER P 118 -1.95 28.87 135.93
C SER P 118 -1.55 27.61 136.69
N THR P 119 -0.38 27.05 136.35
CA THR P 119 0.09 25.85 137.03
C THR P 119 0.35 26.11 138.50
N ALA P 120 0.79 27.33 138.84
CA ALA P 120 1.05 27.65 140.24
C ALA P 120 -0.23 27.66 141.06
N ALA P 121 -1.34 28.10 140.46
CA ALA P 121 -2.60 28.14 141.18
C ALA P 121 -3.07 26.73 141.54
N ALA P 122 -2.80 25.75 140.68
CA ALA P 122 -3.20 24.38 140.96
C ALA P 122 -2.40 23.78 142.12
N ALA P 123 -1.18 24.28 142.34
CA ALA P 123 -0.35 23.76 143.43
C ALA P 123 -0.75 24.40 144.76
N GLU P 124 -1.09 25.69 144.75
CA GLU P 124 -1.46 26.35 145.99
C GLU P 124 -2.82 25.87 146.49
N ILE P 125 -3.79 25.71 145.58
CA ILE P 125 -5.11 25.23 145.99
C ILE P 125 -5.01 23.82 146.54
N LYS P 126 -4.08 23.01 146.03
CA LYS P 126 -3.92 21.65 146.53
C LYS P 126 -3.24 21.64 147.90
N ARG P 127 -2.27 22.53 148.09
CA ARG P 127 -1.59 22.60 149.38
C ARG P 127 -2.53 23.07 150.47
N ASN P 128 -3.30 24.13 150.21
CA ASN P 128 -4.25 24.62 151.20
C ASN P 128 -5.35 23.60 151.48
N TYR P 129 -5.67 22.77 150.49
CA TYR P 129 -6.70 21.75 150.69
C TYR P 129 -6.24 20.71 151.71
N ASP P 130 -5.00 20.24 151.60
CA ASP P 130 -4.49 19.26 152.54
C ASP P 130 -4.40 19.84 153.95
N ILE P 131 -3.96 21.09 154.07
CA ILE P 131 -3.87 21.72 155.39
C ILE P 131 -5.26 21.98 155.95
N TYR P 132 -6.21 22.33 155.09
CA TYR P 132 -7.57 22.60 155.55
C TYR P 132 -8.35 21.31 155.74
N HIS P 133 -8.14 20.32 154.88
CA HIS P 133 -8.85 19.05 155.03
C HIS P 133 -8.46 18.35 156.32
N ASN P 134 -7.16 18.33 156.64
CA ASN P 134 -6.72 17.70 157.87
C ASN P 134 -7.22 18.46 159.10
N ALA P 135 -7.47 19.76 158.96
CA ALA P 135 -7.97 20.55 160.08
C ALA P 135 -9.35 20.09 160.50
N LEU P 136 -10.25 19.91 159.52
CA LEU P 136 -11.59 19.45 159.84
C LEU P 136 -11.56 18.05 160.47
N ALA P 137 -10.66 17.19 159.99
CA ALA P 137 -10.56 15.85 160.55
C ALA P 137 -10.12 15.90 162.01
N GLU P 138 -9.28 16.87 162.36
CA GLU P 138 -8.84 17.00 163.75
C GLU P 138 -9.97 17.48 164.64
N LEU P 139 -10.82 18.37 164.13
CA LEU P 139 -11.94 18.86 164.93
C LEU P 139 -12.88 17.74 165.32
N ILE P 140 -13.05 16.73 164.45
CA ILE P 140 -13.92 15.61 164.77
C ILE P 140 -13.33 14.79 165.91
N GLN P 141 -12.01 14.78 166.05
CA GLN P 141 -11.37 14.00 167.10
C GLN P 141 -11.36 14.77 168.43
N LEU P 142 -11.12 16.08 168.38
CA LEU P 142 -11.09 16.88 169.60
C LEU P 142 -12.47 16.94 170.24
N LEU P 143 -13.50 17.24 169.45
CA LEU P 143 -14.86 17.32 170.00
C LEU P 143 -15.35 15.97 170.47
N GLY P 144 -14.98 14.89 169.78
CA GLY P 144 -15.40 13.56 170.19
C GLY P 144 -14.86 13.15 171.54
N ALA P 145 -13.67 13.65 171.89
CA ALA P 145 -13.04 13.31 173.17
C ALA P 145 -13.51 14.22 174.31
N GLY P 146 -14.20 15.32 174.00
CA GLY P 146 -14.68 16.23 175.02
C GLY P 146 -13.78 17.42 175.30
N LYS P 147 -12.85 17.74 174.39
CA LYS P 147 -11.94 18.86 174.57
C LYS P 147 -12.60 20.10 173.98
N ILE P 148 -13.56 20.65 174.73
CA ILE P 148 -14.28 21.84 174.27
C ILE P 148 -13.35 23.05 174.24
N ASN P 149 -12.39 23.10 175.17
CA ASN P 149 -11.48 24.24 175.21
C ASN P 149 -10.55 24.25 174.00
N GLU P 150 -10.03 23.08 173.61
CA GLU P 150 -9.14 22.98 172.46
C GLU P 150 -9.88 22.96 171.13
N PHE P 151 -11.21 23.05 171.14
CA PHE P 151 -11.99 23.04 169.91
C PHE P 151 -12.15 24.43 169.31
N PHE P 152 -12.35 25.44 170.17
CA PHE P 152 -12.52 26.81 169.71
C PHE P 152 -11.20 27.52 169.46
N ASP P 153 -10.16 27.17 170.23
CA ASP P 153 -8.84 27.79 170.10
C ASP P 153 -7.97 27.09 169.07
N GLN P 154 -8.42 27.02 167.81
CA GLN P 154 -7.66 26.38 166.75
C GLN P 154 -7.49 27.32 165.56
N PRO P 155 -6.44 27.15 164.76
CA PRO P 155 -6.25 28.03 163.60
C PRO P 155 -7.02 27.59 162.37
N THR P 156 -8.13 26.87 162.58
CA THR P 156 -8.93 26.40 161.45
C THR P 156 -9.45 27.55 160.61
N GLN P 157 -9.79 28.67 161.25
CA GLN P 157 -10.29 29.83 160.50
C GLN P 157 -9.21 30.37 159.57
N GLY P 158 -7.94 30.34 160.00
CA GLY P 158 -6.87 30.81 159.15
C GLY P 158 -6.73 30.00 157.88
N TYR P 159 -6.98 28.69 157.96
CA TYR P 159 -6.90 27.83 156.79
C TYR P 159 -8.09 28.02 155.86
N GLN P 160 -9.25 28.38 156.41
CA GLN P 160 -10.43 28.60 155.57
C GLN P 160 -10.22 29.76 154.62
N ASP P 161 -9.76 30.91 155.15
CA ASP P 161 -9.50 32.06 154.30
C ASP P 161 -8.39 31.77 153.31
N GLY P 162 -7.42 30.93 153.68
CA GLY P 162 -6.34 30.60 152.77
C GLY P 162 -6.84 29.84 151.55
N PHE P 163 -7.60 28.76 151.78
CA PHE P 163 -8.14 28.00 150.67
C PHE P 163 -9.29 28.74 149.98
N GLU P 164 -10.03 29.55 150.73
CA GLU P 164 -11.11 30.32 150.13
C GLU P 164 -10.59 31.28 149.07
N LYS P 165 -9.42 31.88 149.33
CA LYS P 165 -8.83 32.77 148.34
C LYS P 165 -8.47 32.02 147.07
N GLN P 166 -7.93 30.81 147.21
CA GLN P 166 -7.62 29.99 146.04
C GLN P 166 -8.88 29.56 145.32
N TYR P 167 -9.97 29.33 146.06
CA TYR P 167 -11.23 28.97 145.42
C TYR P 167 -11.73 30.08 144.51
N VAL P 168 -11.91 31.29 145.07
CA VAL P 168 -12.34 32.42 144.27
C VAL P 168 -11.32 32.72 143.18
N ALA P 169 -10.03 32.56 143.49
CA ALA P 169 -8.99 32.80 142.50
C ALA P 169 -9.08 31.80 141.35
N TYR P 170 -9.42 30.55 141.66
CA TYR P 170 -9.53 29.54 140.61
C TYR P 170 -10.86 29.66 139.87
N MET P 171 -11.96 29.92 140.61
CA MET P 171 -13.25 30.09 139.96
C MET P 171 -13.23 31.29 139.01
N GLU P 172 -12.74 32.44 139.50
CA GLU P 172 -12.64 33.61 138.65
C GLU P 172 -11.67 33.38 137.49
N GLN P 173 -10.63 32.57 137.72
CA GLN P 173 -9.70 32.25 136.63
C GLN P 173 -10.42 31.51 135.51
N ASN P 174 -11.27 30.54 135.86
CA ASN P 174 -12.04 29.82 134.84
C ASN P 174 -13.09 30.73 134.22
N ASP P 175 -13.63 31.68 134.97
CA ASP P 175 -14.61 32.60 134.42
C ASP P 175 -13.99 33.44 133.31
N ARG P 176 -12.84 34.07 133.59
CA ARG P 176 -12.15 34.84 132.56
C ARG P 176 -11.65 33.92 131.45
N LEU P 177 -11.12 32.76 131.81
CA LEU P 177 -10.67 31.80 130.79
C LEU P 177 -11.84 31.35 129.92
N HIS P 178 -13.04 31.24 130.49
CA HIS P 178 -14.20 30.88 129.69
C HIS P 178 -14.48 31.92 128.62
N ASP P 179 -14.32 33.20 128.96
CA ASP P 179 -14.52 34.26 127.98
C ASP P 179 -13.47 34.19 126.88
N ILE P 180 -12.24 33.83 127.23
CA ILE P 180 -11.19 33.70 126.23
C ILE P 180 -11.54 32.60 125.23
N ALA P 181 -12.06 31.47 125.73
CA ALA P 181 -12.49 30.40 124.84
C ALA P 181 -13.66 30.86 123.98
N VAL P 182 -14.60 31.61 124.55
CA VAL P 182 -15.70 32.14 123.77
C VAL P 182 -15.21 33.17 122.76
N SER P 183 -14.18 33.94 123.12
CA SER P 183 -13.62 34.91 122.19
C SER P 183 -13.02 34.21 120.97
N ASP P 184 -12.51 32.99 121.14
CA ASP P 184 -11.98 32.25 120.00
C ASP P 184 -13.05 31.99 118.95
N ASN P 185 -14.28 31.70 119.39
CA ASN P 185 -15.37 31.50 118.44
C ASN P 185 -15.67 32.78 117.69
N ASN P 186 -15.67 33.92 118.39
CA ASN P 186 -15.89 35.20 117.71
C ASN P 186 -14.78 35.48 116.71
N ALA P 187 -13.55 35.10 117.04
CA ALA P 187 -12.45 35.28 116.10
C ALA P 187 -12.61 34.38 114.88
N SER P 188 -12.82 33.08 115.12
CA SER P 188 -13.02 32.17 114.01
C SER P 188 -14.28 32.52 113.22
N TYR P 189 -15.32 32.99 113.91
CA TYR P 189 -16.54 33.39 113.22
C TYR P 189 -16.30 34.63 112.35
N SER P 190 -15.50 35.58 112.85
CA SER P 190 -15.21 36.77 112.06
C SER P 190 -14.31 36.44 110.88
N GLN P 191 -13.27 35.64 111.09
CA GLN P 191 -12.39 35.24 109.99
C GLN P 191 -13.17 34.52 108.91
N ALA P 192 -14.13 33.66 109.30
CA ALA P 192 -14.94 32.97 108.32
C ALA P 192 -15.73 33.94 107.45
N MET P 193 -16.12 35.08 108.00
CA MET P 193 -16.84 36.08 107.22
C MET P 193 -15.95 36.66 106.13
N TRP P 194 -14.69 36.97 106.47
CA TRP P 194 -13.77 37.50 105.47
C TRP P 194 -13.35 36.41 104.50
N ILE P 195 -13.08 35.21 105.00
CA ILE P 195 -12.70 34.10 104.13
C ILE P 195 -13.85 33.74 103.19
N LEU P 196 -15.07 33.71 103.72
CA LEU P 196 -16.23 33.42 102.88
C LEU P 196 -16.40 34.47 101.79
N VAL P 197 -16.33 35.76 102.17
CA VAL P 197 -16.47 36.82 101.18
C VAL P 197 -15.23 36.90 100.30
N GLY P 198 -14.04 36.63 100.86
CA GLY P 198 -12.83 36.70 100.06
C GLY P 198 -12.81 35.66 98.95
N VAL P 199 -13.32 34.46 99.23
CA VAL P 199 -13.34 33.42 98.21
C VAL P 199 -14.26 33.80 97.06
N MET P 200 -15.41 34.41 97.38
CA MET P 200 -16.33 34.83 96.32
C MET P 200 -15.68 35.87 95.42
N ILE P 201 -14.88 36.76 95.99
CA ILE P 201 -14.19 37.76 95.18
C ILE P 201 -13.17 37.08 94.26
N VAL P 202 -12.55 36.00 94.74
CA VAL P 202 -11.60 35.27 93.92
C VAL P 202 -12.34 34.49 92.83
N VAL P 203 -13.46 33.86 93.19
CA VAL P 203 -14.25 33.13 92.20
C VAL P 203 -14.81 34.09 91.16
N LEU P 204 -15.31 35.23 91.59
CA LEU P 204 -15.84 36.22 90.66
C LEU P 204 -14.73 36.73 89.73
N ALA P 205 -13.50 36.84 90.24
CA ALA P 205 -12.40 37.28 89.41
C ALA P 205 -11.97 36.19 88.44
N VAL P 206 -12.03 34.92 88.87
CA VAL P 206 -11.67 33.82 87.98
C VAL P 206 -12.68 33.71 86.85
N ILE P 207 -13.97 33.77 87.17
CA ILE P 207 -15.01 33.70 86.14
C ILE P 207 -14.87 34.87 85.18
N PHE P 208 -14.53 36.05 85.72
CA PHE P 208 -14.35 37.23 84.85
C PHE P 208 -13.11 37.07 83.98
N ALA P 209 -12.03 36.50 84.54
CA ALA P 209 -10.82 36.29 83.76
C ALA P 209 -11.00 35.16 82.76
N VAL P 210 -11.63 34.06 83.17
CA VAL P 210 -11.86 32.94 82.27
C VAL P 210 -12.81 33.36 81.15
N TRP P 211 -13.93 33.97 81.52
CA TRP P 211 -14.89 34.41 80.50
C TRP P 211 -14.25 35.41 79.56
N PHE P 212 -13.52 36.39 80.09
CA PHE P 212 -12.85 37.37 79.24
C PHE P 212 -11.87 36.70 78.30
N GLY P 213 -11.23 35.61 78.75
CA GLY P 213 -10.29 34.91 77.89
C GLY P 213 -10.98 34.13 76.79
N ILE P 214 -12.13 33.54 77.10
CA ILE P 214 -12.86 32.77 76.08
C ILE P 214 -13.33 33.69 74.96
N LYS P 215 -13.62 34.96 75.27
CA LYS P 215 -14.06 35.89 74.24
C LYS P 215 -13.00 36.07 73.17
N ALA P 216 -11.83 36.56 73.56
CA ALA P 216 -10.73 36.80 72.63
C ALA P 216 -9.84 35.57 72.48
N SER P 217 -10.46 34.42 72.18
CA SER P 217 -9.71 33.18 72.01
C SER P 217 -10.57 32.12 71.32
N LEU P 218 -11.86 32.10 71.60
CA LEU P 218 -12.76 31.10 71.03
C LEU P 218 -13.97 31.76 70.38
N VAL P 219 -14.42 32.89 70.92
CA VAL P 219 -15.59 33.57 70.41
C VAL P 219 -15.18 34.53 69.29
N ALA P 220 -14.27 35.45 69.60
CA ALA P 220 -13.85 36.43 68.60
C ALA P 220 -13.23 35.78 67.37
N PRO P 221 -12.32 34.81 67.50
CA PRO P 221 -11.79 34.17 66.28
C PRO P 221 -12.86 33.41 65.51
N MET P 222 -13.82 32.80 66.21
CA MET P 222 -14.88 32.07 65.53
C MET P 222 -15.72 33.00 64.66
N ASN P 223 -16.05 34.19 65.18
CA ASN P 223 -16.84 35.13 64.42
C ASN P 223 -16.13 35.58 63.14
N ARG P 224 -14.80 35.52 63.13
CA ARG P 224 -14.04 35.91 61.95
C ARG P 224 -13.98 34.78 60.92
N LEU P 225 -13.78 33.55 61.38
CA LEU P 225 -13.70 32.42 60.45
C LEU P 225 -15.05 32.17 59.78
N ILE P 226 -16.14 32.33 60.53
CA ILE P 226 -17.47 32.14 59.94
C ILE P 226 -17.69 33.11 58.80
N ASP P 227 -17.48 34.40 59.06
CA ASP P 227 -17.65 35.41 58.02
C ASP P 227 -16.65 35.21 56.89
N SER P 228 -15.47 34.68 57.19
CA SER P 228 -14.47 34.46 56.15
C SER P 228 -14.99 33.50 55.08
N ILE P 229 -15.56 32.38 55.51
CA ILE P 229 -16.09 31.41 54.55
C ILE P 229 -17.25 32.02 53.77
N ARG P 230 -18.03 32.90 54.40
CA ARG P 230 -19.12 33.56 53.69
C ARG P 230 -18.59 34.44 52.57
N HIS P 231 -17.53 35.20 52.83
CA HIS P 231 -16.93 36.03 51.79
C HIS P 231 -16.21 35.17 50.76
N ILE P 232 -15.65 34.03 51.18
CA ILE P 232 -14.99 33.14 50.23
C ILE P 232 -16.01 32.38 49.40
N ALA P 233 -17.11 31.95 50.03
CA ALA P 233 -18.15 31.24 49.30
C ALA P 233 -18.84 32.14 48.31
N GLY P 234 -19.09 33.40 48.68
CA GLY P 234 -19.75 34.33 47.79
C GLY P 234 -18.91 34.75 46.60
N GLY P 235 -17.60 34.85 46.77
CA GLY P 235 -16.68 35.23 45.72
C GLY P 235 -15.57 36.16 46.15
N ASP P 236 -15.73 36.88 47.26
CA ASP P 236 -14.71 37.80 47.74
C ASP P 236 -13.51 37.04 48.29
N LEU P 237 -12.50 36.81 47.45
CA LEU P 237 -11.30 36.09 47.85
C LEU P 237 -10.17 37.03 48.28
N VAL P 238 -10.50 38.27 48.66
CA VAL P 238 -9.49 39.23 49.07
C VAL P 238 -9.42 39.41 50.58
N LYS P 239 -10.46 39.03 51.32
CA LYS P 239 -10.49 39.18 52.76
C LYS P 239 -9.31 38.45 53.39
N PRO P 240 -8.35 39.16 53.99
CA PRO P 240 -7.22 38.48 54.62
C PRO P 240 -7.67 37.57 55.75
N ILE P 241 -6.76 36.70 56.19
CA ILE P 241 -7.01 35.77 57.27
C ILE P 241 -5.78 35.75 58.17
N GLU P 242 -6.02 35.64 59.48
CA GLU P 242 -4.96 35.62 60.48
C GLU P 242 -5.05 34.35 61.31
N VAL P 243 -3.92 34.00 61.94
CA VAL P 243 -3.81 32.82 62.78
C VAL P 243 -3.63 33.28 64.23
N ASP P 244 -4.18 32.50 65.16
CA ASP P 244 -4.11 32.80 66.58
C ASP P 244 -3.08 31.94 67.30
N GLY P 245 -1.88 31.82 66.73
CA GLY P 245 -0.84 31.04 67.38
C GLY P 245 -1.25 29.58 67.51
N SER P 246 -0.63 28.91 68.48
CA SER P 246 -0.90 27.51 68.75
C SER P 246 -2.20 27.40 69.54
N ASN P 247 -3.28 27.03 68.86
CA ASN P 247 -4.58 26.91 69.49
C ASN P 247 -5.53 26.24 68.50
N GLU P 248 -6.64 25.71 69.03
CA GLU P 248 -7.63 25.07 68.17
C GLU P 248 -8.12 26.03 67.08
N MET P 249 -8.27 27.31 67.43
CA MET P 249 -8.68 28.29 66.43
C MET P 249 -7.53 28.65 65.49
N GLY P 250 -6.29 28.58 65.98
CA GLY P 250 -5.16 28.87 65.13
C GLY P 250 -4.94 27.82 64.06
N GLN P 251 -5.04 26.54 64.45
CA GLN P 251 -4.90 25.46 63.47
C GLN P 251 -6.02 25.51 62.44
N LEU P 252 -7.25 25.80 62.87
CA LEU P 252 -8.35 25.93 61.93
C LEU P 252 -8.14 27.08 60.97
N ALA P 253 -7.54 28.18 61.44
CA ALA P 253 -7.28 29.32 60.57
C ALA P 253 -6.22 28.96 59.53
N GLU P 254 -5.16 28.26 59.96
CA GLU P 254 -4.12 27.87 59.01
C GLU P 254 -4.67 26.95 57.94
N SER P 255 -5.63 26.09 58.30
CA SER P 255 -6.23 25.20 57.31
C SER P 255 -7.04 25.99 56.29
N LEU P 256 -7.76 27.02 56.73
CA LEU P 256 -8.53 27.82 55.79
C LEU P 256 -7.62 28.62 54.86
N ARG P 257 -6.48 29.09 55.37
CA ARG P 257 -5.55 29.82 54.51
C ARG P 257 -5.01 28.93 53.39
N HIS P 258 -4.76 27.67 53.70
CA HIS P 258 -4.25 26.75 52.67
C HIS P 258 -5.30 26.53 51.59
N MET P 259 -6.54 26.23 51.99
CA MET P 259 -7.60 26.03 51.00
C MET P 259 -7.85 27.27 50.16
N GLN P 260 -7.65 28.46 50.76
CA GLN P 260 -7.84 29.69 50.00
C GLN P 260 -6.85 29.80 48.87
N GLY P 261 -5.58 29.44 49.11
CA GLY P 261 -4.59 29.48 48.06
C GLY P 261 -4.89 28.50 46.94
N GLU P 262 -5.49 27.37 47.28
CA GLU P 262 -5.84 26.38 46.26
C GLU P 262 -7.02 26.85 45.41
N LEU P 263 -7.87 27.71 45.96
CA LEU P 263 -9.03 28.21 45.21
C LEU P 263 -8.64 29.36 44.30
N MET P 264 -7.78 30.27 44.77
CA MET P 264 -7.38 31.40 43.95
C MET P 264 -6.60 30.95 42.72
N ARG P 265 -5.75 29.93 42.87
CA ARG P 265 -4.99 29.44 41.73
C ARG P 265 -5.90 28.76 40.71
N THR P 266 -6.90 28.01 41.19
CA THR P 266 -7.83 27.36 40.28
C THR P 266 -8.61 28.38 39.46
N VAL P 267 -9.06 29.46 40.10
CA VAL P 267 -9.78 30.50 39.38
C VAL P 267 -8.84 31.21 38.41
N GLY P 268 -7.60 31.45 38.81
CA GLY P 268 -6.65 32.10 37.92
C GLY P 268 -6.33 31.26 36.71
N ASP P 269 -6.11 29.95 36.91
CA ASP P 269 -5.81 29.07 35.80
C ASP P 269 -7.00 28.98 34.85
N VAL P 270 -8.22 28.97 35.40
CA VAL P 270 -9.41 28.90 34.55
C VAL P 270 -9.69 30.26 33.92
N ARG P 271 -9.54 31.34 34.69
CA ARG P 271 -9.77 32.67 34.14
C ARG P 271 -8.72 33.03 33.10
N ASN P 272 -7.44 32.90 33.46
CA ASN P 272 -6.38 33.20 32.50
C ASN P 272 -6.41 32.24 31.31
N GLY P 273 -6.76 30.97 31.56
CA GLY P 273 -6.84 30.02 30.48
C GLY P 273 -8.04 30.26 29.57
N ALA P 274 -9.17 30.63 30.17
CA ALA P 274 -10.37 30.91 29.37
C ALA P 274 -10.14 32.11 28.46
N ASN P 275 -9.39 33.10 28.93
CA ASN P 275 -9.11 34.27 28.09
C ASN P 275 -8.30 33.89 26.87
N ALA P 276 -7.37 32.94 27.01
CA ALA P 276 -6.59 32.49 25.88
C ALA P 276 -7.45 31.75 24.87
N ILE P 277 -8.43 30.98 25.35
CA ILE P 277 -9.32 30.25 24.45
C ILE P 277 -10.19 31.24 23.68
N TYR P 278 -10.75 32.24 24.39
CA TYR P 278 -11.57 33.24 23.72
C TYR P 278 -10.73 34.08 22.75
N SER P 279 -9.55 34.52 23.20
CA SER P 279 -8.68 35.28 22.32
C SER P 279 -8.17 34.43 21.16
N GLY P 280 -7.77 33.19 21.45
CA GLY P 280 -7.31 32.30 20.39
C GLY P 280 -8.42 31.95 19.41
N ALA P 281 -9.65 31.77 19.93
CA ALA P 281 -10.78 31.47 19.05
C ALA P 281 -11.07 32.63 18.11
N SER P 282 -10.87 33.87 18.56
CA SER P 282 -11.08 35.02 17.69
C SER P 282 -10.14 35.01 16.50
N GLU P 283 -8.90 34.57 16.72
CA GLU P 283 -7.95 34.48 15.61
C GLU P 283 -8.40 33.45 14.59
N ILE P 284 -8.93 32.32 15.05
CA ILE P 284 -9.44 31.30 14.13
C ILE P 284 -10.69 31.79 13.44
N ALA P 285 -11.60 32.41 14.21
CA ALA P 285 -12.82 32.96 13.61
C ALA P 285 -12.50 34.05 12.61
N THR P 286 -11.55 34.93 12.96
CA THR P 286 -11.15 35.99 12.04
C THR P 286 -10.47 35.41 10.81
N GLY P 287 -9.72 34.31 10.96
CA GLY P 287 -9.08 33.69 9.81
C GLY P 287 -10.09 33.17 8.81
N ASN P 288 -11.17 32.54 9.30
CA ASN P 288 -12.19 32.03 8.39
C ASN P 288 -12.89 33.18 7.67
N ASN P 289 -13.09 34.31 8.35
CA ASN P 289 -13.70 35.47 7.72
C ASN P 289 -12.84 35.96 6.56
N ASP P 290 -11.54 36.12 6.80
CA ASP P 290 -10.64 36.52 5.72
C ASP P 290 -10.50 35.41 4.68
N LEU P 291 -10.40 34.15 5.14
CA LEU P 291 -10.31 33.03 4.21
C LEU P 291 -11.60 32.89 3.39
N SER P 292 -12.74 33.23 3.99
CA SER P 292 -14.01 33.16 3.26
C SER P 292 -14.00 34.12 2.07
N SER P 293 -13.46 35.32 2.27
CA SER P 293 -13.37 36.28 1.17
C SER P 293 -12.49 35.73 0.05
N ARG P 294 -11.40 35.05 0.40
CA ARG P 294 -10.56 34.44 -0.62
C ARG P 294 -11.27 33.26 -1.28
N THR P 295 -12.06 32.51 -0.52
CA THR P 295 -12.80 31.39 -1.10
C THR P 295 -13.80 31.89 -2.13
N GLU P 296 -14.56 32.93 -1.81
CA GLU P 296 -15.48 33.50 -2.78
C GLU P 296 -14.73 34.07 -3.98
N GLN P 297 -13.63 34.77 -3.73
CA GLN P 297 -12.82 35.29 -4.83
C GLN P 297 -12.19 34.13 -5.62
N GLN P 298 -11.81 33.06 -4.93
CA GLN P 298 -11.25 31.91 -5.62
C GLN P 298 -12.28 31.29 -6.56
N ALA P 299 -13.51 31.11 -6.07
CA ALA P 299 -14.57 30.57 -6.93
C ALA P 299 -14.93 31.55 -8.04
N ALA P 300 -14.92 32.86 -7.73
CA ALA P 300 -15.22 33.85 -8.75
C ALA P 300 -14.22 33.78 -9.91
N SER P 301 -12.95 33.54 -9.59
CA SER P 301 -11.95 33.40 -10.65
C SER P 301 -12.22 32.19 -11.51
N LEU P 302 -12.68 31.09 -10.90
CA LEU P 302 -13.00 29.90 -11.69
C LEU P 302 -14.19 30.16 -12.62
N GLU P 303 -15.22 30.85 -12.12
CA GLU P 303 -16.35 31.19 -12.96
C GLU P 303 -15.93 32.11 -14.09
N GLU P 304 -15.15 33.14 -13.78
CA GLU P 304 -14.66 34.03 -14.83
C GLU P 304 -13.70 33.31 -15.76
N THR P 305 -12.82 32.47 -15.21
CA THR P 305 -11.90 31.71 -16.04
C THR P 305 -12.64 30.67 -16.87
N ALA P 306 -13.64 30.01 -16.28
CA ALA P 306 -14.41 29.02 -17.02
C ALA P 306 -15.11 29.67 -18.21
N ALA P 307 -15.72 30.83 -17.99
CA ALA P 307 -16.37 31.54 -19.10
C ALA P 307 -15.37 31.98 -20.15
N SER P 308 -14.13 32.26 -19.73
CA SER P 308 -13.10 32.66 -20.70
C SER P 308 -12.77 31.51 -21.64
N MET P 309 -12.69 30.29 -21.11
CA MET P 309 -12.41 29.13 -21.96
C MET P 309 -13.53 28.89 -22.96
N GLU P 310 -14.77 29.22 -22.60
CA GLU P 310 -15.88 29.07 -23.54
C GLU P 310 -15.66 29.94 -24.77
N GLN P 311 -15.19 31.17 -24.57
CA GLN P 311 -14.90 32.04 -25.71
C GLN P 311 -13.79 31.45 -26.58
N LEU P 312 -12.80 30.81 -25.95
CA LEU P 312 -11.74 30.18 -26.72
C LEU P 312 -12.27 28.96 -27.48
N THR P 313 -13.14 28.18 -26.84
CA THR P 313 -13.72 27.03 -27.52
C THR P 313 -14.47 27.44 -28.79
N ALA P 314 -15.32 28.47 -28.67
CA ALA P 314 -16.03 28.96 -29.84
C ALA P 314 -15.06 29.48 -30.90
N THR P 315 -13.91 29.99 -30.47
CA THR P 315 -12.92 30.47 -31.42
C THR P 315 -12.13 29.32 -32.05
N VAL P 316 -11.85 28.26 -31.27
CA VAL P 316 -11.14 27.12 -31.80
C VAL P 316 -12.00 26.39 -32.83
N LYS P 317 -13.30 26.24 -32.55
CA LYS P 317 -14.20 25.61 -33.51
C LYS P 317 -14.23 26.40 -34.81
N GLN P 318 -14.39 27.73 -34.71
CA GLN P 318 -14.36 28.57 -35.90
C GLN P 318 -12.98 28.52 -36.56
N ASN P 319 -11.92 28.52 -35.75
CA ASN P 319 -10.57 28.42 -36.29
C ASN P 319 -10.32 27.05 -36.91
N ALA P 320 -10.85 25.99 -36.30
CA ALA P 320 -10.68 24.65 -36.86
C ALA P 320 -11.50 24.47 -38.13
N GLU P 321 -12.73 24.97 -38.14
CA GLU P 321 -13.56 24.87 -39.32
C GLU P 321 -12.94 25.61 -40.50
N ASN P 322 -12.36 26.78 -40.24
CA ASN P 322 -11.70 27.53 -41.30
C ASN P 322 -10.51 26.77 -41.87
N ALA P 323 -9.81 25.98 -41.03
CA ALA P 323 -8.68 25.20 -41.52
C ALA P 323 -9.15 24.07 -42.43
N ARG P 324 -10.26 23.41 -42.06
CA ARG P 324 -10.79 22.33 -42.89
C ARG P 324 -11.28 22.87 -44.23
N GLN P 325 -12.06 23.96 -44.20
CA GLN P 325 -12.54 24.55 -45.45
C GLN P 325 -11.38 25.09 -46.28
N ALA P 326 -10.38 25.67 -45.61
CA ALA P 326 -9.22 26.19 -46.33
C ALA P 326 -8.44 25.05 -47.00
N SER P 327 -8.29 23.93 -46.30
CA SER P 327 -7.58 22.79 -46.88
C SER P 327 -8.31 22.26 -48.10
N HIS P 328 -9.64 22.21 -48.06
CA HIS P 328 -10.40 21.76 -49.21
C HIS P 328 -10.23 22.70 -50.39
N LEU P 329 -10.39 24.01 -50.16
CA LEU P 329 -10.20 24.97 -51.23
C LEU P 329 -8.74 25.02 -51.67
N ALA P 330 -7.81 24.92 -50.72
CA ALA P 330 -6.40 24.92 -51.07
C ALA P 330 -6.04 23.66 -51.86
N LEU P 331 -6.54 22.50 -51.43
CA LEU P 331 -6.29 21.27 -52.16
C LEU P 331 -6.88 21.33 -53.56
N SER P 332 -8.06 21.93 -53.69
CA SER P 332 -8.67 22.07 -55.01
C SER P 332 -7.84 23.00 -55.90
N ALA P 333 -7.30 24.07 -55.33
CA ALA P 333 -6.45 24.97 -56.11
C ALA P 333 -5.18 24.27 -56.56
N SER P 334 -4.63 23.39 -55.71
CA SER P 334 -3.43 22.64 -56.09
C SER P 334 -3.72 21.74 -57.28
N GLU P 335 -4.78 20.94 -57.20
CA GLU P 335 -5.16 20.07 -58.32
C GLU P 335 -5.50 20.90 -59.55
N THR P 336 -6.10 22.07 -59.35
CA THR P 336 -6.40 22.95 -60.48
C THR P 336 -5.11 23.45 -61.15
N ALA P 337 -4.12 23.82 -60.34
CA ALA P 337 -2.85 24.26 -60.91
C ALA P 337 -2.14 23.11 -61.63
N GLN P 338 -2.12 21.92 -61.02
CA GLN P 338 -1.51 20.77 -61.68
C GLN P 338 -2.26 20.42 -62.96
N ARG P 339 -3.60 20.48 -62.91
CA ARG P 339 -4.38 20.22 -64.12
C ARG P 339 -4.06 21.23 -65.21
N GLY P 340 -4.03 22.52 -64.85
CA GLY P 340 -3.67 23.53 -65.82
C GLY P 340 -2.22 23.46 -66.25
N GLY P 341 -1.35 22.96 -65.37
CA GLY P 341 0.06 22.83 -65.73
C GLY P 341 0.27 21.86 -66.87
N LYS P 342 -0.46 20.74 -66.85
CA LYS P 342 -0.35 19.77 -67.94
C LYS P 342 -0.78 20.38 -69.26
N VAL P 343 -1.81 21.24 -69.23
CA VAL P 343 -2.24 21.92 -70.45
C VAL P 343 -1.12 22.81 -70.97
N VAL P 344 -0.39 23.48 -70.07
CA VAL P 344 0.74 24.30 -70.50
C VAL P 344 1.82 23.43 -71.11
N ASP P 345 2.03 22.24 -70.56
CA ASP P 345 3.01 21.32 -71.13
C ASP P 345 2.59 20.85 -72.51
N ASN P 346 1.29 20.58 -72.70
CA ASN P 346 0.81 20.18 -74.02
C ASN P 346 0.99 21.29 -75.04
N VAL P 347 0.84 22.55 -74.62
CA VAL P 347 1.04 23.67 -75.54
C VAL P 347 2.49 23.75 -75.96
N VAL P 348 3.41 23.44 -75.04
CA VAL P 348 4.84 23.46 -75.38
C VAL P 348 5.11 22.53 -76.56
N GLN P 349 4.47 21.35 -76.57
CA GLN P 349 4.61 20.46 -77.70
C GLN P 349 4.03 21.08 -78.97
N THR P 350 3.02 21.93 -78.83
CA THR P 350 2.45 22.60 -80.00
C THR P 350 3.34 23.75 -80.46
N MET P 351 3.88 24.53 -79.53
CA MET P 351 4.78 25.62 -79.90
C MET P 351 5.98 25.09 -80.68
N ARG P 352 6.58 23.99 -80.21
CA ARG P 352 7.68 23.38 -80.95
C ARG P 352 7.20 22.81 -82.27
N ASP P 353 5.98 22.29 -82.31
CA ASP P 353 5.42 21.78 -83.56
C ASP P 353 5.22 22.91 -84.56
N ILE P 354 4.64 24.02 -84.11
CA ILE P 354 4.47 25.17 -84.99
C ILE P 354 5.82 25.70 -85.44
N SER P 355 6.80 25.71 -84.53
CA SER P 355 8.15 26.14 -84.91
C SER P 355 8.75 25.19 -85.94
N THR P 356 8.51 23.89 -85.81
CA THR P 356 9.00 22.94 -86.79
C THR P 356 8.36 23.18 -88.15
N SER P 357 7.05 23.43 -88.17
CA SER P 357 6.38 23.73 -89.43
C SER P 357 6.90 25.02 -90.03
N SER P 358 7.06 26.06 -89.21
CA SER P 358 7.60 27.32 -89.71
C SER P 358 9.02 27.13 -90.24
N GLN P 359 9.82 26.30 -89.55
CA GLN P 359 11.17 26.02 -90.04
C GLN P 359 11.14 25.29 -91.37
N LYS P 360 10.18 24.37 -91.54
CA LYS P 360 10.06 23.66 -92.81
C LYS P 360 9.68 24.62 -93.94
N ILE P 361 8.75 25.54 -93.67
CA ILE P 361 8.38 26.52 -94.69
C ILE P 361 9.58 27.38 -95.06
N ALA P 362 10.36 27.81 -94.06
CA ALA P 362 11.54 28.61 -94.33
C ALA P 362 12.52 27.88 -95.23
N ASP P 363 12.58 26.54 -95.12
CA ASP P 363 13.46 25.77 -95.97
C ASP P 363 12.95 25.74 -97.40
N ILE P 364 11.63 25.68 -97.59
CA ILE P 364 11.08 25.68 -98.94
C ILE P 364 11.21 27.06 -99.57
N ILE P 365 10.99 28.12 -98.79
CA ILE P 365 11.16 29.48 -99.30
C ILE P 365 12.59 29.67 -99.78
N SER P 366 13.56 29.10 -99.07
CA SER P 366 14.95 29.17 -99.52
C SER P 366 15.14 28.43 -100.83
N VAL P 367 14.37 27.35 -101.05
CA VAL P 367 14.46 26.63 -102.31
C VAL P 367 13.74 27.40 -103.41
N ILE P 368 12.55 27.93 -103.11
CA ILE P 368 11.82 28.73 -104.09
C ILE P 368 12.63 29.95 -104.49
N ASP P 369 13.35 30.53 -103.52
CA ASP P 369 14.23 31.66 -103.84
C ASP P 369 15.32 31.25 -104.82
N GLY P 370 15.89 30.06 -104.63
CA GLY P 370 16.88 29.57 -105.57
C GLY P 370 16.29 29.25 -106.93
N ILE P 371 15.15 28.57 -106.94
CA ILE P 371 14.48 28.27 -108.20
C ILE P 371 14.12 29.55 -108.93
N ALA P 372 13.59 30.53 -108.20
CA ALA P 372 13.27 31.81 -108.81
C ALA P 372 14.53 32.55 -109.25
N PHE P 373 15.62 32.41 -108.49
CA PHE P 373 16.88 33.05 -108.87
C PHE P 373 17.46 32.39 -110.12
N GLN P 374 17.49 31.07 -110.16
CA GLN P 374 17.99 30.37 -111.34
C GLN P 374 17.12 30.66 -112.56
N THR P 375 15.81 30.83 -112.35
CA THR P 375 14.93 31.17 -113.47
C THR P 375 15.31 32.50 -114.09
N ASN P 376 15.72 33.46 -113.27
CA ASN P 376 16.17 34.75 -113.79
C ASN P 376 17.43 34.60 -114.63
N ILE P 377 18.31 33.66 -114.26
CA ILE P 377 19.52 33.44 -115.04
C ILE P 377 19.18 32.89 -116.42
N LEU P 378 18.24 31.93 -116.47
CA LEU P 378 17.83 31.38 -117.75
C LEU P 378 17.15 32.44 -118.61
N ALA P 379 16.29 33.26 -118.00
CA ALA P 379 15.64 34.34 -118.76
C ALA P 379 16.66 35.35 -119.27
N LEU P 380 17.72 35.59 -118.49
CA LEU P 380 18.76 36.52 -118.94
C LEU P 380 19.52 35.95 -120.14
N ASN P 381 19.82 34.65 -120.11
CA ASN P 381 20.50 34.03 -121.24
C ASN P 381 19.64 34.05 -122.48
N ALA P 382 18.32 33.89 -122.32
CA ALA P 382 17.42 33.92 -123.46
C ALA P 382 17.42 35.30 -124.11
N ALA P 383 17.45 36.37 -123.30
CA ALA P 383 17.48 37.71 -123.86
C ALA P 383 18.80 37.97 -124.60
N VAL P 384 19.91 37.46 -124.06
CA VAL P 384 21.20 37.64 -124.72
C VAL P 384 21.22 36.87 -126.04
N GLU P 385 20.78 35.62 -126.02
CA GLU P 385 20.75 34.82 -127.24
C GLU P 385 19.73 35.35 -128.23
N ALA P 386 18.63 35.94 -127.75
CA ALA P 386 17.63 36.48 -128.65
C ALA P 386 18.17 37.66 -129.44
N ALA P 387 18.89 38.56 -128.77
CA ALA P 387 19.48 39.71 -129.45
C ALA P 387 20.62 39.30 -130.38
N ARG P 388 21.20 38.12 -130.19
CA ARG P 388 22.28 37.68 -131.06
C ARG P 388 21.80 37.47 -132.49
N ALA P 389 20.73 36.69 -132.66
CA ALA P 389 20.18 36.47 -133.99
C ALA P 389 19.60 37.73 -134.61
N GLY P 390 19.28 38.73 -133.81
CA GLY P 390 18.74 39.97 -134.32
C GLY P 390 17.23 40.04 -134.19
N GLU P 391 16.56 40.62 -135.18
CA GLU P 391 15.12 40.75 -135.15
C GLU P 391 14.42 39.39 -135.32
N GLN P 392 15.12 38.40 -135.85
CA GLN P 392 14.51 37.08 -136.02
C GLN P 392 14.14 36.46 -134.68
N GLY P 393 14.95 36.70 -133.66
CA GLY P 393 14.69 36.17 -132.34
C GLY P 393 13.91 37.12 -131.46
N ARG P 394 13.18 38.05 -132.07
CA ARG P 394 12.40 39.00 -131.30
C ARG P 394 11.26 38.31 -130.55
N GLY P 395 10.75 37.21 -131.09
CA GLY P 395 9.69 36.49 -130.40
C GLY P 395 10.11 35.98 -129.03
N PHE P 396 11.35 35.52 -128.93
CA PHE P 396 11.85 35.02 -127.65
C PHE P 396 12.20 36.15 -126.69
N ALA P 397 12.53 37.34 -127.21
CA ALA P 397 12.85 38.46 -126.35
C ALA P 397 11.65 38.88 -125.53
N VAL P 398 10.46 38.92 -126.16
CA VAL P 398 9.25 39.29 -125.42
C VAL P 398 8.94 38.25 -124.35
N VAL P 399 9.06 36.97 -124.71
CA VAL P 399 8.81 35.91 -123.73
C VAL P 399 9.90 35.90 -122.67
N ALA P 400 11.15 36.12 -123.07
CA ALA P 400 12.24 36.17 -122.10
C ALA P 400 12.06 37.33 -121.12
N GLY P 401 11.66 38.49 -121.62
CA GLY P 401 11.43 39.62 -120.73
C GLY P 401 10.28 39.38 -119.79
N GLU P 402 9.22 38.73 -120.27
CA GLU P 402 8.08 38.42 -119.41
C GLU P 402 8.46 37.40 -118.34
N VAL P 403 9.18 36.35 -118.73
CA VAL P 403 9.61 35.34 -117.77
C VAL P 403 10.52 35.96 -116.71
N ARG P 404 11.36 36.92 -117.12
CA ARG P 404 12.23 37.58 -116.16
C ARG P 404 11.42 38.37 -115.13
N ASN P 405 10.37 39.06 -115.57
CA ASN P 405 9.53 39.80 -114.63
C ASN P 405 8.86 38.86 -113.65
N LEU P 406 8.31 37.74 -114.14
CA LEU P 406 7.69 36.77 -113.26
C LEU P 406 8.70 36.19 -112.27
N ALA P 407 9.97 36.08 -112.68
CA ALA P 407 10.99 35.56 -111.78
C ALA P 407 11.31 36.58 -110.69
N GLN P 408 11.40 37.85 -111.04
CA GLN P 408 11.67 38.88 -110.03
C GLN P 408 10.52 39.00 -109.05
N ARG P 409 9.28 39.01 -109.55
CA ARG P 409 8.13 39.08 -108.66
C ARG P 409 8.09 37.89 -107.72
N SER P 410 8.30 36.68 -108.25
CA SER P 410 8.33 35.50 -107.40
C SER P 410 9.53 35.52 -106.45
N ALA P 411 10.62 36.17 -106.85
CA ALA P 411 11.79 36.26 -105.99
C ALA P 411 11.50 37.15 -104.78
N GLN P 412 11.10 38.40 -105.03
CA GLN P 412 10.76 39.29 -103.93
C GLN P 412 9.60 38.77 -103.11
N ALA P 413 8.63 38.11 -103.76
CA ALA P 413 7.52 37.53 -103.03
C ALA P 413 7.99 36.42 -102.09
N ALA P 414 8.90 35.56 -102.58
CA ALA P 414 9.44 34.51 -101.73
C ALA P 414 10.25 35.09 -100.59
N ARG P 415 11.13 36.06 -100.89
CA ARG P 415 11.90 36.71 -99.85
C ARG P 415 11.00 37.49 -98.90
N GLU P 416 9.88 38.02 -99.39
CA GLU P 416 8.95 38.73 -98.51
C GLU P 416 8.37 37.80 -97.46
N ILE P 417 8.04 36.56 -97.86
CA ILE P 417 7.53 35.59 -96.89
C ILE P 417 8.60 35.26 -95.86
N LYS P 418 9.87 35.20 -96.29
CA LYS P 418 10.94 34.92 -95.35
C LYS P 418 10.97 35.94 -94.22
N SER P 419 10.73 37.22 -94.55
CA SER P 419 10.65 38.24 -93.52
C SER P 419 9.46 38.00 -92.59
N LEU P 420 8.35 37.54 -93.15
CA LEU P 420 7.19 37.23 -92.32
C LEU P 420 7.44 35.99 -91.47
N ILE P 421 7.98 34.93 -92.08
CA ILE P 421 8.32 33.73 -91.33
C ILE P 421 9.37 34.04 -90.28
N GLU P 422 10.41 34.80 -90.66
CA GLU P 422 11.42 35.20 -89.70
C GLU P 422 10.81 36.02 -88.57
N ASP P 423 9.96 36.98 -88.91
CA ASP P 423 9.26 37.74 -87.87
C ASP P 423 8.25 36.88 -87.13
N SER P 424 7.62 35.92 -87.82
CA SER P 424 6.69 35.02 -87.15
C SER P 424 7.41 34.12 -86.17
N VAL P 425 8.56 33.56 -86.57
CA VAL P 425 9.33 32.72 -85.65
C VAL P 425 9.72 33.50 -84.41
N GLY P 426 9.98 34.80 -84.56
CA GLY P 426 10.28 35.62 -83.39
C GLY P 426 9.12 35.66 -82.42
N LYS P 427 7.90 35.80 -82.95
CA LYS P 427 6.72 35.77 -82.09
C LYS P 427 6.53 34.39 -81.46
N VAL P 428 6.85 33.34 -82.21
CA VAL P 428 6.78 31.98 -81.64
C VAL P 428 7.78 31.85 -80.50
N ASP P 429 8.99 32.39 -80.67
CA ASP P 429 9.97 32.36 -79.60
C ASP P 429 9.52 33.21 -78.41
N VAL P 430 9.03 34.41 -78.69
CA VAL P 430 8.52 35.26 -77.61
C VAL P 430 7.30 34.60 -76.96
N GLY P 431 6.41 34.03 -77.77
CA GLY P 431 5.27 33.33 -77.22
C GLY P 431 5.67 32.12 -76.41
N SER P 432 6.77 31.46 -76.79
CA SER P 432 7.24 30.32 -76.04
C SER P 432 7.63 30.72 -74.62
N THR P 433 8.29 31.87 -74.47
CA THR P 433 8.65 32.34 -73.13
C THR P 433 7.42 32.63 -72.30
N LEU P 434 6.38 33.21 -72.91
CA LEU P 434 5.14 33.47 -72.18
C LEU P 434 4.49 32.17 -71.72
N VAL P 435 4.35 31.20 -72.64
CA VAL P 435 3.82 29.90 -72.26
C VAL P 435 4.75 29.21 -71.28
N GLU P 436 6.07 29.30 -71.53
CA GLU P 436 7.03 28.71 -70.60
C GLU P 436 6.94 29.39 -69.24
N SER P 437 6.73 30.71 -69.22
CA SER P 437 6.58 31.42 -67.96
C SER P 437 5.33 30.95 -67.22
N ALA P 438 4.27 30.63 -67.95
CA ALA P 438 3.06 30.11 -67.32
C ALA P 438 3.34 28.81 -66.58
N GLY P 439 4.18 27.95 -67.16
CA GLY P 439 4.55 26.72 -66.48
C GLY P 439 5.37 26.95 -65.24
N GLU P 440 6.22 27.98 -65.24
CA GLU P 440 7.01 28.29 -64.06
C GLU P 440 6.13 28.79 -62.92
N THR P 441 5.13 29.62 -63.23
CA THR P 441 4.21 30.09 -62.20
C THR P 441 3.47 28.93 -61.55
N MET P 442 2.99 27.98 -62.37
CA MET P 442 2.32 26.81 -61.82
C MET P 442 3.25 26.05 -60.87
N ALA P 443 4.51 25.89 -61.25
CA ALA P 443 5.47 25.22 -60.36
C ALA P 443 5.57 25.94 -59.02
N GLU P 444 5.47 27.28 -59.02
CA GLU P 444 5.50 28.03 -57.78
C GLU P 444 4.16 27.98 -57.07
N ILE P 445 3.06 28.08 -57.82
CA ILE P 445 1.73 28.01 -57.21
C ILE P 445 1.50 26.62 -56.62
N VAL P 446 1.89 25.57 -57.35
CA VAL P 446 1.74 24.22 -56.83
C VAL P 446 2.60 24.04 -55.58
N SER P 447 3.87 24.42 -55.66
CA SER P 447 4.75 24.31 -54.51
C SER P 447 4.28 25.20 -53.36
N ALA P 448 3.64 26.33 -53.68
CA ALA P 448 3.15 27.23 -52.64
C ALA P 448 1.85 26.71 -52.04
N VAL P 449 0.86 26.40 -52.90
CA VAL P 449 -0.41 25.88 -52.40
C VAL P 449 -0.21 24.55 -51.70
N THR P 450 0.70 23.71 -52.20
CA THR P 450 0.97 22.43 -51.54
C THR P 450 1.44 22.66 -50.11
N ARG P 451 2.29 23.65 -49.89
CA ARG P 451 2.73 23.96 -48.53
C ARG P 451 1.61 24.60 -47.73
N VAL P 452 0.83 25.48 -48.36
CA VAL P 452 -0.30 26.10 -47.68
C VAL P 452 -1.29 25.04 -47.23
N THR P 453 -1.59 24.07 -48.10
CA THR P 453 -2.49 22.98 -47.73
C THR P 453 -1.93 22.20 -46.55
N ASP P 454 -0.61 22.05 -46.47
CA ASP P 454 -0.02 21.35 -45.33
C ASP P 454 -0.17 22.17 -44.05
N ILE P 455 -0.03 23.49 -44.13
CA ILE P 455 -0.21 24.33 -42.96
C ILE P 455 -1.64 24.22 -42.44
N MET P 456 -2.61 24.26 -43.35
CA MET P 456 -4.00 24.08 -42.95
C MET P 456 -4.21 22.72 -42.30
N GLY P 457 -3.56 21.69 -42.82
CA GLY P 457 -3.68 20.36 -42.22
C GLY P 457 -3.12 20.31 -40.82
N GLU P 458 -1.93 20.90 -40.63
CA GLU P 458 -1.34 20.93 -39.29
C GLU P 458 -2.17 21.79 -38.35
N ILE P 459 -2.59 22.98 -38.80
CA ILE P 459 -3.43 23.83 -37.97
C ILE P 459 -4.78 23.16 -37.71
N ALA P 460 -5.31 22.45 -38.71
CA ALA P 460 -6.56 21.72 -38.51
C ALA P 460 -6.41 20.66 -37.43
N SER P 461 -5.38 19.81 -37.56
CA SER P 461 -5.13 18.79 -36.54
C SER P 461 -4.72 19.43 -35.22
N ALA P 462 -3.93 20.50 -35.28
CA ALA P 462 -3.54 21.20 -34.06
C ALA P 462 -4.73 21.88 -33.40
N SER P 463 -5.60 22.51 -34.20
CA SER P 463 -6.79 23.13 -33.65
C SER P 463 -7.69 22.11 -32.96
N ASP P 464 -7.79 20.92 -33.55
CA ASP P 464 -8.58 19.86 -32.91
C ASP P 464 -7.98 19.48 -31.57
N GLU P 465 -6.65 19.49 -31.45
CA GLU P 465 -6.02 19.20 -30.17
C GLU P 465 -6.35 20.29 -29.15
N GLN P 466 -6.44 21.54 -29.60
CA GLN P 466 -6.81 22.62 -28.69
C GLN P 466 -8.24 22.42 -28.17
N SER P 467 -9.14 21.96 -29.02
CA SER P 467 -10.50 21.67 -28.58
C SER P 467 -10.51 20.64 -27.46
N ARG P 468 -9.78 19.53 -27.67
CA ARG P 468 -9.68 18.53 -26.61
C ARG P 468 -8.88 19.04 -25.42
N GLY P 469 -7.90 19.91 -25.68
CA GLY P 469 -7.14 20.49 -24.57
C GLY P 469 -7.99 21.39 -23.70
N ILE P 470 -8.81 22.23 -24.32
CA ILE P 470 -9.71 23.09 -23.55
C ILE P 470 -10.71 22.25 -22.76
N ASP P 471 -11.11 21.11 -23.31
CA ASP P 471 -12.02 20.22 -22.58
C ASP P 471 -11.38 19.73 -21.29
N GLN P 472 -10.11 19.32 -21.35
CA GLN P 472 -9.42 18.91 -20.14
C GLN P 472 -9.28 20.08 -19.16
N VAL P 473 -9.00 21.27 -19.67
CA VAL P 473 -8.93 22.45 -18.82
C VAL P 473 -10.32 22.82 -18.30
N GLY P 474 -11.34 22.63 -19.12
CA GLY P 474 -12.70 22.90 -18.67
C GLY P 474 -13.11 22.02 -17.51
N LEU P 475 -12.88 20.71 -17.64
CA LEU P 475 -13.18 19.81 -16.53
C LEU P 475 -12.30 20.11 -15.33
N ALA P 476 -11.07 20.55 -15.55
CA ALA P 476 -10.20 20.93 -14.44
C ALA P 476 -10.78 22.12 -13.69
N VAL P 477 -11.21 23.15 -14.42
CA VAL P 477 -11.83 24.31 -13.77
C VAL P 477 -13.11 23.89 -13.08
N ALA P 478 -13.88 23.00 -13.71
CA ALA P 478 -15.10 22.50 -13.07
C ALA P 478 -14.77 21.62 -11.87
N GLU P 479 -13.69 20.83 -11.96
CA GLU P 479 -13.28 20.01 -10.83
C GLU P 479 -12.87 20.89 -9.65
N MET P 480 -12.03 21.89 -9.90
CA MET P 480 -11.64 22.81 -8.84
C MET P 480 -12.84 23.60 -8.32
N ASP P 481 -13.82 23.88 -9.19
CA ASP P 481 -15.03 24.58 -8.75
C ASP P 481 -15.76 23.77 -7.68
N ARG P 482 -15.99 22.49 -7.95
CA ARG P 482 -16.62 21.63 -6.95
C ARG P 482 -15.75 21.52 -5.71
N VAL P 483 -14.43 21.46 -5.89
CA VAL P 483 -13.52 21.40 -4.75
C VAL P 483 -13.58 22.71 -3.96
N THR P 484 -13.77 23.84 -4.65
CA THR P 484 -13.87 25.11 -3.96
C THR P 484 -15.13 25.17 -3.11
N GLN P 485 -16.24 24.61 -3.61
CA GLN P 485 -17.47 24.58 -2.82
C GLN P 485 -17.28 23.76 -1.54
N GLN P 486 -16.61 22.61 -1.65
CA GLN P 486 -16.33 21.82 -0.46
C GLN P 486 -15.44 22.57 0.52
N ASN P 487 -14.49 23.35 -0.01
CA ASN P 487 -13.63 24.15 0.86
C ASN P 487 -14.43 25.20 1.60
N ALA P 488 -15.44 25.80 0.95
CA ALA P 488 -16.28 26.79 1.61
C ALA P 488 -17.07 26.15 2.75
N ALA P 489 -17.51 24.91 2.58
CA ALA P 489 -18.23 24.23 3.64
C ALA P 489 -17.35 24.06 4.88
N LEU P 490 -16.08 23.70 4.67
CA LEU P 490 -15.16 23.55 5.80
C LEU P 490 -14.87 24.91 6.44
N VAL P 491 -14.80 25.97 5.63
CA VAL P 491 -14.56 27.31 6.16
C VAL P 491 -15.73 27.72 7.05
N GLU P 492 -16.96 27.56 6.53
CA GLU P 492 -18.14 27.88 7.33
C GLU P 492 -18.27 26.94 8.53
N GLU P 493 -17.90 25.66 8.35
CA GLU P 493 -17.95 24.72 9.46
C GLU P 493 -16.96 25.12 10.54
N SER P 494 -15.74 25.46 10.16
CA SER P 494 -14.75 25.91 11.13
C SER P 494 -15.15 27.26 11.72
N ALA P 495 -15.73 28.14 10.91
CA ALA P 495 -16.18 29.43 11.42
C ALA P 495 -17.30 29.25 12.44
N ALA P 496 -18.31 28.45 12.10
CA ALA P 496 -19.40 28.19 13.04
C ALA P 496 -18.89 27.44 14.26
N ALA P 497 -17.98 26.48 14.06
CA ALA P 497 -17.41 25.76 15.20
C ALA P 497 -16.52 26.66 16.04
N ALA P 498 -15.71 27.51 15.39
CA ALA P 498 -14.87 28.44 16.13
C ALA P 498 -15.71 29.42 16.93
N ALA P 499 -16.83 29.89 16.35
CA ALA P 499 -17.71 30.80 17.07
C ALA P 499 -18.31 30.13 18.30
N ALA P 500 -18.57 28.82 18.22
CA ALA P 500 -19.12 28.11 19.37
C ALA P 500 -18.11 28.09 20.53
N LEU P 501 -16.82 27.97 20.21
CA LEU P 501 -15.80 27.97 21.26
C LEU P 501 -15.80 29.31 22.00
N GLU P 502 -16.06 30.41 21.30
CA GLU P 502 -16.12 31.70 21.95
C GLU P 502 -17.26 31.76 22.96
N GLU P 503 -18.39 31.12 22.65
CA GLU P 503 -19.51 31.09 23.59
C GLU P 503 -19.19 30.23 24.80
N GLN P 504 -18.56 29.07 24.58
CA GLN P 504 -18.20 28.20 25.70
C GLN P 504 -17.21 28.90 26.63
N ALA P 505 -16.25 29.63 26.06
CA ALA P 505 -15.29 30.35 26.89
C ALA P 505 -15.97 31.40 27.76
N SER P 506 -17.07 31.98 27.26
CA SER P 506 -17.80 32.97 28.05
C SER P 506 -18.57 32.32 29.19
N ARG P 507 -19.18 31.16 28.93
CA ARG P 507 -19.92 30.47 29.98
C ARG P 507 -18.99 30.06 31.13
N LEU P 508 -17.82 29.52 30.79
CA LEU P 508 -16.87 29.12 31.83
C LEU P 508 -16.36 30.34 32.59
N THR P 509 -16.24 31.49 31.93
CA THR P 509 -15.77 32.69 32.61
C THR P 509 -16.80 33.16 33.64
N GLU P 510 -18.07 33.19 33.26
CA GLU P 510 -19.11 33.61 34.20
C GLU P 510 -19.22 32.65 35.38
N ALA P 511 -18.92 31.37 35.16
CA ALA P 511 -18.98 30.40 36.25
C ALA P 511 -17.95 30.72 37.33
N VAL P 512 -16.84 31.35 36.96
CA VAL P 512 -15.79 31.74 37.89
C VAL P 512 -15.66 33.24 38.04
N ALA P 513 -16.45 34.03 37.30
CA ALA P 513 -16.37 35.47 37.40
C ALA P 513 -16.79 35.97 38.78
N VAL P 514 -17.60 35.21 39.50
CA VAL P 514 -18.03 35.63 40.83
C VAL P 514 -16.83 35.72 41.78
N PHE P 515 -15.81 34.90 41.54
CA PHE P 515 -14.63 34.93 42.37
C PHE P 515 -13.67 36.02 41.92
N ARG P 516 -12.83 36.47 42.86
CA ARG P 516 -11.86 37.51 42.57
C ARG P 516 -10.59 36.92 41.96
N MET Q 1 43.91 4.44 82.42
CA MET Q 1 43.95 5.78 81.76
C MET Q 1 42.61 6.10 81.10
N LEU Q 2 42.29 7.38 80.99
CA LEU Q 2 41.02 7.79 80.40
C LEU Q 2 40.88 7.33 78.96
N LYS Q 3 41.99 7.13 78.25
CA LYS Q 3 41.93 6.70 76.86
C LYS Q 3 41.55 5.23 76.69
N ARG Q 4 41.60 4.44 77.77
CA ARG Q 4 41.29 3.02 77.73
C ARG Q 4 39.92 2.72 78.34
N ILE Q 5 39.07 3.73 78.50
CA ILE Q 5 37.75 3.55 79.08
C ILE Q 5 36.80 4.57 78.46
N LYS Q 6 35.51 4.33 78.62
CA LYS Q 6 34.49 5.21 78.05
C LYS Q 6 34.42 6.52 78.84
N ILE Q 7 33.89 7.55 78.17
CA ILE Q 7 33.75 8.85 78.82
C ILE Q 7 32.82 8.75 80.02
N VAL Q 8 31.77 7.94 79.92
CA VAL Q 8 30.84 7.80 81.04
C VAL Q 8 31.51 7.04 82.18
N THR Q 9 32.41 6.10 81.87
CA THR Q 9 33.09 5.35 82.92
C THR Q 9 33.96 6.28 83.77
N SER Q 10 34.60 7.26 83.15
CA SER Q 10 35.42 8.20 83.90
C SER Q 10 34.57 9.05 84.83
N LEU Q 11 33.48 9.63 84.30
CA LEU Q 11 32.61 10.46 85.13
C LEU Q 11 31.82 9.61 86.13
N LEU Q 12 31.52 8.36 85.78
CA LEU Q 12 30.79 7.50 86.71
C LEU Q 12 31.59 7.27 87.99
N LEU Q 13 32.89 7.01 87.85
CA LEU Q 13 33.73 6.81 89.02
C LEU Q 13 33.82 8.07 89.87
N VAL Q 14 33.71 9.24 89.23
CA VAL Q 14 33.76 10.50 89.98
C VAL Q 14 32.52 10.64 90.87
N LEU Q 15 31.35 10.26 90.35
CA LEU Q 15 30.14 10.34 91.15
C LEU Q 15 30.20 9.40 92.34
N ALA Q 16 30.84 8.25 92.19
CA ALA Q 16 30.97 7.32 93.30
C ALA Q 16 31.90 7.86 94.38
N VAL Q 17 32.84 8.73 94.01
CA VAL Q 17 33.75 9.31 94.99
C VAL Q 17 32.97 10.18 95.97
N PHE Q 18 32.23 11.17 95.44
CA PHE Q 18 31.42 12.02 96.30
C PHE Q 18 30.40 11.21 97.07
N GLY Q 19 29.85 10.18 96.45
CA GLY Q 19 28.90 9.32 97.15
C GLY Q 19 29.55 8.51 98.25
N LEU Q 20 30.74 7.99 98.00
CA LEU Q 20 31.45 7.23 99.02
C LEU Q 20 31.95 8.13 100.14
N LEU Q 21 32.54 9.28 99.79
CA LEU Q 21 33.02 10.20 100.81
C LEU Q 21 31.87 10.72 101.67
N GLN Q 22 30.66 10.80 101.10
CA GLN Q 22 29.51 11.28 101.87
C GLN Q 22 29.07 10.22 102.89
N LEU Q 23 29.02 8.95 102.47
CA LEU Q 23 28.63 7.89 103.38
C LEU Q 23 29.66 7.71 104.49
N THR Q 24 30.95 7.66 104.12
CA THR Q 24 31.99 7.52 105.12
C THR Q 24 32.02 8.71 106.06
N SER Q 25 32.04 9.92 105.50
CA SER Q 25 32.04 11.12 106.34
C SER Q 25 30.75 11.19 107.16
N GLY Q 26 29.60 11.10 106.50
CA GLY Q 26 28.34 11.12 107.22
C GLY Q 26 28.19 9.96 108.20
N GLY Q 27 28.79 8.82 107.88
CA GLY Q 27 28.72 7.69 108.79
C GLY Q 27 29.49 7.94 110.07
N LEU Q 28 30.72 8.43 109.95
CA LEU Q 28 31.51 8.73 111.15
C LEU Q 28 30.89 9.86 111.94
N PHE Q 29 30.38 10.89 111.26
CA PHE Q 29 29.71 11.98 111.96
C PHE Q 29 28.47 11.49 112.68
N PHE Q 30 27.63 10.71 112.00
CA PHE Q 30 26.46 10.14 112.64
C PHE Q 30 26.86 9.19 113.77
N ASN Q 31 27.88 8.36 113.53
CA ASN Q 31 28.36 7.46 114.57
C ASN Q 31 28.94 8.25 115.74
N ALA Q 32 29.56 9.40 115.48
CA ALA Q 32 30.10 10.22 116.55
C ALA Q 32 28.98 10.72 117.45
N LEU Q 33 27.88 11.18 116.85
CA LEU Q 33 26.73 11.62 117.66
C LEU Q 33 26.18 10.45 118.48
N LYS Q 34 26.15 9.26 117.92
CA LYS Q 34 25.70 8.09 118.67
C LYS Q 34 26.62 7.82 119.85
N ASN Q 35 27.94 7.91 119.63
CA ASN Q 35 28.88 7.73 120.73
C ASN Q 35 28.77 8.85 121.74
N ASP Q 36 28.59 10.09 121.27
CA ASP Q 36 28.41 11.21 122.19
C ASP Q 36 27.14 11.05 123.02
N LYS Q 37 26.10 10.47 122.44
CA LYS Q 37 24.87 10.25 123.20
C LYS Q 37 25.10 9.29 124.35
N GLU Q 38 26.01 8.32 124.18
CA GLU Q 38 26.31 7.40 125.27
C GLU Q 38 26.97 8.11 126.44
N ASN Q 39 27.74 9.18 126.17
CA ASN Q 39 28.36 9.93 127.24
C ASN Q 39 27.31 10.53 128.17
N PHE Q 40 26.27 11.14 127.59
CA PHE Q 40 25.19 11.68 128.41
C PHE Q 40 24.55 10.59 129.26
N THR Q 41 24.35 9.40 128.69
CA THR Q 41 23.80 8.29 129.45
C THR Q 41 24.76 7.88 130.57
N VAL Q 42 26.07 7.96 130.33
CA VAL Q 42 27.04 7.65 131.37
C VAL Q 42 27.06 8.76 132.42
N LEU Q 43 27.15 10.01 131.98
CA LEU Q 43 27.14 11.13 132.92
C LEU Q 43 25.82 11.18 133.68
N GLN Q 44 24.71 10.83 133.02
CA GLN Q 44 23.42 10.80 133.69
C GLN Q 44 23.44 9.82 134.86
N THR Q 45 24.00 8.62 134.64
CA THR Q 45 24.09 7.64 135.71
C THR Q 45 24.93 8.19 136.86
N ILE Q 46 26.00 8.92 136.55
CA ILE Q 46 26.84 9.49 137.59
C ILE Q 46 26.03 10.48 138.44
N ARG Q 47 25.30 11.39 137.78
CA ARG Q 47 24.48 12.34 138.50
C ARG Q 47 23.40 11.64 139.32
N GLN Q 48 22.92 10.49 138.85
CA GLN Q 48 21.94 9.74 139.63
C GLN Q 48 22.59 9.09 140.85
N GLN Q 49 23.78 8.52 140.68
CA GLN Q 49 24.48 7.93 141.82
C GLN Q 49 24.85 9.00 142.84
N GLN Q 50 25.37 10.14 142.37
CA GLN Q 50 25.70 11.23 143.28
C GLN Q 50 24.45 11.76 143.98
N SER Q 51 23.33 11.86 143.26
CA SER Q 51 22.09 12.32 143.87
C SER Q 51 21.62 11.34 144.94
N THR Q 52 21.59 10.05 144.61
CA THR Q 52 21.19 9.04 145.60
C THR Q 52 22.23 8.91 146.70
N LEU Q 53 23.51 8.96 146.34
CA LEU Q 53 24.56 8.88 147.36
C LEU Q 53 24.54 10.10 148.27
N ASN Q 54 24.34 11.29 147.68
CA ASN Q 54 24.27 12.50 148.48
C ASN Q 54 23.06 12.45 149.42
N GLY Q 55 21.91 12.01 148.91
CA GLY Q 55 20.73 11.90 149.77
C GLY Q 55 20.96 10.95 150.93
N SER Q 56 21.65 9.84 150.68
CA SER Q 56 21.95 8.91 151.75
C SER Q 56 22.93 9.52 152.75
N TRP Q 57 23.99 10.16 152.26
CA TRP Q 57 24.94 10.81 153.15
C TRP Q 57 24.27 11.91 153.96
N VAL Q 58 23.38 12.68 153.33
CA VAL Q 58 22.65 13.72 154.05
C VAL Q 58 21.72 13.10 155.09
N ALA Q 59 21.14 11.93 154.77
CA ALA Q 59 20.26 11.28 155.73
C ALA Q 59 21.01 10.83 156.97
N LEU Q 60 22.23 10.30 156.79
CA LEU Q 60 23.02 9.88 157.94
C LEU Q 60 23.38 11.06 158.83
N LEU Q 61 23.72 12.20 158.23
CA LEU Q 61 24.02 13.39 159.02
C LEU Q 61 22.78 13.87 159.77
N GLN Q 62 21.65 13.94 159.09
CA GLN Q 62 20.41 14.31 159.76
C GLN Q 62 20.06 13.32 160.86
N THR Q 63 20.34 12.04 160.64
CA THR Q 63 20.12 11.04 161.68
C THR Q 63 21.03 11.28 162.86
N ARG Q 64 22.33 11.48 162.60
CA ARG Q 64 23.27 11.79 163.67
C ARG Q 64 22.88 13.08 164.38
N ASN Q 65 22.53 14.11 163.60
CA ASN Q 65 22.11 15.38 164.21
C ASN Q 65 20.84 15.20 165.04
N THR Q 66 19.92 14.37 164.57
CA THR Q 66 18.71 14.11 165.34
C THR Q 66 19.02 13.40 166.65
N LEU Q 67 19.92 12.41 166.60
CA LEU Q 67 20.32 11.71 167.81
C LEU Q 67 21.04 12.65 168.77
N ASN Q 68 21.79 13.63 168.24
CA ASN Q 68 22.46 14.59 169.09
C ASN Q 68 21.46 15.40 169.90
N ARG Q 69 20.28 15.67 169.32
CA ARG Q 69 19.24 16.38 170.07
C ARG Q 69 18.73 15.55 171.24
N ALA Q 70 18.70 14.23 171.09
CA ALA Q 70 18.27 13.38 172.19
C ALA Q 70 19.21 13.51 173.39
N GLY Q 71 20.52 13.51 173.13
CA GLY Q 71 21.47 13.70 174.22
C GLY Q 71 21.30 15.03 174.92
N ILE Q 72 20.93 16.08 174.19
CA ILE Q 72 20.69 17.38 174.79
C ILE Q 72 19.34 17.39 175.51
N ARG Q 73 18.28 16.95 174.82
CA ARG Q 73 16.96 16.94 175.42
C ARG Q 73 16.92 16.04 176.66
N TYR Q 74 17.76 15.01 176.70
CA TYR Q 74 17.79 14.12 177.86
C TYR Q 74 18.35 14.84 179.08
N MET Q 75 19.45 15.59 178.90
CA MET Q 75 20.03 16.32 180.01
C MET Q 75 19.12 17.45 180.48
N MET Q 76 18.36 18.05 179.55
CA MET Q 76 17.44 19.11 179.92
C MET Q 76 16.35 18.63 180.87
N ASP Q 77 16.06 17.33 180.89
CA ASP Q 77 15.05 16.80 181.80
C ASP Q 77 15.58 16.70 183.22
N GLN Q 78 16.84 16.29 183.38
CA GLN Q 78 17.42 16.18 184.71
C GLN Q 78 17.53 17.55 185.37
N ASN Q 79 18.16 18.50 184.70
CA ASN Q 79 18.32 19.85 185.23
C ASN Q 79 17.07 20.71 185.04
N ASN Q 80 16.10 20.25 184.26
CA ASN Q 80 14.88 21.01 184.02
C ASN Q 80 15.19 22.38 183.44
N ILE Q 81 15.44 22.43 182.13
CA ILE Q 81 15.75 23.68 181.43
C ILE Q 81 14.92 23.73 180.17
N GLY Q 82 14.06 24.75 180.06
CA GLY Q 82 13.23 24.88 178.89
C GLY Q 82 12.32 23.68 178.67
N SER Q 83 11.80 23.61 177.45
CA SER Q 83 10.91 22.53 177.05
C SER Q 83 11.08 22.29 175.55
N GLY Q 84 10.36 21.29 175.04
CA GLY Q 84 10.43 20.96 173.64
C GLY Q 84 9.94 19.54 173.40
N SER Q 85 10.30 19.01 172.23
CA SER Q 85 9.90 17.66 171.88
C SER Q 85 10.54 16.65 172.84
N THR Q 86 9.73 15.71 173.31
CA THR Q 86 10.22 14.71 174.24
C THR Q 86 11.26 13.81 173.56
N VAL Q 87 11.96 13.03 174.38
CA VAL Q 87 12.98 12.13 173.85
C VAL Q 87 12.34 11.06 172.97
N ALA Q 88 11.12 10.63 173.30
CA ALA Q 88 10.46 9.61 172.50
C ALA Q 88 10.24 10.08 171.07
N GLU Q 89 9.89 11.35 170.89
CA GLU Q 89 9.68 11.89 169.56
C GLU Q 89 10.97 11.98 168.77
N LEU Q 90 12.10 12.22 169.46
CA LEU Q 90 13.38 12.32 168.78
C LEU Q 90 13.85 10.95 168.28
N MET Q 91 13.55 9.89 169.04
CA MET Q 91 13.93 8.55 168.60
C MET Q 91 13.22 8.17 167.32
N GLU Q 92 11.94 8.54 167.19
CA GLU Q 92 11.21 8.25 165.96
C GLU Q 92 11.76 9.05 164.79
N SER Q 93 12.10 10.32 165.02
CA SER Q 93 12.67 11.14 163.95
C SER Q 93 14.00 10.56 163.49
N ALA Q 94 14.86 10.14 164.42
CA ALA Q 94 16.13 9.54 164.04
C ALA Q 94 15.92 8.19 163.36
N SER Q 95 14.92 7.43 163.80
CA SER Q 95 14.63 6.15 163.16
C SER Q 95 14.16 6.34 161.73
N ILE Q 96 13.18 7.23 161.52
CA ILE Q 96 12.70 7.50 160.17
C ILE Q 96 13.83 8.09 159.32
N SER Q 97 14.63 8.97 159.90
CA SER Q 97 15.76 9.54 159.17
C SER Q 97 16.76 8.47 158.77
N LEU Q 98 16.93 7.44 159.59
CA LEU Q 98 17.85 6.36 159.25
C LEU Q 98 17.31 5.53 158.08
N LYS Q 99 16.00 5.33 158.02
CA LYS Q 99 15.42 4.59 156.90
C LYS Q 99 15.60 5.32 155.58
N GLN Q 100 15.58 6.66 155.61
CA GLN Q 100 15.81 7.42 154.39
C GLN Q 100 17.20 7.13 153.80
N ALA Q 101 18.19 6.90 154.67
CA ALA Q 101 19.52 6.57 154.16
C ALA Q 101 19.50 5.24 153.43
N GLU Q 102 18.77 4.25 153.94
CA GLU Q 102 18.67 2.97 153.26
C GLU Q 102 17.95 3.10 151.94
N LYS Q 103 16.86 3.86 151.91
CA LYS Q 103 16.14 4.09 150.66
C LYS Q 103 17.03 4.79 149.64
N ASN Q 104 17.71 5.86 150.08
CA ASN Q 104 18.62 6.56 149.18
C ASN Q 104 19.80 5.68 148.81
N TRP Q 105 20.26 4.85 149.74
CA TRP Q 105 21.36 3.93 149.46
C TRP Q 105 20.90 2.74 148.63
N ALA Q 106 19.63 2.37 148.73
CA ALA Q 106 19.12 1.26 147.94
C ALA Q 106 19.19 1.56 146.45
N ASP Q 107 18.74 2.74 146.06
CA ASP Q 107 18.82 3.14 144.65
C ASP Q 107 20.27 3.24 144.18
N TYR Q 108 21.18 3.63 145.07
CA TYR Q 108 22.58 3.71 144.71
C TYR Q 108 23.12 2.36 144.27
N GLU Q 109 22.66 1.28 144.91
CA GLU Q 109 23.09 -0.06 144.55
C GLU Q 109 22.34 -0.62 143.36
N ALA Q 110 21.18 -0.06 143.02
CA ALA Q 110 20.41 -0.55 141.89
C ALA Q 110 20.93 -0.03 140.57
N LEU Q 111 21.48 1.18 140.54
CA LEU Q 111 22.01 1.75 139.32
C LEU Q 111 23.21 0.93 138.84
N PRO Q 112 23.50 0.92 137.54
CA PRO Q 112 24.62 0.14 137.02
C PRO Q 112 25.95 0.75 137.45
N ARG Q 113 27.01 -0.03 137.21
CA ARG Q 113 28.37 0.38 137.55
C ARG Q 113 29.23 0.29 136.30
N ASP Q 114 29.90 1.40 135.95
CA ASP Q 114 30.73 1.42 134.76
C ASP Q 114 32.03 0.66 135.02
N PRO Q 115 32.66 0.12 133.96
CA PRO Q 115 33.91 -0.62 134.16
C PRO Q 115 35.06 0.28 134.58
N ARG Q 116 35.03 1.56 134.23
CA ARG Q 116 36.10 2.47 134.62
C ARG Q 116 36.17 2.68 136.12
N GLN Q 117 35.06 2.50 136.82
CA GLN Q 117 35.05 2.68 138.27
C GLN Q 117 35.88 1.60 138.94
N SER Q 118 36.70 2.01 139.91
CA SER Q 118 37.56 1.06 140.62
C SER Q 118 36.73 0.27 141.62
N THR Q 119 36.86 -1.06 141.58
CA THR Q 119 36.11 -1.90 142.51
C THR Q 119 36.55 -1.67 143.94
N ALA Q 120 37.82 -1.33 144.16
CA ALA Q 120 38.30 -1.10 145.52
C ALA Q 120 37.63 0.13 146.13
N ALA Q 121 37.39 1.17 145.33
CA ALA Q 121 36.75 2.37 145.85
C ALA Q 121 35.30 2.08 146.24
N ALA Q 122 34.58 1.32 145.41
CA ALA Q 122 33.19 1.01 145.73
C ALA Q 122 33.08 0.13 146.98
N ALA Q 123 34.05 -0.75 147.20
CA ALA Q 123 34.01 -1.61 148.38
C ALA Q 123 34.42 -0.86 149.64
N GLU Q 124 35.34 0.10 149.52
CA GLU Q 124 35.77 0.86 150.69
C GLU Q 124 34.63 1.73 151.22
N ILE Q 125 33.98 2.50 150.34
CA ILE Q 125 32.87 3.34 150.77
C ILE Q 125 31.71 2.49 151.28
N LYS Q 126 31.54 1.29 150.72
CA LYS Q 126 30.47 0.42 151.18
C LYS Q 126 30.74 -0.11 152.58
N ARG Q 127 31.99 -0.43 152.89
CA ARG Q 127 32.33 -0.91 154.21
C ARG Q 127 32.08 0.16 155.27
N ASN Q 128 32.48 1.41 154.99
CA ASN Q 128 32.25 2.49 155.95
C ASN Q 128 30.75 2.75 156.14
N TYR Q 129 29.94 2.51 155.11
CA TYR Q 129 28.51 2.71 155.25
C TYR Q 129 27.92 1.75 156.27
N ASP Q 130 28.36 0.49 156.24
CA ASP Q 130 27.87 -0.49 157.21
C ASP Q 130 28.30 -0.13 158.62
N ILE Q 131 29.56 0.29 158.79
CA ILE Q 131 30.03 0.68 160.12
C ILE Q 131 29.29 1.93 160.60
N TYR Q 132 29.04 2.87 159.69
CA TYR Q 132 28.30 4.08 160.06
C TYR Q 132 26.84 3.74 160.35
N HIS Q 133 26.22 2.94 159.49
CA HIS Q 133 24.83 2.55 159.71
C HIS Q 133 24.68 1.79 161.03
N ASN Q 134 25.56 0.82 161.27
CA ASN Q 134 25.50 0.07 162.52
C ASN Q 134 25.81 0.97 163.71
N ALA Q 135 26.66 1.98 163.53
CA ALA Q 135 26.98 2.88 164.62
C ALA Q 135 25.75 3.67 165.06
N LEU Q 136 25.06 4.30 164.10
CA LEU Q 136 23.85 5.04 164.44
C LEU Q 136 22.77 4.11 164.99
N ALA Q 137 22.72 2.88 164.49
CA ALA Q 137 21.74 1.92 164.99
C ALA Q 137 22.00 1.58 166.45
N GLU Q 138 23.27 1.46 166.84
CA GLU Q 138 23.59 1.16 168.22
C GLU Q 138 23.20 2.31 169.15
N LEU Q 139 23.29 3.55 168.66
CA LEU Q 139 22.92 4.70 169.48
C LEU Q 139 21.44 4.67 169.82
N ILE Q 140 20.61 4.19 168.89
CA ILE Q 140 19.17 4.11 169.16
C ILE Q 140 18.89 3.08 170.24
N GLN Q 141 19.64 1.99 170.25
CA GLN Q 141 19.43 0.96 171.27
C GLN Q 141 19.87 1.46 172.65
N LEU Q 142 21.05 2.07 172.73
CA LEU Q 142 21.52 2.60 174.01
C LEU Q 142 20.68 3.79 174.46
N LEU Q 143 20.17 4.58 173.51
CA LEU Q 143 19.35 5.73 173.87
C LEU Q 143 18.04 5.28 174.51
N GLY Q 144 17.39 4.27 173.93
CA GLY Q 144 16.14 3.78 174.48
C GLY Q 144 16.31 3.05 175.80
N ALA Q 145 17.46 2.41 175.99
CA ALA Q 145 17.73 1.67 177.22
C ALA Q 145 18.16 2.58 178.37
N GLY Q 146 18.28 3.88 178.14
CA GLY Q 146 18.67 4.79 179.20
C GLY Q 146 20.16 4.82 179.48
N LYS Q 147 20.99 4.33 178.57
CA LYS Q 147 22.44 4.32 178.75
C LYS Q 147 23.03 5.65 178.28
N ILE Q 148 22.65 6.72 178.98
CA ILE Q 148 23.15 8.05 178.64
C ILE Q 148 24.65 8.14 178.88
N ASN Q 149 25.17 7.40 179.85
CA ASN Q 149 26.61 7.44 180.14
C ASN Q 149 27.42 6.94 178.94
N GLU Q 150 27.13 5.72 178.48
CA GLU Q 150 27.84 5.15 177.34
C GLU Q 150 27.44 5.79 176.03
N PHE Q 151 26.36 6.58 175.99
CA PHE Q 151 25.94 7.20 174.75
C PHE Q 151 26.96 8.22 174.26
N PHE Q 152 27.73 8.81 175.16
CA PHE Q 152 28.73 9.81 174.79
C PHE Q 152 30.10 9.21 174.54
N ASP Q 153 30.38 8.02 175.07
CA ASP Q 153 31.68 7.38 174.92
C ASP Q 153 31.80 6.58 173.64
N GLN Q 154 30.84 6.69 172.73
CA GLN Q 154 30.93 5.94 171.48
C GLN Q 154 31.80 6.69 170.48
N PRO Q 155 32.67 5.98 169.73
CA PRO Q 155 33.50 6.68 168.74
C PRO Q 155 32.78 6.90 167.42
N THR Q 156 31.53 7.36 167.49
CA THR Q 156 30.77 7.59 166.27
C THR Q 156 31.33 8.75 165.46
N GLN Q 157 32.00 9.70 166.12
CA GLN Q 157 32.58 10.82 165.39
C GLN Q 157 33.65 10.35 164.42
N GLY Q 158 34.43 9.33 164.81
CA GLY Q 158 35.45 8.82 163.92
C GLY Q 158 34.86 8.20 162.66
N TYR Q 159 33.76 7.46 162.81
CA TYR Q 159 33.11 6.88 161.64
C TYR Q 159 32.47 7.93 160.76
N GLN Q 160 31.93 9.00 161.37
CA GLN Q 160 31.34 10.08 160.58
C GLN Q 160 32.38 10.75 159.70
N ASP Q 161 33.49 11.19 160.31
CA ASP Q 161 34.55 11.81 159.53
C ASP Q 161 35.26 10.80 158.64
N GLY Q 162 35.25 9.52 159.01
CA GLY Q 162 35.88 8.51 158.19
C GLY Q 162 35.18 8.36 156.84
N PHE Q 163 33.86 8.24 156.86
CA PHE Q 163 33.12 8.13 155.60
C PHE Q 163 33.24 9.41 154.78
N GLU Q 164 33.37 10.56 155.44
CA GLU Q 164 33.52 11.82 154.71
C GLU Q 164 34.77 11.80 153.86
N LYS Q 165 35.88 11.30 154.40
CA LYS Q 165 37.11 11.19 153.61
C LYS Q 165 36.90 10.28 152.41
N GLN Q 166 36.24 9.15 152.61
CA GLN Q 166 35.94 8.26 151.49
C GLN Q 166 34.88 8.85 150.57
N TYR Q 167 33.96 9.64 151.13
CA TYR Q 167 32.94 10.28 150.30
C TYR Q 167 33.58 11.27 149.34
N VAL Q 168 34.34 12.24 149.87
CA VAL Q 168 35.03 13.19 149.01
C VAL Q 168 36.02 12.47 148.09
N ALA Q 169 36.60 11.38 148.56
CA ALA Q 169 37.52 10.61 147.72
C ALA Q 169 36.76 9.89 146.61
N TYR Q 170 35.62 9.29 146.94
CA TYR Q 170 34.82 8.62 145.91
C TYR Q 170 34.19 9.63 144.96
N MET Q 171 33.65 10.73 145.50
CA MET Q 171 33.10 11.77 144.64
C MET Q 171 34.16 12.33 143.71
N GLU Q 172 35.41 12.41 144.18
CA GLU Q 172 36.50 12.87 143.32
C GLU Q 172 36.72 11.93 142.15
N GLN Q 173 36.52 10.62 142.36
CA GLN Q 173 36.67 9.67 141.26
C GLN Q 173 35.65 9.96 140.15
N ASN Q 174 34.39 10.15 140.52
CA ASN Q 174 33.38 10.48 139.52
C ASN Q 174 33.70 11.81 138.85
N ASP Q 175 34.30 12.75 139.58
CA ASP Q 175 34.67 14.03 138.97
C ASP Q 175 35.71 13.82 137.87
N ARG Q 176 36.71 12.97 138.12
CA ARG Q 176 37.70 12.67 137.10
C ARG Q 176 37.07 11.95 135.91
N LEU Q 177 36.26 10.92 136.19
CA LEU Q 177 35.57 10.22 135.11
C LEU Q 177 34.65 11.16 134.34
N HIS Q 178 34.06 12.14 135.02
CA HIS Q 178 33.23 13.11 134.32
C HIS Q 178 34.05 13.90 133.30
N ASP Q 179 35.27 14.29 133.67
CA ASP Q 179 36.14 15.00 132.74
C ASP Q 179 36.57 14.10 131.60
N ILE Q 180 36.88 12.84 131.90
CA ILE Q 180 37.25 11.89 130.84
C ILE Q 180 36.10 11.71 129.87
N ALA Q 181 34.87 11.59 130.39
CA ALA Q 181 33.71 11.49 129.51
C ALA Q 181 33.54 12.75 128.67
N VAL Q 182 33.73 13.93 129.29
CA VAL Q 182 33.67 15.16 128.54
C VAL Q 182 34.83 15.25 127.57
N SER Q 183 35.99 14.71 127.93
CA SER Q 183 37.12 14.71 127.01
C SER Q 183 36.83 13.90 125.76
N ASP Q 184 36.00 12.86 125.87
CA ASP Q 184 35.63 12.08 124.70
C ASP Q 184 34.90 12.94 123.69
N ASN Q 185 34.00 13.81 124.16
CA ASN Q 185 33.31 14.72 123.24
C ASN Q 185 34.29 15.69 122.61
N ASN Q 186 35.22 16.23 123.40
CA ASN Q 186 36.24 17.12 122.85
C ASN Q 186 37.10 16.39 121.83
N ALA Q 187 37.48 15.14 122.13
CA ALA Q 187 38.26 14.36 121.18
C ALA Q 187 37.44 14.09 119.91
N SER Q 188 36.19 13.62 120.07
CA SER Q 188 35.34 13.39 118.91
C SER Q 188 35.06 14.70 118.18
N TYR Q 189 34.93 15.81 118.92
CA TYR Q 189 34.73 17.10 118.27
C TYR Q 189 35.93 17.49 117.43
N SER Q 190 37.14 17.16 117.89
CA SER Q 190 38.34 17.48 117.13
C SER Q 190 38.55 16.48 116.00
N GLN Q 191 38.54 15.18 116.31
CA GLN Q 191 38.72 14.17 115.29
C GLN Q 191 37.70 14.32 114.16
N ALA Q 192 36.44 14.62 114.52
CA ALA Q 192 35.43 14.85 113.49
C ALA Q 192 35.74 16.09 112.66
N MET Q 193 36.49 17.03 113.23
CA MET Q 193 36.84 18.23 112.48
C MET Q 193 37.98 17.96 111.50
N TRP Q 194 39.00 17.22 111.93
CA TRP Q 194 40.11 16.90 111.03
C TRP Q 194 39.64 16.02 109.88
N ILE Q 195 38.77 15.04 110.16
CA ILE Q 195 38.25 14.20 109.10
C ILE Q 195 37.43 15.02 108.11
N LEU Q 196 36.63 15.96 108.63
CA LEU Q 196 35.86 16.83 107.74
C LEU Q 196 36.78 17.71 106.90
N VAL Q 197 37.83 18.24 107.50
CA VAL Q 197 38.78 19.07 106.74
C VAL Q 197 39.50 18.21 105.71
N GLY Q 198 39.87 16.99 106.07
CA GLY Q 198 40.54 16.10 105.12
C GLY Q 198 39.71 15.82 103.90
N VAL Q 199 38.39 15.73 104.06
CA VAL Q 199 37.53 15.47 102.91
C VAL Q 199 37.50 16.69 101.99
N MET Q 200 37.49 17.89 102.56
CA MET Q 200 37.49 19.09 101.73
C MET Q 200 38.77 19.20 100.92
N ILE Q 201 39.91 18.85 101.52
CA ILE Q 201 41.17 18.90 100.79
C ILE Q 201 41.13 17.98 99.58
N VAL Q 202 40.40 16.87 99.69
CA VAL Q 202 40.27 15.96 98.55
C VAL Q 202 39.20 16.46 97.59
N VAL Q 203 38.13 17.07 98.10
CA VAL Q 203 37.07 17.57 97.22
C VAL Q 203 37.60 18.69 96.34
N LEU Q 204 38.33 19.63 96.93
CA LEU Q 204 38.90 20.72 96.15
C LEU Q 204 39.83 20.20 95.06
N ALA Q 205 40.53 19.10 95.34
CA ALA Q 205 41.41 18.52 94.34
C ALA Q 205 40.62 17.77 93.27
N VAL Q 206 39.46 17.22 93.63
CA VAL Q 206 38.64 16.51 92.66
C VAL Q 206 37.98 17.49 91.70
N ILE Q 207 37.54 18.64 92.21
CA ILE Q 207 36.89 19.63 91.37
C ILE Q 207 37.87 20.15 90.31
N PHE Q 208 39.15 20.23 90.65
CA PHE Q 208 40.16 20.72 89.73
C PHE Q 208 40.76 19.60 88.89
N ALA Q 209 40.97 18.42 89.49
CA ALA Q 209 41.54 17.30 88.75
C ALA Q 209 40.60 16.84 87.64
N VAL Q 210 39.33 16.63 87.98
CA VAL Q 210 38.36 16.20 86.97
C VAL Q 210 38.14 17.29 85.93
N TRP Q 211 38.27 18.55 86.32
CA TRP Q 211 38.11 19.64 85.36
C TRP Q 211 39.13 19.53 84.24
N PHE Q 212 40.36 19.13 84.57
CA PHE Q 212 41.37 18.95 83.53
C PHE Q 212 41.16 17.67 82.73
N GLY Q 213 40.57 16.64 83.36
CA GLY Q 213 40.32 15.41 82.63
C GLY Q 213 39.25 15.57 81.55
N ILE Q 214 38.20 16.32 81.86
CA ILE Q 214 37.15 16.56 80.87
C ILE Q 214 37.70 17.32 79.67
N LYS Q 215 38.60 18.27 79.92
CA LYS Q 215 39.20 19.02 78.83
C LYS Q 215 40.04 18.13 77.93
N ALA Q 216 40.57 17.03 78.47
CA ALA Q 216 41.41 16.12 77.69
C ALA Q 216 40.66 14.89 77.20
N SER Q 217 39.47 14.61 77.74
CA SER Q 217 38.69 13.44 77.36
C SER Q 217 37.30 13.82 76.84
N LEU Q 218 37.17 15.02 76.28
CA LEU Q 218 35.89 15.47 75.74
C LEU Q 218 36.07 16.72 74.89
N VAL Q 219 36.84 17.68 75.39
CA VAL Q 219 37.04 18.93 74.65
C VAL Q 219 38.23 18.81 73.72
N ALA Q 220 39.37 18.35 74.22
CA ALA Q 220 40.57 18.24 73.40
C ALA Q 220 40.34 17.36 72.17
N PRO Q 221 39.87 16.11 72.30
CA PRO Q 221 39.69 15.30 71.08
C PRO Q 221 38.57 15.81 70.18
N MET Q 222 37.48 16.30 70.76
CA MET Q 222 36.36 16.76 69.95
C MET Q 222 36.75 17.97 69.09
N ASN Q 223 37.69 18.79 69.57
CA ASN Q 223 38.09 19.96 68.80
C ASN Q 223 38.79 19.56 67.51
N ARG Q 224 39.81 18.71 67.60
CA ARG Q 224 40.55 18.30 66.40
C ARG Q 224 39.66 17.53 65.44
N LEU Q 225 38.71 16.75 65.97
CA LEU Q 225 37.83 15.98 65.09
C LEU Q 225 36.88 16.90 64.33
N ILE Q 226 36.30 17.88 65.02
CA ILE Q 226 35.42 18.84 64.33
C ILE Q 226 36.20 19.65 63.32
N ASP Q 227 37.42 20.08 63.68
CA ASP Q 227 38.24 20.83 62.74
C ASP Q 227 38.58 20.01 61.52
N SER Q 228 38.78 18.70 61.69
CA SER Q 228 39.08 17.83 60.56
C SER Q 228 37.92 17.80 59.58
N ILE Q 229 36.69 17.76 60.09
CA ILE Q 229 35.52 17.74 59.22
C ILE Q 229 35.43 19.06 58.44
N ARG Q 230 35.72 20.18 59.10
CA ARG Q 230 35.69 21.47 58.41
C ARG Q 230 36.79 21.55 57.35
N HIS Q 231 37.94 20.93 57.62
CA HIS Q 231 39.02 20.95 56.65
C HIS Q 231 38.67 20.12 55.41
N ILE Q 232 38.02 18.96 55.61
CA ILE Q 232 37.61 18.15 54.47
C ILE Q 232 36.54 18.87 53.67
N ALA Q 233 35.65 19.60 54.34
CA ALA Q 233 34.61 20.33 53.63
C ALA Q 233 35.21 21.49 52.82
N GLY Q 234 36.17 22.21 53.41
CA GLY Q 234 36.80 23.32 52.72
C GLY Q 234 37.73 22.90 51.59
N GLY Q 235 38.11 21.63 51.56
CA GLY Q 235 38.97 21.11 50.53
C GLY Q 235 40.42 20.90 50.94
N ASP Q 236 40.69 20.58 52.20
CA ASP Q 236 42.05 20.33 52.69
C ASP Q 236 42.12 18.88 53.16
N LEU Q 237 42.40 17.99 52.21
CA LEU Q 237 42.50 16.57 52.47
C LEU Q 237 43.90 16.14 52.91
N VAL Q 238 44.85 17.09 53.01
CA VAL Q 238 46.20 16.72 53.41
C VAL Q 238 46.27 16.46 54.91
N LYS Q 239 45.44 17.13 55.69
CA LYS Q 239 45.44 16.95 57.14
C LYS Q 239 45.09 15.50 57.48
N PRO Q 240 46.01 14.72 58.05
CA PRO Q 240 45.69 13.33 58.38
C PRO Q 240 44.76 13.22 59.58
N ILE Q 241 44.40 11.98 59.95
CA ILE Q 241 43.52 11.73 61.08
C ILE Q 241 44.27 10.87 62.09
N GLU Q 242 43.98 11.10 63.37
CA GLU Q 242 44.60 10.37 64.46
C GLU Q 242 43.53 9.83 65.38
N VAL Q 243 43.60 8.53 65.68
CA VAL Q 243 42.62 7.90 66.55
C VAL Q 243 42.85 8.39 67.98
N ASP Q 244 41.84 9.06 68.54
CA ASP Q 244 41.92 9.61 69.89
C ASP Q 244 41.20 8.65 70.83
N GLY Q 245 41.97 7.83 71.55
CA GLY Q 245 41.41 6.89 72.50
C GLY Q 245 40.59 5.81 71.84
N SER Q 246 40.13 4.84 72.62
CA SER Q 246 39.32 3.73 72.13
C SER Q 246 37.84 3.89 72.44
N ASN Q 247 37.47 4.95 73.15
CA ASN Q 247 36.07 5.18 73.50
C ASN Q 247 35.29 5.67 72.28
N GLU Q 248 34.21 6.42 72.49
CA GLU Q 248 33.43 6.92 71.37
C GLU Q 248 34.27 7.81 70.45
N MET Q 249 35.28 8.49 71.01
CA MET Q 249 36.13 9.34 70.17
C MET Q 249 36.90 8.50 69.16
N GLY Q 250 37.31 7.29 69.55
CA GLY Q 250 38.03 6.44 68.62
C GLY Q 250 37.18 5.99 67.45
N GLN Q 251 35.91 5.69 67.69
CA GLN Q 251 35.03 5.28 66.60
C GLN Q 251 34.78 6.43 65.64
N LEU Q 252 34.62 7.65 66.15
CA LEU Q 252 34.42 8.80 65.28
C LEU Q 252 35.63 9.08 64.42
N ALA Q 253 36.83 8.81 64.94
CA ALA Q 253 38.04 9.01 64.15
C ALA Q 253 38.18 7.96 63.05
N GLU Q 254 37.80 6.72 63.36
CA GLU Q 254 37.88 5.66 62.35
C GLU Q 254 36.85 5.87 61.24
N SER Q 255 35.62 6.23 61.61
CA SER Q 255 34.59 6.47 60.62
C SER Q 255 34.93 7.68 59.75
N LEU Q 256 35.44 8.75 60.37
CA LEU Q 256 35.82 9.94 59.60
C LEU Q 256 37.01 9.66 58.72
N ARG Q 257 38.03 8.96 59.25
CA ARG Q 257 39.20 8.64 58.45
C ARG Q 257 38.87 7.64 57.35
N HIS Q 258 37.88 6.76 57.58
CA HIS Q 258 37.51 5.79 56.57
C HIS Q 258 36.96 6.46 55.33
N MET Q 259 36.18 7.54 55.50
CA MET Q 259 35.61 8.23 54.35
C MET Q 259 36.66 9.08 53.65
N GLN Q 260 37.59 9.66 54.41
CA GLN Q 260 38.64 10.48 53.80
C GLN Q 260 39.47 9.65 52.83
N GLY Q 261 39.70 8.38 53.14
CA GLY Q 261 40.42 7.52 52.22
C GLY Q 261 39.65 7.28 50.93
N GLU Q 262 38.33 7.07 51.04
CA GLU Q 262 37.50 6.89 49.86
C GLU Q 262 37.27 8.21 49.14
N LEU Q 263 37.12 9.30 49.89
CA LEU Q 263 36.93 10.61 49.27
C LEU Q 263 38.16 11.01 48.46
N MET Q 264 39.35 10.89 49.06
CA MET Q 264 40.57 11.19 48.34
C MET Q 264 40.75 10.24 47.15
N ARG Q 265 40.34 8.99 47.30
CA ARG Q 265 40.43 8.04 46.20
C ARG Q 265 39.48 8.44 45.08
N THR Q 266 38.25 8.82 45.43
CA THR Q 266 37.29 9.26 44.41
C THR Q 266 37.76 10.54 43.75
N VAL Q 267 38.16 11.54 44.55
CA VAL Q 267 38.66 12.79 43.99
C VAL Q 267 39.94 12.55 43.20
N GLY Q 268 40.76 11.60 43.64
CA GLY Q 268 41.99 11.29 42.92
C GLY Q 268 41.72 10.77 41.52
N ASP Q 269 40.65 9.99 41.35
CA ASP Q 269 40.31 9.46 40.03
C ASP Q 269 39.56 10.47 39.18
N VAL Q 270 38.95 11.48 39.79
CA VAL Q 270 38.22 12.48 39.01
C VAL Q 270 39.19 13.30 38.16
N ARG Q 271 40.22 13.86 38.79
CA ARG Q 271 41.20 14.64 38.04
C ARG Q 271 41.96 13.78 37.05
N ASN Q 272 42.21 12.52 37.40
CA ASN Q 272 42.89 11.62 36.46
C ASN Q 272 42.03 11.38 35.22
N GLY Q 273 40.72 11.30 35.40
CA GLY Q 273 39.81 11.10 34.28
C GLY Q 273 39.37 12.41 33.66
N ALA Q 274 39.32 13.47 34.46
CA ALA Q 274 38.91 14.78 33.93
C ALA Q 274 39.89 15.25 32.87
N ASN Q 275 41.18 15.30 33.20
CA ASN Q 275 42.18 15.71 32.22
C ASN Q 275 42.24 14.73 31.05
N ALA Q 276 41.93 13.46 31.28
CA ALA Q 276 41.92 12.50 30.19
C ALA Q 276 40.82 12.82 29.19
N ILE Q 277 39.62 13.13 29.68
CA ILE Q 277 38.53 13.50 28.77
C ILE Q 277 38.85 14.81 28.07
N TYR Q 278 39.42 15.77 28.79
CA TYR Q 278 39.79 17.04 28.18
C TYR Q 278 40.89 16.84 27.14
N SER Q 279 41.92 16.05 27.49
CA SER Q 279 42.98 15.77 26.53
C SER Q 279 42.45 14.96 25.35
N GLY Q 280 41.63 13.95 25.63
CA GLY Q 280 41.05 13.17 24.54
C GLY Q 280 40.10 13.99 23.69
N ALA Q 281 39.32 14.88 24.32
CA ALA Q 281 38.42 15.74 23.56
C ALA Q 281 39.20 16.67 22.65
N SER Q 282 40.35 17.17 23.10
CA SER Q 282 41.17 18.02 22.26
C SER Q 282 41.68 17.27 21.04
N GLU Q 283 42.00 15.98 21.20
CA GLU Q 283 42.43 15.19 20.06
C GLU Q 283 41.33 15.05 19.02
N ILE Q 284 40.09 14.82 19.48
CA ILE Q 284 38.97 14.75 18.55
C ILE Q 284 38.69 16.11 17.95
N ALA Q 285 38.70 17.16 18.78
CA ALA Q 285 38.49 18.52 18.27
C ALA Q 285 39.58 18.89 17.28
N THR Q 286 40.85 18.60 17.61
CA THR Q 286 41.93 18.87 16.68
C THR Q 286 41.81 18.00 15.44
N GLY Q 287 41.32 16.77 15.58
CA GLY Q 287 41.14 15.92 14.42
C GLY Q 287 40.11 16.47 13.45
N ASN Q 288 39.03 17.06 13.98
CA ASN Q 288 38.03 17.67 13.12
C ASN Q 288 38.61 18.83 12.33
N ASN Q 289 39.49 19.62 12.96
CA ASN Q 289 40.15 20.72 12.25
C ASN Q 289 41.00 20.18 11.12
N ASP Q 290 41.81 19.16 11.39
CA ASP Q 290 42.61 18.54 10.33
C ASP Q 290 41.72 17.87 9.31
N LEU Q 291 40.69 17.15 9.76
CA LEU Q 291 39.75 16.53 8.83
C LEU Q 291 39.00 17.58 8.02
N SER Q 292 38.66 18.71 8.64
CA SER Q 292 37.99 19.78 7.92
C SER Q 292 38.85 20.31 6.79
N SER Q 293 40.16 20.41 7.02
CA SER Q 293 41.06 20.86 5.97
C SER Q 293 41.03 19.90 4.77
N ARG Q 294 40.94 18.60 5.04
CA ARG Q 294 40.84 17.64 3.95
C ARG Q 294 39.51 17.75 3.23
N THR Q 295 38.43 18.04 3.97
CA THR Q 295 37.13 18.20 3.33
C THR Q 295 37.12 19.41 2.39
N GLU Q 296 37.72 20.52 2.82
CA GLU Q 296 37.81 21.69 1.95
C GLU Q 296 38.62 21.38 0.70
N GLN Q 297 39.71 20.63 0.84
CA GLN Q 297 40.49 20.23 -0.32
C GLN Q 297 39.67 19.35 -1.26
N GLN Q 298 38.83 18.50 -0.69
CA GLN Q 298 37.96 17.67 -1.52
C GLN Q 298 37.00 18.53 -2.33
N ALA Q 299 36.32 19.46 -1.67
CA ALA Q 299 35.41 20.36 -2.38
C ALA Q 299 36.17 21.17 -3.43
N ALA Q 300 37.35 21.67 -3.08
CA ALA Q 300 38.16 22.41 -4.05
C ALA Q 300 38.52 21.54 -5.24
N SER Q 301 38.80 20.26 -4.99
CA SER Q 301 39.12 19.35 -6.09
C SER Q 301 37.92 19.16 -7.00
N LEU Q 302 36.71 19.07 -6.44
CA LEU Q 302 35.51 18.92 -7.25
C LEU Q 302 35.27 20.17 -8.09
N GLU Q 303 35.52 21.36 -7.51
CA GLU Q 303 35.36 22.59 -8.27
C GLU Q 303 36.35 22.64 -9.44
N GLU Q 304 37.62 22.34 -9.17
CA GLU Q 304 38.61 22.31 -10.24
C GLU Q 304 38.33 21.17 -11.21
N THR Q 305 37.89 20.02 -10.69
CA THR Q 305 37.57 18.89 -11.56
C THR Q 305 36.32 19.17 -12.38
N ALA Q 306 35.28 19.71 -11.72
CA ALA Q 306 34.05 20.04 -12.44
C ALA Q 306 34.32 21.05 -13.53
N ALA Q 307 35.09 22.09 -13.23
CA ALA Q 307 35.44 23.08 -14.24
C ALA Q 307 36.18 22.45 -15.41
N SER Q 308 36.96 21.40 -15.15
CA SER Q 308 37.65 20.72 -16.23
C SER Q 308 36.69 19.94 -17.11
N MET Q 309 35.69 19.29 -16.50
CA MET Q 309 34.71 18.56 -17.29
C MET Q 309 33.89 19.50 -18.16
N GLU Q 310 33.62 20.71 -17.66
CA GLU Q 310 32.89 21.69 -18.47
C GLU Q 310 33.64 22.03 -19.75
N GLN Q 311 34.98 22.00 -19.70
CA GLN Q 311 35.76 22.26 -20.91
C GLN Q 311 35.75 21.06 -21.85
N LEU Q 312 35.69 19.84 -21.30
CA LEU Q 312 35.63 18.65 -22.15
C LEU Q 312 34.30 18.57 -22.88
N THR Q 313 33.19 18.67 -22.15
CA THR Q 313 31.87 18.63 -22.79
C THR Q 313 31.71 19.76 -23.79
N ALA Q 314 32.32 20.92 -23.51
CA ALA Q 314 32.23 22.03 -24.47
C ALA Q 314 32.85 21.65 -25.80
N THR Q 315 33.97 20.92 -25.77
CA THR Q 315 34.61 20.47 -27.01
C THR Q 315 33.90 19.25 -27.58
N VAL Q 316 33.27 18.44 -26.74
CA VAL Q 316 32.53 17.27 -27.23
C VAL Q 316 31.39 17.71 -28.12
N LYS Q 317 30.65 18.74 -27.70
CA LYS Q 317 29.58 19.26 -28.54
C LYS Q 317 30.11 19.77 -29.87
N GLN Q 318 31.32 20.34 -29.86
CA GLN Q 318 31.94 20.77 -31.11
C GLN Q 318 32.29 19.57 -31.98
N ASN Q 319 32.89 18.54 -31.38
CA ASN Q 319 33.21 17.33 -32.14
C ASN Q 319 31.95 16.68 -32.69
N ALA Q 320 30.88 16.66 -31.89
CA ALA Q 320 29.62 16.10 -32.36
C ALA Q 320 29.05 16.94 -33.50
N GLU Q 321 29.02 18.26 -33.32
CA GLU Q 321 28.53 19.13 -34.39
C GLU Q 321 29.43 19.03 -35.62
N ASN Q 322 30.76 19.03 -35.41
CA ASN Q 322 31.67 18.90 -36.53
C ASN Q 322 31.48 17.57 -37.27
N ALA Q 323 31.06 16.52 -36.56
CA ALA Q 323 30.83 15.24 -37.20
C ALA Q 323 29.53 15.24 -37.99
N ARG Q 324 28.45 15.77 -37.41
CA ARG Q 324 27.18 15.83 -38.11
C ARG Q 324 27.25 16.76 -39.31
N GLN Q 325 27.84 17.95 -39.13
CA GLN Q 325 27.97 18.88 -40.23
C GLN Q 325 28.87 18.31 -41.33
N ALA Q 326 30.02 17.75 -40.94
CA ALA Q 326 30.91 17.15 -41.92
C ALA Q 326 30.27 15.94 -42.59
N SER Q 327 29.41 15.21 -41.88
CA SER Q 327 28.74 14.07 -42.48
C SER Q 327 27.87 14.51 -43.65
N HIS Q 328 27.21 15.66 -43.52
CA HIS Q 328 26.40 16.17 -44.63
C HIS Q 328 27.28 16.60 -45.80
N LEU Q 329 28.44 17.19 -45.52
CA LEU Q 329 29.34 17.59 -46.59
C LEU Q 329 29.87 16.37 -47.33
N ALA Q 330 30.36 15.37 -46.60
CA ALA Q 330 30.84 14.15 -47.24
C ALA Q 330 29.71 13.41 -47.93
N LEU Q 331 28.56 13.30 -47.27
CA LEU Q 331 27.42 12.65 -47.89
C LEU Q 331 26.97 13.40 -49.14
N SER Q 332 26.90 14.73 -49.05
CA SER Q 332 26.56 15.52 -50.23
C SER Q 332 27.67 15.46 -51.27
N ALA Q 333 28.93 15.46 -50.83
CA ALA Q 333 30.05 15.35 -51.76
C ALA Q 333 30.03 14.00 -52.47
N SER Q 334 29.60 12.94 -51.78
CA SER Q 334 29.51 11.63 -52.41
C SER Q 334 28.35 11.58 -53.39
N GLU Q 335 27.25 12.25 -53.08
CA GLU Q 335 26.11 12.26 -53.99
C GLU Q 335 26.49 12.90 -55.32
N THR Q 336 27.05 14.11 -55.27
CA THR Q 336 27.50 14.74 -56.51
C THR Q 336 28.64 13.96 -57.16
N ALA Q 337 29.45 13.28 -56.37
CA ALA Q 337 30.53 12.47 -56.92
C ALA Q 337 29.96 11.30 -57.72
N GLN Q 338 29.04 10.54 -57.13
CA GLN Q 338 28.40 9.45 -57.86
C GLN Q 338 27.61 9.99 -59.06
N ARG Q 339 26.95 11.14 -58.88
CA ARG Q 339 26.24 11.75 -60.00
C ARG Q 339 27.22 12.16 -61.10
N GLY Q 340 28.39 12.67 -60.72
CA GLY Q 340 29.40 13.02 -61.71
C GLY Q 340 29.90 11.83 -62.49
N GLY Q 341 29.97 10.66 -61.85
CA GLY Q 341 30.39 9.47 -62.56
C GLY Q 341 29.44 9.11 -63.70
N LYS Q 342 28.14 9.25 -63.46
CA LYS Q 342 27.17 9.00 -64.52
C LYS Q 342 27.34 10.00 -65.66
N VAL Q 343 27.57 11.27 -65.33
CA VAL Q 343 27.81 12.27 -66.35
C VAL Q 343 29.06 11.92 -67.15
N VAL Q 344 30.08 11.40 -66.48
CA VAL Q 344 31.29 10.96 -67.19
C VAL Q 344 30.96 9.82 -68.14
N ASP Q 345 30.09 8.90 -67.71
CA ASP Q 345 29.70 7.80 -68.59
C ASP Q 345 28.88 8.33 -69.78
N ASN Q 346 28.04 9.34 -69.55
CA ASN Q 346 27.27 9.92 -70.65
C ASN Q 346 28.19 10.59 -71.66
N VAL Q 347 29.24 11.27 -71.17
CA VAL Q 347 30.18 11.91 -72.09
C VAL Q 347 30.94 10.87 -72.90
N VAL Q 348 31.19 9.70 -72.30
CA VAL Q 348 31.87 8.63 -73.04
C VAL Q 348 31.04 8.21 -74.24
N GLN Q 349 29.72 8.08 -74.06
CA GLN Q 349 28.86 7.75 -75.19
C GLN Q 349 28.86 8.86 -76.23
N THR Q 350 29.00 10.13 -75.80
CA THR Q 350 29.06 11.23 -76.75
C THR Q 350 30.31 11.12 -77.63
N MET Q 351 31.45 10.77 -77.04
CA MET Q 351 32.66 10.59 -77.83
C MET Q 351 32.47 9.49 -78.86
N ARG Q 352 31.82 8.39 -78.48
CA ARG Q 352 31.55 7.32 -79.43
C ARG Q 352 30.60 7.78 -80.53
N ASP Q 353 29.66 8.67 -80.21
CA ASP Q 353 28.75 9.19 -81.22
C ASP Q 353 29.47 10.14 -82.17
N ILE Q 354 30.30 11.02 -81.62
CA ILE Q 354 31.07 11.95 -82.46
C ILE Q 354 32.03 11.18 -83.35
N SER Q 355 32.73 10.20 -82.77
CA SER Q 355 33.64 9.38 -83.56
C SER Q 355 32.88 8.56 -84.59
N THR Q 356 31.77 7.94 -84.18
CA THR Q 356 30.94 7.19 -85.12
C THR Q 356 30.35 8.11 -86.17
N SER Q 357 29.84 9.28 -85.76
CA SER Q 357 29.31 10.24 -86.72
C SER Q 357 30.39 10.74 -87.66
N SER Q 358 31.57 11.07 -87.12
CA SER Q 358 32.68 11.49 -87.97
C SER Q 358 33.10 10.39 -88.92
N GLN Q 359 32.97 9.12 -88.51
CA GLN Q 359 33.31 8.02 -89.39
C GLN Q 359 32.38 7.98 -90.59
N LYS Q 360 31.07 8.18 -90.36
CA LYS Q 360 30.13 8.22 -91.47
C LYS Q 360 30.42 9.39 -92.40
N ILE Q 361 30.84 10.53 -91.83
CA ILE Q 361 31.19 11.68 -92.67
C ILE Q 361 32.38 11.34 -93.55
N ALA Q 362 33.39 10.66 -92.99
CA ALA Q 362 34.54 10.26 -93.78
C ALA Q 362 34.14 9.36 -94.94
N ASP Q 363 33.13 8.51 -94.75
CA ASP Q 363 32.66 7.65 -95.83
C ASP Q 363 32.07 8.48 -96.97
N ILE Q 364 31.42 9.59 -96.64
CA ILE Q 364 30.85 10.45 -97.68
C ILE Q 364 31.97 11.22 -98.40
N ILE Q 365 32.98 11.66 -97.65
CA ILE Q 365 34.11 12.36 -98.27
C ILE Q 365 34.79 11.44 -99.29
N SER Q 366 34.89 10.15 -98.97
CA SER Q 366 35.46 9.22 -99.94
C SER Q 366 34.60 9.11 -101.19
N VAL Q 367 33.28 9.28 -101.04
CA VAL Q 367 32.40 9.27 -102.21
C VAL Q 367 32.50 10.58 -102.96
N ILE Q 368 32.46 11.71 -102.24
CA ILE Q 368 32.60 13.02 -102.87
C ILE Q 368 33.97 13.12 -103.55
N ASP Q 369 35.02 12.66 -102.87
CA ASP Q 369 36.35 12.68 -103.46
C ASP Q 369 36.39 11.84 -104.73
N GLY Q 370 35.73 10.68 -104.71
CA GLY Q 370 35.69 9.84 -105.91
C GLY Q 370 34.86 10.47 -107.01
N ILE Q 371 33.65 10.92 -106.67
CA ILE Q 371 32.80 11.58 -107.66
C ILE Q 371 33.46 12.85 -108.17
N ALA Q 372 34.15 13.58 -107.28
CA ALA Q 372 34.85 14.79 -107.70
C ALA Q 372 35.94 14.46 -108.72
N PHE Q 373 36.60 13.31 -108.56
CA PHE Q 373 37.61 12.91 -109.53
C PHE Q 373 37.00 12.53 -110.85
N GLN Q 374 35.80 11.93 -110.84
CA GLN Q 374 35.13 11.59 -112.08
C GLN Q 374 34.78 12.84 -112.89
N THR Q 375 34.49 13.96 -112.21
CA THR Q 375 34.22 15.20 -112.92
C THR Q 375 35.42 15.63 -113.75
N ASN Q 376 36.62 15.45 -113.21
CA ASN Q 376 37.83 15.77 -113.97
C ASN Q 376 37.95 14.88 -115.21
N ILE Q 377 37.41 13.66 -115.15
CA ILE Q 377 37.44 12.78 -116.31
C ILE Q 377 36.44 13.24 -117.36
N LEU Q 378 35.17 13.37 -116.96
CA LEU Q 378 34.14 13.82 -117.89
C LEU Q 378 34.44 15.22 -118.42
N ALA Q 379 35.06 16.08 -117.59
CA ALA Q 379 35.38 17.42 -118.03
C ALA Q 379 36.43 17.41 -119.14
N LEU Q 380 37.51 16.64 -118.94
CA LEU Q 380 38.54 16.58 -119.97
C LEU Q 380 38.03 15.89 -121.23
N ASN Q 381 37.13 14.92 -121.10
CA ASN Q 381 36.57 14.26 -122.27
C ASN Q 381 35.87 15.25 -123.18
N ALA Q 382 35.12 16.20 -122.60
CA ALA Q 382 34.47 17.22 -123.41
C ALA Q 382 35.47 18.17 -124.04
N ALA Q 383 36.61 18.40 -123.38
CA ALA Q 383 37.63 19.28 -123.94
C ALA Q 383 38.41 18.58 -125.06
N VAL Q 384 38.69 17.29 -124.90
CA VAL Q 384 39.42 16.55 -125.92
C VAL Q 384 38.59 16.48 -127.20
N GLU Q 385 37.33 16.07 -127.09
CA GLU Q 385 36.47 16.00 -128.27
C GLU Q 385 36.23 17.38 -128.87
N ALA Q 386 36.24 18.43 -128.04
CA ALA Q 386 36.04 19.78 -128.55
C ALA Q 386 37.25 20.26 -129.33
N ALA Q 387 38.46 20.06 -128.78
CA ALA Q 387 39.65 20.49 -129.49
C ALA Q 387 39.86 19.70 -130.79
N ARG Q 388 39.45 18.44 -130.81
CA ARG Q 388 39.60 17.64 -132.02
C ARG Q 388 38.70 18.15 -133.14
N ALA Q 389 37.56 18.76 -132.79
CA ALA Q 389 36.65 19.28 -133.80
C ALA Q 389 37.16 20.59 -134.41
N GLY Q 390 37.93 21.36 -133.67
CA GLY Q 390 38.46 22.61 -134.17
C GLY Q 390 37.54 23.78 -133.84
N GLU Q 391 37.14 24.52 -134.87
CA GLU Q 391 36.27 25.68 -134.69
C GLU Q 391 34.80 25.32 -134.61
N GLN Q 392 34.47 24.02 -134.57
CA GLN Q 392 33.09 23.57 -134.51
C GLN Q 392 32.59 23.40 -133.08
N GLY Q 393 33.26 24.02 -132.11
CA GLY Q 393 32.83 23.92 -130.73
C GLY Q 393 33.92 24.30 -129.74
N ARG Q 394 34.51 25.48 -129.91
CA ARG Q 394 35.54 25.94 -128.98
C ARG Q 394 34.94 26.30 -127.63
N GLY Q 395 33.66 26.65 -127.59
CA GLY Q 395 33.04 27.00 -126.33
C GLY Q 395 33.04 25.85 -125.33
N PHE Q 396 33.01 24.61 -125.81
CA PHE Q 396 33.03 23.47 -124.92
C PHE Q 396 34.38 23.34 -124.22
N ALA Q 397 35.48 23.56 -124.96
CA ALA Q 397 36.80 23.47 -124.36
C ALA Q 397 37.01 24.55 -123.31
N VAL Q 398 36.50 25.76 -123.57
CA VAL Q 398 36.64 26.85 -122.61
C VAL Q 398 35.85 26.53 -121.34
N VAL Q 399 34.60 26.09 -121.50
CA VAL Q 399 33.78 25.73 -120.35
C VAL Q 399 34.34 24.48 -119.67
N ALA Q 400 34.82 23.52 -120.46
CA ALA Q 400 35.39 22.31 -119.88
C ALA Q 400 36.64 22.62 -119.06
N GLY Q 401 37.46 23.56 -119.54
CA GLY Q 401 38.65 23.92 -118.80
C GLY Q 401 38.33 24.53 -117.45
N GLU Q 402 37.25 25.31 -117.37
CA GLU Q 402 36.84 25.90 -116.10
C GLU Q 402 36.14 24.88 -115.22
N VAL Q 403 35.31 24.02 -115.81
CA VAL Q 403 34.62 23.00 -115.03
C VAL Q 403 35.63 22.03 -114.43
N ARG Q 404 36.69 21.72 -115.16
CA ARG Q 404 37.70 20.81 -114.65
C ARG Q 404 38.44 21.42 -113.45
N ASN Q 405 38.68 22.73 -113.49
CA ASN Q 405 39.35 23.38 -112.37
C ASN Q 405 38.53 23.25 -111.10
N LEU Q 406 37.21 23.35 -111.22
CA LEU Q 406 36.35 23.19 -110.04
C LEU Q 406 36.43 21.79 -109.47
N ALA Q 407 36.63 20.79 -110.34
CA ALA Q 407 36.76 19.41 -109.85
C ALA Q 407 38.02 19.24 -109.01
N GLN Q 408 39.13 19.84 -109.46
CA GLN Q 408 40.37 19.75 -108.68
C GLN Q 408 40.22 20.45 -107.34
N ARG Q 409 39.64 21.65 -107.34
CA ARG Q 409 39.41 22.36 -106.09
C ARG Q 409 38.46 21.58 -105.19
N SER Q 410 37.42 20.99 -105.75
CA SER Q 410 36.49 20.20 -104.96
C SER Q 410 37.18 18.94 -104.44
N ALA Q 411 38.05 18.33 -105.26
CA ALA Q 411 38.78 17.14 -104.81
C ALA Q 411 39.73 17.49 -103.69
N GLN Q 412 40.57 18.50 -103.89
CA GLN Q 412 41.50 18.91 -102.83
C GLN Q 412 40.73 19.39 -101.60
N ALA Q 413 39.59 20.05 -101.80
CA ALA Q 413 38.77 20.48 -100.67
C ALA Q 413 38.21 19.28 -99.91
N ALA Q 414 37.77 18.26 -100.63
CA ALA Q 414 37.26 17.06 -99.98
C ALA Q 414 38.37 16.35 -99.21
N ARG Q 415 39.55 16.19 -99.82
CA ARG Q 415 40.67 15.57 -99.13
C ARG Q 415 41.12 16.41 -97.94
N GLU Q 416 40.97 17.74 -98.03
CA GLU Q 416 41.34 18.59 -96.90
C GLU Q 416 40.48 18.30 -95.68
N ILE Q 417 39.19 18.02 -95.89
CA ILE Q 417 38.32 17.67 -94.77
C ILE Q 417 38.75 16.35 -94.16
N LYS Q 418 39.19 15.40 -94.99
CA LYS Q 418 39.63 14.11 -94.47
C LYS Q 418 40.76 14.28 -93.46
N SER Q 419 41.69 15.21 -93.74
CA SER Q 419 42.76 15.48 -92.79
C SER Q 419 42.21 16.03 -91.48
N LEU Q 420 41.09 16.75 -91.54
CA LEU Q 420 40.48 17.28 -90.32
C LEU Q 420 39.72 16.19 -89.57
N ILE Q 421 39.07 15.29 -90.29
CA ILE Q 421 38.37 14.19 -89.63
C ILE Q 421 39.36 13.28 -88.91
N GLU Q 422 40.42 12.89 -89.60
CA GLU Q 422 41.46 12.08 -88.97
C GLU Q 422 42.07 12.81 -87.77
N ASP Q 423 42.29 14.12 -87.92
CA ASP Q 423 42.81 14.90 -86.81
C ASP Q 423 41.75 15.08 -85.72
N SER Q 424 40.49 15.25 -86.12
CA SER Q 424 39.41 15.38 -85.15
C SER Q 424 39.19 14.09 -84.40
N VAL Q 425 39.13 12.96 -85.12
CA VAL Q 425 38.97 11.66 -84.46
C VAL Q 425 40.15 11.39 -83.53
N GLY Q 426 41.34 11.85 -83.92
CA GLY Q 426 42.49 11.69 -83.04
C GLY Q 426 42.33 12.45 -81.73
N LYS Q 427 41.82 13.67 -81.79
CA LYS Q 427 41.57 14.44 -80.57
C LYS Q 427 40.42 13.85 -79.77
N VAL Q 428 39.46 13.20 -80.44
CA VAL Q 428 38.36 12.56 -79.73
C VAL Q 428 38.89 11.43 -78.85
N ASP Q 429 39.81 10.62 -79.39
CA ASP Q 429 40.40 9.56 -78.59
C ASP Q 429 41.20 10.12 -77.43
N VAL Q 430 42.00 11.17 -77.69
CA VAL Q 430 42.75 11.81 -76.63
C VAL Q 430 41.80 12.46 -75.63
N GLY Q 431 40.81 13.20 -76.14
CA GLY Q 431 39.82 13.80 -75.25
C GLY Q 431 39.02 12.75 -74.48
N SER Q 432 38.68 11.66 -75.15
CA SER Q 432 37.97 10.57 -74.46
C SER Q 432 38.85 9.95 -73.38
N THR Q 433 40.15 9.84 -73.65
CA THR Q 433 41.06 9.31 -72.64
C THR Q 433 41.06 10.17 -71.39
N LEU Q 434 41.05 11.50 -71.55
CA LEU Q 434 40.98 12.39 -70.40
C LEU Q 434 39.64 12.24 -69.68
N VAL Q 435 38.56 11.98 -70.42
CA VAL Q 435 37.27 11.76 -69.79
C VAL Q 435 37.28 10.48 -68.96
N GLU Q 436 37.80 9.40 -69.55
CA GLU Q 436 37.92 8.15 -68.80
C GLU Q 436 38.84 8.33 -67.59
N SER Q 437 39.91 9.10 -67.74
CA SER Q 437 40.78 9.39 -66.60
C SER Q 437 40.02 10.13 -65.51
N ALA Q 438 39.13 11.05 -65.89
CA ALA Q 438 38.31 11.74 -64.91
C ALA Q 438 37.34 10.79 -64.21
N GLY Q 439 36.91 9.74 -64.90
CA GLY Q 439 36.04 8.76 -64.27
C GLY Q 439 36.74 7.91 -63.24
N GLU Q 440 38.01 7.59 -63.48
CA GLU Q 440 38.78 6.82 -62.51
C GLU Q 440 38.91 7.55 -61.19
N THR Q 441 39.01 8.88 -61.23
CA THR Q 441 39.09 9.65 -59.99
C THR Q 441 37.82 9.50 -59.16
N MET Q 442 36.65 9.45 -59.83
CA MET Q 442 35.40 9.27 -59.11
C MET Q 442 35.41 7.94 -58.34
N ALA Q 443 35.96 6.89 -58.94
CA ALA Q 443 36.05 5.61 -58.24
C ALA Q 443 36.86 5.73 -56.95
N GLU Q 444 37.88 6.60 -56.94
CA GLU Q 444 38.66 6.81 -55.74
C GLU Q 444 38.01 7.81 -54.80
N ILE Q 445 37.45 8.89 -55.35
CA ILE Q 445 36.77 9.89 -54.53
C ILE Q 445 35.54 9.28 -53.88
N VAL Q 446 34.73 8.57 -54.67
CA VAL Q 446 33.54 7.92 -54.13
C VAL Q 446 33.95 6.89 -53.08
N SER Q 447 34.95 6.07 -53.39
CA SER Q 447 35.42 5.08 -52.41
C SER Q 447 36.06 5.76 -51.21
N ALA Q 448 36.65 6.94 -51.40
CA ALA Q 448 37.28 7.65 -50.29
C ALA Q 448 36.24 8.38 -49.45
N VAL Q 449 35.38 9.18 -50.10
CA VAL Q 449 34.35 9.91 -49.36
C VAL Q 449 33.40 8.94 -48.67
N THR Q 450 33.03 7.85 -49.36
CA THR Q 450 32.17 6.85 -48.74
C THR Q 450 32.83 6.24 -47.51
N ARG Q 451 34.15 6.00 -47.57
CA ARG Q 451 34.86 5.49 -46.40
C ARG Q 451 34.95 6.55 -45.32
N VAL Q 452 35.31 7.78 -45.69
CA VAL Q 452 35.37 8.86 -44.70
C VAL Q 452 34.00 9.08 -44.07
N THR Q 453 32.94 8.97 -44.87
CA THR Q 453 31.60 9.12 -44.32
C THR Q 453 31.31 8.09 -43.25
N ASP Q 454 31.80 6.85 -43.44
CA ASP Q 454 31.62 5.82 -42.43
C ASP Q 454 32.52 6.07 -41.23
N ILE Q 455 33.72 6.59 -41.45
CA ILE Q 455 34.63 6.89 -40.35
C ILE Q 455 34.05 8.01 -39.50
N MET Q 456 33.62 9.11 -40.14
CA MET Q 456 33.02 10.20 -39.39
C MET Q 456 31.70 9.78 -38.76
N GLY Q 457 30.99 8.82 -39.36
CA GLY Q 457 29.76 8.34 -38.77
C GLY Q 457 29.97 7.77 -37.38
N GLU Q 458 31.09 7.06 -37.18
CA GLU Q 458 31.40 6.54 -35.86
C GLU Q 458 31.77 7.65 -34.89
N ILE Q 459 32.37 8.72 -35.40
CA ILE Q 459 32.72 9.85 -34.53
C ILE Q 459 31.45 10.53 -34.01
N ALA Q 460 30.45 10.69 -34.87
CA ALA Q 460 29.19 11.28 -34.44
C ALA Q 460 28.51 10.41 -33.39
N SER Q 461 28.48 9.09 -33.62
CA SER Q 461 27.90 8.19 -32.64
C SER Q 461 28.76 8.12 -31.38
N ALA Q 462 30.09 8.07 -31.56
CA ALA Q 462 30.98 8.04 -30.40
C ALA Q 462 30.91 9.35 -29.63
N SER Q 463 30.83 10.47 -30.34
CA SER Q 463 30.72 11.77 -29.66
C SER Q 463 29.47 11.84 -28.80
N ASP Q 464 28.36 11.26 -29.27
CA ASP Q 464 27.13 11.26 -28.47
C ASP Q 464 27.33 10.49 -27.18
N GLU Q 465 28.06 9.37 -27.23
CA GLU Q 465 28.33 8.61 -26.02
C GLU Q 465 29.16 9.43 -25.04
N GLN Q 466 30.14 10.19 -25.54
CA GLN Q 466 30.93 11.05 -24.67
C GLN Q 466 30.07 12.13 -24.04
N SER Q 467 29.06 12.62 -24.78
CA SER Q 467 28.17 13.64 -24.23
C SER Q 467 27.41 13.09 -23.03
N ARG Q 468 26.65 12.01 -23.22
CA ARG Q 468 25.92 11.41 -22.11
C ARG Q 468 26.88 10.90 -21.04
N GLY Q 469 28.04 10.40 -21.46
CA GLY Q 469 29.00 9.91 -20.48
C GLY Q 469 29.50 11.01 -19.56
N ILE Q 470 29.89 12.16 -20.14
CA ILE Q 470 30.34 13.28 -19.32
C ILE Q 470 29.20 13.82 -18.47
N ASP Q 471 27.96 13.73 -18.97
CA ASP Q 471 26.82 14.18 -18.18
C ASP Q 471 26.69 13.37 -16.90
N GLN Q 472 26.86 12.05 -16.99
CA GLN Q 472 26.82 11.21 -15.80
C GLN Q 472 28.01 11.51 -14.88
N VAL Q 473 29.19 11.71 -15.46
CA VAL Q 473 30.36 12.05 -14.65
C VAL Q 473 30.17 13.43 -14.03
N GLY Q 474 29.70 14.40 -14.83
CA GLY Q 474 29.45 15.72 -14.28
C GLY Q 474 28.37 15.70 -13.21
N LEU Q 475 27.30 14.94 -13.45
CA LEU Q 475 26.25 14.82 -12.44
C LEU Q 475 26.79 14.13 -11.18
N ALA Q 476 27.69 13.16 -11.36
CA ALA Q 476 28.30 12.52 -10.20
C ALA Q 476 29.13 13.50 -9.39
N VAL Q 477 29.83 14.42 -10.07
CA VAL Q 477 30.59 15.43 -9.36
C VAL Q 477 29.66 16.32 -8.53
N ALA Q 478 28.50 16.66 -9.08
CA ALA Q 478 27.52 17.44 -8.33
C ALA Q 478 26.99 16.63 -7.16
N GLU Q 479 26.78 15.32 -7.35
CA GLU Q 479 26.33 14.48 -6.24
C GLU Q 479 27.37 14.43 -5.13
N MET Q 480 28.63 14.17 -5.49
CA MET Q 480 29.69 14.17 -4.49
C MET Q 480 29.89 15.56 -3.89
N ASP Q 481 29.69 16.62 -4.67
CA ASP Q 481 29.79 17.97 -4.14
C ASP Q 481 28.76 18.19 -3.04
N ARG Q 482 27.51 17.80 -3.31
CA ARG Q 482 26.48 17.91 -2.28
C ARG Q 482 26.81 17.03 -1.08
N VAL Q 483 27.32 15.83 -1.33
CA VAL Q 483 27.73 14.95 -0.24
C VAL Q 483 28.89 15.56 0.53
N THR Q 484 29.78 16.27 -0.16
CA THR Q 484 30.89 16.91 0.52
C THR Q 484 30.40 17.98 1.49
N GLN Q 485 29.38 18.74 1.09
CA GLN Q 485 28.81 19.75 1.99
C GLN Q 485 28.19 19.09 3.22
N GLN Q 486 27.49 17.98 3.03
CA GLN Q 486 26.91 17.28 4.17
C GLN Q 486 27.99 16.72 5.08
N ASN Q 487 29.08 16.21 4.49
CA ASN Q 487 30.19 15.73 5.31
C ASN Q 487 30.83 16.86 6.11
N ALA Q 488 30.98 18.03 5.49
CA ALA Q 488 31.53 19.17 6.21
C ALA Q 488 30.64 19.56 7.38
N ALA Q 489 29.33 19.43 7.22
CA ALA Q 489 28.41 19.74 8.32
C ALA Q 489 28.63 18.77 9.49
N LEU Q 490 28.80 17.48 9.20
CA LEU Q 490 29.05 16.52 10.26
C LEU Q 490 30.41 16.77 10.90
N VAL Q 491 31.42 17.11 10.10
CA VAL Q 491 32.73 17.44 10.67
C VAL Q 491 32.64 18.70 11.50
N GLU Q 492 31.94 19.72 11.01
CA GLU Q 492 31.76 20.93 11.80
C GLU Q 492 30.94 20.66 13.05
N GLU Q 493 29.89 19.83 12.93
CA GLU Q 493 29.10 19.48 14.10
C GLU Q 493 29.93 18.69 15.10
N SER Q 494 30.79 17.80 14.62
CA SER Q 494 31.66 17.05 15.52
C SER Q 494 32.64 17.98 16.23
N ALA Q 495 33.15 18.99 15.52
CA ALA Q 495 34.05 19.95 16.15
C ALA Q 495 33.32 20.74 17.23
N ALA Q 496 32.12 21.23 16.94
CA ALA Q 496 31.34 21.95 17.94
C ALA Q 496 30.95 21.02 19.09
N ALA Q 497 30.53 19.80 18.78
CA ALA Q 497 30.19 18.84 19.83
C ALA Q 497 31.43 18.45 20.62
N ALA Q 498 32.56 18.25 19.94
CA ALA Q 498 33.80 17.92 20.66
C ALA Q 498 34.24 19.08 21.54
N ALA Q 499 34.08 20.31 21.05
CA ALA Q 499 34.43 21.48 21.86
C ALA Q 499 33.56 21.57 23.10
N ALA Q 500 32.29 21.14 23.00
CA ALA Q 500 31.41 21.16 24.17
C ALA Q 500 31.92 20.23 25.26
N LEU Q 501 32.52 19.10 24.87
CA LEU Q 501 33.07 18.19 25.86
C LEU Q 501 34.18 18.85 26.67
N GLU Q 502 34.97 19.72 26.03
CA GLU Q 502 36.02 20.42 26.77
C GLU Q 502 35.43 21.32 27.84
N GLU Q 503 34.31 21.98 27.55
CA GLU Q 503 33.67 22.82 28.55
C GLU Q 503 33.08 21.96 29.68
N GLN Q 504 32.39 20.88 29.32
CA GLN Q 504 31.83 20.00 30.34
C GLN Q 504 32.95 19.32 31.13
N ALA Q 505 34.06 19.00 30.46
CA ALA Q 505 35.18 18.39 31.16
C ALA Q 505 35.78 19.32 32.21
N SER Q 506 35.81 20.63 31.92
CA SER Q 506 36.33 21.58 32.89
C SER Q 506 35.44 21.64 34.13
N ARG Q 507 34.14 21.45 33.97
CA ARG Q 507 33.25 21.47 35.12
C ARG Q 507 33.54 20.30 36.06
N LEU Q 508 33.96 19.16 35.52
CA LEU Q 508 34.30 18.02 36.36
C LEU Q 508 35.47 18.34 37.28
N THR Q 509 36.46 19.08 36.76
CA THR Q 509 37.60 19.47 37.58
C THR Q 509 37.22 20.57 38.57
N GLU Q 510 36.39 21.53 38.12
CA GLU Q 510 35.97 22.60 39.02
C GLU Q 510 35.14 22.08 40.18
N ALA Q 511 34.36 21.02 39.95
CA ALA Q 511 33.56 20.45 41.04
C ALA Q 511 34.44 19.89 42.14
N VAL Q 512 35.64 19.43 41.80
CA VAL Q 512 36.59 18.88 42.77
C VAL Q 512 37.83 19.75 42.89
N ALA Q 513 37.84 20.91 42.24
CA ALA Q 513 39.00 21.80 42.35
C ALA Q 513 39.19 22.32 43.76
N VAL Q 514 38.10 22.40 44.54
CA VAL Q 514 38.21 22.87 45.91
C VAL Q 514 39.08 21.93 46.74
N PHE Q 515 38.97 20.63 46.49
CA PHE Q 515 39.76 19.66 47.22
C PHE Q 515 41.21 19.72 46.76
N ARG Q 516 42.07 19.04 47.53
CA ARG Q 516 43.50 18.99 47.24
C ARG Q 516 44.03 17.57 47.37
N MET R 1 17.06 21.76 79.77
CA MET R 1 18.16 22.45 80.51
C MET R 1 19.52 21.98 79.98
N LEU R 2 19.76 20.67 80.05
CA LEU R 2 21.04 20.12 79.60
C LEU R 2 21.22 20.28 78.09
N LYS R 3 20.14 20.45 77.34
CA LYS R 3 20.23 20.62 75.88
C LYS R 3 20.49 22.06 75.48
N ARG R 4 20.91 22.92 76.40
CA ARG R 4 21.19 24.31 76.09
C ARG R 4 22.55 24.72 76.63
N ILE R 5 22.73 24.65 77.95
CA ILE R 5 23.99 25.02 78.58
C ILE R 5 25.10 24.10 78.08
N LYS R 6 26.35 24.49 78.33
CA LYS R 6 27.48 23.69 77.90
C LYS R 6 27.78 22.59 78.91
N ILE R 7 28.26 21.45 78.41
CA ILE R 7 28.60 20.34 79.29
C ILE R 7 29.80 20.70 80.15
N VAL R 8 30.71 21.53 79.63
CA VAL R 8 31.87 21.93 80.43
C VAL R 8 31.43 22.79 81.60
N THR R 9 30.49 23.71 81.36
CA THR R 9 29.97 24.55 82.44
C THR R 9 28.95 23.80 83.30
N SER R 10 28.19 22.88 82.70
CA SER R 10 27.21 22.12 83.46
C SER R 10 27.91 21.18 84.44
N LEU R 11 28.86 20.38 83.96
CA LEU R 11 29.58 19.48 84.84
C LEU R 11 30.40 20.23 85.87
N LEU R 12 30.86 21.45 85.53
CA LEU R 12 31.61 22.25 86.48
C LEU R 12 30.77 22.59 87.70
N LEU R 13 29.51 22.98 87.48
CA LEU R 13 28.62 23.27 88.60
C LEU R 13 28.20 22.00 89.31
N VAL R 14 28.11 20.87 88.60
CA VAL R 14 27.74 19.61 89.24
C VAL R 14 28.76 19.25 90.30
N LEU R 15 30.05 19.34 89.97
CA LEU R 15 31.09 19.07 90.96
C LEU R 15 31.02 20.05 92.12
N ALA R 16 30.62 21.29 91.85
CA ALA R 16 30.48 22.27 92.93
C ALA R 16 29.29 21.96 93.82
N VAL R 17 28.22 21.40 93.25
CA VAL R 17 27.06 21.04 94.06
C VAL R 17 27.44 19.95 95.06
N PHE R 18 28.13 18.91 94.57
CA PHE R 18 28.56 17.85 95.47
C PHE R 18 29.48 18.39 96.55
N GLY R 19 30.39 19.31 96.19
CA GLY R 19 31.25 19.92 97.18
C GLY R 19 30.49 20.82 98.15
N LEU R 20 29.45 21.51 97.65
CA LEU R 20 28.65 22.36 98.52
C LEU R 20 27.83 21.51 99.49
N LEU R 21 27.17 20.46 98.99
CA LEU R 21 26.41 19.58 99.88
C LEU R 21 27.32 18.92 100.91
N GLN R 22 28.57 18.62 100.54
CA GLN R 22 29.49 18.03 101.49
C GLN R 22 29.92 19.03 102.56
N LEU R 23 30.04 20.31 102.18
CA LEU R 23 30.43 21.33 103.15
C LEU R 23 29.24 21.77 103.99
N THR R 24 28.10 22.04 103.36
CA THR R 24 26.91 22.45 104.11
C THR R 24 26.46 21.35 105.05
N SER R 25 26.36 20.12 104.55
CA SER R 25 25.97 18.99 105.41
C SER R 25 26.99 18.78 106.51
N GLY R 26 28.27 18.72 106.16
CA GLY R 26 29.30 18.58 107.17
C GLY R 26 29.30 19.69 108.19
N GLY R 27 28.94 20.90 107.76
CA GLY R 27 28.86 22.01 108.71
C GLY R 27 27.79 21.79 109.77
N LEU R 28 26.68 21.16 109.38
CA LEU R 28 25.63 20.86 110.35
C LEU R 28 26.12 19.86 111.39
N PHE R 29 26.82 18.81 110.95
CA PHE R 29 27.39 17.86 111.90
C PHE R 29 28.44 18.54 112.78
N PHE R 30 29.29 19.37 112.20
CA PHE R 30 30.27 20.11 112.99
C PHE R 30 29.56 21.04 113.97
N ASN R 31 28.53 21.75 113.51
CA ASN R 31 27.75 22.59 114.42
C ASN R 31 27.02 21.75 115.46
N ALA R 32 26.56 20.57 115.07
CA ALA R 32 25.91 19.67 116.03
C ALA R 32 26.87 19.29 117.15
N LEU R 33 28.09 18.89 116.79
CA LEU R 33 29.09 18.58 117.81
C LEU R 33 29.44 19.80 118.63
N LYS R 34 29.43 20.99 118.01
CA LYS R 34 29.68 22.22 118.76
C LYS R 34 28.58 22.46 119.78
N ASN R 35 27.32 22.33 119.36
CA ASN R 35 26.20 22.48 120.30
C ASN R 35 26.27 21.41 121.39
N ASP R 36 26.64 20.18 121.01
CA ASP R 36 26.79 19.13 122.01
C ASP R 36 27.95 19.44 122.96
N LYS R 37 29.01 20.06 122.45
CA LYS R 37 30.13 20.44 123.31
C LYS R 37 29.70 21.45 124.36
N GLU R 38 28.81 22.37 123.98
CA GLU R 38 28.30 23.35 124.94
C GLU R 38 27.52 22.68 126.06
N ASN R 39 26.84 21.57 125.76
CA ASN R 39 26.10 20.85 126.79
C ASN R 39 27.05 20.35 127.88
N PHE R 40 28.14 19.69 127.47
CA PHE R 40 29.13 19.23 128.46
C PHE R 40 29.70 20.41 129.23
N THR R 41 29.91 21.55 128.56
CA THR R 41 30.39 22.73 129.25
C THR R 41 29.39 23.18 130.31
N VAL R 42 28.10 23.06 130.02
CA VAL R 42 27.08 23.40 131.02
C VAL R 42 27.09 22.38 132.14
N LEU R 43 27.17 21.09 131.79
CA LEU R 43 27.23 20.06 132.81
C LEU R 43 28.53 20.16 133.60
N GLN R 44 29.63 20.50 132.93
CA GLN R 44 30.90 20.65 133.64
C GLN R 44 30.89 21.85 134.57
N THR R 45 30.15 22.90 134.22
CA THR R 45 30.08 24.10 135.04
C THR R 45 29.05 23.97 136.16
N ILE R 46 27.87 23.42 135.87
CA ILE R 46 26.85 23.29 136.89
C ILE R 46 27.24 22.23 137.91
N ARG R 47 27.98 21.20 137.48
CA ARG R 47 28.42 20.16 138.41
C ARG R 47 29.31 20.74 139.50
N GLN R 48 30.21 21.65 139.12
CA GLN R 48 31.06 22.30 140.13
C GLN R 48 30.21 23.12 141.10
N GLN R 49 29.15 23.74 140.62
CA GLN R 49 28.26 24.49 141.50
C GLN R 49 27.61 23.57 142.52
N GLN R 50 27.16 22.39 142.08
CA GLN R 50 26.56 21.44 143.02
C GLN R 50 27.61 20.89 143.97
N SER R 51 28.83 20.63 143.48
CA SER R 51 29.89 20.14 144.35
C SER R 51 30.25 21.17 145.40
N THR R 52 30.48 22.42 144.99
CA THR R 52 30.79 23.48 145.95
C THR R 52 29.59 23.74 146.85
N LEU R 53 28.38 23.72 146.30
CA LEU R 53 27.19 23.91 147.12
C LEU R 53 26.99 22.75 148.09
N ASN R 54 27.19 21.52 147.61
CA ASN R 54 27.06 20.36 148.47
C ASN R 54 28.13 20.35 149.55
N GLY R 55 29.36 20.73 149.18
CA GLY R 55 30.42 20.78 150.17
C GLY R 55 30.12 21.75 151.30
N SER R 56 29.50 22.89 150.97
CA SER R 56 29.12 23.85 152.00
C SER R 56 28.03 23.28 152.90
N TRP R 57 26.99 22.70 152.29
CA TRP R 57 25.91 22.09 153.07
C TRP R 57 26.46 20.98 153.96
N VAL R 58 27.44 20.23 153.47
CA VAL R 58 28.04 19.18 154.29
C VAL R 58 28.82 19.79 155.44
N ALA R 59 29.48 20.93 155.21
CA ALA R 59 30.24 21.57 156.26
C ALA R 59 29.32 22.12 157.36
N LEU R 60 28.15 22.65 156.97
CA LEU R 60 27.22 23.17 157.96
C LEU R 60 26.71 22.06 158.86
N LEU R 61 26.41 20.89 158.29
CA LEU R 61 25.94 19.77 159.10
C LEU R 61 27.03 19.29 160.05
N GLN R 62 28.27 19.17 159.57
CA GLN R 62 29.36 18.78 160.44
C GLN R 62 29.53 19.77 161.59
N THR R 63 29.29 21.06 161.33
CA THR R 63 29.38 22.05 162.40
C THR R 63 28.24 21.89 163.39
N ARG R 64 27.04 21.60 162.90
CA ARG R 64 25.89 21.40 163.80
C ARG R 64 26.15 20.24 164.75
N ASN R 65 26.61 19.10 164.22
CA ASN R 65 26.92 17.96 165.08
C ASN R 65 28.05 18.28 166.05
N THR R 66 28.96 19.18 165.66
CA THR R 66 30.05 19.56 166.56
C THR R 66 29.56 20.51 167.65
N LEU R 67 28.74 21.50 167.27
CA LEU R 67 28.19 22.42 168.27
C LEU R 67 27.30 21.70 169.26
N ASN R 68 26.54 20.70 168.79
CA ASN R 68 25.69 19.92 169.69
C ASN R 68 26.53 19.20 170.73
N ARG R 69 27.58 18.50 170.28
CA ARG R 69 28.48 17.84 171.21
C ARG R 69 29.17 18.85 172.12
N ALA R 70 29.42 20.07 171.63
CA ALA R 70 30.02 21.09 172.47
C ALA R 70 29.07 21.49 173.61
N GLY R 71 27.77 21.53 173.32
CA GLY R 71 26.81 21.84 174.38
C GLY R 71 26.65 20.69 175.35
N ILE R 72 26.65 19.45 174.86
CA ILE R 72 26.56 18.30 175.74
C ILE R 72 27.80 18.20 176.62
N ARG R 73 28.98 18.44 176.05
CA ARG R 73 30.21 18.37 176.83
C ARG R 73 30.18 19.35 178.00
N TYR R 74 29.49 20.49 177.84
CA TYR R 74 29.39 21.45 178.93
C TYR R 74 28.61 20.85 180.10
N MET R 75 27.46 20.24 179.82
CA MET R 75 26.67 19.62 180.88
C MET R 75 27.43 18.49 181.55
N MET R 76 28.26 17.77 180.80
CA MET R 76 29.05 16.69 181.39
C MET R 76 30.02 17.23 182.43
N ASP R 77 30.48 18.47 182.27
CA ASP R 77 31.41 19.06 183.24
C ASP R 77 30.68 19.50 184.50
N GLN R 78 29.47 20.04 184.35
CA GLN R 78 28.72 20.48 185.52
C GLN R 78 28.32 19.30 186.41
N ASN R 79 27.70 18.28 185.82
CA ASN R 79 27.28 17.11 186.56
C ASN R 79 28.39 16.06 186.70
N ASN R 80 29.55 16.28 186.06
CA ASN R 80 30.66 15.33 186.14
C ASN R 80 30.23 13.96 185.67
N ILE R 81 30.22 13.75 184.34
CA ILE R 81 29.83 12.49 183.74
C ILE R 81 30.89 12.15 182.69
N GLY R 82 31.64 11.09 182.92
CA GLY R 82 32.66 10.68 181.97
C GLY R 82 33.73 11.75 181.82
N SER R 83 34.38 11.71 180.66
CA SER R 83 35.45 12.66 180.33
C SER R 83 35.74 12.52 178.84
N GLY R 84 36.61 13.39 178.35
CA GLY R 84 37.00 13.39 176.95
C GLY R 84 37.54 14.75 176.55
N SER R 85 37.28 15.12 175.31
CA SER R 85 37.72 16.41 174.79
C SER R 85 37.00 17.54 175.51
N THR R 86 37.77 18.52 175.97
CA THR R 86 37.19 19.66 176.67
C THR R 86 36.27 20.45 175.75
N VAL R 87 35.47 21.34 176.35
CA VAL R 87 34.55 22.15 175.57
C VAL R 87 35.31 23.09 174.63
N ALA R 88 36.50 23.52 175.04
CA ALA R 88 37.28 24.42 174.20
C ALA R 88 37.68 23.74 172.90
N GLU R 89 38.14 22.49 172.97
CA GLU R 89 38.54 21.78 171.77
C GLU R 89 37.36 21.55 170.82
N LEU R 90 36.16 21.42 171.37
CA LEU R 90 34.99 21.19 170.53
C LEU R 90 34.57 22.48 169.82
N MET R 91 34.62 23.62 170.52
CA MET R 91 34.27 24.89 169.89
C MET R 91 35.25 25.25 168.79
N GLU R 92 36.54 25.01 169.01
CA GLU R 92 37.52 25.29 167.97
C GLU R 92 37.30 24.42 166.75
N SER R 93 36.91 23.16 166.95
CA SER R 93 36.61 22.28 165.83
C SER R 93 35.42 22.79 165.03
N ALA R 94 34.42 23.33 165.71
CA ALA R 94 33.26 23.88 165.01
C ALA R 94 33.64 25.12 164.21
N SER R 95 34.60 25.91 164.70
CA SER R 95 35.03 27.09 163.96
C SER R 95 35.67 26.70 162.64
N ILE R 96 36.56 25.70 162.66
CA ILE R 96 37.19 25.25 161.42
C ILE R 96 36.14 24.68 160.47
N SER R 97 35.15 23.97 161.02
CA SER R 97 34.08 23.44 160.19
C SER R 97 33.21 24.56 159.61
N LEU R 98 33.02 25.63 160.38
CA LEU R 98 32.24 26.76 159.89
C LEU R 98 32.96 27.47 158.74
N LYS R 99 34.26 27.70 158.89
CA LYS R 99 35.03 28.33 157.82
C LYS R 99 35.03 27.47 156.57
N GLN R 100 34.98 26.14 156.73
CA GLN R 100 34.92 25.26 155.57
C GLN R 100 33.68 25.52 154.73
N ALA R 101 32.55 25.86 155.38
CA ALA R 101 31.35 26.18 154.63
C ALA R 101 31.52 27.47 153.82
N GLU R 102 32.19 28.47 154.40
CA GLU R 102 32.42 29.71 153.67
C GLU R 102 33.32 29.48 152.46
N LYS R 103 34.36 28.65 152.62
CA LYS R 103 35.23 28.35 151.48
C LYS R 103 34.46 27.62 150.39
N ASN R 104 33.69 26.60 150.75
CA ASN R 104 32.89 25.89 149.77
C ASN R 104 31.78 26.79 149.21
N TRP R 105 31.23 27.68 150.03
CA TRP R 105 30.21 28.61 149.57
C TRP R 105 30.80 29.75 148.76
N ALA R 106 32.07 30.08 148.94
CA ALA R 106 32.70 31.13 148.17
C ALA R 106 32.75 30.76 146.69
N ASP R 107 33.15 29.53 146.39
CA ASP R 107 33.18 29.08 145.00
C ASP R 107 31.79 29.01 144.40
N TYR R 108 30.77 28.71 145.23
CA TYR R 108 29.41 28.67 144.73
C TYR R 108 28.99 30.01 144.14
N GLU R 109 29.50 31.11 144.68
CA GLU R 109 29.17 32.44 144.17
C GLU R 109 30.22 32.97 143.20
N ALA R 110 31.41 32.38 143.17
CA ALA R 110 32.47 32.83 142.27
C ALA R 110 32.35 32.20 140.89
N LEU R 111 32.04 30.91 140.82
CA LEU R 111 31.91 30.25 139.53
C LEU R 111 30.75 30.85 138.74
N PRO R 112 30.80 30.78 137.41
CA PRO R 112 29.72 31.36 136.60
C PRO R 112 28.44 30.55 136.73
N ARG R 113 27.38 31.09 136.13
CA ARG R 113 26.06 30.45 136.15
C ARG R 113 25.41 30.63 134.79
N ASP R 114 24.63 29.63 134.39
CA ASP R 114 23.95 29.69 133.11
C ASP R 114 22.72 30.59 133.20
N PRO R 115 22.30 31.19 132.08
CA PRO R 115 21.13 32.07 132.12
C PRO R 115 19.81 31.34 132.28
N ARG R 116 19.74 30.05 131.95
CA ARG R 116 18.52 29.28 132.07
C ARG R 116 18.27 28.76 133.48
N GLN R 117 19.08 29.16 134.45
CA GLN R 117 18.89 28.72 135.83
C GLN R 117 17.87 29.61 136.54
N SER R 118 17.13 29.00 137.46
CA SER R 118 16.11 29.72 138.22
C SER R 118 16.78 30.77 139.10
N THR R 119 16.77 32.02 138.65
CA THR R 119 17.41 33.09 139.41
C THR R 119 16.68 33.33 140.73
N ALA R 120 15.37 33.10 140.77
CA ALA R 120 14.62 33.30 142.01
C ALA R 120 15.05 32.30 143.08
N ALA R 121 15.36 31.07 142.68
CA ALA R 121 15.79 30.07 143.65
C ALA R 121 17.14 30.42 144.25
N ALA R 122 18.01 31.07 143.47
CA ALA R 122 19.33 31.44 143.99
C ALA R 122 19.22 32.48 145.10
N ALA R 123 18.19 33.33 145.06
CA ALA R 123 18.03 34.33 146.11
C ALA R 123 17.45 33.73 147.39
N GLU R 124 16.56 32.74 147.25
CA GLU R 124 15.96 32.11 148.42
C GLU R 124 17.00 31.28 149.18
N ILE R 125 17.77 30.46 148.46
CA ILE R 125 18.79 29.65 149.11
C ILE R 125 19.85 30.53 149.74
N LYS R 126 20.13 31.70 149.15
CA LYS R 126 21.13 32.60 149.71
C LYS R 126 20.61 33.26 150.98
N ARG R 127 19.32 33.58 151.03
CA ARG R 127 18.75 34.19 152.23
C ARG R 127 18.83 33.25 153.42
N ASN R 128 18.44 31.99 153.23
CA ASN R 128 18.51 31.03 154.32
C ASN R 128 19.95 30.76 154.74
N TYR R 129 20.90 30.85 153.81
CA TYR R 129 22.30 30.63 154.15
C TYR R 129 22.78 31.69 155.14
N ASP R 130 22.41 32.95 154.92
CA ASP R 130 22.80 34.01 155.85
C ASP R 130 22.20 33.79 157.23
N ILE R 131 20.92 33.43 157.29
CA ILE R 131 20.28 33.18 158.57
C ILE R 131 20.88 31.93 159.22
N TYR R 132 21.16 30.91 158.42
CA TYR R 132 21.77 29.70 158.96
C TYR R 132 23.19 29.97 159.43
N HIS R 133 23.98 30.67 158.61
CA HIS R 133 25.35 30.98 159.00
C HIS R 133 25.36 31.83 160.27
N ASN R 134 24.54 32.88 160.32
CA ASN R 134 24.46 33.71 161.52
C ASN R 134 23.94 32.92 162.71
N ALA R 135 23.08 31.94 162.47
CA ALA R 135 22.55 31.13 163.57
C ALA R 135 23.67 30.30 164.21
N LEU R 136 24.44 29.58 163.38
CA LEU R 136 25.55 28.79 163.91
C LEU R 136 26.59 29.68 164.56
N ALA R 137 26.83 30.86 163.99
CA ALA R 137 27.80 31.79 164.57
C ALA R 137 27.35 32.25 165.95
N GLU R 138 26.04 32.43 166.13
CA GLU R 138 25.53 32.85 167.43
C GLU R 138 25.72 31.75 168.47
N LEU R 139 25.60 30.49 168.06
CA LEU R 139 25.79 29.40 169.00
C LEU R 139 27.20 29.39 169.58
N ILE R 140 28.19 29.83 168.81
CA ILE R 140 29.55 29.86 169.32
C ILE R 140 29.72 30.99 170.34
N GLN R 141 28.95 32.06 170.19
CA GLN R 141 29.05 33.18 171.13
C GLN R 141 28.31 32.88 172.43
N LEU R 142 27.11 32.29 172.34
CA LEU R 142 26.35 31.98 173.54
C LEU R 142 27.06 30.92 174.38
N LEU R 143 27.57 29.88 173.74
CA LEU R 143 28.26 28.83 174.48
C LEU R 143 29.56 29.34 175.08
N GLY R 144 30.27 30.21 174.35
CA GLY R 144 31.52 30.76 174.87
C GLY R 144 31.32 31.61 176.09
N ALA R 145 30.20 32.33 176.17
CA ALA R 145 29.91 33.18 177.31
C ALA R 145 29.28 32.43 178.48
N GLY R 146 29.00 31.14 178.32
CA GLY R 146 28.42 30.35 179.39
C GLY R 146 26.90 30.36 179.43
N LYS R 147 26.24 30.81 178.37
CA LYS R 147 24.78 30.85 178.32
C LYS R 147 24.23 29.53 177.79
N ILE R 148 24.46 28.47 178.59
CA ILE R 148 23.99 27.14 178.20
C ILE R 148 22.47 27.09 178.19
N ASN R 149 21.81 27.91 179.01
CA ASN R 149 20.35 27.92 179.05
C ASN R 149 19.77 28.36 177.71
N GLU R 150 20.18 29.54 177.24
CA GLU R 150 19.69 30.04 175.95
C GLU R 150 20.25 29.27 174.77
N PHE R 151 21.29 28.45 174.98
CA PHE R 151 21.85 27.69 173.87
C PHE R 151 20.85 26.70 173.30
N PHE R 152 19.91 26.23 174.11
CA PHE R 152 18.89 25.28 173.67
C PHE R 152 17.60 25.94 173.23
N ASP R 153 17.42 27.23 173.51
CA ASP R 153 16.19 27.92 173.15
C ASP R 153 16.23 28.53 171.75
N GLN R 154 17.41 28.76 171.20
CA GLN R 154 17.52 29.35 169.88
C GLN R 154 16.86 28.43 168.85
N PRO R 155 15.98 28.94 167.98
CA PRO R 155 15.32 28.06 166.98
C PRO R 155 16.26 27.68 165.84
N THR R 156 17.26 26.87 166.15
CA THR R 156 18.20 26.43 165.14
C THR R 156 17.59 25.37 164.22
N GLN R 157 16.65 24.58 164.73
CA GLN R 157 16.01 23.57 163.89
C GLN R 157 15.18 24.22 162.79
N GLY R 158 14.53 25.34 163.08
CA GLY R 158 13.75 26.02 162.07
C GLY R 158 14.61 26.51 160.92
N TYR R 159 15.72 27.17 161.24
CA TYR R 159 16.62 27.64 160.20
C TYR R 159 17.32 26.48 159.49
N GLN R 160 17.57 25.39 160.20
CA GLN R 160 18.20 24.23 159.59
C GLN R 160 17.31 23.63 158.51
N ASP R 161 16.07 23.28 158.88
CA ASP R 161 15.13 22.74 157.90
C ASP R 161 14.77 23.77 156.84
N GLY R 162 14.83 25.06 157.18
CA GLY R 162 14.51 26.09 156.21
C GLY R 162 15.44 26.07 155.01
N PHE R 163 16.75 25.86 155.27
CA PHE R 163 17.71 25.78 154.17
C PHE R 163 17.68 24.41 153.49
N GLU R 164 17.30 23.37 154.23
CA GLU R 164 17.25 22.04 153.63
C GLU R 164 16.19 21.96 152.54
N LYS R 165 14.98 22.47 152.83
CA LYS R 165 13.93 22.46 151.83
C LYS R 165 14.32 23.31 150.61
N GLN R 166 15.05 24.40 150.85
CA GLN R 166 15.52 25.21 149.73
C GLN R 166 16.68 24.52 149.00
N TYR R 167 17.53 23.82 149.75
CA TYR R 167 18.63 23.09 149.12
C TYR R 167 18.09 22.00 148.20
N VAL R 168 17.22 21.13 148.73
CA VAL R 168 16.63 20.08 147.91
C VAL R 168 15.83 20.70 146.77
N ALA R 169 15.06 21.75 147.06
CA ALA R 169 14.30 22.42 146.02
C ALA R 169 15.22 23.05 144.98
N TYR R 170 16.39 23.55 145.42
CA TYR R 170 17.34 24.12 144.48
C TYR R 170 17.96 23.04 143.59
N MET R 171 18.17 21.85 144.14
CA MET R 171 18.70 20.75 143.31
C MET R 171 17.71 20.38 142.21
N GLU R 172 16.41 20.51 142.47
CA GLU R 172 15.42 20.23 141.43
C GLU R 172 15.58 21.17 140.25
N GLN R 173 15.81 22.45 140.52
CA GLN R 173 16.03 23.40 139.43
C GLN R 173 17.22 22.98 138.57
N ASN R 174 18.24 22.40 139.19
CA ASN R 174 19.38 21.90 138.41
C ASN R 174 19.02 20.63 137.67
N ASP R 175 18.18 19.78 138.26
CA ASP R 175 17.75 18.56 137.59
C ASP R 175 16.90 18.90 136.36
N ARG R 176 16.10 19.95 136.44
CA ARG R 176 15.31 20.37 135.28
C ARG R 176 16.22 20.75 134.11
N LEU R 177 17.33 21.44 134.40
CA LEU R 177 18.26 21.79 133.35
C LEU R 177 19.03 20.57 132.85
N HIS R 178 19.26 19.59 133.73
CA HIS R 178 19.91 18.36 133.30
C HIS R 178 19.12 17.68 132.20
N ASP R 179 17.79 17.59 132.37
CA ASP R 179 16.96 17.02 131.32
C ASP R 179 17.02 17.86 130.06
N ILE R 180 17.00 19.19 130.20
CA ILE R 180 17.13 20.07 129.05
C ILE R 180 18.52 19.90 128.43
N ALA R 181 19.55 19.74 129.26
CA ALA R 181 20.89 19.52 128.74
C ALA R 181 20.96 18.22 127.94
N VAL R 182 20.43 17.13 128.51
CA VAL R 182 20.39 15.88 127.77
C VAL R 182 19.43 15.97 126.59
N SER R 183 18.38 16.79 126.71
CA SER R 183 17.46 16.98 125.60
C SER R 183 18.14 17.69 124.43
N ASP R 184 19.11 18.56 124.71
CA ASP R 184 19.84 19.21 123.64
C ASP R 184 20.54 18.19 122.75
N ASN R 185 21.10 17.13 123.35
CA ASN R 185 21.71 16.07 122.56
C ASN R 185 20.67 15.37 121.70
N ASN R 186 19.51 15.05 122.27
CA ASN R 186 18.44 14.45 121.49
C ASN R 186 17.98 15.40 120.38
N ALA R 187 17.89 16.69 120.68
CA ALA R 187 17.52 17.66 119.65
C ALA R 187 18.60 17.75 118.58
N SER R 188 19.86 17.87 119.00
CA SER R 188 20.96 17.90 118.03
C SER R 188 21.09 16.58 117.31
N TYR R 189 20.82 15.47 118.00
CA TYR R 189 20.90 14.16 117.37
C TYR R 189 19.73 13.95 116.40
N SER R 190 18.53 14.37 116.80
CA SER R 190 17.36 14.23 115.92
C SER R 190 17.53 15.07 114.67
N GLN R 191 17.78 16.37 114.83
CA GLN R 191 17.98 17.24 113.68
C GLN R 191 19.11 16.73 112.80
N ALA R 192 20.17 16.22 113.41
CA ALA R 192 21.28 15.64 112.65
C ALA R 192 20.93 14.27 112.09
N MET R 193 19.93 13.59 112.65
CA MET R 193 19.54 12.28 112.14
C MET R 193 18.83 12.42 110.79
N TRP R 194 18.00 13.45 110.64
CA TRP R 194 17.32 13.66 109.36
C TRP R 194 18.31 13.94 108.24
N ILE R 195 19.49 14.47 108.58
CA ILE R 195 20.50 14.74 107.56
C ILE R 195 20.97 13.43 106.94
N LEU R 196 21.07 12.37 107.74
CA LEU R 196 21.48 11.08 107.21
C LEU R 196 20.47 10.51 106.22
N VAL R 197 19.23 11.02 106.23
CA VAL R 197 18.20 10.56 105.30
C VAL R 197 17.86 11.60 104.25
N GLY R 198 18.18 12.87 104.48
CA GLY R 198 17.85 13.92 103.52
C GLY R 198 18.89 14.09 102.43
N VAL R 199 20.10 14.52 102.81
CA VAL R 199 21.13 14.78 101.82
C VAL R 199 21.50 13.51 101.07
N MET R 200 21.36 12.34 101.72
CA MET R 200 21.69 11.09 101.04
C MET R 200 20.75 10.84 99.87
N ILE R 201 19.46 11.13 100.05
CA ILE R 201 18.50 10.95 98.96
C ILE R 201 18.70 12.02 97.89
N VAL R 202 19.10 13.23 98.29
CA VAL R 202 19.35 14.28 97.32
C VAL R 202 20.60 13.97 96.51
N VAL R 203 21.68 13.61 97.20
CA VAL R 203 22.92 13.27 96.50
C VAL R 203 22.70 12.06 95.61
N LEU R 204 22.08 11.00 96.14
CA LEU R 204 21.80 9.82 95.33
C LEU R 204 20.89 10.15 94.16
N ALA R 205 20.01 11.13 94.32
CA ALA R 205 19.12 11.52 93.22
C ALA R 205 19.89 12.23 92.12
N VAL R 206 20.87 13.07 92.49
CA VAL R 206 21.66 13.76 91.48
C VAL R 206 22.56 12.77 90.74
N ILE R 207 23.12 11.79 91.46
CA ILE R 207 23.96 10.79 90.82
C ILE R 207 23.16 10.03 89.77
N PHE R 208 21.88 9.79 90.03
CA PHE R 208 21.03 9.09 89.07
C PHE R 208 20.62 10.03 87.93
N ALA R 209 20.37 11.30 88.25
CA ALA R 209 19.99 12.25 87.20
C ALA R 209 21.18 12.57 86.30
N VAL R 210 22.33 12.85 86.89
CA VAL R 210 23.52 13.14 86.10
C VAL R 210 23.94 11.91 85.29
N TRP R 211 23.79 10.72 85.88
CA TRP R 211 24.13 9.49 85.17
C TRP R 211 23.28 9.34 83.92
N PHE R 212 22.03 9.79 83.96
CA PHE R 212 21.15 9.73 82.80
C PHE R 212 21.20 10.98 81.95
N GLY R 213 21.53 12.13 82.55
CA GLY R 213 21.61 13.36 81.78
C GLY R 213 22.81 13.38 80.85
N ILE R 214 23.94 12.82 81.30
CA ILE R 214 25.14 12.79 80.46
C ILE R 214 24.87 11.98 79.20
N LYS R 215 24.34 10.76 79.36
CA LYS R 215 24.04 9.92 78.20
C LYS R 215 22.98 10.57 77.32
N ALA R 216 22.01 11.25 77.93
CA ALA R 216 20.96 11.92 77.17
C ALA R 216 21.44 13.18 76.49
N SER R 217 22.68 13.61 76.74
CA SER R 217 23.23 14.82 76.13
C SER R 217 24.68 14.64 75.69
N LEU R 218 25.18 13.40 75.65
CA LEU R 218 26.55 13.15 75.23
C LEU R 218 26.65 11.82 74.49
N VAL R 219 26.28 10.72 75.17
CA VAL R 219 26.36 9.41 74.54
C VAL R 219 25.28 9.26 73.48
N ALA R 220 24.06 9.74 73.78
CA ALA R 220 22.97 9.62 72.82
C ALA R 220 23.25 10.36 71.53
N PRO R 221 23.56 11.66 71.54
CA PRO R 221 23.85 12.34 70.26
C PRO R 221 25.13 11.86 69.61
N MET R 222 26.16 11.52 70.38
CA MET R 222 27.41 11.07 69.80
C MET R 222 27.21 9.81 68.97
N ASN R 223 26.31 8.93 69.41
CA ASN R 223 26.06 7.69 68.66
C ASN R 223 25.38 7.98 67.33
N ARG R 224 24.38 8.87 67.33
CA ARG R 224 23.68 9.18 66.09
C ARG R 224 24.60 9.87 65.09
N LEU R 225 25.55 10.68 65.58
CA LEU R 225 26.48 11.36 64.67
C LEU R 225 27.50 10.38 64.11
N ILE R 226 27.98 9.44 64.93
CA ILE R 226 28.93 8.44 64.43
C ILE R 226 28.25 7.54 63.42
N ASP R 227 27.04 7.09 63.74
CA ASP R 227 26.32 6.22 62.81
C ASP R 227 26.01 6.94 61.50
N SER R 228 25.77 8.25 61.56
CA SER R 228 25.49 9.00 60.33
C SER R 228 26.68 8.95 59.37
N ILE R 229 27.90 8.97 59.91
CA ILE R 229 29.08 8.90 59.05
C ILE R 229 29.23 7.51 58.45
N ARG R 230 28.77 6.47 59.16
CA ARG R 230 28.83 5.12 58.62
C ARG R 230 28.00 5.01 57.35
N HIS R 231 26.78 5.56 57.37
CA HIS R 231 25.95 5.53 56.18
C HIS R 231 26.54 6.39 55.07
N ILE R 232 27.13 7.53 55.44
CA ILE R 232 27.77 8.38 54.43
C ILE R 232 29.00 7.69 53.86
N ALA R 233 29.81 7.08 54.70
CA ALA R 233 31.00 6.37 54.22
C ALA R 233 30.63 5.08 53.50
N GLY R 234 29.59 4.38 53.96
CA GLY R 234 29.16 3.17 53.31
C GLY R 234 28.42 3.36 52.01
N GLY R 235 28.03 4.60 51.69
CA GLY R 235 27.33 4.88 50.46
C GLY R 235 25.85 5.16 50.67
N ASP R 236 25.54 6.33 51.26
CA ASP R 236 24.16 6.71 51.51
C ASP R 236 24.09 8.17 51.94
N LEU R 237 23.82 9.06 50.98
CA LEU R 237 23.73 10.49 51.26
C LEU R 237 22.28 10.93 51.34
N VAL R 238 21.52 10.33 52.26
CA VAL R 238 20.10 10.66 52.42
C VAL R 238 19.69 10.88 53.87
N LYS R 239 20.42 10.37 54.85
CA LYS R 239 20.03 10.55 56.24
C LYS R 239 20.10 12.03 56.60
N PRO R 240 19.08 12.59 57.26
CA PRO R 240 19.12 14.00 57.61
C PRO R 240 20.02 14.26 58.82
N ILE R 241 20.45 15.51 58.93
CA ILE R 241 21.30 15.95 60.03
C ILE R 241 20.78 17.29 60.53
N GLU R 242 20.76 17.45 61.85
CA GLU R 242 20.29 18.68 62.48
C GLU R 242 21.15 18.99 63.70
N VAL R 243 21.18 20.26 64.08
CA VAL R 243 21.95 20.72 65.23
C VAL R 243 21.23 20.29 66.51
N ASP R 244 21.73 19.24 67.14
CA ASP R 244 21.15 18.72 68.38
C ASP R 244 21.82 19.41 69.56
N GLY R 245 21.13 20.38 70.15
CA GLY R 245 21.67 21.11 71.28
C GLY R 245 22.76 22.08 70.89
N SER R 246 23.06 23.03 71.77
CA SER R 246 24.09 24.03 71.53
C SER R 246 25.45 23.63 72.10
N ASN R 247 25.58 22.45 72.67
CA ASN R 247 26.83 22.00 73.24
C ASN R 247 27.82 21.70 72.12
N GLU R 248 28.92 21.02 72.46
CA GLU R 248 29.91 20.67 71.46
C GLU R 248 29.34 19.72 70.40
N MET R 249 28.36 18.89 70.78
CA MET R 249 27.75 17.99 69.82
C MET R 249 27.01 18.76 68.73
N GLY R 250 26.47 19.93 69.07
CA GLY R 250 25.78 20.72 68.06
C GLY R 250 26.71 21.17 66.93
N GLN R 251 27.91 21.61 67.28
CA GLN R 251 28.87 22.01 66.26
C GLN R 251 29.28 20.83 65.38
N LEU R 252 29.41 19.65 65.98
CA LEU R 252 29.75 18.47 65.21
C LEU R 252 28.65 18.11 64.22
N ALA R 253 27.39 18.39 64.56
CA ALA R 253 26.30 18.12 63.64
C ALA R 253 26.29 19.13 62.49
N GLU R 254 26.47 20.42 62.81
CA GLU R 254 26.51 21.44 61.77
C GLU R 254 27.71 21.25 60.86
N SER R 255 28.88 20.94 61.45
CA SER R 255 30.07 20.71 60.63
C SER R 255 29.89 19.49 59.74
N LEU R 256 29.28 18.43 60.27
CA LEU R 256 29.04 17.24 59.47
C LEU R 256 28.05 17.52 58.35
N ARG R 257 26.99 18.27 58.64
CA ARG R 257 26.01 18.61 57.60
C ARG R 257 26.64 19.52 56.55
N HIS R 258 27.50 20.43 56.98
CA HIS R 258 28.16 21.33 56.03
C HIS R 258 29.04 20.53 55.06
N MET R 259 29.77 19.54 55.56
CA MET R 259 30.59 18.72 54.69
C MET R 259 29.73 17.87 53.75
N GLN R 260 28.57 17.43 54.23
CA GLN R 260 27.69 16.62 53.39
C GLN R 260 27.29 17.36 52.12
N GLY R 261 27.21 18.69 52.18
CA GLY R 261 26.88 19.46 51.00
C GLY R 261 27.89 19.30 49.87
N GLU R 262 29.15 19.04 50.23
CA GLU R 262 30.18 18.84 49.22
C GLU R 262 30.10 17.44 48.62
N LEU R 263 29.81 16.43 49.44
CA LEU R 263 29.69 15.07 48.94
C LEU R 263 28.55 14.97 47.93
N MET R 264 27.37 15.46 48.30
CA MET R 264 26.23 15.42 47.38
C MET R 264 26.51 16.27 46.13
N ARG R 265 27.18 17.40 46.31
CA ARG R 265 27.51 18.25 45.16
C ARG R 265 28.55 17.59 44.27
N THR R 266 29.62 17.05 44.86
CA THR R 266 30.65 16.38 44.08
C THR R 266 30.08 15.15 43.39
N VAL R 267 29.40 14.29 44.15
CA VAL R 267 28.81 13.09 43.57
C VAL R 267 27.76 13.45 42.54
N GLY R 268 27.09 14.58 42.71
CA GLY R 268 26.08 15.02 41.77
C GLY R 268 26.67 15.63 40.52
N ASP R 269 27.62 16.54 40.68
CA ASP R 269 28.25 17.17 39.53
C ASP R 269 29.00 16.15 38.68
N VAL R 270 29.72 15.23 39.32
CA VAL R 270 30.46 14.21 38.58
C VAL R 270 29.48 13.25 37.89
N ARG R 271 28.47 12.80 38.62
CA ARG R 271 27.48 11.89 38.03
C ARG R 271 26.70 12.59 36.93
N ASN R 272 26.07 13.73 37.24
CA ASN R 272 25.33 14.47 36.23
C ASN R 272 26.26 14.99 35.14
N GLY R 273 27.50 15.32 35.50
CA GLY R 273 28.44 15.79 34.50
C GLY R 273 28.99 14.69 33.63
N ALA R 274 29.18 13.49 34.19
CA ALA R 274 29.66 12.37 33.39
C ALA R 274 28.65 11.97 32.33
N ASN R 275 27.35 12.09 32.63
CA ASN R 275 26.34 11.75 31.64
C ASN R 275 26.42 12.65 30.41
N ALA R 276 26.83 13.91 30.60
CA ALA R 276 26.97 14.81 29.45
C ALA R 276 28.08 14.34 28.53
N ILE R 277 29.14 13.77 29.08
CA ILE R 277 30.23 13.26 28.25
C ILE R 277 29.78 12.02 27.49
N TYR R 278 29.14 11.08 28.18
CA TYR R 278 28.64 9.89 27.50
C TYR R 278 27.57 10.24 26.48
N SER R 279 26.62 11.11 26.87
CA SER R 279 25.60 11.54 25.93
C SER R 279 26.19 12.39 24.81
N GLY R 280 27.10 13.30 25.15
CA GLY R 280 27.75 14.10 24.13
C GLY R 280 28.63 13.29 23.21
N ALA R 281 29.37 12.33 23.78
CA ALA R 281 30.22 11.48 22.95
C ALA R 281 29.39 10.60 22.02
N SER R 282 28.18 10.22 22.44
CA SER R 282 27.32 9.42 21.58
C SER R 282 26.97 10.18 20.31
N GLU R 283 26.76 11.50 20.41
CA GLU R 283 26.46 12.30 19.23
C GLU R 283 27.66 12.33 18.29
N ILE R 284 28.87 12.45 18.83
CA ILE R 284 30.06 12.43 17.99
C ILE R 284 30.28 11.03 17.42
N ALA R 285 30.15 10.00 18.26
CA ALA R 285 30.29 8.63 17.78
C ALA R 285 29.22 8.30 16.75
N THR R 286 27.98 8.69 17.00
CA THR R 286 26.92 8.47 16.02
C THR R 286 27.19 9.25 14.74
N GLY R 287 27.78 10.45 14.86
CA GLY R 287 28.12 11.22 13.67
C GLY R 287 29.17 10.54 12.83
N ASN R 288 30.13 9.86 13.47
CA ASN R 288 31.16 9.15 12.72
C ASN R 288 30.54 8.02 11.90
N ASN R 289 29.59 7.29 12.47
CA ASN R 289 28.92 6.23 11.73
C ASN R 289 28.16 6.80 10.54
N ASP R 290 27.40 7.88 10.76
CA ASP R 290 26.70 8.52 9.65
C ASP R 290 27.68 9.14 8.67
N LEU R 291 28.72 9.80 9.17
CA LEU R 291 29.73 10.37 8.28
C LEU R 291 30.49 9.27 7.54
N SER R 292 30.74 8.14 8.21
CA SER R 292 31.42 7.02 7.56
C SER R 292 30.56 6.43 6.44
N SER R 293 29.24 6.48 6.59
CA SER R 293 28.35 5.96 5.54
C SER R 293 28.57 6.72 4.24
N ARG R 294 28.56 8.06 4.31
CA ARG R 294 28.82 8.86 3.11
C ARG R 294 30.27 8.75 2.68
N THR R 295 31.18 8.47 3.62
CA THR R 295 32.58 8.30 3.26
C THR R 295 32.76 7.09 2.34
N GLU R 296 32.14 5.96 2.69
CA GLU R 296 32.18 4.78 1.83
C GLU R 296 31.50 5.05 0.50
N GLN R 297 30.33 5.71 0.54
CA GLN R 297 29.65 6.07 -0.71
C GLN R 297 30.48 7.06 -1.52
N GLN R 298 31.21 7.95 -0.85
CA GLN R 298 32.07 8.89 -1.55
C GLN R 298 33.15 8.14 -2.35
N ALA R 299 33.86 7.24 -1.69
CA ALA R 299 34.87 6.44 -2.39
C ALA R 299 34.23 5.60 -3.49
N ALA R 300 33.03 5.07 -3.23
CA ALA R 300 32.34 4.28 -4.26
C ALA R 300 32.06 5.13 -5.50
N SER R 301 31.69 6.39 -5.30
CA SER R 301 31.45 7.27 -6.45
C SER R 301 32.73 7.51 -7.23
N LEU R 302 33.87 7.61 -6.54
CA LEU R 302 35.14 7.79 -7.23
C LEU R 302 35.50 6.56 -8.05
N GLU R 303 35.22 5.37 -7.53
CA GLU R 303 35.48 4.15 -8.30
C GLU R 303 34.61 4.08 -9.54
N GLU R 304 33.32 4.35 -9.38
CA GLU R 304 32.42 4.38 -10.54
C GLU R 304 32.77 5.52 -11.48
N THR R 305 33.13 6.68 -10.91
CA THR R 305 33.52 7.81 -11.76
C THR R 305 34.85 7.54 -12.44
N ALA R 306 35.81 6.95 -11.73
CA ALA R 306 37.09 6.63 -12.33
C ALA R 306 36.94 5.64 -13.48
N ALA R 307 36.12 4.60 -13.28
CA ALA R 307 35.88 3.64 -14.34
C ALA R 307 35.21 4.29 -15.54
N SER R 308 34.38 5.31 -15.31
CA SER R 308 33.74 6.00 -16.42
C SER R 308 34.76 6.74 -17.27
N MET R 309 35.75 7.38 -16.64
CA MET R 309 36.79 8.07 -17.40
C MET R 309 37.58 7.10 -18.27
N GLU R 310 37.79 5.87 -17.80
CA GLU R 310 38.49 4.88 -18.60
C GLU R 310 37.72 4.56 -19.86
N GLN R 311 36.40 4.42 -19.75
CA GLN R 311 35.59 4.17 -20.94
C GLN R 311 35.65 5.34 -21.91
N LEU R 312 35.57 6.57 -21.39
CA LEU R 312 35.67 7.75 -22.25
C LEU R 312 37.06 7.86 -22.89
N THR R 313 38.10 7.46 -22.16
CA THR R 313 39.45 7.52 -22.72
C THR R 313 39.56 6.63 -23.96
N ALA R 314 38.87 5.50 -23.96
CA ALA R 314 38.91 4.62 -25.12
C ALA R 314 38.23 5.27 -26.33
N THR R 315 37.15 6.01 -26.09
CA THR R 315 36.47 6.70 -27.19
C THR R 315 37.23 7.94 -27.65
N VAL R 316 37.96 8.59 -26.74
CA VAL R 316 38.74 9.77 -27.11
C VAL R 316 39.81 9.39 -28.14
N LYS R 317 40.63 8.40 -27.81
CA LYS R 317 41.64 7.93 -28.75
C LYS R 317 40.99 7.38 -30.01
N GLN R 318 39.80 6.79 -29.90
CA GLN R 318 39.10 6.30 -31.08
C GLN R 318 38.73 7.46 -32.01
N ASN R 319 38.03 8.47 -31.47
CA ASN R 319 37.70 9.63 -32.29
C ASN R 319 38.96 10.35 -32.76
N ALA R 320 40.01 10.39 -31.93
CA ALA R 320 41.26 11.02 -32.34
C ALA R 320 41.87 10.27 -33.53
N GLU R 321 41.96 8.94 -33.43
CA GLU R 321 42.49 8.15 -34.54
C GLU R 321 41.60 8.31 -35.77
N ASN R 322 40.29 8.20 -35.61
CA ASN R 322 39.38 8.39 -36.73
C ASN R 322 39.48 9.79 -37.30
N ALA R 323 39.77 10.78 -36.44
CA ALA R 323 39.91 12.16 -36.92
C ALA R 323 41.15 12.30 -37.80
N ARG R 324 42.27 11.72 -37.37
CA ARG R 324 43.49 11.77 -38.18
C ARG R 324 43.31 11.02 -39.49
N GLN R 325 42.72 9.83 -39.43
CA GLN R 325 42.48 9.06 -40.65
C GLN R 325 41.46 9.77 -41.54
N ALA R 326 40.39 10.31 -40.95
CA ALA R 326 39.40 11.04 -41.74
C ALA R 326 40.03 12.26 -42.40
N SER R 327 40.84 13.00 -41.65
CA SER R 327 41.51 14.17 -42.23
C SER R 327 42.51 13.75 -43.29
N HIS R 328 43.22 12.64 -43.07
CA HIS R 328 44.18 12.16 -44.06
C HIS R 328 43.46 11.73 -45.33
N LEU R 329 42.44 10.88 -45.20
CA LEU R 329 41.68 10.46 -46.37
C LEU R 329 40.96 11.64 -47.01
N ALA R 330 40.49 12.59 -46.21
CA ALA R 330 39.83 13.77 -46.77
C ALA R 330 40.80 14.57 -47.62
N LEU R 331 42.03 14.78 -47.11
CA LEU R 331 43.03 15.48 -47.89
C LEU R 331 43.38 14.72 -49.17
N SER R 332 43.49 13.40 -49.06
CA SER R 332 43.76 12.59 -50.25
C SER R 332 42.57 12.62 -51.20
N ALA R 333 41.35 12.56 -50.66
CA ALA R 333 40.16 12.64 -51.50
C ALA R 333 40.08 13.99 -52.21
N SER R 334 40.34 15.08 -51.47
CA SER R 334 40.35 16.40 -52.09
C SER R 334 41.46 16.52 -53.13
N GLU R 335 42.65 16.00 -52.81
CA GLU R 335 43.75 16.03 -53.76
C GLU R 335 43.39 15.27 -55.03
N THR R 336 42.60 14.20 -54.92
CA THR R 336 42.18 13.47 -56.11
C THR R 336 41.28 14.33 -57.00
N ALA R 337 40.54 15.26 -56.40
CA ALA R 337 39.69 16.15 -57.20
C ALA R 337 40.47 17.30 -57.80
N GLN R 338 41.58 17.70 -57.17
CA GLN R 338 42.39 18.78 -57.72
C GLN R 338 42.97 18.39 -59.07
N ARG R 339 43.79 17.33 -59.09
CA ARG R 339 44.36 16.87 -60.36
C ARG R 339 43.26 16.39 -61.31
N GLY R 340 42.17 15.85 -60.77
CA GLY R 340 41.07 15.44 -61.62
C GLY R 340 40.38 16.62 -62.28
N GLY R 341 40.22 17.73 -61.55
CA GLY R 341 39.62 18.91 -62.14
C GLY R 341 40.46 19.48 -63.27
N LYS R 342 41.78 19.44 -63.12
CA LYS R 342 42.66 19.91 -64.18
C LYS R 342 42.48 19.09 -65.45
N VAL R 343 42.30 17.77 -65.30
CA VAL R 343 42.05 16.92 -66.46
C VAL R 343 40.73 17.31 -67.12
N VAL R 344 39.72 17.62 -66.32
CA VAL R 344 38.44 18.06 -66.88
C VAL R 344 38.61 19.39 -67.60
N ASP R 345 39.50 20.26 -67.10
CA ASP R 345 39.74 21.53 -67.76
C ASP R 345 40.33 21.33 -69.14
N ASN R 346 41.29 20.39 -69.26
CA ASN R 346 41.86 20.11 -70.57
C ASN R 346 40.82 19.57 -71.54
N VAL R 347 39.83 18.84 -71.03
CA VAL R 347 38.77 18.33 -71.90
C VAL R 347 37.96 19.48 -72.48
N VAL R 348 37.82 20.59 -71.74
CA VAL R 348 37.09 21.74 -72.25
C VAL R 348 37.82 22.31 -73.47
N GLN R 349 39.15 22.37 -73.41
CA GLN R 349 39.91 22.83 -74.57
C GLN R 349 39.74 21.91 -75.76
N THR R 350 39.59 20.61 -75.52
CA THR R 350 39.37 19.67 -76.62
C THR R 350 38.06 19.96 -77.32
N MET R 351 37.00 20.23 -76.55
CA MET R 351 35.72 20.57 -77.16
C MET R 351 35.84 21.82 -78.02
N ARG R 352 36.57 22.83 -77.54
CA ARG R 352 36.79 24.02 -78.35
C ARG R 352 37.59 23.71 -79.59
N ASP R 353 38.61 22.86 -79.47
CA ASP R 353 39.39 22.46 -80.64
C ASP R 353 38.51 21.73 -81.64
N ILE R 354 37.74 20.75 -81.17
CA ILE R 354 36.83 20.03 -82.05
C ILE R 354 35.75 20.98 -82.58
N SER R 355 35.31 21.93 -81.75
CA SER R 355 34.32 22.90 -82.20
C SER R 355 34.90 23.79 -83.29
N THR R 356 36.08 24.36 -83.04
CA THR R 356 36.74 25.17 -84.06
C THR R 356 37.12 24.31 -85.28
N SER R 357 37.61 23.09 -85.03
CA SER R 357 37.94 22.21 -86.14
C SER R 357 36.71 21.88 -86.96
N SER R 358 35.59 21.58 -86.30
CA SER R 358 34.35 21.33 -87.03
C SER R 358 33.88 22.57 -87.77
N GLN R 359 34.12 23.75 -87.22
CA GLN R 359 33.75 24.99 -87.91
C GLN R 359 34.52 25.13 -89.21
N LYS R 360 35.81 24.77 -89.22
CA LYS R 360 36.59 24.82 -90.45
C LYS R 360 36.02 23.86 -91.49
N ILE R 361 35.56 22.69 -91.05
CA ILE R 361 34.96 21.73 -91.96
C ILE R 361 33.71 22.33 -92.59
N ALA R 362 32.86 22.96 -91.78
CA ALA R 362 31.66 23.60 -92.31
C ALA R 362 32.02 24.68 -93.32
N ASP R 363 33.14 25.37 -93.13
CA ASP R 363 33.56 26.38 -94.08
C ASP R 363 33.93 25.76 -95.43
N ILE R 364 34.59 24.60 -95.40
CA ILE R 364 34.94 23.92 -96.65
C ILE R 364 33.69 23.35 -97.30
N ILE R 365 32.80 22.74 -96.51
CA ILE R 365 31.55 22.22 -97.07
C ILE R 365 30.75 23.35 -97.71
N SER R 366 30.75 24.53 -97.08
CA SER R 366 30.08 25.67 -97.68
C SER R 366 30.75 26.08 -98.99
N VAL R 367 32.07 25.90 -99.08
CA VAL R 367 32.77 26.22 -100.32
C VAL R 367 32.49 25.14 -101.36
N ILE R 368 32.54 23.87 -100.97
CA ILE R 368 32.22 22.79 -101.91
C ILE R 368 30.78 22.93 -102.39
N ASP R 369 29.88 23.33 -101.51
CA ASP R 369 28.50 23.56 -101.92
C ASP R 369 28.41 24.68 -102.95
N GLY R 370 29.16 25.76 -102.73
CA GLY R 370 29.18 26.85 -103.71
C GLY R 370 29.86 26.44 -104.99
N ILE R 371 31.00 25.76 -104.89
CA ILE R 371 31.69 25.29 -106.08
C ILE R 371 30.81 24.31 -106.85
N ALA R 372 30.08 23.45 -106.14
CA ALA R 372 29.17 22.52 -106.81
C ALA R 372 28.07 23.28 -107.55
N PHE R 373 27.63 24.41 -106.99
CA PHE R 373 26.61 25.21 -107.66
C PHE R 373 27.16 25.84 -108.93
N GLN R 374 28.38 26.38 -108.86
CA GLN R 374 29.00 26.98 -110.04
C GLN R 374 29.22 25.92 -111.12
N THR R 375 29.63 24.71 -110.74
CA THR R 375 29.81 23.64 -111.71
C THR R 375 28.50 23.33 -112.42
N ASN R 376 27.38 23.48 -111.72
CA ASN R 376 26.08 23.23 -112.35
C ASN R 376 25.77 24.29 -113.39
N ILE R 377 26.13 25.54 -113.12
CA ILE R 377 25.89 26.62 -114.09
C ILE R 377 26.76 26.42 -115.32
N LEU R 378 28.04 26.09 -115.12
CA LEU R 378 28.91 25.85 -116.26
C LEU R 378 28.45 24.66 -117.07
N ALA R 379 28.00 23.59 -116.40
CA ALA R 379 27.52 22.41 -117.10
C ALA R 379 26.16 22.66 -117.74
N LEU R 380 25.28 23.40 -117.04
CA LEU R 380 23.97 23.71 -117.59
C LEU R 380 24.09 24.57 -118.84
N ASN R 381 24.92 25.61 -118.78
CA ASN R 381 25.11 26.47 -119.94
C ASN R 381 25.79 25.72 -121.09
N ALA R 382 26.66 24.75 -120.76
CA ALA R 382 27.32 23.98 -121.80
C ALA R 382 26.32 23.13 -122.58
N ALA R 383 25.32 22.59 -121.89
CA ALA R 383 24.30 21.78 -122.59
C ALA R 383 23.51 22.63 -123.56
N VAL R 384 23.28 23.90 -123.25
CA VAL R 384 22.55 24.78 -124.15
C VAL R 384 23.33 24.99 -125.44
N GLU R 385 24.66 25.08 -125.34
CA GLU R 385 25.48 25.26 -126.54
C GLU R 385 25.44 24.02 -127.42
N ALA R 386 25.29 22.84 -126.83
CA ALA R 386 25.23 21.61 -127.62
C ALA R 386 24.02 21.60 -128.54
N ALA R 387 22.84 21.97 -128.01
CA ALA R 387 21.64 22.01 -128.84
C ALA R 387 21.72 23.11 -129.88
N ARG R 388 22.41 24.21 -129.58
CA ARG R 388 22.52 25.30 -130.55
C ARG R 388 23.35 24.88 -131.75
N ALA R 389 24.32 23.99 -131.56
CA ALA R 389 25.17 23.54 -132.66
C ALA R 389 24.46 22.53 -133.57
N GLY R 390 23.27 22.08 -133.21
CA GLY R 390 22.55 21.13 -134.03
C GLY R 390 22.88 19.70 -133.66
N GLU R 391 23.04 18.84 -134.67
CA GLU R 391 23.37 17.44 -134.43
C GLU R 391 24.81 17.23 -133.96
N GLN R 392 25.63 18.28 -133.96
CA GLN R 392 27.02 18.15 -133.53
C GLN R 392 27.17 18.11 -132.01
N GLY R 393 26.15 18.52 -131.27
CA GLY R 393 26.18 18.54 -129.83
C GLY R 393 25.72 17.27 -129.15
N ARG R 394 25.46 16.21 -129.92
CA ARG R 394 25.01 14.97 -129.30
C ARG R 394 26.06 14.38 -128.39
N GLY R 395 27.33 14.43 -128.81
CA GLY R 395 28.41 13.91 -127.98
C GLY R 395 28.65 14.75 -126.73
N PHE R 396 28.45 16.06 -126.83
CA PHE R 396 28.64 16.95 -125.69
C PHE R 396 27.40 17.05 -124.81
N ALA R 397 26.21 16.90 -125.39
CA ALA R 397 24.99 16.99 -124.60
C ALA R 397 24.93 15.86 -123.56
N VAL R 398 25.29 14.64 -123.97
CA VAL R 398 25.27 13.52 -123.03
C VAL R 398 26.30 13.73 -121.93
N VAL R 399 27.48 14.24 -122.29
CA VAL R 399 28.51 14.49 -121.28
C VAL R 399 28.11 15.67 -120.40
N ALA R 400 27.55 16.72 -121.00
CA ALA R 400 27.13 17.88 -120.21
C ALA R 400 26.05 17.50 -119.21
N GLY R 401 25.10 16.65 -119.64
CA GLY R 401 24.05 16.23 -118.72
C GLY R 401 24.57 15.40 -117.57
N GLU R 402 25.66 14.65 -117.79
CA GLU R 402 26.24 13.85 -116.72
C GLU R 402 27.06 14.69 -115.75
N VAL R 403 27.72 15.74 -116.26
CA VAL R 403 28.51 16.61 -115.38
C VAL R 403 27.60 17.29 -114.37
N ARG R 404 26.51 17.89 -114.84
CA ARG R 404 25.58 18.54 -113.92
C ARG R 404 24.91 17.53 -112.99
N ASN R 405 24.74 16.29 -113.44
CA ASN R 405 24.15 15.26 -112.59
C ASN R 405 25.03 14.97 -111.39
N LEU R 406 26.33 14.80 -111.62
CA LEU R 406 27.26 14.55 -110.52
C LEU R 406 27.34 15.75 -109.58
N ALA R 407 27.12 16.96 -110.10
CA ALA R 407 27.13 18.14 -109.24
C ALA R 407 26.03 18.07 -108.19
N GLN R 408 24.84 17.60 -108.57
CA GLN R 408 23.77 17.45 -107.60
C GLN R 408 24.11 16.39 -106.56
N ARG R 409 24.74 15.29 -106.98
CA ARG R 409 25.15 14.26 -106.03
C ARG R 409 26.22 14.81 -105.08
N SER R 410 27.23 15.49 -105.63
CA SER R 410 28.26 16.08 -104.77
C SER R 410 27.67 17.19 -103.91
N ALA R 411 26.77 18.00 -104.47
CA ALA R 411 26.13 19.05 -103.70
C ALA R 411 25.24 18.45 -102.61
N GLN R 412 24.38 17.50 -102.98
CA GLN R 412 23.53 16.84 -101.99
C GLN R 412 24.38 16.13 -100.94
N ALA R 413 25.48 15.50 -101.36
CA ALA R 413 26.37 14.85 -100.40
C ALA R 413 27.07 15.89 -99.53
N ALA R 414 27.49 17.00 -100.12
CA ALA R 414 28.14 18.05 -99.34
C ALA R 414 27.16 18.64 -98.32
N ARG R 415 25.95 18.98 -98.77
CA ARG R 415 24.95 19.49 -97.85
C ARG R 415 24.56 18.45 -96.80
N GLU R 416 24.63 17.17 -97.16
CA GLU R 416 24.33 16.13 -96.19
C GLU R 416 25.34 16.13 -95.04
N ILE R 417 26.61 16.37 -95.37
CA ILE R 417 27.63 16.45 -94.31
C ILE R 417 27.38 17.66 -93.43
N LYS R 418 26.92 18.77 -94.02
CA LYS R 418 26.63 19.96 -93.23
C LYS R 418 25.62 19.66 -92.14
N SER R 419 24.60 18.86 -92.46
CA SER R 419 23.63 18.45 -91.44
C SER R 419 24.29 17.62 -90.35
N LEU R 420 25.34 16.88 -90.70
CA LEU R 420 26.06 16.09 -89.70
C LEU R 420 27.02 16.96 -88.89
N ILE R 421 27.71 17.90 -89.54
CA ILE R 421 28.60 18.80 -88.82
C ILE R 421 27.80 19.65 -87.84
N GLU R 422 26.72 20.26 -88.32
CA GLU R 422 25.86 21.05 -87.43
C GLU R 422 25.29 20.17 -86.32
N ASP R 423 24.87 18.94 -86.67
CA ASP R 423 24.38 18.02 -85.65
C ASP R 423 25.52 17.58 -84.72
N SER R 424 26.71 17.39 -85.28
CA SER R 424 27.86 17.04 -84.44
C SER R 424 28.23 18.18 -83.51
N VAL R 425 28.20 19.42 -84.01
CA VAL R 425 28.48 20.57 -83.16
C VAL R 425 27.47 20.66 -82.03
N GLY R 426 26.22 20.29 -82.30
CA GLY R 426 25.23 20.27 -81.23
C GLY R 426 25.57 19.26 -80.15
N LYS R 427 25.98 18.06 -80.55
CA LYS R 427 26.43 17.07 -79.56
C LYS R 427 27.70 17.54 -78.85
N VAL R 428 28.58 18.23 -79.57
CA VAL R 428 29.78 18.77 -78.94
C VAL R 428 29.39 19.82 -77.90
N ASP R 429 28.45 20.70 -78.25
CA ASP R 429 27.97 21.68 -77.28
C ASP R 429 27.30 20.99 -76.10
N VAL R 430 26.46 19.97 -76.37
CA VAL R 430 25.85 19.21 -75.29
C VAL R 430 26.92 18.48 -74.49
N GLY R 431 27.90 17.91 -75.18
CA GLY R 431 29.00 17.26 -74.47
C GLY R 431 29.80 18.22 -73.63
N SER R 432 30.00 19.44 -74.14
CA SER R 432 30.70 20.46 -73.35
C SER R 432 29.91 20.81 -72.10
N THR R 433 28.58 20.82 -72.19
CA THR R 433 27.76 21.06 -71.02
C THR R 433 27.92 19.95 -69.99
N LEU R 434 27.95 18.70 -70.45
CA LEU R 434 28.18 17.59 -69.53
C LEU R 434 29.57 17.68 -68.91
N VAL R 435 30.59 17.97 -69.73
CA VAL R 435 31.93 18.16 -69.19
C VAL R 435 31.97 19.37 -68.29
N GLU R 436 31.31 20.46 -68.69
CA GLU R 436 31.24 21.64 -67.83
C GLU R 436 30.51 21.32 -66.53
N SER R 437 29.42 20.55 -66.62
CA SER R 437 28.72 20.14 -65.40
C SER R 437 29.62 19.26 -64.53
N ALA R 438 30.44 18.42 -65.15
CA ALA R 438 31.37 17.60 -64.40
C ALA R 438 32.39 18.47 -63.66
N GLY R 439 32.80 19.59 -64.28
CA GLY R 439 33.72 20.50 -63.60
C GLY R 439 33.10 21.18 -62.41
N GLU R 440 31.79 21.45 -62.47
CA GLU R 440 31.11 22.07 -61.32
C GLU R 440 31.13 21.14 -60.12
N THR R 441 30.98 19.83 -60.35
CA THR R 441 31.03 18.88 -59.24
C THR R 441 32.40 18.89 -58.59
N MET R 442 33.47 19.05 -59.38
CA MET R 442 34.81 19.13 -58.82
C MET R 442 34.92 20.30 -57.84
N ALA R 443 34.35 21.45 -58.19
CA ALA R 443 34.35 22.59 -57.28
C ALA R 443 33.66 22.25 -55.98
N GLU R 444 32.53 21.54 -56.05
CA GLU R 444 31.85 21.13 -54.82
C GLU R 444 32.70 20.13 -54.04
N ILE R 445 33.29 19.16 -54.72
CA ILE R 445 34.15 18.19 -54.04
C ILE R 445 35.38 18.88 -53.48
N VAL R 446 35.97 19.81 -54.24
CA VAL R 446 37.13 20.55 -53.74
C VAL R 446 36.75 21.56 -52.67
N SER R 447 35.52 22.07 -52.70
CA SER R 447 35.08 23.03 -51.69
C SER R 447 34.44 22.37 -50.48
N ALA R 448 33.92 21.15 -50.64
CA ALA R 448 33.29 20.44 -49.52
C ALA R 448 34.30 19.60 -48.75
N VAL R 449 35.13 18.84 -49.46
CA VAL R 449 36.12 18.01 -48.78
C VAL R 449 37.23 18.86 -48.17
N THR R 450 37.58 19.97 -48.82
CA THR R 450 38.60 20.85 -48.27
C THR R 450 38.20 21.39 -46.91
N ARG R 451 36.89 21.61 -46.69
CA ARG R 451 36.43 22.05 -45.38
C ARG R 451 36.34 20.88 -44.41
N VAL R 452 36.07 19.67 -44.90
CA VAL R 452 36.00 18.51 -44.03
C VAL R 452 37.34 18.28 -43.34
N THR R 453 38.42 18.20 -44.14
CA THR R 453 39.75 18.03 -43.56
C THR R 453 40.09 19.17 -42.62
N ASP R 454 39.55 20.37 -42.86
CA ASP R 454 39.76 21.48 -41.94
C ASP R 454 38.89 21.36 -40.69
N ILE R 455 37.62 20.97 -40.87
CA ILE R 455 36.74 20.78 -39.72
C ILE R 455 37.19 19.58 -38.90
N MET R 456 37.51 18.47 -39.56
CA MET R 456 38.03 17.31 -38.84
C MET R 456 39.35 17.61 -38.15
N GLY R 457 40.12 18.55 -38.71
CA GLY R 457 41.38 18.94 -38.07
C GLY R 457 41.17 19.49 -36.68
N GLU R 458 40.04 20.16 -36.44
CA GLU R 458 39.74 20.67 -35.11
C GLU R 458 39.47 19.53 -34.14
N ILE R 459 38.83 18.46 -34.61
CA ILE R 459 38.57 17.31 -33.76
C ILE R 459 39.88 16.65 -33.34
N ALA R 460 40.80 16.48 -34.29
CA ALA R 460 42.10 15.92 -33.96
C ALA R 460 42.85 16.79 -32.96
N SER R 461 42.80 18.11 -33.15
CA SER R 461 43.46 19.02 -32.20
C SER R 461 42.68 19.10 -30.90
N ALA R 462 41.35 19.12 -30.98
CA ALA R 462 40.55 19.16 -29.76
C ALA R 462 40.62 17.84 -28.99
N SER R 463 40.65 16.72 -29.72
CA SER R 463 40.76 15.42 -29.05
C SER R 463 42.05 15.32 -28.24
N ASP R 464 43.14 15.92 -28.76
CA ASP R 464 44.39 15.92 -28.02
C ASP R 464 44.22 16.67 -26.70
N GLU R 465 43.46 17.76 -26.69
CA GLU R 465 43.21 18.49 -25.46
C GLU R 465 42.36 17.65 -24.50
N GLN R 466 41.40 16.90 -25.04
CA GLN R 466 40.58 16.02 -24.20
C GLN R 466 41.44 14.92 -23.56
N SER R 467 42.37 14.36 -24.33
CA SER R 467 43.26 13.34 -23.79
C SER R 467 44.06 13.89 -22.62
N ARG R 468 44.62 15.09 -22.78
CA ARG R 468 45.35 15.72 -21.69
C ARG R 468 44.42 16.12 -20.55
N GLY R 469 43.19 16.51 -20.88
CA GLY R 469 42.23 16.86 -19.83
C GLY R 469 41.88 15.68 -18.95
N ILE R 470 41.64 14.51 -19.56
CA ILE R 470 41.35 13.32 -18.78
C ILE R 470 42.55 12.93 -17.92
N ASP R 471 43.76 13.17 -18.42
CA ASP R 471 44.96 12.89 -17.62
C ASP R 471 44.96 13.74 -16.36
N GLN R 472 44.66 15.04 -16.49
CA GLN R 472 44.56 15.89 -15.31
C GLN R 472 43.41 15.45 -14.41
N VAL R 473 42.29 15.05 -15.01
CA VAL R 473 41.18 14.56 -14.22
C VAL R 473 41.55 13.25 -13.53
N GLY R 474 42.32 12.40 -14.20
CA GLY R 474 42.77 11.18 -13.57
C GLY R 474 43.60 11.43 -12.32
N LEU R 475 44.55 12.36 -12.42
CA LEU R 475 45.34 12.73 -11.25
C LEU R 475 44.46 13.37 -10.18
N ALA R 476 43.45 14.13 -10.60
CA ALA R 476 42.53 14.73 -9.64
C ALA R 476 41.72 13.65 -8.92
N VAL R 477 41.21 12.66 -9.66
CA VAL R 477 40.49 11.56 -9.03
C VAL R 477 41.42 10.79 -8.10
N ALA R 478 42.65 10.52 -8.55
CA ALA R 478 43.61 9.85 -7.68
C ALA R 478 43.94 10.68 -6.46
N GLU R 479 43.96 12.01 -6.61
CA GLU R 479 44.20 12.88 -5.46
C GLU R 479 43.06 12.78 -4.46
N MET R 480 41.81 12.76 -4.95
CA MET R 480 40.67 12.62 -4.04
C MET R 480 40.63 11.24 -3.40
N ASP R 481 41.13 10.22 -4.10
CA ASP R 481 41.19 8.88 -3.52
C ASP R 481 42.05 8.87 -2.27
N ARG R 482 43.25 9.46 -2.36
CA ARG R 482 44.12 9.54 -1.19
C ARG R 482 43.48 10.39 -0.09
N VAL R 483 42.76 11.44 -0.46
CA VAL R 483 42.09 12.27 0.53
C VAL R 483 40.89 11.55 1.11
N THR R 484 40.14 10.83 0.26
CA THR R 484 38.99 10.08 0.74
C THR R 484 39.41 9.01 1.73
N GLN R 485 40.43 8.22 1.38
CA GLN R 485 40.93 7.20 2.30
C GLN R 485 41.54 7.85 3.54
N GLN R 486 42.16 9.01 3.40
CA GLN R 486 42.72 9.70 4.56
C GLN R 486 41.63 10.12 5.53
N ASN R 487 40.50 10.61 5.01
CA ASN R 487 39.39 10.98 5.88
C ASN R 487 38.84 9.76 6.63
N ALA R 488 38.80 8.60 5.96
CA ALA R 488 38.34 7.40 6.62
C ALA R 488 39.19 7.06 7.82
N ALA R 489 40.50 7.28 7.71
CA ALA R 489 41.39 7.04 8.85
C ALA R 489 41.11 8.01 9.99
N LEU R 490 40.82 9.28 9.65
CA LEU R 490 40.49 10.25 10.68
C LEU R 490 39.10 10.00 11.26
N VAL R 491 38.14 9.66 10.39
CA VAL R 491 36.79 9.35 10.88
C VAL R 491 36.82 8.11 11.76
N GLU R 492 37.57 7.09 11.36
CA GLU R 492 37.70 5.88 12.17
C GLU R 492 38.41 6.20 13.48
N GLU R 493 39.45 7.04 13.43
CA GLU R 493 40.15 7.42 14.66
C GLU R 493 39.23 8.24 15.57
N SER R 494 38.41 9.11 14.98
CA SER R 494 37.47 9.89 15.79
C SER R 494 36.44 8.99 16.45
N ALA R 495 35.97 7.98 15.73
CA ALA R 495 35.02 7.04 16.32
C ALA R 495 35.66 6.25 17.46
N ALA R 496 36.88 5.75 17.25
CA ALA R 496 37.59 5.05 18.32
C ALA R 496 37.93 6.00 19.45
N ALA R 497 38.38 7.21 19.13
CA ALA R 497 38.68 8.19 20.18
C ALA R 497 37.42 8.62 20.91
N ALA R 498 36.32 8.84 20.18
CA ALA R 498 35.07 9.19 20.82
C ALA R 498 34.56 8.07 21.71
N ALA R 499 34.71 6.82 21.25
CA ALA R 499 34.29 5.69 22.07
C ALA R 499 35.13 5.58 23.34
N ALA R 500 36.40 6.00 23.28
CA ALA R 500 37.23 5.96 24.48
C ALA R 500 36.71 6.92 25.54
N LEU R 501 36.20 8.08 25.13
CA LEU R 501 35.64 9.01 26.10
C LEU R 501 34.44 8.42 26.81
N GLU R 502 33.64 7.61 26.11
CA GLU R 502 32.50 6.96 26.76
C GLU R 502 32.97 6.03 27.87
N GLU R 503 34.09 5.34 27.66
CA GLU R 503 34.62 4.46 28.70
C GLU R 503 35.12 5.27 29.89
N GLN R 504 35.78 6.39 29.64
CA GLN R 504 36.25 7.24 30.74
C GLN R 504 35.09 7.77 31.56
N ALA R 505 33.97 8.12 30.90
CA ALA R 505 32.81 8.59 31.62
C ALA R 505 32.24 7.51 32.55
N SER R 506 32.33 6.23 32.14
CA SER R 506 31.85 5.16 32.99
C SER R 506 32.73 5.01 34.23
N ARG R 507 34.03 5.20 34.08
CA ARG R 507 34.93 5.11 35.24
C ARG R 507 34.58 6.17 36.28
N LEU R 508 34.27 7.40 35.83
CA LEU R 508 33.88 8.45 36.77
C LEU R 508 32.57 8.12 37.45
N THR R 509 31.64 7.49 36.73
CA THR R 509 30.36 7.12 37.33
C THR R 509 30.54 6.03 38.38
N GLU R 510 31.27 4.96 38.03
CA GLU R 510 31.50 3.89 39.00
C GLU R 510 32.29 4.39 40.20
N ALA R 511 33.13 5.41 40.02
CA ALA R 511 33.89 5.95 41.14
C ALA R 511 32.96 6.57 42.19
N VAL R 512 31.94 7.29 41.72
CA VAL R 512 30.97 7.92 42.62
C VAL R 512 29.70 7.11 42.77
N ALA R 513 29.56 5.99 42.05
CA ALA R 513 28.37 5.17 42.17
C ALA R 513 28.21 4.58 43.56
N VAL R 514 29.29 4.46 44.33
CA VAL R 514 29.19 3.92 45.68
C VAL R 514 28.31 4.81 46.56
N PHE R 515 28.37 6.11 46.34
CA PHE R 515 27.59 7.07 47.11
C PHE R 515 26.36 7.50 46.33
N ARG R 516 25.20 7.39 46.96
CA ARG R 516 23.95 7.77 46.32
C ARG R 516 23.84 9.28 46.17
N MET S 1 20.01 78.36 76.68
CA MET S 1 19.16 77.32 76.04
C MET S 1 19.89 75.99 75.97
N LEU S 2 19.13 74.90 75.80
CA LEU S 2 19.73 73.58 75.73
C LEU S 2 20.44 73.32 74.40
N LYS S 3 20.27 74.20 73.40
CA LYS S 3 20.92 74.00 72.13
C LYS S 3 22.43 74.16 72.21
N ARG S 4 22.93 74.86 73.23
CA ARG S 4 24.36 75.07 73.41
C ARG S 4 25.03 73.94 74.17
N ILE S 5 24.35 72.81 74.37
CA ILE S 5 24.90 71.67 75.10
C ILE S 5 24.31 70.39 74.50
N LYS S 6 24.94 69.27 74.84
CA LYS S 6 24.47 67.97 74.35
C LYS S 6 23.20 67.56 75.09
N ILE S 7 22.47 66.63 74.47
CA ILE S 7 21.24 66.13 75.08
C ILE S 7 21.56 65.27 76.29
N VAL S 8 22.58 64.41 76.18
CA VAL S 8 22.95 63.56 77.31
C VAL S 8 23.42 64.41 78.49
N THR S 9 24.04 65.55 78.22
CA THR S 9 24.49 66.41 79.30
C THR S 9 23.31 67.04 80.03
N SER S 10 22.24 67.36 79.29
CA SER S 10 21.05 67.95 79.93
C SER S 10 20.34 66.92 80.78
N LEU S 11 20.21 65.68 80.29
CA LEU S 11 19.55 64.64 81.07
C LEU S 11 20.30 64.37 82.36
N LEU S 12 21.63 64.42 82.32
CA LEU S 12 22.41 64.22 83.54
C LEU S 12 22.13 65.30 84.56
N LEU S 13 21.97 66.54 84.11
CA LEU S 13 21.64 67.62 85.04
C LEU S 13 20.23 67.46 85.60
N VAL S 14 19.29 66.97 84.78
CA VAL S 14 17.94 66.75 85.25
C VAL S 14 17.92 65.70 86.35
N LEU S 15 18.56 64.55 86.10
CA LEU S 15 18.65 63.52 87.12
C LEU S 15 19.46 64.00 88.32
N ALA S 16 20.42 64.88 88.11
CA ALA S 16 21.21 65.42 89.21
C ALA S 16 20.36 66.31 90.12
N VAL S 17 19.32 66.94 89.57
CA VAL S 17 18.44 67.77 90.38
C VAL S 17 17.77 66.93 91.46
N PHE S 18 17.11 65.84 91.04
CA PHE S 18 16.47 64.96 92.01
C PHE S 18 17.49 64.39 92.99
N GLY S 19 18.70 64.11 92.51
CA GLY S 19 19.75 63.63 93.40
C GLY S 19 20.20 64.69 94.38
N LEU S 20 20.22 65.96 93.95
CA LEU S 20 20.59 67.04 94.86
C LEU S 20 19.48 67.31 95.87
N LEU S 21 18.22 67.32 95.41
CA LEU S 21 17.11 67.52 96.34
C LEU S 21 17.08 66.44 97.41
N GLN S 22 17.47 65.21 97.07
CA GLN S 22 17.49 64.15 98.06
C GLN S 22 18.58 64.39 99.10
N LEU S 23 19.76 64.81 98.67
CA LEU S 23 20.85 65.07 99.60
C LEU S 23 20.54 66.28 100.47
N THR S 24 20.10 67.38 99.85
CA THR S 24 19.78 68.59 100.61
C THR S 24 18.61 68.33 101.55
N SER S 25 17.52 67.76 101.04
CA SER S 25 16.39 67.44 101.90
C SER S 25 16.77 66.41 102.95
N GLY S 26 17.46 65.35 102.54
CA GLY S 26 17.89 64.34 103.49
C GLY S 26 18.75 64.91 104.61
N GLY S 27 19.58 65.91 104.30
CA GLY S 27 20.37 66.55 105.33
C GLY S 27 19.52 67.25 106.37
N LEU S 28 18.37 67.79 105.96
CA LEU S 28 17.49 68.45 106.92
C LEU S 28 16.88 67.44 107.89
N PHE S 29 16.44 66.28 107.37
CA PHE S 29 15.92 65.25 108.26
C PHE S 29 16.98 64.76 109.23
N PHE S 30 18.22 64.63 108.75
CA PHE S 30 19.31 64.23 109.65
C PHE S 30 19.48 65.24 110.78
N ASN S 31 19.30 66.53 110.49
CA ASN S 31 19.36 67.54 111.53
C ASN S 31 18.20 67.38 112.51
N ALA S 32 16.99 67.15 111.99
CA ALA S 32 15.86 66.91 112.88
C ALA S 32 16.07 65.66 113.72
N LEU S 33 16.51 64.57 113.10
CA LEU S 33 16.81 63.36 113.86
C LEU S 33 17.92 63.62 114.87
N LYS S 34 18.90 64.45 114.51
CA LYS S 34 19.97 64.78 115.44
C LYS S 34 19.46 65.66 116.57
N ASN S 35 18.75 66.74 116.24
CA ASN S 35 18.18 67.60 117.28
C ASN S 35 17.20 66.81 118.14
N ASP S 36 16.44 65.90 117.54
CA ASP S 36 15.53 65.08 118.33
C ASP S 36 16.30 64.20 119.31
N LYS S 37 17.44 63.66 118.87
CA LYS S 37 18.25 62.85 119.78
C LYS S 37 18.79 63.69 120.93
N GLU S 38 19.13 64.96 120.66
CA GLU S 38 19.61 65.83 121.73
C GLU S 38 18.52 66.09 122.76
N ASN S 39 17.25 66.10 122.34
CA ASN S 39 16.16 66.28 123.28
C ASN S 39 16.14 65.16 124.32
N PHE S 40 16.11 63.91 123.85
CA PHE S 40 16.15 62.79 124.77
C PHE S 40 17.44 62.80 125.60
N THR S 41 18.55 63.22 125.00
CA THR S 41 19.79 63.32 125.74
C THR S 41 19.66 64.29 126.91
N VAL S 42 18.99 65.43 126.68
CA VAL S 42 18.74 66.37 127.76
C VAL S 42 17.61 65.89 128.65
N LEU S 43 16.56 65.32 128.04
CA LEU S 43 15.45 64.79 128.83
C LEU S 43 15.92 63.69 129.76
N GLN S 44 16.78 62.79 129.26
CA GLN S 44 17.31 61.73 130.10
C GLN S 44 18.10 62.29 131.27
N THR S 45 18.95 63.29 131.02
CA THR S 45 19.75 63.87 132.09
C THR S 45 18.87 64.55 133.13
N ILE S 46 17.86 65.30 132.69
CA ILE S 46 16.99 66.00 133.63
C ILE S 46 16.31 65.00 134.57
N ARG S 47 15.93 63.84 134.04
CA ARG S 47 15.27 62.84 134.88
C ARG S 47 16.25 62.26 135.91
N GLN S 48 17.50 62.02 135.50
CA GLN S 48 18.48 61.50 136.44
C GLN S 48 18.73 62.46 137.59
N GLN S 49 18.69 63.77 137.32
CA GLN S 49 18.88 64.74 138.40
C GLN S 49 17.76 64.64 139.41
N GLN S 50 16.51 64.48 138.94
CA GLN S 50 15.39 64.34 139.87
C GLN S 50 15.49 63.04 140.66
N SER S 51 15.86 61.94 139.99
CA SER S 51 16.00 60.66 140.67
C SER S 51 17.08 60.73 141.75
N THR S 52 18.26 61.23 141.38
CA THR S 52 19.34 61.35 142.36
C THR S 52 19.01 62.38 143.42
N LEU S 53 18.35 63.48 143.04
CA LEU S 53 17.98 64.50 144.02
C LEU S 53 16.83 64.03 144.89
N ASN S 54 15.91 63.25 144.34
CA ASN S 54 14.80 62.74 145.14
C ASN S 54 15.30 61.88 146.29
N GLY S 55 16.18 60.93 145.99
CA GLY S 55 16.74 60.10 147.04
C GLY S 55 17.47 60.88 148.11
N SER S 56 18.06 62.02 147.73
CA SER S 56 18.75 62.87 148.70
C SER S 56 17.75 63.59 149.59
N TRP S 57 16.74 64.23 148.98
CA TRP S 57 15.73 64.92 149.76
C TRP S 57 14.95 63.95 150.65
N VAL S 58 14.63 62.76 150.12
CA VAL S 58 13.95 61.76 150.93
C VAL S 58 14.82 61.33 152.09
N ALA S 59 16.13 61.23 151.86
CA ALA S 59 17.05 60.85 152.94
C ALA S 59 17.02 61.88 154.07
N LEU S 60 16.90 63.17 153.72
CA LEU S 60 16.81 64.20 154.74
C LEU S 60 15.53 64.07 155.56
N LEU S 61 14.41 63.78 154.88
CA LEU S 61 13.16 63.57 155.59
C LEU S 61 13.20 62.32 156.45
N GLN S 62 13.72 61.21 155.90
CA GLN S 62 13.87 60.00 156.68
C GLN S 62 14.80 60.23 157.88
N THR S 63 15.88 60.98 157.67
CA THR S 63 16.77 61.31 158.77
C THR S 63 16.05 62.13 159.83
N ARG S 64 15.30 63.14 159.39
CA ARG S 64 14.54 63.97 160.32
C ARG S 64 13.52 63.13 161.09
N ASN S 65 12.94 62.11 160.43
CA ASN S 65 11.98 61.24 161.10
C ASN S 65 12.65 60.42 162.20
N THR S 66 13.83 59.85 161.90
CA THR S 66 14.54 59.07 162.90
C THR S 66 14.93 59.94 164.09
N LEU S 67 15.40 61.16 163.83
CA LEU S 67 15.75 62.06 164.92
C LEU S 67 14.53 62.39 165.78
N ASN S 68 13.37 62.58 165.15
CA ASN S 68 12.15 62.82 165.92
C ASN S 68 11.79 61.61 166.77
N ARG S 69 11.82 60.41 166.17
CA ARG S 69 11.56 59.21 166.95
C ARG S 69 12.61 59.01 168.03
N ALA S 70 13.87 59.35 167.76
CA ALA S 70 14.91 59.23 168.76
C ALA S 70 14.69 60.21 169.91
N GLY S 71 14.27 61.43 169.58
CA GLY S 71 14.00 62.41 170.62
C GLY S 71 12.83 61.99 171.50
N ILE S 72 11.75 61.50 170.89
CA ILE S 72 10.61 61.04 171.67
C ILE S 72 10.99 59.81 172.48
N ARG S 73 11.73 58.87 171.86
CA ARG S 73 12.17 57.69 172.58
C ARG S 73 13.00 58.05 173.80
N TYR S 74 13.76 59.15 173.73
CA TYR S 74 14.56 59.57 174.87
C TYR S 74 13.70 60.18 175.97
N MET S 75 12.67 60.95 175.58
CA MET S 75 11.78 61.53 176.59
C MET S 75 10.92 60.47 177.25
N MET S 76 10.45 59.49 176.47
CA MET S 76 9.64 58.41 177.04
C MET S 76 10.41 57.63 178.10
N ASP S 77 11.72 57.48 177.92
CA ASP S 77 12.52 56.74 178.90
C ASP S 77 12.55 57.46 180.25
N GLN S 78 12.47 58.79 180.23
CA GLN S 78 12.47 59.54 181.49
C GLN S 78 11.23 59.24 182.30
N ASN S 79 10.06 59.34 181.69
CA ASN S 79 8.80 59.07 182.36
C ASN S 79 8.41 57.60 182.33
N ASN S 80 9.20 56.75 181.66
CA ASN S 80 8.89 55.33 181.59
C ASN S 80 7.51 55.10 180.97
N ILE S 81 7.46 54.99 179.65
CA ILE S 81 6.21 54.77 178.92
C ILE S 81 6.47 53.63 177.95
N GLY S 82 6.13 52.41 178.35
CA GLY S 82 6.33 51.26 177.48
C GLY S 82 7.81 50.99 177.25
N SER S 83 8.11 50.50 176.06
CA SER S 83 9.49 50.19 175.68
C SER S 83 9.53 49.97 174.17
N GLY S 84 10.72 49.67 173.67
CA GLY S 84 10.89 49.44 172.24
C GLY S 84 12.37 49.55 171.87
N SER S 85 12.60 50.05 170.65
CA SER S 85 13.95 50.22 170.17
C SER S 85 14.69 51.27 171.01
N THR S 86 15.89 50.90 171.48
CA THR S 86 16.67 51.81 172.29
C THR S 86 17.06 53.04 171.48
N VAL S 87 17.51 54.08 172.20
CA VAL S 87 17.92 55.31 171.54
C VAL S 87 19.12 55.08 170.66
N ALA S 88 20.02 54.18 171.05
CA ALA S 88 21.20 53.91 170.24
C ALA S 88 20.83 53.37 168.88
N GLU S 89 19.78 52.54 168.81
CA GLU S 89 19.36 51.99 167.52
C GLU S 89 18.70 53.06 166.66
N LEU S 90 17.93 53.96 167.27
CA LEU S 90 17.28 55.01 166.51
C LEU S 90 18.29 56.00 165.95
N MET S 91 19.25 56.42 166.79
CA MET S 91 20.28 57.33 166.30
C MET S 91 21.12 56.69 165.20
N GLU S 92 21.32 55.37 165.27
CA GLU S 92 22.08 54.70 164.21
C GLU S 92 21.35 54.79 162.88
N SER S 93 20.02 54.67 162.90
CA SER S 93 19.25 54.81 161.66
C SER S 93 19.42 56.21 161.06
N ALA S 94 19.51 57.22 161.92
CA ALA S 94 19.72 58.58 161.43
C ALA S 94 21.07 58.71 160.75
N SER S 95 22.10 58.06 161.30
CA SER S 95 23.42 58.11 160.67
C SER S 95 23.41 57.42 159.32
N ILE S 96 22.76 56.26 159.23
CA ILE S 96 22.66 55.55 157.96
C ILE S 96 21.92 56.40 156.94
N SER S 97 20.76 56.93 157.33
CA SER S 97 20.00 57.80 156.43
C SER S 97 20.77 59.06 156.09
N LEU S 98 21.62 59.54 157.01
CA LEU S 98 22.41 60.72 156.74
C LEU S 98 23.43 60.46 155.64
N LYS S 99 24.04 59.27 155.64
CA LYS S 99 24.99 58.93 154.59
C LYS S 99 24.30 58.79 153.23
N GLN S 100 23.06 58.30 153.23
CA GLN S 100 22.31 58.20 151.98
C GLN S 100 22.11 59.56 151.34
N ALA S 101 21.87 60.59 152.17
CA ALA S 101 21.72 61.94 151.64
C ALA S 101 22.98 62.39 150.91
N GLU S 102 24.15 62.04 151.44
CA GLU S 102 25.40 62.39 150.77
C GLU S 102 25.61 61.54 149.53
N LYS S 103 25.28 60.25 149.59
CA LYS S 103 25.43 59.40 148.43
C LYS S 103 24.51 59.83 147.29
N ASN S 104 23.23 60.06 147.61
CA ASN S 104 22.29 60.52 146.60
C ASN S 104 22.65 61.92 146.10
N TRP S 105 23.12 62.78 147.00
CA TRP S 105 23.53 64.12 146.59
C TRP S 105 24.85 64.10 145.81
N ALA S 106 25.71 63.11 146.09
CA ALA S 106 26.97 63.02 145.36
C ALA S 106 26.73 62.78 143.87
N ASP S 107 25.74 61.94 143.54
CA ASP S 107 25.43 61.70 142.14
C ASP S 107 24.89 62.96 141.48
N TYR S 108 24.12 63.77 142.21
CA TYR S 108 23.60 65.01 141.65
C TYR S 108 24.73 65.94 141.20
N GLU S 109 25.86 65.90 141.91
CA GLU S 109 27.00 66.74 141.54
C GLU S 109 27.79 66.17 140.37
N ALA S 110 27.67 64.86 140.11
CA ALA S 110 28.40 64.26 139.00
C ALA S 110 27.65 64.38 137.68
N LEU S 111 26.33 64.31 137.71
CA LEU S 111 25.54 64.42 136.49
C LEU S 111 25.69 65.81 135.89
N PRO S 112 26.18 65.94 134.66
CA PRO S 112 26.31 67.27 134.06
C PRO S 112 24.98 67.99 134.02
N ARG S 113 25.04 69.29 134.29
CA ARG S 113 23.86 70.15 134.29
C ARG S 113 23.69 70.80 132.93
N ASP S 114 22.43 71.00 132.53
CA ASP S 114 22.15 71.61 131.24
C ASP S 114 22.53 73.10 131.26
N PRO S 115 22.85 73.67 130.10
CA PRO S 115 23.24 75.09 130.08
C PRO S 115 22.08 76.05 130.26
N ARG S 116 20.85 75.60 129.98
CA ARG S 116 19.67 76.45 130.10
C ARG S 116 19.15 76.57 131.53
N GLN S 117 19.84 75.96 132.50
CA GLN S 117 19.41 76.04 133.89
C GLN S 117 19.92 77.33 134.53
N SER S 118 19.18 77.80 135.53
CA SER S 118 19.54 79.01 136.25
C SER S 118 20.71 78.73 137.19
N THR S 119 21.83 79.42 136.95
CA THR S 119 23.00 79.22 137.79
C THR S 119 22.75 79.68 139.22
N ALA S 120 21.93 80.71 139.40
CA ALA S 120 21.63 81.20 140.75
C ALA S 120 20.82 80.17 141.54
N ALA S 121 19.88 79.49 140.88
CA ALA S 121 19.07 78.49 141.57
C ALA S 121 19.93 77.33 142.05
N ALA S 122 20.95 76.96 141.27
CA ALA S 122 21.83 75.86 141.68
C ALA S 122 22.63 76.21 142.92
N ALA S 123 22.90 77.50 143.13
CA ALA S 123 23.66 77.92 144.31
C ALA S 123 22.78 77.97 145.56
N GLU S 124 21.52 78.40 145.40
CA GLU S 124 20.62 78.47 146.54
C GLU S 124 20.29 77.08 147.08
N ILE S 125 19.98 76.14 146.17
CA ILE S 125 19.67 74.78 146.61
C ILE S 125 20.89 74.13 147.24
N LYS S 126 22.08 74.44 146.73
CA LYS S 126 23.29 73.87 147.32
C LYS S 126 23.62 74.51 148.65
N ARG S 127 23.39 75.83 148.77
CA ARG S 127 23.64 76.51 150.03
C ARG S 127 22.72 76.00 151.13
N ASN S 128 21.43 75.88 150.82
CA ASN S 128 20.49 75.37 151.81
C ASN S 128 20.77 73.92 152.16
N TYR S 129 21.32 73.14 151.21
CA TYR S 129 21.65 71.75 151.50
C TYR S 129 22.75 71.65 152.54
N ASP S 130 23.76 72.52 152.45
CA ASP S 130 24.84 72.49 153.43
C ASP S 130 24.34 72.88 154.82
N ILE S 131 23.53 73.94 154.89
CA ILE S 131 22.97 74.35 156.18
C ILE S 131 22.04 73.28 156.74
N TYR S 132 21.25 72.66 155.87
CA TYR S 132 20.35 71.60 156.31
C TYR S 132 21.13 70.34 156.67
N HIS S 133 22.08 69.95 155.82
CA HIS S 133 22.88 68.76 156.09
C HIS S 133 23.64 68.90 157.40
N ASN S 134 24.29 70.05 157.60
CA ASN S 134 25.03 70.27 158.84
C ASN S 134 24.08 70.36 160.04
N ALA S 135 22.85 70.82 159.82
CA ALA S 135 21.89 70.91 160.92
C ALA S 135 21.53 69.52 161.44
N LEU S 136 21.14 68.61 160.56
CA LEU S 136 20.80 67.26 160.98
C LEU S 136 22.01 66.56 161.60
N ALA S 137 23.21 66.83 161.06
CA ALA S 137 24.41 66.21 161.61
C ALA S 137 24.66 66.69 163.04
N GLU S 138 24.34 67.95 163.33
CA GLU S 138 24.53 68.47 164.67
C GLU S 138 23.53 67.86 165.65
N LEU S 139 22.31 67.58 165.19
CA LEU S 139 21.31 66.98 166.06
C LEU S 139 21.75 65.62 166.56
N ILE S 140 22.52 64.88 165.76
CA ILE S 140 22.99 63.57 166.20
C ILE S 140 23.99 63.71 167.34
N GLN S 141 24.69 64.83 167.42
CA GLN S 141 25.67 65.03 168.49
C GLN S 141 25.00 65.55 169.75
N LEU S 142 23.98 66.40 169.62
CA LEU S 142 23.30 66.93 170.79
C LEU S 142 22.58 65.83 171.55
N LEU S 143 21.79 65.02 170.85
CA LEU S 143 21.07 63.94 171.51
C LEU S 143 22.00 62.90 172.11
N GLY S 144 23.13 62.63 171.44
CA GLY S 144 24.08 61.66 171.97
C GLY S 144 24.73 62.10 173.26
N ALA S 145 24.93 63.40 173.44
CA ALA S 145 25.55 63.92 174.64
C ALA S 145 24.57 64.03 175.81
N GLY S 146 23.26 64.02 175.52
CA GLY S 146 22.25 64.12 176.55
C GLY S 146 21.61 65.48 176.70
N LYS S 147 21.91 66.43 175.81
CA LYS S 147 21.34 67.77 175.86
C LYS S 147 20.01 67.78 175.12
N ILE S 148 19.05 67.01 175.66
CA ILE S 148 17.74 66.92 175.04
C ILE S 148 17.01 68.26 175.12
N ASN S 149 17.33 69.08 176.13
CA ASN S 149 16.67 70.37 176.26
C ASN S 149 16.95 71.25 175.05
N GLU S 150 18.22 71.40 174.69
CA GLU S 150 18.58 72.21 173.52
C GLU S 150 18.28 71.50 172.21
N PHE S 151 17.91 70.22 172.25
CA PHE S 151 17.61 69.50 171.01
C PHE S 151 16.38 70.07 170.32
N PHE S 152 15.42 70.59 171.08
CA PHE S 152 14.20 71.14 170.53
C PHE S 152 14.30 72.64 170.25
N ASP S 153 15.32 73.31 170.79
CA ASP S 153 15.49 74.75 170.60
C ASP S 153 16.48 75.08 169.49
N GLN S 154 16.42 74.37 168.37
CA GLN S 154 17.30 74.60 167.24
C GLN S 154 16.51 75.15 166.06
N PRO S 155 17.19 75.86 165.14
CA PRO S 155 16.49 76.41 163.98
C PRO S 155 16.34 75.41 162.85
N THR S 156 16.41 74.11 163.16
CA THR S 156 16.29 73.09 162.13
C THR S 156 14.94 73.17 161.41
N GLN S 157 13.90 73.60 162.11
CA GLN S 157 12.59 73.72 161.48
C GLN S 157 12.62 74.74 160.36
N GLY S 158 13.36 75.84 160.56
CA GLY S 158 13.46 76.84 159.51
C GLY S 158 14.28 76.37 158.33
N TYR S 159 15.33 75.62 158.58
CA TYR S 159 16.16 75.11 157.49
C TYR S 159 15.41 74.07 156.66
N GLN S 160 14.56 73.26 157.30
CA GLN S 160 13.79 72.27 156.56
C GLN S 160 12.85 72.94 155.56
N ASP S 161 12.14 73.97 156.00
CA ASP S 161 11.24 74.69 155.10
C ASP S 161 12.02 75.52 154.09
N GLY S 162 13.23 75.95 154.45
CA GLY S 162 14.03 76.74 153.52
C GLY S 162 14.42 75.95 152.28
N PHE S 163 15.04 74.78 152.49
CA PHE S 163 15.42 73.94 151.37
C PHE S 163 14.20 73.42 150.61
N GLU S 164 13.08 73.25 151.32
CA GLU S 164 11.86 72.78 150.66
C GLU S 164 11.42 73.76 149.57
N LYS S 165 11.53 75.06 149.84
CA LYS S 165 11.18 76.05 148.82
C LYS S 165 12.12 75.95 147.63
N GLN S 166 13.42 75.77 147.88
CA GLN S 166 14.37 75.61 146.78
C GLN S 166 14.17 74.28 146.08
N TYR S 167 13.84 73.22 146.84
CA TYR S 167 13.58 71.92 146.22
C TYR S 167 12.36 71.99 145.31
N VAL S 168 11.24 72.50 145.84
CA VAL S 168 10.04 72.64 145.02
C VAL S 168 10.30 73.56 143.83
N ALA S 169 11.00 74.67 144.08
CA ALA S 169 11.34 75.58 142.99
C ALA S 169 12.25 74.92 141.97
N TYR S 170 13.12 74.00 142.42
CA TYR S 170 13.99 73.29 141.50
C TYR S 170 13.22 72.26 140.68
N MET S 171 12.33 71.51 141.33
CA MET S 171 11.51 70.54 140.62
C MET S 171 10.60 71.24 139.61
N GLU S 172 9.92 72.31 140.05
CA GLU S 172 9.07 73.07 139.14
C GLU S 172 9.88 73.68 138.01
N GLN S 173 11.14 74.04 138.26
CA GLN S 173 11.99 74.58 137.21
C GLN S 173 12.21 73.54 136.11
N ASN S 174 12.59 72.32 136.49
CA ASN S 174 12.76 71.25 135.51
C ASN S 174 11.44 70.94 134.81
N ASP S 175 10.31 71.08 135.51
CA ASP S 175 9.02 70.86 134.87
C ASP S 175 8.80 71.84 133.72
N ARG S 176 9.11 73.12 133.94
CA ARG S 176 9.01 74.09 132.87
C ARG S 176 10.03 73.81 131.77
N LEU S 177 11.27 73.50 132.16
CA LEU S 177 12.28 73.12 131.17
C LEU S 177 11.90 71.83 130.47
N HIS S 178 11.23 70.91 131.17
CA HIS S 178 10.78 69.68 130.54
C HIS S 178 9.79 69.97 129.41
N ASP S 179 8.94 70.98 129.60
CA ASP S 179 8.01 71.36 128.54
C ASP S 179 8.75 71.95 127.35
N ILE S 180 9.82 72.69 127.59
CA ILE S 180 10.61 73.24 126.49
C ILE S 180 11.22 72.11 125.66
N ALA S 181 11.66 71.04 126.34
CA ALA S 181 12.18 69.89 125.61
C ALA S 181 11.09 69.24 124.76
N VAL S 182 9.86 69.18 125.28
CA VAL S 182 8.75 68.65 124.50
C VAL S 182 8.44 69.56 123.33
N SER S 183 8.56 70.88 123.53
CA SER S 183 8.34 71.81 122.43
C SER S 183 9.37 71.61 121.33
N ASP S 184 10.60 71.25 121.70
CA ASP S 184 11.63 70.98 120.71
C ASP S 184 11.25 69.78 119.84
N ASN S 185 10.59 68.79 120.43
CA ASN S 185 10.14 67.65 119.66
C ASN S 185 9.08 68.05 118.64
N ASN S 186 8.11 68.87 119.07
CA ASN S 186 7.09 69.35 118.14
C ASN S 186 7.73 70.17 117.02
N ALA S 187 8.83 70.87 117.29
CA ALA S 187 9.53 71.61 116.26
C ALA S 187 10.10 70.67 115.21
N SER S 188 10.98 69.75 115.63
CA SER S 188 11.53 68.77 114.70
C SER S 188 10.43 67.93 114.07
N TYR S 189 9.39 67.59 114.83
CA TYR S 189 8.28 66.82 114.28
C TYR S 189 7.50 67.63 113.27
N SER S 190 7.40 68.94 113.45
CA SER S 190 6.67 69.78 112.51
C SER S 190 7.50 70.07 111.26
N GLN S 191 8.79 70.37 111.44
CA GLN S 191 9.65 70.62 110.30
C GLN S 191 9.64 69.46 109.31
N ALA S 192 9.66 68.23 109.83
CA ALA S 192 9.59 67.07 108.95
C ALA S 192 8.28 67.03 108.17
N MET S 193 7.22 67.62 108.72
CA MET S 193 5.94 67.65 108.02
C MET S 193 5.96 68.70 106.91
N TRP S 194 6.49 69.90 107.20
CA TRP S 194 6.56 70.93 106.17
C TRP S 194 7.57 70.58 105.09
N ILE S 195 8.73 70.05 105.49
CA ILE S 195 9.73 69.64 104.50
C ILE S 195 9.19 68.52 103.63
N LEU S 196 8.49 67.55 104.24
CA LEU S 196 7.89 66.47 103.47
C LEU S 196 6.85 67.01 102.50
N VAL S 197 5.83 67.71 103.02
CA VAL S 197 4.80 68.28 102.16
C VAL S 197 5.37 69.35 101.25
N GLY S 198 6.50 69.96 101.61
CA GLY S 198 7.11 70.99 100.79
C GLY S 198 7.94 70.43 99.66
N VAL S 199 8.81 69.46 99.98
CA VAL S 199 9.66 68.89 98.94
C VAL S 199 8.82 68.16 97.90
N MET S 200 7.79 67.42 98.34
CA MET S 200 6.94 66.71 97.38
C MET S 200 6.30 67.67 96.40
N ILE S 201 5.80 68.81 96.89
CA ILE S 201 5.21 69.80 95.98
C ILE S 201 6.25 70.32 95.02
N VAL S 202 7.51 70.40 95.44
CA VAL S 202 8.58 70.86 94.55
C VAL S 202 9.00 69.74 93.61
N VAL S 203 9.11 68.52 94.10
CA VAL S 203 9.51 67.39 93.26
C VAL S 203 8.46 67.15 92.18
N LEU S 204 7.19 67.01 92.61
CA LEU S 204 6.12 66.78 91.63
C LEU S 204 6.01 67.95 90.66
N ALA S 205 6.33 69.16 91.10
CA ALA S 205 6.27 70.31 90.20
C ALA S 205 7.37 70.25 89.16
N VAL S 206 8.56 69.78 89.55
CA VAL S 206 9.66 69.67 88.59
C VAL S 206 9.38 68.56 87.59
N ILE S 207 8.85 67.42 88.07
CA ILE S 207 8.53 66.32 87.16
C ILE S 207 7.51 66.76 86.12
N PHE S 208 6.60 67.65 86.51
CA PHE S 208 5.61 68.14 85.55
C PHE S 208 6.27 68.96 84.46
N ALA S 209 7.37 69.66 84.78
CA ALA S 209 8.08 70.45 83.79
C ALA S 209 9.15 69.67 83.06
N VAL S 210 9.70 68.61 83.67
CA VAL S 210 10.72 67.81 83.00
C VAL S 210 10.14 67.14 81.76
N TRP S 211 8.86 66.79 81.80
CA TRP S 211 8.24 66.15 80.63
C TRP S 211 8.29 67.07 79.42
N PHE S 212 8.01 68.36 79.61
CA PHE S 212 8.07 69.31 78.50
C PHE S 212 9.51 69.53 78.05
N GLY S 213 10.45 69.54 79.00
CA GLY S 213 11.85 69.73 78.63
C GLY S 213 12.40 68.59 77.80
N ILE S 214 12.03 67.35 78.15
CA ILE S 214 12.49 66.20 77.39
C ILE S 214 11.97 66.27 75.96
N LYS S 215 10.65 66.48 75.80
CA LYS S 215 10.08 66.56 74.46
C LYS S 215 10.59 67.79 73.71
N ALA S 216 10.88 68.87 74.42
CA ALA S 216 11.38 70.08 73.81
C ALA S 216 12.88 70.03 73.52
N SER S 217 13.53 68.88 73.74
CA SER S 217 14.95 68.76 73.49
C SER S 217 15.34 67.33 73.05
N LEU S 218 14.37 66.52 72.65
CA LEU S 218 14.66 65.16 72.21
C LEU S 218 13.58 64.66 71.24
N VAL S 219 12.34 64.61 71.71
CA VAL S 219 11.26 64.11 70.85
C VAL S 219 10.92 65.13 69.77
N ALA S 220 11.12 66.43 70.05
CA ALA S 220 10.80 67.44 69.05
C ALA S 220 11.82 67.48 67.93
N PRO S 221 13.12 67.67 68.20
CA PRO S 221 14.08 67.72 67.08
C PRO S 221 14.27 66.38 66.40
N MET S 222 14.09 65.27 67.12
CA MET S 222 14.28 63.95 66.53
C MET S 222 13.23 63.68 65.46
N ASN S 223 11.95 63.94 65.79
CA ASN S 223 10.89 63.69 64.82
C ASN S 223 11.04 64.56 63.58
N ARG S 224 11.59 65.77 63.74
CA ARG S 224 11.78 66.64 62.58
C ARG S 224 12.76 66.03 61.59
N LEU S 225 13.83 65.42 62.08
CA LEU S 225 14.81 64.80 61.20
C LEU S 225 14.26 63.54 60.56
N ILE S 226 13.48 62.76 61.31
CA ILE S 226 12.88 61.54 60.75
C ILE S 226 11.93 61.89 59.61
N ASP S 227 11.10 62.91 59.80
CA ASP S 227 10.18 63.30 58.74
C ASP S 227 10.93 63.86 57.54
N SER S 228 12.04 64.54 57.77
CA SER S 228 12.82 65.09 56.66
C SER S 228 13.31 63.99 55.73
N ILE S 229 13.71 62.85 56.30
CA ILE S 229 14.18 61.74 55.48
C ILE S 229 13.05 61.22 54.60
N ARG S 230 11.81 61.30 55.07
CA ARG S 230 10.68 60.84 54.28
C ARG S 230 10.42 61.75 53.08
N HIS S 231 10.47 63.06 53.30
CA HIS S 231 10.28 63.99 52.19
C HIS S 231 11.40 63.89 51.18
N ILE S 232 12.64 63.76 51.64
CA ILE S 232 13.76 63.63 50.71
C ILE S 232 13.68 62.31 49.96
N ALA S 233 13.27 61.23 50.64
CA ALA S 233 13.14 59.95 49.97
C ALA S 233 11.94 59.92 49.03
N GLY S 234 10.86 60.64 49.38
CA GLY S 234 9.69 60.67 48.53
C GLY S 234 9.82 61.53 47.30
N GLY S 235 10.78 62.45 47.28
CA GLY S 235 11.02 63.34 46.16
C GLY S 235 10.88 64.81 46.48
N ASP S 236 10.21 65.16 47.57
CA ASP S 236 10.03 66.56 47.96
C ASP S 236 11.37 67.11 48.46
N LEU S 237 12.02 67.92 47.63
CA LEU S 237 13.31 68.52 47.96
C LEU S 237 13.20 70.04 48.08
N VAL S 238 12.06 70.54 48.54
CA VAL S 238 11.83 71.97 48.69
C VAL S 238 11.94 72.41 50.14
N LYS S 239 11.43 71.60 51.07
CA LYS S 239 11.46 71.94 52.49
C LYS S 239 12.90 72.08 52.96
N PRO S 240 13.35 73.28 53.37
CA PRO S 240 14.72 73.43 53.86
C PRO S 240 14.99 72.58 55.10
N ILE S 241 16.22 72.68 55.62
CA ILE S 241 16.63 71.94 56.81
C ILE S 241 17.34 72.91 57.74
N GLU S 242 16.83 73.06 58.95
CA GLU S 242 17.40 73.95 59.95
C GLU S 242 18.30 73.19 60.91
N VAL S 243 19.27 73.90 61.48
CA VAL S 243 20.21 73.31 62.43
C VAL S 243 19.72 73.61 63.84
N ASP S 244 19.79 72.60 64.71
CA ASP S 244 19.36 72.71 66.10
C ASP S 244 20.61 72.72 66.97
N GLY S 245 21.24 73.89 67.06
CA GLY S 245 22.43 74.01 67.87
C GLY S 245 23.58 73.18 67.33
N SER S 246 24.53 72.89 68.23
CA SER S 246 25.71 72.11 67.90
C SER S 246 25.65 70.71 68.50
N ASN S 247 24.52 70.30 69.05
CA ASN S 247 24.38 68.98 69.64
C ASN S 247 24.31 67.94 68.51
N GLU S 248 23.96 66.70 68.88
CA GLU S 248 23.86 65.64 67.88
C GLU S 248 22.80 65.94 66.84
N MET S 249 21.70 66.58 67.26
CA MET S 249 20.65 66.93 66.30
C MET S 249 21.14 67.95 65.28
N GLY S 250 22.01 68.87 65.69
CA GLY S 250 22.53 69.84 64.75
C GLY S 250 23.51 69.25 63.76
N GLN S 251 24.32 68.29 64.21
CA GLN S 251 25.27 67.65 63.31
C GLN S 251 24.56 66.86 62.23
N LEU S 252 23.48 66.15 62.59
CA LEU S 252 22.73 65.40 61.60
C LEU S 252 22.06 66.34 60.61
N ALA S 253 21.42 67.40 61.10
CA ALA S 253 20.78 68.37 60.22
C ALA S 253 21.81 69.01 59.30
N GLU S 254 23.01 69.31 59.82
CA GLU S 254 24.06 69.87 58.98
C GLU S 254 24.56 68.87 57.96
N SER S 255 24.80 67.63 58.39
CA SER S 255 25.23 66.60 57.46
C SER S 255 24.13 66.24 56.47
N LEU S 256 22.87 66.23 56.94
CA LEU S 256 21.77 65.93 56.04
C LEU S 256 21.59 67.01 54.99
N ARG S 257 21.90 68.26 55.33
CA ARG S 257 21.79 69.34 54.36
C ARG S 257 22.74 69.12 53.18
N HIS S 258 23.96 68.65 53.46
CA HIS S 258 24.90 68.36 52.39
C HIS S 258 24.40 67.24 51.50
N MET S 259 23.69 66.26 52.07
CA MET S 259 23.13 65.18 51.27
C MET S 259 22.08 65.72 50.29
N GLN S 260 21.23 66.63 50.77
CA GLN S 260 20.22 67.21 49.89
C GLN S 260 20.87 68.06 48.80
N GLY S 261 21.95 68.77 49.13
CA GLY S 261 22.63 69.57 48.13
C GLY S 261 23.16 68.74 46.99
N GLU S 262 23.77 67.59 47.30
CA GLU S 262 24.27 66.71 46.25
C GLU S 262 23.13 66.01 45.53
N LEU S 263 22.03 65.72 46.23
CA LEU S 263 20.89 65.06 45.58
C LEU S 263 20.21 66.00 44.59
N MET S 264 19.94 67.24 45.02
CA MET S 264 19.33 68.20 44.11
C MET S 264 20.23 68.50 42.93
N ARG S 265 21.55 68.53 43.16
CA ARG S 265 22.49 68.77 42.07
C ARG S 265 22.42 67.64 41.05
N THR S 266 22.38 66.40 41.51
CA THR S 266 22.29 65.27 40.59
C THR S 266 20.96 65.28 39.85
N VAL S 267 19.87 65.62 40.54
CA VAL S 267 18.57 65.67 39.88
C VAL S 267 18.56 66.75 38.80
N GLY S 268 19.11 67.93 39.10
CA GLY S 268 19.16 68.99 38.12
C GLY S 268 20.04 68.66 36.94
N ASP S 269 21.23 68.11 37.20
CA ASP S 269 22.14 67.76 36.12
C ASP S 269 21.56 66.64 35.26
N VAL S 270 20.90 65.66 35.90
CA VAL S 270 20.31 64.56 35.14
C VAL S 270 19.04 65.01 34.42
N ARG S 271 18.19 65.76 35.12
CA ARG S 271 16.96 66.25 34.49
C ARG S 271 17.27 67.22 33.36
N ASN S 272 18.09 68.24 33.63
CA ASN S 272 18.45 69.19 32.58
C ASN S 272 19.29 68.52 31.51
N GLY S 273 20.18 67.61 31.90
CA GLY S 273 20.99 66.91 30.92
C GLY S 273 20.16 65.95 30.06
N ALA S 274 19.18 65.29 30.68
CA ALA S 274 18.33 64.39 29.91
C ALA S 274 17.52 65.15 28.86
N ASN S 275 17.10 66.37 29.18
CA ASN S 275 16.35 67.17 28.21
C ASN S 275 17.22 67.51 27.00
N ALA S 276 18.52 67.78 27.23
CA ALA S 276 19.41 68.07 26.11
C ALA S 276 19.59 66.85 25.22
N ILE S 277 19.67 65.66 25.82
CA ILE S 277 19.80 64.45 25.01
C ILE S 277 18.54 64.20 24.21
N TYR S 278 17.37 64.41 24.83
CA TYR S 278 16.11 64.24 24.10
C TYR S 278 15.98 65.25 22.98
N SER S 279 16.29 66.52 23.26
CA SER S 279 16.24 67.54 22.22
C SER S 279 17.31 67.29 21.16
N GLY S 280 18.53 66.92 21.58
CA GLY S 280 19.57 66.63 20.63
C GLY S 280 19.26 65.40 19.80
N ALA S 281 18.62 64.39 20.40
CA ALA S 281 18.24 63.20 19.64
C ALA S 281 17.22 63.54 18.57
N SER S 282 16.33 64.49 18.84
CA SER S 282 15.35 64.89 17.84
C SER S 282 16.04 65.53 16.63
N GLU S 283 17.11 66.29 16.88
CA GLU S 283 17.85 66.89 15.76
C GLU S 283 18.48 65.81 14.88
N ILE S 284 19.04 64.77 15.49
CA ILE S 284 19.61 63.68 14.72
C ILE S 284 18.51 62.90 14.02
N ALA S 285 17.41 62.63 14.72
CA ALA S 285 16.29 61.93 14.10
C ALA S 285 15.71 62.74 12.94
N THR S 286 15.59 64.06 13.12
CA THR S 286 15.11 64.91 12.03
C THR S 286 16.09 64.92 10.87
N GLY S 287 17.39 64.87 11.16
CA GLY S 287 18.38 64.84 10.08
C GLY S 287 18.25 63.59 9.23
N ASN S 288 18.04 62.44 9.86
CA ASN S 288 17.84 61.21 9.09
C ASN S 288 16.57 61.27 8.26
N ASN S 289 15.52 61.90 8.80
CA ASN S 289 14.29 62.06 8.04
C ASN S 289 14.51 62.91 6.80
N ASP S 290 15.16 64.07 6.97
CA ASP S 290 15.48 64.90 5.82
C ASP S 290 16.51 64.22 4.92
N LEU S 291 17.49 63.55 5.51
CA LEU S 291 18.48 62.82 4.71
C LEU S 291 17.82 61.66 3.96
N SER S 292 16.87 60.97 4.61
CA SER S 292 16.18 59.88 3.93
C SER S 292 15.36 60.40 2.76
N SER S 293 14.79 61.60 2.89
CA SER S 293 14.05 62.18 1.78
C SER S 293 14.95 62.41 0.57
N ARG S 294 16.13 62.98 0.81
CA ARG S 294 17.09 63.16 -0.28
C ARG S 294 17.67 61.84 -0.74
N THR S 295 17.76 60.86 0.15
CA THR S 295 18.26 59.54 -0.24
C THR S 295 17.35 58.90 -1.28
N GLU S 296 16.04 58.94 -1.05
CA GLU S 296 15.11 58.41 -2.04
C GLU S 296 15.18 59.21 -3.34
N GLN S 297 15.42 60.51 -3.25
CA GLN S 297 15.57 61.33 -4.45
C GLN S 297 16.80 60.89 -5.24
N GLN S 298 17.88 60.52 -4.54
CA GLN S 298 19.07 60.03 -5.22
C GLN S 298 18.76 58.75 -5.99
N ALA S 299 18.10 57.79 -5.34
CA ALA S 299 17.72 56.56 -6.02
C ALA S 299 16.75 56.85 -7.16
N ALA S 300 15.82 57.78 -6.95
CA ALA S 300 14.89 58.14 -8.01
C ALA S 300 15.62 58.78 -9.18
N SER S 301 16.68 59.55 -8.89
CA SER S 301 17.46 60.16 -9.96
C SER S 301 18.13 59.10 -10.82
N LEU S 302 18.60 58.01 -10.20
CA LEU S 302 19.21 56.93 -10.97
C LEU S 302 18.19 56.28 -11.89
N GLU S 303 16.93 56.18 -11.45
CA GLU S 303 15.90 55.61 -12.31
C GLU S 303 15.65 56.49 -13.52
N GLU S 304 15.56 57.81 -13.31
CA GLU S 304 15.38 58.72 -14.44
C GLU S 304 16.61 58.69 -15.36
N THR S 305 17.80 58.62 -14.78
CA THR S 305 19.01 58.53 -15.60
C THR S 305 19.12 57.16 -16.26
N ALA S 306 18.82 56.10 -15.53
CA ALA S 306 18.87 54.76 -16.11
C ALA S 306 17.91 54.64 -17.29
N ALA S 307 16.76 55.29 -17.22
CA ALA S 307 15.82 55.26 -18.34
C ALA S 307 16.44 55.85 -19.60
N SER S 308 17.32 56.83 -19.45
CA SER S 308 18.00 57.40 -20.61
C SER S 308 19.13 56.51 -21.10
N MET S 309 19.82 55.82 -20.19
CA MET S 309 20.90 54.93 -20.62
C MET S 309 20.37 53.81 -21.51
N GLU S 310 19.19 53.28 -21.19
CA GLU S 310 18.60 52.24 -22.03
C GLU S 310 18.36 52.74 -23.44
N GLN S 311 17.96 54.01 -23.59
CA GLN S 311 17.74 54.57 -24.92
C GLN S 311 19.07 54.82 -25.63
N LEU S 312 20.05 55.39 -24.92
CA LEU S 312 21.35 55.63 -25.53
C LEU S 312 22.06 54.31 -25.80
N THR S 313 21.98 53.35 -24.88
CA THR S 313 22.62 52.06 -25.09
C THR S 313 22.06 51.37 -26.33
N ALA S 314 20.73 51.36 -26.48
CA ALA S 314 20.13 50.77 -27.67
C ALA S 314 20.47 51.56 -28.92
N THR S 315 20.57 52.88 -28.80
CA THR S 315 20.90 53.70 -29.96
C THR S 315 22.32 53.41 -30.45
N VAL S 316 23.24 53.15 -29.51
CA VAL S 316 24.61 52.83 -29.90
C VAL S 316 24.64 51.55 -30.72
N LYS S 317 23.79 50.58 -30.36
CA LYS S 317 23.73 49.35 -31.13
C LYS S 317 23.17 49.58 -32.53
N GLN S 318 22.14 50.44 -32.63
CA GLN S 318 21.58 50.75 -33.94
C GLN S 318 22.58 51.50 -34.80
N ASN S 319 23.29 52.48 -34.21
CA ASN S 319 24.30 53.21 -34.96
C ASN S 319 25.42 52.29 -35.41
N ALA S 320 25.89 51.41 -34.52
CA ALA S 320 26.92 50.46 -34.90
C ALA S 320 26.38 49.42 -35.89
N GLU S 321 25.13 49.01 -35.70
CA GLU S 321 24.52 48.07 -36.64
C GLU S 321 24.35 48.69 -38.02
N ASN S 322 23.73 49.87 -38.07
CA ASN S 322 23.55 50.55 -39.36
C ASN S 322 24.90 50.89 -39.99
N ALA S 323 25.93 51.12 -39.18
CA ALA S 323 27.25 51.40 -39.73
C ALA S 323 27.77 50.22 -40.55
N ARG S 324 27.65 49.01 -40.01
CA ARG S 324 28.09 47.83 -40.76
C ARG S 324 27.17 47.57 -41.95
N GLN S 325 25.87 47.83 -41.80
CA GLN S 325 24.95 47.66 -42.92
C GLN S 325 25.29 48.63 -44.05
N ALA S 326 25.60 49.89 -43.71
CA ALA S 326 25.99 50.85 -44.74
C ALA S 326 27.34 50.51 -45.35
N SER S 327 28.23 49.88 -44.58
CA SER S 327 29.52 49.48 -45.12
C SER S 327 29.36 48.48 -46.26
N HIS S 328 28.45 47.52 -46.10
CA HIS S 328 28.20 46.55 -47.17
C HIS S 328 27.65 47.24 -48.40
N LEU S 329 26.70 48.15 -48.23
CA LEU S 329 26.16 48.89 -49.38
C LEU S 329 27.23 49.77 -50.00
N ALA S 330 28.00 50.49 -49.18
CA ALA S 330 29.08 51.32 -49.71
C ALA S 330 30.15 50.47 -50.37
N LEU S 331 30.55 49.38 -49.73
CA LEU S 331 31.54 48.49 -50.33
C LEU S 331 30.99 47.83 -51.59
N SER S 332 29.71 47.42 -51.56
CA SER S 332 29.10 46.84 -52.75
C SER S 332 28.99 47.87 -53.86
N ALA S 333 28.66 49.11 -53.51
CA ALA S 333 28.59 50.17 -54.53
C ALA S 333 29.95 50.41 -55.18
N SER S 334 31.03 50.22 -54.43
CA SER S 334 32.37 50.37 -55.01
C SER S 334 32.78 49.14 -55.81
N GLU S 335 32.38 47.95 -55.34
CA GLU S 335 32.72 46.73 -56.06
C GLU S 335 32.07 46.73 -57.45
N THR S 336 30.78 47.04 -57.52
CA THR S 336 30.11 47.11 -58.82
C THR S 336 30.68 48.22 -59.67
N ALA S 337 31.16 49.30 -59.05
CA ALA S 337 31.76 50.40 -59.81
C ALA S 337 33.07 49.96 -60.44
N GLN S 338 33.94 49.30 -59.66
CA GLN S 338 35.19 48.80 -60.22
C GLN S 338 34.92 47.76 -61.30
N ARG S 339 33.93 46.89 -61.08
CA ARG S 339 33.58 45.91 -62.10
C ARG S 339 33.08 46.59 -63.37
N GLY S 340 32.27 47.64 -63.22
CA GLY S 340 31.81 48.38 -64.38
C GLY S 340 32.95 49.06 -65.12
N GLY S 341 33.92 49.58 -64.38
CA GLY S 341 35.07 50.21 -65.02
C GLY S 341 35.81 49.27 -65.94
N LYS S 342 36.04 48.03 -65.48
CA LYS S 342 36.67 47.04 -66.34
C LYS S 342 35.82 46.74 -67.57
N VAL S 343 34.49 46.70 -67.40
CA VAL S 343 33.60 46.49 -68.53
C VAL S 343 33.65 47.69 -69.47
N VAL S 344 33.72 48.90 -68.91
CA VAL S 344 33.83 50.09 -69.75
C VAL S 344 35.14 50.08 -70.52
N ASP S 345 36.22 49.64 -69.87
CA ASP S 345 37.51 49.55 -70.55
C ASP S 345 37.45 48.52 -71.68
N ASN S 346 36.78 47.39 -71.44
CA ASN S 346 36.65 46.38 -72.48
C ASN S 346 35.85 46.91 -73.66
N VAL S 347 34.85 47.74 -73.39
CA VAL S 347 34.06 48.33 -74.47
C VAL S 347 34.90 49.30 -75.28
N VAL S 348 35.82 50.01 -74.63
CA VAL S 348 36.69 50.94 -75.33
C VAL S 348 37.49 50.20 -76.40
N GLN S 349 38.01 49.01 -76.07
CA GLN S 349 38.72 48.22 -77.06
C GLN S 349 37.81 47.79 -78.19
N THR S 350 36.53 47.56 -77.90
CA THR S 350 35.59 47.18 -78.95
C THR S 350 35.24 48.36 -79.85
N MET S 351 34.98 49.53 -79.24
CA MET S 351 34.69 50.72 -80.03
C MET S 351 35.86 51.07 -80.95
N ARG S 352 37.09 50.95 -80.45
CA ARG S 352 38.25 51.23 -81.27
C ARG S 352 38.49 50.11 -82.28
N ASP S 353 38.11 48.88 -81.95
CA ASP S 353 38.28 47.78 -82.90
C ASP S 353 37.37 47.97 -84.11
N ILE S 354 36.15 48.45 -83.90
CA ILE S 354 35.25 48.72 -85.02
C ILE S 354 35.80 49.84 -85.88
N SER S 355 36.54 50.78 -85.28
CA SER S 355 37.14 51.86 -86.06
C SER S 355 38.16 51.30 -87.05
N THR S 356 39.06 50.44 -86.57
CA THR S 356 40.04 49.82 -87.46
C THR S 356 39.33 48.99 -88.53
N SER S 357 38.27 48.27 -88.15
CA SER S 357 37.52 47.50 -89.14
C SER S 357 36.87 48.41 -90.17
N SER S 358 36.35 49.55 -89.75
CA SER S 358 35.75 50.48 -90.69
C SER S 358 36.77 50.98 -91.70
N GLN S 359 38.01 51.21 -91.25
CA GLN S 359 39.06 51.65 -92.17
C GLN S 359 39.39 50.56 -93.18
N LYS S 360 39.46 49.31 -92.73
CA LYS S 360 39.72 48.21 -93.66
C LYS S 360 38.59 48.08 -94.68
N ILE S 361 37.34 48.21 -94.23
CA ILE S 361 36.22 48.15 -95.15
C ILE S 361 36.31 49.28 -96.17
N ALA S 362 36.66 50.49 -95.71
CA ALA S 362 36.82 51.60 -96.65
C ALA S 362 37.89 51.31 -97.68
N ASP S 363 38.94 50.58 -97.31
CA ASP S 363 39.97 50.22 -98.28
C ASP S 363 39.43 49.26 -99.33
N ILE S 364 38.54 48.34 -98.93
CA ILE S 364 37.96 47.42 -99.90
C ILE S 364 36.98 48.16 -100.81
N ILE S 365 36.19 49.06 -100.25
CA ILE S 365 35.27 49.86 -101.07
C ILE S 365 36.06 50.65 -102.11
N SER S 366 37.22 51.19 -101.71
CA SER S 366 38.06 51.89 -102.66
C SER S 366 38.55 50.95 -103.77
N VAL S 367 38.78 49.68 -103.44
CA VAL S 367 39.18 48.71 -104.45
C VAL S 367 38.00 48.35 -105.34
N ILE S 368 36.84 48.12 -104.74
CA ILE S 368 35.64 47.81 -105.52
C ILE S 368 35.31 48.97 -106.45
N ASP S 369 35.51 50.20 -105.98
CA ASP S 369 35.27 51.36 -106.82
C ASP S 369 36.22 51.37 -108.01
N GLY S 370 37.49 51.02 -107.78
CA GLY S 370 38.43 50.94 -108.89
C GLY S 370 38.13 49.80 -109.83
N ILE S 371 37.81 48.62 -109.27
CA ILE S 371 37.46 47.47 -110.11
C ILE S 371 36.21 47.79 -110.93
N ALA S 372 35.24 48.47 -110.34
CA ALA S 372 34.04 48.87 -111.08
C ALA S 372 34.39 49.83 -112.21
N PHE S 373 35.39 50.68 -112.02
CA PHE S 373 35.80 51.59 -113.07
C PHE S 373 36.50 50.84 -114.20
N GLN S 374 37.38 49.90 -113.87
CA GLN S 374 38.05 49.11 -114.90
C GLN S 374 37.05 48.30 -115.70
N THR S 375 36.04 47.73 -115.03
CA THR S 375 35.02 46.97 -115.74
C THR S 375 34.29 47.83 -116.76
N ASN S 376 34.09 49.11 -116.46
CA ASN S 376 33.42 50.00 -117.41
C ASN S 376 34.29 50.24 -118.63
N ILE S 377 35.60 50.43 -118.43
CA ILE S 377 36.50 50.63 -119.56
C ILE S 377 36.57 49.38 -120.42
N LEU S 378 36.76 48.22 -119.79
CA LEU S 378 36.81 46.97 -120.54
C LEU S 378 35.49 46.69 -121.22
N ALA S 379 34.38 46.94 -120.53
CA ALA S 379 33.07 46.73 -121.13
C ALA S 379 32.82 47.69 -122.29
N LEU S 380 33.37 48.91 -122.20
CA LEU S 380 33.20 49.87 -123.28
C LEU S 380 33.88 49.40 -124.55
N ASN S 381 35.07 48.79 -124.43
CA ASN S 381 35.78 48.29 -125.60
C ASN S 381 34.97 47.19 -126.28
N ALA S 382 34.25 46.38 -125.51
CA ALA S 382 33.43 45.33 -126.09
C ALA S 382 32.30 45.91 -126.93
N ALA S 383 31.66 46.98 -126.43
CA ALA S 383 30.59 47.61 -127.20
C ALA S 383 31.14 48.38 -128.39
N VAL S 384 32.32 48.99 -128.24
CA VAL S 384 32.92 49.72 -129.35
C VAL S 384 33.30 48.75 -130.47
N GLU S 385 33.97 47.65 -130.13
CA GLU S 385 34.35 46.68 -131.14
C GLU S 385 33.13 45.98 -131.74
N ALA S 386 32.05 45.86 -130.97
CA ALA S 386 30.86 45.21 -131.50
C ALA S 386 30.16 46.10 -132.53
N ALA S 387 30.16 47.41 -132.32
CA ALA S 387 29.52 48.31 -133.26
C ALA S 387 30.27 48.33 -134.60
N ARG S 388 31.60 48.22 -134.56
CA ARG S 388 32.37 48.21 -135.79
C ARG S 388 32.11 46.95 -136.61
N ALA S 389 31.86 45.82 -135.94
CA ALA S 389 31.61 44.57 -136.64
C ALA S 389 30.21 44.60 -137.27
N GLY S 390 29.95 43.59 -138.10
CA GLY S 390 28.67 43.48 -138.77
C GLY S 390 27.57 42.99 -137.85
N GLU S 391 26.81 42.00 -138.32
CA GLU S 391 25.72 41.43 -137.53
C GLU S 391 26.20 40.47 -136.45
N GLN S 392 27.51 40.18 -136.40
CA GLN S 392 28.01 39.26 -135.38
C GLN S 392 28.08 39.91 -134.00
N GLY S 393 28.29 41.22 -133.95
CA GLY S 393 28.37 41.95 -132.70
C GLY S 393 27.05 42.35 -132.10
N ARG S 394 25.92 41.91 -132.68
CA ARG S 394 24.61 42.27 -132.14
C ARG S 394 24.41 41.67 -130.75
N GLY S 395 24.78 40.40 -130.58
CA GLY S 395 24.62 39.78 -129.28
C GLY S 395 25.55 40.36 -128.24
N PHE S 396 26.82 40.56 -128.61
CA PHE S 396 27.79 41.13 -127.67
C PHE S 396 27.48 42.58 -127.35
N ALA S 397 26.76 43.27 -128.25
CA ALA S 397 26.42 44.67 -127.99
C ALA S 397 25.54 44.79 -126.75
N VAL S 398 24.58 43.88 -126.57
CA VAL S 398 23.72 43.93 -125.40
C VAL S 398 24.50 43.50 -124.16
N VAL S 399 25.38 42.51 -124.31
CA VAL S 399 26.19 42.07 -123.17
C VAL S 399 27.17 43.16 -122.75
N ALA S 400 27.84 43.77 -123.73
CA ALA S 400 28.78 44.84 -123.40
C ALA S 400 28.07 46.03 -122.76
N GLY S 401 26.92 46.42 -123.32
CA GLY S 401 26.17 47.53 -122.73
C GLY S 401 25.55 47.18 -121.39
N GLU S 402 25.16 45.92 -121.20
CA GLU S 402 24.58 45.52 -119.92
C GLU S 402 25.63 45.50 -118.82
N VAL S 403 26.83 45.03 -119.13
CA VAL S 403 27.89 45.00 -118.12
C VAL S 403 28.24 46.42 -117.69
N ARG S 404 28.19 47.38 -118.62
CA ARG S 404 28.48 48.76 -118.26
C ARG S 404 27.44 49.30 -117.30
N ASN S 405 26.17 48.92 -117.47
CA ASN S 405 25.12 49.37 -116.56
C ASN S 405 25.37 48.83 -115.15
N LEU S 406 25.80 47.57 -115.04
CA LEU S 406 26.10 47.01 -113.72
C LEU S 406 27.27 47.71 -113.07
N ALA S 407 28.24 48.19 -113.86
CA ALA S 407 29.37 48.91 -113.29
C ALA S 407 28.92 50.20 -112.63
N GLN S 408 27.99 50.91 -113.25
CA GLN S 408 27.48 52.15 -112.65
C GLN S 408 26.75 51.86 -111.35
N ARG S 409 25.95 50.80 -111.32
CA ARG S 409 25.25 50.43 -110.08
C ARG S 409 26.24 50.00 -109.01
N SER S 410 27.20 49.15 -109.37
CA SER S 410 28.21 48.72 -108.40
C SER S 410 29.08 49.89 -107.97
N ALA S 411 29.47 50.75 -108.91
CA ALA S 411 30.28 51.91 -108.57
C ALA S 411 29.48 52.89 -107.71
N GLN S 412 28.27 53.23 -108.14
CA GLN S 412 27.43 54.12 -107.36
C GLN S 412 27.11 53.53 -105.99
N ALA S 413 26.86 52.21 -105.95
CA ALA S 413 26.59 51.57 -104.67
C ALA S 413 27.84 51.52 -103.80
N ALA S 414 29.00 51.27 -104.41
CA ALA S 414 30.23 51.24 -103.64
C ALA S 414 30.53 52.61 -103.04
N ARG S 415 30.46 53.66 -103.85
CA ARG S 415 30.68 55.02 -103.34
C ARG S 415 29.63 55.40 -102.32
N GLU S 416 28.41 54.86 -102.44
CA GLU S 416 27.38 55.16 -101.46
C GLU S 416 27.76 54.62 -100.08
N ILE S 417 28.38 53.45 -100.03
CA ILE S 417 28.82 52.90 -98.75
C ILE S 417 29.92 53.76 -98.14
N LYS S 418 30.78 54.33 -98.98
CA LYS S 418 31.85 55.18 -98.47
C LYS S 418 31.28 56.34 -97.64
N SER S 419 30.18 56.93 -98.11
CA SER S 419 29.54 58.00 -97.35
C SER S 419 28.99 57.48 -96.02
N LEU S 420 28.62 56.21 -95.98
CA LEU S 420 28.11 55.64 -94.74
C LEU S 420 29.24 55.24 -93.80
N ILE S 421 30.31 54.64 -94.34
CA ILE S 421 31.45 54.27 -93.51
C ILE S 421 32.08 55.52 -92.89
N GLU S 422 32.36 56.53 -93.73
CA GLU S 422 32.91 57.77 -93.21
C GLU S 422 31.96 58.42 -92.21
N ASP S 423 30.65 58.36 -92.48
CA ASP S 423 29.67 58.89 -91.54
C ASP S 423 29.52 57.99 -90.32
N SER S 424 29.72 56.68 -90.49
CA SER S 424 29.63 55.77 -89.35
C SER S 424 30.83 55.89 -88.42
N VAL S 425 32.04 56.08 -88.97
CA VAL S 425 33.22 56.25 -88.14
C VAL S 425 33.05 57.46 -87.23
N GLY S 426 32.39 58.50 -87.73
CA GLY S 426 32.11 59.66 -86.89
C GLY S 426 31.23 59.31 -85.70
N LYS S 427 30.25 58.43 -85.91
CA LYS S 427 29.41 57.99 -84.80
C LYS S 427 30.19 57.12 -83.83
N VAL S 428 31.09 56.27 -84.35
CA VAL S 428 31.92 55.45 -83.47
C VAL S 428 32.84 56.33 -82.64
N ASP S 429 33.43 57.36 -83.26
CA ASP S 429 34.27 58.29 -82.51
C ASP S 429 33.46 59.05 -81.47
N VAL S 430 32.32 59.61 -81.89
CA VAL S 430 31.45 60.30 -80.95
C VAL S 430 30.93 59.34 -79.90
N GLY S 431 30.54 58.13 -80.32
CA GLY S 431 30.07 57.14 -79.37
C GLY S 431 31.18 56.67 -78.44
N SER S 432 32.37 56.45 -78.99
CA SER S 432 33.50 56.04 -78.15
C SER S 432 33.82 57.10 -77.10
N THR S 433 33.65 58.38 -77.45
CA THR S 433 33.88 59.44 -76.48
C THR S 433 32.96 59.30 -75.28
N LEU S 434 31.70 58.90 -75.51
CA LEU S 434 30.78 58.68 -74.41
C LEU S 434 31.20 57.49 -73.57
N VAL S 435 31.76 56.45 -74.21
CA VAL S 435 32.24 55.29 -73.47
C VAL S 435 33.46 55.67 -72.64
N GLU S 436 34.42 56.39 -73.26
CA GLU S 436 35.58 56.85 -72.52
C GLU S 436 35.19 57.85 -71.45
N SER S 437 34.23 58.73 -71.76
CA SER S 437 33.75 59.68 -70.75
C SER S 437 33.06 58.96 -69.61
N ALA S 438 32.32 57.89 -69.91
CA ALA S 438 31.67 57.11 -68.86
C ALA S 438 32.70 56.47 -67.93
N GLY S 439 33.86 56.10 -68.46
CA GLY S 439 34.90 55.53 -67.62
C GLY S 439 35.47 56.53 -66.64
N GLU S 440 35.46 57.82 -67.00
CA GLU S 440 35.97 58.85 -66.09
C GLU S 440 35.10 58.94 -64.85
N THR S 441 33.79 58.76 -65.00
CA THR S 441 32.90 58.80 -63.85
C THR S 441 33.19 57.66 -62.88
N MET S 442 33.63 56.51 -63.40
CA MET S 442 33.96 55.38 -62.52
C MET S 442 35.08 55.76 -61.56
N ALA S 443 36.14 56.40 -62.05
CA ALA S 443 37.22 56.84 -61.18
C ALA S 443 36.72 57.81 -60.12
N GLU S 444 35.73 58.64 -60.46
CA GLU S 444 35.18 59.57 -59.48
C GLU S 444 34.28 58.86 -58.48
N ILE S 445 33.42 57.97 -58.97
CA ILE S 445 32.54 57.22 -58.07
C ILE S 445 33.36 56.27 -57.20
N VAL S 446 34.32 55.58 -57.79
CA VAL S 446 35.17 54.67 -57.01
C VAL S 446 35.96 55.45 -55.97
N SER S 447 36.67 56.50 -56.41
CA SER S 447 37.44 57.31 -55.47
C SER S 447 36.55 57.96 -54.42
N ALA S 448 35.29 58.24 -54.74
CA ALA S 448 34.36 58.83 -53.79
C ALA S 448 33.77 57.79 -52.84
N VAL S 449 33.25 56.70 -53.39
CA VAL S 449 32.68 55.65 -52.55
C VAL S 449 33.76 54.97 -51.72
N THR S 450 34.96 54.82 -52.28
CA THR S 450 36.06 54.21 -51.53
C THR S 450 36.35 55.01 -50.26
N ARG S 451 36.39 56.33 -50.38
CA ARG S 451 36.60 57.17 -49.20
C ARG S 451 35.40 57.11 -48.26
N VAL S 452 34.18 57.02 -48.81
CA VAL S 452 32.99 56.89 -47.98
C VAL S 452 33.03 55.60 -47.19
N THR S 453 33.49 54.51 -47.82
CA THR S 453 33.61 53.25 -47.12
C THR S 453 34.58 53.36 -45.95
N ASP S 454 35.63 54.15 -46.09
CA ASP S 454 36.57 54.36 -44.99
C ASP S 454 35.91 55.10 -43.84
N ILE S 455 34.98 56.02 -44.13
CA ILE S 455 34.29 56.73 -43.07
C ILE S 455 33.42 55.78 -42.27
N MET S 456 32.91 54.72 -42.90
CA MET S 456 32.11 53.74 -42.17
C MET S 456 32.93 53.10 -41.05
N GLY S 457 34.21 52.86 -41.28
CA GLY S 457 35.06 52.33 -40.23
C GLY S 457 35.18 53.28 -39.07
N GLU S 458 35.27 54.59 -39.36
CA GLU S 458 35.32 55.57 -38.28
C GLU S 458 34.01 55.64 -37.52
N ILE S 459 32.88 55.62 -38.25
CA ILE S 459 31.58 55.60 -37.59
C ILE S 459 31.42 54.33 -36.76
N ALA S 460 31.81 53.18 -37.33
CA ALA S 460 31.75 51.93 -36.57
C ALA S 460 32.72 51.96 -35.40
N SER S 461 33.95 52.41 -35.64
CA SER S 461 34.92 52.51 -34.55
C SER S 461 34.48 53.53 -33.51
N ALA S 462 33.93 54.67 -33.96
CA ALA S 462 33.43 55.66 -33.02
C ALA S 462 32.27 55.10 -32.21
N SER S 463 31.38 54.35 -32.85
CA SER S 463 30.27 53.73 -32.13
C SER S 463 30.79 52.74 -31.09
N ASP S 464 31.87 52.02 -31.42
CA ASP S 464 32.45 51.11 -30.45
C ASP S 464 33.00 51.86 -29.24
N GLU S 465 33.61 53.03 -29.48
CA GLU S 465 34.10 53.84 -28.36
C GLU S 465 32.95 54.26 -27.46
N GLN S 466 31.80 54.59 -28.03
CA GLN S 466 30.64 54.94 -27.22
C GLN S 466 30.12 53.74 -26.45
N SER S 467 30.09 52.56 -27.10
CA SER S 467 29.64 51.36 -26.42
C SER S 467 30.50 51.08 -25.19
N ARG S 468 31.83 51.16 -25.35
CA ARG S 468 32.71 50.97 -24.21
C ARG S 468 32.53 52.07 -23.18
N GLY S 469 32.24 53.28 -23.63
CA GLY S 469 32.00 54.38 -22.70
C GLY S 469 30.73 54.19 -21.89
N ILE S 470 29.65 53.75 -22.56
CA ILE S 470 28.40 53.49 -21.84
C ILE S 470 28.60 52.38 -20.83
N ASP S 471 29.48 51.41 -21.13
CA ASP S 471 29.75 50.36 -20.17
C ASP S 471 30.37 50.91 -18.89
N GLN S 472 31.26 51.90 -19.02
CA GLN S 472 31.85 52.52 -17.85
C GLN S 472 30.81 53.34 -17.09
N VAL S 473 29.99 54.11 -17.80
CA VAL S 473 28.94 54.88 -17.14
C VAL S 473 27.89 53.93 -16.56
N GLY S 474 27.54 52.88 -17.29
CA GLY S 474 26.59 51.92 -16.78
C GLY S 474 27.06 51.26 -15.50
N LEU S 475 28.35 50.89 -15.44
CA LEU S 475 28.90 50.31 -14.22
C LEU S 475 28.89 51.34 -13.09
N ALA S 476 29.11 52.61 -13.41
CA ALA S 476 29.06 53.65 -12.39
C ALA S 476 27.64 53.83 -11.86
N VAL S 477 26.67 53.90 -12.77
CA VAL S 477 25.27 54.02 -12.35
C VAL S 477 24.86 52.81 -11.53
N ALA S 478 25.30 51.63 -11.94
CA ALA S 478 25.00 50.41 -11.16
C ALA S 478 25.76 50.40 -9.85
N GLU S 479 27.00 50.92 -9.85
CA GLU S 479 27.77 50.98 -8.61
C GLU S 479 27.12 51.94 -7.62
N MET S 480 26.76 53.14 -8.07
CA MET S 480 26.08 54.08 -7.18
C MET S 480 24.73 53.55 -6.72
N ASP S 481 24.05 52.77 -7.57
CA ASP S 481 22.78 52.19 -7.16
C ASP S 481 22.97 51.26 -5.96
N ARG S 482 23.99 50.41 -6.00
CA ARG S 482 24.26 49.55 -4.86
C ARG S 482 24.66 50.35 -3.64
N VAL S 483 25.52 51.37 -3.82
CA VAL S 483 25.92 52.21 -2.71
C VAL S 483 24.73 52.98 -2.15
N THR S 484 23.78 53.36 -3.01
CA THR S 484 22.60 54.06 -2.54
C THR S 484 21.78 53.20 -1.59
N GLN S 485 21.63 51.92 -1.92
CA GLN S 485 20.91 51.01 -1.02
C GLN S 485 21.65 50.84 0.30
N GLN S 486 22.98 50.78 0.26
CA GLN S 486 23.75 50.67 1.49
C GLN S 486 23.62 51.93 2.34
N ASN S 487 23.59 53.09 1.70
CA ASN S 487 23.41 54.34 2.44
C ASN S 487 22.06 54.38 3.13
N ALA S 488 21.00 53.97 2.41
CA ALA S 488 19.67 53.95 3.01
C ALA S 488 19.62 53.01 4.22
N ALA S 489 20.40 51.92 4.18
CA ALA S 489 20.43 51.02 5.32
C ALA S 489 21.01 51.70 6.55
N LEU S 490 22.12 52.43 6.37
CA LEU S 490 22.72 53.15 7.48
C LEU S 490 21.79 54.24 7.98
N VAL S 491 21.11 54.95 7.08
CA VAL S 491 20.16 55.97 7.49
C VAL S 491 18.98 55.35 8.22
N GLU S 492 18.55 54.16 7.77
CA GLU S 492 17.46 53.47 8.44
C GLU S 492 17.87 53.07 9.85
N GLU S 493 19.03 52.45 10.01
CA GLU S 493 19.52 52.09 11.33
C GLU S 493 19.80 53.33 12.16
N SER S 494 20.34 54.39 11.53
CA SER S 494 20.59 55.62 12.25
C SER S 494 19.29 56.26 12.73
N ALA S 495 18.27 56.27 11.87
CA ALA S 495 16.98 56.81 12.27
C ALA S 495 16.36 55.98 13.40
N ALA S 496 16.38 54.65 13.26
CA ALA S 496 15.86 53.80 14.32
C ALA S 496 16.70 53.92 15.59
N ALA S 497 18.02 54.00 15.44
CA ALA S 497 18.88 54.17 16.60
C ALA S 497 18.64 55.50 17.28
N ALA S 498 18.40 56.56 16.48
CA ALA S 498 18.11 57.86 17.06
C ALA S 498 16.82 57.83 17.87
N ALA S 499 15.82 57.08 17.38
CA ALA S 499 14.58 56.97 18.13
C ALA S 499 14.78 56.26 19.46
N ALA S 500 15.72 55.31 19.52
CA ALA S 500 16.00 54.63 20.77
C ALA S 500 16.56 55.59 21.81
N LEU S 501 17.39 56.55 21.38
CA LEU S 501 17.93 57.53 22.30
C LEU S 501 16.82 58.37 22.93
N GLU S 502 15.79 58.71 22.14
CA GLU S 502 14.67 59.47 22.68
C GLU S 502 13.91 58.66 23.72
N GLU S 503 13.77 57.35 23.51
CA GLU S 503 13.10 56.50 24.49
C GLU S 503 13.94 56.35 25.74
N GLN S 504 15.23 56.06 25.58
CA GLN S 504 16.11 55.93 26.74
C GLN S 504 16.25 57.26 27.47
N ALA S 505 16.29 58.36 26.73
CA ALA S 505 16.38 59.68 27.36
C ALA S 505 15.17 59.96 28.22
N SER S 506 13.99 59.50 27.79
CA SER S 506 12.78 59.71 28.59
C SER S 506 12.85 58.95 29.91
N ARG S 507 13.49 57.79 29.91
CA ARG S 507 13.61 57.02 31.16
C ARG S 507 14.52 57.72 32.15
N LEU S 508 15.51 58.46 31.67
CA LEU S 508 16.39 59.19 32.58
C LEU S 508 15.62 60.23 33.38
N THR S 509 14.74 60.99 32.71
CA THR S 509 13.94 61.98 33.41
C THR S 509 12.93 61.32 34.34
N GLU S 510 12.35 60.19 33.90
CA GLU S 510 11.38 59.49 34.74
C GLU S 510 12.03 58.95 36.01
N ALA S 511 13.30 58.55 35.94
CA ALA S 511 13.98 58.05 37.12
C ALA S 511 14.14 59.14 38.17
N VAL S 512 14.22 60.41 37.74
CA VAL S 512 14.36 61.54 38.64
C VAL S 512 13.13 62.43 38.64
N ALA S 513 12.08 62.07 37.90
CA ALA S 513 10.88 62.89 37.87
C ALA S 513 10.22 62.95 39.25
N VAL S 514 10.39 61.91 40.06
CA VAL S 514 9.80 61.90 41.39
C VAL S 514 10.40 63.01 42.25
N PHE S 515 11.69 63.30 42.06
CA PHE S 515 12.35 64.35 42.82
C PHE S 515 12.00 65.71 42.23
N ARG S 516 11.40 66.57 43.04
CA ARG S 516 11.01 67.90 42.60
C ARG S 516 12.24 68.74 42.28
N MET T 1 17.76 46.00 81.97
CA MET T 1 17.95 46.18 80.51
C MET T 1 16.97 47.23 79.98
N LEU T 2 17.44 48.47 79.87
CA LEU T 2 16.62 49.56 79.37
C LEU T 2 16.41 49.51 77.86
N LYS T 3 17.12 48.63 77.16
CA LYS T 3 16.96 48.53 75.70
C LYS T 3 15.60 48.00 75.30
N ARG T 4 14.91 47.31 76.21
CA ARG T 4 13.58 46.76 75.89
C ARG T 4 12.50 47.83 75.86
N ILE T 5 12.79 49.05 76.30
CA ILE T 5 11.84 50.14 76.32
C ILE T 5 12.45 51.35 75.61
N LYS T 6 11.61 52.35 75.35
CA LYS T 6 12.05 53.55 74.67
C LYS T 6 12.81 54.46 75.63
N ILE T 7 13.39 55.52 75.07
CA ILE T 7 14.13 56.48 75.89
C ILE T 7 13.17 57.32 76.73
N VAL T 8 12.07 57.77 76.13
CA VAL T 8 11.09 58.56 76.87
C VAL T 8 10.43 57.71 77.95
N THR T 9 10.09 56.46 77.61
CA THR T 9 9.47 55.58 78.59
C THR T 9 10.39 55.30 79.77
N SER T 10 11.70 55.29 79.53
CA SER T 10 12.65 55.06 80.61
C SER T 10 12.69 56.24 81.57
N LEU T 11 12.73 57.46 81.04
CA LEU T 11 12.77 58.64 81.89
C LEU T 11 11.49 58.78 82.70
N LEU T 12 10.34 58.68 82.03
CA LEU T 12 9.07 58.79 82.74
C LEU T 12 8.95 57.75 83.85
N LEU T 13 9.54 56.57 83.64
CA LEU T 13 9.52 55.54 84.67
C LEU T 13 10.51 55.84 85.79
N VAL T 14 11.60 56.54 85.48
CA VAL T 14 12.58 56.87 86.50
C VAL T 14 12.12 58.07 87.32
N LEU T 15 11.48 59.05 86.68
CA LEU T 15 10.99 60.21 87.42
C LEU T 15 9.96 59.79 88.45
N ALA T 16 9.15 58.77 88.15
CA ALA T 16 8.19 58.28 89.13
C ALA T 16 8.88 57.61 90.31
N VAL T 17 10.06 57.03 90.09
CA VAL T 17 10.79 56.40 91.19
C VAL T 17 11.27 57.46 92.18
N PHE T 18 11.83 58.56 91.67
CA PHE T 18 12.28 59.63 92.54
C PHE T 18 11.13 60.17 93.39
N GLY T 19 9.94 60.29 92.80
CA GLY T 19 8.79 60.72 93.57
C GLY T 19 8.38 59.73 94.63
N LEU T 20 8.61 58.43 94.39
CA LEU T 20 8.28 57.42 95.39
C LEU T 20 9.36 57.33 96.46
N LEU T 21 10.63 57.40 96.07
CA LEU T 21 11.71 57.36 97.05
C LEU T 21 11.60 58.52 98.03
N GLN T 22 11.29 59.72 97.52
CA GLN T 22 11.14 60.88 98.41
C GLN T 22 9.97 60.69 99.36
N LEU T 23 8.89 60.07 98.89
CA LEU T 23 7.74 59.83 99.75
C LEU T 23 8.03 58.75 100.79
N THR T 24 8.63 57.64 100.35
CA THR T 24 8.97 56.57 101.27
C THR T 24 10.08 56.98 102.22
N SER T 25 11.18 57.53 101.67
CA SER T 25 12.27 57.98 102.52
C SER T 25 11.80 59.04 103.50
N GLY T 26 11.11 60.07 103.00
CA GLY T 26 10.58 61.09 103.89
C GLY T 26 9.55 60.54 104.87
N GLY T 27 8.81 59.51 104.46
CA GLY T 27 7.85 58.89 105.37
C GLY T 27 8.52 58.19 106.53
N LEU T 28 9.57 57.41 106.24
CA LEU T 28 10.30 56.75 107.31
C LEU T 28 10.96 57.76 108.24
N PHE T 29 11.51 58.85 107.68
CA PHE T 29 12.09 59.89 108.53
C PHE T 29 11.02 60.53 109.40
N PHE T 30 9.86 60.85 108.82
CA PHE T 30 8.77 61.40 109.61
C PHE T 30 8.18 60.35 110.54
N ASN T 31 8.16 59.08 110.11
CA ASN T 31 7.67 58.02 110.99
C ASN T 31 8.58 57.84 112.20
N ALA T 32 9.90 57.95 112.00
CA ALA T 32 10.82 57.88 113.13
C ALA T 32 10.56 59.00 114.12
N LEU T 33 10.41 60.23 113.63
CA LEU T 33 10.07 61.34 114.50
C LEU T 33 8.66 61.19 115.07
N LYS T 34 7.75 60.57 114.32
CA LYS T 34 6.42 60.31 114.84
C LYS T 34 6.48 59.40 116.06
N ASN T 35 7.32 58.37 116.00
CA ASN T 35 7.51 57.49 117.16
C ASN T 35 8.12 58.27 118.32
N ASP T 36 9.03 59.19 118.03
CA ASP T 36 9.60 60.03 119.09
C ASP T 36 8.51 60.84 119.78
N LYS T 37 7.56 61.37 119.01
CA LYS T 37 6.45 62.11 119.61
C LYS T 37 5.64 61.23 120.54
N GLU T 38 5.45 59.95 120.18
CA GLU T 38 4.74 59.04 121.06
C GLU T 38 5.49 58.83 122.36
N ASN T 39 6.82 58.85 122.32
CA ASN T 39 7.61 58.72 123.54
C ASN T 39 7.43 59.93 124.44
N PHE T 40 7.49 61.13 123.86
CA PHE T 40 7.26 62.34 124.64
C PHE T 40 5.87 62.33 125.28
N THR T 41 4.89 61.73 124.60
CA THR T 41 3.57 61.58 125.21
C THR T 41 3.65 60.77 126.50
N VAL T 42 4.57 59.81 126.57
CA VAL T 42 4.77 59.05 127.79
C VAL T 42 5.65 59.83 128.76
N LEU T 43 6.74 60.40 128.26
CA LEU T 43 7.61 61.20 129.11
C LEU T 43 6.85 62.41 129.68
N GLN T 44 6.00 63.03 128.87
CA GLN T 44 5.20 64.14 129.35
C GLN T 44 4.25 63.72 130.46
N THR T 45 3.81 62.45 130.45
CA THR T 45 2.91 61.94 131.47
C THR T 45 3.65 61.37 132.67
N ILE T 46 4.79 60.73 132.46
CA ILE T 46 5.54 60.17 133.58
C ILE T 46 6.03 61.27 134.50
N ARG T 47 6.48 62.39 133.93
CA ARG T 47 6.96 63.49 134.77
C ARG T 47 5.85 64.03 135.65
N GLN T 48 4.60 63.99 135.17
CA GLN T 48 3.48 64.46 135.97
C GLN T 48 3.15 63.46 137.09
N GLN T 49 3.13 62.17 136.77
CA GLN T 49 2.89 61.17 137.80
C GLN T 49 3.95 61.23 138.88
N GLN T 50 5.22 61.31 138.49
CA GLN T 50 6.29 61.42 139.48
C GLN T 50 6.20 62.74 140.25
N SER T 51 5.90 63.83 139.55
CA SER T 51 5.78 65.13 140.22
C SER T 51 4.60 65.11 141.20
N THR T 52 3.43 64.66 140.74
CA THR T 52 2.28 64.58 141.64
C THR T 52 2.51 63.57 142.75
N LEU T 53 3.14 62.44 142.42
CA LEU T 53 3.44 61.44 143.44
C LEU T 53 4.51 61.93 144.41
N ASN T 54 5.52 62.63 143.89
CA ASN T 54 6.56 63.18 144.75
C ASN T 54 5.98 64.20 145.72
N GLY T 55 5.28 65.20 145.20
CA GLY T 55 4.65 66.18 146.06
C GLY T 55 3.71 65.56 147.07
N SER T 56 3.00 64.51 146.68
CA SER T 56 2.13 63.82 147.62
C SER T 56 2.93 63.05 148.66
N TRP T 57 3.92 62.28 148.22
CA TRP T 57 4.75 61.55 149.17
C TRP T 57 5.49 62.50 150.10
N VAL T 58 5.99 63.62 149.57
CA VAL T 58 6.67 64.60 150.42
C VAL T 58 5.68 65.18 151.43
N ALA T 59 4.42 65.35 151.04
CA ALA T 59 3.43 65.87 151.96
C ALA T 59 3.16 64.89 153.10
N LEU T 60 3.15 63.59 152.80
CA LEU T 60 2.94 62.60 153.85
C LEU T 60 4.07 62.64 154.88
N LEU T 61 5.32 62.74 154.41
CA LEU T 61 6.44 62.83 155.34
C LEU T 61 6.38 64.11 156.15
N GLN T 62 6.11 65.25 155.50
CA GLN T 62 5.97 66.50 156.22
C GLN T 62 4.82 66.44 157.21
N THR T 63 3.75 65.71 156.88
CA THR T 63 2.63 65.56 157.80
C THR T 63 3.08 64.80 159.05
N ARG T 64 3.78 63.68 158.86
CA ARG T 64 4.29 62.92 160.01
C ARG T 64 5.28 63.75 160.81
N ASN T 65 6.16 64.49 160.12
CA ASN T 65 7.11 65.34 160.82
C ASN T 65 6.40 66.42 161.63
N THR T 66 5.24 66.89 161.14
CA THR T 66 4.49 67.90 161.88
C THR T 66 3.83 67.28 163.11
N LEU T 67 3.26 66.08 162.97
CA LEU T 67 2.66 65.41 164.12
C LEU T 67 3.69 65.06 165.17
N ASN T 68 4.93 64.78 164.76
CA ASN T 68 5.99 64.48 165.72
C ASN T 68 6.25 65.68 166.63
N ARG T 69 6.34 66.88 166.05
CA ARG T 69 6.53 68.07 166.86
C ARG T 69 5.33 68.34 167.74
N ALA T 70 4.13 67.98 167.28
CA ALA T 70 2.94 68.15 168.11
C ALA T 70 2.98 67.24 169.33
N GLY T 71 3.43 66.01 169.16
CA GLY T 71 3.55 65.12 170.29
C GLY T 71 4.57 65.60 171.30
N ILE T 72 5.73 66.05 170.81
CA ILE T 72 6.75 66.59 171.71
C ILE T 72 6.24 67.85 172.40
N ARG T 73 5.62 68.75 171.61
CA ARG T 73 5.06 69.97 172.19
C ARG T 73 3.98 69.65 173.22
N TYR T 74 3.28 68.52 173.03
CA TYR T 74 2.24 68.14 173.98
C TYR T 74 2.82 67.61 175.29
N MET T 75 3.89 66.82 175.21
CA MET T 75 4.50 66.28 176.42
C MET T 75 5.25 67.36 177.19
N MET T 76 5.92 68.27 176.49
CA MET T 76 6.66 69.34 177.17
C MET T 76 5.72 70.23 177.97
N ASP T 77 4.47 70.37 177.54
CA ASP T 77 3.52 71.18 178.29
C ASP T 77 3.18 70.55 179.63
N GLN T 78 3.16 69.22 179.71
CA GLN T 78 2.86 68.55 180.97
C GLN T 78 3.92 68.85 182.01
N ASN T 79 5.19 68.65 181.65
CA ASN T 79 6.30 68.90 182.57
C ASN T 79 6.72 70.36 182.60
N ASN T 80 6.08 71.23 181.81
CA ASN T 80 6.43 72.64 181.78
C ASN T 80 7.90 72.83 181.44
N ILE T 81 8.22 72.83 180.15
CA ILE T 81 9.58 73.01 179.67
C ILE T 81 9.53 74.01 178.53
N GLY T 82 10.01 75.23 178.78
CA GLY T 82 10.01 76.23 177.74
C GLY T 82 8.59 76.60 177.30
N SER T 83 8.50 77.14 176.10
CA SER T 83 7.23 77.54 175.52
C SER T 83 7.37 77.60 174.00
N GLY T 84 6.25 77.85 173.34
CA GLY T 84 6.24 77.94 171.89
C GLY T 84 4.82 77.86 171.36
N SER T 85 4.71 77.42 170.11
CA SER T 85 3.41 77.28 169.48
C SER T 85 2.58 76.22 170.19
N THR T 86 1.31 76.54 170.43
CA THR T 86 0.42 75.61 171.11
C THR T 86 0.21 74.37 170.26
N VAL T 87 -0.33 73.32 170.90
CA VAL T 87 -0.58 72.07 170.18
C VAL T 87 -1.67 72.26 169.14
N ALA T 88 -2.61 73.16 169.39
CA ALA T 88 -3.68 73.39 168.42
C ALA T 88 -3.13 73.91 167.10
N GLU T 89 -2.08 74.73 167.16
CA GLU T 89 -1.49 75.26 165.93
C GLU T 89 -0.69 74.19 165.20
N LEU T 90 0.03 73.34 165.94
CA LEU T 90 0.82 72.29 165.31
C LEU T 90 -0.09 71.26 164.64
N MET T 91 -1.15 70.83 165.32
CA MET T 91 -2.07 69.88 164.73
C MET T 91 -2.74 70.47 163.49
N GLU T 92 -3.02 71.77 163.51
CA GLU T 92 -3.62 72.41 162.34
C GLU T 92 -2.66 72.39 161.16
N SER T 93 -1.36 72.56 161.41
CA SER T 93 -0.39 72.51 160.33
C SER T 93 -0.33 71.12 159.70
N ALA T 94 -0.45 70.08 160.53
CA ALA T 94 -0.44 68.71 160.01
C ALA T 94 -1.67 68.46 159.13
N SER T 95 -2.81 69.06 159.48
CA SER T 95 -4.01 68.90 158.67
C SER T 95 -3.80 69.51 157.28
N ILE T 96 -3.21 70.70 157.22
CA ILE T 96 -2.95 71.33 155.93
C ILE T 96 -1.97 70.49 155.13
N SER T 97 -0.99 69.88 155.79
CA SER T 97 -0.05 69.01 155.10
C SER T 97 -0.74 67.74 154.61
N LEU T 98 -1.73 67.24 155.37
CA LEU T 98 -2.47 66.06 154.93
C LEU T 98 -3.30 66.36 153.70
N LYS T 99 -4.01 67.49 153.70
CA LYS T 99 -4.80 67.86 152.53
C LYS T 99 -3.90 68.11 151.32
N GLN T 100 -2.67 68.56 151.55
CA GLN T 100 -1.74 68.77 150.43
C GLN T 100 -1.48 67.46 149.70
N ALA T 101 -1.42 66.35 150.44
CA ALA T 101 -1.22 65.05 149.80
C ALA T 101 -2.42 64.66 148.96
N GLU T 102 -3.63 64.93 149.45
CA GLU T 102 -4.83 64.63 148.68
C GLU T 102 -4.89 65.45 147.41
N LYS T 103 -4.54 66.74 147.50
CA LYS T 103 -4.52 67.59 146.31
C LYS T 103 -3.54 67.07 145.27
N ASN T 104 -2.32 66.77 145.71
CA ASN T 104 -1.32 66.22 144.78
C ASN T 104 -1.71 64.83 144.32
N TRP T 105 -2.30 64.03 145.21
CA TRP T 105 -2.71 62.68 144.85
C TRP T 105 -3.98 62.69 143.99
N ALA T 106 -4.85 63.67 144.18
CA ALA T 106 -6.06 63.75 143.37
C ALA T 106 -5.74 63.94 141.90
N ASP T 107 -4.75 64.80 141.60
CA ASP T 107 -4.36 65.01 140.21
C ASP T 107 -3.73 63.75 139.63
N TYR T 108 -2.98 63.01 140.45
CA TYR T 108 -2.35 61.78 139.95
C TYR T 108 -3.38 60.80 139.42
N GLU T 109 -4.52 60.67 140.10
CA GLU T 109 -5.57 59.77 139.66
C GLU T 109 -6.25 60.23 138.39
N ALA T 110 -6.02 61.47 137.96
CA ALA T 110 -6.63 62.00 136.75
C ALA T 110 -5.71 61.98 135.54
N LEU T 111 -4.41 61.74 135.74
CA LEU T 111 -3.48 61.70 134.64
C LEU T 111 -3.70 60.46 133.79
N PRO T 112 -3.23 60.46 132.53
CA PRO T 112 -3.39 59.28 131.68
C PRO T 112 -2.70 58.04 132.26
N ARG T 113 -2.90 56.89 131.62
CA ARG T 113 -2.27 55.64 132.04
C ARG T 113 -1.84 54.90 130.77
N ASP T 114 -0.56 54.97 130.45
CA ASP T 114 -0.04 54.32 129.27
C ASP T 114 -0.12 52.80 129.42
N PRO T 115 -0.19 52.06 128.31
CA PRO T 115 -0.29 50.60 128.41
C PRO T 115 0.99 49.93 128.87
N ARG T 116 2.14 50.58 128.73
CA ARG T 116 3.42 50.00 129.13
C ARG T 116 3.73 50.23 130.60
N GLN T 117 2.76 50.66 131.39
CA GLN T 117 2.95 50.89 132.82
C GLN T 117 2.45 49.70 133.61
N SER T 118 3.23 49.30 134.62
CA SER T 118 2.88 48.16 135.46
C SER T 118 1.58 48.44 136.20
N THR T 119 0.48 47.85 135.74
CA THR T 119 -0.81 48.05 136.40
C THR T 119 -0.80 47.51 137.82
N ALA T 120 -0.07 46.41 138.06
CA ALA T 120 -0.01 45.86 139.40
C ALA T 120 0.70 46.79 140.37
N ALA T 121 1.78 47.44 139.91
CA ALA T 121 2.50 48.36 140.78
C ALA T 121 1.62 49.55 141.18
N ALA T 122 0.75 49.99 140.27
CA ALA T 122 -0.14 51.11 140.58
C ALA T 122 -1.15 50.74 141.65
N ALA T 123 -1.51 49.46 141.75
CA ALA T 123 -2.47 49.02 142.77
C ALA T 123 -1.79 48.86 144.13
N GLU T 124 -0.55 48.37 144.14
CA GLU T 124 0.15 48.18 145.41
C GLU T 124 0.47 49.53 146.05
N ILE T 125 0.96 50.49 145.27
CA ILE T 125 1.28 51.81 145.81
C ILE T 125 0.01 52.49 146.31
N LYS T 126 -1.12 52.26 145.63
CA LYS T 126 -2.37 52.87 146.07
C LYS T 126 -2.90 52.19 147.33
N ARG T 127 -2.68 50.88 147.46
CA ARG T 127 -3.13 50.17 148.66
C ARG T 127 -2.46 50.72 149.91
N ASN T 128 -1.13 50.90 149.85
CA ASN T 128 -0.42 51.46 150.99
C ASN T 128 -0.76 52.92 151.23
N TYR T 129 -1.06 53.67 150.15
CA TYR T 129 -1.42 55.06 150.31
C TYR T 129 -2.71 55.21 151.10
N ASP T 130 -3.71 54.37 150.80
CA ASP T 130 -4.96 54.42 151.55
C ASP T 130 -4.75 54.08 153.01
N ILE T 131 -3.93 53.07 153.29
CA ILE T 131 -3.65 52.71 154.68
C ILE T 131 -2.81 53.78 155.35
N TYR T 132 -1.85 54.35 154.61
CA TYR T 132 -1.02 55.41 155.18
C TYR T 132 -1.85 56.67 155.44
N HIS T 133 -2.70 57.04 154.47
CA HIS T 133 -3.55 58.22 154.65
C HIS T 133 -4.47 58.05 155.85
N ASN T 134 -5.10 56.88 155.97
CA ASN T 134 -5.97 56.63 157.12
C ASN T 134 -5.17 56.58 158.42
N ALA T 135 -3.91 56.16 158.36
CA ALA T 135 -3.09 56.10 159.57
C ALA T 135 -2.81 57.51 160.09
N LEU T 136 -2.37 58.42 159.22
CA LEU T 136 -2.11 59.78 159.65
C LEU T 136 -3.38 60.46 160.15
N ALA T 137 -4.53 60.14 159.56
CA ALA T 137 -5.78 60.73 160.01
C ALA T 137 -6.12 60.30 161.43
N GLU T 138 -5.90 59.02 161.76
CA GLU T 138 -6.19 58.54 163.10
C GLU T 138 -5.31 59.22 164.13
N LEU T 139 -4.09 59.61 163.75
CA LEU T 139 -3.19 60.28 164.67
C LEU T 139 -3.75 61.62 165.12
N ILE T 140 -4.62 62.22 164.31
CA ILE T 140 -5.20 63.52 164.69
C ILE T 140 -6.21 63.36 165.81
N GLN T 141 -6.91 62.23 165.85
CA GLN T 141 -7.91 62.01 166.89
C GLN T 141 -7.28 61.47 168.17
N LEU T 142 -6.28 60.60 168.04
CA LEU T 142 -5.63 60.05 169.22
C LEU T 142 -4.91 61.12 170.01
N LEU T 143 -4.23 62.03 169.32
CA LEU T 143 -3.52 63.11 170.02
C LEU T 143 -4.50 64.08 170.67
N GLY T 144 -5.58 64.42 169.97
CA GLY T 144 -6.55 65.34 170.53
C GLY T 144 -7.29 64.76 171.72
N ALA T 145 -7.47 63.44 171.76
CA ALA T 145 -8.16 62.80 172.85
C ALA T 145 -7.29 62.62 174.09
N GLY T 146 -5.99 62.89 173.99
CA GLY T 146 -5.08 62.75 175.12
C GLY T 146 -4.39 61.42 175.23
N LYS T 147 -4.46 60.58 174.21
CA LYS T 147 -3.81 59.26 174.23
C LYS T 147 -2.37 59.40 173.73
N ILE T 148 -1.57 60.14 174.51
CA ILE T 148 -0.18 60.36 174.15
C ILE T 148 0.60 59.05 174.19
N ASN T 149 0.20 58.12 175.06
CA ASN T 149 0.88 56.84 175.15
C ASN T 149 0.68 56.02 173.87
N GLU T 150 -0.59 55.78 173.52
CA GLU T 150 -0.88 55.02 172.31
C GLU T 150 -0.48 55.77 171.04
N PHE T 151 -0.31 57.09 171.11
CA PHE T 151 0.07 57.85 169.93
C PHE T 151 1.41 57.40 169.38
N PHE T 152 2.32 56.96 170.25
CA PHE T 152 3.64 56.51 169.83
C PHE T 152 3.68 55.02 169.50
N ASP T 153 2.64 54.27 169.85
CA ASP T 153 2.61 52.83 169.60
C ASP T 153 1.77 52.46 168.38
N GLN T 154 1.40 53.42 167.55
CA GLN T 154 0.61 53.13 166.37
C GLN T 154 1.48 52.48 165.30
N PRO T 155 0.86 51.74 164.37
CA PRO T 155 1.65 51.11 163.30
C PRO T 155 1.94 52.04 162.14
N THR T 156 1.80 53.35 162.37
CA THR T 156 2.05 54.31 161.30
C THR T 156 3.49 54.23 160.82
N GLN T 157 4.43 54.00 161.73
CA GLN T 157 5.83 53.87 161.32
C GLN T 157 6.04 52.67 160.42
N GLY T 158 5.31 51.58 160.66
CA GLY T 158 5.45 50.42 159.81
C GLY T 158 4.84 50.62 158.43
N TYR T 159 3.70 51.31 158.37
CA TYR T 159 3.07 51.58 157.09
C TYR T 159 3.93 52.52 156.24
N GLN T 160 4.57 53.49 156.88
CA GLN T 160 5.44 54.41 156.14
C GLN T 160 6.59 53.66 155.48
N ASP T 161 7.29 52.82 156.25
CA ASP T 161 8.38 52.04 155.69
C ASP T 161 7.88 51.09 154.60
N GLY T 162 6.67 50.58 154.74
CA GLY T 162 6.12 49.70 153.70
C GLY T 162 5.87 50.43 152.40
N PHE T 163 5.42 51.69 152.48
CA PHE T 163 5.19 52.46 151.26
C PHE T 163 6.49 52.78 150.54
N GLU T 164 7.59 52.91 151.27
CA GLU T 164 8.87 53.18 150.63
C GLU T 164 9.27 52.04 149.70
N LYS T 165 9.00 50.79 150.10
CA LYS T 165 9.29 49.65 149.24
C LYS T 165 8.51 49.75 147.93
N GLN T 166 7.24 50.16 148.01
CA GLN T 166 6.44 50.33 146.81
C GLN T 166 6.78 51.63 146.10
N TYR T 167 7.13 52.68 146.84
CA TYR T 167 7.51 53.94 146.21
C TYR T 167 8.81 53.78 145.43
N VAL T 168 9.86 53.27 146.08
CA VAL T 168 11.13 53.05 145.39
C VAL T 168 10.93 52.06 144.24
N ALA T 169 10.08 51.05 144.44
CA ALA T 169 9.81 50.09 143.37
C ALA T 169 9.01 50.74 142.25
N TYR T 170 8.00 51.55 142.60
CA TYR T 170 7.21 52.22 141.58
C TYR T 170 8.06 53.24 140.82
N MET T 171 8.80 54.07 141.55
CA MET T 171 9.68 55.03 140.89
C MET T 171 10.75 54.32 140.05
N GLU T 172 11.31 53.23 140.57
CA GLU T 172 12.28 52.46 139.80
C GLU T 172 11.63 51.86 138.57
N GLN T 173 10.38 51.41 138.69
CA GLN T 173 9.67 50.88 137.54
C GLN T 173 9.55 51.92 136.44
N ASN T 174 9.21 53.16 136.81
CA ASN T 174 9.15 54.23 135.82
C ASN T 174 10.53 54.58 135.27
N ASP T 175 11.57 54.51 136.10
CA ASP T 175 12.92 54.77 135.63
C ASP T 175 13.30 53.79 134.53
N ARG T 176 12.99 52.51 134.71
CA ARG T 176 13.26 51.53 133.67
C ARG T 176 12.43 51.81 132.42
N LEU T 177 11.12 52.06 132.61
CA LEU T 177 10.28 52.42 131.47
C LEU T 177 10.70 53.75 130.87
N HIS T 178 11.23 54.66 131.69
CA HIS T 178 11.71 55.94 131.16
C HIS T 178 12.88 55.73 130.20
N ASP T 179 13.75 54.76 130.49
CA ASP T 179 14.87 54.47 129.59
C ASP T 179 14.38 53.80 128.31
N ILE T 180 13.33 52.98 128.39
CA ILE T 180 12.79 52.35 127.19
C ILE T 180 12.27 53.40 126.23
N ALA T 181 11.55 54.39 126.74
CA ALA T 181 11.07 55.48 125.89
C ALA T 181 12.23 56.23 125.26
N VAL T 182 13.28 56.49 126.04
CA VAL T 182 14.47 57.14 125.50
C VAL T 182 15.24 56.19 124.60
N SER T 183 15.22 54.88 124.92
CA SER T 183 15.90 53.91 124.09
C SER T 183 15.26 53.80 122.71
N ASP T 184 13.95 54.05 122.63
CA ASP T 184 13.28 54.01 121.34
C ASP T 184 13.86 55.04 120.38
N ASN T 185 14.27 56.20 120.91
CA ASN T 185 14.90 57.21 120.06
C ASN T 185 16.23 56.71 119.51
N ASN T 186 17.04 56.04 120.35
CA ASN T 186 18.29 55.48 119.87
C ASN T 186 18.04 54.44 118.79
N ALA T 187 16.94 53.69 118.90
CA ALA T 187 16.60 52.72 117.87
C ALA T 187 16.02 53.41 116.64
N SER T 188 15.09 54.35 116.85
CA SER T 188 14.53 55.09 115.72
C SER T 188 15.58 55.95 115.04
N TYR T 189 16.45 56.60 115.82
CA TYR T 189 17.51 57.41 115.23
C TYR T 189 18.46 56.56 114.41
N SER T 190 18.83 55.39 114.94
CA SER T 190 19.73 54.50 114.21
C SER T 190 19.08 53.99 112.93
N GLN T 191 17.91 53.35 113.07
CA GLN T 191 17.21 52.85 111.89
C GLN T 191 16.95 53.96 110.89
N ALA T 192 16.58 55.15 111.37
CA ALA T 192 16.38 56.29 110.48
C ALA T 192 17.69 56.78 109.88
N MET T 193 18.82 56.46 110.51
CA MET T 193 20.11 56.89 109.98
C MET T 193 20.65 55.89 108.96
N TRP T 194 20.62 54.60 109.29
CA TRP T 194 21.10 53.58 108.35
C TRP T 194 20.25 53.58 107.08
N ILE T 195 18.94 53.71 107.22
CA ILE T 195 18.07 53.76 106.05
C ILE T 195 18.37 55.01 105.22
N LEU T 196 18.69 56.12 105.89
CA LEU T 196 19.03 57.34 105.17
C LEU T 196 20.29 57.13 104.32
N VAL T 197 21.34 56.57 104.92
CA VAL T 197 22.56 56.30 104.17
C VAL T 197 22.28 55.33 103.02
N GLY T 198 21.36 54.39 103.23
CA GLY T 198 21.02 53.45 102.19
C GLY T 198 20.27 54.10 101.04
N VAL T 199 19.45 55.12 101.32
CA VAL T 199 18.72 55.79 100.26
C VAL T 199 19.68 56.60 99.38
N MET T 200 20.72 57.16 99.98
CA MET T 200 21.69 57.92 99.20
C MET T 200 22.47 57.05 98.23
N ILE T 201 22.43 55.72 98.42
CA ILE T 201 23.16 54.83 97.52
C ILE T 201 22.29 54.45 96.32
N VAL T 202 21.04 54.07 96.58
CA VAL T 202 20.16 53.66 95.49
C VAL T 202 19.80 54.85 94.61
N VAL T 203 19.77 56.06 95.17
CA VAL T 203 19.45 57.24 94.38
C VAL T 203 20.60 57.53 93.41
N LEU T 204 21.81 57.68 93.95
CA LEU T 204 22.96 57.94 93.09
C LEU T 204 23.24 56.78 92.15
N ALA T 205 22.84 55.56 92.53
CA ALA T 205 23.06 54.41 91.67
C ALA T 205 22.13 54.43 90.46
N VAL T 206 20.86 54.82 90.67
CA VAL T 206 19.92 54.88 89.56
C VAL T 206 20.33 55.98 88.58
N ILE T 207 20.84 57.10 89.10
CA ILE T 207 21.28 58.18 88.23
C ILE T 207 22.44 57.72 87.36
N PHE T 208 23.40 57.01 87.95
CA PHE T 208 24.53 56.52 87.19
C PHE T 208 24.13 55.36 86.28
N ALA T 209 23.21 54.52 86.73
CA ALA T 209 22.75 53.40 85.90
C ALA T 209 21.97 53.89 84.70
N VAL T 210 21.03 54.82 84.91
CA VAL T 210 20.25 55.35 83.81
C VAL T 210 21.12 56.18 82.88
N TRP T 211 22.07 56.93 83.44
CA TRP T 211 22.96 57.74 82.61
C TRP T 211 23.82 56.86 81.71
N PHE T 212 24.19 55.68 82.17
CA PHE T 212 24.97 54.76 81.34
C PHE T 212 24.11 54.03 80.33
N GLY T 213 22.86 53.73 80.68
CA GLY T 213 21.98 53.05 79.75
C GLY T 213 21.55 53.95 78.61
N ILE T 214 21.18 55.19 78.92
CA ILE T 214 20.78 56.13 77.88
C ILE T 214 21.96 56.45 76.98
N LYS T 215 23.15 56.53 77.56
CA LYS T 215 24.35 56.84 76.75
C LYS T 215 24.57 55.77 75.69
N ALA T 216 24.39 54.50 76.05
CA ALA T 216 24.58 53.42 75.09
C ALA T 216 23.39 53.27 74.15
N SER T 217 22.23 53.84 74.49
CA SER T 217 21.04 53.76 73.66
C SER T 217 20.62 55.13 73.12
N LEU T 218 21.56 56.06 72.97
CA LEU T 218 21.25 57.38 72.45
C LEU T 218 22.47 57.98 71.75
N VAL T 219 23.63 57.89 72.40
CA VAL T 219 24.85 58.44 71.82
C VAL T 219 25.37 57.54 70.71
N ALA T 220 25.70 56.29 71.05
CA ALA T 220 26.24 55.38 70.05
C ALA T 220 25.29 55.15 68.89
N PRO T 221 23.99 54.89 69.12
CA PRO T 221 23.08 54.76 67.96
C PRO T 221 23.01 56.01 67.11
N MET T 222 22.95 57.19 67.75
CA MET T 222 22.87 58.44 66.98
C MET T 222 24.15 58.70 66.21
N ASN T 223 25.31 58.41 66.82
CA ASN T 223 26.58 58.64 66.12
C ASN T 223 26.66 57.82 64.85
N ARG T 224 26.22 56.57 64.88
CA ARG T 224 26.25 55.74 63.68
C ARG T 224 25.32 56.29 62.60
N LEU T 225 24.20 56.88 63.00
CA LEU T 225 23.27 57.44 62.01
C LEU T 225 23.85 58.72 61.39
N ILE T 226 24.49 59.55 62.20
CA ILE T 226 25.09 60.78 61.67
C ILE T 226 26.21 60.44 60.69
N ASP T 227 27.09 59.52 61.09
CA ASP T 227 28.19 59.13 60.20
C ASP T 227 27.66 58.49 58.92
N SER T 228 26.57 57.73 59.02
CA SER T 228 26.00 57.09 57.83
C SER T 228 25.60 58.13 56.80
N ILE T 229 24.95 59.22 57.24
CA ILE T 229 24.56 60.27 56.30
C ILE T 229 25.78 60.93 55.68
N ARG T 230 26.88 61.04 56.42
CA ARG T 230 28.10 61.62 55.88
C ARG T 230 28.67 60.74 54.76
N HIS T 231 28.74 59.43 55.01
CA HIS T 231 29.21 58.52 53.97
C HIS T 231 28.23 58.47 52.80
N ILE T 232 26.93 58.51 53.08
CA ILE T 232 25.95 58.52 52.01
C ILE T 232 25.99 59.85 51.26
N ALA T 233 26.18 60.95 51.99
CA ALA T 233 26.27 62.26 51.33
C ALA T 233 27.49 62.34 50.44
N GLY T 234 28.60 61.70 50.83
CA GLY T 234 29.80 61.70 50.03
C GLY T 234 29.78 60.75 48.85
N GLY T 235 28.79 59.87 48.77
CA GLY T 235 28.65 58.93 47.67
C GLY T 235 28.75 57.48 48.08
N ASP T 236 29.32 57.18 49.24
CA ASP T 236 29.47 55.81 49.70
C ASP T 236 28.10 55.25 50.10
N LEU T 237 27.57 54.35 49.27
CA LEU T 237 26.28 53.72 49.51
C LEU T 237 26.42 52.25 49.87
N VAL T 238 27.54 51.88 50.51
CA VAL T 238 27.80 50.50 50.88
C VAL T 238 27.74 50.28 52.38
N LYS T 239 27.93 51.33 53.19
CA LYS T 239 27.91 51.20 54.65
C LYS T 239 26.61 50.55 55.10
N PRO T 240 26.65 49.31 55.64
CA PRO T 240 25.41 48.69 56.10
C PRO T 240 24.76 49.49 57.21
N ILE T 241 23.45 49.30 57.37
CA ILE T 241 22.66 49.96 58.39
C ILE T 241 21.74 48.94 59.03
N GLU T 242 21.56 49.07 60.35
CA GLU T 242 20.71 48.17 61.12
C GLU T 242 19.64 48.96 61.86
N VAL T 243 18.68 48.24 62.40
CA VAL T 243 17.57 48.83 63.14
C VAL T 243 17.37 48.03 64.43
N ASP T 244 17.39 48.73 65.56
CA ASP T 244 17.23 48.12 66.87
C ASP T 244 15.95 48.64 67.50
N GLY T 245 14.95 47.77 67.63
CA GLY T 245 13.68 48.14 68.23
C GLY T 245 12.93 49.15 67.37
N SER T 246 11.75 49.53 67.86
CA SER T 246 10.88 50.49 67.19
C SER T 246 10.83 51.82 67.93
N ASN T 247 11.91 52.18 68.62
CA ASN T 247 11.97 53.43 69.36
C ASN T 247 12.23 54.58 68.40
N GLU T 248 12.63 55.73 68.93
CA GLU T 248 12.90 56.88 68.08
C GLU T 248 14.07 56.61 67.14
N MET T 249 15.16 56.04 67.68
CA MET T 249 16.31 55.74 66.84
C MET T 249 15.99 54.67 65.82
N GLY T 250 15.03 53.80 66.10
CA GLY T 250 14.66 52.76 65.15
C GLY T 250 13.95 53.31 63.94
N GLN T 251 13.10 54.32 64.13
CA GLN T 251 12.38 54.90 63.00
C GLN T 251 13.33 55.63 62.06
N LEU T 252 14.29 56.38 62.62
CA LEU T 252 15.25 57.09 61.77
C LEU T 252 16.11 56.10 60.98
N ALA T 253 16.59 55.05 61.64
CA ALA T 253 17.39 54.05 60.94
C ALA T 253 16.60 53.43 59.79
N GLU T 254 15.37 53.01 60.06
CA GLU T 254 14.53 52.44 59.00
C GLU T 254 14.26 53.47 57.92
N SER T 255 14.16 54.76 58.30
CA SER T 255 13.93 55.80 57.30
C SER T 255 15.17 56.03 56.45
N LEU T 256 16.36 55.96 57.06
CA LEU T 256 17.59 56.16 56.31
C LEU T 256 17.82 55.01 55.33
N ARG T 257 17.45 53.78 55.72
CA ARG T 257 17.60 52.65 54.81
C ARG T 257 16.72 52.82 53.58
N HIS T 258 15.51 53.34 53.75
CA HIS T 258 14.63 53.56 52.60
C HIS T 258 15.19 54.64 51.68
N MET T 259 15.72 55.72 52.26
CA MET T 259 16.30 56.78 51.43
C MET T 259 17.56 56.29 50.73
N GLN T 260 18.35 55.46 51.40
CA GLN T 260 19.56 54.92 50.78
C GLN T 260 19.21 54.05 49.58
N GLY T 261 18.13 53.29 49.67
CA GLY T 261 17.73 52.45 48.55
C GLY T 261 17.36 53.23 47.31
N GLU T 262 16.75 54.41 47.50
CA GLU T 262 16.40 55.24 46.35
C GLU T 262 17.64 55.72 45.62
N LEU T 263 18.73 55.98 46.35
CA LEU T 263 19.96 56.42 45.71
C LEU T 263 20.55 55.32 44.84
N MET T 264 20.61 54.09 45.36
CA MET T 264 21.13 52.99 44.59
C MET T 264 20.27 52.71 43.36
N ARG T 265 18.95 52.85 43.50
CA ARG T 265 18.06 52.64 42.37
C ARG T 265 18.17 53.79 41.37
N THR T 266 18.28 55.02 41.86
CA THR T 266 18.42 56.16 40.97
C THR T 266 19.79 56.16 40.29
N VAL T 267 20.86 56.05 41.08
CA VAL T 267 22.20 56.01 40.51
C VAL T 267 22.37 54.77 39.62
N GLY T 268 21.81 53.64 40.05
CA GLY T 268 21.91 52.44 39.24
C GLY T 268 21.12 52.56 37.94
N ASP T 269 19.92 53.13 38.00
CA ASP T 269 19.12 53.29 36.79
C ASP T 269 19.76 54.31 35.85
N VAL T 270 20.26 55.41 36.39
CA VAL T 270 20.90 56.42 35.55
C VAL T 270 22.18 55.86 34.93
N ARG T 271 22.89 55.00 35.66
CA ARG T 271 24.11 54.41 35.12
C ARG T 271 23.79 53.53 33.92
N ASN T 272 22.80 52.64 34.05
CA ASN T 272 22.42 51.79 32.94
C ASN T 272 21.84 52.61 31.79
N GLY T 273 21.06 53.65 32.11
CA GLY T 273 20.50 54.49 31.07
C GLY T 273 21.53 55.38 30.41
N ALA T 274 22.49 55.89 31.19
CA ALA T 274 23.53 56.73 30.62
C ALA T 274 24.41 55.95 29.66
N ASN T 275 24.72 54.69 29.99
CA ASN T 275 25.53 53.87 29.10
C ASN T 275 24.82 53.59 27.79
N ALA T 276 23.48 53.51 27.82
CA ALA T 276 22.73 53.27 26.59
C ALA T 276 22.87 54.44 25.62
N ILE T 277 22.94 55.66 26.13
CA ILE T 277 23.11 56.82 25.27
C ILE T 277 24.49 56.82 24.65
N TYR T 278 25.53 56.56 25.46
CA TYR T 278 26.88 56.49 24.93
C TYR T 278 27.03 55.36 23.94
N SER T 279 26.49 54.18 24.26
CA SER T 279 26.56 53.06 23.34
C SER T 279 25.71 53.32 22.09
N GLY T 280 24.50 53.86 22.28
CA GLY T 280 23.66 54.17 21.13
C GLY T 280 24.23 55.29 20.28
N ALA T 281 24.78 56.32 20.91
CA ALA T 281 25.39 57.42 20.17
C ALA T 281 26.61 56.94 19.40
N SER T 282 27.37 56.00 19.97
CA SER T 282 28.53 55.47 19.28
C SER T 282 28.12 54.73 18.01
N GLU T 283 27.00 54.02 18.05
CA GLU T 283 26.51 53.33 16.86
C GLU T 283 26.15 54.31 15.76
N ILE T 284 25.47 55.41 16.13
CA ILE T 284 25.13 56.42 15.13
C ILE T 284 26.38 57.15 14.66
N ALA T 285 27.27 57.51 15.59
CA ALA T 285 28.52 58.16 15.20
C ALA T 285 29.35 57.26 14.30
N THR T 286 29.44 55.96 14.64
CA THR T 286 30.18 55.03 13.80
C THR T 286 29.51 54.89 12.43
N GLY T 287 28.18 54.94 12.39
CA GLY T 287 27.48 54.86 11.13
C GLY T 287 27.75 56.07 10.24
N ASN T 288 27.79 57.26 10.83
CA ASN T 288 28.09 58.46 10.04
C ASN T 288 29.51 58.40 9.49
N ASN T 289 30.44 57.84 10.25
CA ASN T 289 31.81 57.71 9.76
C ASN T 289 31.86 56.82 8.53
N ASP T 290 31.20 55.66 8.60
CA ASP T 290 31.14 54.76 7.45
C ASP T 290 30.30 55.36 6.34
N LEU T 291 29.16 55.96 6.69
CA LEU T 291 28.31 56.59 5.68
C LEU T 291 29.05 57.75 5.01
N SER T 292 29.85 58.49 5.78
CA SER T 292 30.61 59.60 5.20
C SER T 292 31.62 59.09 4.19
N SER T 293 32.32 58.00 4.52
CA SER T 293 33.29 57.43 3.58
C SER T 293 32.59 56.94 2.31
N ARG T 294 31.48 56.22 2.48
CA ARG T 294 30.73 55.76 1.31
C ARG T 294 30.18 56.93 0.51
N THR T 295 29.85 58.04 1.17
CA THR T 295 29.36 59.22 0.45
C THR T 295 30.44 59.80 -0.45
N GLU T 296 31.68 59.84 0.04
CA GLU T 296 32.78 60.33 -0.79
C GLU T 296 33.01 59.43 -2.00
N GLN T 297 32.92 58.12 -1.80
CA GLN T 297 33.06 57.20 -2.93
C GLN T 297 31.96 57.42 -3.95
N GLN T 298 30.71 57.57 -3.50
CA GLN T 298 29.62 57.86 -4.42
C GLN T 298 29.77 59.24 -5.03
N ALA T 299 30.31 60.21 -4.28
CA ALA T 299 30.52 61.53 -4.83
C ALA T 299 31.57 61.51 -5.94
N ALA T 300 32.64 60.72 -5.75
CA ALA T 300 33.66 60.61 -6.78
C ALA T 300 33.10 59.96 -8.04
N SER T 301 32.11 59.08 -7.89
CA SER T 301 31.50 58.45 -9.06
C SER T 301 30.85 59.49 -9.97
N LEU T 302 30.22 60.50 -9.37
CA LEU T 302 29.61 61.56 -10.17
C LEU T 302 30.68 62.33 -10.95
N GLU T 303 31.83 62.59 -10.33
CA GLU T 303 32.91 63.26 -11.02
C GLU T 303 33.43 62.41 -12.18
N GLU T 304 33.68 61.13 -11.92
CA GLU T 304 34.13 60.25 -12.99
C GLU T 304 33.03 60.01 -14.01
N THR T 305 31.79 59.87 -13.56
CA THR T 305 30.67 59.68 -14.49
C THR T 305 30.44 60.95 -15.30
N ALA T 306 30.46 62.12 -14.67
CA ALA T 306 30.28 63.37 -15.40
C ALA T 306 31.34 63.53 -16.47
N ALA T 307 32.61 63.26 -16.14
CA ALA T 307 33.66 63.33 -17.14
C ALA T 307 33.49 62.28 -18.22
N SER T 308 32.89 61.14 -17.88
CA SER T 308 32.67 60.10 -18.88
C SER T 308 31.67 60.56 -19.93
N MET T 309 30.60 61.25 -19.51
CA MET T 309 29.62 61.75 -20.47
C MET T 309 30.24 62.78 -21.40
N GLU T 310 31.20 63.55 -20.93
CA GLU T 310 31.88 64.52 -21.79
C GLU T 310 32.57 63.82 -22.95
N GLN T 311 33.21 62.68 -22.68
CA GLN T 311 33.84 61.91 -23.74
C GLN T 311 32.80 61.40 -24.74
N LEU T 312 31.64 60.98 -24.24
CA LEU T 312 30.57 60.53 -25.13
C LEU T 312 30.07 61.68 -26.00
N THR T 313 29.87 62.85 -25.40
CA THR T 313 29.42 64.01 -26.17
C THR T 313 30.44 64.36 -27.26
N ALA T 314 31.72 64.23 -26.95
CA ALA T 314 32.75 64.53 -27.95
C ALA T 314 32.65 63.56 -29.13
N THR T 315 32.49 62.27 -28.84
CA THR T 315 32.36 61.29 -29.92
C THR T 315 31.07 61.51 -30.71
N VAL T 316 30.01 61.99 -30.05
CA VAL T 316 28.76 62.25 -30.75
C VAL T 316 28.95 63.34 -31.80
N LYS T 317 29.63 64.42 -31.42
CA LYS T 317 29.91 65.49 -32.39
C LYS T 317 30.81 65.00 -33.51
N GLN T 318 31.86 64.25 -33.15
CA GLN T 318 32.76 63.70 -34.18
C GLN T 318 32.04 62.66 -35.02
N ASN T 319 31.24 61.80 -34.38
CA ASN T 319 30.48 60.81 -35.13
C ASN T 319 29.46 61.47 -36.05
N ALA T 320 28.76 62.50 -35.54
CA ALA T 320 27.82 63.24 -36.38
C ALA T 320 28.54 63.92 -37.53
N GLU T 321 29.73 64.46 -37.28
CA GLU T 321 30.50 65.08 -38.36
C GLU T 321 30.89 64.05 -39.41
N ASN T 322 31.39 62.88 -38.97
CA ASN T 322 31.75 61.84 -39.92
C ASN T 322 30.55 61.44 -40.76
N ALA T 323 29.35 61.46 -40.19
CA ALA T 323 28.15 61.14 -40.95
C ALA T 323 27.88 62.18 -42.03
N ARG T 324 28.09 63.45 -41.73
CA ARG T 324 27.90 64.50 -42.73
C ARG T 324 28.98 64.46 -43.81
N GLN T 325 30.21 64.09 -43.44
CA GLN T 325 31.27 63.96 -44.44
C GLN T 325 30.92 62.89 -45.46
N ALA T 326 30.48 61.72 -44.99
CA ALA T 326 30.07 60.66 -45.91
C ALA T 326 28.82 61.06 -46.67
N SER T 327 27.92 61.82 -46.03
CA SER T 327 26.71 62.28 -46.72
C SER T 327 27.06 63.23 -47.86
N HIS T 328 27.98 64.16 -47.61
CA HIS T 328 28.40 65.08 -48.67
C HIS T 328 29.03 64.32 -49.83
N LEU T 329 29.88 63.33 -49.54
CA LEU T 329 30.46 62.53 -50.61
C LEU T 329 29.45 61.59 -51.22
N ALA T 330 28.48 61.12 -50.42
CA ALA T 330 27.45 60.24 -50.97
C ALA T 330 26.62 60.95 -52.03
N LEU T 331 26.20 62.18 -51.75
CA LEU T 331 25.45 62.95 -52.76
C LEU T 331 26.31 63.22 -53.98
N SER T 332 27.60 63.49 -53.79
CA SER T 332 28.49 63.70 -54.92
C SER T 332 28.57 62.45 -55.80
N ALA T 333 28.71 61.28 -55.18
CA ALA T 333 28.73 60.05 -55.96
C ALA T 333 27.36 59.72 -56.53
N SER T 334 26.29 60.05 -55.82
CA SER T 334 24.94 59.81 -56.34
C SER T 334 24.68 60.66 -57.57
N GLU T 335 24.94 61.97 -57.48
CA GLU T 335 24.75 62.84 -58.64
C GLU T 335 25.68 62.44 -59.77
N THR T 336 26.88 61.99 -59.45
CA THR T 336 27.81 61.52 -60.48
C THR T 336 27.24 60.32 -61.22
N ALA T 337 26.57 59.43 -60.49
CA ALA T 337 25.96 58.27 -61.13
C ALA T 337 24.82 58.70 -62.07
N GLN T 338 24.07 59.73 -61.69
CA GLN T 338 23.01 60.24 -62.56
C GLN T 338 23.60 60.77 -63.87
N ARG T 339 24.67 61.55 -63.77
CA ARG T 339 25.32 62.06 -64.98
C ARG T 339 25.87 60.91 -65.82
N GLY T 340 26.53 59.94 -65.18
CA GLY T 340 27.03 58.79 -65.91
C GLY T 340 25.93 57.91 -66.46
N GLY T 341 24.79 57.83 -65.75
CA GLY T 341 23.68 57.04 -66.25
C GLY T 341 23.12 57.60 -67.55
N LYS T 342 22.96 58.91 -67.63
CA LYS T 342 22.46 59.53 -68.86
C LYS T 342 23.43 59.30 -70.00
N VAL T 343 24.74 59.31 -69.72
CA VAL T 343 25.73 59.04 -70.76
C VAL T 343 25.61 57.59 -71.24
N VAL T 344 25.36 56.66 -70.32
CA VAL T 344 25.18 55.26 -70.71
C VAL T 344 23.96 55.12 -71.60
N ASP T 345 22.87 55.83 -71.27
CA ASP T 345 21.68 55.78 -72.10
C ASP T 345 21.95 56.36 -73.48
N ASN T 346 22.78 57.39 -73.56
CA ASN T 346 23.14 57.96 -74.86
C ASN T 346 23.94 56.97 -75.69
N VAL T 347 24.80 56.18 -75.04
CA VAL T 347 25.58 55.18 -75.76
C VAL T 347 24.66 54.09 -76.30
N VAL T 348 23.61 53.74 -75.54
CA VAL T 348 22.67 52.74 -76.02
C VAL T 348 22.01 53.20 -77.31
N GLN T 349 21.59 54.46 -77.36
CA GLN T 349 21.01 55.00 -78.59
C GLN T 349 22.04 55.04 -79.71
N THR T 350 23.32 55.22 -79.38
CA THR T 350 24.36 55.22 -80.40
C THR T 350 24.53 53.84 -81.01
N MET T 351 24.45 52.79 -80.19
CA MET T 351 24.56 51.43 -80.72
C MET T 351 23.44 51.15 -81.71
N ARG T 352 22.21 51.57 -81.41
CA ARG T 352 21.10 51.37 -82.33
C ARG T 352 21.33 52.15 -83.62
N ASP T 353 21.89 53.36 -83.51
CA ASP T 353 22.17 54.15 -84.70
C ASP T 353 23.26 53.50 -85.54
N ILE T 354 24.36 53.08 -84.90
CA ILE T 354 25.42 52.41 -85.62
C ILE T 354 24.96 51.05 -86.12
N SER T 355 24.18 50.33 -85.31
CA SER T 355 23.65 49.04 -85.74
C SER T 355 22.69 49.21 -86.92
N THR T 356 21.80 50.20 -86.84
CA THR T 356 20.88 50.46 -87.95
C THR T 356 21.65 50.83 -89.22
N SER T 357 22.75 51.58 -89.07
CA SER T 357 23.55 51.94 -90.22
C SER T 357 24.23 50.70 -90.82
N SER T 358 24.66 49.78 -89.97
CA SER T 358 25.28 48.55 -90.47
C SER T 358 24.30 47.73 -91.28
N GLN T 359 23.03 47.70 -90.86
CA GLN T 359 22.02 46.96 -91.61
C GLN T 359 21.82 47.56 -93.00
N LYS T 360 21.79 48.89 -93.09
CA LYS T 360 21.66 49.53 -94.40
C LYS T 360 22.86 49.24 -95.28
N ILE T 361 24.06 49.28 -94.71
CA ILE T 361 25.26 48.96 -95.49
C ILE T 361 25.23 47.50 -95.92
N ALA T 362 24.84 46.60 -95.02
CA ALA T 362 24.75 45.18 -95.38
C ALA T 362 23.75 44.96 -96.52
N ASP T 363 22.67 45.76 -96.56
CA ASP T 363 21.72 45.63 -97.64
C ASP T 363 22.34 45.98 -98.99
N ILE T 364 23.21 47.00 -99.00
CA ILE T 364 23.88 47.38 -100.24
C ILE T 364 24.88 46.31 -100.66
N ILE T 365 25.61 45.74 -99.69
CA ILE T 365 26.54 44.67 -100.00
C ILE T 365 25.82 43.48 -100.61
N SER T 366 24.60 43.20 -100.13
CA SER T 366 23.81 42.13 -100.71
C SER T 366 23.47 42.42 -102.16
N VAL T 367 23.25 43.69 -102.50
CA VAL T 367 22.97 44.05 -103.89
C VAL T 367 24.24 43.97 -104.72
N ILE T 368 25.35 44.50 -104.20
CA ILE T 368 26.62 44.42 -104.91
C ILE T 368 27.03 42.97 -105.10
N ASP T 369 26.76 42.13 -104.10
CA ASP T 369 27.06 40.71 -104.22
C ASP T 369 26.24 40.07 -105.33
N GLY T 370 24.96 40.42 -105.43
CA GLY T 370 24.13 39.90 -106.50
C GLY T 370 24.54 40.46 -107.86
N ILE T 371 24.79 41.77 -107.93
CA ILE T 371 25.23 42.37 -109.19
C ILE T 371 26.57 41.77 -109.63
N ALA T 372 27.46 41.50 -108.67
CA ALA T 372 28.73 40.89 -109.00
C ALA T 372 28.54 39.49 -109.58
N PHE T 373 27.53 38.76 -109.12
CA PHE T 373 27.26 37.44 -109.66
C PHE T 373 26.68 37.52 -111.08
N GLN T 374 25.78 38.48 -111.31
CA GLN T 374 25.22 38.64 -112.64
C GLN T 374 26.30 39.03 -113.64
N THR T 375 27.26 39.85 -113.23
CA THR T 375 28.34 40.23 -114.12
C THR T 375 29.15 39.01 -114.56
N ASN T 376 29.30 38.03 -113.68
CA ASN T 376 30.02 36.82 -114.07
C ASN T 376 29.24 36.02 -115.12
N ILE T 377 27.91 36.04 -115.03
CA ILE T 377 27.11 35.33 -116.02
C ILE T 377 27.19 36.02 -117.37
N LEU T 378 27.13 37.35 -117.38
CA LEU T 378 27.25 38.09 -118.63
C LEU T 378 28.60 37.85 -119.28
N ALA T 379 29.68 37.84 -118.50
CA ALA T 379 30.99 37.55 -119.04
C ALA T 379 31.13 36.09 -119.44
N LEU T 380 30.47 35.19 -118.71
CA LEU T 380 30.51 33.78 -119.07
C LEU T 380 29.83 33.53 -120.41
N ASN T 381 28.63 34.09 -120.60
CA ASN T 381 27.93 33.92 -121.86
C ASN T 381 28.71 34.54 -123.02
N ALA T 382 29.41 35.64 -122.76
CA ALA T 382 30.21 36.27 -123.81
C ALA T 382 31.36 35.36 -124.23
N ALA T 383 32.04 34.74 -123.27
CA ALA T 383 33.14 33.84 -123.59
C ALA T 383 32.64 32.61 -124.33
N VAL T 384 31.49 32.07 -123.94
CA VAL T 384 30.93 30.91 -124.62
C VAL T 384 30.50 31.28 -126.03
N GLU T 385 29.86 32.44 -126.19
CA GLU T 385 29.44 32.88 -127.51
C GLU T 385 30.62 33.32 -128.37
N ALA T 386 31.64 33.93 -127.75
CA ALA T 386 32.80 34.37 -128.51
C ALA T 386 33.57 33.17 -129.07
N ALA T 387 33.71 32.11 -128.29
CA ALA T 387 34.41 30.91 -128.78
C ALA T 387 33.65 30.26 -129.92
N ARG T 388 32.31 30.35 -129.92
CA ARG T 388 31.54 29.74 -130.99
C ARG T 388 31.82 30.40 -132.33
N ALA T 389 32.17 31.69 -132.33
CA ALA T 389 32.47 32.40 -133.57
C ALA T 389 33.86 32.08 -134.10
N GLY T 390 34.72 31.50 -133.27
CA GLY T 390 36.07 31.17 -133.73
C GLY T 390 36.96 32.39 -133.71
N GLU T 391 37.64 32.64 -134.83
CA GLU T 391 38.52 33.80 -134.93
C GLU T 391 37.77 35.12 -135.00
N GLN T 392 36.46 35.09 -135.24
CA GLN T 392 35.66 36.30 -135.32
C GLN T 392 35.19 36.80 -133.96
N GLY T 393 35.82 36.34 -132.87
CA GLY T 393 35.43 36.78 -131.54
C GLY T 393 36.59 36.80 -130.56
N ARG T 394 37.81 36.93 -131.09
CA ARG T 394 38.98 36.97 -130.23
C ARG T 394 38.98 38.21 -129.34
N GLY T 395 38.57 39.36 -129.90
CA GLY T 395 38.52 40.58 -129.11
C GLY T 395 37.54 40.49 -127.96
N PHE T 396 36.44 39.75 -128.14
CA PHE T 396 35.45 39.60 -127.07
C PHE T 396 35.89 38.56 -126.05
N ALA T 397 36.66 37.55 -126.47
CA ALA T 397 37.12 36.54 -125.52
C ALA T 397 38.06 37.13 -124.48
N VAL T 398 38.95 38.04 -124.91
CA VAL T 398 39.87 38.66 -123.97
C VAL T 398 39.11 39.53 -122.97
N VAL T 399 38.13 40.29 -123.45
CA VAL T 399 37.34 41.12 -122.55
C VAL T 399 36.53 40.27 -121.59
N ALA T 400 35.92 39.18 -122.09
CA ALA T 400 35.15 38.29 -121.23
C ALA T 400 36.03 37.66 -120.17
N GLY T 401 37.28 37.33 -120.52
CA GLY T 401 38.18 36.74 -119.53
C GLY T 401 38.54 37.70 -118.43
N GLU T 402 38.70 38.98 -118.77
CA GLU T 402 39.04 39.98 -117.76
C GLU T 402 37.84 40.34 -116.89
N VAL T 403 36.66 40.49 -117.50
CA VAL T 403 35.47 40.80 -116.72
C VAL T 403 35.15 39.68 -115.75
N ARG T 404 35.41 38.43 -116.16
CA ARG T 404 35.17 37.30 -115.26
C ARG T 404 36.09 37.35 -114.06
N ASN T 405 37.37 37.70 -114.27
CA ASN T 405 38.30 37.82 -113.17
C ASN T 405 37.88 38.94 -112.22
N LEU T 406 37.55 40.11 -112.78
CA LEU T 406 37.11 41.23 -111.95
C LEU T 406 35.79 40.91 -111.25
N ALA T 407 34.95 40.08 -111.87
CA ALA T 407 33.70 39.69 -111.23
C ALA T 407 33.95 38.92 -109.95
N GLN T 408 34.88 37.95 -110.00
CA GLN T 408 35.21 37.20 -108.80
C GLN T 408 35.84 38.09 -107.74
N ARG T 409 36.74 39.00 -108.16
CA ARG T 409 37.35 39.92 -107.21
C ARG T 409 36.31 40.84 -106.61
N SER T 410 35.41 41.38 -107.44
CA SER T 410 34.35 42.24 -106.93
C SER T 410 33.40 41.45 -106.03
N ALA T 411 33.06 40.23 -106.42
CA ALA T 411 32.20 39.40 -105.59
C ALA T 411 32.90 39.02 -104.28
N GLN T 412 34.15 38.57 -104.37
CA GLN T 412 34.90 38.23 -103.16
C GLN T 412 35.08 39.46 -102.28
N ALA T 413 35.33 40.62 -102.89
CA ALA T 413 35.47 41.84 -102.11
C ALA T 413 34.16 42.22 -101.43
N ALA T 414 33.04 42.07 -102.13
CA ALA T 414 31.73 42.37 -101.54
C ALA T 414 31.43 41.40 -100.41
N ARG T 415 31.61 40.10 -100.65
CA ARG T 415 31.38 39.12 -99.59
C ARG T 415 32.35 39.28 -98.44
N GLU T 416 33.57 39.77 -98.72
CA GLU T 416 34.53 39.99 -97.64
C GLU T 416 34.03 41.05 -96.67
N ILE T 417 33.42 42.12 -97.20
CA ILE T 417 32.87 43.15 -96.32
C ILE T 417 31.69 42.60 -95.53
N LYS T 418 30.91 41.70 -96.13
CA LYS T 418 29.77 41.11 -95.42
C LYS T 418 30.23 40.42 -94.14
N SER T 419 31.36 39.70 -94.21
CA SER T 419 31.88 39.06 -93.01
C SER T 419 32.31 40.08 -91.97
N LEU T 420 32.70 41.28 -92.41
CA LEU T 420 33.09 42.33 -91.47
C LEU T 420 31.87 43.05 -90.90
N ILE T 421 30.89 43.36 -91.75
CA ILE T 421 29.67 44.00 -91.27
C ILE T 421 28.92 43.10 -90.29
N GLU T 422 28.72 41.84 -90.68
CA GLU T 422 28.08 40.89 -89.78
C GLU T 422 28.89 40.70 -88.50
N ASP T 423 30.21 40.62 -88.62
CA ASP T 423 31.06 40.53 -87.44
C ASP T 423 31.01 41.81 -86.63
N SER T 424 30.98 42.96 -87.31
CA SER T 424 30.88 44.23 -86.60
C SER T 424 29.54 44.36 -85.89
N VAL T 425 28.45 43.96 -86.55
CA VAL T 425 27.15 44.01 -85.91
C VAL T 425 27.12 43.10 -84.69
N GLY T 426 27.81 41.96 -84.76
CA GLY T 426 27.88 41.08 -83.61
C GLY T 426 28.57 41.74 -82.43
N LYS T 427 29.64 42.49 -82.68
CA LYS T 427 30.30 43.23 -81.62
C LYS T 427 29.45 44.37 -81.10
N VAL T 428 28.63 44.97 -81.97
CA VAL T 428 27.72 46.03 -81.53
C VAL T 428 26.70 45.46 -80.55
N ASP T 429 26.13 44.30 -80.86
CA ASP T 429 25.21 43.66 -79.93
C ASP T 429 25.91 43.26 -78.64
N VAL T 430 27.12 42.69 -78.75
CA VAL T 430 27.89 42.36 -77.55
C VAL T 430 28.27 43.62 -76.80
N GLY T 431 28.70 44.66 -77.52
CA GLY T 431 29.01 45.91 -76.86
C GLY T 431 27.81 46.53 -76.18
N SER T 432 26.62 46.38 -76.79
CA SER T 432 25.40 46.88 -76.16
C SER T 432 25.14 46.16 -74.83
N THR T 433 25.41 44.85 -74.78
CA THR T 433 25.26 44.11 -73.54
C THR T 433 26.24 44.61 -72.49
N LEU T 434 27.49 44.85 -72.88
CA LEU T 434 28.47 45.39 -71.95
C LEU T 434 28.07 46.79 -71.49
N VAL T 435 27.63 47.63 -72.43
CA VAL T 435 27.16 48.96 -72.05
C VAL T 435 25.89 48.86 -71.22
N GLU T 436 24.98 47.94 -71.60
CA GLU T 436 23.78 47.74 -70.80
C GLU T 436 24.13 47.23 -69.41
N SER T 437 25.09 46.30 -69.31
CA SER T 437 25.53 45.83 -68.01
C SER T 437 26.12 46.97 -67.18
N ALA T 438 26.84 47.88 -67.84
CA ALA T 438 27.37 49.04 -67.13
C ALA T 438 26.25 49.91 -66.59
N GLY T 439 25.12 49.97 -67.29
CA GLY T 439 23.99 50.73 -66.79
C GLY T 439 23.31 50.08 -65.60
N GLU T 440 23.30 48.75 -65.55
CA GLU T 440 22.73 48.05 -64.40
C GLU T 440 23.50 48.37 -63.13
N THR T 441 24.82 48.53 -63.24
CA THR T 441 25.61 48.89 -62.06
C THR T 441 25.21 50.26 -61.53
N MET T 442 24.91 51.20 -62.43
CA MET T 442 24.46 52.52 -61.99
C MET T 442 23.17 52.41 -61.18
N ALA T 443 22.27 51.51 -61.57
CA ALA T 443 21.05 51.31 -60.80
C ALA T 443 21.36 50.87 -59.37
N GLU T 444 22.39 50.03 -59.20
CA GLU T 444 22.79 49.63 -57.86
C GLU T 444 23.49 50.78 -57.14
N ILE T 445 24.35 51.52 -57.83
CA ILE T 445 25.00 52.67 -57.22
C ILE T 445 23.98 53.74 -56.88
N VAL T 446 23.03 54.00 -57.79
CA VAL T 446 21.99 54.99 -57.50
C VAL T 446 21.08 54.49 -56.39
N SER T 447 20.94 53.18 -56.23
CA SER T 447 20.10 52.61 -55.18
C SER T 447 20.86 52.34 -53.89
N ALA T 448 22.17 52.05 -53.99
CA ALA T 448 22.95 51.79 -52.79
C ALA T 448 23.42 53.09 -52.14
N VAL T 449 24.07 53.96 -52.91
CA VAL T 449 24.54 55.23 -52.36
C VAL T 449 23.37 56.05 -51.85
N THR T 450 22.24 56.04 -52.58
CA THR T 450 21.07 56.76 -52.12
C THR T 450 20.56 56.18 -50.81
N ARG T 451 20.52 54.85 -50.69
CA ARG T 451 20.11 54.23 -49.44
C ARG T 451 21.13 54.50 -48.34
N VAL T 452 22.41 54.51 -48.68
CA VAL T 452 23.44 54.83 -47.69
C VAL T 452 23.27 56.26 -47.19
N THR T 453 22.91 57.17 -48.10
CA THR T 453 22.68 58.56 -47.69
C THR T 453 21.57 58.63 -46.65
N ASP T 454 20.53 57.80 -46.79
CA ASP T 454 19.47 57.78 -45.79
C ASP T 454 19.98 57.28 -44.45
N ILE T 455 20.92 56.33 -44.47
CA ILE T 455 21.49 55.82 -43.23
C ILE T 455 22.26 56.93 -42.52
N MET T 456 23.01 57.73 -43.27
CA MET T 456 23.73 58.84 -42.68
C MET T 456 22.76 59.83 -42.02
N GLY T 457 21.61 60.06 -42.66
CA GLY T 457 20.62 60.94 -42.06
C GLY T 457 20.07 60.40 -40.76
N GLU T 458 19.81 59.09 -40.70
CA GLU T 458 19.33 58.49 -39.47
C GLU T 458 20.40 58.53 -38.39
N ILE T 459 21.63 58.17 -38.75
CA ILE T 459 22.72 58.23 -37.78
C ILE T 459 22.99 59.68 -37.38
N ALA T 460 22.99 60.59 -38.34
CA ALA T 460 23.18 62.00 -38.03
C ALA T 460 22.02 62.53 -37.17
N SER T 461 20.79 62.17 -37.54
CA SER T 461 19.65 62.58 -36.74
C SER T 461 19.65 61.89 -35.38
N ALA T 462 20.02 60.61 -35.35
CA ALA T 462 20.12 59.91 -34.08
C ALA T 462 21.21 60.50 -33.20
N SER T 463 22.28 61.00 -33.80
CA SER T 463 23.35 61.64 -33.01
C SER T 463 22.80 62.85 -32.27
N ASP T 464 21.91 63.62 -32.90
CA ASP T 464 21.30 64.76 -32.22
C ASP T 464 20.46 64.29 -31.04
N GLU T 465 19.77 63.16 -31.19
CA GLU T 465 18.99 62.62 -30.07
C GLU T 465 19.90 62.24 -28.91
N GLN T 466 21.05 61.64 -29.20
CA GLN T 466 22.00 61.31 -28.14
C GLN T 466 22.59 62.57 -27.51
N SER T 467 22.81 63.62 -28.30
CA SER T 467 23.32 64.87 -27.75
C SER T 467 22.36 65.42 -26.70
N ARG T 468 21.07 65.45 -27.01
CA ARG T 468 20.08 65.90 -26.02
C ARG T 468 19.89 64.86 -24.92
N GLY T 469 20.07 63.58 -25.23
CA GLY T 469 19.96 62.56 -24.20
C GLY T 469 21.06 62.67 -23.16
N ILE T 470 22.30 62.93 -23.60
CA ILE T 470 23.39 63.11 -22.66
C ILE T 470 23.16 64.33 -21.78
N ASP T 471 22.49 65.36 -22.33
CA ASP T 471 22.18 66.54 -21.53
C ASP T 471 21.26 66.17 -20.36
N GLN T 472 20.31 65.27 -20.59
CA GLN T 472 19.45 64.82 -19.51
C GLN T 472 20.24 64.04 -18.46
N VAL T 473 21.14 63.16 -18.91
CA VAL T 473 21.98 62.43 -17.98
C VAL T 473 22.94 63.38 -17.28
N GLY T 474 23.53 64.31 -18.02
CA GLY T 474 24.40 65.30 -17.39
C GLY T 474 23.67 66.18 -16.41
N LEU T 475 22.45 66.60 -16.75
CA LEU T 475 21.66 67.39 -15.82
C LEU T 475 21.32 66.59 -14.58
N ALA T 476 21.04 65.29 -14.73
CA ALA T 476 20.78 64.45 -13.58
C ALA T 476 22.01 64.34 -12.69
N VAL T 477 23.19 64.25 -13.29
CA VAL T 477 24.42 64.20 -12.50
C VAL T 477 24.58 65.49 -11.70
N ALA T 478 24.29 66.64 -12.32
CA ALA T 478 24.34 67.90 -11.59
C ALA T 478 23.26 67.95 -10.52
N GLU T 479 22.10 67.37 -10.79
CA GLU T 479 21.04 67.31 -9.78
C GLU T 479 21.47 66.47 -8.59
N MET T 480 22.05 65.30 -8.85
CA MET T 480 22.55 64.45 -7.78
C MET T 480 23.81 65.02 -7.15
N ASP T 481 24.57 65.83 -7.88
CA ASP T 481 25.78 66.43 -7.31
C ASP T 481 25.43 67.30 -6.10
N ARG T 482 24.46 68.20 -6.26
CA ARG T 482 24.05 69.05 -5.14
C ARG T 482 23.48 68.21 -4.01
N VAL T 483 22.64 67.22 -4.35
CA VAL T 483 22.08 66.35 -3.32
C VAL T 483 23.19 65.61 -2.58
N THR T 484 24.24 65.23 -3.30
CA THR T 484 25.36 64.55 -2.65
C THR T 484 26.04 65.46 -1.64
N GLN T 485 26.18 66.75 -1.95
CA GLN T 485 26.78 67.68 -1.00
C GLN T 485 25.86 67.93 0.17
N GLN T 486 24.55 68.04 -0.07
CA GLN T 486 23.61 68.24 1.02
C GLN T 486 23.59 67.03 1.95
N ASN T 487 23.64 65.83 1.39
CA ASN T 487 23.69 64.62 2.22
C ASN T 487 24.96 64.61 3.07
N ALA T 488 26.07 65.08 2.53
CA ALA T 488 27.30 65.13 3.31
C ALA T 488 27.16 66.10 4.48
N ALA T 489 26.48 67.23 4.26
CA ALA T 489 26.27 68.17 5.35
C ALA T 489 25.45 67.55 6.48
N LEU T 490 24.41 66.78 6.12
CA LEU T 490 23.61 66.12 7.14
C LEU T 490 24.41 65.02 7.84
N VAL T 491 25.28 64.34 7.10
CA VAL T 491 26.13 63.31 7.71
C VAL T 491 27.08 63.95 8.72
N GLU T 492 27.78 65.01 8.31
CA GLU T 492 28.67 65.70 9.23
C GLU T 492 27.88 66.34 10.36
N GLU T 493 26.72 66.90 10.06
CA GLU T 493 25.89 67.49 11.10
C GLU T 493 25.39 66.42 12.06
N SER T 494 24.97 65.28 11.53
CA SER T 494 24.53 64.18 12.41
C SER T 494 25.70 63.63 13.21
N ALA T 495 26.89 63.55 12.59
CA ALA T 495 28.07 63.08 13.32
C ALA T 495 28.44 64.04 14.43
N ALA T 496 28.45 65.35 14.14
CA ALA T 496 28.74 66.33 15.17
C ALA T 496 27.67 66.31 16.26
N ALA T 497 26.40 66.22 15.87
CA ALA T 497 25.33 66.14 16.86
C ALA T 497 25.40 64.82 17.63
N ALA T 498 25.68 63.72 16.95
CA ALA T 498 25.82 62.44 17.64
C ALA T 498 27.01 62.46 18.58
N ALA T 499 28.12 63.05 18.16
CA ALA T 499 29.28 63.15 19.04
C ALA T 499 28.98 64.01 20.26
N ALA T 500 28.10 65.00 20.11
CA ALA T 500 27.74 65.83 21.26
C ALA T 500 27.00 65.02 22.31
N LEU T 501 26.13 64.11 21.88
CA LEU T 501 25.42 63.27 22.83
C LEU T 501 26.39 62.38 23.61
N GLU T 502 27.48 61.94 22.98
CA GLU T 502 28.47 61.15 23.68
C GLU T 502 29.09 61.94 24.84
N GLU T 503 29.29 63.25 24.63
CA GLU T 503 29.82 64.08 25.71
C GLU T 503 28.78 64.32 26.79
N GLN T 504 27.53 64.60 26.38
CA GLN T 504 26.47 64.79 27.36
C GLN T 504 26.25 63.53 28.19
N ALA T 505 26.35 62.36 27.55
CA ALA T 505 26.21 61.10 28.30
C ALA T 505 27.29 60.96 29.36
N SER T 506 28.50 61.48 29.09
CA SER T 506 29.56 61.40 30.08
C SER T 506 29.28 62.32 31.26
N ARG T 507 28.66 63.47 31.02
CA ARG T 507 28.32 64.37 32.12
C ARG T 507 27.39 63.71 33.11
N LEU T 508 26.46 62.88 32.62
CA LEU T 508 25.56 62.16 33.51
C LEU T 508 26.33 61.20 34.41
N THR T 509 27.35 60.53 33.86
CA THR T 509 28.16 59.62 34.65
C THR T 509 28.97 60.38 35.69
N GLU T 510 29.62 61.48 35.28
CA GLU T 510 30.39 62.28 36.22
C GLU T 510 29.51 62.85 37.32
N ALA T 511 28.27 63.21 36.97
CA ALA T 511 27.35 63.74 37.98
C ALA T 511 27.04 62.69 39.04
N VAL T 512 26.95 61.42 38.64
CA VAL T 512 26.69 60.32 39.56
C VAL T 512 27.95 59.53 39.88
N ALA T 513 29.10 59.91 39.33
CA ALA T 513 30.33 59.19 39.62
C ALA T 513 30.68 59.25 41.10
N VAL T 514 30.24 60.30 41.80
CA VAL T 514 30.51 60.40 43.23
C VAL T 514 29.86 59.25 43.97
N PHE T 515 28.63 58.90 43.61
CA PHE T 515 27.92 57.79 44.25
C PHE T 515 28.47 56.47 43.74
N ARG T 516 29.00 55.66 44.64
CA ARG T 516 29.56 54.36 44.28
C ARG T 516 28.47 53.43 43.76
#